data_7FED
#
_entry.id   7FED
#
_cell.length_a   1.00
_cell.length_b   1.00
_cell.length_c   1.00
_cell.angle_alpha   90.00
_cell.angle_beta   90.00
_cell.angle_gamma   90.00
#
_symmetry.space_group_name_H-M   'P 1'
#
_entity_poly.entity_id   1
_entity_poly.type   'polypeptide(L)'
_entity_poly.pdbx_seq_one_letter_code
;MVPGACPLILRLSPTLHSADLIRDIDAMRWFLFEDTGVPLPEVNIEVLPEPTEKLTVLLYQEPVFSLSIPAQADYLLIGA
DASVVGDSQTLPNGMGQICWLTKDMAHKAQGFGLDVFAGSQRISALLKCVLLRHMGEFIGVQETRYLMNAMEKNYSELVK
ELQRQLPINKIAETLQRLVSERVSIRDLRLIFGTLIDWAPREKDVLMLTEYVRIALRRHILRRLNPEGKPLPILRIGEGI
ENLVRESIRQTAMGTYTALSSRHKTQILQLIEQALKQSAKLFIVTSVDTRRFLRKITEATLFDVPILSWQELGEESLIQV
VESIDLSEEELADNEE
;
_entity_poly.pdbx_strand_id   E,A,B,C,D,F,G,H,I,J,K,L,M,N,O,P,Q,R
#
# COMPACT_ATOMS: atom_id res chain seq x y z
N MET A 1 -1.16 -19.86 39.66
CA MET A 1 -2.47 -20.53 39.48
C MET A 1 -2.60 -20.86 37.99
N VAL A 2 -2.21 -22.07 37.57
CA VAL A 2 -2.25 -22.43 36.14
C VAL A 2 -3.43 -23.37 35.85
N PRO A 3 -4.56 -22.97 35.22
CA PRO A 3 -5.66 -23.86 34.84
C PRO A 3 -5.16 -25.08 34.08
N GLY A 4 -5.89 -26.18 34.22
CA GLY A 4 -5.52 -27.42 33.57
C GLY A 4 -4.64 -28.28 34.45
N ALA A 5 -5.12 -29.48 34.80
CA ALA A 5 -4.40 -30.33 35.73
C ALA A 5 -3.08 -30.81 35.12
N CYS A 6 -2.14 -31.14 35.98
CA CYS A 6 -0.88 -31.70 35.52
C CYS A 6 -1.11 -33.14 35.05
N PRO A 7 -0.72 -33.48 33.82
CA PRO A 7 -1.20 -34.75 33.24
C PRO A 7 -0.81 -35.99 34.03
N LEU A 8 0.48 -36.26 34.20
CA LEU A 8 0.94 -37.54 34.73
C LEU A 8 2.01 -37.30 35.78
N ILE A 9 1.71 -37.69 37.01
CA ILE A 9 2.59 -37.45 38.15
C ILE A 9 2.85 -38.78 38.85
N LEU A 10 4.12 -39.06 39.13
CA LEU A 10 4.50 -40.26 39.87
C LEU A 10 5.17 -39.82 41.17
N ARG A 11 4.54 -40.12 42.30
CA ARG A 11 5.04 -39.74 43.60
C ARG A 11 5.65 -40.95 44.28
N LEU A 12 6.92 -40.82 44.70
CA LEU A 12 7.68 -41.90 45.28
C LEU A 12 8.30 -41.48 46.60
N SER A 13 8.41 -42.44 47.52
CA SER A 13 9.22 -42.25 48.71
C SER A 13 10.69 -42.26 48.32
N PRO A 14 11.54 -41.46 48.99
CA PRO A 14 12.90 -41.26 48.49
C PRO A 14 13.73 -42.52 48.45
N THR A 15 13.35 -43.56 49.19
CA THR A 15 14.03 -44.85 49.05
C THR A 15 13.85 -45.42 47.66
N LEU A 16 12.62 -45.38 47.12
CA LEU A 16 12.33 -45.93 45.81
C LEU A 16 12.93 -45.10 44.68
N HIS A 17 13.23 -43.83 44.94
CA HIS A 17 13.80 -42.98 43.91
C HIS A 17 15.18 -43.51 43.52
N SER A 18 15.63 -43.15 42.31
CA SER A 18 16.92 -43.62 41.82
C SER A 18 17.46 -42.61 40.81
N ALA A 19 18.60 -42.97 40.22
CA ALA A 19 19.27 -42.06 39.29
C ALA A 19 18.95 -42.39 37.84
N ASP A 20 18.69 -43.65 37.54
CA ASP A 20 18.32 -44.08 36.20
C ASP A 20 16.82 -44.14 36.01
N LEU A 21 16.05 -43.63 36.96
CA LEU A 21 14.59 -43.65 36.83
C LEU A 21 14.12 -42.84 35.63
N ILE A 22 14.76 -41.69 35.38
CA ILE A 22 14.33 -40.83 34.29
C ILE A 22 14.44 -41.57 32.96
N ARG A 23 15.57 -42.21 32.71
CA ARG A 23 15.76 -42.88 31.42
C ARG A 23 14.94 -44.15 31.33
N ASP A 24 14.71 -44.84 32.46
CA ASP A 24 13.84 -46.01 32.43
C ASP A 24 12.39 -45.63 32.11
N ILE A 25 11.89 -44.56 32.73
CA ILE A 25 10.54 -44.08 32.42
C ILE A 25 10.46 -43.62 30.98
N ASP A 26 11.50 -42.95 30.48
CA ASP A 26 11.47 -42.50 29.09
C ASP A 26 11.45 -43.68 28.13
N ALA A 27 12.22 -44.73 28.44
CA ALA A 27 12.19 -45.93 27.60
C ALA A 27 10.83 -46.59 27.63
N MET A 28 10.20 -46.64 28.80
CA MET A 28 8.85 -47.21 28.88
C MET A 28 7.86 -46.38 28.08
N ARG A 29 7.97 -45.06 28.14
CA ARG A 29 7.08 -44.20 27.37
C ARG A 29 7.27 -44.42 25.87
N TRP A 30 8.52 -44.55 25.43
CA TRP A 30 8.77 -44.79 24.01
C TRP A 30 8.23 -46.15 23.58
N PHE A 31 8.37 -47.16 24.44
CA PHE A 31 7.80 -48.46 24.09
C PHE A 31 6.28 -48.38 24.01
N LEU A 32 5.65 -47.65 24.92
CA LEU A 32 4.20 -47.52 24.89
C LEU A 32 3.73 -46.77 23.64
N PHE A 33 4.51 -45.78 23.20
CA PHE A 33 4.14 -45.07 21.98
C PHE A 33 4.34 -45.95 20.75
N GLU A 34 5.42 -46.72 20.71
CA GLU A 34 5.63 -47.63 19.59
C GLU A 34 4.58 -48.73 19.55
N ASP A 35 4.05 -49.11 20.70
CA ASP A 35 3.06 -50.19 20.74
C ASP A 35 1.65 -49.69 20.46
N THR A 36 1.19 -48.66 21.17
CA THR A 36 -0.19 -48.22 21.06
C THR A 36 -0.39 -46.91 20.32
N GLY A 37 0.67 -46.23 19.89
CA GLY A 37 0.54 -45.09 19.02
C GLY A 37 0.09 -43.80 19.68
N VAL A 38 -0.17 -43.80 20.99
CA VAL A 38 -0.63 -42.64 21.71
C VAL A 38 0.59 -41.95 22.32
N PRO A 39 0.86 -40.69 21.99
CA PRO A 39 2.04 -40.01 22.55
C PRO A 39 1.75 -39.52 23.96
N LEU A 40 2.34 -40.18 24.94
CA LEU A 40 2.08 -39.89 26.35
C LEU A 40 2.79 -38.62 26.80
N PRO A 41 2.23 -37.92 27.78
CA PRO A 41 2.89 -36.71 28.29
C PRO A 41 3.95 -37.06 29.32
N GLU A 42 4.87 -36.12 29.54
CA GLU A 42 6.01 -36.36 30.39
C GLU A 42 5.59 -36.73 31.80
N VAL A 43 6.23 -37.75 32.35
CA VAL A 43 5.96 -38.18 33.72
C VAL A 43 6.73 -37.28 34.68
N ASN A 44 6.03 -36.63 35.59
CA ASN A 44 6.63 -35.73 36.56
C ASN A 44 6.94 -36.51 37.83
N ILE A 45 8.23 -36.64 38.15
CA ILE A 45 8.67 -37.37 39.34
C ILE A 45 8.60 -36.44 40.54
N GLU A 46 7.83 -36.83 41.56
CA GLU A 46 7.69 -36.05 42.78
C GLU A 46 8.00 -36.96 43.96
N VAL A 47 8.51 -36.36 45.03
CA VAL A 47 8.96 -37.11 46.21
C VAL A 47 7.87 -37.06 47.27
N LEU A 48 7.50 -38.24 47.77
CA LEU A 48 6.44 -38.35 48.77
C LEU A 48 7.03 -38.86 50.07
N PRO A 49 7.28 -38.02 51.06
CA PRO A 49 7.88 -38.49 52.32
C PRO A 49 6.94 -39.42 53.07
N GLU A 50 7.36 -40.68 53.24
CA GLU A 50 6.52 -41.68 53.87
C GLU A 50 7.43 -42.74 54.48
N PRO A 51 7.25 -43.08 55.76
CA PRO A 51 8.03 -44.16 56.34
C PRO A 51 7.84 -45.49 55.63
N THR A 52 6.62 -45.78 55.17
CA THR A 52 6.33 -47.01 54.44
C THR A 52 6.70 -46.82 52.97
N GLU A 53 7.21 -47.89 52.36
CA GLU A 53 7.58 -47.84 50.95
C GLU A 53 6.34 -47.81 50.09
N LYS A 54 5.97 -46.62 49.60
CA LYS A 54 4.72 -46.41 48.90
C LYS A 54 4.94 -45.53 47.68
N LEU A 55 4.19 -45.80 46.61
CA LEU A 55 4.18 -44.96 45.42
C LEU A 55 2.75 -44.70 45.00
N THR A 56 2.53 -43.55 44.37
CA THR A 56 1.23 -43.19 43.83
C THR A 56 1.39 -42.68 42.40
N VAL A 57 0.40 -43.00 41.58
CA VAL A 57 0.34 -42.52 40.20
C VAL A 57 -0.92 -41.69 40.05
N LEU A 58 -0.76 -40.44 39.63
CA LEU A 58 -1.81 -39.45 39.57
C LEU A 58 -2.02 -39.03 38.12
N LEU A 59 -3.23 -39.24 37.62
CA LEU A 59 -3.63 -38.81 36.29
C LEU A 59 -4.48 -37.56 36.42
N TYR A 60 -3.96 -36.43 35.95
CA TYR A 60 -4.66 -35.15 36.04
C TYR A 60 -5.00 -34.82 37.48
N GLN A 61 -4.06 -35.16 38.39
CA GLN A 61 -4.11 -34.86 39.81
C GLN A 61 -5.21 -35.59 40.55
N GLU A 62 -5.83 -36.59 39.92
CA GLU A 62 -6.75 -37.47 40.62
C GLU A 62 -6.07 -38.82 40.80
N PRO A 63 -5.70 -39.20 42.02
CA PRO A 63 -4.85 -40.39 42.19
C PRO A 63 -5.52 -41.67 41.75
N VAL A 64 -4.99 -42.29 40.70
CA VAL A 64 -5.56 -43.52 40.17
C VAL A 64 -4.81 -44.76 40.65
N PHE A 65 -3.58 -44.62 41.14
CA PHE A 65 -2.85 -45.78 41.61
C PHE A 65 -2.16 -45.45 42.93
N SER A 66 -2.22 -46.40 43.87
CA SER A 66 -1.59 -46.23 45.16
C SER A 66 -1.17 -47.60 45.69
N LEU A 67 0.13 -47.86 45.72
CA LEU A 67 0.60 -49.18 46.09
C LEU A 67 1.74 -49.05 47.08
N SER A 68 1.73 -49.89 48.12
CA SER A 68 2.78 -49.93 49.12
C SER A 68 3.54 -51.23 48.98
N ILE A 69 4.76 -51.08 48.41
CA ILE A 69 5.69 -52.17 47.99
C ILE A 69 6.45 -52.73 49.17
N PRO A 70 6.15 -53.95 49.65
CA PRO A 70 6.83 -54.49 50.83
C PRO A 70 8.34 -54.60 50.65
N ALA A 71 9.10 -54.33 51.73
CA ALA A 71 10.58 -54.31 51.81
C ALA A 71 11.18 -55.68 51.54
N GLN A 72 10.45 -56.73 51.92
CA GLN A 72 10.91 -58.12 51.75
C GLN A 72 11.12 -58.47 50.27
N ALA A 73 10.23 -58.03 49.38
CA ALA A 73 10.36 -58.34 47.94
C ALA A 73 11.27 -57.34 47.22
N ASP A 74 12.20 -57.85 46.41
CA ASP A 74 13.17 -57.01 45.68
C ASP A 74 13.16 -57.35 44.19
N TYR A 75 12.37 -58.38 43.80
CA TYR A 75 12.27 -58.89 42.41
C TYR A 75 10.81 -58.85 41.96
N LEU A 76 10.46 -58.22 40.81
CA LEU A 76 9.03 -58.10 40.52
C LEU A 76 8.68 -58.87 39.26
N LEU A 77 7.53 -59.55 39.29
CA LEU A 77 7.02 -60.30 38.14
C LEU A 77 5.54 -59.99 37.98
N ILE A 78 5.16 -59.42 36.84
CA ILE A 78 3.79 -59.03 36.59
C ILE A 78 3.01 -60.25 36.10
N GLY A 79 1.85 -60.49 36.70
CA GLY A 79 1.03 -61.64 36.36
C GLY A 79 1.38 -62.84 37.23
N ALA A 80 0.57 -63.88 37.07
CA ALA A 80 0.74 -65.11 37.84
C ALA A 80 0.61 -66.32 36.92
N ASP A 81 1.24 -67.41 37.34
CA ASP A 81 1.17 -68.68 36.61
C ASP A 81 1.42 -69.81 37.60
N ALA A 82 1.28 -71.04 37.10
CA ALA A 82 1.46 -72.21 37.97
C ALA A 82 2.92 -72.43 38.33
N SER A 83 3.84 -72.10 37.41
CA SER A 83 5.25 -72.35 37.65
C SER A 83 5.83 -71.52 38.78
N VAL A 84 5.30 -70.32 39.02
CA VAL A 84 5.83 -69.40 40.02
C VAL A 84 4.69 -69.01 40.96
N VAL A 85 4.92 -69.18 42.26
CA VAL A 85 3.93 -68.85 43.28
C VAL A 85 4.66 -68.41 44.53
N GLY A 86 4.12 -67.38 45.19
CA GLY A 86 4.70 -66.90 46.43
C GLY A 86 4.83 -65.39 46.50
N ASP A 87 4.27 -64.81 47.56
CA ASP A 87 4.29 -63.37 47.79
C ASP A 87 3.64 -62.56 46.66
N SER A 88 2.40 -62.94 46.35
CA SER A 88 1.64 -62.38 45.25
C SER A 88 0.43 -61.61 45.80
N GLN A 89 0.08 -60.51 45.16
CA GLN A 89 -1.13 -59.77 45.54
C GLN A 89 -1.82 -59.17 44.33
N THR A 90 -3.08 -58.79 44.56
CA THR A 90 -3.96 -58.28 43.53
C THR A 90 -3.78 -56.78 43.39
N LEU A 91 -3.53 -56.33 42.16
CA LEU A 91 -3.47 -54.92 41.89
C LEU A 91 -4.87 -54.30 41.96
N PRO A 92 -4.98 -53.03 42.35
CA PRO A 92 -6.30 -52.40 42.45
C PRO A 92 -6.90 -52.18 41.07
N ASN A 93 -8.22 -51.95 41.06
CA ASN A 93 -8.98 -51.66 39.85
C ASN A 93 -8.88 -52.80 38.83
N GLY A 94 -8.59 -54.00 39.31
CA GLY A 94 -8.51 -55.17 38.45
C GLY A 94 -7.45 -55.06 37.38
N MET A 95 -6.29 -54.49 37.72
CA MET A 95 -5.19 -54.42 36.75
C MET A 95 -4.50 -55.76 36.59
N GLY A 96 -4.64 -56.66 37.57
CA GLY A 96 -4.06 -57.98 37.48
C GLY A 96 -3.47 -58.48 38.77
N GLN A 97 -2.39 -59.25 38.67
CA GLN A 97 -1.70 -59.82 39.81
C GLN A 97 -0.21 -59.50 39.69
N ILE A 98 0.44 -59.32 40.83
CA ILE A 98 1.89 -59.13 40.85
C ILE A 98 2.50 -60.10 41.84
N CYS A 99 3.75 -60.47 41.59
CA CYS A 99 4.49 -61.41 42.43
C CYS A 99 5.82 -60.78 42.79
N TRP A 100 6.11 -60.71 44.09
CA TRP A 100 7.42 -60.30 44.56
C TRP A 100 8.24 -61.55 44.87
N LEU A 101 9.34 -61.72 44.14
CA LEU A 101 10.11 -62.95 44.16
C LEU A 101 11.49 -62.71 44.74
N THR A 102 11.96 -63.67 45.52
CA THR A 102 13.33 -63.63 46.04
C THR A 102 14.32 -63.85 44.89
N LYS A 103 15.58 -63.48 45.14
CA LYS A 103 16.57 -63.39 44.07
C LYS A 103 16.71 -64.72 43.32
N ASP A 104 16.93 -65.81 44.05
CA ASP A 104 17.15 -67.09 43.39
C ASP A 104 15.89 -67.57 42.65
N MET A 105 14.72 -67.43 43.28
CA MET A 105 13.49 -67.85 42.63
C MET A 105 13.18 -66.97 41.42
N ALA A 106 13.53 -65.68 41.51
CA ALA A 106 13.33 -64.79 40.36
C ALA A 106 14.27 -65.15 39.22
N HIS A 107 15.52 -65.53 39.53
CA HIS A 107 16.41 -66.01 38.48
C HIS A 107 15.89 -67.29 37.84
N LYS A 108 15.34 -68.19 38.65
CA LYS A 108 14.73 -69.39 38.10
C LYS A 108 13.54 -69.06 37.21
N ALA A 109 12.71 -68.10 37.61
CA ALA A 109 11.56 -67.70 36.81
C ALA A 109 12.01 -67.05 35.50
N GLN A 110 13.07 -66.24 35.54
CA GLN A 110 13.60 -65.64 34.32
C GLN A 110 14.16 -66.72 33.40
N GLY A 111 14.83 -67.73 33.95
CA GLY A 111 15.26 -68.85 33.15
C GLY A 111 14.10 -69.64 32.57
N PHE A 112 12.97 -69.66 33.28
CA PHE A 112 11.79 -70.36 32.79
C PHE A 112 11.28 -69.79 31.47
N GLY A 113 11.58 -68.53 31.16
CA GLY A 113 11.16 -67.93 29.92
C GLY A 113 10.17 -66.80 30.08
N LEU A 114 10.27 -66.06 31.18
CA LEU A 114 9.40 -64.92 31.43
C LEU A 114 10.25 -63.68 31.68
N ASP A 115 9.58 -62.55 31.85
CA ASP A 115 10.24 -61.28 32.15
C ASP A 115 10.20 -61.02 33.64
N VAL A 116 11.34 -60.65 34.21
CA VAL A 116 11.46 -60.31 35.63
C VAL A 116 12.22 -59.00 35.75
N PHE A 117 11.67 -58.09 36.54
CA PHE A 117 12.20 -56.73 36.65
C PHE A 117 12.86 -56.54 38.01
N ALA A 118 13.96 -55.78 38.02
CA ALA A 118 14.70 -55.51 39.24
C ALA A 118 15.22 -54.08 39.22
N GLY A 119 15.09 -53.39 40.34
CA GLY A 119 15.55 -52.02 40.46
C GLY A 119 14.52 -51.01 39.99
N SER A 120 14.98 -49.97 39.29
CA SER A 120 14.06 -48.97 38.77
C SER A 120 13.00 -49.59 37.86
N GLN A 121 13.33 -50.72 37.23
CA GLN A 121 12.36 -51.38 36.37
C GLN A 121 11.10 -51.75 37.14
N ARG A 122 11.23 -52.12 38.41
CA ARG A 122 10.05 -52.50 39.18
C ARG A 122 9.05 -51.34 39.25
N ILE A 123 9.52 -50.12 39.07
CA ILE A 123 8.60 -48.99 38.99
C ILE A 123 7.96 -48.92 37.61
N SER A 124 8.77 -49.00 36.55
CA SER A 124 8.23 -48.89 35.20
C SER A 124 7.19 -49.95 34.94
N ALA A 125 7.53 -51.23 35.19
CA ALA A 125 6.60 -52.31 34.92
C ALA A 125 5.36 -52.21 35.80
N LEU A 126 5.40 -51.37 36.84
CA LEU A 126 4.17 -51.03 37.54
C LEU A 126 3.46 -49.87 36.85
N LEU A 127 4.17 -48.75 36.68
CA LEU A 127 3.57 -47.56 36.08
C LEU A 127 2.98 -47.90 34.72
N LYS A 128 3.73 -48.62 33.89
CA LYS A 128 3.25 -48.98 32.57
C LYS A 128 1.91 -49.70 32.65
N CYS A 129 1.76 -50.62 33.60
CA CYS A 129 0.49 -51.31 33.75
C CYS A 129 -0.65 -50.32 33.92
N VAL A 130 -0.46 -49.34 34.81
CA VAL A 130 -1.48 -48.31 34.98
C VAL A 130 -1.74 -47.59 33.66
N LEU A 131 -0.67 -47.22 32.95
CA LEU A 131 -0.87 -46.48 31.71
C LEU A 131 -1.56 -47.34 30.66
N LEU A 132 -1.54 -48.66 30.80
CA LEU A 132 -2.23 -49.49 29.83
C LEU A 132 -3.71 -49.64 30.16
N ARG A 133 -4.12 -49.15 31.33
CA ARG A 133 -5.54 -49.24 31.77
C ARG A 133 -6.31 -47.95 31.44
N HIS A 134 -5.70 -46.79 31.65
CA HIS A 134 -6.37 -45.47 31.42
C HIS A 134 -5.86 -44.83 30.13
N MET A 135 -5.29 -45.63 29.22
CA MET A 135 -4.77 -45.19 27.89
C MET A 135 -5.75 -44.27 27.15
N GLY A 136 -7.02 -44.65 27.01
CA GLY A 136 -7.97 -43.86 26.25
C GLY A 136 -8.17 -42.45 26.77
N GLU A 137 -7.56 -42.11 27.90
CA GLU A 137 -7.66 -40.76 28.42
C GLU A 137 -6.58 -39.83 27.89
N PHE A 138 -5.58 -40.35 27.19
CA PHE A 138 -4.51 -39.52 26.65
C PHE A 138 -4.71 -39.18 25.19
N ILE A 139 -5.92 -39.32 24.67
CA ILE A 139 -6.23 -39.04 23.27
C ILE A 139 -7.55 -38.26 23.25
N GLY A 140 -7.45 -36.95 23.08
CA GLY A 140 -8.63 -36.10 23.02
C GLY A 140 -8.65 -35.28 21.75
N VAL A 141 -9.27 -34.10 21.78
CA VAL A 141 -9.24 -33.23 20.60
C VAL A 141 -7.86 -32.62 20.42
N GLN A 142 -7.22 -32.23 21.52
CA GLN A 142 -5.92 -31.58 21.41
C GLN A 142 -4.83 -32.56 21.00
N GLU A 143 -4.83 -33.76 21.58
CA GLU A 143 -3.83 -34.76 21.17
C GLU A 143 -4.05 -35.17 19.72
N THR A 144 -5.30 -35.25 19.28
CA THR A 144 -5.57 -35.54 17.88
C THR A 144 -5.03 -34.43 16.99
N ARG A 145 -5.19 -33.17 17.40
CA ARG A 145 -4.62 -32.09 16.62
C ARG A 145 -3.10 -32.18 16.58
N TYR A 146 -2.48 -32.61 17.68
CA TYR A 146 -1.03 -32.77 17.66
C TYR A 146 -0.62 -33.88 16.69
N LEU A 147 -1.36 -34.99 16.68
CA LEU A 147 -1.06 -36.07 15.74
C LEU A 147 -1.21 -35.60 14.30
N MET A 148 -2.25 -34.83 14.01
CA MET A 148 -2.46 -34.35 12.66
C MET A 148 -1.39 -33.34 12.25
N ASN A 149 -0.94 -32.52 13.20
CA ASN A 149 0.17 -31.61 12.91
C ASN A 149 1.46 -32.38 12.64
N ALA A 150 1.69 -33.46 13.38
CA ALA A 150 2.85 -34.30 13.11
C ALA A 150 2.76 -34.92 11.73
N MET A 151 1.57 -35.39 11.35
CA MET A 151 1.40 -35.99 10.04
C MET A 151 1.38 -34.97 8.90
N GLU A 152 1.25 -33.68 9.21
CA GLU A 152 1.30 -32.68 8.14
C GLU A 152 2.67 -32.54 7.50
N LYS A 153 3.69 -33.23 8.00
CA LYS A 153 5.04 -33.06 7.46
C LYS A 153 5.21 -33.84 6.17
N ASN A 154 4.99 -35.15 6.22
CA ASN A 154 5.10 -36.00 5.05
C ASN A 154 3.79 -36.26 4.33
N TYR A 155 2.66 -36.08 5.00
CA TYR A 155 1.37 -36.48 4.46
C TYR A 155 0.37 -35.34 4.28
N SER A 156 0.89 -34.16 3.91
CA SER A 156 0.11 -32.93 3.99
C SER A 156 -1.25 -33.06 3.31
N GLU A 157 -1.29 -33.68 2.12
CA GLU A 157 -2.54 -33.76 1.39
C GLU A 157 -3.51 -34.74 2.05
N LEU A 158 -2.99 -35.80 2.65
CA LEU A 158 -3.86 -36.74 3.34
C LEU A 158 -4.57 -36.06 4.50
N VAL A 159 -3.83 -35.29 5.30
CA VAL A 159 -4.43 -34.59 6.43
C VAL A 159 -5.38 -33.50 5.94
N LYS A 160 -5.01 -32.78 4.88
CA LYS A 160 -5.90 -31.74 4.36
C LYS A 160 -7.21 -32.33 3.86
N GLU A 161 -7.15 -33.43 3.12
CA GLU A 161 -8.36 -34.09 2.67
C GLU A 161 -9.20 -34.58 3.84
N LEU A 162 -8.55 -35.17 4.85
CA LEU A 162 -9.30 -35.64 6.00
C LEU A 162 -10.01 -34.50 6.71
N GLN A 163 -9.33 -33.38 6.91
CA GLN A 163 -9.97 -32.22 7.53
C GLN A 163 -11.14 -31.74 6.69
N ARG A 164 -10.98 -31.73 5.38
CA ARG A 164 -12.09 -31.35 4.50
C ARG A 164 -13.26 -32.31 4.66
N GLN A 165 -13.00 -33.58 4.99
CA GLN A 165 -14.08 -34.55 5.15
C GLN A 165 -14.76 -34.43 6.51
N LEU A 166 -14.00 -34.58 7.59
CA LEU A 166 -14.54 -34.69 8.94
C LEU A 166 -14.02 -33.56 9.83
N PRO A 167 -14.85 -33.05 10.73
CA PRO A 167 -14.36 -32.08 11.72
C PRO A 167 -13.55 -32.78 12.79
N ILE A 168 -12.69 -32.00 13.46
CA ILE A 168 -11.67 -32.59 14.32
C ILE A 168 -12.27 -33.33 15.49
N ASN A 169 -13.48 -32.96 15.93
CA ASN A 169 -14.07 -33.68 17.06
C ASN A 169 -14.45 -35.10 16.67
N LYS A 170 -14.89 -35.31 15.43
CA LYS A 170 -15.23 -36.66 14.99
C LYS A 170 -13.98 -37.51 14.80
N ILE A 171 -12.90 -36.93 14.28
CA ILE A 171 -11.64 -37.66 14.17
C ILE A 171 -11.14 -38.05 15.56
N ALA A 172 -11.21 -37.12 16.52
CA ALA A 172 -10.78 -37.43 17.87
C ALA A 172 -11.65 -38.50 18.50
N GLU A 173 -12.96 -38.47 18.24
CA GLU A 173 -13.84 -39.51 18.74
C GLU A 173 -13.48 -40.87 18.15
N THR A 174 -13.18 -40.91 16.85
CA THR A 174 -12.78 -42.17 16.22
C THR A 174 -11.49 -42.71 16.82
N LEU A 175 -10.48 -41.84 16.96
CA LEU A 175 -9.21 -42.29 17.52
C LEU A 175 -9.37 -42.74 18.96
N GLN A 176 -10.18 -42.04 19.75
CA GLN A 176 -10.42 -42.44 21.13
C GLN A 176 -11.12 -43.79 21.19
N ARG A 177 -12.10 -44.00 20.32
CA ARG A 177 -12.83 -45.27 20.34
C ARG A 177 -11.95 -46.42 19.87
N LEU A 178 -10.96 -46.12 19.02
CA LEU A 178 -10.01 -47.15 18.64
C LEU A 178 -9.01 -47.45 19.76
N VAL A 179 -8.56 -46.41 20.46
CA VAL A 179 -7.53 -46.60 21.53
C VAL A 179 -8.18 -47.35 22.70
N SER A 180 -9.44 -47.05 23.02
CA SER A 180 -10.06 -47.66 24.18
C SER A 180 -10.42 -49.13 23.96
N GLU A 181 -9.92 -49.75 22.89
CA GLU A 181 -10.13 -51.16 22.64
C GLU A 181 -8.83 -51.93 22.49
N ARG A 182 -7.69 -51.31 22.83
CA ARG A 182 -6.37 -51.88 22.58
C ARG A 182 -6.12 -52.11 21.09
N VAL A 183 -6.58 -51.20 20.23
CA VAL A 183 -6.22 -51.19 18.82
C VAL A 183 -5.26 -50.04 18.61
N SER A 184 -4.08 -50.34 18.09
CA SER A 184 -3.05 -49.31 17.95
C SER A 184 -3.45 -48.33 16.86
N ILE A 185 -3.18 -47.06 17.11
CA ILE A 185 -3.39 -46.02 16.12
C ILE A 185 -2.03 -45.57 15.60
N ARG A 186 -1.06 -46.48 15.66
CA ARG A 186 0.28 -46.17 15.15
C ARG A 186 0.25 -45.94 13.66
N ASP A 187 -0.53 -46.73 12.93
CA ASP A 187 -0.64 -46.60 11.47
C ASP A 187 -1.71 -45.56 11.16
N LEU A 188 -1.26 -44.30 11.10
CA LEU A 188 -2.21 -43.22 10.88
C LEU A 188 -2.51 -43.01 9.40
N ARG A 189 -1.59 -43.41 8.52
CA ARG A 189 -1.86 -43.30 7.09
C ARG A 189 -3.06 -44.14 6.70
N LEU A 190 -3.12 -45.39 7.17
CA LEU A 190 -4.23 -46.26 6.84
C LEU A 190 -5.53 -45.78 7.50
N ILE A 191 -5.44 -45.30 8.74
CA ILE A 191 -6.64 -44.82 9.43
C ILE A 191 -7.22 -43.62 8.70
N PHE A 192 -6.36 -42.66 8.34
CA PHE A 192 -6.85 -41.49 7.62
C PHE A 192 -7.38 -41.87 6.24
N GLY A 193 -6.75 -42.85 5.60
CA GLY A 193 -7.26 -43.31 4.32
C GLY A 193 -8.64 -43.91 4.43
N THR A 194 -8.88 -44.71 5.47
CA THR A 194 -10.18 -45.34 5.63
C THR A 194 -11.24 -44.31 6.02
N LEU A 195 -10.87 -43.32 6.83
CA LEU A 195 -11.82 -42.25 7.16
C LEU A 195 -12.13 -41.41 5.93
N ILE A 196 -11.16 -41.20 5.04
CA ILE A 196 -11.41 -40.46 3.81
C ILE A 196 -12.32 -41.26 2.89
N ASP A 197 -12.10 -42.57 2.81
CA ASP A 197 -12.98 -43.40 1.98
C ASP A 197 -14.41 -43.38 2.49
N TRP A 198 -14.61 -43.67 3.76
CA TRP A 198 -15.96 -43.92 4.28
C TRP A 198 -16.61 -42.71 4.93
N ALA A 199 -15.95 -41.55 4.94
CA ALA A 199 -16.59 -40.36 5.51
C ALA A 199 -17.80 -39.88 4.70
N PRO A 200 -17.74 -39.76 3.36
CA PRO A 200 -18.94 -39.35 2.64
C PRO A 200 -20.10 -40.32 2.76
N ARG A 201 -19.83 -41.62 2.86
CA ARG A 201 -20.87 -42.63 2.83
C ARG A 201 -21.34 -43.05 4.21
N GLU A 202 -20.91 -42.38 5.27
CA GLU A 202 -21.31 -42.76 6.61
C GLU A 202 -21.25 -41.55 7.53
N LYS A 203 -22.16 -41.47 8.49
CA LYS A 203 -22.19 -40.38 9.45
C LYS A 203 -22.14 -40.84 10.89
N ASP A 204 -22.41 -42.12 11.16
CA ASP A 204 -22.35 -42.64 12.52
C ASP A 204 -20.90 -42.96 12.86
N VAL A 205 -20.32 -42.14 13.75
CA VAL A 205 -18.89 -42.26 14.06
C VAL A 205 -18.56 -43.66 14.57
N LEU A 206 -19.52 -44.31 15.22
CA LEU A 206 -19.30 -45.70 15.63
C LEU A 206 -19.09 -46.59 14.41
N MET A 207 -19.82 -46.35 13.33
CA MET A 207 -19.64 -47.19 12.15
C MET A 207 -18.34 -46.85 11.42
N LEU A 208 -17.93 -45.58 11.43
CA LEU A 208 -16.61 -45.24 10.91
C LEU A 208 -15.53 -45.96 11.68
N THR A 209 -15.66 -46.02 13.01
CA THR A 209 -14.71 -46.76 13.82
C THR A 209 -14.74 -48.24 13.47
N GLU A 210 -15.92 -48.79 13.20
CA GLU A 210 -16.00 -50.19 12.80
C GLU A 210 -15.27 -50.43 11.48
N TYR A 211 -15.43 -49.52 10.53
CA TYR A 211 -14.74 -49.68 9.25
C TYR A 211 -13.23 -49.56 9.42
N VAL A 212 -12.78 -48.64 10.27
CA VAL A 212 -11.34 -48.51 10.51
C VAL A 212 -10.81 -49.76 11.21
N ARG A 213 -11.60 -50.35 12.09
CA ARG A 213 -11.18 -51.59 12.75
C ARG A 213 -11.09 -52.73 11.75
N ILE A 214 -12.02 -52.79 10.80
CA ILE A 214 -11.98 -53.84 9.78
C ILE A 214 -10.76 -53.65 8.87
N ALA A 215 -10.46 -52.41 8.50
CA ALA A 215 -9.30 -52.16 7.65
C ALA A 215 -7.99 -52.46 8.37
N LEU A 216 -8.02 -52.54 9.71
CA LEU A 216 -6.85 -52.84 10.53
C LEU A 216 -6.87 -54.27 11.04
N ARG A 217 -7.59 -55.17 10.38
CA ARG A 217 -7.80 -56.51 10.94
C ARG A 217 -6.51 -57.31 11.02
N ARG A 218 -5.60 -57.13 10.07
CA ARG A 218 -4.34 -57.86 10.13
C ARG A 218 -3.54 -57.47 11.36
N HIS A 219 -3.47 -56.17 11.65
CA HIS A 219 -2.76 -55.73 12.85
C HIS A 219 -3.41 -56.25 14.12
N ILE A 220 -4.74 -56.22 14.20
CA ILE A 220 -5.41 -56.69 15.40
C ILE A 220 -5.13 -58.17 15.63
N LEU A 221 -5.27 -58.97 14.56
CA LEU A 221 -5.05 -60.41 14.73
C LEU A 221 -3.58 -60.77 14.82
N ARG A 222 -2.68 -59.81 14.55
CA ARG A 222 -1.28 -60.05 14.87
C ARG A 222 -0.98 -59.73 16.32
N ARG A 223 -1.52 -58.63 16.82
CA ARG A 223 -1.23 -58.20 18.19
C ARG A 223 -1.89 -59.11 19.21
N LEU A 224 -3.09 -59.63 18.91
CA LEU A 224 -3.75 -60.52 19.86
C LEU A 224 -2.93 -61.79 20.09
N ASN A 225 -2.40 -62.38 19.03
CA ASN A 225 -1.52 -63.53 19.17
C ASN A 225 -0.32 -63.41 18.23
N PRO A 226 0.85 -63.06 18.75
CA PRO A 226 2.01 -62.81 17.86
C PRO A 226 2.37 -64.00 16.99
N GLU A 227 2.25 -65.22 17.50
CA GLU A 227 2.50 -66.41 16.71
C GLU A 227 1.29 -66.76 15.87
N GLY A 228 1.52 -67.60 14.86
CA GLY A 228 0.45 -68.05 14.01
C GLY A 228 -0.40 -69.16 14.58
N LYS A 229 -0.09 -69.61 15.79
CA LYS A 229 -0.81 -70.71 16.39
C LYS A 229 -2.26 -70.33 16.67
N PRO A 230 -3.18 -71.27 16.53
CA PRO A 230 -4.59 -70.97 16.82
C PRO A 230 -4.88 -70.80 18.30
N LEU A 231 -5.48 -69.68 18.67
CA LEU A 231 -5.91 -69.43 20.05
C LEU A 231 -7.42 -69.57 20.18
N PRO A 232 -7.90 -69.89 21.38
CA PRO A 232 -9.31 -70.23 21.55
C PRO A 232 -10.24 -69.09 21.16
N ILE A 233 -11.38 -69.46 20.59
CA ILE A 233 -12.41 -68.52 20.16
C ILE A 233 -13.75 -68.95 20.73
N LEU A 234 -14.45 -68.01 21.36
CA LEU A 234 -15.77 -68.23 21.94
C LEU A 234 -16.79 -67.58 21.02
N ARG A 235 -17.52 -68.39 20.27
CA ARG A 235 -18.53 -67.88 19.36
C ARG A 235 -19.73 -67.33 20.13
N ILE A 236 -20.44 -66.41 19.50
CA ILE A 236 -21.74 -65.98 20.02
C ILE A 236 -22.83 -66.54 19.11
N GLY A 237 -23.76 -67.28 19.70
CA GLY A 237 -24.78 -67.94 18.92
C GLY A 237 -25.77 -66.96 18.31
N GLU A 238 -26.61 -67.50 17.42
CA GLU A 238 -27.54 -66.66 16.67
C GLU A 238 -28.60 -66.04 17.59
N GLY A 239 -28.86 -66.65 18.74
CA GLY A 239 -29.87 -66.10 19.63
C GLY A 239 -29.50 -64.72 20.14
N ILE A 240 -28.29 -64.57 20.66
CA ILE A 240 -27.85 -63.28 21.18
C ILE A 240 -27.71 -62.26 20.04
N GLU A 241 -27.21 -62.71 18.89
CA GLU A 241 -27.05 -61.83 17.74
C GLU A 241 -28.41 -61.28 17.30
N ASN A 242 -29.43 -62.13 17.26
CA ASN A 242 -30.76 -61.67 16.88
C ASN A 242 -31.38 -60.81 17.97
N LEU A 243 -31.10 -61.10 19.23
CA LEU A 243 -31.62 -60.28 20.32
C LEU A 243 -31.08 -58.86 20.24
N VAL A 244 -29.77 -58.72 20.07
CA VAL A 244 -29.18 -57.38 20.04
C VAL A 244 -29.39 -56.71 18.69
N ARG A 245 -29.65 -57.49 17.63
CA ARG A 245 -29.88 -56.90 16.31
C ARG A 245 -31.28 -56.31 16.21
N GLU A 246 -32.25 -56.92 16.89
CA GLU A 246 -33.62 -56.43 16.84
C GLU A 246 -33.83 -55.13 17.60
N SER A 247 -33.00 -54.85 18.60
CA SER A 247 -33.19 -53.71 19.48
C SER A 247 -32.47 -52.45 19.00
N ILE A 248 -32.08 -52.40 17.73
CA ILE A 248 -31.29 -51.28 17.23
C ILE A 248 -32.22 -50.10 16.92
N ARG A 249 -32.02 -48.99 17.62
CA ARG A 249 -32.84 -47.81 17.46
C ARG A 249 -31.99 -46.66 16.98
N GLN A 250 -32.41 -46.01 15.90
CA GLN A 250 -31.60 -45.01 15.22
C GLN A 250 -32.21 -43.63 15.39
N THR A 251 -31.35 -42.65 15.67
CA THR A 251 -31.67 -41.24 15.67
C THR A 251 -30.76 -40.51 14.69
N ALA A 252 -30.98 -39.20 14.55
CA ALA A 252 -30.27 -38.43 13.53
C ALA A 252 -28.75 -38.52 13.68
N MET A 253 -28.25 -38.87 14.86
CA MET A 253 -26.82 -38.96 15.10
C MET A 253 -26.28 -40.38 14.99
N GLY A 254 -27.12 -41.36 14.66
CA GLY A 254 -26.65 -42.72 14.49
C GLY A 254 -27.52 -43.69 15.23
N THR A 255 -27.09 -44.95 15.25
CA THR A 255 -27.86 -46.04 15.84
C THR A 255 -27.26 -46.42 17.20
N TYR A 256 -28.14 -46.78 18.14
CA TYR A 256 -27.72 -47.28 19.43
C TYR A 256 -28.54 -48.54 19.75
N THR A 257 -28.20 -49.18 20.87
CA THR A 257 -28.90 -50.36 21.32
C THR A 257 -29.82 -50.00 22.48
N ALA A 258 -30.93 -50.72 22.60
CA ALA A 258 -31.92 -50.50 23.66
C ALA A 258 -32.39 -51.87 24.15
N LEU A 259 -31.73 -52.37 25.18
CA LEU A 259 -32.06 -53.67 25.76
C LEU A 259 -32.54 -53.49 27.19
N SER A 260 -33.28 -54.48 27.68
CA SER A 260 -33.66 -54.53 29.08
C SER A 260 -32.44 -54.84 29.94
N SER A 261 -32.42 -54.28 31.15
CA SER A 261 -31.31 -54.51 32.05
C SER A 261 -31.17 -55.99 32.39
N ARG A 262 -32.28 -56.73 32.39
CA ARG A 262 -32.22 -58.16 32.64
C ARG A 262 -31.43 -58.87 31.55
N HIS A 263 -31.65 -58.48 30.30
CA HIS A 263 -30.91 -59.08 29.19
C HIS A 263 -29.42 -58.87 29.34
N LYS A 264 -29.00 -57.63 29.60
CA LYS A 264 -27.58 -57.35 29.77
C LYS A 264 -27.01 -58.12 30.96
N THR A 265 -27.72 -58.13 32.09
CA THR A 265 -27.21 -58.81 33.27
C THR A 265 -27.02 -60.30 33.00
N GLN A 266 -28.00 -60.94 32.36
CA GLN A 266 -27.87 -62.36 32.09
C GLN A 266 -26.74 -62.64 31.10
N ILE A 267 -26.59 -61.79 30.07
CA ILE A 267 -25.54 -62.02 29.09
C ILE A 267 -24.16 -61.92 29.73
N LEU A 268 -23.94 -60.87 30.52
CA LEU A 268 -22.66 -60.74 31.21
C LEU A 268 -22.44 -61.87 32.21
N GLN A 269 -23.49 -62.27 32.94
CA GLN A 269 -23.34 -63.34 33.93
C GLN A 269 -22.90 -64.63 33.25
N LEU A 270 -23.52 -64.98 32.12
CA LEU A 270 -23.14 -66.22 31.45
C LEU A 270 -21.79 -66.09 30.75
N ILE A 271 -21.44 -64.91 30.25
CA ILE A 271 -20.13 -64.75 29.64
C ILE A 271 -19.03 -64.93 30.68
N GLU A 272 -19.20 -64.33 31.86
CA GLU A 272 -18.26 -64.57 32.95
C GLU A 272 -18.29 -66.04 33.37
N GLN A 273 -19.46 -66.67 33.30
CA GLN A 273 -19.53 -68.11 33.55
C GLN A 273 -18.74 -68.90 32.52
N ALA A 274 -18.73 -68.46 31.28
CA ALA A 274 -18.01 -69.15 30.22
C ALA A 274 -16.55 -68.73 30.12
N LEU A 275 -16.12 -67.71 30.86
CA LEU A 275 -14.75 -67.23 30.80
C LEU A 275 -13.84 -67.86 31.84
N LYS A 276 -14.39 -68.55 32.85
CA LYS A 276 -13.56 -69.15 33.88
C LYS A 276 -13.01 -70.51 33.47
N GLN A 277 -13.42 -71.03 32.31
CA GLN A 277 -12.90 -72.33 31.86
C GLN A 277 -11.48 -72.21 31.35
N SER A 278 -11.14 -71.12 30.66
CA SER A 278 -9.79 -70.90 30.17
C SER A 278 -9.40 -69.45 30.40
N ALA A 279 -8.09 -69.21 30.49
CA ALA A 279 -7.59 -67.89 30.87
C ALA A 279 -7.93 -66.84 29.82
N LYS A 280 -7.68 -67.14 28.55
CA LYS A 280 -7.88 -66.19 27.47
C LYS A 280 -8.91 -66.71 26.47
N LEU A 281 -9.88 -65.87 26.13
CA LEU A 281 -10.89 -66.20 25.15
C LEU A 281 -11.24 -64.96 24.34
N PHE A 282 -11.33 -65.14 23.03
CA PHE A 282 -11.73 -64.08 22.12
C PHE A 282 -13.19 -64.28 21.76
N ILE A 283 -14.05 -63.39 22.22
CA ILE A 283 -15.47 -63.46 21.91
C ILE A 283 -15.68 -62.97 20.50
N VAL A 284 -16.35 -63.77 19.67
CA VAL A 284 -16.53 -63.48 18.26
C VAL A 284 -18.01 -63.46 17.93
N THR A 285 -18.47 -62.37 17.33
CA THR A 285 -19.86 -62.20 16.96
C THR A 285 -19.91 -61.61 15.55
N SER A 286 -21.11 -61.30 15.08
CA SER A 286 -21.31 -60.76 13.75
C SER A 286 -20.87 -59.30 13.68
N VAL A 287 -20.80 -58.78 12.46
CA VAL A 287 -20.36 -57.39 12.26
C VAL A 287 -21.43 -56.43 12.76
N ASP A 288 -22.69 -56.68 12.44
CA ASP A 288 -23.78 -55.78 12.78
C ASP A 288 -24.10 -55.80 14.27
N THR A 289 -23.61 -56.80 15.00
CA THR A 289 -23.88 -56.91 16.42
C THR A 289 -22.62 -56.79 17.27
N ARG A 290 -21.47 -56.49 16.67
CA ARG A 290 -20.23 -56.47 17.45
C ARG A 290 -20.09 -55.27 18.37
N ARG A 291 -20.16 -54.06 17.81
CA ARG A 291 -19.94 -52.86 18.61
C ARG A 291 -20.96 -52.75 19.73
N PHE A 292 -22.23 -52.99 19.43
CA PHE A 292 -23.26 -52.93 20.45
C PHE A 292 -22.96 -53.90 21.59
N LEU A 293 -22.59 -55.14 21.25
CA LEU A 293 -22.21 -56.08 22.29
C LEU A 293 -21.07 -55.52 23.12
N ARG A 294 -20.08 -54.90 22.46
CA ARG A 294 -18.97 -54.32 23.20
C ARG A 294 -19.48 -53.28 24.19
N LYS A 295 -20.44 -52.45 23.78
CA LYS A 295 -20.87 -51.40 24.69
C LYS A 295 -21.89 -51.89 25.71
N ILE A 296 -22.14 -53.21 25.77
CA ILE A 296 -22.80 -53.76 26.95
C ILE A 296 -21.84 -54.56 27.81
N THR A 297 -20.59 -54.72 27.38
CA THR A 297 -19.59 -55.44 28.15
C THR A 297 -18.34 -54.64 28.43
N GLU A 298 -18.30 -53.35 28.08
CA GLU A 298 -17.10 -52.55 28.32
C GLU A 298 -16.98 -52.14 29.78
N ALA A 299 -18.11 -51.91 30.46
CA ALA A 299 -18.07 -51.41 31.83
C ALA A 299 -17.42 -52.41 32.78
N THR A 300 -17.78 -53.69 32.64
CA THR A 300 -17.29 -54.74 33.54
C THR A 300 -16.11 -55.51 32.96
N LEU A 301 -16.28 -56.06 31.76
CA LEU A 301 -15.25 -56.88 31.11
C LEU A 301 -14.50 -55.99 30.13
N PHE A 302 -13.60 -55.16 30.66
CA PHE A 302 -12.85 -54.24 29.83
C PHE A 302 -11.71 -54.91 29.08
N ASP A 303 -11.07 -55.91 29.67
CA ASP A 303 -9.85 -56.46 29.11
C ASP A 303 -10.07 -57.67 28.22
N VAL A 304 -11.32 -58.03 27.94
CA VAL A 304 -11.60 -59.13 27.01
C VAL A 304 -11.81 -58.55 25.62
N PRO A 305 -11.15 -59.08 24.59
CA PRO A 305 -11.30 -58.50 23.25
C PRO A 305 -12.52 -59.04 22.52
N ILE A 306 -13.37 -58.15 22.05
CA ILE A 306 -14.58 -58.51 21.33
C ILE A 306 -14.29 -58.37 19.84
N LEU A 307 -13.89 -59.47 19.19
CA LEU A 307 -13.60 -59.47 17.77
C LEU A 307 -14.89 -59.61 16.98
N SER A 308 -14.74 -59.67 15.66
CA SER A 308 -15.86 -59.83 14.75
C SER A 308 -15.53 -60.91 13.72
N TRP A 309 -16.52 -61.29 12.92
CA TRP A 309 -16.28 -62.32 11.91
C TRP A 309 -15.47 -61.76 10.74
N GLN A 310 -15.79 -60.55 10.29
CA GLN A 310 -15.06 -59.97 9.17
C GLN A 310 -13.63 -59.62 9.54
N GLU A 311 -13.34 -59.41 10.83
CA GLU A 311 -11.98 -59.14 11.27
C GLU A 311 -11.11 -60.39 11.24
N LEU A 312 -11.71 -61.57 11.27
CA LEU A 312 -11.00 -62.83 11.08
C LEU A 312 -11.23 -63.30 9.65
N GLY A 313 -10.24 -63.08 8.80
CA GLY A 313 -10.34 -63.49 7.42
C GLY A 313 -10.40 -64.99 7.27
N GLU A 314 -10.51 -65.43 6.02
CA GLU A 314 -10.56 -66.85 5.71
C GLU A 314 -9.23 -67.56 6.00
N GLU A 315 -8.16 -66.81 6.25
CA GLU A 315 -6.84 -67.39 6.51
C GLU A 315 -6.61 -67.71 7.97
N SER A 316 -7.52 -67.34 8.87
CA SER A 316 -7.43 -67.68 10.28
C SER A 316 -8.44 -68.75 10.61
N LEU A 317 -7.95 -69.90 11.08
CA LEU A 317 -8.86 -70.98 11.48
C LEU A 317 -9.38 -70.67 12.88
N ILE A 318 -10.54 -71.23 13.19
CA ILE A 318 -11.30 -70.77 14.35
C ILE A 318 -10.93 -71.54 15.61
N GLN A 319 -11.16 -72.86 15.61
CA GLN A 319 -11.03 -73.68 16.80
C GLN A 319 -11.99 -73.18 17.90
N VAL A 320 -13.28 -73.31 17.61
CA VAL A 320 -14.31 -72.92 18.57
C VAL A 320 -14.08 -73.70 19.86
N VAL A 321 -14.24 -73.03 20.99
CA VAL A 321 -14.16 -73.67 22.30
C VAL A 321 -15.54 -73.84 22.92
N GLU A 322 -16.37 -72.81 22.85
CA GLU A 322 -17.73 -72.88 23.36
C GLU A 322 -18.65 -72.08 22.44
N SER A 323 -19.93 -72.42 22.45
CA SER A 323 -20.94 -71.75 21.63
C SER A 323 -22.05 -71.27 22.54
N ILE A 324 -21.99 -70.00 22.92
CA ILE A 324 -23.00 -69.39 23.77
C ILE A 324 -24.25 -69.10 22.94
N ASP A 325 -25.43 -69.36 23.51
CA ASP A 325 -26.68 -69.08 22.82
C ASP A 325 -27.76 -68.82 23.85
N LEU A 326 -28.74 -67.99 23.48
CA LEU A 326 -29.87 -67.67 24.35
C LEU A 326 -31.11 -67.40 23.52
N SER A 327 -32.25 -67.40 24.21
CA SER A 327 -33.47 -66.76 23.77
C SER A 327 -33.71 -65.55 24.68
N GLU A 328 -34.80 -64.83 24.45
CA GLU A 328 -35.07 -63.63 25.24
C GLU A 328 -35.29 -63.99 26.71
N GLU A 329 -35.53 -62.96 27.52
CA GLU A 329 -35.78 -63.11 28.94
C GLU A 329 -37.12 -62.55 29.38
N GLU A 330 -37.45 -61.32 28.98
CA GLU A 330 -38.68 -60.69 29.44
C GLU A 330 -39.92 -61.41 28.91
N LEU A 331 -39.93 -61.72 27.61
CA LEU A 331 -41.06 -62.44 27.04
C LEU A 331 -41.12 -63.87 27.58
N ALA A 332 -40.01 -64.60 27.51
CA ALA A 332 -39.91 -65.96 28.01
C ALA A 332 -38.44 -66.38 27.96
N ASP A 333 -38.01 -67.14 28.95
CA ASP A 333 -36.60 -67.51 29.05
C ASP A 333 -36.17 -68.35 27.84
N ASN A 334 -36.66 -69.59 27.78
CA ASN A 334 -36.51 -70.50 26.63
C ASN A 334 -35.05 -70.93 26.53
N GLU A 335 -34.11 -70.25 27.19
CA GLU A 335 -32.75 -70.77 27.28
C GLU A 335 -32.20 -70.64 28.70
N GLU A 336 -32.56 -69.55 29.39
CA GLU A 336 -32.01 -69.24 30.70
C GLU A 336 -32.97 -69.61 31.82
N MET B 1 9.42 -38.92 19.07
CA MET B 1 8.09 -39.55 18.85
C MET B 1 7.53 -38.99 17.54
N VAL B 2 7.75 -39.68 16.41
CA VAL B 2 7.29 -39.17 15.09
C VAL B 2 6.03 -39.91 14.64
N PRO B 3 4.78 -39.37 14.67
CA PRO B 3 3.58 -40.02 14.12
C PRO B 3 3.80 -40.51 12.70
N GLY B 4 3.10 -41.58 12.34
CA GLY B 4 3.21 -42.15 11.02
C GLY B 4 4.27 -43.23 10.96
N ALA B 5 3.86 -44.46 10.65
CA ALA B 5 4.79 -45.58 10.68
C ALA B 5 5.85 -45.43 9.60
N CYS B 6 6.99 -46.08 9.82
CA CYS B 6 8.04 -46.09 8.82
C CYS B 6 7.63 -47.01 7.68
N PRO B 7 7.63 -46.53 6.43
CA PRO B 7 6.95 -47.29 5.36
C PRO B 7 7.50 -48.68 5.13
N LEU B 8 8.78 -48.82 4.78
CA LEU B 8 9.31 -50.10 4.31
C LEU B 8 10.65 -50.36 4.99
N ILE B 9 10.70 -51.43 5.78
CA ILE B 9 11.88 -51.77 6.58
C ILE B 9 12.27 -53.20 6.26
N LEU B 10 13.56 -53.42 5.99
CA LEU B 10 14.09 -54.76 5.75
C LEU B 10 15.11 -55.05 6.83
N ARG B 11 14.82 -56.03 7.69
CA ARG B 11 15.69 -56.41 8.79
C ARG B 11 16.43 -57.69 8.42
N LEU B 12 17.76 -57.64 8.52
CA LEU B 12 18.62 -58.75 8.13
C LEU B 12 19.61 -59.08 9.22
N SER B 13 19.89 -60.39 9.33
CA SER B 13 20.85 -60.88 10.34
C SER B 13 22.28 -60.60 9.86
N PRO B 14 23.27 -60.49 10.76
CA PRO B 14 24.64 -60.20 10.40
C PRO B 14 25.15 -60.64 9.01
N THR B 15 25.19 -61.94 8.75
CA THR B 15 25.83 -62.42 7.49
C THR B 15 25.06 -62.04 6.21
N LEU B 16 23.73 -61.94 6.24
CA LEU B 16 23.06 -61.67 4.98
C LEU B 16 23.33 -60.27 4.45
N HIS B 17 23.75 -59.35 5.31
CA HIS B 17 24.04 -57.99 4.88
C HIS B 17 25.22 -58.00 3.92
N SER B 18 25.33 -56.96 3.09
CA SER B 18 26.40 -56.88 2.11
C SER B 18 26.66 -55.42 1.79
N ALA B 19 27.57 -55.21 0.83
CA ALA B 19 27.99 -53.85 0.49
C ALA B 19 27.25 -53.33 -0.73
N ASP B 20 26.86 -54.21 -1.65
CA ASP B 20 26.11 -53.83 -2.84
C ASP B 20 24.61 -53.97 -2.63
N LEU B 21 24.17 -54.22 -1.41
CA LEU B 21 22.74 -54.37 -1.15
C LEU B 21 21.98 -53.09 -1.46
N ILE B 22 22.56 -51.93 -1.15
CA ILE B 22 21.87 -50.67 -1.38
C ILE B 22 21.57 -50.49 -2.86
N ARG B 23 22.56 -50.70 -3.72
CA ARG B 23 22.34 -50.47 -5.14
C ARG B 23 21.47 -51.56 -5.75
N ASP B 24 21.55 -52.80 -5.23
CA ASP B 24 20.66 -53.85 -5.72
C ASP B 24 19.20 -53.55 -5.38
N ILE B 25 18.94 -53.12 -4.14
CA ILE B 25 17.58 -52.74 -3.75
C ILE B 25 17.11 -51.55 -4.57
N ASP B 26 17.99 -50.57 -4.82
CA ASP B 26 17.58 -49.42 -5.62
C ASP B 26 17.24 -49.83 -7.05
N ALA B 27 18.02 -50.75 -7.62
CA ALA B 27 17.71 -51.24 -8.96
C ALA B 27 16.38 -51.98 -8.99
N MET B 28 16.11 -52.78 -7.95
CA MET B 28 14.82 -53.46 -7.88
C MET B 28 13.68 -52.47 -7.76
N ARG B 29 13.85 -51.42 -6.96
CA ARG B 29 12.81 -50.40 -6.82
C ARG B 29 12.56 -49.70 -8.14
N TRP B 30 13.63 -49.38 -8.89
CA TRP B 30 13.45 -48.73 -10.17
C TRP B 30 12.76 -49.64 -11.17
N PHE B 31 13.09 -50.93 -11.15
CA PHE B 31 12.39 -51.87 -12.02
C PHE B 31 10.92 -51.96 -11.66
N LEU B 32 10.61 -51.99 -10.36
CA LEU B 32 9.21 -52.06 -9.95
C LEU B 32 8.44 -50.80 -10.34
N PHE B 33 9.10 -49.65 -10.30
CA PHE B 33 8.42 -48.42 -10.72
C PHE B 33 8.23 -48.40 -12.24
N GLU B 34 9.23 -48.86 -12.99
CA GLU B 34 9.06 -48.91 -14.44
C GLU B 34 7.99 -49.92 -14.85
N ASP B 35 7.81 -50.97 -14.05
CA ASP B 35 6.83 -52.00 -14.41
C ASP B 35 5.42 -51.63 -13.98
N THR B 36 5.22 -51.26 -12.71
CA THR B 36 3.89 -51.03 -12.17
C THR B 36 3.53 -49.58 -11.93
N GLY B 37 4.47 -48.65 -12.13
CA GLY B 37 4.14 -47.24 -12.09
C GLY B 37 3.95 -46.65 -10.71
N VAL B 38 4.07 -47.43 -9.65
CA VAL B 38 3.88 -46.96 -8.28
C VAL B 38 5.25 -46.58 -7.71
N PRO B 39 5.47 -45.34 -7.31
CA PRO B 39 6.78 -44.96 -6.76
C PRO B 39 6.92 -45.41 -5.32
N LEU B 40 7.75 -46.42 -5.11
CA LEU B 40 7.92 -47.03 -3.80
C LEU B 40 8.78 -46.16 -2.89
N PRO B 41 8.55 -46.24 -1.58
CA PRO B 41 9.37 -45.47 -0.63
C PRO B 41 10.67 -46.20 -0.33
N GLU B 42 11.64 -45.43 0.16
CA GLU B 42 12.98 -45.96 0.38
C GLU B 42 12.96 -47.13 1.36
N VAL B 43 13.69 -48.18 1.02
CA VAL B 43 13.81 -49.35 1.88
C VAL B 43 14.86 -49.06 2.95
N ASN B 44 14.47 -49.16 4.21
CA ASN B 44 15.37 -48.92 5.33
C ASN B 44 16.00 -50.23 5.77
N ILE B 45 17.31 -50.33 5.61
CA ILE B 45 18.04 -51.54 5.98
C ILE B 45 18.36 -51.49 7.47
N GLU B 46 17.90 -52.49 8.21
CA GLU B 46 18.15 -52.59 9.64
C GLU B 46 18.74 -53.95 9.95
N VAL B 47 19.56 -54.02 10.99
CA VAL B 47 20.29 -55.23 11.33
C VAL B 47 19.57 -55.96 12.45
N LEU B 48 19.30 -57.24 12.24
CA LEU B 48 18.56 -58.05 13.21
C LEU B 48 19.49 -59.14 13.75
N PRO B 49 20.05 -58.98 14.95
CA PRO B 49 20.96 -60.01 15.48
C PRO B 49 20.24 -61.32 15.75
N GLU B 50 20.63 -62.37 15.04
CA GLU B 50 19.97 -63.66 15.15
C GLU B 50 20.97 -64.74 14.76
N PRO B 51 21.15 -65.77 15.58
CA PRO B 51 22.03 -66.88 15.18
C PRO B 51 21.58 -67.56 13.91
N THR B 52 20.27 -67.70 13.70
CA THR B 52 19.74 -68.32 12.49
C THR B 52 19.68 -67.27 11.38
N GLU B 53 19.95 -67.70 10.16
CA GLU B 53 19.90 -66.81 9.00
C GLU B 53 18.46 -66.47 8.68
N LYS B 54 18.02 -65.28 9.09
CA LYS B 54 16.63 -64.87 9.00
C LYS B 54 16.53 -63.43 8.52
N LEU B 55 15.49 -63.14 7.73
CA LEU B 55 15.18 -61.78 7.32
C LEU B 55 13.69 -61.52 7.52
N THR B 56 13.36 -60.26 7.76
CA THR B 56 11.98 -59.84 7.89
C THR B 56 11.74 -58.58 7.06
N VAL B 57 10.54 -58.50 6.49
CA VAL B 57 10.11 -57.34 5.72
C VAL B 57 8.89 -56.76 6.43
N LEU B 58 8.98 -55.49 6.79
CA LEU B 58 7.99 -54.79 7.60
C LEU B 58 7.40 -53.65 6.79
N LEU B 59 6.09 -53.71 6.58
CA LEU B 59 5.34 -52.65 5.92
C LEU B 59 4.61 -51.83 6.98
N TYR B 60 5.02 -50.57 7.14
CA TYR B 60 4.43 -49.69 8.15
C TYR B 60 4.53 -50.30 9.54
N GLN B 61 5.67 -50.96 9.79
CA GLN B 61 6.05 -51.54 11.07
C GLN B 61 5.17 -52.71 11.49
N GLU B 62 4.36 -53.24 10.57
CA GLU B 62 3.64 -54.48 10.83
C GLU B 62 4.29 -55.58 9.99
N PRO B 63 4.98 -56.53 10.61
CA PRO B 63 5.79 -57.48 9.84
C PRO B 63 4.97 -58.36 8.91
N VAL B 64 5.15 -58.17 7.60
CA VAL B 64 4.41 -58.95 6.62
C VAL B 64 5.21 -60.12 6.06
N PHE B 65 6.54 -60.12 6.22
CA PHE B 65 7.32 -61.22 5.71
C PHE B 65 8.38 -61.62 6.72
N SER B 66 8.55 -62.92 6.91
CA SER B 66 9.53 -63.45 7.84
C SER B 66 10.02 -64.79 7.34
N LEU B 67 11.27 -64.84 6.87
CA LEU B 67 11.78 -66.06 6.26
C LEU B 67 13.15 -66.37 6.81
N SER B 68 13.40 -67.64 7.12
CA SER B 68 14.70 -68.11 7.59
C SER B 68 15.34 -68.98 6.52
N ILE B 69 16.34 -68.36 5.86
CA ILE B 69 17.07 -68.86 4.66
C ILE B 69 18.11 -69.90 5.04
N PRO B 70 17.91 -71.19 4.78
CA PRO B 70 18.87 -72.21 5.19
C PRO B 70 20.27 -71.99 4.60
N ALA B 71 21.31 -72.28 5.40
CA ALA B 71 22.75 -72.12 5.10
C ALA B 71 23.20 -72.98 3.93
N GLN B 72 22.57 -74.15 3.79
CA GLN B 72 22.90 -75.12 2.72
C GLN B 72 22.66 -74.52 1.33
N ALA B 73 21.57 -73.77 1.13
CA ALA B 73 21.28 -73.18 -0.20
C ALA B 73 21.98 -71.82 -0.39
N ASP B 74 22.61 -71.65 -1.54
CA ASP B 74 23.37 -70.42 -1.86
C ASP B 74 22.92 -69.85 -3.20
N TYR B 75 22.02 -70.57 -3.91
CA TYR B 75 21.50 -70.19 -5.25
C TYR B 75 19.97 -70.09 -5.19
N LEU B 76 19.33 -68.98 -5.62
CA LEU B 76 17.89 -68.91 -5.41
C LEU B 76 17.16 -68.86 -6.74
N LEU B 77 16.04 -69.58 -6.81
CA LEU B 77 15.20 -69.60 -8.02
C LEU B 77 13.74 -69.46 -7.58
N ILE B 78 13.08 -68.40 -8.03
CA ILE B 78 11.71 -68.13 -7.64
C ILE B 78 10.77 -68.94 -8.53
N GLY B 79 9.81 -69.63 -7.92
CA GLY B 79 8.89 -70.49 -8.65
C GLY B 79 9.43 -71.90 -8.77
N ALA B 80 8.57 -72.76 -9.31
CA ALA B 80 8.89 -74.17 -9.48
C ALA B 80 8.47 -74.64 -10.87
N ASP B 81 9.14 -75.68 -11.35
CA ASP B 81 8.81 -76.28 -12.64
C ASP B 81 9.29 -77.74 -12.61
N ALA B 82 8.97 -78.47 -13.67
CA ALA B 82 9.34 -79.88 -13.74
C ALA B 82 10.83 -80.07 -13.97
N SER B 83 11.46 -79.15 -14.70
CA SER B 83 12.87 -79.29 -15.04
C SER B 83 13.78 -79.19 -13.82
N VAL B 84 13.39 -78.43 -12.80
CA VAL B 84 14.22 -78.18 -11.63
C VAL B 84 13.42 -78.57 -10.39
N VAL B 85 14.00 -79.42 -9.55
CA VAL B 85 13.35 -79.87 -8.32
C VAL B 85 14.43 -80.13 -7.28
N GLY B 86 14.15 -79.76 -6.04
CA GLY B 86 15.08 -79.99 -4.95
C GLY B 86 15.27 -78.80 -4.03
N ASP B 87 15.07 -79.02 -2.74
CA ASP B 87 15.21 -77.99 -1.72
C ASP B 87 14.31 -76.78 -1.95
N SER B 88 13.01 -77.08 -2.10
CA SER B 88 11.99 -76.09 -2.41
C SER B 88 11.02 -75.96 -1.24
N GLN B 89 10.55 -74.75 -0.98
CA GLN B 89 9.54 -74.54 0.04
C GLN B 89 8.54 -73.46 -0.35
N THR B 90 7.42 -73.45 0.36
CA THR B 90 6.30 -72.57 0.10
C THR B 90 6.50 -71.24 0.83
N LEU B 91 6.40 -70.14 0.08
CA LEU B 91 6.44 -68.83 0.70
C LEU B 91 5.15 -68.58 1.47
N PRO B 92 5.21 -67.80 2.55
CA PRO B 92 3.99 -67.52 3.32
C PRO B 92 3.03 -66.63 2.56
N ASN B 93 1.78 -66.63 3.02
CA ASN B 93 0.71 -65.80 2.45
C ASN B 93 0.47 -66.12 0.98
N GLY B 94 0.84 -67.33 0.56
CA GLY B 94 0.62 -67.76 -0.81
C GLY B 94 1.34 -66.92 -1.84
N MET B 95 2.56 -66.50 -1.54
CA MET B 95 3.34 -65.74 -2.51
C MET B 95 3.90 -66.63 -3.60
N GLY B 96 4.01 -67.93 -3.34
CA GLY B 96 4.48 -68.86 -4.34
C GLY B 96 5.40 -69.93 -3.80
N GLN B 97 6.38 -70.35 -4.61
CA GLN B 97 7.34 -71.37 -4.23
C GLN B 97 8.74 -70.83 -4.51
N ILE B 98 9.70 -71.25 -3.70
CA ILE B 98 11.10 -70.91 -3.94
C ILE B 98 11.93 -72.18 -3.91
N CYS B 99 13.05 -72.17 -4.63
CA CYS B 99 13.95 -73.30 -4.73
C CYS B 99 15.36 -72.82 -4.43
N TRP B 100 16.01 -73.47 -3.47
CA TRP B 100 17.41 -73.22 -3.19
C TRP B 100 18.23 -74.30 -3.91
N LEU B 101 19.07 -73.86 -4.84
CA LEU B 101 19.77 -74.77 -5.74
C LEU B 101 21.26 -74.72 -5.50
N THR B 102 21.90 -75.88 -5.59
CA THR B 102 23.36 -75.96 -5.53
C THR B 102 23.96 -75.33 -6.78
N LYS B 103 25.26 -75.01 -6.69
CA LYS B 103 25.90 -74.18 -7.71
C LYS B 103 25.77 -74.80 -9.10
N ASP B 104 26.14 -76.07 -9.25
CA ASP B 104 26.11 -76.70 -10.57
C ASP B 104 24.68 -76.83 -11.09
N MET B 105 23.75 -77.25 -10.22
CA MET B 105 22.37 -77.38 -10.67
C MET B 105 21.76 -76.02 -10.99
N ALA B 106 22.17 -74.98 -10.26
CA ALA B 106 21.69 -73.63 -10.56
C ALA B 106 22.24 -73.14 -11.89
N HIS B 107 23.51 -73.46 -12.19
CA HIS B 107 24.05 -73.11 -13.50
C HIS B 107 23.31 -73.85 -14.62
N LYS B 108 22.99 -75.12 -14.39
CA LYS B 108 22.20 -75.86 -15.36
C LYS B 108 20.81 -75.24 -15.55
N ALA B 109 20.17 -74.81 -14.46
CA ALA B 109 18.86 -74.18 -14.55
C ALA B 109 18.94 -72.85 -15.28
N GLN B 110 20.00 -72.07 -15.04
CA GLN B 110 20.18 -70.82 -15.77
C GLN B 110 20.40 -71.08 -17.25
N GLY B 111 21.17 -72.11 -17.58
CA GLY B 111 21.30 -72.51 -18.98
C GLY B 111 19.99 -72.96 -19.59
N PHE B 112 19.11 -73.55 -18.78
CA PHE B 112 17.81 -73.99 -19.26
C PHE B 112 16.97 -72.85 -19.80
N GLY B 113 17.23 -71.62 -19.37
CA GLY B 113 16.49 -70.47 -19.87
C GLY B 113 15.63 -69.78 -18.83
N LEU B 114 16.08 -69.81 -17.58
CA LEU B 114 15.36 -69.15 -16.49
C LEU B 114 16.30 -68.18 -15.78
N ASP B 115 15.75 -67.46 -14.82
CA ASP B 115 16.52 -66.51 -14.02
C ASP B 115 16.92 -67.16 -12.69
N VAL B 116 18.19 -67.04 -12.34
CA VAL B 116 18.72 -67.56 -11.08
C VAL B 116 19.54 -66.47 -10.41
N PHE B 117 19.27 -66.25 -9.12
CA PHE B 117 19.87 -65.15 -8.37
C PHE B 117 20.90 -65.69 -7.39
N ALA B 118 21.98 -64.93 -7.21
CA ALA B 118 23.05 -65.30 -6.31
C ALA B 118 23.60 -64.06 -5.61
N GLY B 119 23.82 -64.17 -4.31
CA GLY B 119 24.35 -63.07 -3.54
C GLY B 119 23.27 -62.12 -3.03
N SER B 120 23.55 -60.82 -3.08
CA SER B 120 22.57 -59.84 -2.65
C SER B 120 21.27 -59.96 -3.44
N GLN B 121 21.35 -60.47 -4.68
CA GLN B 121 20.15 -60.64 -5.48
C GLN B 121 19.15 -61.56 -4.79
N ARG B 122 19.63 -62.58 -4.06
CA ARG B 122 18.70 -63.48 -3.40
C ARG B 122 17.82 -62.73 -2.41
N ILE B 123 18.26 -61.56 -1.94
CA ILE B 123 17.41 -60.73 -1.11
C ILE B 123 16.40 -59.98 -1.97
N SER B 124 16.87 -59.32 -3.03
CA SER B 124 15.97 -58.53 -3.87
C SER B 124 14.86 -59.39 -4.43
N ALA B 125 15.20 -60.50 -5.07
CA ALA B 125 14.18 -61.35 -5.68
C ALA B 125 13.26 -61.95 -4.63
N LEU B 126 13.63 -61.86 -3.35
CA LEU B 126 12.66 -62.16 -2.29
C LEU B 126 11.84 -60.92 -1.96
N LEU B 127 12.51 -59.82 -1.60
CA LEU B 127 11.82 -58.61 -1.23
C LEU B 127 10.85 -58.18 -2.31
N LYS B 128 11.29 -58.18 -3.57
CA LYS B 128 10.45 -57.78 -4.67
C LYS B 128 9.16 -58.59 -4.70
N CYS B 129 9.25 -59.91 -4.46
CA CYS B 129 8.04 -60.72 -4.43
C CYS B 129 7.04 -60.17 -3.43
N VAL B 130 7.52 -59.86 -2.22
CA VAL B 130 6.64 -59.26 -1.22
C VAL B 130 6.03 -57.97 -1.75
N LEU B 131 6.87 -57.11 -2.34
CA LEU B 131 6.36 -55.84 -2.81
C LEU B 131 5.36 -56.01 -3.94
N LEU B 132 5.37 -57.16 -4.62
CA LEU B 132 4.39 -57.37 -5.68
C LEU B 132 3.07 -57.89 -5.13
N ARG B 133 3.03 -58.21 -3.84
CA ARG B 133 1.79 -58.74 -3.20
C ARG B 133 1.01 -57.62 -2.50
N HIS B 134 1.70 -56.71 -1.81
CA HIS B 134 1.05 -55.61 -1.04
C HIS B 134 1.20 -54.27 -1.78
N MET B 135 1.46 -54.33 -3.09
CA MET B 135 1.58 -53.13 -3.98
C MET B 135 0.47 -52.09 -3.76
N GLY B 136 -0.80 -52.50 -3.78
CA GLY B 136 -1.90 -51.57 -3.65
C GLY B 136 -1.88 -50.75 -2.38
N GLU B 137 -0.97 -51.03 -1.45
CA GLU B 137 -0.86 -50.25 -0.23
C GLU B 137 0.07 -49.06 -0.37
N PHE B 138 0.80 -48.94 -1.48
CA PHE B 138 1.71 -47.81 -1.66
C PHE B 138 1.12 -46.73 -2.54
N ILE B 139 -0.21 -46.71 -2.72
CA ILE B 139 -0.89 -45.72 -3.54
C ILE B 139 -2.13 -45.26 -2.77
N GLY B 140 -2.03 -44.09 -2.14
CA GLY B 140 -3.14 -43.52 -1.40
C GLY B 140 -3.48 -42.14 -1.88
N VAL B 141 -4.02 -41.29 -1.01
CA VAL B 141 -4.30 -39.91 -1.39
C VAL B 141 -3.00 -39.13 -1.54
N GLN B 142 -2.06 -39.35 -0.62
CA GLN B 142 -0.82 -38.59 -0.65
C GLN B 142 0.06 -38.99 -1.82
N GLU B 143 0.18 -40.29 -2.09
CA GLU B 143 0.98 -40.72 -3.24
C GLU B 143 0.34 -40.27 -4.55
N THR B 144 -0.99 -40.25 -4.60
CA THR B 144 -1.66 -39.71 -5.79
C THR B 144 -1.35 -38.24 -5.96
N ARG B 145 -1.34 -37.48 -4.87
CA ARG B 145 -0.97 -36.07 -4.97
C ARG B 145 0.47 -35.91 -5.43
N TYR B 146 1.36 -36.80 -5.00
CA TYR B 146 2.74 -36.74 -5.48
C TYR B 146 2.80 -37.01 -6.98
N LEU B 147 2.05 -38.00 -7.45
CA LEU B 147 2.03 -38.29 -8.88
C LEU B 147 1.49 -37.11 -9.68
N MET B 148 0.44 -36.47 -9.18
CA MET B 148 -0.13 -35.33 -9.89
C MET B 148 0.82 -34.14 -9.87
N ASN B 149 1.56 -33.95 -8.77
CA ASN B 149 2.57 -32.89 -8.75
C ASN B 149 3.70 -33.19 -9.72
N ALA B 150 4.09 -34.46 -9.86
CA ALA B 150 5.09 -34.81 -10.86
C ALA B 150 4.58 -34.54 -12.27
N MET B 151 3.31 -34.86 -12.52
CA MET B 151 2.75 -34.61 -13.85
C MET B 151 2.45 -33.15 -14.10
N GLU B 152 2.46 -32.29 -13.08
CA GLU B 152 2.25 -30.87 -13.32
C GLU B 152 3.38 -30.20 -14.09
N LYS B 153 4.47 -30.90 -14.37
CA LYS B 153 5.61 -30.27 -15.01
C LYS B 153 5.38 -30.14 -16.51
N ASN B 154 5.13 -31.26 -17.20
CA ASN B 154 4.87 -31.26 -18.63
C ASN B 154 3.39 -31.23 -18.99
N TYR B 155 2.51 -31.63 -18.08
CA TYR B 155 1.10 -31.81 -18.40
C TYR B 155 0.14 -30.93 -17.62
N SER B 156 0.58 -29.69 -17.33
CA SER B 156 -0.09 -28.85 -16.36
C SER B 156 -1.60 -28.76 -16.60
N GLU B 157 -1.99 -28.58 -17.87
CA GLU B 157 -3.40 -28.40 -18.16
C GLU B 157 -4.19 -29.69 -17.99
N LEU B 158 -3.56 -30.83 -18.29
CA LEU B 158 -4.23 -32.11 -18.09
C LEU B 158 -4.55 -32.32 -16.62
N VAL B 159 -3.58 -32.06 -15.74
CA VAL B 159 -3.81 -32.21 -14.31
C VAL B 159 -4.81 -31.19 -13.79
N LYS B 160 -4.73 -29.94 -14.28
CA LYS B 160 -5.69 -28.94 -13.85
C LYS B 160 -7.11 -29.30 -14.24
N GLU B 161 -7.31 -29.76 -15.47
CA GLU B 161 -8.63 -30.20 -15.90
C GLU B 161 -9.11 -31.38 -15.07
N LEU B 162 -8.23 -32.34 -14.81
CA LEU B 162 -8.63 -33.50 -14.01
C LEU B 162 -9.06 -33.08 -12.61
N GLN B 163 -8.30 -32.19 -11.98
CA GLN B 163 -8.70 -31.70 -10.66
C GLN B 163 -10.04 -31.00 -10.72
N ARG B 164 -10.27 -30.20 -11.76
CA ARG B 164 -11.56 -29.55 -11.94
C ARG B 164 -12.68 -30.57 -12.07
N GLN B 165 -12.38 -31.75 -12.63
CA GLN B 165 -13.41 -32.77 -12.81
C GLN B 165 -13.67 -33.56 -11.53
N LEU B 166 -12.63 -34.19 -10.97
CA LEU B 166 -12.77 -35.12 -9.87
C LEU B 166 -11.97 -34.65 -8.66
N PRO B 167 -12.49 -34.86 -7.45
CA PRO B 167 -11.70 -34.59 -6.25
C PRO B 167 -10.65 -35.66 -6.04
N ILE B 168 -9.60 -35.29 -5.29
CA ILE B 168 -8.40 -36.12 -5.24
C ILE B 168 -8.67 -37.48 -4.61
N ASN B 169 -9.68 -37.59 -3.75
CA ASN B 169 -9.95 -38.90 -3.16
C ASN B 169 -10.49 -39.88 -4.19
N LYS B 170 -11.27 -39.39 -5.17
CA LYS B 170 -11.77 -40.29 -6.21
C LYS B 170 -10.67 -40.69 -7.18
N ILE B 171 -9.76 -39.78 -7.50
CA ILE B 171 -8.62 -40.14 -8.33
C ILE B 171 -7.75 -41.17 -7.63
N ALA B 172 -7.51 -40.98 -6.33
CA ALA B 172 -6.72 -41.94 -5.57
C ALA B 172 -7.42 -43.29 -5.51
N GLU B 173 -8.75 -43.29 -5.36
CA GLU B 173 -9.49 -44.54 -5.36
C GLU B 173 -9.37 -45.25 -6.70
N THR B 174 -9.45 -44.50 -7.81
CA THR B 174 -9.30 -45.10 -9.13
C THR B 174 -7.92 -45.71 -9.31
N LEU B 175 -6.88 -44.95 -8.95
CA LEU B 175 -5.52 -45.46 -9.12
C LEU B 175 -5.27 -46.67 -8.23
N GLN B 176 -5.80 -46.66 -7.00
CA GLN B 176 -5.65 -47.81 -6.13
C GLN B 176 -6.36 -49.04 -6.69
N ARG B 177 -7.56 -48.84 -7.23
CA ARG B 177 -8.30 -49.97 -7.79
C ARG B 177 -7.64 -50.51 -9.03
N LEU B 178 -6.92 -49.65 -9.76
CA LEU B 178 -6.16 -50.14 -10.91
C LEU B 178 -4.90 -50.88 -10.49
N VAL B 179 -4.22 -50.38 -9.45
CA VAL B 179 -2.94 -51.00 -8.99
C VAL B 179 -3.25 -52.37 -8.38
N SER B 180 -4.36 -52.48 -7.64
CA SER B 180 -4.64 -53.73 -6.94
C SER B 180 -5.11 -54.84 -7.89
N GLU B 181 -4.96 -54.65 -9.19
CA GLU B 181 -5.29 -55.68 -10.17
C GLU B 181 -4.12 -56.04 -11.07
N ARG B 182 -2.92 -55.57 -10.74
CA ARG B 182 -1.74 -55.70 -11.59
C ARG B 182 -1.93 -55.01 -12.94
N VAL B 183 -2.59 -53.84 -12.93
CA VAL B 183 -2.65 -52.97 -14.11
C VAL B 183 -1.74 -51.79 -13.84
N SER B 184 -0.77 -51.57 -14.71
CA SER B 184 0.21 -50.53 -14.48
C SER B 184 -0.44 -49.16 -14.64
N ILE B 185 -0.06 -48.23 -13.76
CA ILE B 185 -0.51 -46.85 -13.87
C ILE B 185 0.67 -46.01 -14.34
N ARG B 186 1.58 -46.65 -15.09
CA ARG B 186 2.73 -45.93 -15.63
C ARG B 186 2.28 -44.88 -16.63
N ASP B 187 1.29 -45.21 -17.46
CA ASP B 187 0.77 -44.29 -18.47
C ASP B 187 -0.29 -43.41 -17.83
N LEU B 188 0.17 -42.30 -17.25
CA LEU B 188 -0.76 -41.43 -16.53
C LEU B 188 -1.46 -40.46 -17.47
N ARG B 189 -0.84 -40.15 -18.61
CA ARG B 189 -1.51 -39.27 -19.58
C ARG B 189 -2.81 -39.89 -20.06
N LEU B 190 -2.78 -41.18 -20.42
CA LEU B 190 -3.97 -41.85 -20.90
C LEU B 190 -5.00 -42.02 -19.79
N ILE B 191 -4.55 -42.33 -18.58
CA ILE B 191 -5.48 -42.50 -17.46
C ILE B 191 -6.20 -41.19 -17.16
N PHE B 192 -5.44 -40.09 -17.10
CA PHE B 192 -6.06 -38.80 -16.83
C PHE B 192 -6.97 -38.40 -17.98
N GLY B 193 -6.60 -38.72 -19.22
CA GLY B 193 -7.48 -38.43 -20.34
C GLY B 193 -8.79 -39.18 -20.26
N THR B 194 -8.75 -40.45 -19.87
CA THR B 194 -9.98 -41.23 -19.77
C THR B 194 -10.84 -40.77 -18.61
N LEU B 195 -10.21 -40.38 -17.50
CA LEU B 195 -10.98 -39.83 -16.38
C LEU B 195 -11.60 -38.49 -16.74
N ILE B 196 -10.91 -37.68 -17.55
CA ILE B 196 -11.48 -36.41 -17.99
C ILE B 196 -12.65 -36.65 -18.94
N ASP B 197 -12.52 -37.64 -19.83
CA ASP B 197 -13.62 -37.95 -20.73
C ASP B 197 -14.85 -38.43 -19.97
N TRP B 198 -14.69 -39.42 -19.10
CA TRP B 198 -15.83 -40.11 -18.50
C TRP B 198 -16.22 -39.59 -17.13
N ALA B 199 -15.55 -38.57 -16.61
CA ALA B 199 -15.95 -38.01 -15.31
C ALA B 199 -17.31 -37.33 -15.35
N PRO B 200 -17.64 -36.46 -16.32
CA PRO B 200 -18.98 -35.87 -16.33
C PRO B 200 -20.10 -36.89 -16.51
N ARG B 201 -19.86 -37.96 -17.26
CA ARG B 201 -20.90 -38.91 -17.62
C ARG B 201 -20.98 -40.10 -16.69
N GLU B 202 -20.23 -40.10 -15.59
CA GLU B 202 -20.25 -41.24 -14.67
C GLU B 202 -19.88 -40.77 -13.28
N LYS B 203 -20.47 -41.39 -12.26
CA LYS B 203 -20.18 -41.07 -10.88
C LYS B 203 -19.74 -42.26 -10.05
N ASP B 204 -19.97 -43.48 -10.53
CA ASP B 204 -19.55 -44.67 -9.81
C ASP B 204 -18.07 -44.93 -10.10
N VAL B 205 -17.22 -44.70 -9.09
CA VAL B 205 -15.78 -44.77 -9.29
C VAL B 205 -15.37 -46.15 -9.79
N LEU B 206 -16.13 -47.19 -9.44
CA LEU B 206 -15.86 -48.51 -10.00
C LEU B 206 -16.04 -48.51 -11.52
N MET B 207 -17.04 -47.78 -12.02
CA MET B 207 -17.24 -47.76 -13.46
C MET B 207 -16.19 -46.89 -14.15
N LEU B 208 -15.74 -45.81 -13.50
CA LEU B 208 -14.62 -45.06 -14.04
C LEU B 208 -13.39 -45.94 -14.14
N THR B 209 -13.14 -46.76 -13.12
CA THR B 209 -12.03 -47.69 -13.19
C THR B 209 -12.21 -48.70 -14.32
N GLU B 210 -13.44 -49.15 -14.53
CA GLU B 210 -13.69 -50.06 -15.66
C GLU B 210 -13.38 -49.40 -16.98
N TYR B 211 -13.77 -48.13 -17.15
CA TYR B 211 -13.49 -47.43 -18.40
C TYR B 211 -11.99 -47.22 -18.59
N VAL B 212 -11.27 -46.91 -17.50
CA VAL B 212 -9.82 -46.75 -17.60
C VAL B 212 -9.16 -48.09 -17.94
N ARG B 213 -9.69 -49.19 -17.41
CA ARG B 213 -9.15 -50.50 -17.74
C ARG B 213 -9.39 -50.83 -19.21
N ILE B 214 -10.56 -50.46 -19.74
CA ILE B 214 -10.86 -50.71 -21.14
C ILE B 214 -9.94 -49.88 -22.04
N ALA B 215 -9.71 -48.62 -21.67
CA ALA B 215 -8.83 -47.77 -22.47
C ALA B 215 -7.38 -48.25 -22.42
N LEU B 216 -7.03 -49.09 -21.43
CA LEU B 216 -5.69 -49.64 -21.28
C LEU B 216 -5.62 -51.09 -21.73
N ARG B 217 -6.54 -51.54 -22.59
CA ARG B 217 -6.63 -52.97 -22.88
C ARG B 217 -5.40 -53.48 -23.62
N ARG B 218 -4.79 -52.66 -24.47
CA ARG B 218 -3.61 -53.11 -25.18
C ARG B 218 -2.47 -53.40 -24.22
N HIS B 219 -2.27 -52.50 -23.24
CA HIS B 219 -1.23 -52.74 -22.25
C HIS B 219 -1.50 -53.98 -21.42
N ILE B 220 -2.75 -54.18 -20.99
CA ILE B 220 -3.08 -55.34 -20.18
C ILE B 220 -2.80 -56.63 -20.95
N LEU B 221 -3.27 -56.69 -22.19
CA LEU B 221 -3.08 -57.90 -22.97
C LEU B 221 -1.65 -58.04 -23.49
N ARG B 222 -0.83 -57.00 -23.36
CA ARG B 222 0.59 -57.18 -23.62
C ARG B 222 1.31 -57.72 -22.39
N ARG B 223 0.97 -57.18 -21.22
CA ARG B 223 1.67 -57.59 -20.00
C ARG B 223 1.29 -59.00 -19.58
N LEU B 224 0.04 -59.41 -19.81
CA LEU B 224 -0.36 -60.77 -19.44
C LEU B 224 0.43 -61.81 -20.22
N ASN B 225 0.61 -61.61 -21.52
CA ASN B 225 1.46 -62.49 -22.30
C ASN B 225 2.33 -61.69 -23.25
N PRO B 226 3.63 -61.55 -22.95
CA PRO B 226 4.48 -60.68 -23.78
C PRO B 226 4.53 -61.09 -25.24
N GLU B 227 4.51 -62.38 -25.53
CA GLU B 227 4.49 -62.86 -26.91
C GLU B 227 3.07 -62.83 -27.45
N GLY B 228 2.96 -62.89 -28.78
CA GLY B 228 1.68 -62.91 -29.42
C GLY B 228 0.99 -64.25 -29.42
N LYS B 229 1.61 -65.27 -28.83
CA LYS B 229 1.05 -66.61 -28.84
C LYS B 229 -0.25 -66.65 -28.03
N PRO B 230 -1.21 -67.46 -28.46
CA PRO B 230 -2.47 -67.58 -27.71
C PRO B 230 -2.30 -68.33 -26.40
N LEU B 231 -2.73 -67.71 -25.30
CA LEU B 231 -2.74 -68.37 -23.99
C LEU B 231 -4.15 -68.76 -23.58
N PRO B 232 -4.28 -69.78 -22.73
CA PRO B 232 -5.60 -70.33 -22.43
C PRO B 232 -6.56 -69.32 -21.83
N ILE B 233 -7.83 -69.45 -22.20
CA ILE B 233 -8.89 -68.58 -21.71
C ILE B 233 -10.02 -69.45 -21.18
N LEU B 234 -10.48 -69.14 -19.97
CA LEU B 234 -11.58 -69.83 -19.32
C LEU B 234 -12.80 -68.92 -19.39
N ARG B 235 -13.74 -69.25 -20.24
CA ARG B 235 -14.96 -68.45 -20.39
C ARG B 235 -15.85 -68.62 -19.18
N ILE B 236 -16.68 -67.61 -18.93
CA ILE B 236 -17.76 -67.74 -17.95
C ILE B 236 -19.09 -67.82 -18.69
N GLY B 237 -19.84 -68.88 -18.44
CA GLY B 237 -21.07 -69.11 -19.17
C GLY B 237 -22.15 -68.11 -18.81
N GLU B 238 -23.23 -68.14 -19.60
CA GLU B 238 -24.29 -67.17 -19.44
C GLU B 238 -25.02 -67.33 -18.10
N GLY B 239 -24.97 -68.52 -17.51
CA GLY B 239 -25.66 -68.72 -16.24
C GLY B 239 -25.11 -67.85 -15.13
N ILE B 240 -23.79 -67.87 -14.96
CA ILE B 240 -23.17 -67.06 -13.91
C ILE B 240 -23.31 -65.57 -14.22
N GLU B 241 -23.19 -65.20 -15.50
CA GLU B 241 -23.33 -63.80 -15.90
C GLU B 241 -24.74 -63.30 -15.56
N ASN B 242 -25.75 -64.10 -15.84
CA ASN B 242 -27.12 -63.70 -15.53
C ASN B 242 -27.37 -63.71 -14.03
N LEU B 243 -26.74 -64.64 -13.30
CA LEU B 243 -26.91 -64.67 -11.85
C LEU B 243 -26.34 -63.40 -11.21
N VAL B 244 -25.13 -63.01 -11.60
CA VAL B 244 -24.53 -61.83 -10.98
C VAL B 244 -25.09 -60.54 -11.57
N ARG B 245 -25.67 -60.60 -12.76
CA ARG B 245 -26.24 -59.41 -13.37
C ARG B 245 -27.60 -59.05 -12.75
N GLU B 246 -28.35 -60.07 -12.34
CA GLU B 246 -29.66 -59.84 -11.74
C GLU B 246 -29.58 -59.25 -10.34
N SER B 247 -28.50 -59.49 -9.62
CA SER B 247 -28.38 -59.09 -8.22
C SER B 247 -27.77 -57.71 -8.04
N ILE B 248 -27.76 -56.88 -9.08
CA ILE B 248 -27.11 -55.57 -9.00
C ILE B 248 -28.03 -54.58 -8.31
N ARG B 249 -27.60 -54.06 -7.18
CA ARG B 249 -28.39 -53.12 -6.38
C ARG B 249 -27.66 -51.80 -6.30
N GLN B 250 -28.35 -50.72 -6.64
CA GLN B 250 -27.72 -49.41 -6.78
C GLN B 250 -28.20 -48.47 -5.68
N THR B 251 -27.25 -47.72 -5.11
CA THR B 251 -27.51 -46.62 -4.19
C THR B 251 -26.88 -45.35 -4.75
N ALA B 252 -27.08 -44.25 -4.03
CA ALA B 252 -26.66 -42.94 -4.54
C ALA B 252 -25.18 -42.88 -4.86
N MET B 253 -24.37 -43.77 -4.29
CA MET B 253 -22.94 -43.79 -4.53
C MET B 253 -22.51 -44.80 -5.58
N GLY B 254 -23.45 -45.51 -6.21
CA GLY B 254 -23.10 -46.45 -7.24
C GLY B 254 -23.75 -47.80 -7.03
N THR B 255 -23.39 -48.76 -7.87
CA THR B 255 -24.00 -50.09 -7.86
C THR B 255 -23.06 -51.08 -7.20
N TYR B 256 -23.65 -52.03 -6.47
CA TYR B 256 -22.90 -53.13 -5.87
C TYR B 256 -23.64 -54.43 -6.16
N THR B 257 -23.02 -55.54 -5.76
CA THR B 257 -23.61 -56.86 -5.93
C THR B 257 -24.14 -57.36 -4.59
N ALA B 258 -25.20 -58.16 -4.64
CA ALA B 258 -25.84 -58.73 -3.45
C ALA B 258 -26.20 -60.18 -3.76
N LEU B 259 -25.29 -61.09 -3.44
CA LEU B 259 -25.50 -62.51 -3.67
C LEU B 259 -25.53 -63.26 -2.34
N SER B 260 -26.15 -64.43 -2.36
CA SER B 260 -26.11 -65.33 -1.23
C SER B 260 -24.71 -65.91 -1.06
N SER B 261 -24.33 -66.14 0.20
CA SER B 261 -23.01 -66.70 0.47
C SER B 261 -22.84 -68.06 -0.18
N ARG B 262 -23.94 -68.81 -0.32
CA ARG B 262 -23.86 -70.11 -0.99
C ARG B 262 -23.44 -69.94 -2.45
N HIS B 263 -24.00 -68.94 -3.12
CA HIS B 263 -23.64 -68.68 -4.52
C HIS B 263 -22.15 -68.41 -4.66
N LYS B 264 -21.63 -67.49 -3.83
CA LYS B 264 -20.21 -67.17 -3.90
C LYS B 264 -19.36 -68.39 -3.60
N THR B 265 -19.71 -69.15 -2.54
CA THR B 265 -18.91 -70.30 -2.17
C THR B 265 -18.87 -71.33 -3.29
N GLN B 266 -20.02 -71.60 -3.92
CA GLN B 266 -20.02 -72.59 -4.99
C GLN B 266 -19.24 -72.08 -6.21
N ILE B 267 -19.36 -70.79 -6.53
CA ILE B 267 -18.65 -70.26 -7.69
C ILE B 267 -17.14 -70.35 -7.49
N LEU B 268 -16.65 -69.94 -6.31
CA LEU B 268 -15.22 -70.06 -6.04
C LEU B 268 -14.77 -71.51 -5.99
N GLN B 269 -15.59 -72.40 -5.40
CA GLN B 269 -15.20 -73.81 -5.32
C GLN B 269 -15.03 -74.41 -6.70
N LEU B 270 -15.96 -74.12 -7.61
CA LEU B 270 -15.84 -74.68 -8.96
C LEU B 270 -14.74 -74.00 -9.77
N ILE B 271 -14.50 -72.70 -9.54
CA ILE B 271 -13.42 -72.03 -10.24
C ILE B 271 -12.07 -72.64 -9.84
N GLU B 272 -11.87 -72.85 -8.53
CA GLU B 272 -10.67 -73.54 -8.09
C GLU B 272 -10.64 -74.97 -8.62
N GLN B 273 -11.80 -75.60 -8.75
CA GLN B 273 -11.86 -76.92 -9.38
C GLN B 273 -11.42 -76.86 -10.83
N ALA B 274 -11.75 -75.78 -11.54
CA ALA B 274 -11.40 -75.63 -12.94
C ALA B 274 -10.01 -75.03 -13.15
N LEU B 275 -9.35 -74.58 -12.07
CA LEU B 275 -8.04 -73.98 -12.18
C LEU B 275 -6.89 -74.96 -11.99
N LYS B 276 -7.16 -76.16 -11.48
CA LYS B 276 -6.09 -77.12 -11.26
C LYS B 276 -5.73 -77.91 -12.51
N GLN B 277 -6.48 -77.73 -13.60
CA GLN B 277 -6.17 -78.44 -14.84
C GLN B 277 -4.95 -77.86 -15.53
N SER B 278 -4.77 -76.54 -15.51
CA SER B 278 -3.61 -75.89 -16.10
C SER B 278 -3.11 -74.80 -15.15
N ALA B 279 -1.83 -74.48 -15.28
CA ALA B 279 -1.19 -73.56 -14.35
C ALA B 279 -1.77 -72.16 -14.45
N LYS B 280 -1.91 -71.64 -15.67
CA LYS B 280 -2.37 -70.27 -15.87
C LYS B 280 -3.66 -70.27 -16.69
N LEU B 281 -4.65 -69.53 -16.20
CA LEU B 281 -5.92 -69.37 -16.90
C LEU B 281 -6.42 -67.95 -16.70
N PHE B 282 -6.90 -67.35 -17.79
CA PHE B 282 -7.50 -66.03 -17.77
C PHE B 282 -9.01 -66.20 -17.79
N ILE B 283 -9.66 -65.85 -16.69
CA ILE B 283 -11.11 -65.93 -16.61
C ILE B 283 -11.70 -64.74 -17.35
N VAL B 284 -12.60 -65.02 -18.28
CA VAL B 284 -13.17 -63.99 -19.15
C VAL B 284 -14.69 -64.00 -19.03
N THR B 285 -15.25 -62.84 -18.72
CA THR B 285 -16.68 -62.67 -18.56
C THR B 285 -17.11 -61.40 -19.27
N SER B 286 -18.39 -61.04 -19.14
CA SER B 286 -18.93 -59.87 -19.80
C SER B 286 -18.47 -58.59 -19.11
N VAL B 287 -18.73 -57.46 -19.75
CA VAL B 287 -18.31 -56.17 -19.20
C VAL B 287 -19.15 -55.82 -17.97
N ASP B 288 -20.47 -56.00 -18.05
CA ASP B 288 -21.37 -55.63 -16.98
C ASP B 288 -21.26 -56.55 -15.76
N THR B 289 -20.62 -57.70 -15.92
CA THR B 289 -20.47 -58.64 -14.83
C THR B 289 -19.01 -58.87 -14.42
N ARG B 290 -18.08 -58.11 -15.00
CA ARG B 290 -16.67 -58.37 -14.71
C ARG B 290 -16.22 -57.91 -13.33
N ARG B 291 -16.40 -56.63 -13.03
CA ARG B 291 -15.90 -56.09 -11.77
C ARG B 291 -16.56 -56.78 -10.58
N PHE B 292 -17.87 -56.99 -10.63
CA PHE B 292 -18.56 -57.66 -9.54
C PHE B 292 -17.98 -59.05 -9.33
N LEU B 293 -17.78 -59.81 -10.40
CA LEU B 293 -17.16 -61.11 -10.25
C LEU B 293 -15.81 -60.97 -9.58
N ARG B 294 -15.02 -59.97 -9.98
CA ARG B 294 -13.73 -59.76 -9.34
C ARG B 294 -13.88 -59.57 -7.84
N LYS B 295 -14.89 -58.79 -7.43
CA LYS B 295 -15.00 -58.52 -6.00
C LYS B 295 -15.70 -59.64 -5.25
N ILE B 296 -15.98 -60.79 -5.91
CA ILE B 296 -16.30 -61.99 -5.17
C ILE B 296 -15.16 -63.00 -5.22
N THR B 297 -14.10 -62.71 -5.96
CA THR B 297 -12.95 -63.59 -6.05
C THR B 297 -11.63 -62.94 -5.69
N GLU B 298 -11.65 -61.69 -5.21
CA GLU B 298 -10.39 -61.02 -4.85
C GLU B 298 -9.85 -61.51 -3.52
N ALA B 299 -10.72 -61.87 -2.58
CA ALA B 299 -10.27 -62.24 -1.24
C ALA B 299 -9.42 -63.51 -1.26
N THR B 300 -9.85 -64.52 -2.03
CA THR B 300 -9.18 -65.80 -2.08
C THR B 300 -8.24 -65.93 -3.28
N LEU B 301 -8.77 -65.72 -4.48
CA LEU B 301 -8.00 -65.86 -5.72
C LEU B 301 -7.53 -64.48 -6.16
N PHE B 302 -6.49 -63.98 -5.48
CA PHE B 302 -5.97 -62.66 -5.77
C PHE B 302 -5.11 -62.61 -7.03
N ASP B 303 -4.37 -63.67 -7.33
CA ASP B 303 -3.38 -63.64 -8.39
C ASP B 303 -3.90 -64.14 -9.73
N VAL B 304 -5.20 -64.43 -9.85
CA VAL B 304 -5.77 -64.83 -11.13
C VAL B 304 -6.35 -63.59 -11.80
N PRO B 305 -6.04 -63.33 -13.07
CA PRO B 305 -6.53 -62.12 -13.72
C PRO B 305 -7.94 -62.31 -14.28
N ILE B 306 -8.85 -61.43 -13.91
CA ILE B 306 -10.23 -61.47 -14.37
C ILE B 306 -10.37 -60.46 -15.51
N LEU B 307 -10.22 -60.93 -16.74
CA LEU B 307 -10.35 -60.06 -17.91
C LEU B 307 -11.82 -59.91 -18.28
N SER B 308 -12.05 -59.18 -19.36
CA SER B 308 -13.39 -58.95 -19.87
C SER B 308 -13.41 -59.18 -21.38
N TRP B 309 -14.60 -59.15 -21.97
CA TRP B 309 -14.71 -59.37 -23.40
C TRP B 309 -14.25 -58.15 -24.19
N GLN B 310 -14.63 -56.94 -23.73
CA GLN B 310 -14.23 -55.74 -24.44
C GLN B 310 -12.74 -55.47 -24.31
N GLU B 311 -12.09 -56.00 -23.27
CA GLU B 311 -10.65 -55.85 -23.12
C GLU B 311 -9.87 -56.73 -24.10
N LEU B 312 -10.49 -57.78 -24.61
CA LEU B 312 -9.91 -58.59 -25.67
C LEU B 312 -10.55 -58.19 -26.99
N GLY B 313 -9.85 -57.38 -27.78
CA GLY B 313 -10.35 -56.93 -29.05
C GLY B 313 -10.51 -58.07 -30.04
N GLU B 314 -10.99 -57.72 -31.22
CA GLU B 314 -11.18 -58.69 -32.29
C GLU B 314 -9.86 -59.25 -32.81
N GLU B 315 -8.74 -58.64 -32.45
CA GLU B 315 -7.43 -59.07 -32.93
C GLU B 315 -6.80 -60.15 -32.06
N SER B 316 -7.40 -60.48 -30.93
CA SER B 316 -6.92 -61.55 -30.06
C SER B 316 -7.83 -62.76 -30.19
N LEU B 317 -7.28 -63.88 -30.61
CA LEU B 317 -8.08 -65.10 -30.72
C LEU B 317 -8.17 -65.73 -29.33
N ILE B 318 -9.21 -66.53 -29.13
CA ILE B 318 -9.58 -66.92 -27.78
C ILE B 318 -8.90 -68.22 -27.35
N GLN B 319 -9.18 -69.30 -28.07
CA GLN B 319 -8.74 -70.64 -27.67
C GLN B 319 -9.32 -70.99 -26.30
N VAL B 320 -10.65 -71.12 -26.26
CA VAL B 320 -11.34 -71.49 -25.03
C VAL B 320 -10.78 -72.82 -24.56
N VAL B 321 -10.59 -72.95 -23.25
CA VAL B 321 -10.16 -74.21 -22.65
C VAL B 321 -11.31 -74.89 -21.93
N GLU B 322 -12.09 -74.14 -21.16
CA GLU B 322 -13.25 -74.68 -20.46
C GLU B 322 -14.36 -73.62 -20.47
N SER B 323 -15.59 -74.09 -20.33
CA SER B 323 -16.76 -73.21 -20.31
C SER B 323 -17.55 -73.51 -19.04
N ILE B 324 -17.33 -72.69 -18.02
CA ILE B 324 -18.03 -72.81 -16.76
C ILE B 324 -19.45 -72.28 -16.91
N ASP B 325 -20.42 -72.98 -16.32
CA ASP B 325 -21.81 -72.53 -16.37
C ASP B 325 -22.54 -73.06 -15.14
N LEU B 326 -23.56 -72.31 -14.70
CA LEU B 326 -24.37 -72.71 -13.55
C LEU B 326 -25.79 -72.18 -13.71
N SER B 327 -26.68 -72.74 -12.90
CA SER B 327 -27.95 -72.13 -12.54
C SER B 327 -27.87 -71.70 -11.08
N GLU B 328 -28.95 -71.14 -10.54
CA GLU B 328 -28.93 -70.66 -9.17
C GLU B 328 -28.73 -71.83 -8.20
N GLU B 329 -28.69 -71.49 -6.91
CA GLU B 329 -28.52 -72.47 -5.84
C GLU B 329 -29.67 -72.45 -4.83
N GLU B 330 -30.05 -71.27 -4.33
CA GLU B 330 -31.06 -71.20 -3.29
C GLU B 330 -32.42 -71.65 -3.81
N LEU B 331 -32.82 -71.15 -4.98
CA LEU B 331 -34.10 -71.56 -5.56
C LEU B 331 -34.07 -73.03 -5.98
N ALA B 332 -33.05 -73.42 -6.74
CA ALA B 332 -32.87 -74.80 -7.19
C ALA B 332 -31.49 -74.90 -7.84
N ASP B 333 -30.83 -76.04 -7.63
CA ASP B 333 -29.46 -76.19 -8.15
C ASP B 333 -29.43 -76.12 -9.66
N ASN B 334 -29.97 -77.15 -10.32
CA ASN B 334 -30.19 -77.21 -11.77
C ASN B 334 -28.84 -77.30 -12.48
N GLU B 335 -27.72 -77.00 -11.82
CA GLU B 335 -26.41 -77.28 -12.40
C GLU B 335 -25.48 -77.91 -11.36
N GLU B 336 -25.58 -77.49 -10.11
CA GLU B 336 -24.66 -77.91 -9.06
C GLU B 336 -25.28 -78.98 -8.18
N MET C 1 12.88 -41.10 -10.63
CA MET C 1 11.54 -41.67 -10.87
C MET C 1 10.65 -40.53 -11.39
N VAL C 2 10.52 -40.39 -12.72
CA VAL C 2 9.71 -39.29 -13.30
C VAL C 2 8.34 -39.81 -13.80
N PRO C 3 7.18 -39.54 -13.14
CA PRO C 3 5.85 -39.92 -13.63
C PRO C 3 5.62 -39.46 -15.07
N GLY C 4 4.81 -40.22 -15.79
CA GLY C 4 4.52 -39.92 -17.17
C GLY C 4 5.47 -40.61 -18.12
N ALA C 5 4.94 -41.47 -18.98
CA ALA C 5 5.79 -42.27 -19.85
C ALA C 5 6.50 -41.38 -20.87
N CYS C 6 7.64 -41.88 -21.36
CA CYS C 6 8.35 -41.16 -22.41
C CYS C 6 7.59 -41.31 -23.73
N PRO C 7 7.25 -40.20 -24.40
CA PRO C 7 6.27 -40.30 -25.50
C PRO C 7 6.67 -41.22 -26.64
N LEU C 8 7.79 -40.95 -27.31
CA LEU C 8 8.12 -41.64 -28.55
C LEU C 8 9.58 -42.06 -28.52
N ILE C 9 9.82 -43.37 -28.56
CA ILE C 9 11.15 -43.93 -28.45
C ILE C 9 11.38 -44.86 -29.63
N LEU C 10 12.53 -44.70 -30.30
CA LEU C 10 12.91 -45.56 -31.41
C LEU C 10 14.19 -46.29 -31.01
N ARG C 11 14.11 -47.61 -30.86
CA ARG C 11 15.24 -48.42 -30.45
C ARG C 11 15.79 -49.15 -31.67
N LEU C 12 17.10 -48.99 -31.91
CA LEU C 12 17.76 -49.53 -33.09
C LEU C 12 19.01 -50.30 -32.69
N SER C 13 19.27 -51.37 -33.46
CA SER C 13 20.47 -52.21 -33.21
C SER C 13 21.69 -51.51 -33.81
N PRO C 14 22.92 -51.78 -33.31
CA PRO C 14 24.14 -51.16 -33.81
C PRO C 14 24.20 -50.73 -35.29
N THR C 15 24.05 -51.67 -36.22
CA THR C 15 24.25 -51.35 -37.66
C THR C 15 23.21 -50.37 -38.23
N LEU C 16 21.99 -50.33 -37.70
CA LEU C 16 20.99 -49.47 -38.34
C LEU C 16 21.17 -48.01 -38.00
N HIS C 17 21.85 -47.70 -36.91
CA HIS C 17 22.06 -46.32 -36.51
C HIS C 17 22.91 -45.62 -37.55
N SER C 18 22.82 -44.29 -37.60
CA SER C 18 23.57 -43.51 -38.58
C SER C 18 23.79 -42.11 -38.03
N ALA C 19 24.39 -41.26 -38.88
CA ALA C 19 24.75 -39.91 -38.45
C ALA C 19 23.71 -38.89 -38.88
N ASP C 20 23.04 -39.13 -40.02
CA ASP C 20 22.00 -38.24 -40.51
C ASP C 20 20.61 -38.68 -40.05
N LEU C 21 20.53 -39.65 -39.13
CA LEU C 21 19.23 -40.11 -38.66
C LEU C 21 18.46 -39.00 -37.96
N ILE C 22 19.16 -38.17 -37.19
CA ILE C 22 18.49 -37.12 -36.44
C ILE C 22 17.78 -36.16 -37.40
N ARG C 23 18.47 -35.70 -38.44
CA ARG C 23 17.87 -34.73 -39.35
C ARG C 23 16.82 -35.39 -40.23
N ASP C 24 16.99 -36.67 -40.58
CA ASP C 24 15.96 -37.35 -41.34
C ASP C 24 14.67 -37.51 -40.54
N ILE C 25 14.79 -37.91 -39.26
CA ILE C 25 13.62 -38.01 -38.40
C ILE C 25 12.97 -36.64 -38.20
N ASP C 26 13.79 -35.59 -38.04
CA ASP C 26 13.21 -34.27 -37.88
C ASP C 26 12.47 -33.82 -39.13
N ALA C 27 13.01 -34.13 -40.31
CA ALA C 27 12.30 -33.79 -41.55
C ALA C 27 11.00 -34.56 -41.65
N MET C 28 11.01 -35.83 -41.27
CA MET C 28 9.76 -36.61 -41.30
C MET C 28 8.74 -36.03 -40.32
N ARG C 29 9.18 -35.62 -39.14
CA ARG C 29 8.27 -35.01 -38.17
C ARG C 29 7.68 -33.72 -38.70
N TRP C 30 8.50 -32.90 -39.35
CA TRP C 30 7.99 -31.65 -39.90
C TRP C 30 7.00 -31.93 -41.04
N PHE C 31 7.27 -32.94 -41.87
CA PHE C 31 6.32 -33.28 -42.91
C PHE C 31 5.01 -33.76 -42.31
N LEU C 32 5.07 -34.57 -41.25
CA LEU C 32 3.86 -35.06 -40.62
C LEU C 32 3.06 -33.93 -39.99
N PHE C 33 3.75 -32.92 -39.44
CA PHE C 33 3.03 -31.79 -38.88
C PHE C 33 2.41 -30.93 -39.98
N GLU C 34 3.13 -30.73 -41.08
CA GLU C 34 2.55 -29.96 -42.18
C GLU C 34 1.37 -30.69 -42.82
N ASP C 35 1.38 -32.01 -42.77
CA ASP C 35 0.30 -32.77 -43.40
C ASP C 35 -0.91 -32.92 -42.49
N THR C 36 -0.72 -33.38 -41.25
CA THR C 36 -1.83 -33.69 -40.37
C THR C 36 -2.04 -32.71 -39.24
N GLY C 37 -1.18 -31.70 -39.07
CA GLY C 37 -1.42 -30.64 -38.13
C GLY C 37 -1.18 -30.98 -36.68
N VAL C 38 -0.79 -32.20 -36.36
CA VAL C 38 -0.56 -32.63 -34.98
C VAL C 38 0.93 -32.47 -34.68
N PRO C 39 1.30 -31.67 -33.69
CA PRO C 39 2.73 -31.48 -33.39
C PRO C 39 3.26 -32.66 -32.57
N LEU C 40 4.07 -33.49 -33.22
CA LEU C 40 4.58 -34.71 -32.61
C LEU C 40 5.70 -34.41 -31.61
N PRO C 41 5.85 -35.25 -30.60
CA PRO C 41 6.95 -35.06 -29.63
C PRO C 41 8.24 -35.64 -30.16
N GLU C 42 9.35 -35.17 -29.58
CA GLU C 42 10.67 -35.55 -30.06
C GLU C 42 10.89 -37.05 -30.00
N VAL C 43 11.44 -37.60 -31.06
CA VAL C 43 11.76 -39.02 -31.11
C VAL C 43 13.08 -39.26 -30.39
N ASN C 44 13.06 -40.12 -29.39
CA ASN C 44 14.25 -40.44 -28.61
C ASN C 44 14.93 -41.66 -29.22
N ILE C 45 16.14 -41.49 -29.72
CA ILE C 45 16.89 -42.57 -30.34
C ILE C 45 17.62 -43.34 -29.24
N GLU C 46 17.35 -44.63 -29.16
CA GLU C 46 18.00 -45.50 -28.17
C GLU C 46 18.60 -46.69 -28.89
N VAL C 47 19.68 -47.23 -28.34
CA VAL C 47 20.43 -48.31 -28.99
C VAL C 47 20.02 -49.64 -28.36
N LEU C 48 19.65 -50.59 -29.20
CA LEU C 48 19.20 -51.90 -28.76
C LEU C 48 20.19 -52.95 -29.22
N PRO C 49 21.08 -53.44 -28.34
CA PRO C 49 22.06 -54.45 -28.78
C PRO C 49 21.39 -55.76 -29.15
N GLU C 50 21.53 -56.15 -30.42
CA GLU C 50 20.87 -57.34 -30.92
C GLU C 50 21.67 -57.86 -32.11
N PRO C 51 22.04 -59.14 -32.13
CA PRO C 51 22.72 -59.68 -33.31
C PRO C 51 21.90 -59.57 -34.59
N THR C 52 20.58 -59.73 -34.50
CA THR C 52 19.70 -59.61 -35.64
C THR C 52 19.37 -58.15 -35.87
N GLU C 53 19.25 -57.75 -37.13
CA GLU C 53 18.92 -56.38 -37.48
C GLU C 53 17.46 -56.10 -37.16
N LYS C 54 17.21 -55.45 -36.03
CA LYS C 54 15.87 -55.25 -35.50
C LYS C 54 15.69 -53.83 -35.00
N LEU C 55 14.48 -53.29 -35.17
CA LEU C 55 14.12 -52.00 -34.61
C LEU C 55 12.77 -52.11 -33.93
N THR C 56 12.56 -51.27 -32.92
CA THR C 56 11.29 -51.19 -32.22
C THR C 56 10.88 -49.74 -32.05
N VAL C 57 9.57 -49.50 -32.14
CA VAL C 57 8.99 -48.19 -31.93
C VAL C 57 8.05 -48.29 -30.74
N LEU C 58 8.29 -47.47 -29.73
CA LEU C 58 7.60 -47.50 -28.45
C LEU C 58 6.85 -46.19 -28.26
N LEU C 59 5.53 -46.30 -28.11
CA LEU C 59 4.67 -45.16 -27.80
C LEU C 59 4.31 -45.22 -26.33
N TYR C 60 4.80 -44.24 -25.56
CA TYR C 60 4.56 -44.18 -24.13
C TYR C 60 5.03 -45.46 -23.44
N GLN C 61 6.16 -45.98 -23.93
CA GLN C 61 6.87 -47.13 -23.38
C GLN C 61 6.10 -48.43 -23.53
N GLU C 62 5.04 -48.45 -24.33
CA GLU C 62 4.37 -49.69 -24.69
C GLU C 62 4.71 -50.02 -26.14
N PRO C 63 5.51 -51.05 -26.40
CA PRO C 63 6.03 -51.25 -27.76
C PRO C 63 4.94 -51.54 -28.77
N VAL C 64 4.75 -50.63 -29.72
CA VAL C 64 3.72 -50.78 -30.74
C VAL C 64 4.29 -51.30 -32.06
N PHE C 65 5.60 -51.21 -32.28
CA PHE C 65 6.16 -51.70 -33.52
C PHE C 65 7.44 -52.46 -33.24
N SER C 66 7.61 -53.60 -33.91
CA SER C 66 8.80 -54.42 -33.75
C SER C 66 9.07 -55.15 -35.06
N LEU C 67 10.12 -54.75 -35.76
CA LEU C 67 10.39 -55.32 -37.07
C LEU C 67 11.85 -55.69 -37.19
N SER C 68 12.12 -56.85 -37.77
CA SER C 68 13.48 -57.33 -38.00
C SER C 68 13.74 -57.32 -39.50
N ILE C 69 14.55 -56.32 -39.90
CA ILE C 69 14.88 -55.93 -41.30
C ILE C 69 15.94 -56.84 -41.88
N PRO C 70 15.63 -57.76 -42.80
CA PRO C 70 16.62 -58.69 -43.32
C PRO C 70 17.80 -57.97 -44.00
N ALA C 71 19.01 -58.53 -43.82
CA ALA C 71 20.31 -58.02 -44.32
C ALA C 71 20.37 -57.99 -45.84
N GLN C 72 19.68 -58.94 -46.47
CA GLN C 72 19.65 -59.07 -47.96
C GLN C 72 19.05 -57.82 -48.62
N ALA C 73 17.98 -57.24 -48.04
CA ALA C 73 17.34 -56.04 -48.64
C ALA C 73 18.01 -54.75 -48.17
N ASP C 74 18.30 -53.86 -49.12
CA ASP C 74 18.98 -52.58 -48.83
C ASP C 74 18.19 -51.41 -49.40
N TYR C 75 17.10 -51.71 -50.14
CA TYR C 75 16.23 -50.70 -50.81
C TYR C 75 14.79 -50.87 -50.33
N LEU C 76 14.10 -49.81 -49.83
CA LEU C 76 12.78 -50.07 -49.26
C LEU C 76 11.70 -49.37 -50.06
N LEU C 77 10.58 -50.06 -50.27
CA LEU C 77 9.43 -49.51 -50.98
C LEU C 77 8.16 -49.85 -50.20
N ILE C 78 7.45 -48.82 -49.75
CA ILE C 78 6.26 -49.02 -48.94
C ILE C 78 5.07 -49.28 -49.86
N GLY C 79 4.30 -50.33 -49.55
CA GLY C 79 3.18 -50.73 -50.38
C GLY C 79 3.59 -51.72 -51.45
N ALA C 80 2.59 -52.23 -52.15
CA ALA C 80 2.79 -53.22 -53.19
C ALA C 80 1.96 -52.87 -54.42
N ASP C 81 2.43 -53.33 -55.58
CA ASP C 81 1.73 -53.13 -56.84
C ASP C 81 2.13 -54.25 -57.79
N ALA C 82 1.48 -54.28 -58.96
CA ALA C 82 1.77 -55.33 -59.94
C ALA C 82 3.12 -55.14 -60.60
N SER C 83 3.55 -53.89 -60.79
CA SER C 83 4.80 -53.62 -61.49
C SER C 83 6.02 -54.11 -60.73
N VAL C 84 5.97 -54.13 -59.39
CA VAL C 84 7.11 -54.50 -58.56
C VAL C 84 6.68 -55.63 -57.63
N VAL C 85 7.44 -56.72 -57.64
CA VAL C 85 7.16 -57.88 -56.80
C VAL C 85 8.48 -58.54 -56.43
N GLY C 86 8.58 -58.99 -55.17
CA GLY C 86 9.77 -59.68 -54.72
C GLY C 86 10.27 -59.21 -53.37
N ASP C 87 10.44 -60.16 -52.44
CA ASP C 87 10.91 -59.89 -51.10
C ASP C 87 10.02 -58.90 -50.34
N SER C 88 8.72 -59.24 -50.28
CA SER C 88 7.69 -58.40 -49.69
C SER C 88 7.12 -59.11 -48.47
N GLN C 89 6.78 -58.33 -47.44
CA GLN C 89 6.12 -58.90 -46.27
C GLN C 89 5.10 -57.93 -45.69
N THR C 90 4.23 -58.49 -44.84
CA THR C 90 3.12 -57.78 -44.24
C THR C 90 3.57 -57.10 -42.96
N LEU C 91 3.31 -55.80 -42.86
CA LEU C 91 3.57 -55.09 -41.62
C LEU C 91 2.57 -55.50 -40.55
N PRO C 92 2.96 -55.48 -39.28
CA PRO C 92 2.03 -55.87 -38.21
C PRO C 92 0.92 -54.85 -38.04
N ASN C 93 -0.14 -55.28 -37.35
CA ASN C 93 -1.29 -54.44 -37.04
C ASN C 93 -1.95 -53.89 -38.29
N GLY C 94 -1.77 -54.57 -39.42
CA GLY C 94 -2.38 -54.16 -40.67
C GLY C 94 -1.97 -52.79 -41.14
N MET C 95 -0.68 -52.46 -40.97
CA MET C 95 -0.19 -51.17 -41.47
C MET C 95 0.00 -51.20 -42.98
N GLY C 96 0.13 -52.39 -43.57
CA GLY C 96 0.26 -52.50 -45.00
C GLY C 96 1.25 -53.55 -45.46
N GLN C 97 1.93 -53.28 -46.56
CA GLN C 97 2.92 -54.19 -47.13
C GLN C 97 4.20 -53.39 -47.38
N ILE C 98 5.34 -54.07 -47.26
CA ILE C 98 6.62 -53.47 -47.59
C ILE C 98 7.37 -54.40 -48.52
N CYS C 99 8.23 -53.81 -49.35
CA CYS C 99 9.02 -54.54 -50.33
C CYS C 99 10.48 -54.15 -50.16
N TRP C 100 11.35 -55.13 -49.97
CA TRP C 100 12.78 -54.90 -49.98
C TRP C 100 13.32 -55.24 -51.37
N LEU C 101 13.87 -54.24 -52.05
CA LEU C 101 14.25 -54.36 -53.44
C LEU C 101 15.74 -54.25 -53.61
N THR C 102 16.28 -55.05 -54.52
CA THR C 102 17.69 -54.94 -54.89
C THR C 102 17.94 -53.63 -55.64
N LYS C 103 19.22 -53.25 -55.71
CA LYS C 103 19.58 -51.91 -56.18
C LYS C 103 19.03 -51.63 -57.57
N ASP C 104 19.29 -52.53 -58.53
CA ASP C 104 18.86 -52.28 -59.90
C ASP C 104 17.33 -52.28 -60.01
N MET C 105 16.67 -53.23 -59.35
CA MET C 105 15.22 -53.28 -59.42
C MET C 105 14.60 -52.08 -58.71
N ALA C 106 15.24 -51.61 -57.64
CA ALA C 106 14.75 -50.41 -56.96
C ALA C 106 14.92 -49.17 -57.83
N HIS C 107 16.04 -49.08 -58.58
CA HIS C 107 16.19 -47.98 -59.51
C HIS C 107 15.14 -48.05 -60.61
N LYS C 108 14.84 -49.24 -61.11
CA LYS C 108 13.77 -49.38 -62.09
C LYS C 108 12.41 -48.97 -61.52
N ALA C 109 12.13 -49.34 -60.26
CA ALA C 109 10.87 -48.95 -59.63
C ALA C 109 10.80 -47.44 -59.42
N GLN C 110 11.91 -46.82 -59.05
CA GLN C 110 11.93 -45.36 -58.92
C GLN C 110 11.71 -44.69 -60.27
N GLY C 111 12.30 -45.23 -61.33
CA GLY C 111 12.02 -44.73 -62.66
C GLY C 111 10.57 -44.92 -63.07
N PHE C 112 9.94 -45.98 -62.57
CA PHE C 112 8.54 -46.25 -62.86
C PHE C 112 7.62 -45.13 -62.39
N GLY C 113 8.04 -44.34 -61.41
CA GLY C 113 7.24 -43.23 -60.93
C GLY C 113 6.74 -43.39 -59.50
N LEU C 114 7.53 -44.06 -58.67
CA LEU C 114 7.18 -44.27 -57.26
C LEU C 114 8.32 -43.75 -56.40
N ASP C 115 8.10 -43.80 -55.08
CA ASP C 115 9.10 -43.39 -54.11
C ASP C 115 9.84 -44.62 -53.59
N VAL C 116 11.16 -44.55 -53.55
CA VAL C 116 12.00 -45.61 -53.04
C VAL C 116 13.02 -45.01 -52.08
N PHE C 117 13.15 -45.61 -50.90
CA PHE C 117 13.98 -45.07 -49.82
C PHE C 117 15.22 -45.92 -49.65
N ALA C 118 16.35 -45.27 -49.35
CA ALA C 118 17.61 -45.94 -49.14
C ALA C 118 18.39 -45.26 -48.02
N GLY C 119 18.97 -46.07 -47.14
CA GLY C 119 19.74 -45.55 -46.03
C GLY C 119 18.89 -45.22 -44.82
N SER C 120 19.20 -44.10 -44.16
CA SER C 120 18.41 -43.69 -43.00
C SER C 120 16.94 -43.52 -43.35
N GLN C 121 16.65 -43.20 -44.61
CA GLN C 121 15.27 -43.05 -45.03
C GLN C 121 14.46 -44.32 -44.78
N ARG C 122 15.09 -45.49 -44.95
CA ARG C 122 14.35 -46.73 -44.72
C ARG C 122 13.82 -46.81 -43.31
N ILE C 123 14.43 -46.08 -42.38
CA ILE C 123 13.88 -46.01 -41.03
C ILE C 123 12.70 -45.04 -40.99
N SER C 124 12.88 -43.84 -41.54
CA SER C 124 11.81 -42.85 -41.49
C SER C 124 10.55 -43.37 -42.13
N ALA C 125 10.64 -43.85 -43.37
CA ALA C 125 9.47 -44.34 -44.08
C ALA C 125 8.85 -45.54 -43.40
N LEU C 126 9.58 -46.15 -42.45
CA LEU C 126 8.94 -47.13 -41.57
C LEU C 126 8.30 -46.44 -40.38
N LEU C 127 9.10 -45.66 -39.63
CA LEU C 127 8.58 -44.99 -38.44
C LEU C 127 7.36 -44.16 -38.77
N LYS C 128 7.43 -43.38 -39.85
CA LYS C 128 6.32 -42.53 -40.26
C LYS C 128 5.04 -43.35 -40.42
N CYS C 129 5.14 -44.53 -41.04
CA CYS C 129 3.97 -45.38 -41.19
C CYS C 129 3.32 -45.65 -39.84
N VAL C 130 4.13 -46.02 -38.85
CA VAL C 130 3.60 -46.24 -37.51
C VAL C 130 2.93 -44.97 -37.00
N LEU C 131 3.59 -43.83 -37.16
CA LEU C 131 3.02 -42.59 -36.64
C LEU C 131 1.73 -42.22 -37.36
N LEU C 132 1.50 -42.77 -38.56
CA LEU C 132 0.25 -42.46 -39.24
C LEU C 132 -0.88 -43.37 -38.80
N ARG C 133 -0.56 -44.39 -37.98
CA ARG C 133 -1.59 -45.34 -37.49
C ARG C 133 -2.08 -44.95 -36.09
N HIS C 134 -1.19 -44.51 -35.20
CA HIS C 134 -1.55 -44.16 -33.80
C HIS C 134 -1.56 -42.64 -33.62
N MET C 135 -1.70 -41.88 -34.72
CA MET C 135 -1.78 -40.40 -34.74
C MET C 135 -2.74 -39.84 -33.67
N GLY C 136 -3.97 -40.33 -33.60
CA GLY C 136 -4.95 -39.80 -32.67
C GLY C 136 -4.54 -39.88 -31.22
N GLU C 137 -3.41 -40.50 -30.92
CA GLU C 137 -2.92 -40.56 -29.54
C GLU C 137 -2.03 -39.39 -29.18
N PHE C 138 -1.64 -38.56 -30.14
CA PHE C 138 -0.78 -37.42 -29.86
C PHE C 138 -1.56 -36.11 -29.74
N ILE C 139 -2.87 -36.18 -29.53
CA ILE C 139 -3.72 -35.01 -29.40
C ILE C 139 -4.67 -35.25 -28.22
N GLY C 140 -4.35 -34.64 -27.08
CA GLY C 140 -5.17 -34.77 -25.89
C GLY C 140 -5.59 -33.42 -25.36
N VAL C 141 -5.81 -33.31 -24.06
CA VAL C 141 -6.14 -32.01 -23.47
C VAL C 141 -4.90 -31.12 -23.45
N GLN C 142 -3.74 -31.70 -23.12
CA GLN C 142 -2.53 -30.89 -23.01
C GLN C 142 -2.04 -30.42 -24.37
N GLU C 143 -2.06 -31.31 -25.37
CA GLU C 143 -1.65 -30.88 -26.71
C GLU C 143 -2.61 -29.85 -27.28
N THR C 144 -3.90 -29.99 -26.98
CA THR C 144 -4.86 -28.97 -27.40
C THR C 144 -4.55 -27.63 -26.73
N ARG C 145 -4.19 -27.65 -25.45
CA ARG C 145 -3.81 -26.40 -24.79
C ARG C 145 -2.56 -25.82 -25.44
N TYR C 146 -1.62 -26.66 -25.84
CA TYR C 146 -0.44 -26.13 -26.53
C TYR C 146 -0.81 -25.50 -27.86
N LEU C 147 -1.71 -26.12 -28.61
CA LEU C 147 -2.15 -25.54 -29.87
C LEU C 147 -2.85 -24.20 -29.65
N MET C 148 -3.68 -24.11 -28.63
CA MET C 148 -4.39 -22.86 -28.35
C MET C 148 -3.43 -21.78 -27.88
N ASN C 149 -2.40 -22.15 -27.11
CA ASN C 149 -1.38 -21.19 -26.73
C ASN C 149 -0.59 -20.70 -27.95
N ALA C 150 -0.31 -21.60 -28.89
CA ALA C 150 0.35 -21.18 -30.12
C ALA C 150 -0.52 -20.22 -30.92
N MET C 151 -1.83 -20.51 -30.97
CA MET C 151 -2.74 -19.63 -31.70
C MET C 151 -3.04 -18.34 -30.96
N GLU C 152 -2.70 -18.23 -29.68
CA GLU C 152 -2.92 -16.97 -28.97
C GLU C 152 -2.03 -15.83 -29.45
N LYS C 153 -1.09 -16.09 -30.36
CA LYS C 153 -0.15 -15.06 -30.77
C LYS C 153 -0.81 -14.12 -31.79
N ASN C 154 -1.29 -14.66 -32.89
CA ASN C 154 -1.94 -13.88 -33.93
C ASN C 154 -3.46 -13.86 -33.82
N TYR C 155 -4.06 -14.82 -33.13
CA TYR C 155 -5.50 -14.98 -33.12
C TYR C 155 -6.17 -14.84 -31.75
N SER C 156 -5.61 -13.95 -30.93
CA SER C 156 -5.94 -13.92 -29.50
C SER C 156 -7.45 -13.90 -29.27
N GLU C 157 -8.18 -13.09 -30.03
CA GLU C 157 -9.61 -12.98 -29.78
C GLU C 157 -10.36 -14.23 -30.22
N LEU C 158 -9.89 -14.89 -31.28
CA LEU C 158 -10.53 -16.13 -31.70
C LEU C 158 -10.43 -17.18 -30.62
N VAL C 159 -9.23 -17.35 -30.03
CA VAL C 159 -9.05 -18.33 -28.97
C VAL C 159 -9.82 -17.92 -27.72
N LYS C 160 -9.84 -16.63 -27.38
CA LYS C 160 -10.59 -16.20 -26.21
C LYS C 160 -12.08 -16.46 -26.37
N GLU C 161 -12.63 -16.16 -27.53
CA GLU C 161 -14.04 -16.44 -27.78
C GLU C 161 -14.31 -17.94 -27.72
N LEU C 162 -13.43 -18.75 -28.31
CA LEU C 162 -13.64 -20.19 -28.28
C LEU C 162 -13.63 -20.72 -26.85
N GLN C 163 -12.69 -20.25 -26.02
CA GLN C 163 -12.66 -20.67 -24.63
C GLN C 163 -13.93 -20.26 -23.92
N ARG C 164 -14.42 -19.04 -24.19
CA ARG C 164 -15.68 -18.60 -23.61
C ARG C 164 -16.83 -19.50 -24.03
N GLN C 165 -16.76 -20.09 -25.23
CA GLN C 165 -17.83 -20.95 -25.71
C GLN C 165 -17.75 -22.35 -25.12
N LEU C 166 -16.62 -23.04 -25.33
CA LEU C 166 -16.47 -24.46 -24.99
C LEU C 166 -15.34 -24.65 -23.99
N PRO C 167 -15.50 -25.59 -23.07
CA PRO C 167 -14.39 -25.95 -22.18
C PRO C 167 -13.36 -26.80 -22.92
N ILE C 168 -12.13 -26.78 -22.39
CA ILE C 168 -11.00 -27.31 -23.14
C ILE C 168 -11.14 -28.81 -23.40
N ASN C 169 -11.87 -29.53 -22.54
CA ASN C 169 -12.01 -30.96 -22.80
C ASN C 169 -12.86 -31.22 -24.02
N LYS C 170 -13.87 -30.39 -24.28
CA LYS C 170 -14.68 -30.58 -25.48
C LYS C 170 -13.92 -30.20 -26.74
N ILE C 171 -13.10 -29.15 -26.68
CA ILE C 171 -12.26 -28.81 -27.83
C ILE C 171 -11.27 -29.93 -28.12
N ALA C 172 -10.66 -30.48 -27.07
CA ALA C 172 -9.73 -31.59 -27.26
C ALA C 172 -10.43 -32.81 -27.82
N GLU C 173 -11.66 -33.08 -27.37
CA GLU C 173 -12.43 -34.18 -27.92
C GLU C 173 -12.72 -33.98 -29.39
N THR C 174 -13.08 -32.75 -29.78
CA THR C 174 -13.35 -32.46 -31.19
C THR C 174 -12.11 -32.65 -32.04
N LEU C 175 -10.97 -32.10 -31.58
CA LEU C 175 -9.74 -32.23 -32.35
C LEU C 175 -9.30 -33.68 -32.44
N GLN C 176 -9.45 -34.45 -31.36
CA GLN C 176 -9.10 -35.86 -31.41
C GLN C 176 -9.99 -36.63 -32.37
N ARG C 177 -11.28 -36.32 -32.38
CA ARG C 177 -12.20 -37.02 -33.27
C ARG C 177 -11.95 -36.64 -34.72
N LEU C 178 -11.44 -35.44 -34.95
CA LEU C 178 -11.05 -35.07 -36.32
C LEU C 178 -9.76 -35.74 -36.75
N VAL C 179 -8.79 -35.83 -35.83
CA VAL C 179 -7.46 -36.42 -36.18
C VAL C 179 -7.64 -37.92 -36.44
N SER C 180 -8.49 -38.59 -35.64
CA SER C 180 -8.61 -40.04 -35.78
C SER C 180 -9.37 -40.45 -37.03
N GLU C 181 -9.60 -39.54 -37.96
CA GLU C 181 -10.24 -39.84 -39.23
C GLU C 181 -9.39 -39.45 -40.43
N ARG C 182 -8.12 -39.11 -40.21
CA ARG C 182 -7.25 -38.56 -41.25
C ARG C 182 -7.79 -37.25 -41.81
N VAL C 183 -8.36 -36.41 -40.96
CA VAL C 183 -8.72 -35.04 -41.33
C VAL C 183 -7.73 -34.11 -40.66
N SER C 184 -7.04 -33.31 -41.45
CA SER C 184 -5.99 -32.45 -40.91
C SER C 184 -6.61 -31.35 -40.06
N ILE C 185 -5.96 -31.06 -38.94
CA ILE C 185 -6.36 -29.94 -38.09
C ILE C 185 -5.33 -28.83 -38.26
N ARG C 186 -4.70 -28.80 -39.44
CA ARG C 186 -3.73 -27.74 -39.72
C ARG C 186 -4.40 -26.38 -39.76
N ASP C 187 -5.59 -26.30 -40.33
CA ASP C 187 -6.34 -25.05 -40.44
C ASP C 187 -7.15 -24.86 -39.16
N LEU C 188 -6.49 -24.24 -38.17
CA LEU C 188 -7.14 -24.07 -36.88
C LEU C 188 -8.04 -22.84 -36.85
N ARG C 189 -7.77 -21.85 -37.70
CA ARG C 189 -8.64 -20.69 -37.77
C ARG C 189 -10.05 -21.09 -38.16
N LEU C 190 -10.18 -21.91 -39.20
CA LEU C 190 -11.48 -22.35 -39.66
C LEU C 190 -12.16 -23.26 -38.65
N ILE C 191 -11.39 -24.15 -38.02
CA ILE C 191 -11.97 -25.05 -37.02
C ILE C 191 -12.51 -24.26 -35.84
N PHE C 192 -11.73 -23.31 -35.34
CA PHE C 192 -12.20 -22.51 -34.22
C PHE C 192 -13.38 -21.64 -34.63
N GLY C 193 -13.39 -21.15 -35.86
CA GLY C 193 -14.54 -20.38 -36.33
C GLY C 193 -15.80 -21.21 -36.37
N THR C 194 -15.70 -22.46 -36.83
CA THR C 194 -16.89 -23.31 -36.90
C THR C 194 -17.36 -23.73 -35.52
N LEU C 195 -16.42 -23.97 -34.59
CA LEU C 195 -16.82 -24.27 -33.23
C LEU C 195 -17.46 -23.07 -32.55
N ILE C 196 -17.00 -21.86 -32.87
CA ILE C 196 -17.62 -20.65 -32.32
C ILE C 196 -19.02 -20.47 -32.89
N ASP C 197 -19.18 -20.73 -34.18
CA ASP C 197 -20.51 -20.62 -34.78
C ASP C 197 -21.49 -21.60 -34.17
N TRP C 198 -21.13 -22.89 -34.13
CA TRP C 198 -22.09 -23.93 -33.78
C TRP C 198 -22.04 -24.37 -32.32
N ALA C 199 -21.20 -23.75 -31.49
CA ALA C 199 -21.19 -24.10 -30.07
C ALA C 199 -22.48 -23.72 -29.35
N PRO C 200 -23.03 -22.50 -29.50
CA PRO C 200 -24.30 -22.21 -28.82
C PRO C 200 -25.46 -23.07 -29.27
N ARG C 201 -25.49 -23.47 -30.53
CA ARG C 201 -26.63 -24.17 -31.11
C ARG C 201 -26.48 -25.69 -31.07
N GLU C 202 -25.45 -26.21 -30.42
CA GLU C 202 -25.26 -27.66 -30.38
C GLU C 202 -24.48 -28.03 -29.14
N LYS C 203 -24.78 -29.20 -28.57
CA LYS C 203 -24.10 -29.69 -27.38
C LYS C 203 -23.49 -31.07 -27.56
N ASP C 204 -23.90 -31.81 -28.58
CA ASP C 204 -23.33 -33.13 -28.85
C ASP C 204 -22.01 -32.97 -29.60
N VAL C 205 -20.90 -33.24 -28.91
CA VAL C 205 -19.58 -33.00 -29.46
C VAL C 205 -19.39 -33.75 -30.77
N LEU C 206 -20.06 -34.90 -30.92
CA LEU C 206 -20.02 -35.61 -32.19
C LEU C 206 -20.62 -34.76 -33.31
N MET C 207 -21.69 -34.02 -33.02
CA MET C 207 -22.30 -33.20 -34.06
C MET C 207 -21.46 -31.96 -34.34
N LEU C 208 -20.80 -31.40 -33.32
CA LEU C 208 -19.85 -30.33 -33.58
C LEU C 208 -18.73 -30.81 -34.49
N THR C 209 -18.24 -32.03 -34.25
CA THR C 209 -17.22 -32.59 -35.14
C THR C 209 -17.76 -32.78 -36.54
N GLU C 210 -19.02 -33.19 -36.66
CA GLU C 210 -19.62 -33.31 -38.00
C GLU C 210 -19.67 -31.97 -38.70
N TYR C 211 -20.05 -30.91 -37.99
CA TYR C 211 -20.10 -29.59 -38.60
C TYR C 211 -18.71 -29.11 -39.01
N VAL C 212 -17.70 -29.38 -38.18
CA VAL C 212 -16.34 -29.00 -38.53
C VAL C 212 -15.86 -29.78 -39.74
N ARG C 213 -16.26 -31.05 -39.84
CA ARG C 213 -15.89 -31.85 -41.01
C ARG C 213 -16.55 -31.31 -42.27
N ILE C 214 -17.81 -30.86 -42.16
CA ILE C 214 -18.50 -30.31 -43.31
C ILE C 214 -17.85 -28.99 -43.74
N ALA C 215 -17.47 -28.15 -42.78
CA ALA C 215 -16.82 -26.90 -43.11
C ALA C 215 -15.44 -27.11 -43.73
N LEU C 216 -14.86 -28.30 -43.54
CA LEU C 216 -13.56 -28.64 -44.10
C LEU C 216 -13.67 -29.56 -45.32
N ARG C 217 -14.82 -29.55 -46.00
CA ARG C 217 -15.05 -30.55 -47.05
C ARG C 217 -14.11 -30.37 -48.23
N ARG C 218 -13.74 -29.13 -48.55
CA ARG C 218 -12.82 -28.93 -49.67
C ARG C 218 -11.47 -29.56 -49.38
N HIS C 219 -10.96 -29.37 -48.16
CA HIS C 219 -9.69 -29.99 -47.80
C HIS C 219 -9.76 -31.50 -47.82
N ILE C 220 -10.85 -32.07 -47.31
CA ILE C 220 -10.97 -33.53 -47.28
C ILE C 220 -10.98 -34.09 -48.69
N LEU C 221 -11.78 -33.48 -49.57
CA LEU C 221 -11.87 -34.00 -50.93
C LEU C 221 -10.66 -33.62 -51.77
N ARG C 222 -9.80 -32.73 -51.27
CA ARG C 222 -8.52 -32.54 -51.93
C ARG C 222 -7.50 -33.57 -51.48
N ARG C 223 -7.46 -33.87 -50.19
CA ARG C 223 -6.47 -34.79 -49.67
C ARG C 223 -6.77 -36.23 -50.08
N LEU C 224 -8.05 -36.60 -50.18
CA LEU C 224 -8.38 -37.95 -50.59
C LEU C 224 -7.88 -38.25 -52.00
N ASN C 225 -8.07 -37.31 -52.93
CA ASN C 225 -7.53 -37.46 -54.27
C ASN C 225 -6.93 -36.15 -54.75
N PRO C 226 -5.60 -36.03 -54.76
CA PRO C 226 -4.98 -34.73 -55.10
C PRO C 226 -5.37 -34.22 -56.48
N GLU C 227 -5.52 -35.09 -57.46
CA GLU C 227 -5.96 -34.70 -58.79
C GLU C 227 -7.48 -34.54 -58.83
N GLY C 228 -7.95 -33.86 -59.86
CA GLY C 228 -9.37 -33.68 -60.04
C GLY C 228 -10.09 -34.86 -60.65
N LYS C 229 -9.36 -35.93 -60.96
CA LYS C 229 -9.96 -37.08 -61.60
C LYS C 229 -10.97 -37.76 -60.68
N PRO C 230 -12.04 -38.31 -61.23
CA PRO C 230 -13.03 -39.00 -60.41
C PRO C 230 -12.53 -40.34 -59.88
N LEU C 231 -12.60 -40.54 -58.57
CA LEU C 231 -12.26 -41.81 -57.95
C LEU C 231 -13.51 -42.56 -57.51
N PRO C 232 -13.43 -43.89 -57.43
CA PRO C 232 -14.64 -44.68 -57.20
C PRO C 232 -15.34 -44.34 -55.89
N ILE C 233 -16.67 -44.41 -55.92
CA ILE C 233 -17.51 -44.14 -54.77
C ILE C 233 -18.48 -45.29 -54.57
N LEU C 234 -18.55 -45.81 -53.36
CA LEU C 234 -19.45 -46.89 -52.98
C LEU C 234 -20.60 -46.29 -52.18
N ARG C 235 -21.76 -46.19 -52.80
CA ARG C 235 -22.93 -45.62 -52.13
C ARG C 235 -23.45 -46.58 -51.07
N ILE C 236 -24.13 -46.02 -50.07
CA ILE C 236 -24.89 -46.82 -49.13
C ILE C 236 -26.37 -46.65 -49.41
N GLY C 237 -27.07 -47.76 -49.64
CA GLY C 237 -28.46 -47.69 -50.02
C GLY C 237 -29.35 -47.25 -48.89
N GLU C 238 -30.61 -46.97 -49.24
CA GLU C 238 -31.55 -46.41 -48.27
C GLU C 238 -31.87 -47.41 -47.16
N GLY C 239 -31.70 -48.71 -47.42
CA GLY C 239 -32.00 -49.69 -46.39
C GLY C 239 -31.12 -49.55 -45.16
N ILE C 240 -29.81 -49.48 -45.37
CA ILE C 240 -28.88 -49.34 -44.25
C ILE C 240 -29.05 -47.98 -43.58
N GLU C 241 -29.28 -46.94 -44.38
CA GLU C 241 -29.47 -45.60 -43.82
C GLU C 241 -30.70 -45.58 -42.91
N ASN C 242 -31.79 -46.20 -43.33
CA ASN C 242 -32.99 -46.25 -42.51
C ASN C 242 -32.80 -47.15 -41.30
N LEU C 243 -32.03 -48.23 -41.45
CA LEU C 243 -31.77 -49.11 -40.31
C LEU C 243 -31.00 -48.37 -39.22
N VAL C 244 -29.94 -47.67 -39.59
CA VAL C 244 -29.13 -46.99 -38.57
C VAL C 244 -29.79 -45.69 -38.12
N ARG C 245 -30.69 -45.13 -38.94
CA ARG C 245 -31.36 -43.89 -38.54
C ARG C 245 -32.46 -44.16 -37.53
N GLU C 246 -33.11 -45.32 -37.61
CA GLU C 246 -34.18 -45.65 -36.68
C GLU C 246 -33.68 -45.98 -35.28
N SER C 247 -32.45 -46.43 -35.14
CA SER C 247 -31.92 -46.89 -33.88
C SER C 247 -31.23 -45.79 -33.07
N ILE C 248 -31.49 -44.53 -33.38
CA ILE C 248 -30.78 -43.43 -32.73
C ILE C 248 -31.43 -43.15 -31.37
N ARG C 249 -30.66 -43.33 -30.30
CA ARG C 249 -31.16 -43.13 -28.94
C ARG C 249 -30.38 -42.01 -28.29
N GLN C 250 -31.09 -41.03 -27.74
CA GLN C 250 -30.48 -39.81 -27.23
C GLN C 250 -30.58 -39.75 -25.72
N THR C 251 -29.49 -39.34 -25.08
CA THR C 251 -29.43 -39.02 -23.66
C THR C 251 -28.93 -37.59 -23.51
N ALA C 252 -28.88 -37.12 -22.25
CA ALA C 252 -28.57 -35.73 -21.98
C ALA C 252 -27.24 -35.29 -22.57
N MET C 253 -26.33 -36.23 -22.85
CA MET C 253 -25.03 -35.91 -23.42
C MET C 253 -24.96 -36.07 -24.93
N GLY C 254 -26.07 -36.41 -25.59
CA GLY C 254 -26.07 -36.52 -27.03
C GLY C 254 -26.69 -37.82 -27.48
N THR C 255 -26.62 -38.07 -28.79
CA THR C 255 -27.26 -39.22 -29.40
C THR C 255 -26.21 -40.28 -29.73
N TYR C 256 -26.60 -41.55 -29.57
CA TYR C 256 -25.75 -42.68 -29.95
C TYR C 256 -26.60 -43.66 -30.75
N THR C 257 -25.94 -44.70 -31.26
CA THR C 257 -26.61 -45.75 -32.02
C THR C 257 -26.76 -46.99 -31.14
N ALA C 258 -27.81 -47.76 -31.39
CA ALA C 258 -28.10 -48.99 -30.64
C ALA C 258 -28.60 -50.03 -31.64
N LEU C 259 -27.67 -50.83 -32.16
CA LEU C 259 -27.99 -51.87 -33.12
C LEU C 259 -27.68 -53.24 -32.53
N SER C 260 -28.32 -54.25 -33.08
CA SER C 260 -28.00 -55.63 -32.75
C SER C 260 -26.63 -56.00 -33.32
N SER C 261 -25.91 -56.86 -32.59
CA SER C 261 -24.59 -57.28 -33.04
C SER C 261 -24.68 -57.98 -34.39
N ARG C 262 -25.80 -58.67 -34.66
CA ARG C 262 -25.97 -59.31 -35.96
C ARG C 262 -25.98 -58.29 -37.08
N HIS C 263 -26.67 -57.16 -36.86
CA HIS C 263 -26.71 -56.11 -37.88
C HIS C 263 -25.32 -55.60 -38.20
N LYS C 264 -24.54 -55.26 -37.16
CA LYS C 264 -23.19 -54.77 -37.39
C LYS C 264 -22.33 -55.82 -38.09
N THR C 265 -22.41 -57.07 -37.63
CA THR C 265 -21.57 -58.11 -38.23
C THR C 265 -21.90 -58.29 -39.71
N GLN C 266 -23.19 -58.31 -40.06
CA GLN C 266 -23.54 -58.49 -41.46
C GLN C 266 -23.11 -57.29 -42.30
N ILE C 267 -23.27 -56.07 -41.76
CA ILE C 267 -22.90 -54.87 -42.52
C ILE C 267 -21.40 -54.87 -42.79
N LEU C 268 -20.59 -55.13 -41.78
CA LEU C 268 -19.15 -55.19 -42.00
C LEU C 268 -18.76 -56.34 -42.94
N GLN C 269 -19.40 -57.50 -42.79
CA GLN C 269 -19.07 -58.62 -43.66
C GLN C 269 -19.33 -58.29 -45.11
N LEU C 270 -20.47 -57.66 -45.41
CA LEU C 270 -20.76 -57.33 -46.80
C LEU C 270 -19.91 -56.17 -47.29
N ILE C 271 -19.56 -55.22 -46.42
CA ILE C 271 -18.70 -54.12 -46.85
C ILE C 271 -17.32 -54.66 -47.23
N GLU C 272 -16.76 -55.56 -46.41
CA GLU C 272 -15.51 -56.21 -46.78
C GLU C 272 -15.69 -57.05 -48.03
N GLN C 273 -16.87 -57.64 -48.21
CA GLN C 273 -17.16 -58.35 -49.45
C GLN C 273 -17.15 -57.41 -50.64
N ALA C 274 -17.63 -56.18 -50.47
CA ALA C 274 -17.68 -55.20 -51.55
C ALA C 274 -16.39 -54.42 -51.70
N LEU C 275 -15.43 -54.57 -50.78
CA LEU C 275 -14.18 -53.84 -50.85
C LEU C 275 -13.07 -54.59 -51.58
N LYS C 276 -13.23 -55.89 -51.82
CA LYS C 276 -12.18 -56.65 -52.49
C LYS C 276 -12.24 -56.51 -54.00
N GLN C 277 -13.26 -55.84 -54.54
CA GLN C 277 -13.34 -55.66 -55.99
C GLN C 277 -12.34 -54.63 -56.49
N SER C 278 -12.12 -53.55 -55.74
CA SER C 278 -11.15 -52.53 -56.10
C SER C 278 -10.35 -52.13 -54.87
N ALA C 279 -9.15 -51.61 -55.11
CA ALA C 279 -8.23 -51.32 -54.01
C ALA C 279 -8.76 -50.21 -53.11
N LYS C 280 -9.22 -49.11 -53.70
CA LYS C 280 -9.67 -47.95 -52.94
C LYS C 280 -11.13 -47.66 -53.24
N LEU C 281 -11.91 -47.48 -52.17
CA LEU C 281 -13.32 -47.13 -52.30
C LEU C 281 -13.69 -46.16 -51.18
N PHE C 282 -14.43 -45.12 -51.55
CA PHE C 282 -14.94 -44.15 -50.59
C PHE C 282 -16.41 -44.47 -50.32
N ILE C 283 -16.70 -44.92 -49.11
CA ILE C 283 -18.07 -45.23 -48.72
C ILE C 283 -18.79 -43.93 -48.44
N VAL C 284 -19.94 -43.73 -49.09
CA VAL C 284 -20.69 -42.49 -49.01
C VAL C 284 -22.10 -42.77 -48.52
N THR C 285 -22.51 -42.09 -47.47
CA THR C 285 -23.83 -42.24 -46.88
C THR C 285 -24.39 -40.86 -46.57
N SER C 286 -25.56 -40.83 -45.93
CA SER C 286 -26.22 -39.58 -45.62
C SER C 286 -25.52 -38.88 -44.45
N VAL C 287 -25.92 -37.62 -44.21
CA VAL C 287 -25.31 -36.85 -43.13
C VAL C 287 -25.74 -37.39 -41.78
N ASP C 288 -27.03 -37.67 -41.61
CA ASP C 288 -27.58 -38.10 -40.33
C ASP C 288 -27.16 -39.53 -39.98
N THR C 289 -26.64 -40.29 -40.93
CA THR C 289 -26.22 -41.66 -40.68
C THR C 289 -24.72 -41.86 -40.88
N ARG C 290 -23.96 -40.81 -41.12
CA ARG C 290 -22.53 -40.98 -41.40
C ARG C 290 -21.69 -41.34 -40.20
N ARG C 291 -21.73 -40.49 -39.16
CA ARG C 291 -20.87 -40.72 -38.00
C ARG C 291 -21.18 -42.05 -37.33
N PHE C 292 -22.47 -42.36 -37.15
CA PHE C 292 -22.84 -43.63 -36.54
C PHE C 292 -22.28 -44.80 -37.33
N LEU C 293 -22.43 -44.76 -38.66
CA LEU C 293 -21.84 -45.81 -39.48
C LEU C 293 -20.35 -45.90 -39.22
N ARG C 294 -19.67 -44.76 -39.13
CA ARG C 294 -18.24 -44.77 -38.86
C ARG C 294 -17.96 -45.50 -37.55
N LYS C 295 -18.76 -45.25 -36.52
CA LYS C 295 -18.45 -45.87 -35.23
C LYS C 295 -18.95 -47.30 -35.14
N ILE C 296 -19.46 -47.88 -36.25
CA ILE C 296 -19.60 -49.33 -36.30
C ILE C 296 -18.56 -49.96 -37.23
N THR C 297 -17.74 -49.15 -37.90
CA THR C 297 -16.71 -49.65 -38.79
C THR C 297 -15.32 -49.16 -38.45
N GLU C 298 -15.14 -48.43 -37.34
CA GLU C 298 -13.81 -47.92 -37.00
C GLU C 298 -12.93 -49.00 -36.41
N ALA C 299 -13.51 -49.94 -35.67
CA ALA C 299 -12.71 -50.95 -34.98
C ALA C 299 -11.96 -51.85 -35.96
N THR C 300 -12.63 -52.28 -37.03
CA THR C 300 -12.05 -53.20 -38.00
C THR C 300 -11.50 -52.48 -39.23
N LEU C 301 -12.35 -51.69 -39.89
CA LEU C 301 -11.97 -50.99 -41.13
C LEU C 301 -11.58 -49.57 -40.77
N PHE C 302 -10.37 -49.41 -40.22
CA PHE C 302 -9.91 -48.10 -39.79
C PHE C 302 -9.45 -47.23 -40.95
N ASP C 303 -8.87 -47.81 -41.99
CA ASP C 303 -8.22 -47.03 -43.03
C ASP C 303 -9.13 -46.74 -44.23
N VAL C 304 -10.41 -47.09 -44.16
CA VAL C 304 -11.35 -46.75 -45.23
C VAL C 304 -12.04 -45.45 -44.87
N PRO C 305 -12.09 -44.46 -45.77
CA PRO C 305 -12.70 -43.18 -45.44
C PRO C 305 -14.22 -43.20 -45.62
N ILE C 306 -14.95 -42.83 -44.58
CA ILE C 306 -16.41 -42.79 -44.61
C ILE C 306 -16.82 -41.34 -44.85
N LEU C 307 -17.05 -40.99 -46.11
CA LEU C 307 -17.47 -39.65 -46.47
C LEU C 307 -18.97 -39.51 -46.29
N SER C 308 -19.48 -38.34 -46.62
CA SER C 308 -20.90 -38.03 -46.54
C SER C 308 -21.36 -37.36 -47.83
N TRP C 309 -22.67 -37.16 -47.96
CA TRP C 309 -23.19 -36.53 -49.17
C TRP C 309 -22.92 -35.03 -49.16
N GLN C 310 -23.11 -34.37 -48.01
CA GLN C 310 -22.88 -32.94 -47.94
C GLN C 310 -21.40 -32.59 -48.06
N GLU C 311 -20.51 -33.53 -47.75
CA GLU C 311 -19.08 -33.29 -47.91
C GLU C 311 -18.65 -33.33 -49.37
N LEU C 312 -19.43 -33.97 -50.23
CA LEU C 312 -19.22 -33.94 -51.67
C LEU C 312 -20.19 -32.94 -52.28
N GLY C 313 -19.71 -31.75 -52.59
CA GLY C 313 -20.53 -30.72 -53.16
C GLY C 313 -21.02 -31.09 -54.55
N GLU C 314 -21.81 -30.20 -55.13
CA GLU C 314 -22.33 -30.41 -56.47
C GLU C 314 -21.24 -30.37 -57.54
N GLU C 315 -20.03 -29.93 -57.20
CA GLU C 315 -18.93 -29.82 -58.14
C GLU C 315 -18.12 -31.11 -58.27
N SER C 316 -18.39 -32.11 -57.45
CA SER C 316 -17.73 -33.40 -57.54
C SER C 316 -18.69 -34.42 -58.10
N LEU C 317 -18.33 -35.01 -59.24
CA LEU C 317 -19.17 -36.05 -59.83
C LEU C 317 -18.88 -37.36 -59.12
N ILE C 318 -19.85 -38.26 -59.17
CA ILE C 318 -19.84 -39.40 -58.26
C ILE C 318 -19.12 -40.60 -58.88
N GLN C 319 -19.63 -41.11 -60.00
CA GLN C 319 -19.16 -42.36 -60.59
C GLN C 319 -19.33 -43.51 -59.60
N VAL C 320 -20.60 -43.81 -59.30
CA VAL C 320 -20.92 -44.91 -58.41
C VAL C 320 -20.31 -46.19 -58.97
N VAL C 321 -19.75 -47.02 -58.09
CA VAL C 321 -19.23 -48.32 -58.48
C VAL C 321 -20.14 -49.45 -58.03
N GLU C 322 -20.64 -49.38 -56.80
CA GLU C 322 -21.57 -50.37 -56.29
C GLU C 322 -22.59 -49.68 -55.39
N SER C 323 -23.75 -50.30 -55.24
CA SER C 323 -24.84 -49.75 -54.42
C SER C 323 -25.24 -50.83 -53.41
N ILE C 324 -24.70 -50.73 -52.20
CA ILE C 324 -25.01 -51.65 -51.13
C ILE C 324 -26.39 -51.33 -50.57
N ASP C 325 -27.18 -52.37 -50.28
CA ASP C 325 -28.50 -52.17 -49.71
C ASP C 325 -28.88 -53.40 -48.88
N LEU C 326 -29.69 -53.19 -47.84
CA LEU C 326 -30.17 -54.27 -47.00
C LEU C 326 -31.54 -53.96 -46.44
N SER C 327 -32.19 -54.99 -45.92
CA SER C 327 -33.27 -54.88 -44.97
C SER C 327 -32.76 -55.36 -43.61
N GLU C 328 -33.62 -55.37 -42.61
CA GLU C 328 -33.19 -55.77 -41.28
C GLU C 328 -32.77 -57.24 -41.26
N GLU C 329 -32.34 -57.70 -40.08
CA GLU C 329 -31.92 -59.08 -39.88
C GLU C 329 -32.72 -59.80 -38.81
N GLU C 330 -32.90 -59.18 -37.63
CA GLU C 330 -33.57 -59.87 -36.53
C GLU C 330 -35.04 -60.12 -36.84
N LEU C 331 -35.74 -59.10 -37.35
CA LEU C 331 -37.14 -59.27 -37.72
C LEU C 331 -37.28 -60.22 -38.90
N ALA C 332 -36.54 -59.96 -39.98
CA ALA C 332 -36.55 -60.79 -41.18
C ALA C 332 -35.43 -60.31 -42.09
N ASP C 333 -34.78 -61.25 -42.77
CA ASP C 333 -33.63 -60.89 -43.60
C ASP C 333 -34.03 -59.96 -44.73
N ASN C 334 -34.78 -60.49 -45.71
CA ASN C 334 -35.40 -59.73 -46.80
C ASN C 334 -34.32 -59.21 -47.73
N GLU C 335 -33.04 -59.20 -47.33
CA GLU C 335 -31.97 -58.92 -48.28
C GLU C 335 -30.80 -59.89 -48.10
N GLU C 336 -30.53 -60.27 -46.86
CA GLU C 336 -29.37 -61.09 -46.54
C GLU C 336 -29.74 -62.55 -46.33
N MET D 1 7.62 -25.25 -35.67
CA MET D 1 6.25 -25.77 -35.81
C MET D 1 5.28 -24.69 -35.32
N VAL D 2 4.77 -23.85 -36.21
CA VAL D 2 3.88 -22.73 -35.81
C VAL D 2 2.42 -23.07 -36.14
N PRO D 3 1.51 -23.41 -35.19
CA PRO D 3 0.08 -23.62 -35.45
C PRO D 3 -0.53 -22.45 -36.22
N GLY D 4 -1.55 -22.76 -37.02
CA GLY D 4 -2.21 -21.76 -37.83
C GLY D 4 -1.59 -21.65 -39.21
N ALA D 5 -2.39 -21.92 -40.24
CA ALA D 5 -1.85 -21.95 -41.59
C ALA D 5 -1.43 -20.55 -42.03
N CYS D 6 -0.50 -20.51 -42.99
CA CYS D 6 -0.08 -19.24 -43.56
C CYS D 6 -1.20 -18.70 -44.46
N PRO D 7 -1.67 -17.47 -44.23
CA PRO D 7 -2.93 -17.05 -44.88
C PRO D 7 -2.90 -17.09 -46.40
N LEU D 8 -2.02 -16.33 -47.04
CA LEU D 8 -2.09 -16.13 -48.49
C LEU D 8 -0.70 -16.29 -49.09
N ILE D 9 -0.54 -17.29 -49.95
CA ILE D 9 0.75 -17.63 -50.53
C ILE D 9 0.60 -17.66 -52.05
N LEU D 10 1.51 -17.00 -52.76
CA LEU D 10 1.53 -17.02 -54.21
C LEU D 10 2.83 -17.64 -54.66
N ARG D 11 2.75 -18.80 -55.29
CA ARG D 11 3.91 -19.54 -55.76
C ARG D 11 4.06 -19.35 -57.26
N LEU D 12 5.25 -18.90 -57.68
CA LEU D 12 5.53 -18.58 -59.07
C LEU D 12 6.81 -19.25 -59.53
N SER D 13 6.79 -19.64 -60.82
CA SER D 13 7.98 -20.29 -61.43
C SER D 13 9.00 -19.21 -61.79
N PRO D 14 10.30 -19.55 -61.88
CA PRO D 14 11.36 -18.60 -62.21
C PRO D 14 11.01 -17.40 -63.10
N THR D 15 10.56 -17.65 -64.33
CA THR D 15 10.35 -16.52 -65.30
C THR D 15 9.23 -15.55 -64.90
N LEU D 16 8.22 -15.99 -64.15
CA LEU D 16 7.11 -15.07 -63.89
C LEU D 16 7.44 -14.06 -62.81
N HIS D 17 8.42 -14.35 -61.97
CA HIS D 17 8.79 -13.43 -60.90
C HIS D 17 9.34 -12.15 -61.50
N SER D 18 9.29 -11.06 -60.73
CA SER D 18 9.76 -9.77 -61.21
C SER D 18 10.18 -8.92 -60.03
N ALA D 19 10.55 -7.67 -60.32
CA ALA D 19 11.07 -6.77 -59.30
C ALA D 19 9.99 -5.83 -58.77
N ASP D 20 9.02 -5.48 -59.60
CA ASP D 20 7.92 -4.63 -59.20
C ASP D 20 6.70 -5.43 -58.75
N LEU D 21 6.84 -6.74 -58.60
CA LEU D 21 5.71 -7.57 -58.18
C LEU D 21 5.23 -7.18 -56.79
N ILE D 22 6.15 -6.86 -55.89
CA ILE D 22 5.76 -6.52 -54.52
C ILE D 22 4.85 -5.31 -54.51
N ARG D 23 5.24 -4.25 -55.21
CA ARG D 23 4.44 -3.03 -55.19
C ARG D 23 3.15 -3.18 -55.98
N ASP D 24 3.16 -4.00 -57.04
CA ASP D 24 1.93 -4.26 -57.79
C ASP D 24 0.92 -5.02 -56.92
N ILE D 25 1.38 -6.06 -56.21
CA ILE D 25 0.50 -6.79 -55.32
C ILE D 25 0.00 -5.89 -54.19
N ASP D 26 0.87 -5.03 -53.65
CA ASP D 26 0.42 -4.13 -52.60
C ASP D 26 -0.64 -3.15 -53.10
N ALA D 27 -0.47 -2.65 -54.33
CA ALA D 27 -1.48 -1.77 -54.91
C ALA D 27 -2.79 -2.50 -55.11
N MET D 28 -2.73 -3.76 -55.57
CA MET D 28 -3.95 -4.54 -55.72
C MET D 28 -4.63 -4.76 -54.37
N ARG D 29 -3.85 -5.06 -53.34
CA ARG D 29 -4.43 -5.25 -52.01
C ARG D 29 -5.10 -3.98 -51.51
N TRP D 30 -4.46 -2.83 -51.73
CA TRP D 30 -5.06 -1.58 -51.29
C TRP D 30 -6.34 -1.28 -52.08
N PHE D 31 -6.36 -1.58 -53.37
CA PHE D 31 -7.59 -1.39 -54.13
C PHE D 31 -8.68 -2.30 -53.62
N LEU D 32 -8.35 -3.55 -53.30
CA LEU D 32 -9.36 -4.48 -52.79
C LEU D 32 -9.89 -4.05 -51.44
N PHE D 33 -9.03 -3.45 -50.61
CA PHE D 33 -9.52 -2.95 -49.32
C PHE D 33 -10.38 -1.72 -49.50
N GLU D 34 -10.01 -0.81 -50.41
CA GLU D 34 -10.85 0.36 -50.65
C GLU D 34 -12.18 -0.03 -51.28
N ASP D 35 -12.22 -1.13 -52.02
CA ASP D 35 -13.46 -1.53 -52.68
C ASP D 35 -14.37 -2.33 -51.76
N THR D 36 -13.85 -3.38 -51.13
CA THR D 36 -14.68 -4.30 -50.34
C THR D 36 -14.52 -4.18 -48.84
N GLY D 37 -13.59 -3.35 -48.35
CA GLY D 37 -13.51 -3.06 -46.94
C GLY D 37 -12.89 -4.13 -46.08
N VAL D 38 -12.47 -5.26 -46.65
CA VAL D 38 -11.87 -6.36 -45.91
C VAL D 38 -10.35 -6.20 -45.96
N PRO D 39 -9.68 -6.06 -44.83
CA PRO D 39 -8.22 -5.90 -44.84
C PRO D 39 -7.53 -7.23 -45.05
N LEU D 40 -6.97 -7.43 -46.25
CA LEU D 40 -6.35 -8.68 -46.63
C LEU D 40 -4.99 -8.87 -45.98
N PRO D 41 -4.58 -10.11 -45.72
CA PRO D 41 -3.26 -10.35 -45.15
C PRO D 41 -2.19 -10.34 -46.23
N GLU D 42 -0.94 -10.15 -45.79
CA GLU D 42 0.17 -9.99 -46.71
C GLU D 42 0.33 -11.21 -47.60
N VAL D 43 0.54 -10.98 -48.88
CA VAL D 43 0.77 -12.05 -49.84
C VAL D 43 2.23 -12.47 -49.76
N ASN D 44 2.47 -13.75 -49.49
CA ASN D 44 3.81 -14.28 -49.39
C ASN D 44 4.24 -14.83 -50.74
N ILE D 45 5.26 -14.23 -51.34
CA ILE D 45 5.76 -14.65 -52.64
C ILE D 45 6.74 -15.80 -52.44
N GLU D 46 6.46 -16.94 -53.06
CA GLU D 46 7.32 -18.11 -52.99
C GLU D 46 7.64 -18.57 -54.39
N VAL D 47 8.81 -19.18 -54.56
CA VAL D 47 9.31 -19.58 -55.88
C VAL D 47 9.04 -21.06 -56.08
N LEU D 48 8.40 -21.40 -57.19
CA LEU D 48 8.04 -22.77 -57.50
C LEU D 48 8.82 -23.23 -58.73
N PRO D 49 9.90 -24.00 -58.58
CA PRO D 49 10.67 -24.43 -59.75
C PRO D 49 9.87 -25.36 -60.64
N GLU D 50 9.62 -24.94 -61.88
CA GLU D 50 8.80 -25.69 -62.80
C GLU D 50 9.21 -25.32 -64.21
N PRO D 51 9.51 -26.30 -65.08
CA PRO D 51 9.80 -25.96 -66.48
C PRO D 51 8.65 -25.25 -67.18
N THR D 52 7.40 -25.62 -66.87
CA THR D 52 6.24 -24.99 -67.45
C THR D 52 5.91 -23.71 -66.68
N GLU D 53 5.46 -22.68 -67.39
CA GLU D 53 5.10 -21.42 -66.76
C GLU D 53 3.80 -21.59 -65.99
N LYS D 54 3.91 -21.74 -64.66
CA LYS D 54 2.79 -22.07 -63.81
C LYS D 54 2.82 -21.23 -62.54
N LEU D 55 1.64 -20.86 -62.05
CA LEU D 55 1.50 -20.19 -60.76
C LEU D 55 0.40 -20.85 -59.96
N THR D 56 0.53 -20.80 -58.63
CA THR D 56 -0.48 -21.31 -57.73
C THR D 56 -0.77 -20.29 -56.65
N VAL D 57 -2.04 -20.23 -56.24
CA VAL D 57 -2.49 -19.36 -55.16
C VAL D 57 -3.05 -20.26 -54.07
N LEU D 58 -2.50 -20.13 -52.86
CA LEU D 58 -2.79 -20.99 -51.73
C LEU D 58 -3.41 -20.16 -50.62
N LEU D 59 -4.62 -20.51 -50.23
CA LEU D 59 -5.32 -19.88 -49.11
C LEU D 59 -5.25 -20.82 -47.92
N TYR D 60 -4.52 -20.41 -46.88
CA TYR D 60 -4.33 -21.21 -45.69
C TYR D 60 -3.74 -22.58 -46.03
N GLN D 61 -2.81 -22.55 -47.00
CA GLN D 61 -2.03 -23.71 -47.44
C GLN D 61 -2.86 -24.78 -48.12
N GLU D 62 -4.11 -24.48 -48.48
CA GLU D 62 -4.89 -25.37 -49.31
C GLU D 62 -5.00 -24.75 -50.70
N PRO D 63 -4.35 -25.32 -51.72
CA PRO D 63 -4.25 -24.63 -53.01
C PRO D 63 -5.59 -24.44 -53.69
N VAL D 64 -6.01 -23.18 -53.81
CA VAL D 64 -7.29 -22.86 -54.43
C VAL D 64 -7.15 -22.45 -55.89
N PHE D 65 -5.96 -22.07 -56.33
CA PHE D 65 -5.79 -21.67 -57.73
C PHE D 65 -4.51 -22.27 -58.28
N SER D 66 -4.60 -22.78 -59.51
CA SER D 66 -3.45 -23.37 -60.17
C SER D 66 -3.59 -23.18 -61.68
N LEU D 67 -2.76 -22.31 -62.24
CA LEU D 67 -2.91 -21.97 -63.66
C LEU D 67 -1.56 -22.01 -64.33
N SER D 68 -1.51 -22.58 -65.54
CA SER D 68 -0.30 -22.64 -66.33
C SER D 68 -0.47 -21.74 -67.55
N ILE D 69 0.22 -20.59 -67.47
CA ILE D 69 0.16 -19.43 -68.40
C ILE D 69 0.97 -19.69 -69.65
N PRO D 70 0.37 -19.95 -70.82
CA PRO D 70 1.13 -20.26 -72.02
C PRO D 70 2.09 -19.13 -72.42
N ALA D 71 3.28 -19.51 -72.92
CA ALA D 71 4.41 -18.64 -73.35
C ALA D 71 4.03 -17.73 -74.51
N GLN D 72 3.15 -18.23 -75.37
CA GLN D 72 2.69 -17.49 -76.57
C GLN D 72 1.98 -16.18 -76.19
N ALA D 73 1.14 -16.19 -75.14
CA ALA D 73 0.40 -14.97 -74.73
C ALA D 73 1.24 -14.11 -73.78
N ASP D 74 1.27 -12.80 -74.05
CA ASP D 74 2.06 -11.84 -73.25
C ASP D 74 1.19 -10.67 -72.80
N TYR D 75 -0.08 -10.65 -73.26
CA TYR D 75 -1.06 -9.56 -72.97
C TYR D 75 -2.31 -10.18 -72.33
N LEU D 76 -2.79 -9.70 -71.15
CA LEU D 76 -3.90 -10.42 -70.54
C LEU D 76 -5.13 -9.54 -70.46
N LEU D 77 -6.29 -10.13 -70.73
CA LEU D 77 -7.57 -9.44 -70.67
C LEU D 77 -8.58 -10.34 -69.94
N ILE D 78 -9.09 -9.87 -68.81
CA ILE D 78 -10.01 -10.65 -68.00
C ILE D 78 -11.42 -10.49 -68.57
N GLY D 79 -12.10 -11.62 -68.75
CA GLY D 79 -13.44 -11.62 -69.33
C GLY D 79 -13.38 -11.75 -70.85
N ALA D 80 -14.57 -11.90 -71.43
CA ALA D 80 -14.71 -12.08 -72.86
C ALA D 80 -15.84 -11.20 -73.39
N ASP D 81 -15.74 -10.85 -74.66
CA ASP D 81 -16.77 -10.07 -75.34
C ASP D 81 -16.71 -10.37 -76.83
N ALA D 82 -17.66 -9.80 -77.57
CA ALA D 82 -17.71 -10.05 -79.01
C ALA D 82 -16.60 -9.33 -79.76
N SER D 83 -16.19 -8.15 -79.28
CA SER D 83 -15.18 -7.37 -79.97
C SER D 83 -13.81 -8.03 -79.98
N VAL D 84 -13.48 -8.82 -78.97
CA VAL D 84 -12.17 -9.43 -78.83
C VAL D 84 -12.35 -10.95 -78.67
N VAL D 85 -11.67 -11.71 -79.52
CA VAL D 85 -11.75 -13.17 -79.48
C VAL D 85 -10.41 -13.74 -79.92
N GLY D 86 -9.97 -14.80 -79.25
CA GLY D 86 -8.73 -15.45 -79.61
C GLY D 86 -7.84 -15.79 -78.42
N ASP D 87 -7.46 -17.06 -78.31
CA ASP D 87 -6.61 -17.55 -77.24
C ASP D 87 -7.21 -17.31 -75.85
N SER D 88 -8.45 -17.79 -75.68
CA SER D 88 -9.22 -17.60 -74.47
C SER D 88 -9.46 -18.95 -73.79
N GLN D 89 -9.45 -18.96 -72.47
CA GLN D 89 -9.78 -20.18 -71.74
C GLN D 89 -10.55 -19.87 -70.46
N THR D 90 -11.16 -20.93 -69.92
CA THR D 90 -12.02 -20.86 -68.75
C THR D 90 -11.20 -20.98 -67.48
N LEU D 91 -11.36 -20.03 -66.58
CA LEU D 91 -10.73 -20.12 -65.28
C LEU D 91 -11.40 -21.20 -64.45
N PRO D 92 -10.66 -21.86 -63.56
CA PRO D 92 -11.25 -22.92 -62.73
C PRO D 92 -12.22 -22.35 -61.71
N ASN D 93 -13.06 -23.24 -61.17
CA ASN D 93 -14.04 -22.89 -60.13
C ASN D 93 -15.01 -21.81 -60.61
N GLY D 94 -15.18 -21.70 -61.92
CA GLY D 94 -16.12 -20.73 -62.48
C GLY D 94 -15.80 -19.29 -62.15
N MET D 95 -14.51 -18.95 -62.14
CA MET D 95 -14.12 -17.56 -61.90
C MET D 95 -14.37 -16.69 -63.13
N GLY D 96 -14.47 -17.29 -64.30
CA GLY D 96 -14.77 -16.54 -65.50
C GLY D 96 -13.99 -17.00 -66.72
N GLN D 97 -13.64 -16.04 -67.59
CA GLN D 97 -12.89 -16.32 -68.79
C GLN D 97 -11.70 -15.37 -68.86
N ILE D 98 -10.61 -15.83 -69.45
CA ILE D 98 -9.46 -14.96 -69.68
C ILE D 98 -9.04 -15.07 -71.13
N CYS D 99 -8.43 -14.01 -71.65
CA CYS D 99 -7.98 -13.93 -73.03
C CYS D 99 -6.52 -13.51 -73.04
N TRP D 100 -5.67 -14.29 -73.69
CA TRP D 100 -4.30 -13.90 -73.93
C TRP D 100 -4.19 -13.31 -75.33
N LEU D 101 -3.81 -12.04 -75.39
CA LEU D 101 -3.86 -11.28 -76.64
C LEU D 101 -2.47 -10.89 -77.07
N THR D 102 -2.25 -10.94 -78.39
CA THR D 102 -1.00 -10.45 -78.97
C THR D 102 -0.92 -8.93 -78.84
N LYS D 103 0.29 -8.40 -78.99
CA LYS D 103 0.55 -7.01 -78.65
C LYS D 103 -0.36 -6.05 -79.42
N ASP D 104 -0.41 -6.19 -80.74
CA ASP D 104 -1.21 -5.27 -81.54
C ASP D 104 -2.70 -5.41 -81.24
N MET D 105 -3.19 -6.65 -81.13
CA MET D 105 -4.60 -6.85 -80.84
C MET D 105 -4.94 -6.37 -79.43
N ALA D 106 -4.00 -6.51 -78.49
CA ALA D 106 -4.23 -6.00 -77.14
C ALA D 106 -4.27 -4.48 -77.13
N HIS D 107 -3.41 -3.83 -77.92
CA HIS D 107 -3.49 -2.38 -78.04
C HIS D 107 -4.81 -1.94 -78.65
N LYS D 108 -5.28 -2.67 -79.65
CA LYS D 108 -6.60 -2.36 -80.22
C LYS D 108 -7.71 -2.55 -79.19
N ALA D 109 -7.64 -3.60 -78.38
CA ALA D 109 -8.64 -3.83 -77.35
C ALA D 109 -8.60 -2.74 -76.28
N GLN D 110 -7.40 -2.29 -75.91
CA GLN D 110 -7.28 -1.19 -74.96
C GLN D 110 -7.85 0.10 -75.53
N GLY D 111 -7.61 0.35 -76.82
CA GLY D 111 -8.25 1.48 -77.48
C GLY D 111 -9.76 1.36 -77.53
N PHE D 112 -10.26 0.12 -77.61
CA PHE D 112 -11.70 -0.11 -77.64
C PHE D 112 -12.39 0.40 -76.38
N GLY D 113 -11.68 0.52 -75.27
CA GLY D 113 -12.26 1.03 -74.05
C GLY D 113 -12.34 0.02 -72.93
N LEU D 114 -11.38 -0.89 -72.87
CA LEU D 114 -11.32 -1.90 -71.83
C LEU D 114 -9.95 -1.84 -71.15
N ASP D 115 -9.79 -2.66 -70.12
CA ASP D 115 -8.53 -2.75 -69.39
C ASP D 115 -7.73 -3.94 -69.89
N VAL D 116 -6.45 -3.72 -70.15
CA VAL D 116 -5.54 -4.77 -70.61
C VAL D 116 -4.26 -4.68 -69.78
N PHE D 117 -3.83 -5.82 -69.26
CA PHE D 117 -2.71 -5.89 -68.32
C PHE D 117 -1.50 -6.51 -69.01
N ALA D 118 -0.31 -6.01 -68.67
CA ALA D 118 0.93 -6.48 -69.24
C ALA D 118 2.02 -6.47 -68.18
N GLY D 119 2.80 -7.55 -68.12
CA GLY D 119 3.87 -7.66 -67.16
C GLY D 119 3.42 -8.21 -65.83
N SER D 120 3.95 -7.65 -64.73
CA SER D 120 3.55 -8.09 -63.40
C SER D 120 2.05 -7.94 -63.20
N GLN D 121 1.42 -7.01 -63.91
CA GLN D 121 -0.02 -6.83 -63.79
C GLN D 121 -0.77 -8.11 -64.14
N ARG D 122 -0.27 -8.88 -65.11
CA ARG D 122 -0.96 -10.11 -65.49
C ARG D 122 -1.07 -11.06 -64.31
N ILE D 123 -0.19 -10.92 -63.31
CA ILE D 123 -0.32 -11.71 -62.09
C ILE D 123 -1.40 -11.11 -61.20
N SER D 124 -1.34 -9.81 -60.96
CA SER D 124 -2.31 -9.18 -60.07
C SER D 124 -3.72 -9.40 -60.54
N ALA D 125 -4.00 -9.07 -61.81
CA ALA D 125 -5.35 -9.21 -62.33
C ALA D 125 -5.79 -10.66 -62.36
N LEU D 126 -4.85 -11.60 -62.18
CA LEU D 126 -5.25 -12.98 -61.92
C LEU D 126 -5.49 -13.20 -60.43
N LEU D 127 -4.49 -12.88 -59.60
CA LEU D 127 -4.61 -13.10 -58.17
C LEU D 127 -5.84 -12.40 -57.62
N LYS D 128 -6.06 -11.14 -58.01
CA LYS D 128 -7.20 -10.38 -57.54
C LYS D 128 -8.50 -11.13 -57.82
N CYS D 129 -8.62 -11.72 -59.02
CA CYS D 129 -9.83 -12.47 -59.34
C CYS D 129 -10.08 -13.55 -58.30
N VAL D 130 -9.03 -14.31 -57.95
CA VAL D 130 -9.16 -15.33 -56.93
C VAL D 130 -9.61 -14.69 -55.61
N LEU D 131 -8.98 -13.58 -55.23
CA LEU D 131 -9.33 -12.96 -53.96
C LEU D 131 -10.75 -12.43 -53.97
N LEU D 132 -11.34 -12.21 -55.15
CA LEU D 132 -12.71 -11.75 -55.18
C LEU D 132 -13.70 -12.89 -55.08
N ARG D 133 -13.21 -14.13 -55.13
CA ARG D 133 -14.09 -15.32 -55.06
C ARG D 133 -14.15 -15.88 -53.63
N HIS D 134 -13.02 -15.92 -52.92
CA HIS D 134 -12.95 -16.48 -51.54
C HIS D 134 -12.85 -15.36 -50.50
N MET D 135 -13.26 -14.14 -50.87
CA MET D 135 -13.29 -12.94 -49.98
C MET D 135 -13.87 -13.23 -48.59
N GLY D 136 -15.06 -13.85 -48.52
CA GLY D 136 -15.71 -14.08 -47.24
C GLY D 136 -14.90 -14.91 -46.27
N GLU D 137 -13.76 -15.44 -46.70
CA GLU D 137 -12.90 -16.21 -45.81
C GLU D 137 -11.89 -15.34 -45.06
N PHE D 138 -11.76 -14.07 -45.42
CA PHE D 138 -10.81 -13.19 -44.74
C PHE D 138 -11.47 -12.32 -43.69
N ILE D 139 -12.67 -12.68 -43.23
CA ILE D 139 -13.39 -11.92 -42.23
C ILE D 139 -13.97 -12.92 -41.22
N GLY D 140 -13.31 -13.04 -40.07
CA GLY D 140 -13.77 -13.94 -39.03
C GLY D 140 -13.96 -13.21 -37.72
N VAL D 141 -13.80 -13.90 -36.59
CA VAL D 141 -13.89 -13.23 -35.29
C VAL D 141 -12.67 -12.36 -35.08
N GLN D 142 -11.49 -12.85 -35.45
CA GLN D 142 -10.27 -12.09 -35.20
C GLN D 142 -10.16 -10.87 -36.10
N GLU D 143 -10.50 -11.01 -37.38
CA GLU D 143 -10.47 -9.85 -38.26
C GLU D 143 -11.51 -8.82 -37.84
N THR D 144 -12.67 -9.28 -37.36
CA THR D 144 -13.67 -8.35 -36.84
C THR D 144 -13.13 -7.61 -35.63
N ARG D 145 -12.42 -8.31 -34.75
CA ARG D 145 -11.82 -7.62 -33.60
C ARG D 145 -10.78 -6.61 -34.07
N TYR D 146 -10.03 -6.93 -35.12
CA TYR D 146 -9.07 -5.95 -35.63
C TYR D 146 -9.79 -4.73 -36.18
N LEU D 147 -10.89 -4.92 -36.90
CA LEU D 147 -11.65 -3.78 -37.42
C LEU D 147 -12.20 -2.92 -36.28
N MET D 148 -12.70 -3.56 -35.23
CA MET D 148 -13.24 -2.81 -34.10
C MET D 148 -12.14 -2.07 -33.35
N ASN D 149 -10.96 -2.66 -33.24
CA ASN D 149 -9.83 -1.96 -32.64
C ASN D 149 -9.40 -0.77 -33.49
N ALA D 150 -9.44 -0.92 -34.81
CA ALA D 150 -9.14 0.22 -35.68
C ALA D 150 -10.17 1.33 -35.50
N MET D 151 -11.45 0.96 -35.38
CA MET D 151 -12.49 1.96 -35.19
C MET D 151 -12.51 2.54 -33.79
N GLU D 152 -11.81 1.93 -32.82
CA GLU D 152 -11.78 2.52 -31.49
C GLU D 152 -11.01 3.83 -31.42
N LYS D 153 -10.38 4.26 -32.50
CA LYS D 153 -9.57 5.48 -32.44
C LYS D 153 -10.44 6.72 -32.50
N ASN D 154 -11.24 6.85 -33.56
CA ASN D 154 -12.13 7.99 -33.72
C ASN D 154 -13.55 7.73 -33.23
N TYR D 155 -13.97 6.48 -33.12
CA TYR D 155 -15.35 6.15 -32.84
C TYR D 155 -15.59 5.38 -31.54
N SER D 156 -14.79 5.70 -30.53
CA SER D 156 -14.70 4.87 -29.33
C SER D 156 -16.07 4.54 -28.76
N GLU D 157 -16.96 5.52 -28.68
CA GLU D 157 -18.25 5.29 -28.05
C GLU D 157 -19.15 4.43 -28.94
N LEU D 158 -19.02 4.56 -30.25
CA LEU D 158 -19.81 3.72 -31.15
C LEU D 158 -19.44 2.26 -30.97
N VAL D 159 -18.14 1.95 -30.92
CA VAL D 159 -17.69 0.57 -30.72
C VAL D 159 -18.06 0.08 -29.33
N LYS D 160 -17.92 0.92 -28.31
CA LYS D 160 -18.29 0.49 -26.96
C LYS D 160 -19.77 0.17 -26.86
N GLU D 161 -20.63 1.01 -27.43
CA GLU D 161 -22.05 0.73 -27.44
C GLU D 161 -22.36 -0.55 -28.19
N LEU D 162 -21.72 -0.75 -29.35
CA LEU D 162 -21.96 -1.96 -30.12
C LEU D 162 -21.57 -3.20 -29.33
N GLN D 163 -20.41 -3.17 -28.68
CA GLN D 163 -20.01 -4.31 -27.85
C GLN D 163 -21.01 -4.55 -26.73
N ARG D 164 -21.50 -3.48 -26.11
CA ARG D 164 -22.52 -3.64 -25.08
C ARG D 164 -23.78 -4.27 -25.65
N GLN D 165 -24.08 -4.04 -26.93
CA GLN D 165 -25.27 -4.63 -27.53
C GLN D 165 -25.08 -6.08 -27.92
N LEU D 166 -24.10 -6.36 -28.78
CA LEU D 166 -23.91 -7.67 -29.39
C LEU D 166 -22.55 -8.26 -29.02
N PRO D 167 -22.48 -9.56 -28.82
CA PRO D 167 -21.18 -10.21 -28.64
C PRO D 167 -20.44 -10.33 -29.96
N ILE D 168 -19.11 -10.45 -29.86
CA ILE D 168 -18.27 -10.29 -31.04
C ILE D 168 -18.53 -11.37 -32.08
N ASN D 169 -19.01 -12.55 -31.67
CA ASN D 169 -19.28 -13.58 -32.66
C ASN D 169 -20.45 -13.20 -33.56
N LYS D 170 -21.46 -12.52 -32.99
CA LYS D 170 -22.59 -12.10 -33.82
C LYS D 170 -22.20 -10.96 -34.77
N ILE D 171 -21.36 -10.03 -34.31
CA ILE D 171 -20.87 -8.98 -35.20
C ILE D 171 -20.05 -9.59 -36.33
N ALA D 172 -19.19 -10.55 -36.01
CA ALA D 172 -18.40 -11.21 -37.05
C ALA D 172 -19.28 -11.98 -38.02
N GLU D 173 -20.34 -12.61 -37.51
CA GLU D 173 -21.27 -13.30 -38.39
C GLU D 173 -21.97 -12.32 -39.33
N THR D 174 -22.38 -11.16 -38.81
CA THR D 174 -23.02 -10.15 -39.64
C THR D 174 -22.08 -9.65 -40.72
N LEU D 175 -20.84 -9.32 -40.34
CA LEU D 175 -19.89 -8.82 -41.32
C LEU D 175 -19.55 -9.87 -42.36
N GLN D 176 -19.42 -11.13 -41.95
CA GLN D 176 -19.16 -12.20 -42.90
C GLN D 176 -20.32 -12.38 -43.86
N ARG D 177 -21.54 -12.31 -43.36
CA ARG D 177 -22.70 -12.49 -44.22
C ARG D 177 -22.86 -11.32 -45.18
N LEU D 178 -22.39 -10.13 -44.78
CA LEU D 178 -22.40 -9.00 -45.70
C LEU D 178 -21.31 -9.12 -46.76
N VAL D 179 -20.12 -9.59 -46.36
CA VAL D 179 -18.97 -9.68 -47.31
C VAL D 179 -19.28 -10.77 -48.34
N SER D 180 -19.89 -11.88 -47.91
CA SER D 180 -20.11 -12.99 -48.84
C SER D 180 -21.21 -12.71 -49.85
N GLU D 181 -21.66 -11.47 -49.96
CA GLU D 181 -22.64 -11.08 -50.97
C GLU D 181 -22.16 -9.95 -51.87
N ARG D 182 -20.86 -9.64 -51.82
CA ARG D 182 -20.31 -8.47 -52.51
C ARG D 182 -20.93 -7.17 -52.03
N VAL D 183 -21.20 -7.05 -50.74
CA VAL D 183 -21.60 -5.79 -50.13
C VAL D 183 -20.42 -5.28 -49.32
N SER D 184 -19.96 -4.09 -49.63
CA SER D 184 -18.76 -3.56 -48.97
C SER D 184 -19.06 -3.25 -47.52
N ILE D 185 -18.11 -3.55 -46.65
CA ILE D 185 -18.20 -3.20 -45.24
C ILE D 185 -17.23 -2.06 -44.98
N ARG D 186 -16.95 -1.28 -46.02
CA ARG D 186 -16.06 -0.13 -45.87
C ARG D 186 -16.66 0.90 -44.93
N ASP D 187 -17.97 1.13 -45.02
CA ASP D 187 -18.66 2.10 -44.17
C ASP D 187 -19.06 1.40 -42.87
N LEU D 188 -18.12 1.44 -41.92
CA LEU D 188 -18.37 0.74 -40.66
C LEU D 188 -19.17 1.59 -39.69
N ARG D 189 -19.11 2.92 -39.82
CA ARG D 189 -19.92 3.77 -38.96
C ARG D 189 -21.40 3.49 -39.15
N LEU D 190 -21.85 3.39 -40.40
CA LEU D 190 -23.25 3.13 -40.67
C LEU D 190 -23.65 1.71 -40.27
N ILE D 191 -22.76 0.74 -40.50
CA ILE D 191 -23.07 -0.63 -40.12
C ILE D 191 -23.23 -0.75 -38.61
N PHE D 192 -22.29 -0.17 -37.86
CA PHE D 192 -22.38 -0.22 -36.41
C PHE D 192 -23.60 0.55 -35.91
N GLY D 193 -23.94 1.65 -36.56
CA GLY D 193 -25.14 2.37 -36.18
C GLY D 193 -26.40 1.56 -36.39
N THR D 194 -26.48 0.83 -37.50
CA THR D 194 -27.67 0.03 -37.74
C THR D 194 -27.74 -1.17 -36.81
N LEU D 195 -26.59 -1.77 -36.48
CA LEU D 195 -26.60 -2.85 -35.51
C LEU D 195 -26.97 -2.35 -34.12
N ILE D 196 -26.57 -1.13 -33.78
CA ILE D 196 -26.95 -0.56 -32.48
C ILE D 196 -28.45 -0.27 -32.46
N ASP D 197 -28.99 0.23 -33.56
CA ASP D 197 -30.43 0.48 -33.61
C ASP D 197 -31.23 -0.80 -33.48
N TRP D 198 -30.92 -1.81 -34.29
CA TRP D 198 -31.78 -2.99 -34.40
C TRP D 198 -31.34 -4.16 -33.54
N ALA D 199 -30.27 -4.02 -32.75
CA ALA D 199 -29.87 -5.12 -31.87
C ALA D 199 -30.88 -5.41 -30.77
N PRO D 200 -31.40 -4.41 -30.03
CA PRO D 200 -32.41 -4.74 -29.00
C PRO D 200 -33.69 -5.34 -29.57
N ARG D 201 -34.10 -4.93 -30.77
CA ARG D 201 -35.38 -5.33 -31.33
C ARG D 201 -35.29 -6.56 -32.24
N GLU D 202 -34.14 -7.21 -32.30
CA GLU D 202 -34.00 -8.38 -33.18
C GLU D 202 -32.91 -9.29 -32.64
N LYS D 203 -33.09 -10.59 -32.81
CA LYS D 203 -32.11 -11.57 -32.36
C LYS D 203 -31.63 -12.51 -33.47
N ASP D 204 -32.35 -12.58 -34.59
CA ASP D 204 -31.93 -13.40 -35.71
C ASP D 204 -30.88 -12.67 -36.53
N VAL D 205 -29.63 -13.14 -36.43
CA VAL D 205 -28.52 -12.43 -37.06
C VAL D 205 -28.74 -12.28 -38.56
N LEU D 206 -29.46 -13.20 -39.17
CA LEU D 206 -29.82 -13.04 -40.57
C LEU D 206 -30.68 -11.79 -40.78
N MET D 207 -31.59 -11.52 -39.85
CA MET D 207 -32.44 -10.34 -40.01
C MET D 207 -31.67 -9.06 -39.71
N LEU D 208 -30.72 -9.10 -38.77
CA LEU D 208 -29.84 -7.95 -38.57
C LEU D 208 -29.05 -7.67 -39.84
N THR D 209 -28.56 -8.72 -40.50
CA THR D 209 -27.87 -8.53 -41.77
C THR D 209 -28.79 -7.95 -42.83
N GLU D 210 -30.05 -8.38 -42.84
CA GLU D 210 -31.00 -7.80 -43.78
C GLU D 210 -31.21 -6.32 -43.53
N TYR D 211 -31.32 -5.93 -42.25
CA TYR D 211 -31.49 -4.51 -41.94
C TYR D 211 -30.26 -3.70 -42.31
N VAL D 212 -29.06 -4.26 -42.09
CA VAL D 212 -27.84 -3.56 -42.49
C VAL D 212 -27.76 -3.44 -44.00
N ARG D 213 -28.22 -4.45 -44.73
CA ARG D 213 -28.24 -4.37 -46.18
C ARG D 213 -29.22 -3.31 -46.66
N ILE D 214 -30.37 -3.19 -45.99
CA ILE D 214 -31.34 -2.17 -46.38
C ILE D 214 -30.78 -0.77 -46.10
N ALA D 215 -30.11 -0.60 -44.96
CA ALA D 215 -29.54 0.71 -44.65
C ALA D 215 -28.40 1.07 -45.60
N LEU D 216 -27.84 0.09 -46.29
CA LEU D 216 -26.76 0.31 -47.27
C LEU D 216 -27.26 0.25 -48.70
N ARG D 217 -28.55 0.49 -48.93
CA ARG D 217 -29.11 0.25 -50.26
C ARG D 217 -28.54 1.20 -51.30
N ARG D 218 -28.23 2.44 -50.92
CA ARG D 218 -27.66 3.38 -51.89
C ARG D 218 -26.31 2.89 -52.38
N HIS D 219 -25.47 2.41 -51.46
CA HIS D 219 -24.17 1.88 -51.87
C HIS D 219 -24.31 0.66 -52.77
N ILE D 220 -25.22 -0.25 -52.42
CA ILE D 220 -25.39 -1.46 -53.23
C ILE D 220 -25.83 -1.10 -54.63
N LEU D 221 -26.82 -0.23 -54.75
CA LEU D 221 -27.32 0.13 -56.08
C LEU D 221 -26.39 1.09 -56.81
N ARG D 222 -25.38 1.62 -56.12
CA ARG D 222 -24.34 2.35 -56.84
C ARG D 222 -23.28 1.39 -57.37
N ARG D 223 -22.88 0.42 -56.55
CA ARG D 223 -21.82 -0.49 -56.95
C ARG D 223 -22.28 -1.46 -58.04
N LEU D 224 -23.55 -1.87 -58.01
CA LEU D 224 -24.04 -2.78 -59.04
C LEU D 224 -23.98 -2.14 -60.42
N ASN D 225 -24.39 -0.88 -60.54
CA ASN D 225 -24.26 -0.14 -61.79
C ASN D 225 -23.77 1.27 -61.54
N PRO D 226 -22.50 1.55 -61.80
CA PRO D 226 -21.95 2.88 -61.47
C PRO D 226 -22.69 4.03 -62.12
N GLU D 227 -23.15 3.87 -63.35
CA GLU D 227 -23.94 4.89 -64.03
C GLU D 227 -25.39 4.82 -63.59
N GLY D 228 -26.12 5.90 -63.85
CA GLY D 228 -27.52 5.96 -63.52
C GLY D 228 -28.43 5.25 -64.50
N LYS D 229 -27.87 4.67 -65.56
CA LYS D 229 -28.67 4.02 -66.57
C LYS D 229 -29.40 2.81 -66.01
N PRO D 230 -30.61 2.55 -66.48
CA PRO D 230 -31.35 1.37 -66.01
C PRO D 230 -30.77 0.05 -66.52
N LEU D 231 -30.48 -0.87 -65.60
CA LEU D 231 -30.03 -2.20 -65.97
C LEU D 231 -31.12 -3.23 -65.75
N PRO D 232 -31.08 -4.34 -66.48
CA PRO D 232 -32.20 -5.28 -66.47
C PRO D 232 -32.48 -5.86 -65.09
N ILE D 233 -33.76 -6.07 -64.82
CA ILE D 233 -34.22 -6.64 -63.56
C ILE D 233 -35.15 -7.80 -63.85
N LEU D 234 -34.89 -8.93 -63.19
CA LEU D 234 -35.69 -10.14 -63.31
C LEU D 234 -36.53 -10.27 -62.05
N ARG D 235 -37.82 -10.00 -62.18
CA ARG D 235 -38.72 -10.09 -61.03
C ARG D 235 -38.96 -11.54 -60.65
N ILE D 236 -39.30 -11.75 -59.37
CA ILE D 236 -39.79 -13.05 -58.94
C ILE D 236 -41.28 -12.95 -58.66
N GLY D 237 -42.06 -13.81 -59.33
CA GLY D 237 -43.50 -13.72 -59.22
C GLY D 237 -44.01 -14.14 -57.86
N GLU D 238 -45.30 -13.88 -57.65
CA GLU D 238 -45.89 -14.13 -56.34
C GLU D 238 -45.93 -15.61 -56.00
N GLY D 239 -45.89 -16.49 -57.00
CA GLY D 239 -45.93 -17.91 -56.70
C GLY D 239 -44.73 -18.38 -55.91
N ILE D 240 -43.53 -18.02 -56.36
CA ILE D 240 -42.32 -18.42 -55.65
C ILE D 240 -42.23 -17.73 -54.30
N GLU D 241 -42.64 -16.47 -54.24
CA GLU D 241 -42.61 -15.74 -52.97
C GLU D 241 -43.52 -16.41 -51.95
N ASN D 242 -44.71 -16.81 -52.37
CA ASN D 242 -45.62 -17.49 -51.45
C ASN D 242 -45.13 -18.89 -51.11
N LEU D 243 -44.48 -19.57 -52.05
CA LEU D 243 -43.95 -20.89 -51.76
C LEU D 243 -42.86 -20.83 -50.68
N VAL D 244 -41.92 -19.90 -50.83
CA VAL D 244 -40.83 -19.82 -49.85
C VAL D 244 -41.28 -19.12 -48.57
N ARG D 245 -42.35 -18.32 -48.64
CA ARG D 245 -42.84 -17.64 -47.44
C ARG D 245 -43.61 -18.59 -46.54
N GLU D 246 -44.30 -19.57 -47.11
CA GLU D 246 -45.08 -20.51 -46.33
C GLU D 246 -44.21 -21.51 -45.57
N SER D 247 -43.00 -21.79 -46.05
CA SER D 247 -42.15 -22.82 -45.48
C SER D 247 -41.22 -22.30 -44.38
N ILE D 248 -41.50 -21.13 -43.82
CA ILE D 248 -40.59 -20.52 -42.85
C ILE D 248 -40.82 -21.16 -41.48
N ARG D 249 -39.78 -21.82 -40.96
CA ARG D 249 -39.86 -22.50 -39.68
C ARG D 249 -38.89 -21.86 -38.71
N GLN D 250 -39.36 -21.50 -37.53
CA GLN D 250 -38.59 -20.72 -36.58
C GLN D 250 -38.25 -21.55 -35.36
N THR D 251 -37.00 -21.43 -34.90
CA THR D 251 -36.52 -21.98 -33.64
C THR D 251 -35.95 -20.84 -32.80
N ALA D 252 -35.52 -21.19 -31.59
CA ALA D 252 -35.08 -20.17 -30.63
C ALA D 252 -33.96 -19.29 -31.17
N MET D 253 -33.22 -19.76 -32.18
CA MET D 253 -32.12 -19.00 -32.74
C MET D 253 -32.49 -18.26 -34.01
N GLY D 254 -33.75 -18.30 -34.44
CA GLY D 254 -34.18 -17.57 -35.61
C GLY D 254 -34.95 -18.44 -36.56
N THR D 255 -35.27 -17.88 -37.74
CA THR D 255 -36.10 -18.55 -38.72
C THR D 255 -35.23 -19.08 -39.86
N TYR D 256 -35.61 -20.24 -40.38
CA TYR D 256 -34.96 -20.81 -41.56
C TYR D 256 -36.03 -21.27 -42.54
N THR D 257 -35.59 -21.73 -43.70
CA THR D 257 -36.49 -22.23 -44.73
C THR D 257 -36.43 -23.76 -44.75
N ALA D 258 -37.55 -24.38 -45.13
CA ALA D 258 -37.66 -25.84 -45.20
C ALA D 258 -38.46 -26.18 -46.45
N LEU D 259 -37.76 -26.40 -47.56
CA LEU D 259 -38.38 -26.73 -48.82
C LEU D 259 -37.97 -28.13 -49.26
N SER D 260 -38.78 -28.73 -50.12
CA SER D 260 -38.43 -29.98 -50.75
C SER D 260 -37.30 -29.77 -51.76
N SER D 261 -36.44 -30.78 -51.88
CA SER D 261 -35.32 -30.68 -52.81
C SER D 261 -35.81 -30.49 -54.24
N ARG D 262 -36.99 -31.03 -54.56
CA ARG D 262 -37.56 -30.84 -55.90
C ARG D 262 -37.85 -29.37 -56.16
N HIS D 263 -38.39 -28.68 -55.16
CA HIS D 263 -38.68 -27.25 -55.30
C HIS D 263 -37.42 -26.46 -55.60
N LYS D 264 -36.37 -26.68 -54.81
CA LYS D 264 -35.12 -25.96 -55.04
C LYS D 264 -34.54 -26.29 -56.40
N THR D 265 -34.54 -27.58 -56.77
CA THR D 265 -33.95 -27.96 -58.06
C THR D 265 -34.69 -27.30 -59.21
N GLN D 266 -36.03 -27.29 -59.17
CA GLN D 266 -36.78 -26.68 -60.26
C GLN D 266 -36.56 -25.17 -60.30
N ILE D 267 -36.51 -24.51 -59.13
CA ILE D 267 -36.32 -23.07 -59.11
C ILE D 267 -34.96 -22.69 -59.70
N LEU D 268 -33.90 -23.38 -59.28
CA LEU D 268 -32.59 -23.11 -59.85
C LEU D 268 -32.53 -23.44 -61.33
N GLN D 269 -33.16 -24.54 -61.74
CA GLN D 269 -33.13 -24.92 -63.16
C GLN D 269 -33.78 -23.84 -64.02
N LEU D 270 -34.93 -23.33 -63.59
CA LEU D 270 -35.60 -22.30 -64.38
C LEU D 270 -34.88 -20.96 -64.29
N ILE D 271 -34.25 -20.65 -63.15
CA ILE D 271 -33.50 -19.40 -63.06
C ILE D 271 -32.31 -19.43 -64.01
N GLU D 272 -31.58 -20.54 -64.04
CA GLU D 272 -30.52 -20.68 -65.04
C GLU D 272 -31.08 -20.67 -66.45
N GLN D 273 -32.29 -21.21 -66.64
CA GLN D 273 -32.95 -21.11 -67.93
C GLN D 273 -33.25 -19.66 -68.29
N ALA D 274 -33.60 -18.84 -67.32
CA ALA D 274 -33.92 -17.43 -67.56
C ALA D 274 -32.69 -16.53 -67.55
N LEU D 275 -31.52 -17.05 -67.18
CA LEU D 275 -30.32 -16.25 -67.11
C LEU D 275 -29.48 -16.29 -68.39
N LYS D 276 -29.76 -17.23 -69.30
CA LYS D 276 -28.98 -17.30 -70.53
C LYS D 276 -29.46 -16.33 -71.60
N GLN D 277 -30.56 -15.63 -71.36
CA GLN D 277 -31.05 -14.67 -72.34
C GLN D 277 -30.20 -13.41 -72.37
N SER D 278 -29.73 -12.94 -71.22
CA SER D 278 -28.86 -11.77 -71.14
C SER D 278 -27.73 -12.04 -70.16
N ALA D 279 -26.62 -11.32 -70.35
CA ALA D 279 -25.42 -11.59 -69.56
C ALA D 279 -25.62 -11.28 -68.09
N LYS D 280 -26.19 -10.12 -67.77
CA LYS D 280 -26.35 -9.68 -66.40
C LYS D 280 -27.83 -9.47 -66.08
N LEU D 281 -28.26 -10.05 -64.96
CA LEU D 281 -29.62 -9.89 -64.48
C LEU D 281 -29.63 -9.80 -62.97
N PHE D 282 -30.40 -8.85 -62.44
CA PHE D 282 -30.58 -8.67 -61.01
C PHE D 282 -31.91 -9.30 -60.62
N ILE D 283 -31.86 -10.40 -59.88
CA ILE D 283 -33.08 -11.06 -59.42
C ILE D 283 -33.64 -10.26 -58.26
N VAL D 284 -34.91 -9.89 -58.35
CA VAL D 284 -35.56 -9.04 -57.36
C VAL D 284 -36.78 -9.74 -56.80
N THR D 285 -36.84 -9.85 -55.48
CA THR D 285 -37.94 -10.49 -54.78
C THR D 285 -38.34 -9.63 -53.59
N SER D 286 -39.27 -10.13 -52.79
CA SER D 286 -39.76 -9.39 -51.63
C SER D 286 -38.74 -9.40 -50.51
N VAL D 287 -38.99 -8.58 -49.49
CA VAL D 287 -38.07 -8.49 -48.35
C VAL D 287 -38.12 -9.76 -47.52
N ASP D 288 -39.31 -10.27 -47.24
CA ASP D 288 -39.49 -11.42 -46.36
C ASP D 288 -39.04 -12.72 -47.04
N THR D 289 -38.85 -12.70 -48.36
CA THR D 289 -38.43 -13.90 -49.08
C THR D 289 -37.06 -13.75 -49.73
N ARG D 290 -36.36 -12.66 -49.48
CA ARG D 290 -35.08 -12.44 -50.17
C ARG D 290 -33.95 -13.31 -49.66
N ARG D 291 -33.65 -13.23 -48.36
CA ARG D 291 -32.51 -13.95 -47.82
C ARG D 291 -32.67 -15.45 -48.01
N PHE D 292 -33.86 -15.99 -47.73
CA PHE D 292 -34.09 -17.40 -47.91
C PHE D 292 -33.83 -17.82 -49.35
N LEU D 293 -34.35 -17.05 -50.31
CA LEU D 293 -34.06 -17.35 -51.70
C LEU D 293 -32.57 -17.36 -51.95
N ARG D 294 -31.85 -16.40 -51.37
CA ARG D 294 -30.40 -16.37 -51.54
C ARG D 294 -29.78 -17.67 -51.03
N LYS D 295 -30.25 -18.18 -49.89
CA LYS D 295 -29.61 -19.36 -49.35
C LYS D 295 -30.12 -20.64 -49.99
N ILE D 296 -30.94 -20.54 -51.05
CA ILE D 296 -31.15 -21.70 -51.91
C ILE D 296 -30.45 -21.53 -53.26
N THR D 297 -29.83 -20.38 -53.50
CA THR D 297 -29.11 -20.14 -54.75
C THR D 297 -27.66 -19.74 -54.55
N GLU D 298 -27.15 -19.76 -53.31
CA GLU D 298 -25.76 -19.36 -53.08
C GLU D 298 -24.78 -20.46 -53.49
N ALA D 299 -25.17 -21.73 -53.33
CA ALA D 299 -24.25 -22.82 -53.60
C ALA D 299 -23.85 -22.88 -55.08
N THR D 300 -24.81 -22.71 -55.98
CA THR D 300 -24.57 -22.81 -57.41
C THR D 300 -24.37 -21.45 -58.07
N LEU D 301 -25.34 -20.55 -57.90
CA LEU D 301 -25.30 -19.23 -58.53
C LEU D 301 -24.76 -18.23 -57.51
N PHE D 302 -23.45 -18.25 -57.31
CA PHE D 302 -22.83 -17.38 -56.33
C PHE D 302 -22.68 -15.94 -56.82
N ASP D 303 -22.44 -15.74 -58.11
CA ASP D 303 -22.10 -14.42 -58.62
C ASP D 303 -23.29 -13.62 -59.13
N VAL D 304 -24.51 -14.11 -58.96
CA VAL D 304 -25.71 -13.36 -59.35
C VAL D 304 -26.21 -12.61 -58.12
N PRO D 305 -26.48 -11.31 -58.22
CA PRO D 305 -26.92 -10.54 -57.05
C PRO D 305 -28.42 -10.67 -56.82
N ILE D 306 -28.81 -11.07 -55.62
CA ILE D 306 -30.21 -11.21 -55.26
C ILE D 306 -30.62 -9.97 -54.48
N LEU D 307 -31.18 -8.99 -55.18
CA LEU D 307 -31.63 -7.76 -54.55
C LEU D 307 -33.02 -7.96 -53.94
N SER D 308 -33.55 -6.88 -53.39
CA SER D 308 -34.87 -6.88 -52.78
C SER D 308 -35.65 -5.67 -53.26
N TRP D 309 -36.93 -5.62 -52.92
CA TRP D 309 -37.75 -4.47 -53.34
C TRP D 309 -37.43 -3.24 -52.52
N GLN D 310 -37.26 -3.39 -51.20
CA GLN D 310 -36.96 -2.24 -50.36
C GLN D 310 -35.57 -1.69 -50.63
N GLU D 311 -34.66 -2.50 -51.16
CA GLU D 311 -33.33 -2.02 -51.51
C GLU D 311 -33.34 -1.15 -52.76
N LEU D 312 -34.36 -1.29 -53.60
CA LEU D 312 -34.56 -0.40 -54.74
C LEU D 312 -35.63 0.62 -54.38
N GLY D 313 -35.20 1.82 -54.03
CA GLY D 313 -36.12 2.87 -53.66
C GLY D 313 -37.00 3.30 -54.83
N GLU D 314 -37.88 4.25 -54.53
CA GLU D 314 -38.77 4.78 -55.56
C GLU D 314 -38.04 5.57 -56.63
N GLU D 315 -36.77 5.90 -56.42
CA GLU D 315 -35.98 6.68 -57.36
C GLU D 315 -35.29 5.82 -58.41
N SER D 316 -35.35 4.50 -58.32
CA SER D 316 -34.79 3.60 -59.31
C SER D 316 -35.92 2.98 -60.10
N LEU D 317 -35.92 3.20 -61.41
CA LEU D 317 -36.94 2.58 -62.26
C LEU D 317 -36.51 1.15 -62.55
N ILE D 318 -37.49 0.32 -62.88
CA ILE D 318 -37.27 -1.12 -62.87
C ILE D 318 -36.80 -1.63 -64.22
N GLN D 319 -37.64 -1.47 -65.25
CA GLN D 319 -37.40 -2.08 -66.56
C GLN D 319 -37.33 -3.61 -66.43
N VAL D 320 -38.47 -4.19 -66.06
CA VAL D 320 -38.57 -5.64 -65.93
C VAL D 320 -38.19 -6.26 -67.27
N VAL D 321 -37.44 -7.36 -67.23
CA VAL D 321 -37.10 -8.11 -68.43
C VAL D 321 -37.90 -9.40 -68.52
N GLU D 322 -38.02 -10.12 -67.40
CA GLU D 322 -38.81 -11.35 -67.36
C GLU D 322 -39.50 -11.44 -66.00
N SER D 323 -40.59 -12.19 -65.96
CA SER D 323 -41.37 -12.37 -64.73
C SER D 323 -41.51 -13.87 -64.49
N ILE D 324 -40.65 -14.41 -63.64
CA ILE D 324 -40.67 -15.82 -63.28
C ILE D 324 -41.82 -16.06 -62.31
N ASP D 325 -42.54 -17.17 -62.50
CA ASP D 325 -43.63 -17.53 -61.61
C ASP D 325 -43.80 -19.03 -61.60
N LEU D 326 -44.27 -19.58 -60.48
CA LEU D 326 -44.53 -21.01 -60.34
C LEU D 326 -45.67 -21.26 -59.38
N SER D 327 -46.18 -22.49 -59.42
CA SER D 327 -46.94 -23.09 -58.35
C SER D 327 -46.09 -24.19 -57.73
N GLU D 328 -46.62 -24.89 -56.74
CA GLU D 328 -45.84 -25.92 -56.06
C GLU D 328 -45.50 -27.06 -57.02
N GLU D 329 -44.77 -28.04 -56.49
CA GLU D 329 -44.36 -29.21 -57.26
C GLU D 329 -44.86 -30.52 -56.65
N GLU D 330 -44.66 -30.72 -55.35
CA GLU D 330 -45.01 -32.00 -54.73
C GLU D 330 -46.52 -32.23 -54.75
N LEU D 331 -47.30 -31.20 -54.36
CA LEU D 331 -48.75 -31.33 -54.39
C LEU D 331 -49.27 -31.43 -55.82
N ALA D 332 -48.86 -30.50 -56.68
CA ALA D 332 -49.25 -30.48 -58.08
C ALA D 332 -48.41 -29.42 -58.78
N ASP D 333 -48.02 -29.70 -60.03
CA ASP D 333 -47.14 -28.78 -60.74
C ASP D 333 -47.81 -27.43 -60.97
N ASN D 334 -48.83 -27.40 -61.83
CA ASN D 334 -49.71 -26.25 -62.07
C ASN D 334 -48.92 -25.15 -62.76
N GLU D 335 -47.58 -25.19 -62.77
CA GLU D 335 -46.81 -24.27 -63.60
C GLU D 335 -45.68 -25.00 -64.33
N GLU D 336 -45.08 -25.98 -63.67
CA GLU D 336 -43.91 -26.67 -64.20
C GLU D 336 -44.27 -28.02 -64.81
N MET E 1 -3.93 1.09 -44.19
CA MET E 1 -5.30 0.56 -44.26
C MET E 1 -6.05 1.02 -43.00
N VAL E 2 -6.76 2.15 -43.07
CA VAL E 2 -7.43 2.68 -41.86
C VAL E 2 -8.96 2.44 -41.92
N PRO E 3 -9.58 1.50 -41.15
CA PRO E 3 -11.03 1.29 -41.12
C PRO E 3 -11.79 2.59 -40.88
N GLY E 4 -13.00 2.65 -41.41
CA GLY E 4 -13.83 3.83 -41.27
C GLY E 4 -13.63 4.79 -42.42
N ALA E 5 -14.69 5.05 -43.17
CA ALA E 5 -14.57 5.88 -44.36
C ALA E 5 -14.23 7.32 -43.99
N CYS E 6 -13.62 8.03 -44.93
CA CYS E 6 -13.33 9.45 -44.71
C CYS E 6 -14.63 10.24 -44.81
N PRO E 7 -14.97 11.05 -43.81
CA PRO E 7 -16.34 11.58 -43.74
C PRO E 7 -16.76 12.42 -44.93
N LEU E 8 -16.07 13.53 -45.20
CA LEU E 8 -16.54 14.51 -46.17
C LEU E 8 -15.39 14.92 -47.07
N ILE E 9 -15.52 14.62 -48.37
CA ILE E 9 -14.46 14.87 -49.34
C ILE E 9 -15.05 15.69 -50.48
N LEU E 10 -14.35 16.76 -50.86
CA LEU E 10 -14.75 17.58 -51.99
C LEU E 10 -13.66 17.50 -53.05
N ARG E 11 -13.97 16.92 -54.19
CA ARG E 11 -13.01 16.75 -55.28
C ARG E 11 -13.29 17.79 -56.36
N LEU E 12 -12.26 18.55 -56.72
CA LEU E 12 -12.38 19.65 -57.67
C LEU E 12 -11.31 19.55 -58.74
N SER E 13 -11.70 19.98 -59.94
CA SER E 13 -10.77 19.97 -61.10
C SER E 13 -9.87 21.20 -61.03
N PRO E 14 -8.67 21.18 -61.65
CA PRO E 14 -7.73 22.31 -61.62
C PRO E 14 -8.28 23.73 -61.54
N THR E 15 -9.12 24.14 -62.50
CA THR E 15 -9.57 25.56 -62.56
C THR E 15 -10.50 25.97 -61.41
N LEU E 16 -11.15 25.03 -60.73
CA LEU E 16 -12.09 25.46 -59.70
C LEU E 16 -11.43 25.70 -58.36
N HIS E 17 -10.26 25.12 -58.13
CA HIS E 17 -9.57 25.30 -56.87
C HIS E 17 -9.16 26.76 -56.71
N SER E 18 -8.95 27.19 -55.47
CA SER E 18 -8.59 28.58 -55.20
C SER E 18 -7.81 28.65 -53.90
N ALA E 19 -7.49 29.87 -53.48
CA ALA E 19 -6.66 30.07 -52.30
C ALA E 19 -7.50 30.37 -51.07
N ASP E 20 -8.65 31.01 -51.26
CA ASP E 20 -9.56 31.32 -50.16
C ASP E 20 -10.63 30.25 -49.98
N LEU E 21 -10.50 29.12 -50.67
CA LEU E 21 -11.49 28.05 -50.55
C LEU E 21 -11.55 27.50 -49.13
N ILE E 22 -10.39 27.37 -48.48
CA ILE E 22 -10.36 26.81 -47.14
C ILE E 22 -11.18 27.66 -46.18
N ARG E 23 -10.97 28.98 -46.19
CA ARG E 23 -11.68 29.83 -45.25
C ARG E 23 -13.15 29.99 -45.63
N ASP E 24 -13.47 29.94 -46.92
CA ASP E 24 -14.87 29.99 -47.33
C ASP E 24 -15.62 28.73 -46.87
N ILE E 25 -15.01 27.55 -47.04
CA ILE E 25 -15.63 26.32 -46.56
C ILE E 25 -15.75 26.34 -45.05
N ASP E 26 -14.74 26.85 -44.35
CA ASP E 26 -14.83 26.91 -42.90
C ASP E 26 -15.94 27.84 -42.44
N ALA E 27 -16.11 28.97 -43.13
CA ALA E 27 -17.21 29.87 -42.79
C ALA E 27 -18.56 29.22 -43.05
N MET E 28 -18.67 28.48 -44.15
CA MET E 28 -19.92 27.76 -44.41
C MET E 28 -20.20 26.72 -43.35
N ARG E 29 -19.17 25.99 -42.92
CA ARG E 29 -19.35 25.00 -41.87
C ARG E 29 -19.79 25.64 -40.56
N TRP E 30 -19.20 26.78 -40.22
CA TRP E 30 -19.60 27.47 -38.99
C TRP E 30 -21.03 27.98 -39.09
N PHE E 31 -21.43 28.48 -40.26
CA PHE E 31 -22.82 28.89 -40.42
C PHE E 31 -23.76 27.71 -40.28
N LEU E 32 -23.40 26.57 -40.86
CA LEU E 32 -24.26 25.40 -40.77
C LEU E 32 -24.37 24.90 -39.33
N PHE E 33 -23.27 25.00 -38.56
CA PHE E 33 -23.35 24.60 -37.16
C PHE E 33 -24.18 25.59 -36.35
N GLU E 34 -24.05 26.89 -36.61
CA GLU E 34 -24.87 27.86 -35.90
C GLU E 34 -26.34 27.72 -36.26
N ASP E 35 -26.64 27.25 -37.47
CA ASP E 35 -28.03 27.14 -37.89
C ASP E 35 -28.67 25.84 -37.43
N THR E 36 -28.03 24.69 -37.70
CA THR E 36 -28.64 23.41 -37.43
C THR E 36 -28.05 22.65 -36.24
N GLY E 37 -26.99 23.18 -35.61
CA GLY E 37 -26.50 22.60 -34.37
C GLY E 37 -25.70 21.33 -34.51
N VAL E 38 -25.51 20.81 -35.72
CA VAL E 38 -24.77 19.57 -35.95
C VAL E 38 -23.32 19.94 -36.28
N PRO E 39 -22.35 19.50 -35.51
CA PRO E 39 -20.95 19.84 -35.79
C PRO E 39 -20.40 18.97 -36.92
N LEU E 40 -20.21 19.57 -38.08
CA LEU E 40 -19.78 18.87 -39.27
C LEU E 40 -18.30 18.54 -39.22
N PRO E 41 -17.89 17.44 -39.87
CA PRO E 41 -16.46 17.10 -39.91
C PRO E 41 -15.75 17.88 -41.00
N GLU E 42 -14.42 17.94 -40.87
CA GLU E 42 -13.62 18.76 -41.76
C GLU E 42 -13.76 18.30 -43.21
N VAL E 43 -13.93 19.27 -44.11
CA VAL E 43 -14.03 18.97 -45.53
C VAL E 43 -12.62 18.79 -46.09
N ASN E 44 -12.37 17.64 -46.71
CA ASN E 44 -11.07 17.33 -47.27
C ASN E 44 -11.07 17.72 -48.75
N ILE E 45 -10.24 18.69 -49.11
CA ILE E 45 -10.16 19.17 -50.48
C ILE E 45 -9.20 18.26 -51.25
N GLU E 46 -9.70 17.66 -52.33
CA GLU E 46 -8.90 16.79 -53.18
C GLU E 46 -9.01 17.26 -54.61
N VAL E 47 -7.96 17.03 -55.40
CA VAL E 47 -7.88 17.53 -56.77
C VAL E 47 -8.26 16.41 -57.72
N LEU E 48 -9.20 16.69 -58.62
CA LEU E 48 -9.69 15.71 -59.57
C LEU E 48 -9.31 16.15 -60.98
N PRO E 49 -8.27 15.59 -61.59
CA PRO E 49 -7.89 16.02 -62.94
C PRO E 49 -8.94 15.67 -63.97
N GLU E 50 -9.52 16.69 -64.61
CA GLU E 50 -10.60 16.49 -65.55
C GLU E 50 -10.60 17.67 -66.52
N PRO E 51 -10.60 17.41 -67.83
CA PRO E 51 -10.71 18.53 -68.78
C PRO E 51 -11.98 19.34 -68.60
N THR E 52 -13.10 18.70 -68.27
CA THR E 52 -14.36 19.39 -68.05
C THR E 52 -14.39 19.92 -66.62
N GLU E 53 -14.99 21.10 -66.45
CA GLU E 53 -15.10 21.71 -65.14
C GLU E 53 -16.12 20.95 -64.31
N LYS E 54 -15.65 20.08 -63.41
CA LYS E 54 -16.50 19.18 -62.66
C LYS E 54 -16.06 19.12 -61.21
N LEU E 55 -17.04 18.98 -60.31
CA LEU E 55 -16.77 18.76 -58.89
C LEU E 55 -17.64 17.62 -58.38
N THR E 56 -17.13 16.93 -57.37
CA THR E 56 -17.86 15.85 -56.72
C THR E 56 -17.78 16.02 -55.21
N VAL E 57 -18.88 15.66 -54.54
CA VAL E 57 -18.96 15.67 -53.09
C VAL E 57 -19.22 14.25 -52.64
N LEU E 58 -18.35 13.73 -51.78
CA LEU E 58 -18.34 12.35 -51.34
C LEU E 58 -18.57 12.30 -49.84
N LEU E 59 -19.64 11.63 -49.44
CA LEU E 59 -19.96 11.40 -48.04
C LEU E 59 -19.59 9.96 -47.69
N TYR E 60 -18.58 9.80 -46.83
CA TYR E 60 -18.09 8.49 -46.43
C TYR E 60 -17.67 7.67 -47.66
N GLN E 61 -17.07 8.37 -48.62
CA GLN E 61 -16.49 7.80 -49.84
C GLN E 61 -17.52 7.21 -50.79
N GLU E 62 -18.80 7.49 -50.56
CA GLU E 62 -19.84 7.14 -51.52
C GLU E 62 -20.30 8.41 -52.20
N PRO E 63 -20.00 8.63 -53.48
CA PRO E 63 -20.25 9.93 -54.09
C PRO E 63 -21.72 10.30 -54.15
N VAL E 64 -22.10 11.33 -53.40
CA VAL E 64 -23.49 11.77 -53.37
C VAL E 64 -23.76 12.96 -54.28
N PHE E 65 -22.73 13.69 -54.70
CA PHE E 65 -22.95 14.83 -55.57
C PHE E 65 -21.91 14.83 -56.68
N SER E 66 -22.36 15.12 -57.90
CA SER E 66 -21.48 15.18 -59.05
C SER E 66 -22.04 16.18 -60.05
N LEU E 67 -21.37 17.32 -60.18
CA LEU E 67 -21.91 18.39 -61.04
C LEU E 67 -20.80 18.93 -61.91
N SER E 68 -21.13 19.16 -63.19
CA SER E 68 -20.20 19.74 -64.15
C SER E 68 -20.68 21.14 -64.51
N ILE E 69 -19.94 22.12 -63.94
CA ILE E 69 -20.22 23.58 -63.95
C ILE E 69 -19.82 24.21 -65.27
N PRO E 70 -20.73 24.58 -66.17
CA PRO E 70 -20.36 25.12 -67.47
C PRO E 70 -19.51 26.39 -67.36
N ALA E 71 -18.53 26.54 -68.27
CA ALA E 71 -17.54 27.64 -68.36
C ALA E 71 -18.20 28.98 -68.63
N GLN E 72 -19.31 28.96 -69.36
CA GLN E 72 -20.06 30.18 -69.73
C GLN E 72 -20.58 30.91 -68.49
N ALA E 73 -21.08 30.19 -67.48
CA ALA E 73 -21.61 30.84 -66.25
C ALA E 73 -20.51 31.11 -65.22
N ASP E 74 -20.50 32.33 -64.68
CA ASP E 74 -19.48 32.76 -63.69
C ASP E 74 -20.14 33.32 -62.45
N TYR E 75 -21.48 33.42 -62.46
CA TYR E 75 -22.30 34.00 -61.35
C TYR E 75 -23.34 32.96 -60.90
N LEU E 76 -23.43 32.60 -59.59
CA LEU E 76 -24.35 31.52 -59.27
C LEU E 76 -25.48 32.02 -58.37
N LEU E 77 -26.69 31.54 -58.64
CA LEU E 77 -27.87 31.88 -57.85
C LEU E 77 -28.65 30.60 -57.57
N ILE E 78 -28.80 30.27 -56.29
CA ILE E 78 -29.48 29.04 -55.91
C ILE E 78 -30.98 29.30 -55.89
N GLY E 79 -31.74 28.40 -56.52
CA GLY E 79 -33.19 28.55 -56.62
C GLY E 79 -33.58 29.33 -57.87
N ALA E 80 -34.88 29.37 -58.10
CA ALA E 80 -35.44 30.03 -59.27
C ALA E 80 -36.63 30.89 -58.87
N ASP E 81 -36.89 31.92 -59.67
CA ASP E 81 -38.03 32.79 -59.46
C ASP E 81 -38.41 33.42 -60.80
N ALA E 82 -39.51 34.17 -60.80
CA ALA E 82 -39.99 34.79 -62.03
C ALA E 82 -39.11 35.95 -62.47
N SER E 83 -38.53 36.68 -61.51
CA SER E 83 -37.73 37.85 -61.84
C SER E 83 -36.45 37.51 -62.58
N VAL E 84 -35.88 36.33 -62.36
CA VAL E 84 -34.60 35.94 -62.95
C VAL E 84 -34.80 34.60 -63.67
N VAL E 85 -34.42 34.56 -64.94
CA VAL E 85 -34.54 33.35 -65.75
C VAL E 85 -33.41 33.34 -66.76
N GLY E 86 -32.84 32.15 -66.98
CA GLY E 86 -31.78 32.00 -67.96
C GLY E 86 -30.60 31.17 -67.47
N ASP E 87 -30.26 30.14 -68.23
CA ASP E 87 -29.16 29.24 -67.91
C ASP E 87 -29.31 28.54 -66.55
N SER E 88 -30.48 27.90 -66.39
CA SER E 88 -30.87 27.26 -65.15
C SER E 88 -30.95 25.74 -65.37
N GLN E 89 -30.57 24.97 -64.36
CA GLN E 89 -30.72 23.53 -64.43
C GLN E 89 -31.07 22.93 -63.07
N THR E 90 -31.55 21.69 -63.12
CA THR E 90 -32.04 20.95 -61.98
C THR E 90 -30.89 20.24 -61.28
N LEU E 91 -30.75 20.47 -59.98
CA LEU E 91 -29.78 19.74 -59.21
C LEU E 91 -30.23 18.29 -59.03
N PRO E 92 -29.29 17.35 -58.92
CA PRO E 92 -29.66 15.94 -58.76
C PRO E 92 -30.28 15.68 -57.39
N ASN E 93 -30.96 14.55 -57.29
CA ASN E 93 -31.58 14.09 -56.04
C ASN E 93 -32.61 15.10 -55.53
N GLY E 94 -33.15 15.93 -56.42
CA GLY E 94 -34.16 16.90 -56.05
C GLY E 94 -33.70 17.91 -55.02
N MET E 95 -32.45 18.36 -55.15
CA MET E 95 -31.96 19.39 -54.23
C MET E 95 -32.51 20.77 -54.59
N GLY E 96 -32.97 20.95 -55.83
CA GLY E 96 -33.56 22.20 -56.24
C GLY E 96 -33.18 22.64 -57.64
N GLN E 97 -33.06 23.95 -57.84
CA GLN E 97 -32.70 24.52 -59.12
C GLN E 97 -31.54 25.50 -58.90
N ILE E 98 -30.68 25.61 -59.91
CA ILE E 98 -29.61 26.59 -59.87
C ILE E 98 -29.63 27.40 -61.16
N CYS E 99 -29.15 28.63 -61.08
CA CYS E 99 -29.12 29.55 -62.21
C CYS E 99 -27.70 30.10 -62.33
N TRP E 100 -27.11 29.97 -63.51
CA TRP E 100 -25.84 30.59 -63.81
C TRP E 100 -26.12 31.89 -64.57
N LEU E 101 -25.73 33.02 -63.97
CA LEU E 101 -26.10 34.34 -64.46
C LEU E 101 -24.88 35.10 -64.92
N THR E 102 -25.05 35.84 -66.01
CA THR E 102 -24.00 36.74 -66.48
C THR E 102 -23.82 37.90 -65.51
N LYS E 103 -22.68 38.57 -65.63
CA LYS E 103 -22.27 39.55 -64.62
C LYS E 103 -23.32 40.63 -64.41
N ASP E 104 -23.77 41.27 -65.49
CA ASP E 104 -24.72 42.37 -65.35
C ASP E 104 -26.07 41.87 -64.83
N MET E 105 -26.55 40.74 -65.35
CA MET E 105 -27.83 40.22 -64.89
C MET E 105 -27.73 39.75 -63.44
N ALA E 106 -26.57 39.23 -63.04
CA ALA E 106 -26.38 38.84 -61.65
C ALA E 106 -26.35 40.05 -60.73
N HIS E 107 -25.73 41.15 -61.18
CA HIS E 107 -25.78 42.37 -60.39
C HIS E 107 -27.20 42.90 -60.26
N LYS E 108 -27.97 42.82 -61.35
CA LYS E 108 -29.38 43.21 -61.27
C LYS E 108 -30.16 42.32 -60.30
N ALA E 109 -29.90 41.02 -60.32
CA ALA E 109 -30.57 40.10 -59.40
C ALA E 109 -30.18 40.38 -57.95
N GLN E 110 -28.91 40.68 -57.71
CA GLN E 110 -28.48 41.04 -56.36
C GLN E 110 -29.14 42.34 -55.91
N GLY E 111 -29.26 43.31 -56.80
CA GLY E 111 -30.02 44.51 -56.48
C GLY E 111 -31.48 44.24 -56.22
N PHE E 112 -32.04 43.22 -56.87
CA PHE E 112 -33.43 42.84 -56.66
C PHE E 112 -33.71 42.44 -55.22
N GLY E 113 -32.71 42.00 -54.48
CA GLY E 113 -32.90 41.64 -53.09
C GLY E 113 -32.69 40.16 -52.80
N LEU E 114 -31.79 39.52 -53.55
CA LEU E 114 -31.47 38.12 -53.36
C LEU E 114 -29.97 37.97 -53.14
N ASP E 115 -29.56 36.74 -52.87
CA ASP E 115 -28.15 36.42 -52.69
C ASP E 115 -27.57 35.85 -53.98
N VAL E 116 -26.41 36.36 -54.38
CA VAL E 116 -25.71 35.91 -55.57
C VAL E 116 -24.25 35.67 -55.21
N PHE E 117 -23.73 34.51 -55.59
CA PHE E 117 -22.39 34.08 -55.21
C PHE E 117 -21.46 34.13 -56.40
N ALA E 118 -20.21 34.52 -56.14
CA ALA E 118 -19.20 34.62 -57.18
C ALA E 118 -17.85 34.17 -56.64
N GLY E 119 -17.13 33.37 -57.42
CA GLY E 119 -15.83 32.87 -57.03
C GLY E 119 -15.91 31.60 -56.21
N SER E 120 -15.06 31.51 -55.18
CA SER E 120 -15.08 30.33 -54.31
C SER E 120 -16.46 30.13 -53.69
N GLN E 121 -17.23 31.20 -53.52
CA GLN E 121 -18.56 31.08 -52.95
C GLN E 121 -19.43 30.15 -53.79
N ARG E 122 -19.26 30.15 -55.12
CA ARG E 122 -20.08 29.29 -55.95
C ARG E 122 -19.88 27.82 -55.58
N ILE E 123 -18.75 27.49 -54.96
CA ILE E 123 -18.56 26.13 -54.45
C ILE E 123 -19.31 25.95 -53.15
N SER E 124 -19.14 26.88 -52.20
CA SER E 124 -19.78 26.74 -50.90
C SER E 124 -21.28 26.64 -51.04
N ALA E 125 -21.90 27.59 -51.75
CA ALA E 125 -23.35 27.59 -51.88
C ALA E 125 -23.83 26.37 -52.65
N LEU E 126 -22.92 25.64 -53.31
CA LEU E 126 -23.28 24.33 -53.82
C LEU E 126 -23.10 23.26 -52.74
N LEU E 127 -21.89 23.18 -52.17
CA LEU E 127 -21.60 22.17 -51.17
C LEU E 127 -22.60 22.25 -50.03
N LYS E 128 -22.85 23.45 -49.53
CA LYS E 128 -23.79 23.64 -48.43
C LYS E 128 -25.15 23.03 -48.75
N CYS E 129 -25.63 23.22 -49.99
CA CYS E 129 -26.91 22.63 -50.36
C CYS E 129 -26.89 21.12 -50.14
N VAL E 130 -25.82 20.46 -50.60
CA VAL E 130 -25.69 19.03 -50.36
C VAL E 130 -25.72 18.72 -48.88
N LEU E 131 -24.96 19.50 -48.09
CA LEU E 131 -24.91 19.21 -46.66
C LEU E 131 -26.24 19.45 -45.99
N LEU E 132 -27.14 20.23 -46.62
CA LEU E 132 -28.44 20.43 -46.01
C LEU E 132 -29.41 19.32 -46.37
N ARG E 133 -29.01 18.41 -47.25
CA ARG E 133 -29.87 17.28 -47.68
C ARG E 133 -29.54 16.00 -46.90
N HIS E 134 -28.26 15.72 -46.66
CA HIS E 134 -27.82 14.48 -45.95
C HIS E 134 -27.38 14.81 -44.52
N MET E 135 -27.83 15.95 -43.98
CA MET E 135 -27.55 16.40 -42.58
C MET E 135 -27.73 15.30 -41.54
N GLY E 136 -28.87 14.59 -41.54
CA GLY E 136 -29.13 13.58 -40.54
C GLY E 136 -28.12 12.46 -40.49
N GLU E 137 -27.17 12.44 -41.41
CA GLU E 137 -26.12 11.43 -41.40
C GLU E 137 -24.91 11.83 -40.58
N PHE E 138 -24.83 13.09 -40.13
CA PHE E 138 -23.69 13.53 -39.34
C PHE E 138 -23.99 13.55 -37.85
N ILE E 139 -25.02 12.83 -37.41
CA ILE E 139 -25.39 12.77 -36.00
C ILE E 139 -25.70 11.30 -35.67
N GLY E 140 -24.74 10.63 -35.03
CA GLY E 140 -24.92 9.25 -34.64
C GLY E 140 -24.70 9.06 -33.16
N VAL E 141 -24.25 7.88 -32.74
CA VAL E 141 -23.94 7.66 -31.34
C VAL E 141 -22.67 8.41 -30.96
N GLN E 142 -21.67 8.39 -31.83
CA GLN E 142 -20.40 9.02 -31.52
C GLN E 142 -20.51 10.54 -31.51
N GLU E 143 -21.20 11.11 -32.49
CA GLU E 143 -21.38 12.57 -32.49
C GLU E 143 -22.21 13.01 -31.30
N THR E 144 -23.20 12.21 -30.91
CA THR E 144 -23.97 12.52 -29.70
C THR E 144 -23.08 12.50 -28.47
N ARG E 145 -22.17 11.52 -28.39
CA ARG E 145 -21.24 11.50 -27.26
C ARG E 145 -20.34 12.73 -27.29
N TYR E 146 -19.94 13.18 -28.47
CA TYR E 146 -19.13 14.39 -28.54
C TYR E 146 -19.92 15.60 -28.05
N LEU E 147 -21.19 15.71 -28.44
CA LEU E 147 -22.02 16.82 -27.97
C LEU E 147 -22.18 16.78 -26.46
N MET E 148 -22.39 15.60 -25.89
CA MET E 148 -22.56 15.49 -24.45
C MET E 148 -21.26 15.80 -23.71
N ASN E 149 -20.11 15.42 -24.29
CA ASN E 149 -18.83 15.79 -23.69
C ASN E 149 -18.62 17.30 -23.75
N ALA E 150 -19.04 17.94 -24.85
CA ALA E 150 -18.96 19.39 -24.91
C ALA E 150 -19.85 20.05 -23.86
N MET E 151 -21.05 19.50 -23.67
CA MET E 151 -21.95 20.06 -22.67
C MET E 151 -21.55 19.72 -21.24
N GLU E 152 -20.63 18.77 -21.04
CA GLU E 152 -20.18 18.47 -19.68
C GLU E 152 -19.38 19.60 -19.04
N LYS E 153 -19.07 20.67 -19.78
CA LYS E 153 -18.23 21.72 -19.23
C LYS E 153 -19.03 22.64 -18.32
N ASN E 154 -20.09 23.24 -18.86
CA ASN E 154 -20.95 24.13 -18.08
C ASN E 154 -22.17 23.46 -17.50
N TYR E 155 -22.59 22.31 -18.04
CA TYR E 155 -23.85 21.70 -17.68
C TYR E 155 -23.74 20.31 -17.07
N SER E 156 -22.66 20.09 -16.30
CA SER E 156 -22.27 18.74 -15.89
C SER E 156 -23.44 17.95 -15.31
N GLU E 157 -24.22 18.59 -14.43
CA GLU E 157 -25.29 17.86 -13.77
C GLU E 157 -26.44 17.55 -14.73
N LEU E 158 -26.69 18.42 -15.69
CA LEU E 158 -27.73 18.15 -16.67
C LEU E 158 -27.38 16.91 -17.49
N VAL E 159 -26.14 16.82 -17.95
CA VAL E 159 -25.71 15.66 -18.73
C VAL E 159 -25.69 14.40 -17.86
N LYS E 160 -25.23 14.53 -16.62
CA LYS E 160 -25.21 13.36 -15.74
C LYS E 160 -26.61 12.83 -15.48
N GLU E 161 -27.56 13.72 -15.20
CA GLU E 161 -28.94 13.30 -15.01
C GLU E 161 -29.50 12.66 -16.27
N LEU E 162 -29.23 13.26 -17.43
CA LEU E 162 -29.73 12.68 -18.67
C LEU E 162 -29.18 11.29 -18.90
N GLN E 163 -27.88 11.08 -18.67
CA GLN E 163 -27.30 9.75 -18.81
C GLN E 163 -27.95 8.78 -17.85
N ARG E 164 -28.20 9.22 -16.62
CA ARG E 164 -28.89 8.37 -15.65
C ARG E 164 -30.28 8.00 -16.13
N GLN E 165 -30.92 8.88 -16.92
CA GLN E 165 -32.27 8.59 -17.41
C GLN E 165 -32.25 7.66 -18.62
N LEU E 166 -31.57 8.07 -19.70
CA LEU E 166 -31.62 7.38 -20.98
C LEU E 166 -30.24 6.89 -21.39
N PRO E 167 -30.16 5.73 -22.02
CA PRO E 167 -28.89 5.28 -22.60
C PRO E 167 -28.56 6.04 -23.87
N ILE E 168 -27.27 6.07 -24.20
CA ILE E 168 -26.79 7.00 -25.23
C ILE E 168 -27.38 6.68 -26.59
N ASN E 169 -27.77 5.43 -26.85
CA ASN E 169 -28.36 5.13 -28.15
C ASN E 169 -29.72 5.78 -28.31
N LYS E 170 -30.50 5.88 -27.23
CA LYS E 170 -31.80 6.53 -27.32
C LYS E 170 -31.65 8.05 -27.48
N ILE E 171 -30.68 8.65 -26.79
CA ILE E 171 -30.42 10.07 -26.98
C ILE E 171 -29.99 10.35 -28.41
N ALA E 172 -29.11 9.50 -28.95
CA ALA E 172 -28.67 9.67 -30.34
C ALA E 172 -29.83 9.50 -31.30
N GLU E 173 -30.72 8.54 -31.04
CA GLU E 173 -31.90 8.37 -31.87
C GLU E 173 -32.79 9.59 -31.83
N THR E 174 -32.99 10.18 -30.65
CA THR E 174 -33.80 11.38 -30.54
C THR E 174 -33.19 12.54 -31.31
N LEU E 175 -31.88 12.76 -31.13
CA LEU E 175 -31.23 13.86 -31.83
C LEU E 175 -31.25 13.66 -33.34
N GLN E 176 -31.05 12.41 -33.79
CA GLN E 176 -31.11 12.13 -35.22
C GLN E 176 -32.51 12.38 -35.77
N ARG E 177 -33.53 11.98 -35.03
CA ARG E 177 -34.90 12.17 -35.50
C ARG E 177 -35.28 13.65 -35.51
N LEU E 178 -34.67 14.43 -34.62
CA LEU E 178 -34.89 15.88 -34.67
C LEU E 178 -34.15 16.54 -35.83
N VAL E 179 -32.93 16.09 -36.09
CA VAL E 179 -32.10 16.72 -37.17
C VAL E 179 -32.73 16.39 -38.53
N SER E 180 -33.24 15.17 -38.70
CA SER E 180 -33.75 14.77 -40.01
C SER E 180 -35.09 15.42 -40.34
N GLU E 181 -35.50 16.43 -39.57
CA GLU E 181 -36.72 17.18 -39.86
C GLU E 181 -36.47 18.68 -40.01
N ARG E 182 -35.20 19.09 -40.12
CA ARG E 182 -34.82 20.50 -40.11
C ARG E 182 -35.23 21.20 -38.81
N VAL E 183 -35.12 20.51 -37.68
CA VAL E 183 -35.27 21.12 -36.38
C VAL E 183 -33.89 21.23 -35.76
N SER E 184 -33.48 22.44 -35.40
CA SER E 184 -32.13 22.64 -34.90
C SER E 184 -31.99 22.03 -33.52
N ILE E 185 -30.83 21.41 -33.28
CA ILE E 185 -30.51 20.88 -31.97
C ILE E 185 -29.45 21.78 -31.35
N ARG E 186 -29.46 23.05 -31.75
CA ARG E 186 -28.51 24.00 -31.18
C ARG E 186 -28.78 24.21 -29.70
N ASP E 187 -30.04 24.27 -29.30
CA ASP E 187 -30.43 24.47 -27.91
C ASP E 187 -30.46 23.11 -27.23
N LEU E 188 -29.29 22.72 -26.70
CA LEU E 188 -29.19 21.40 -26.09
C LEU E 188 -29.65 21.42 -24.64
N ARG E 189 -29.58 22.58 -23.97
CA ARG E 189 -30.07 22.66 -22.61
C ARG E 189 -31.55 22.34 -22.54
N LEU E 190 -32.35 22.92 -23.44
CA LEU E 190 -33.78 22.67 -23.44
C LEU E 190 -34.10 21.24 -23.86
N ILE E 191 -33.36 20.71 -24.84
CA ILE E 191 -33.60 19.34 -25.29
C ILE E 191 -33.31 18.35 -24.16
N PHE E 192 -32.18 18.53 -23.48
CA PHE E 192 -31.86 17.64 -22.37
C PHE E 192 -32.85 17.81 -21.23
N GLY E 193 -33.32 19.03 -20.99
CA GLY E 193 -34.34 19.23 -19.96
C GLY E 193 -35.63 18.51 -20.28
N THR E 194 -36.06 18.55 -21.54
CA THR E 194 -37.30 17.88 -21.91
C THR E 194 -37.15 16.36 -21.88
N LEU E 195 -35.97 15.85 -22.26
CA LEU E 195 -35.74 14.42 -22.16
C LEU E 195 -35.68 13.98 -20.70
N ILE E 196 -35.15 14.82 -19.82
CA ILE E 196 -35.12 14.48 -18.40
C ILE E 196 -36.54 14.50 -17.82
N ASP E 197 -37.35 15.46 -18.24
CA ASP E 197 -38.74 15.50 -17.76
C ASP E 197 -39.51 14.27 -18.21
N TRP E 198 -39.49 13.97 -19.51
CA TRP E 198 -40.39 12.96 -20.06
C TRP E 198 -39.77 11.58 -20.21
N ALA E 199 -38.52 11.38 -19.79
CA ALA E 199 -37.93 10.05 -19.87
C ALA E 199 -38.59 9.05 -18.93
N PRO E 200 -38.84 9.35 -17.65
CA PRO E 200 -39.52 8.36 -16.80
C PRO E 200 -40.93 8.03 -17.26
N ARG E 201 -41.65 8.98 -17.84
CA ARG E 201 -43.05 8.81 -18.17
C ARG E 201 -43.27 8.35 -19.61
N GLU E 202 -42.22 8.02 -20.35
CA GLU E 202 -42.38 7.60 -21.73
C GLU E 202 -41.23 6.70 -22.13
N LYS E 203 -41.50 5.73 -22.99
CA LYS E 203 -40.48 4.81 -23.47
C LYS E 203 -40.37 4.77 -24.99
N ASP E 204 -41.38 5.25 -25.70
CA ASP E 204 -41.34 5.28 -27.16
C ASP E 204 -40.53 6.48 -27.62
N VAL E 205 -39.33 6.23 -28.15
CA VAL E 205 -38.41 7.31 -28.50
C VAL E 205 -39.05 8.26 -29.49
N LEU E 206 -39.95 7.77 -30.33
CA LEU E 206 -40.69 8.66 -31.21
C LEU E 206 -41.52 9.66 -30.42
N MET E 207 -42.12 9.22 -29.32
CA MET E 207 -42.93 10.16 -28.53
C MET E 207 -42.05 11.12 -27.75
N LEU E 208 -40.87 10.68 -27.29
CA LEU E 208 -39.93 11.61 -26.69
C LEU E 208 -39.53 12.68 -27.70
N THR E 209 -39.29 12.28 -28.94
CA THR E 209 -38.98 13.25 -29.99
C THR E 209 -40.14 14.19 -30.21
N GLU E 210 -41.37 13.69 -30.15
CA GLU E 210 -42.53 14.56 -30.30
C GLU E 210 -42.59 15.59 -29.17
N TYR E 211 -42.32 15.16 -27.94
CA TYR E 211 -42.34 16.09 -26.82
C TYR E 211 -41.23 17.13 -26.94
N VAL E 212 -40.05 16.72 -27.40
CA VAL E 212 -38.96 17.68 -27.60
C VAL E 212 -39.31 18.66 -28.71
N ARG E 213 -40.00 18.18 -29.75
CA ARG E 213 -40.43 19.09 -30.82
C ARG E 213 -41.46 20.09 -30.32
N ILE E 214 -42.37 19.64 -29.44
CA ILE E 214 -43.37 20.55 -28.88
C ILE E 214 -42.70 21.60 -27.99
N ALA E 215 -41.72 21.17 -27.18
CA ALA E 215 -41.03 22.12 -26.33
C ALA E 215 -40.20 23.12 -27.12
N LEU E 216 -39.90 22.81 -28.39
CA LEU E 216 -39.14 23.68 -29.27
C LEU E 216 -40.03 24.40 -30.28
N ARG E 217 -41.32 24.55 -29.99
CA ARG E 217 -42.25 25.04 -31.01
C ARG E 217 -41.96 26.49 -31.39
N ARG E 218 -41.51 27.32 -30.45
CA ARG E 218 -41.20 28.69 -30.79
C ARG E 218 -40.07 28.77 -31.80
N HIS E 219 -39.02 27.97 -31.59
CA HIS E 219 -37.91 27.96 -32.55
C HIS E 219 -38.35 27.46 -33.91
N ILE E 220 -39.17 26.41 -33.96
CA ILE E 220 -39.60 25.87 -35.25
C ILE E 220 -40.41 26.91 -36.00
N LEU E 221 -41.37 27.55 -35.32
CA LEU E 221 -42.21 28.53 -36.00
C LEU E 221 -41.48 29.85 -36.24
N ARG E 222 -40.30 30.03 -35.65
CA ARG E 222 -39.48 31.17 -36.04
C ARG E 222 -38.65 30.85 -37.28
N ARG E 223 -38.08 29.65 -37.32
CA ARG E 223 -37.21 29.29 -38.44
C ARG E 223 -38.01 29.06 -39.72
N LEU E 224 -39.23 28.53 -39.61
CA LEU E 224 -40.03 28.33 -40.83
C LEU E 224 -40.34 29.65 -41.51
N ASN E 225 -40.72 30.67 -40.76
CA ASN E 225 -40.92 32.00 -41.33
C ASN E 225 -40.32 33.06 -40.42
N PRO E 226 -39.17 33.63 -40.79
CA PRO E 226 -38.49 34.58 -39.89
C PRO E 226 -39.34 35.78 -39.52
N GLU E 227 -40.15 36.29 -40.44
CA GLU E 227 -41.05 37.39 -40.16
C GLU E 227 -42.32 36.89 -39.49
N GLY E 228 -43.04 37.81 -38.87
CA GLY E 228 -44.29 37.47 -38.23
C GLY E 228 -45.47 37.35 -39.17
N LYS E 229 -45.26 37.55 -40.47
CA LYS E 229 -46.34 37.51 -41.42
C LYS E 229 -46.93 36.10 -41.51
N PRO E 230 -48.23 35.99 -41.73
CA PRO E 230 -48.85 34.67 -41.86
C PRO E 230 -48.50 33.98 -43.17
N LEU E 231 -47.99 32.76 -43.10
CA LEU E 231 -47.72 31.95 -44.28
C LEU E 231 -48.75 30.84 -44.43
N PRO E 232 -48.96 30.37 -45.66
CA PRO E 232 -50.07 29.45 -45.92
C PRO E 232 -49.96 28.15 -45.13
N ILE E 233 -51.12 27.65 -44.72
CA ILE E 233 -51.23 26.41 -43.96
C ILE E 233 -52.25 25.50 -44.63
N LEU E 234 -51.85 24.25 -44.87
CA LEU E 234 -52.70 23.24 -45.47
C LEU E 234 -53.15 22.29 -44.36
N ARG E 235 -54.41 22.40 -43.97
CA ARG E 235 -54.95 21.55 -42.91
C ARG E 235 -55.12 20.13 -43.41
N ILE E 236 -55.10 19.19 -42.47
CA ILE E 236 -55.49 17.81 -42.77
C ILE E 236 -56.84 17.53 -42.14
N GLY E 237 -57.81 17.12 -42.95
CA GLY E 237 -59.15 16.92 -42.45
C GLY E 237 -59.27 15.74 -41.52
N GLU E 238 -60.44 15.64 -40.87
CA GLU E 238 -60.64 14.62 -39.86
C GLU E 238 -60.63 13.21 -40.46
N GLY E 239 -60.92 13.08 -41.76
CA GLY E 239 -60.93 11.77 -42.37
C GLY E 239 -59.57 11.09 -42.34
N ILE E 240 -58.54 11.80 -42.77
CA ILE E 240 -57.19 11.24 -42.78
C ILE E 240 -56.69 11.04 -41.36
N GLU E 241 -57.01 11.97 -40.46
CA GLU E 241 -56.59 11.83 -39.07
C GLU E 241 -57.20 10.58 -38.44
N ASN E 242 -58.48 10.33 -38.70
CA ASN E 242 -59.11 9.13 -38.17
C ASN E 242 -58.60 7.87 -38.85
N LEU E 243 -58.28 7.95 -40.14
CA LEU E 243 -57.73 6.78 -40.83
C LEU E 243 -56.39 6.38 -40.25
N VAL E 244 -55.49 7.33 -40.04
CA VAL E 244 -54.17 6.99 -39.53
C VAL E 244 -54.20 6.76 -38.02
N ARG E 245 -55.21 7.29 -37.33
CA ARG E 245 -55.30 7.09 -35.88
C ARG E 245 -55.82 5.70 -35.55
N GLU E 246 -56.69 5.15 -36.40
CA GLU E 246 -57.25 3.83 -36.15
C GLU E 246 -56.24 2.71 -36.38
N SER E 247 -55.23 2.92 -37.21
CA SER E 247 -54.30 1.89 -37.60
C SER E 247 -53.07 1.80 -36.70
N ILE E 248 -53.13 2.37 -35.50
CA ILE E 248 -51.96 2.44 -34.63
C ILE E 248 -51.81 1.11 -33.90
N ARG E 249 -50.70 0.42 -34.14
CA ARG E 249 -50.43 -0.88 -33.54
C ARG E 249 -49.19 -0.79 -32.68
N GLN E 250 -49.30 -1.24 -31.43
CA GLN E 250 -48.26 -1.04 -30.44
C GLN E 250 -47.61 -2.38 -30.08
N THR E 251 -46.29 -2.36 -29.98
CA THR E 251 -45.49 -3.46 -29.46
C THR E 251 -44.65 -2.94 -28.29
N ALA E 252 -43.90 -3.86 -27.67
CA ALA E 252 -43.17 -3.53 -26.45
C ALA E 252 -42.22 -2.36 -26.63
N MET E 253 -41.81 -2.06 -27.87
CA MET E 253 -40.90 -0.97 -28.14
C MET E 253 -41.59 0.31 -28.57
N GLY E 254 -42.92 0.35 -28.60
CA GLY E 254 -43.62 1.55 -28.96
C GLY E 254 -44.68 1.29 -30.01
N THR E 255 -45.29 2.37 -30.49
CA THR E 255 -46.40 2.28 -31.44
C THR E 255 -45.91 2.63 -32.84
N TYR E 256 -46.47 1.93 -33.84
CA TYR E 256 -46.21 2.24 -35.24
C TYR E 256 -47.54 2.29 -35.98
N THR E 257 -47.47 2.64 -37.26
CA THR E 257 -48.64 2.70 -38.12
C THR E 257 -48.65 1.49 -39.06
N ALA E 258 -49.85 1.05 -39.42
CA ALA E 258 -50.04 -0.10 -40.31
C ALA E 258 -51.18 0.23 -41.26
N LEU E 259 -50.83 0.79 -42.42
CA LEU E 259 -51.80 1.16 -43.43
C LEU E 259 -51.59 0.34 -44.70
N SER E 260 -52.64 0.24 -45.50
CA SER E 260 -52.54 -0.36 -46.81
C SER E 260 -51.73 0.54 -47.74
N SER E 261 -50.99 -0.09 -48.66
CA SER E 261 -50.18 0.68 -49.60
C SER E 261 -51.05 1.59 -50.46
N ARG E 262 -52.30 1.17 -50.72
CA ARG E 262 -53.21 2.01 -51.49
C ARG E 262 -53.50 3.31 -50.75
N HIS E 263 -53.71 3.22 -49.43
CA HIS E 263 -53.97 4.42 -48.63
C HIS E 263 -52.82 5.40 -48.72
N LYS E 264 -51.59 4.92 -48.50
CA LYS E 264 -50.43 5.79 -48.57
C LYS E 264 -50.29 6.39 -49.96
N THR E 265 -50.44 5.57 -51.01
CA THR E 265 -50.26 6.07 -52.37
C THR E 265 -51.27 7.17 -52.67
N GLN E 266 -52.54 6.96 -52.30
CA GLN E 266 -53.54 7.98 -52.58
C GLN E 266 -53.28 9.25 -51.77
N ILE E 267 -52.87 9.12 -50.51
CA ILE E 267 -52.63 10.30 -49.69
C ILE E 267 -51.48 11.12 -50.27
N LEU E 268 -50.38 10.48 -50.61
CA LEU E 268 -49.27 11.21 -51.23
C LEU E 268 -49.66 11.80 -52.58
N GLN E 269 -50.41 11.05 -53.38
CA GLN E 269 -50.81 11.57 -54.70
C GLN E 269 -51.63 12.84 -54.56
N LEU E 270 -52.59 12.86 -53.63
CA LEU E 270 -53.41 14.05 -53.47
C LEU E 270 -52.65 15.18 -52.79
N ILE E 271 -51.71 14.85 -51.89
CA ILE E 271 -50.91 15.91 -51.28
C ILE E 271 -50.06 16.61 -52.33
N GLU E 272 -49.41 15.83 -53.20
CA GLU E 272 -48.67 16.42 -54.31
C GLU E 272 -49.62 17.17 -55.25
N GLN E 273 -50.85 16.67 -55.40
CA GLN E 273 -51.85 17.41 -56.17
C GLN E 273 -52.18 18.74 -55.52
N ALA E 274 -52.20 18.80 -54.19
CA ALA E 274 -52.52 20.02 -53.47
C ALA E 274 -51.31 20.91 -53.24
N LEU E 275 -50.10 20.44 -53.55
CA LEU E 275 -48.90 21.22 -53.34
C LEU E 275 -48.47 22.04 -54.56
N LYS E 276 -49.03 21.77 -55.74
CA LYS E 276 -48.63 22.51 -56.93
C LYS E 276 -49.36 23.84 -57.06
N GLN E 277 -50.32 24.12 -56.16
CA GLN E 277 -51.03 25.39 -56.24
C GLN E 277 -50.17 26.55 -55.73
N SER E 278 -49.37 26.33 -54.70
CA SER E 278 -48.47 27.35 -54.16
C SER E 278 -47.12 26.72 -53.86
N ALA E 279 -46.09 27.56 -53.87
CA ALA E 279 -44.72 27.05 -53.73
C ALA E 279 -44.48 26.44 -52.36
N LYS E 280 -44.89 27.12 -51.30
CA LYS E 280 -44.63 26.66 -49.93
C LYS E 280 -45.94 26.44 -49.20
N LEU E 281 -46.06 25.27 -48.57
CA LEU E 281 -47.23 24.95 -47.76
C LEU E 281 -46.79 24.15 -46.55
N PHE E 282 -47.34 24.51 -45.39
CA PHE E 282 -47.09 23.80 -44.14
C PHE E 282 -48.28 22.89 -43.88
N ILE E 283 -48.07 21.59 -43.97
CA ILE E 283 -49.12 20.62 -43.69
C ILE E 283 -49.30 20.51 -42.18
N VAL E 284 -50.53 20.69 -41.71
CA VAL E 284 -50.83 20.73 -40.28
C VAL E 284 -51.87 19.67 -39.95
N THR E 285 -51.55 18.82 -38.99
CA THR E 285 -52.43 17.75 -38.56
C THR E 285 -52.44 17.71 -37.03
N SER E 286 -53.12 16.72 -36.47
CA SER E 286 -53.23 16.57 -35.03
C SER E 286 -51.92 16.06 -34.43
N VAL E 287 -51.84 16.11 -33.11
CA VAL E 287 -50.63 15.65 -32.42
C VAL E 287 -50.49 14.14 -32.51
N ASP E 288 -51.58 13.41 -32.28
CA ASP E 288 -51.54 11.96 -32.25
C ASP E 288 -51.36 11.36 -33.64
N THR E 289 -51.55 12.14 -34.70
CA THR E 289 -51.41 11.66 -36.06
C THR E 289 -50.28 12.34 -36.82
N ARG E 290 -49.48 13.18 -36.16
CA ARG E 290 -48.45 13.92 -36.89
C ARG E 290 -47.26 13.09 -37.30
N ARG E 291 -46.60 12.45 -36.33
CA ARG E 291 -45.37 11.70 -36.63
C ARG E 291 -45.64 10.58 -37.62
N PHE E 292 -46.73 9.83 -37.41
CA PHE E 292 -47.06 8.75 -38.33
C PHE E 292 -47.24 9.28 -39.75
N LEU E 293 -47.98 10.38 -39.90
CA LEU E 293 -48.12 10.98 -41.22
C LEU E 293 -46.76 11.32 -41.79
N ARG E 294 -45.86 11.85 -40.96
CA ARG E 294 -44.52 12.18 -41.45
C ARG E 294 -43.84 10.92 -41.98
N LYS E 295 -43.98 9.79 -41.28
CA LYS E 295 -43.26 8.61 -41.73
C LYS E 295 -43.99 7.88 -42.85
N ILE E 296 -45.07 8.46 -43.39
CA ILE E 296 -45.56 7.99 -44.68
C ILE E 296 -45.27 8.99 -45.78
N THR E 297 -44.70 10.15 -45.46
CA THR E 297 -44.35 11.15 -46.45
C THR E 297 -42.90 11.55 -46.43
N GLU E 298 -42.05 10.90 -45.63
CA GLU E 298 -40.64 11.29 -45.57
C GLU E 298 -39.87 10.77 -46.78
N ALA E 299 -40.24 9.60 -47.31
CA ALA E 299 -39.49 9.00 -48.39
C ALA E 299 -39.52 9.85 -49.66
N THR E 300 -40.70 10.37 -50.00
CA THR E 300 -40.88 11.15 -51.22
C THR E 300 -40.83 12.65 -50.98
N LEU E 301 -41.66 13.15 -50.08
CA LEU E 301 -41.76 14.58 -49.79
C LEU E 301 -40.91 14.88 -48.56
N PHE E 302 -39.59 14.93 -48.75
CA PHE E 302 -38.69 15.16 -47.64
C PHE E 302 -38.63 16.62 -47.21
N ASP E 303 -38.76 17.55 -48.15
CA ASP E 303 -38.53 18.96 -47.84
C ASP E 303 -39.78 19.73 -47.46
N VAL E 304 -40.92 19.07 -47.31
CA VAL E 304 -42.14 19.73 -46.86
C VAL E 304 -42.24 19.56 -45.35
N PRO E 305 -42.48 20.64 -44.59
CA PRO E 305 -42.53 20.51 -43.14
C PRO E 305 -43.90 20.08 -42.65
N ILE E 306 -43.95 19.02 -41.86
CA ILE E 306 -45.19 18.50 -41.31
C ILE E 306 -45.32 19.01 -39.88
N LEU E 307 -46.02 20.12 -39.70
CA LEU E 307 -46.21 20.69 -38.37
C LEU E 307 -47.37 19.99 -37.68
N SER E 308 -47.68 20.47 -36.47
CA SER E 308 -48.78 19.94 -35.68
C SER E 308 -49.61 21.09 -35.13
N TRP E 309 -50.74 20.76 -34.51
CA TRP E 309 -51.59 21.80 -33.96
C TRP E 309 -51.00 22.37 -32.67
N GLN E 310 -50.47 21.52 -31.80
CA GLN E 310 -49.89 22.00 -30.55
C GLN E 310 -48.61 22.79 -30.79
N GLU E 311 -47.93 22.58 -31.91
CA GLU E 311 -46.74 23.35 -32.24
C GLU E 311 -47.07 24.76 -32.69
N LEU E 312 -48.29 25.00 -33.14
CA LEU E 312 -48.77 26.33 -33.45
C LEU E 312 -49.65 26.80 -32.30
N GLY E 313 -49.10 27.64 -31.42
CA GLY E 313 -49.83 28.15 -30.30
C GLY E 313 -50.98 29.04 -30.71
N GLU E 314 -51.71 29.52 -29.70
CA GLU E 314 -52.83 30.41 -29.95
C GLU E 314 -52.40 31.77 -30.50
N GLU E 315 -51.11 32.08 -30.47
CA GLU E 315 -50.59 33.36 -30.93
C GLU E 315 -50.28 33.38 -32.42
N SER E 316 -50.36 32.24 -33.10
CA SER E 316 -50.15 32.16 -34.54
C SER E 316 -51.47 31.95 -35.23
N LEU E 317 -51.84 32.88 -36.10
CA LEU E 317 -53.08 32.73 -36.86
C LEU E 317 -52.82 31.81 -38.04
N ILE E 318 -53.88 31.18 -38.53
CA ILE E 318 -53.72 30.04 -39.42
C ILE E 318 -53.69 30.47 -40.88
N GLN E 319 -54.77 31.08 -41.36
CA GLN E 319 -54.94 31.37 -42.77
C GLN E 319 -54.90 30.08 -43.59
N VAL E 320 -55.91 29.23 -43.37
CA VAL E 320 -56.03 27.98 -44.10
C VAL E 320 -56.08 28.30 -45.59
N VAL E 321 -55.39 27.49 -46.39
CA VAL E 321 -55.44 27.62 -47.84
C VAL E 321 -56.28 26.51 -48.46
N GLU E 322 -56.11 25.28 -48.00
CA GLU E 322 -56.89 24.15 -48.50
C GLU E 322 -57.17 23.21 -47.33
N SER E 323 -58.23 22.43 -47.46
CA SER E 323 -58.63 21.47 -46.43
C SER E 323 -58.76 20.10 -47.08
N ILE E 324 -57.71 19.30 -46.96
CA ILE E 324 -57.69 17.95 -47.52
C ILE E 324 -58.52 17.03 -46.62
N ASP E 325 -59.31 16.14 -47.24
CA ASP E 325 -60.12 15.20 -46.48
C ASP E 325 -60.34 13.95 -47.33
N LEU E 326 -60.49 12.81 -46.66
CA LEU E 326 -60.75 11.54 -47.34
C LEU E 326 -61.59 10.63 -46.46
N SER E 327 -62.14 9.59 -47.08
CA SER E 327 -62.58 8.39 -46.41
C SER E 327 -61.63 7.25 -46.81
N GLU E 328 -61.88 6.05 -46.32
CA GLU E 328 -60.99 4.94 -46.59
C GLU E 328 -60.98 4.62 -48.10
N GLU E 329 -60.17 3.62 -48.46
CA GLU E 329 -60.04 3.16 -49.84
C GLU E 329 -60.40 1.70 -50.02
N GLU E 330 -59.85 0.81 -49.19
CA GLU E 330 -60.06 -0.62 -49.38
C GLU E 330 -61.52 -0.99 -49.14
N LEU E 331 -62.10 -0.51 -48.04
CA LEU E 331 -63.51 -0.79 -47.77
C LEU E 331 -64.42 -0.12 -48.79
N ALA E 332 -64.24 1.18 -49.00
CA ALA E 332 -65.01 1.95 -49.98
C ALA E 332 -64.37 3.32 -50.10
N ASP E 333 -64.36 3.86 -51.33
CA ASP E 333 -63.69 5.14 -51.56
C ASP E 333 -64.34 6.27 -50.76
N ASN E 334 -65.56 6.64 -51.15
CA ASN E 334 -66.42 7.59 -50.43
C ASN E 334 -65.81 8.98 -50.50
N GLU E 335 -64.54 9.14 -50.88
CA GLU E 335 -64.00 10.46 -51.18
C GLU E 335 -63.16 10.45 -52.45
N GLU E 336 -62.43 9.36 -52.68
CA GLU E 336 -61.49 9.27 -53.79
C GLU E 336 -62.07 8.48 -54.95
N MET F 1 -16.28 25.63 -32.04
CA MET F 1 -17.72 25.34 -32.19
C MET F 1 -18.43 25.53 -30.83
N VAL F 2 -18.11 24.77 -29.80
CA VAL F 2 -18.67 24.98 -28.44
C VAL F 2 -20.18 24.77 -28.41
N PRO F 3 -20.75 23.53 -28.34
CA PRO F 3 -22.21 23.35 -28.15
C PRO F 3 -22.86 24.07 -26.96
N GLY F 4 -24.19 24.11 -26.92
CA GLY F 4 -24.89 24.86 -25.90
C GLY F 4 -24.99 26.33 -26.26
N ALA F 5 -26.22 26.83 -26.42
CA ALA F 5 -26.41 28.20 -26.87
C ALA F 5 -25.92 29.19 -25.83
N CYS F 6 -25.57 30.39 -26.28
CA CYS F 6 -25.18 31.45 -25.37
C CYS F 6 -26.42 31.96 -24.64
N PRO F 7 -26.42 31.99 -23.31
CA PRO F 7 -27.69 32.19 -22.59
C PRO F 7 -28.40 33.50 -22.90
N LEU F 8 -27.77 34.64 -22.64
CA LEU F 8 -28.46 35.92 -22.68
C LEU F 8 -27.59 36.93 -23.43
N ILE F 9 -28.10 37.42 -24.56
CA ILE F 9 -27.36 38.31 -25.43
C ILE F 9 -28.22 39.55 -25.68
N LEU F 10 -27.62 40.73 -25.52
CA LEU F 10 -28.29 42.00 -25.81
C LEU F 10 -27.55 42.69 -26.93
N ARG F 11 -28.19 42.83 -28.08
CA ARG F 11 -27.60 43.44 -29.25
C ARG F 11 -28.13 44.86 -29.40
N LEU F 12 -27.22 45.83 -29.49
CA LEU F 12 -27.56 47.24 -29.55
C LEU F 12 -26.85 47.92 -30.70
N SER F 13 -27.56 48.91 -31.28
CA SER F 13 -27.00 49.68 -32.41
C SER F 13 -26.04 50.73 -31.85
N PRO F 14 -25.06 51.21 -32.65
CA PRO F 14 -24.09 52.21 -32.20
C PRO F 14 -24.52 53.24 -31.14
N THR F 15 -25.54 54.05 -31.43
CA THR F 15 -25.90 55.16 -30.50
C THR F 15 -26.42 54.69 -29.13
N LEU F 16 -27.04 53.51 -29.03
CA LEU F 16 -27.64 53.15 -27.75
C LEU F 16 -26.61 52.66 -26.74
N HIS F 17 -25.45 52.22 -27.21
CA HIS F 17 -24.41 51.74 -26.32
C HIS F 17 -23.92 52.88 -25.44
N SER F 18 -23.34 52.54 -24.29
CA SER F 18 -22.86 53.56 -23.36
C SER F 18 -21.74 52.97 -22.52
N ALA F 19 -21.26 53.77 -21.57
CA ALA F 19 -20.13 53.37 -20.75
C ALA F 19 -20.57 52.79 -19.41
N ASP F 20 -21.70 53.25 -18.88
CA ASP F 20 -22.24 52.75 -17.63
C ASP F 20 -23.26 51.64 -17.85
N LEU F 21 -23.37 51.14 -19.08
CA LEU F 21 -24.34 50.07 -19.36
C LEU F 21 -24.00 48.81 -18.58
N ILE F 22 -22.71 48.49 -18.45
CA ILE F 22 -22.32 47.26 -17.76
C ILE F 22 -22.80 47.29 -16.32
N ARG F 23 -22.55 48.38 -15.61
CA ARG F 23 -22.92 48.44 -14.20
C ARG F 23 -24.43 48.58 -14.03
N ASP F 24 -25.11 49.24 -14.97
CA ASP F 24 -26.57 49.31 -14.90
C ASP F 24 -27.20 47.93 -15.09
N ILE F 25 -26.72 47.17 -16.07
CA ILE F 25 -27.23 45.82 -16.26
C ILE F 25 -26.91 44.94 -15.07
N ASP F 26 -25.71 45.10 -14.48
CA ASP F 26 -25.38 44.29 -13.32
C ASP F 26 -26.28 44.63 -12.13
N ALA F 27 -26.59 45.92 -11.95
CA ALA F 27 -27.51 46.30 -10.88
C ALA F 27 -28.90 45.74 -11.13
N MET F 28 -29.36 45.76 -12.37
CA MET F 28 -30.66 45.16 -12.67
C MET F 28 -30.66 43.66 -12.41
N ARG F 29 -29.58 42.97 -12.76
CA ARG F 29 -29.49 41.54 -12.50
C ARG F 29 -29.51 41.25 -11.01
N TRP F 30 -28.80 42.05 -10.22
CA TRP F 30 -28.81 41.86 -8.78
C TRP F 30 -30.19 42.12 -8.18
N PHE F 31 -30.88 43.14 -8.69
CA PHE F 31 -32.24 43.38 -8.21
C PHE F 31 -33.15 42.22 -8.57
N LEU F 32 -33.02 41.67 -9.78
CA LEU F 32 -33.86 40.55 -10.17
C LEU F 32 -33.57 39.31 -9.34
N PHE F 33 -32.31 39.11 -8.96
CA PHE F 33 -31.99 37.97 -8.10
C PHE F 33 -32.51 38.18 -6.68
N GLU F 34 -32.41 39.41 -6.16
CA GLU F 34 -32.95 39.68 -4.83
C GLU F 34 -34.47 39.56 -4.81
N ASP F 35 -35.12 39.84 -5.94
CA ASP F 35 -36.58 39.80 -5.98
C ASP F 35 -37.11 38.40 -6.22
N THR F 36 -36.63 37.71 -7.27
CA THR F 36 -37.18 36.43 -7.66
C THR F 36 -36.31 35.23 -7.34
N GLY F 37 -35.09 35.43 -6.82
CA GLY F 37 -34.29 34.32 -6.34
C GLY F 37 -33.61 33.48 -7.39
N VAL F 38 -33.80 33.79 -8.68
CA VAL F 38 -33.21 33.02 -9.77
C VAL F 38 -31.90 33.70 -10.17
N PRO F 39 -30.76 33.03 -10.09
CA PRO F 39 -29.49 33.67 -10.46
C PRO F 39 -29.32 33.69 -11.97
N LEU F 40 -29.46 34.87 -12.56
CA LEU F 40 -29.41 35.04 -14.01
C LEU F 40 -27.99 34.95 -14.54
N PRO F 41 -27.83 34.50 -15.78
CA PRO F 41 -26.49 34.44 -16.38
C PRO F 41 -26.09 35.78 -16.94
N GLU F 42 -24.78 35.95 -17.13
CA GLU F 42 -24.23 37.23 -17.54
C GLU F 42 -24.80 37.67 -18.88
N VAL F 43 -25.17 38.94 -18.97
CA VAL F 43 -25.69 39.50 -20.21
C VAL F 43 -24.51 39.87 -21.10
N ASN F 44 -24.49 39.33 -22.31
CA ASN F 44 -23.42 39.59 -23.26
C ASN F 44 -23.83 40.75 -24.17
N ILE F 45 -23.11 41.85 -24.08
CA ILE F 45 -23.39 43.04 -24.87
C ILE F 45 -22.74 42.87 -26.24
N GLU F 46 -23.55 42.95 -27.30
CA GLU F 46 -23.06 42.83 -28.66
C GLU F 46 -23.56 44.03 -29.46
N VAL F 47 -22.79 44.43 -30.46
CA VAL F 47 -23.08 45.63 -31.24
C VAL F 47 -23.76 45.23 -32.53
N LEU F 48 -24.91 45.85 -32.82
CA LEU F 48 -25.69 45.53 -34.01
C LEU F 48 -25.72 46.74 -34.92
N PRO F 49 -24.92 46.78 -35.99
CA PRO F 49 -24.91 47.95 -36.87
C PRO F 49 -26.23 48.12 -37.60
N GLU F 50 -26.93 49.23 -37.33
CA GLU F 50 -28.24 49.47 -37.90
C GLU F 50 -28.47 50.97 -37.96
N PRO F 51 -28.86 51.51 -39.10
CA PRO F 51 -29.19 52.94 -39.16
C PRO F 51 -30.32 53.33 -38.22
N THR F 52 -31.32 52.46 -38.06
CA THR F 52 -32.43 52.72 -37.16
C THR F 52 -32.04 52.32 -35.75
N GLU F 53 -32.51 53.09 -34.77
CA GLU F 53 -32.22 52.82 -33.36
C GLU F 53 -32.99 51.59 -32.92
N LYS F 54 -32.32 50.44 -32.86
CA LYS F 54 -32.95 49.16 -32.60
C LYS F 54 -32.12 48.34 -31.63
N LEU F 55 -32.81 47.57 -30.77
CA LEU F 55 -32.16 46.63 -29.88
C LEU F 55 -32.88 45.29 -29.95
N THR F 56 -32.13 44.21 -29.71
CA THR F 56 -32.69 42.88 -29.65
C THR F 56 -32.18 42.16 -28.42
N VAL F 57 -33.05 41.33 -27.84
CA VAL F 57 -32.71 40.50 -26.70
C VAL F 57 -32.89 39.06 -27.12
N LEU F 58 -31.83 38.27 -26.99
CA LEU F 58 -31.75 36.90 -27.47
C LEU F 58 -31.54 35.97 -26.28
N LEU F 59 -32.48 35.05 -26.10
CA LEU F 59 -32.39 34.01 -25.08
C LEU F 59 -32.00 32.71 -25.75
N TYR F 60 -30.79 32.23 -25.44
CA TYR F 60 -30.26 31.00 -26.04
C TYR F 60 -30.25 31.10 -27.57
N GLN F 61 -29.91 32.30 -28.05
CA GLN F 61 -29.73 32.62 -29.46
C GLN F 61 -31.01 32.55 -30.27
N GLU F 62 -32.17 32.46 -29.61
CA GLU F 62 -33.45 32.59 -30.29
C GLU F 62 -34.04 33.95 -29.94
N PRO F 63 -34.10 34.89 -30.88
CA PRO F 63 -34.46 36.27 -30.51
C PRO F 63 -35.87 36.39 -29.97
N VAL F 64 -35.99 36.75 -28.69
CA VAL F 64 -37.29 36.88 -28.05
C VAL F 64 -37.75 38.33 -27.98
N PHE F 65 -36.86 39.30 -28.14
CA PHE F 65 -37.28 40.70 -28.07
C PHE F 65 -36.60 41.48 -29.19
N SER F 66 -37.37 42.35 -29.85
CA SER F 66 -36.85 43.18 -30.91
C SER F 66 -37.63 44.48 -30.95
N LEU F 67 -36.99 45.58 -30.56
CA LEU F 67 -37.70 46.84 -30.44
C LEU F 67 -36.87 47.95 -31.09
N SER F 68 -37.53 48.81 -31.84
CA SER F 68 -36.90 49.96 -32.47
C SER F 68 -37.40 51.23 -31.81
N ILE F 69 -36.49 51.80 -30.98
CA ILE F 69 -36.71 52.95 -30.05
C ILE F 69 -36.67 54.26 -30.81
N PRO F 70 -37.79 54.96 -31.05
CA PRO F 70 -37.78 56.20 -31.82
C PRO F 70 -36.89 57.28 -31.19
N ALA F 71 -36.20 58.05 -32.06
CA ALA F 71 -35.24 59.12 -31.74
C ALA F 71 -35.89 60.27 -30.97
N GLN F 72 -37.16 60.51 -31.28
CA GLN F 72 -37.94 61.62 -30.64
C GLN F 72 -38.05 61.42 -29.13
N ALA F 73 -38.27 60.19 -28.65
CA ALA F 73 -38.41 59.94 -27.19
C ALA F 73 -37.05 59.72 -26.52
N ASP F 74 -36.83 60.39 -25.39
CA ASP F 74 -35.55 60.31 -24.65
C ASP F 74 -35.81 59.96 -23.19
N TYR F 75 -37.09 59.86 -22.79
CA TYR F 75 -37.53 59.58 -21.40
C TYR F 75 -38.44 58.35 -21.40
N LEU F 76 -38.17 57.30 -20.58
CA LEU F 76 -38.99 56.09 -20.73
C LEU F 76 -39.80 55.83 -19.47
N LEU F 77 -41.06 55.44 -19.65
CA LEU F 77 -41.94 55.10 -18.53
C LEU F 77 -42.67 53.80 -18.88
N ILE F 78 -42.46 52.78 -18.06
CA ILE F 78 -43.05 51.46 -18.31
C ILE F 78 -44.47 51.46 -17.76
N GLY F 79 -45.41 50.99 -18.58
CA GLY F 79 -46.82 50.97 -18.21
C GLY F 79 -47.51 52.25 -18.61
N ALA F 80 -48.83 52.25 -18.43
CA ALA F 80 -49.67 53.38 -18.80
C ALA F 80 -50.66 53.68 -17.68
N ASP F 81 -51.10 54.93 -17.62
CA ASP F 81 -52.10 55.36 -16.65
C ASP F 81 -52.82 56.58 -17.22
N ALA F 82 -53.84 57.04 -16.49
CA ALA F 82 -54.62 58.18 -16.97
C ALA F 82 -53.86 59.49 -16.84
N SER F 83 -53.00 59.60 -15.81
CA SER F 83 -52.29 60.85 -15.58
C SER F 83 -51.28 61.18 -16.68
N VAL F 84 -50.72 60.18 -17.34
CA VAL F 84 -49.68 60.37 -18.36
C VAL F 84 -50.13 59.68 -19.64
N VAL F 85 -50.13 60.43 -20.74
CA VAL F 85 -50.53 59.90 -22.04
C VAL F 85 -49.74 60.62 -23.12
N GLY F 86 -49.31 59.87 -24.12
CA GLY F 86 -48.58 60.46 -25.24
C GLY F 86 -47.35 59.67 -25.65
N ASP F 87 -47.27 59.31 -26.93
CA ASP F 87 -46.17 58.57 -27.49
C ASP F 87 -45.96 57.21 -26.82
N SER F 88 -47.05 56.42 -26.78
CA SER F 88 -47.09 55.14 -26.10
C SER F 88 -47.30 54.03 -27.14
N GLN F 89 -46.67 52.88 -26.92
CA GLN F 89 -46.89 51.73 -27.78
C GLN F 89 -46.87 50.42 -27.00
N THR F 90 -47.40 49.39 -27.66
CA THR F 90 -47.56 48.07 -27.07
C THR F 90 -46.29 47.26 -27.26
N LEU F 91 -45.78 46.71 -26.16
CA LEU F 91 -44.65 45.81 -26.24
C LEU F 91 -45.09 44.47 -26.84
N PRO F 92 -44.20 43.78 -27.56
CA PRO F 92 -44.57 42.51 -28.16
C PRO F 92 -44.78 41.43 -27.10
N ASN F 93 -45.45 40.35 -27.53
CA ASN F 93 -45.71 39.19 -26.68
C ASN F 93 -46.50 39.57 -25.43
N GLY F 94 -47.23 40.66 -25.50
CA GLY F 94 -48.06 41.10 -24.37
C GLY F 94 -47.28 41.39 -23.11
N MET F 95 -46.11 42.00 -23.25
CA MET F 95 -45.33 42.38 -22.08
C MET F 95 -45.91 43.62 -21.41
N GLY F 96 -46.69 44.41 -22.14
CA GLY F 96 -47.32 45.58 -21.56
C GLY F 96 -47.35 46.78 -22.47
N GLN F 97 -47.23 47.97 -21.87
CA GLN F 97 -47.23 49.23 -22.61
C GLN F 97 -46.02 50.04 -22.17
N ILE F 98 -45.48 50.83 -23.09
CA ILE F 98 -44.40 51.75 -22.76
C ILE F 98 -44.76 53.13 -23.27
N CYS F 99 -44.23 54.15 -22.61
CA CYS F 99 -44.48 55.55 -22.93
C CYS F 99 -43.14 56.26 -23.07
N TRP F 100 -42.92 56.90 -24.21
CA TRP F 100 -41.76 57.76 -24.39
C TRP F 100 -42.19 59.20 -24.13
N LEU F 101 -41.60 59.82 -23.11
CA LEU F 101 -42.04 61.11 -22.63
C LEU F 101 -40.97 62.16 -22.84
N THR F 102 -41.42 63.37 -23.20
CA THR F 102 -40.51 64.50 -23.30
C THR F 102 -40.02 64.91 -21.91
N LYS F 103 -38.93 65.68 -21.90
CA LYS F 103 -38.21 65.94 -20.65
C LYS F 103 -39.12 66.55 -19.58
N ASP F 104 -39.83 67.63 -19.92
CA ASP F 104 -40.65 68.30 -18.94
C ASP F 104 -41.82 67.42 -18.48
N MET F 105 -42.47 66.74 -19.42
CA MET F 105 -43.58 65.87 -19.05
C MET F 105 -43.10 64.69 -18.23
N ALA F 106 -41.89 64.18 -18.53
CA ALA F 106 -41.33 63.10 -17.74
C ALA F 106 -40.99 63.56 -16.33
N HIS F 107 -40.47 64.78 -16.19
CA HIS F 107 -40.25 65.32 -14.85
C HIS F 107 -41.55 65.47 -14.08
N LYS F 108 -42.60 65.93 -14.76
CA LYS F 108 -43.91 66.00 -14.12
C LYS F 108 -44.42 64.62 -13.70
N ALA F 109 -44.22 63.61 -14.55
CA ALA F 109 -44.65 62.25 -14.21
C ALA F 109 -43.84 61.70 -13.03
N GLN F 110 -42.55 61.99 -12.99
CA GLN F 110 -41.73 61.56 -11.85
C GLN F 110 -42.18 62.25 -10.56
N GLY F 111 -42.52 63.53 -10.65
CA GLY F 111 -43.10 64.21 -9.51
C GLY F 111 -44.44 63.64 -9.09
N PHE F 112 -45.20 63.12 -10.06
CA PHE F 112 -46.48 62.51 -9.76
C PHE F 112 -46.36 61.32 -8.82
N GLY F 113 -45.20 60.67 -8.77
CA GLY F 113 -45.00 59.55 -7.86
C GLY F 113 -44.78 58.23 -8.57
N LEU F 114 -44.16 58.27 -9.75
CA LEU F 114 -43.86 57.07 -10.50
C LEU F 114 -42.36 57.03 -10.81
N ASP F 115 -41.94 55.94 -11.43
CA ASP F 115 -40.55 55.76 -11.84
C ASP F 115 -40.39 56.13 -13.30
N VAL F 116 -39.38 56.93 -13.61
CA VAL F 116 -39.06 57.33 -14.97
C VAL F 116 -37.57 57.15 -15.21
N PHE F 117 -37.23 56.49 -16.31
CA PHE F 117 -35.86 56.10 -16.61
C PHE F 117 -35.30 56.97 -17.73
N ALA F 118 -34.01 57.30 -17.63
CA ALA F 118 -33.34 58.11 -18.63
C ALA F 118 -31.91 57.63 -18.81
N GLY F 119 -31.49 57.53 -20.07
CA GLY F 119 -30.15 57.09 -20.39
C GLY F 119 -30.03 55.58 -20.48
N SER F 120 -28.94 55.03 -19.96
CA SER F 120 -28.76 53.58 -19.99
C SER F 120 -29.90 52.86 -19.28
N GLN F 121 -30.55 53.53 -18.32
CA GLN F 121 -31.67 52.92 -17.63
C GLN F 121 -32.78 52.53 -18.59
N ARG F 122 -32.99 53.32 -19.65
CA ARG F 122 -34.05 52.97 -20.60
C ARG F 122 -33.81 51.61 -21.22
N ILE F 123 -32.56 51.14 -21.24
CA ILE F 123 -32.29 49.78 -21.69
C ILE F 123 -32.65 48.79 -20.60
N SER F 124 -32.17 49.01 -19.38
CA SER F 124 -32.42 48.07 -18.29
C SER F 124 -33.90 47.86 -18.07
N ALA F 125 -34.66 48.95 -17.91
CA ALA F 125 -36.08 48.83 -17.64
C ALA F 125 -36.81 48.22 -18.83
N LEU F 126 -36.16 48.13 -19.98
CA LEU F 126 -36.71 47.32 -21.06
C LEU F 126 -36.26 45.86 -20.90
N LEU F 127 -34.95 45.64 -20.84
CA LEU F 127 -34.43 44.29 -20.73
C LEU F 127 -35.05 43.55 -19.55
N LYS F 128 -35.11 44.21 -18.39
CA LYS F 128 -35.67 43.59 -17.20
C LYS F 128 -37.09 43.11 -17.46
N CYS F 129 -37.90 43.90 -18.17
CA CYS F 129 -39.25 43.46 -18.49
C CYS F 129 -39.23 42.12 -19.21
N VAL F 130 -38.37 41.99 -20.23
CA VAL F 130 -38.24 40.72 -20.91
C VAL F 130 -37.85 39.62 -19.94
N LEU F 131 -36.87 39.89 -19.08
CA LEU F 131 -36.42 38.86 -18.16
C LEU F 131 -37.50 38.48 -17.17
N LEU F 132 -38.50 39.34 -16.96
CA LEU F 132 -39.57 38.98 -16.06
C LEU F 132 -40.64 38.15 -16.73
N ARG F 133 -40.55 37.99 -18.05
CA ARG F 133 -41.54 37.20 -18.82
C ARG F 133 -41.05 35.76 -19.06
N HIS F 134 -39.77 35.57 -19.36
CA HIS F 134 -39.19 34.23 -19.66
C HIS F 134 -38.36 33.74 -18.48
N MET F 135 -38.59 34.28 -17.29
CA MET F 135 -37.90 33.89 -16.02
C MET F 135 -37.82 32.37 -15.83
N GLY F 136 -38.93 31.64 -15.96
CA GLY F 136 -38.94 30.22 -15.71
C GLY F 136 -38.00 29.43 -16.59
N GLU F 137 -37.35 30.06 -17.56
CA GLU F 137 -36.40 29.39 -18.41
C GLU F 137 -34.98 29.41 -17.84
N PHE F 138 -34.73 30.17 -16.79
CA PHE F 138 -33.39 30.24 -16.20
C PHE F 138 -33.25 29.35 -14.98
N ILE F 139 -34.14 28.38 -14.80
CA ILE F 139 -34.10 27.47 -13.65
C ILE F 139 -34.36 26.06 -14.18
N GLY F 140 -33.29 25.28 -14.33
CA GLY F 140 -33.39 23.91 -14.80
C GLY F 140 -32.77 22.95 -13.83
N VAL F 141 -32.27 21.81 -14.32
CA VAL F 141 -31.57 20.87 -13.45
C VAL F 141 -30.22 21.43 -13.05
N GLN F 142 -29.52 22.06 -13.98
CA GLN F 142 -28.18 22.55 -13.69
C GLN F 142 -28.22 23.76 -12.76
N GLU F 143 -29.14 24.69 -13.00
CA GLU F 143 -29.25 25.84 -12.10
C GLU F 143 -29.69 25.40 -10.71
N THR F 144 -30.56 24.40 -10.63
CA THR F 144 -30.94 23.85 -9.33
C THR F 144 -29.73 23.25 -8.62
N ARG F 145 -28.88 22.53 -9.36
CA ARG F 145 -27.67 22.01 -8.74
C ARG F 145 -26.76 23.13 -8.28
N TYR F 146 -26.70 24.23 -9.02
CA TYR F 146 -25.89 25.36 -8.56
C TYR F 146 -26.47 25.96 -7.27
N LEU F 147 -27.78 26.08 -7.18
CA LEU F 147 -28.40 26.59 -5.97
C LEU F 147 -28.13 25.68 -4.78
N MET F 148 -28.21 24.37 -5.00
CA MET F 148 -27.96 23.43 -3.91
C MET F 148 -26.50 23.44 -3.50
N ASN F 149 -25.58 23.61 -4.46
CA ASN F 149 -24.17 23.75 -4.10
C ASN F 149 -23.92 25.03 -3.31
N ALA F 150 -24.61 26.12 -3.66
CA ALA F 150 -24.49 27.34 -2.88
C ALA F 150 -25.02 27.15 -1.47
N MET F 151 -26.13 26.43 -1.33
CA MET F 151 -26.69 26.18 -0.01
C MET F 151 -25.91 25.14 0.79
N GLU F 152 -25.01 24.39 0.15
CA GLU F 152 -24.20 23.43 0.91
C GLU F 152 -23.21 24.09 1.85
N LYS F 153 -23.08 25.41 1.84
CA LYS F 153 -22.07 26.07 2.65
C LYS F 153 -22.54 26.17 4.10
N ASN F 154 -23.69 26.82 4.32
CA ASN F 154 -24.25 26.97 5.65
C ASN F 154 -25.28 25.92 6.01
N TYR F 155 -25.89 25.26 5.04
CA TYR F 155 -27.01 24.39 5.28
C TYR F 155 -26.79 22.92 4.89
N SER F 156 -25.55 22.45 5.07
CA SER F 156 -25.11 21.19 4.49
C SER F 156 -26.08 20.05 4.78
N GLU F 157 -26.57 19.96 6.02
CA GLU F 157 -27.43 18.85 6.37
C GLU F 157 -28.80 18.97 5.75
N LEU F 158 -29.29 20.20 5.59
CA LEU F 158 -30.58 20.41 4.94
C LEU F 158 -30.53 19.92 3.50
N VAL F 159 -29.48 20.28 2.77
CA VAL F 159 -29.34 19.85 1.38
C VAL F 159 -29.12 18.35 1.31
N LYS F 160 -28.31 17.79 2.21
CA LYS F 160 -28.09 16.34 2.19
C LYS F 160 -29.38 15.58 2.44
N GLU F 161 -30.17 16.01 3.42
CA GLU F 161 -31.46 15.37 3.67
C GLU F 161 -32.38 15.50 2.48
N LEU F 162 -32.43 16.68 1.86
CA LEU F 162 -33.29 16.86 0.69
C LEU F 162 -32.88 15.94 -0.44
N GLN F 163 -31.58 15.82 -0.71
CA GLN F 163 -31.12 14.91 -1.75
C GLN F 163 -31.50 13.48 -1.42
N ARG F 164 -31.38 13.10 -0.15
CA ARG F 164 -31.79 11.76 0.25
C ARG F 164 -33.28 11.55 0.03
N GLN F 165 -34.09 12.62 0.11
CA GLN F 165 -35.52 12.49 -0.10
C GLN F 165 -35.89 12.44 -1.58
N LEU F 166 -35.53 13.47 -2.33
CA LEU F 166 -35.97 13.65 -3.71
C LEU F 166 -34.79 13.68 -4.67
N PRO F 167 -34.94 13.11 -5.86
CA PRO F 167 -33.91 13.25 -6.88
C PRO F 167 -33.93 14.64 -7.49
N ILE F 168 -32.78 15.04 -8.06
CA ILE F 168 -32.58 16.43 -8.43
C ILE F 168 -33.55 16.89 -9.50
N ASN F 169 -34.05 15.96 -10.34
CA ASN F 169 -34.99 16.39 -11.37
C ASN F 169 -36.32 16.82 -10.76
N LYS F 170 -36.75 16.17 -9.67
CA LYS F 170 -38.00 16.58 -9.03
C LYS F 170 -37.84 17.91 -8.29
N ILE F 171 -36.69 18.13 -7.67
CA ILE F 171 -36.44 19.43 -7.04
C ILE F 171 -36.42 20.53 -8.09
N ALA F 172 -35.77 20.28 -9.22
CA ALA F 172 -35.74 21.27 -10.29
C ALA F 172 -37.13 21.52 -10.85
N GLU F 173 -37.94 20.48 -10.97
CA GLU F 173 -39.32 20.66 -11.42
C GLU F 173 -40.11 21.50 -10.44
N THR F 174 -39.94 21.26 -9.14
CA THR F 174 -40.63 22.07 -8.14
C THR F 174 -40.22 23.52 -8.20
N LEU F 175 -38.91 23.78 -8.27
CA LEU F 175 -38.44 25.15 -8.33
C LEU F 175 -38.90 25.85 -9.60
N GLN F 176 -38.90 25.14 -10.73
CA GLN F 176 -39.37 25.73 -11.97
C GLN F 176 -40.86 26.05 -11.89
N ARG F 177 -41.64 25.16 -11.31
CA ARG F 177 -43.08 25.40 -11.20
C ARG F 177 -43.38 26.54 -10.24
N LEU F 178 -42.51 26.75 -9.26
CA LEU F 178 -42.68 27.91 -8.39
C LEU F 178 -42.28 29.21 -9.07
N VAL F 179 -41.20 29.17 -9.85
CA VAL F 179 -40.69 30.40 -10.52
C VAL F 179 -41.69 30.83 -11.59
N SER F 180 -42.28 29.87 -12.31
CA SER F 180 -43.16 30.23 -13.42
C SER F 180 -44.51 30.76 -12.94
N GLU F 181 -44.65 31.09 -11.66
CA GLU F 181 -45.86 31.70 -11.13
C GLU F 181 -45.61 33.03 -10.43
N ARG F 182 -44.41 33.59 -10.60
CA ARG F 182 -43.98 34.77 -9.86
C ARG F 182 -43.97 34.54 -8.36
N VAL F 183 -43.57 33.35 -7.92
CA VAL F 183 -43.32 33.08 -6.51
C VAL F 183 -41.81 32.99 -6.33
N SER F 184 -41.28 33.83 -5.45
CA SER F 184 -39.83 33.89 -5.28
C SER F 184 -39.32 32.62 -4.62
N ILE F 185 -38.17 32.14 -5.10
CA ILE F 185 -37.51 31.00 -4.49
C ILE F 185 -36.28 31.51 -3.75
N ARG F 186 -36.35 32.77 -3.31
CA ARG F 186 -35.25 33.35 -2.55
C ARG F 186 -35.06 32.63 -1.22
N ASP F 187 -36.16 32.28 -0.56
CA ASP F 187 -36.12 31.58 0.73
C ASP F 187 -36.01 30.09 0.46
N LEU F 188 -34.76 29.63 0.33
CA LEU F 188 -34.55 28.23 0.01
C LEU F 188 -34.56 27.35 1.25
N ARG F 189 -34.26 27.91 2.41
CA ARG F 189 -34.34 27.13 3.63
C ARG F 189 -35.75 26.62 3.87
N LEU F 190 -36.74 27.50 3.73
CA LEU F 190 -38.13 27.11 3.95
C LEU F 190 -38.61 26.15 2.85
N ILE F 191 -38.20 26.38 1.61
CA ILE F 191 -38.61 25.49 0.52
C ILE F 191 -38.06 24.10 0.74
N PHE F 192 -36.77 24.00 1.07
CA PHE F 192 -36.19 22.69 1.32
C PHE F 192 -36.80 22.03 2.55
N GLY F 193 -37.13 22.82 3.57
CA GLY F 193 -37.80 22.26 4.73
C GLY F 193 -39.16 21.68 4.39
N THR F 194 -39.93 22.37 3.56
CA THR F 194 -41.25 21.88 3.20
C THR F 194 -41.15 20.65 2.30
N LEU F 195 -40.16 20.63 1.40
CA LEU F 195 -39.97 19.44 0.57
C LEU F 195 -39.51 18.25 1.42
N ILE F 196 -38.72 18.50 2.46
CA ILE F 196 -38.30 17.42 3.34
C ILE F 196 -39.49 16.90 4.15
N ASP F 197 -40.35 17.81 4.61
CA ASP F 197 -41.54 17.38 5.34
C ASP F 197 -42.45 16.53 4.48
N TRP F 198 -42.82 17.04 3.29
CA TRP F 198 -43.88 16.42 2.51
C TRP F 198 -43.39 15.48 1.42
N ALA F 199 -42.08 15.25 1.31
CA ALA F 199 -41.59 14.30 0.32
C ALA F 199 -41.99 12.86 0.61
N PRO F 200 -41.85 12.33 1.84
CA PRO F 200 -42.30 10.96 2.08
C PRO F 200 -43.80 10.75 1.89
N ARG F 201 -44.61 11.76 2.20
CA ARG F 201 -46.06 11.62 2.19
C ARG F 201 -46.70 12.04 0.87
N GLU F 202 -45.91 12.34 -0.16
CA GLU F 202 -46.48 12.77 -1.42
C GLU F 202 -45.53 12.44 -2.55
N LYS F 203 -46.07 12.11 -3.72
CA LYS F 203 -45.27 11.79 -4.89
C LYS F 203 -45.61 12.63 -6.10
N ASP F 204 -46.76 13.30 -6.11
CA ASP F 204 -47.13 14.16 -7.21
C ASP F 204 -46.44 15.51 -7.07
N VAL F 205 -45.46 15.77 -7.93
CA VAL F 205 -44.63 16.96 -7.79
C VAL F 205 -45.49 18.22 -7.84
N LEU F 206 -46.61 18.17 -8.54
CA LEU F 206 -47.54 19.30 -8.51
C LEU F 206 -48.06 19.54 -7.09
N MET F 207 -48.34 18.47 -6.35
CA MET F 207 -48.85 18.66 -5.00
C MET F 207 -47.74 19.11 -4.05
N LEU F 208 -46.51 18.65 -4.26
CA LEU F 208 -45.39 19.19 -3.49
C LEU F 208 -45.25 20.69 -3.74
N THR F 209 -45.40 21.11 -4.99
CA THR F 209 -45.36 22.53 -5.29
C THR F 209 -46.50 23.27 -4.62
N GLU F 210 -47.68 22.66 -4.56
CA GLU F 210 -48.79 23.29 -3.86
C GLU F 210 -48.49 23.46 -2.38
N TYR F 211 -47.89 22.45 -1.76
CA TYR F 211 -47.55 22.56 -0.34
C TYR F 211 -46.48 23.62 -0.11
N VAL F 212 -45.50 23.71 -1.01
CA VAL F 212 -44.48 24.75 -0.87
C VAL F 212 -45.10 26.13 -1.05
N ARG F 213 -46.08 26.26 -1.95
CA ARG F 213 -46.75 27.53 -2.13
C ARG F 213 -47.55 27.90 -0.89
N ILE F 214 -48.19 26.93 -0.25
CA ILE F 214 -48.95 27.21 0.96
C ILE F 214 -48.01 27.62 2.09
N ALA F 215 -46.86 26.95 2.21
CA ALA F 215 -45.91 27.33 3.26
C ALA F 215 -45.30 28.70 3.02
N LEU F 216 -45.40 29.22 1.80
CA LEU F 216 -44.89 30.54 1.44
C LEU F 216 -46.00 31.57 1.30
N ARG F 217 -47.14 31.35 1.95
CA ARG F 217 -48.30 32.20 1.70
C ARG F 217 -48.08 33.62 2.17
N ARG F 218 -47.34 33.82 3.26
CA ARG F 218 -47.09 35.17 3.74
C ARG F 218 -46.29 35.96 2.72
N HIS F 219 -45.26 35.35 2.14
CA HIS F 219 -44.48 36.03 1.12
C HIS F 219 -45.31 36.36 -0.11
N ILE F 220 -46.14 35.42 -0.56
CA ILE F 220 -46.95 35.66 -1.74
C ILE F 220 -47.90 36.82 -1.51
N LEU F 221 -48.59 36.82 -0.36
CA LEU F 221 -49.55 37.89 -0.10
C LEU F 221 -48.87 39.18 0.31
N ARG F 222 -47.56 39.15 0.57
CA ARG F 222 -46.85 40.42 0.73
C ARG F 222 -46.42 40.97 -0.62
N ARG F 223 -45.93 40.11 -1.51
CA ARG F 223 -45.44 40.58 -2.79
C ARG F 223 -46.57 41.03 -3.71
N LEU F 224 -47.74 40.38 -3.63
CA LEU F 224 -48.86 40.79 -4.47
C LEU F 224 -49.30 42.21 -4.15
N ASN F 225 -49.40 42.54 -2.86
CA ASN F 225 -49.70 43.92 -2.47
C ASN F 225 -48.83 44.34 -1.30
N PRO F 226 -47.81 45.17 -1.55
CA PRO F 226 -46.86 45.51 -0.47
C PRO F 226 -47.52 46.15 0.73
N GLU F 227 -48.54 46.99 0.54
CA GLU F 227 -49.27 47.59 1.63
C GLU F 227 -50.32 46.62 2.17
N GLY F 228 -50.79 46.91 3.38
CA GLY F 228 -51.82 46.10 3.99
C GLY F 228 -53.22 46.37 3.48
N LYS F 229 -53.38 47.31 2.56
CA LYS F 229 -54.70 47.68 2.08
C LYS F 229 -55.34 46.51 1.33
N PRO F 230 -56.66 46.37 1.43
CA PRO F 230 -57.34 45.29 0.71
C PRO F 230 -57.41 45.54 -0.79
N LEU F 231 -56.95 44.57 -1.58
CA LEU F 231 -57.06 44.64 -3.04
C LEU F 231 -58.13 43.69 -3.54
N PRO F 232 -58.71 43.99 -4.72
CA PRO F 232 -59.88 43.25 -5.17
C PRO F 232 -59.61 41.76 -5.35
N ILE F 233 -60.62 40.95 -5.04
CA ILE F 233 -60.55 39.50 -5.16
C ILE F 233 -61.76 39.02 -5.96
N LEU F 234 -61.50 38.20 -6.97
CA LEU F 234 -62.52 37.60 -7.81
C LEU F 234 -62.68 36.14 -7.40
N ARG F 235 -63.76 35.83 -6.71
CA ARG F 235 -64.01 34.47 -6.27
C ARG F 235 -64.37 33.58 -7.45
N ILE F 236 -64.12 32.29 -7.29
CA ILE F 236 -64.64 31.30 -8.23
C ILE F 236 -65.76 30.51 -7.56
N GLY F 237 -66.93 30.51 -8.18
CA GLY F 237 -68.09 29.88 -7.57
C GLY F 237 -67.98 28.38 -7.52
N GLU F 238 -68.92 27.77 -6.79
CA GLU F 238 -68.87 26.33 -6.57
C GLU F 238 -69.09 25.55 -7.86
N GLY F 239 -69.74 26.15 -8.85
CA GLY F 239 -69.98 25.43 -10.09
C GLY F 239 -68.69 25.06 -10.81
N ILE F 240 -67.80 26.03 -10.98
CA ILE F 240 -66.54 25.76 -11.67
C ILE F 240 -65.66 24.84 -10.82
N GLU F 241 -65.67 25.04 -9.50
CA GLU F 241 -64.88 24.20 -8.62
C GLU F 241 -65.33 22.73 -8.72
N ASN F 242 -66.64 22.51 -8.74
CA ASN F 242 -67.14 21.15 -8.88
C ASN F 242 -66.90 20.59 -10.27
N LEU F 243 -66.96 21.44 -11.29
CA LEU F 243 -66.68 20.97 -12.65
C LEU F 243 -65.24 20.49 -12.78
N VAL F 244 -64.28 21.27 -12.30
CA VAL F 244 -62.88 20.88 -12.45
C VAL F 244 -62.49 19.83 -11.41
N ARG F 245 -63.24 19.72 -10.31
CA ARG F 245 -62.92 18.71 -9.30
C ARG F 245 -63.38 17.32 -9.73
N GLU F 246 -64.48 17.25 -10.48
CA GLU F 246 -64.99 15.96 -10.93
C GLU F 246 -64.14 15.33 -12.02
N SER F 247 -63.41 16.11 -12.78
CA SER F 247 -62.66 15.62 -13.93
C SER F 247 -61.24 15.21 -13.60
N ILE F 248 -60.92 14.98 -12.33
CA ILE F 248 -59.55 14.69 -11.92
C ILE F 248 -59.26 13.22 -12.19
N ARG F 249 -58.29 12.96 -13.05
CA ARG F 249 -57.91 11.60 -13.43
C ARG F 249 -56.48 11.35 -13.03
N GLN F 250 -56.24 10.26 -12.31
CA GLN F 250 -54.95 9.99 -11.70
C GLN F 250 -54.28 8.79 -12.37
N THR F 251 -52.98 8.93 -12.62
CA THR F 251 -52.11 7.85 -13.07
C THR F 251 -50.96 7.71 -12.08
N ALA F 252 -50.10 6.72 -12.33
CA ALA F 252 -49.04 6.39 -11.39
C ALA F 252 -48.13 7.57 -11.08
N MET F 253 -48.09 8.58 -11.96
CA MET F 253 -47.24 9.73 -11.76
C MET F 253 -47.97 10.93 -11.17
N GLY F 254 -49.26 10.80 -10.83
CA GLY F 254 -49.99 11.88 -10.21
C GLY F 254 -51.31 12.12 -10.91
N THR F 255 -51.99 13.18 -10.49
CA THR F 255 -53.32 13.50 -10.99
C THR F 255 -53.25 14.65 -11.98
N TYR F 256 -54.09 14.59 -13.00
CA TYR F 256 -54.23 15.67 -13.98
C TYR F 256 -55.71 15.95 -14.18
N THR F 257 -56.00 16.98 -14.97
CA THR F 257 -57.36 17.36 -15.29
C THR F 257 -57.69 16.92 -16.71
N ALA F 258 -58.96 16.61 -16.95
CA ALA F 258 -59.45 16.17 -18.26
C ALA F 258 -60.79 16.82 -18.51
N LEU F 259 -60.77 17.98 -19.16
CA LEU F 259 -61.97 18.73 -19.47
C LEU F 259 -62.17 18.82 -20.97
N SER F 260 -63.41 19.06 -21.38
CA SER F 260 -63.71 19.34 -22.77
C SER F 260 -63.17 20.72 -23.16
N SER F 261 -62.74 20.83 -24.42
CA SER F 261 -62.21 22.11 -24.90
C SER F 261 -63.25 23.21 -24.79
N ARG F 262 -64.53 22.86 -24.93
CA ARG F 262 -65.59 23.85 -24.79
C ARG F 262 -65.61 24.43 -23.38
N HIS F 263 -65.44 23.57 -22.37
CA HIS F 263 -65.41 24.05 -20.99
C HIS F 263 -64.29 25.05 -20.77
N LYS F 264 -63.07 24.69 -21.20
CA LYS F 264 -61.95 25.61 -21.03
C LYS F 264 -62.18 26.91 -21.78
N THR F 265 -62.65 26.82 -23.04
CA THR F 265 -62.86 28.03 -23.82
C THR F 265 -63.87 28.96 -23.16
N GLN F 266 -64.98 28.40 -22.67
CA GLN F 266 -65.98 29.25 -22.03
C GLN F 266 -65.45 29.85 -20.74
N ILE F 267 -64.70 29.06 -19.95
CA ILE F 267 -64.18 29.59 -18.68
C ILE F 267 -63.22 30.74 -18.93
N LEU F 268 -62.28 30.57 -19.86
CA LEU F 268 -61.38 31.67 -20.18
C LEU F 268 -62.10 32.87 -20.77
N GLN F 269 -63.09 32.62 -21.64
CA GLN F 269 -63.82 33.73 -22.24
C GLN F 269 -64.53 34.58 -21.18
N LEU F 270 -65.17 33.92 -20.22
CA LEU F 270 -65.87 34.67 -19.18
C LEU F 270 -64.89 35.30 -18.19
N ILE F 271 -63.75 34.65 -17.93
CA ILE F 271 -62.77 35.27 -17.03
C ILE F 271 -62.22 36.54 -17.65
N GLU F 272 -61.88 36.51 -18.94
CA GLU F 272 -61.48 37.73 -19.63
C GLU F 272 -62.61 38.73 -19.67
N GLN F 273 -63.86 38.26 -19.77
CA GLN F 273 -65.00 39.15 -19.67
C GLN F 273 -65.08 39.81 -18.29
N ALA F 274 -64.72 39.09 -17.24
CA ALA F 274 -64.77 39.62 -15.89
C ALA F 274 -63.51 40.38 -15.50
N LEU F 275 -62.46 40.34 -16.32
CA LEU F 275 -61.22 41.02 -16.01
C LEU F 275 -61.12 42.43 -16.57
N LYS F 276 -62.00 42.81 -17.50
CA LYS F 276 -61.94 44.15 -18.07
C LYS F 276 -62.62 45.19 -17.19
N GLN F 277 -63.27 44.79 -16.10
CA GLN F 277 -63.92 45.76 -15.23
C GLN F 277 -62.91 46.52 -14.38
N SER F 278 -61.85 45.85 -13.91
CA SER F 278 -60.80 46.50 -13.14
C SER F 278 -59.44 46.00 -13.62
N ALA F 279 -58.42 46.82 -13.40
CA ALA F 279 -57.09 46.52 -13.93
C ALA F 279 -56.50 45.27 -13.31
N LYS F 280 -56.55 45.15 -11.98
CA LYS F 280 -55.94 44.04 -11.28
C LYS F 280 -56.99 43.26 -10.51
N LEU F 281 -56.97 41.94 -10.68
CA LEU F 281 -57.86 41.05 -9.96
C LEU F 281 -57.13 39.77 -9.60
N PHE F 282 -57.31 39.31 -8.37
CA PHE F 282 -56.75 38.06 -7.89
C PHE F 282 -57.85 37.02 -7.91
N ILE F 283 -57.72 36.04 -8.80
CA ILE F 283 -58.69 34.96 -8.89
C ILE F 283 -58.43 33.99 -7.75
N VAL F 284 -59.47 33.69 -6.98
CA VAL F 284 -59.35 32.86 -5.78
C VAL F 284 -60.29 31.68 -5.88
N THR F 285 -59.75 30.48 -5.74
CA THR F 285 -60.51 29.25 -5.81
C THR F 285 -60.08 28.33 -4.65
N SER F 286 -60.61 27.12 -4.64
CA SER F 286 -60.31 26.16 -3.58
C SER F 286 -58.91 25.59 -3.76
N VAL F 287 -58.45 24.87 -2.74
CA VAL F 287 -57.11 24.27 -2.78
C VAL F 287 -57.07 23.13 -3.79
N ASP F 288 -58.07 22.26 -3.76
CA ASP F 288 -58.09 21.07 -4.60
C ASP F 288 -58.33 21.41 -6.07
N THR F 289 -58.78 22.62 -6.36
CA THR F 289 -59.06 23.03 -7.73
C THR F 289 -58.17 24.17 -8.20
N ARG F 290 -57.18 24.58 -7.41
CA ARG F 290 -56.38 25.74 -7.79
C ARG F 290 -55.38 25.47 -8.90
N ARG F 291 -54.50 24.48 -8.70
CA ARG F 291 -53.45 24.23 -9.68
C ARG F 291 -54.04 23.86 -11.03
N PHE F 292 -55.04 22.98 -11.04
CA PHE F 292 -55.66 22.59 -12.29
C PHE F 292 -56.22 23.80 -13.02
N LEU F 293 -56.93 24.68 -12.30
CA LEU F 293 -57.42 25.90 -12.93
C LEU F 293 -56.26 26.68 -13.51
N ARG F 294 -55.14 26.77 -12.79
CA ARG F 294 -53.99 27.49 -13.32
C ARG F 294 -53.54 26.88 -14.63
N LYS F 295 -53.52 25.55 -14.72
CA LYS F 295 -53.00 24.94 -15.95
C LYS F 295 -54.05 24.90 -17.05
N ILE F 296 -55.22 25.52 -16.86
CA ILE F 296 -56.08 25.81 -17.99
C ILE F 296 -56.08 27.30 -18.32
N THR F 297 -55.39 28.12 -17.54
CA THR F 297 -55.30 29.56 -17.80
C THR F 297 -53.89 30.07 -17.92
N GLU F 298 -52.87 29.20 -17.90
CA GLU F 298 -51.49 29.67 -18.00
C GLU F 298 -51.12 30.05 -19.42
N ALA F 299 -51.68 29.36 -20.42
CA ALA F 299 -51.29 29.60 -21.80
C ALA F 299 -51.65 31.01 -22.25
N THR F 300 -52.85 31.47 -21.91
CA THR F 300 -53.34 32.77 -22.35
C THR F 300 -53.16 33.85 -21.30
N LEU F 301 -53.69 33.62 -20.09
CA LEU F 301 -53.63 34.60 -19.00
C LEU F 301 -52.46 34.24 -18.10
N PHE F 302 -51.25 34.58 -18.55
CA PHE F 302 -50.05 34.25 -17.80
C PHE F 302 -49.82 35.19 -16.62
N ASP F 303 -50.18 36.46 -16.75
CA ASP F 303 -49.80 37.45 -15.75
C ASP F 303 -50.86 37.69 -14.70
N VAL F 304 -51.94 36.91 -14.68
CA VAL F 304 -52.95 37.03 -13.63
C VAL F 304 -52.63 36.01 -12.54
N PRO F 305 -52.59 36.42 -11.27
CA PRO F 305 -52.23 35.47 -10.21
C PRO F 305 -53.42 34.65 -9.74
N ILE F 306 -53.28 33.32 -9.75
CA ILE F 306 -54.34 32.42 -9.32
C ILE F 306 -54.02 31.99 -7.89
N LEU F 307 -54.59 32.69 -6.92
CA LEU F 307 -54.38 32.37 -5.51
C LEU F 307 -55.32 31.24 -5.10
N SER F 308 -55.26 30.90 -3.82
CA SER F 308 -56.10 29.86 -3.24
C SER F 308 -56.69 30.36 -1.93
N TRP F 309 -57.60 29.58 -1.36
CA TRP F 309 -58.22 29.99 -0.10
C TRP F 309 -57.27 29.80 1.07
N GLN F 310 -56.54 28.68 1.10
CA GLN F 310 -55.61 28.44 2.20
C GLN F 310 -54.42 29.39 2.16
N GLU F 311 -54.10 29.95 0.99
CA GLU F 311 -53.02 30.92 0.89
C GLU F 311 -53.41 32.28 1.47
N LEU F 312 -54.70 32.56 1.56
CA LEU F 312 -55.20 33.75 2.24
C LEU F 312 -55.68 33.34 3.63
N GLY F 313 -54.87 33.59 4.64
CA GLY F 313 -55.22 33.26 5.99
C GLY F 313 -56.41 34.05 6.49
N GLU F 314 -56.80 33.77 7.73
CA GLU F 314 -57.91 34.48 8.35
C GLU F 314 -57.60 35.94 8.62
N GLU F 315 -56.34 36.35 8.51
CA GLU F 315 -55.93 37.72 8.77
C GLU F 315 -56.05 38.63 7.55
N SER F 316 -56.37 38.10 6.38
CA SER F 316 -56.58 38.88 5.18
C SER F 316 -58.06 38.94 4.86
N LEU F 317 -58.63 40.13 4.84
CA LEU F 317 -60.04 40.28 4.49
C LEU F 317 -60.16 40.24 2.97
N ILE F 318 -61.34 39.87 2.50
CA ILE F 318 -61.49 39.49 1.10
C ILE F 318 -61.86 40.68 0.22
N GLN F 319 -63.01 41.29 0.49
CA GLN F 319 -63.57 42.32 -0.39
C GLN F 319 -63.82 41.75 -1.79
N VAL F 320 -64.75 40.80 -1.84
CA VAL F 320 -65.13 40.19 -3.12
C VAL F 320 -65.58 41.30 -4.06
N VAL F 321 -65.19 41.20 -5.32
CA VAL F 321 -65.65 42.13 -6.35
C VAL F 321 -66.67 41.47 -7.27
N GLU F 322 -66.42 40.24 -7.69
CA GLU F 322 -67.36 39.50 -8.53
C GLU F 322 -67.34 38.04 -8.11
N SER F 323 -68.42 37.33 -8.41
CA SER F 323 -68.55 35.90 -8.08
C SER F 323 -68.91 35.16 -9.36
N ILE F 324 -67.91 34.59 -10.00
CA ILE F 324 -68.10 33.82 -11.22
C ILE F 324 -68.68 32.46 -10.86
N ASP F 325 -69.64 31.99 -11.66
CA ASP F 325 -70.24 30.68 -11.43
C ASP F 325 -70.74 30.12 -12.76
N LEU F 326 -70.74 28.79 -12.89
CA LEU F 326 -71.24 28.12 -14.08
C LEU F 326 -71.82 26.77 -13.72
N SER F 327 -72.57 26.22 -14.67
CA SER F 327 -72.86 24.80 -14.76
C SER F 327 -72.10 24.24 -15.96
N GLU F 328 -72.25 22.95 -16.24
CA GLU F 328 -71.52 22.34 -17.34
C GLU F 328 -71.95 22.94 -18.68
N GLU F 329 -71.33 22.45 -19.75
CA GLU F 329 -71.62 22.90 -21.11
C GLU F 329 -72.07 21.77 -22.02
N GLU F 330 -71.34 20.65 -22.04
CA GLU F 330 -71.65 19.57 -22.98
C GLU F 330 -73.00 18.93 -22.64
N LEU F 331 -73.22 18.62 -21.36
CA LEU F 331 -74.50 18.04 -20.97
C LEU F 331 -75.64 19.04 -21.12
N ALA F 332 -75.47 20.24 -20.57
CA ALA F 332 -76.46 21.31 -20.67
C ALA F 332 -75.82 22.58 -20.11
N ASP F 333 -76.15 23.72 -20.74
CA ASP F 333 -75.51 24.97 -20.34
C ASP F 333 -75.87 25.33 -18.90
N ASN F 334 -77.13 25.70 -18.66
CA ASN F 334 -77.71 25.93 -17.33
C ASN F 334 -77.09 27.18 -16.73
N GLU F 335 -75.97 27.69 -17.24
CA GLU F 335 -75.49 29.01 -16.83
C GLU F 335 -75.05 29.84 -18.03
N GLU F 336 -74.47 29.20 -19.03
CA GLU F 336 -73.89 29.89 -20.17
C GLU F 336 -74.80 29.84 -21.39
N MET G 1 -23.86 36.99 -5.44
CA MET G 1 -25.18 36.34 -5.47
C MET G 1 -25.11 35.11 -4.55
N VAL G 2 -25.48 35.26 -3.29
CA VAL G 2 -25.37 34.14 -2.32
C VAL G 2 -26.74 33.53 -2.03
N PRO G 3 -27.14 32.33 -2.55
CA PRO G 3 -28.40 31.66 -2.21
C PRO G 3 -28.62 31.57 -0.71
N GLY G 4 -29.89 31.59 -0.31
CA GLY G 4 -30.24 31.52 1.09
C GLY G 4 -30.38 32.90 1.70
N ALA G 5 -31.58 33.22 2.18
CA ALA G 5 -31.83 34.56 2.70
C ALA G 5 -31.02 34.83 3.96
N CYS G 6 -30.78 36.11 4.22
CA CYS G 6 -30.09 36.49 5.45
C CYS G 6 -31.05 36.32 6.63
N PRO G 7 -30.67 35.57 7.66
CA PRO G 7 -31.68 35.15 8.66
C PRO G 7 -32.38 36.29 9.37
N LEU G 8 -31.66 37.15 10.09
CA LEU G 8 -32.28 38.11 10.98
C LEU G 8 -31.63 39.47 10.78
N ILE G 9 -32.42 40.45 10.32
CA ILE G 9 -31.93 41.78 10.00
C ILE G 9 -32.76 42.80 10.75
N LEU G 10 -32.10 43.74 11.42
CA LEU G 10 -32.77 44.83 12.11
C LEU G 10 -32.35 46.14 11.46
N ARG G 11 -33.29 46.82 10.83
CA ARG G 11 -33.03 48.08 10.14
C ARG G 11 -33.53 49.23 11.00
N LEU G 12 -32.64 50.19 11.27
CA LEU G 12 -32.93 51.31 12.14
C LEU G 12 -32.55 52.62 11.48
N SER G 13 -33.35 53.65 11.80
CA SER G 13 -33.11 55.01 11.24
C SER G 13 -31.99 55.67 12.05
N PRO G 14 -31.25 56.64 11.47
CA PRO G 14 -30.16 57.32 12.15
C PRO G 14 -30.23 57.49 13.67
N THR G 15 -31.25 58.17 14.19
CA THR G 15 -31.29 58.49 15.65
C THR G 15 -31.42 57.25 16.55
N LEU G 16 -32.03 56.15 16.09
CA LEU G 16 -32.25 55.04 17.01
C LEU G 16 -30.99 54.22 17.24
N HIS G 17 -30.03 54.28 16.32
CA HIS G 17 -28.81 53.52 16.47
C HIS G 17 -28.04 54.01 17.68
N SER G 18 -27.17 53.16 18.23
CA SER G 18 -26.40 53.51 19.41
C SER G 18 -25.11 52.71 19.42
N ALA G 19 -24.35 52.87 20.51
CA ALA G 19 -23.04 52.23 20.61
C ALA G 19 -23.11 50.95 21.41
N ASP G 20 -24.02 50.85 22.38
CA ASP G 20 -24.20 49.65 23.18
C ASP G 20 -25.28 48.74 22.61
N LEU G 21 -25.77 49.03 21.41
CA LEU G 21 -26.81 48.19 20.81
C LEU G 21 -26.32 46.77 20.57
N ILE G 22 -25.06 46.62 20.16
CA ILE G 22 -24.54 45.29 19.86
C ILE G 22 -24.58 44.42 21.11
N ARG G 23 -24.09 44.93 22.24
CA ARG G 23 -24.05 44.12 23.44
C ARG G 23 -25.43 43.92 24.04
N ASP G 24 -26.33 44.90 23.88
CA ASP G 24 -27.70 44.72 24.35
C ASP G 24 -28.42 43.62 23.56
N ILE G 25 -28.27 43.64 22.24
CA ILE G 25 -28.86 42.59 21.41
C ILE G 25 -28.25 41.24 21.73
N ASP G 26 -26.93 41.19 21.97
CA ASP G 26 -26.31 39.92 22.31
C ASP G 26 -26.82 39.39 23.65
N ALA G 27 -27.02 40.28 24.63
CA ALA G 27 -27.58 39.85 25.90
C ALA G 27 -29.00 39.35 25.74
N MET G 28 -29.79 40.01 24.90
CA MET G 28 -31.15 39.53 24.66
C MET G 28 -31.13 38.16 23.98
N ARG G 29 -30.23 37.96 23.03
CA ARG G 29 -30.13 36.67 22.36
C ARG G 29 -29.73 35.58 23.34
N TRP G 30 -28.80 35.87 24.24
CA TRP G 30 -28.39 34.88 25.23
C TRP G 30 -29.53 34.56 26.19
N PHE G 31 -30.30 35.58 26.58
CA PHE G 31 -31.46 35.31 27.43
C PHE G 31 -32.48 34.46 26.71
N LEU G 32 -32.72 34.72 25.42
CA LEU G 32 -33.68 33.93 24.68
C LEU G 32 -33.22 32.49 24.51
N PHE G 33 -31.90 32.28 24.37
CA PHE G 33 -31.40 30.91 24.27
C PHE G 33 -31.49 30.20 25.62
N GLU G 34 -31.19 30.90 26.71
CA GLU G 34 -31.32 30.28 28.03
C GLU G 34 -32.77 29.97 28.36
N ASP G 35 -33.70 30.75 27.83
CA ASP G 35 -35.12 30.55 28.14
C ASP G 35 -35.75 29.48 27.27
N THR G 36 -35.61 29.59 25.94
CA THR G 36 -36.31 28.70 25.02
C THR G 36 -35.43 27.67 24.33
N GLY G 37 -34.11 27.70 24.54
CA GLY G 37 -33.25 26.65 24.07
C GLY G 37 -32.94 26.67 22.58
N VAL G 38 -33.47 27.62 21.83
CA VAL G 38 -33.25 27.71 20.39
C VAL G 38 -32.08 28.67 20.15
N PRO G 39 -31.00 28.24 19.53
CA PRO G 39 -29.86 29.14 19.29
C PRO G 39 -30.13 30.04 18.10
N LEU G 40 -30.38 31.32 18.38
CA LEU G 40 -30.75 32.29 17.37
C LEU G 40 -29.54 32.72 16.53
N PRO G 41 -29.76 33.09 15.27
CA PRO G 41 -28.65 33.57 14.44
C PRO G 41 -28.37 35.03 14.70
N GLU G 42 -27.17 35.45 14.31
CA GLU G 42 -26.71 36.80 14.61
C GLU G 42 -27.62 37.85 13.99
N VAL G 43 -27.95 38.87 14.76
CA VAL G 43 -28.78 39.97 14.28
C VAL G 43 -27.89 40.94 13.52
N ASN G 44 -28.24 41.19 12.26
CA ASN G 44 -27.48 42.10 11.41
C ASN G 44 -28.08 43.49 11.50
N ILE G 45 -27.32 44.44 12.03
CA ILE G 45 -27.77 45.81 12.19
C ILE G 45 -27.54 46.56 10.88
N GLU G 46 -28.61 47.10 10.32
CA GLU G 46 -28.54 47.86 9.08
C GLU G 46 -29.20 49.22 9.30
N VAL G 47 -28.74 50.23 8.57
CA VAL G 47 -29.19 51.60 8.76
C VAL G 47 -30.23 51.93 7.69
N LEU G 48 -31.38 52.43 8.13
CA LEU G 48 -32.48 52.74 7.23
C LEU G 48 -32.72 54.25 7.26
N PRO G 49 -32.26 55.00 6.26
CA PRO G 49 -32.46 56.46 6.27
C PRO G 49 -33.93 56.83 6.14
N GLU G 50 -34.47 57.48 7.17
CA GLU G 50 -35.88 57.81 7.21
C GLU G 50 -36.05 59.02 8.11
N PRO G 51 -36.74 60.07 7.65
CA PRO G 51 -37.01 61.21 8.54
C PRO G 51 -37.81 60.83 9.77
N THR G 52 -38.76 59.90 9.64
CA THR G 52 -39.55 59.43 10.77
C THR G 52 -38.78 58.36 11.52
N GLU G 53 -38.92 58.35 12.85
CA GLU G 53 -38.26 57.36 13.69
C GLU G 53 -38.92 56.01 13.49
N LYS G 54 -38.30 55.15 12.69
CA LYS G 54 -38.89 53.88 12.30
C LYS G 54 -37.85 52.77 12.36
N LEU G 55 -38.29 51.57 12.73
CA LEU G 55 -37.45 50.37 12.70
C LEU G 55 -38.21 49.24 12.04
N THR G 56 -37.47 48.34 11.40
CA THR G 56 -38.04 47.15 10.80
C THR G 56 -37.23 45.93 11.20
N VAL G 57 -37.93 44.81 11.37
CA VAL G 57 -37.32 43.53 11.68
C VAL G 57 -37.67 42.58 10.54
N LEU G 58 -36.64 42.02 9.91
CA LEU G 58 -36.76 41.20 8.72
C LEU G 58 -36.26 39.79 9.03
N LEU G 59 -37.14 38.81 8.86
CA LEU G 59 -36.81 37.41 9.02
C LEU G 59 -36.68 36.79 7.63
N TYR G 60 -35.46 36.39 7.28
CA TYR G 60 -35.17 35.82 5.96
C TYR G 60 -35.59 36.77 4.85
N GLN G 61 -35.36 38.07 5.10
CA GLN G 61 -35.57 39.15 4.15
C GLN G 61 -37.04 39.39 3.82
N GLU G 62 -37.96 38.79 4.57
CA GLU G 62 -39.37 39.10 4.44
C GLU G 62 -39.78 39.91 5.66
N PRO G 63 -40.07 41.20 5.52
CA PRO G 63 -40.25 42.06 6.70
C PRO G 63 -41.45 41.66 7.55
N VAL G 64 -41.18 41.19 8.77
CA VAL G 64 -42.23 40.76 9.67
C VAL G 64 -42.60 41.82 10.70
N PHE G 65 -41.75 42.82 10.92
CA PHE G 65 -42.08 43.85 11.89
C PHE G 65 -41.71 45.22 11.33
N SER G 66 -42.60 46.19 11.53
CA SER G 66 -42.38 47.55 11.06
C SER G 66 -43.08 48.51 12.00
N LEU G 67 -42.30 49.25 12.79
CA LEU G 67 -42.90 50.11 13.80
C LEU G 67 -42.25 51.49 13.74
N SER G 68 -43.07 52.53 13.85
CA SER G 68 -42.59 53.90 13.87
C SER G 68 -42.83 54.48 15.27
N ILE G 69 -41.71 54.59 15.99
CA ILE G 69 -41.60 54.97 17.44
C ILE G 69 -41.72 56.46 17.62
N PRO G 70 -42.84 57.00 18.14
CA PRO G 70 -43.00 58.44 18.27
C PRO G 70 -41.92 59.08 19.15
N ALA G 71 -41.48 60.29 18.77
CA ALA G 71 -40.42 61.11 19.41
C ALA G 71 -40.78 61.51 20.84
N GLN G 72 -42.08 61.71 21.07
CA GLN G 72 -42.59 62.13 22.41
C GLN G 72 -42.28 61.09 23.48
N ALA G 73 -42.40 59.79 23.17
CA ALA G 73 -42.12 58.73 24.19
C ALA G 73 -40.64 58.36 24.22
N ASP G 74 -40.08 58.27 25.42
CA ASP G 74 -38.65 57.96 25.62
C ASP G 74 -38.49 56.80 26.60
N TYR G 75 -39.61 56.33 27.18
CA TYR G 75 -39.63 55.23 28.19
C TYR G 75 -40.56 54.11 27.70
N LEU G 76 -40.11 52.83 27.64
CA LEU G 76 -40.99 51.84 27.03
C LEU G 76 -41.41 50.79 28.05
N LEU G 77 -42.68 50.40 28.00
CA LEU G 77 -43.23 49.37 28.88
C LEU G 77 -44.07 48.41 28.03
N ILE G 78 -43.68 47.15 28.00
CA ILE G 78 -44.37 46.15 27.20
C ILE G 78 -45.57 45.63 27.97
N GLY G 79 -46.73 45.60 27.31
CA GLY G 79 -47.97 45.18 27.94
C GLY G 79 -48.70 46.35 28.57
N ALA G 80 -49.91 46.06 29.04
CA ALA G 80 -50.77 47.06 29.63
C ALA G 80 -51.39 46.53 30.91
N ASP G 81 -51.73 47.45 31.81
CA ASP G 81 -52.40 47.11 33.06
C ASP G 81 -53.20 48.32 33.53
N ALA G 82 -53.95 48.13 34.61
CA ALA G 82 -54.79 49.21 35.12
C ALA G 82 -53.97 50.30 35.80
N SER G 83 -52.85 49.92 36.43
CA SER G 83 -52.05 50.89 37.16
C SER G 83 -51.39 51.93 36.25
N VAL G 84 -51.08 51.58 35.02
CA VAL G 84 -50.37 52.45 34.09
C VAL G 84 -51.19 52.57 32.81
N VAL G 85 -51.48 53.81 32.41
CA VAL G 85 -52.25 54.07 31.20
C VAL G 85 -51.77 55.38 30.59
N GLY G 86 -51.68 55.42 29.27
CA GLY G 86 -51.28 56.62 28.58
C GLY G 86 -50.25 56.39 27.48
N ASP G 87 -50.56 56.86 26.27
CA ASP G 87 -49.69 56.72 25.11
C ASP G 87 -49.35 55.26 24.78
N SER G 88 -50.42 54.47 24.64
CA SER G 88 -50.32 53.03 24.40
C SER G 88 -50.86 52.71 23.01
N GLN G 89 -50.24 51.73 22.34
CA GLN G 89 -50.75 51.28 21.06
C GLN G 89 -50.55 49.77 20.89
N THR G 90 -51.29 49.24 19.91
CA THR G 90 -51.33 47.82 19.61
C THR G 90 -50.20 47.43 18.68
N LEU G 91 -49.42 46.44 19.07
CA LEU G 91 -48.40 45.91 18.18
C LEU G 91 -49.05 45.13 17.05
N PRO G 92 -48.43 45.10 15.87
CA PRO G 92 -49.01 44.36 14.74
C PRO G 92 -48.95 42.86 14.97
N ASN G 93 -49.75 42.14 14.19
CA ASN G 93 -49.81 40.68 14.22
C ASN G 93 -50.19 40.15 15.60
N GLY G 94 -50.87 40.97 16.39
CA GLY G 94 -51.32 40.57 17.71
C GLY G 94 -50.21 40.19 18.66
N MET G 95 -49.09 40.92 18.61
CA MET G 95 -48.00 40.66 19.54
C MET G 95 -48.31 41.20 20.93
N GLY G 96 -49.23 42.15 21.03
CA GLY G 96 -49.63 42.67 22.32
C GLY G 96 -49.86 44.17 22.35
N GLN G 97 -49.53 44.80 23.46
CA GLN G 97 -49.69 46.24 23.63
C GLN G 97 -48.38 46.81 24.14
N ILE G 98 -48.09 48.05 23.77
CA ILE G 98 -46.92 48.74 24.29
C ILE G 98 -47.36 50.11 24.80
N CYS G 99 -46.62 50.63 25.78
CA CYS G 99 -46.90 51.90 26.41
C CYS G 99 -45.62 52.74 26.38
N TRP G 100 -45.71 53.95 25.83
CA TRP G 100 -44.62 54.90 25.90
C TRP G 100 -44.90 55.86 27.06
N LEU G 101 -44.01 55.85 28.05
CA LEU G 101 -44.25 56.55 29.31
C LEU G 101 -43.25 57.67 29.49
N THR G 102 -43.72 58.78 30.03
CA THR G 102 -42.84 59.89 30.39
C THR G 102 -41.95 59.49 31.57
N LYS G 103 -40.87 60.25 31.76
CA LYS G 103 -39.82 59.84 32.69
C LYS G 103 -40.36 59.60 34.09
N ASP G 104 -41.09 60.57 34.64
CA ASP G 104 -41.57 60.43 36.02
C ASP G 104 -42.59 59.30 36.14
N MET G 105 -43.51 59.20 35.18
CA MET G 105 -44.50 58.13 35.24
C MET G 105 -43.85 56.77 35.04
N ALA G 106 -42.80 56.71 34.21
CA ALA G 106 -42.08 55.45 34.04
C ALA G 106 -41.33 55.07 35.30
N HIS G 107 -40.75 56.04 36.01
CA HIS G 107 -40.13 55.74 37.29
C HIS G 107 -41.15 55.23 38.30
N LYS G 108 -42.34 55.85 38.31
CA LYS G 108 -43.40 55.36 39.18
C LYS G 108 -43.82 53.94 38.82
N ALA G 109 -43.92 53.63 37.53
CA ALA G 109 -44.28 52.28 37.09
C ALA G 109 -43.20 51.28 37.47
N GLN G 110 -41.93 51.66 37.34
CA GLN G 110 -40.85 50.78 37.76
C GLN G 110 -40.88 50.53 39.25
N GLY G 111 -41.18 51.57 40.04
CA GLY G 111 -41.37 51.38 41.46
C GLY G 111 -42.56 50.50 41.78
N PHE G 112 -43.58 50.53 40.93
CA PHE G 112 -44.76 49.69 41.12
C PHE G 112 -44.42 48.20 41.11
N GLY G 113 -43.32 47.81 40.49
CA GLY G 113 -42.92 46.42 40.47
C GLY G 113 -42.96 45.78 39.09
N LEU G 114 -42.70 46.58 38.05
CA LEU G 114 -42.68 46.09 36.68
C LEU G 114 -41.34 46.43 36.05
N ASP G 115 -41.15 45.96 34.82
CA ASP G 115 -39.95 46.24 34.05
C ASP G 115 -40.20 47.40 33.10
N VAL G 116 -39.28 48.37 33.08
CA VAL G 116 -39.36 49.52 32.19
C VAL G 116 -38.00 49.70 31.52
N PHE G 117 -38.02 49.86 30.20
CA PHE G 117 -36.81 49.91 29.40
C PHE G 117 -36.56 51.32 28.90
N ALA G 118 -35.29 51.72 28.84
CA ALA G 118 -34.89 53.03 28.39
C ALA G 118 -33.60 52.94 27.60
N GLY G 119 -33.56 53.65 26.47
CA GLY G 119 -32.38 53.65 25.62
C GLY G 119 -32.36 52.51 24.63
N SER G 120 -31.18 51.91 24.43
CA SER G 120 -31.08 50.78 23.51
C SER G 120 -32.00 49.64 23.93
N GLN G 121 -32.32 49.55 25.21
CA GLN G 121 -33.22 48.49 25.68
C GLN G 121 -34.57 48.58 24.98
N ARG G 122 -35.05 49.80 24.70
CA ARG G 122 -36.34 49.92 24.03
C ARG G 122 -36.36 49.21 22.69
N ILE G 123 -35.18 49.01 22.10
CA ILE G 123 -35.11 48.22 20.87
C ILE G 123 -35.18 46.73 21.21
N SER G 124 -34.36 46.28 22.16
CA SER G 124 -34.32 44.85 22.50
C SER G 124 -35.69 44.37 22.93
N ALA G 125 -36.31 45.04 23.89
CA ALA G 125 -37.61 44.60 24.38
C ALA G 125 -38.68 44.68 23.31
N LEU G 126 -38.39 45.37 22.20
CA LEU G 126 -39.25 45.24 21.03
C LEU G 126 -38.84 44.05 20.18
N LEU G 127 -37.57 44.01 19.77
CA LEU G 127 -37.10 42.92 18.92
C LEU G 127 -37.38 41.57 19.55
N LYS G 128 -37.08 41.43 20.84
CA LYS G 128 -37.31 40.18 21.54
C LYS G 128 -38.76 39.73 21.41
N CYS G 129 -39.70 40.67 21.53
CA CYS G 129 -41.11 40.31 21.38
C CYS G 129 -41.35 39.64 20.03
N VAL G 130 -40.82 40.24 18.96
CA VAL G 130 -40.94 39.63 17.65
C VAL G 130 -40.34 38.24 17.65
N LEU G 131 -39.14 38.10 18.22
CA LEU G 131 -38.49 36.80 18.20
C LEU G 131 -39.25 35.77 19.02
N LEU G 132 -40.12 36.21 19.94
CA LEU G 132 -40.90 35.25 20.69
C LEU G 132 -42.15 34.83 19.96
N ARG G 133 -42.44 35.46 18.82
CA ARG G 133 -43.65 35.13 18.02
C ARG G 133 -43.31 34.17 16.87
N HIS G 134 -42.17 34.37 16.19
CA HIS G 134 -41.76 33.54 15.03
C HIS G 134 -40.64 32.58 15.43
N MET G 135 -40.50 32.30 16.73
CA MET G 135 -39.50 31.35 17.29
C MET G 135 -39.42 30.02 16.53
N GLY G 136 -40.55 29.36 16.29
CA GLY G 136 -40.55 28.06 15.63
C GLY G 136 -39.93 28.05 14.26
N GLU G 137 -39.57 29.22 13.73
CA GLU G 137 -38.92 29.29 12.43
C GLU G 137 -37.40 29.18 12.52
N PHE G 138 -36.83 29.22 13.71
CA PHE G 138 -35.38 29.13 13.86
C PHE G 138 -34.93 27.73 14.25
N ILE G 139 -35.76 26.72 14.04
CA ILE G 139 -35.44 25.33 14.37
C ILE G 139 -35.89 24.46 13.19
N GLY G 140 -34.94 24.06 12.35
CA GLY G 140 -35.24 23.22 11.21
C GLY G 140 -34.40 21.96 11.22
N VAL G 141 -34.11 21.40 10.05
CA VAL G 141 -33.23 20.23 9.99
C VAL G 141 -31.79 20.63 10.29
N GLN G 142 -31.37 21.78 9.77
CA GLN G 142 -29.98 22.19 9.94
C GLN G 142 -29.71 22.64 11.37
N GLU G 143 -30.62 23.40 11.98
CA GLU G 143 -30.42 23.79 13.37
C GLU G 143 -30.47 22.58 14.29
N THR G 144 -31.31 21.60 13.98
CA THR G 144 -31.32 20.36 14.76
C THR G 144 -29.99 19.64 14.63
N ARG G 145 -29.42 19.60 13.43
CA ARG G 145 -28.10 18.99 13.28
C ARG G 145 -27.05 19.75 14.07
N TYR G 146 -27.16 21.07 14.13
CA TYR G 146 -26.21 21.83 14.95
C TYR G 146 -26.37 21.50 16.42
N LEU G 147 -27.60 21.36 16.90
CA LEU G 147 -27.82 21.00 18.29
C LEU G 147 -27.26 19.62 18.60
N MET G 148 -27.45 18.67 17.68
CA MET G 148 -26.94 17.32 17.91
C MET G 148 -25.42 17.30 17.85
N ASN G 149 -24.81 18.11 17.00
CA ASN G 149 -23.35 18.22 16.98
C ASN G 149 -22.83 18.83 18.28
N ALA G 150 -23.55 19.81 18.82
CA ALA G 150 -23.16 20.37 20.11
C ALA G 150 -23.27 19.33 21.22
N MET G 151 -24.33 18.52 21.18
CA MET G 151 -24.49 17.48 22.19
C MET G 151 -23.56 16.30 21.99
N GLU G 152 -22.91 16.17 20.83
CA GLU G 152 -21.96 15.08 20.65
C GLU G 152 -20.71 15.20 21.50
N LYS G 153 -20.54 16.30 22.24
CA LYS G 153 -19.31 16.49 22.99
C LYS G 153 -19.34 15.69 24.29
N ASN G 154 -20.35 15.92 25.12
CA ASN G 154 -20.50 15.21 26.39
C ASN G 154 -21.43 14.01 26.31
N TYR G 155 -22.32 13.95 25.32
CA TYR G 155 -23.36 12.95 25.27
C TYR G 155 -23.31 12.02 24.06
N SER G 156 -22.09 11.71 23.61
CA SER G 156 -21.89 11.09 22.31
C SER G 156 -22.79 9.87 22.11
N GLU G 157 -22.90 9.01 23.13
CA GLU G 157 -23.66 7.78 22.96
C GLU G 157 -25.16 8.07 22.91
N LEU G 158 -25.62 9.08 23.64
CA LEU G 158 -27.03 9.45 23.58
C LEU G 158 -27.42 9.89 22.18
N VAL G 159 -26.61 10.75 21.57
CA VAL G 159 -26.88 11.21 20.21
C VAL G 159 -26.76 10.07 19.21
N LYS G 160 -25.75 9.21 19.38
CA LYS G 160 -25.60 8.08 18.45
C LYS G 160 -26.80 7.15 18.52
N GLU G 161 -27.26 6.82 19.72
CA GLU G 161 -28.44 5.98 19.86
C GLU G 161 -29.66 6.65 19.26
N LEU G 162 -29.83 7.95 19.50
CA LEU G 162 -30.98 8.64 18.93
C LEU G 162 -30.96 8.61 17.40
N GLN G 163 -29.80 8.86 16.80
CA GLN G 163 -29.69 8.77 15.35
C GLN G 163 -30.02 7.37 14.86
N ARG G 164 -29.55 6.35 15.57
CA ARG G 164 -29.89 4.98 15.20
C ARG G 164 -31.38 4.74 15.29
N GLN G 165 -32.09 5.45 16.19
CA GLN G 165 -33.52 5.26 16.31
C GLN G 165 -34.31 6.02 15.24
N LEU G 166 -34.14 7.35 15.17
CA LEU G 166 -34.95 8.21 14.33
C LEU G 166 -34.08 8.94 13.32
N PRO G 167 -34.60 9.15 12.11
CA PRO G 167 -33.90 10.00 11.14
C PRO G 167 -34.03 11.47 11.50
N ILE G 168 -33.08 12.27 11.01
CA ILE G 168 -32.94 13.64 11.49
C ILE G 168 -34.16 14.48 11.18
N ASN G 169 -34.91 14.15 10.13
CA ASN G 169 -36.09 14.96 9.82
C ASN G 169 -37.16 14.77 10.88
N LYS G 170 -37.30 13.57 11.44
CA LYS G 170 -38.29 13.35 12.49
C LYS G 170 -37.87 14.02 13.80
N ILE G 171 -36.58 14.01 14.12
CA ILE G 171 -36.11 14.73 15.31
C ILE G 171 -36.35 16.22 15.14
N ALA G 172 -36.06 16.76 13.95
CA ALA G 172 -36.30 18.18 13.72
C ALA G 172 -37.78 18.51 13.79
N GLU G 173 -38.63 17.61 13.29
CA GLU G 173 -40.07 17.83 13.40
C GLU G 173 -40.52 17.84 14.85
N THR G 174 -39.99 16.93 15.67
CA THR G 174 -40.33 16.90 17.08
C THR G 174 -39.90 18.17 17.78
N LEU G 175 -38.65 18.60 17.55
CA LEU G 175 -38.16 19.81 18.20
C LEU G 175 -38.94 21.04 17.75
N GLN G 176 -39.29 21.11 16.46
CA GLN G 176 -40.08 22.23 15.97
C GLN G 176 -41.46 22.24 16.60
N ARG G 177 -42.08 21.08 16.72
CA ARG G 177 -43.42 21.02 17.31
C ARG G 177 -43.39 21.35 18.79
N LEU G 178 -42.26 21.07 19.47
CA LEU G 178 -42.12 21.48 20.85
C LEU G 178 -41.88 22.98 20.99
N VAL G 179 -41.08 23.55 20.09
CA VAL G 179 -40.73 25.00 20.18
C VAL G 179 -41.98 25.82 19.86
N SER G 180 -42.79 25.38 18.89
CA SER G 180 -43.94 26.18 18.47
C SER G 180 -45.07 26.15 19.50
N GLU G 181 -44.82 25.67 20.71
CA GLU G 181 -45.81 25.68 21.77
C GLU G 181 -45.31 26.39 23.03
N ARG G 182 -44.18 27.10 22.94
CA ARG G 182 -43.52 27.70 24.09
C ARG G 182 -43.09 26.64 25.11
N VAL G 183 -42.62 25.49 24.64
CA VAL G 183 -41.99 24.49 25.49
C VAL G 183 -40.50 24.54 25.20
N SER G 184 -39.70 24.77 26.23
CA SER G 184 -38.26 24.93 26.02
C SER G 184 -37.64 23.59 25.65
N ILE G 185 -36.70 23.64 24.72
CA ILE G 185 -35.94 22.46 24.34
C ILE G 185 -34.53 22.62 24.90
N ARG G 186 -34.42 23.37 26.00
CA ARG G 186 -33.12 23.55 26.64
C ARG G 186 -32.60 22.24 27.19
N ASP G 187 -33.47 21.42 27.77
CA ASP G 187 -33.10 20.13 28.34
C ASP G 187 -33.12 19.09 27.23
N LEU G 188 -31.98 18.97 26.54
CA LEU G 188 -31.93 18.05 25.41
C LEU G 188 -31.62 16.62 25.84
N ARG G 189 -30.97 16.46 27.00
CA ARG G 189 -30.73 15.10 27.49
C ARG G 189 -32.03 14.37 27.73
N LEU G 190 -32.99 15.03 28.40
CA LEU G 190 -34.27 14.40 28.68
C LEU G 190 -35.08 14.17 27.41
N ILE G 191 -35.04 15.13 26.49
CA ILE G 191 -35.78 14.98 25.24
C ILE G 191 -35.25 13.81 24.43
N PHE G 192 -33.92 13.71 24.31
CA PHE G 192 -33.34 12.61 23.57
C PHE G 192 -33.60 11.28 24.29
N GLY G 193 -33.60 11.28 25.62
CA GLY G 193 -33.93 10.07 26.35
C GLY G 193 -35.34 9.60 26.09
N THR G 194 -36.30 10.55 26.06
CA THR G 194 -37.68 10.16 25.82
C THR G 194 -37.91 9.71 24.39
N LEU G 195 -37.21 10.34 23.43
CA LEU G 195 -37.31 9.88 22.05
C LEU G 195 -36.68 8.50 21.88
N ILE G 196 -35.61 8.22 22.62
CA ILE G 196 -35.00 6.89 22.56
C ILE G 196 -35.93 5.84 23.18
N ASP G 197 -36.58 6.20 24.28
CA ASP G 197 -37.53 5.26 24.90
C ASP G 197 -38.69 4.96 23.97
N TRP G 198 -39.36 5.99 23.46
CA TRP G 198 -40.63 5.80 22.75
C TRP G 198 -40.50 5.72 21.24
N ALA G 199 -39.29 5.78 20.69
CA ALA G 199 -39.14 5.65 19.24
C ALA G 199 -39.50 4.26 18.73
N PRO G 200 -39.04 3.16 19.32
CA PRO G 200 -39.45 1.84 18.81
C PRO G 200 -40.95 1.58 18.93
N ARG G 201 -41.60 2.12 19.95
CA ARG G 201 -42.99 1.80 20.24
C ARG G 201 -43.97 2.81 19.64
N GLU G 202 -43.50 3.75 18.82
CA GLU G 202 -44.39 4.75 18.26
C GLU G 202 -43.81 5.25 16.95
N LYS G 203 -44.68 5.58 15.99
CA LYS G 203 -44.26 6.10 14.71
C LYS G 203 -44.90 7.44 14.36
N ASP G 204 -45.97 7.83 15.04
CA ASP G 204 -46.61 9.10 14.79
C ASP G 204 -45.86 10.20 15.53
N VAL G 205 -45.15 11.04 14.76
CA VAL G 205 -44.26 12.04 15.36
C VAL G 205 -45.05 12.97 16.29
N LEU G 206 -46.33 13.17 16.00
CA LEU G 206 -47.16 13.93 16.93
C LEU G 206 -47.25 13.25 18.29
N MET G 207 -47.34 11.92 18.30
CA MET G 207 -47.44 11.23 19.57
C MET G 207 -46.09 11.19 20.29
N LEU G 208 -44.98 11.12 19.54
CA LEU G 208 -43.68 11.27 20.17
C LEU G 208 -43.55 12.63 20.82
N THR G 209 -44.03 13.68 20.15
CA THR G 209 -44.03 15.01 20.75
C THR G 209 -44.90 15.06 21.99
N GLU G 210 -46.03 14.37 21.97
CA GLU G 210 -46.87 14.32 23.16
C GLU G 210 -46.15 13.65 24.32
N TYR G 211 -45.44 12.56 24.05
CA TYR G 211 -44.70 11.88 25.12
C TYR G 211 -43.57 12.75 25.65
N VAL G 212 -42.89 13.48 24.77
CA VAL G 212 -41.83 14.38 25.22
C VAL G 212 -42.42 15.52 26.05
N ARG G 213 -43.60 15.99 25.68
CA ARG G 213 -44.25 17.04 26.47
C ARG G 213 -44.65 16.52 27.84
N ILE G 214 -45.11 15.27 27.92
CA ILE G 214 -45.48 14.69 29.20
C ILE G 214 -44.24 14.51 30.08
N ALA G 215 -43.13 14.06 29.49
CA ALA G 215 -41.91 13.89 30.27
C ALA G 215 -41.35 15.23 30.74
N LEU G 216 -41.76 16.33 30.12
CA LEU G 216 -41.32 17.67 30.49
C LEU G 216 -42.38 18.43 31.28
N ARG G 217 -43.30 17.73 31.94
CA ARG G 217 -44.45 18.40 32.54
C ARG G 217 -44.04 19.31 33.69
N ARG G 218 -43.01 18.93 34.45
CA ARG G 218 -42.58 19.78 35.56
C ARG G 218 -42.08 21.13 35.03
N HIS G 219 -41.28 21.10 33.97
CA HIS G 219 -40.80 22.35 33.38
C HIS G 219 -41.93 23.20 32.85
N ILE G 220 -42.89 22.58 32.16
CA ILE G 220 -44.00 23.35 31.60
C ILE G 220 -44.79 24.02 32.71
N LEU G 221 -45.13 23.27 33.76
CA LEU G 221 -45.92 23.84 34.83
C LEU G 221 -45.10 24.74 35.74
N ARG G 222 -43.78 24.76 35.58
CA ARG G 222 -43.00 25.79 36.26
C ARG G 222 -42.95 27.06 35.45
N ARG G 223 -42.77 26.94 34.14
CA ARG G 223 -42.65 28.13 33.30
C ARG G 223 -43.98 28.85 33.15
N LEU G 224 -45.10 28.13 33.13
CA LEU G 224 -46.40 28.80 33.01
C LEU G 224 -46.67 29.69 34.20
N ASN G 225 -46.38 29.22 35.42
CA ASN G 225 -46.51 30.06 36.60
C ASN G 225 -45.32 29.85 37.53
N PRO G 226 -44.38 30.80 37.56
CA PRO G 226 -43.15 30.58 38.35
C PRO G 226 -43.41 30.31 39.82
N GLU G 227 -44.41 30.96 40.41
CA GLU G 227 -44.77 30.72 41.80
C GLU G 227 -45.66 29.49 41.90
N GLY G 228 -45.76 28.97 43.12
CA GLY G 228 -46.60 27.82 43.37
C GLY G 228 -48.07 28.14 43.51
N LYS G 229 -48.45 29.40 43.40
CA LYS G 229 -49.83 29.79 43.58
C LYS G 229 -50.71 29.19 42.48
N PRO G 230 -51.95 28.84 42.81
CA PRO G 230 -52.86 28.29 41.80
C PRO G 230 -53.34 29.34 40.81
N LEU G 231 -53.16 29.07 39.51
CA LEU G 231 -53.68 29.95 38.46
C LEU G 231 -54.89 29.33 37.78
N PRO G 232 -55.77 30.16 37.22
CA PRO G 232 -57.05 29.66 36.72
C PRO G 232 -56.90 28.60 35.64
N ILE G 233 -57.81 27.64 35.66
CA ILE G 233 -57.84 26.54 34.70
C ILE G 233 -59.24 26.44 34.11
N LEU G 234 -59.32 26.39 32.78
CA LEU G 234 -60.57 26.26 32.05
C LEU G 234 -60.65 24.82 31.53
N ARG G 235 -61.51 24.03 32.16
CA ARG G 235 -61.68 22.63 31.76
C ARG G 235 -62.39 22.54 30.43
N ILE G 236 -62.16 21.44 29.73
CA ILE G 236 -62.97 21.11 28.55
C ILE G 236 -63.88 19.94 28.90
N GLY G 237 -65.18 20.14 28.71
CA GLY G 237 -66.14 19.12 29.11
C GLY G 237 -66.08 17.90 28.23
N GLU G 238 -66.79 16.85 28.67
CA GLU G 238 -66.74 15.58 27.98
C GLU G 238 -67.35 15.65 26.59
N GLY G 239 -68.24 16.62 26.35
CA GLY G 239 -68.84 16.71 25.03
C GLY G 239 -67.84 17.00 23.94
N ILE G 240 -67.00 18.00 24.15
CA ILE G 240 -65.99 18.35 23.13
C ILE G 240 -64.95 17.25 23.03
N GLU G 241 -64.58 16.66 24.15
CA GLU G 241 -63.59 15.57 24.13
C GLU G 241 -64.12 14.39 23.31
N ASN G 242 -65.38 14.04 23.48
CA ASN G 242 -65.96 12.94 22.71
C ASN G 242 -66.15 13.32 21.26
N LEU G 243 -66.46 14.60 20.98
CA LEU G 243 -66.60 15.03 19.60
C LEU G 243 -65.28 14.91 18.84
N VAL G 244 -64.20 15.40 19.44
CA VAL G 244 -62.91 15.36 18.73
C VAL G 244 -62.29 13.97 18.81
N ARG G 245 -62.69 13.15 19.79
CA ARG G 245 -62.14 11.80 19.89
C ARG G 245 -62.76 10.87 18.87
N GLU G 246 -64.03 11.08 18.52
CA GLU G 246 -64.70 10.23 17.55
C GLU G 246 -64.22 10.46 16.12
N SER G 247 -63.71 11.64 15.81
CA SER G 247 -63.34 12.01 14.44
C SER G 247 -61.90 11.67 14.10
N ILE G 248 -61.24 10.80 14.85
CA ILE G 248 -59.83 10.53 14.65
C ILE G 248 -59.68 9.53 13.51
N ARG G 249 -59.01 9.95 12.44
CA ARG G 249 -58.81 9.12 11.25
C ARG G 249 -57.34 8.88 11.06
N GLN G 250 -56.95 7.62 10.91
CA GLN G 250 -55.55 7.23 10.88
C GLN G 250 -55.15 6.74 9.50
N THR G 251 -53.97 7.17 9.04
CA THR G 251 -53.31 6.68 7.85
C THR G 251 -51.93 6.16 8.23
N ALA G 252 -51.22 5.62 7.24
CA ALA G 252 -49.95 4.96 7.49
C ALA G 252 -48.94 5.86 8.19
N MET G 253 -49.11 7.18 8.11
CA MET G 253 -48.19 8.12 8.72
C MET G 253 -48.68 8.64 10.06
N GLY G 254 -49.82 8.16 10.57
CA GLY G 254 -50.30 8.58 11.87
C GLY G 254 -51.74 8.99 11.82
N THR G 255 -52.24 9.53 12.93
CA THR G 255 -53.65 9.88 13.08
C THR G 255 -53.81 11.39 12.98
N TYR G 256 -54.92 11.82 12.37
CA TYR G 256 -55.28 13.22 12.29
C TYR G 256 -56.75 13.37 12.68
N THR G 257 -57.20 14.61 12.75
CA THR G 257 -58.59 14.92 13.08
C THR G 257 -59.33 15.33 11.81
N ALA G 258 -60.63 15.04 11.77
CA ALA G 258 -61.48 15.37 10.63
C ALA G 258 -62.81 15.86 11.16
N LEU G 259 -62.93 17.17 11.35
CA LEU G 259 -64.14 17.79 11.85
C LEU G 259 -64.76 18.70 10.80
N SER G 260 -66.05 18.95 10.94
CA SER G 260 -66.72 19.93 10.12
C SER G 260 -66.26 21.34 10.49
N SER G 261 -66.21 22.22 9.48
CA SER G 261 -65.78 23.59 9.73
C SER G 261 -66.71 24.29 10.73
N ARG G 262 -67.99 23.90 10.74
CA ARG G 262 -68.92 24.47 11.70
C ARG G 262 -68.51 24.13 13.13
N HIS G 263 -68.09 22.88 13.36
CA HIS G 263 -67.65 22.48 14.68
C HIS G 263 -66.47 23.31 15.16
N LYS G 264 -65.45 23.45 14.31
CA LYS G 264 -64.29 24.24 14.69
C LYS G 264 -64.67 25.69 14.94
N THR G 265 -65.49 26.27 14.05
CA THR G 265 -65.86 27.67 14.21
C THR G 265 -66.60 27.90 15.52
N GLN G 266 -67.54 27.02 15.85
CA GLN G 266 -68.28 27.20 17.10
C GLN G 266 -67.38 27.00 18.31
N ILE G 267 -66.47 26.03 18.26
CA ILE G 267 -65.59 25.79 19.40
C ILE G 267 -64.69 27.01 19.65
N LEU G 268 -64.07 27.53 18.60
CA LEU G 268 -63.25 28.72 18.77
C LEU G 268 -64.07 29.92 19.20
N GLN G 269 -65.27 30.09 18.65
CA GLN G 269 -66.10 31.23 19.03
C GLN G 269 -66.43 31.21 20.52
N LEU G 270 -66.80 30.04 21.03
CA LEU G 270 -67.14 29.96 22.45
C LEU G 270 -65.90 30.03 23.34
N ILE G 271 -64.76 29.51 22.86
CA ILE G 271 -63.54 29.63 23.66
C ILE G 271 -63.14 31.09 23.80
N GLU G 272 -63.19 31.85 22.70
CA GLU G 272 -62.94 33.28 22.78
C GLU G 272 -64.00 33.96 23.64
N GLN G 273 -65.24 33.46 23.60
CA GLN G 273 -66.27 33.97 24.49
C GLN G 273 -65.92 33.71 25.95
N ALA G 274 -65.31 32.56 26.25
CA ALA G 274 -64.95 32.21 27.61
C ALA G 274 -63.59 32.77 28.03
N LEU G 275 -62.83 33.36 27.11
CA LEU G 275 -61.52 33.90 27.43
C LEU G 275 -61.53 35.37 27.81
N LYS G 276 -62.63 36.09 27.55
CA LYS G 276 -62.68 37.51 27.88
C LYS G 276 -63.04 37.76 29.34
N GLN G 277 -63.36 36.71 30.09
CA GLN G 277 -63.70 36.91 31.51
C GLN G 277 -62.45 37.17 32.35
N SER G 278 -61.33 36.51 32.04
CA SER G 278 -60.08 36.74 32.75
C SER G 278 -58.94 36.79 31.75
N ALA G 279 -57.86 37.47 32.14
CA ALA G 279 -56.76 37.72 31.21
C ALA G 279 -56.06 36.43 30.81
N LYS G 280 -55.74 35.57 31.77
CA LYS G 280 -54.99 34.35 31.50
C LYS G 280 -55.81 33.13 31.89
N LEU G 281 -55.89 32.16 30.98
CA LEU G 281 -56.58 30.91 31.24
C LEU G 281 -55.83 29.77 30.57
N PHE G 282 -55.67 28.68 31.31
CA PHE G 282 -55.04 27.47 30.79
C PHE G 282 -56.14 26.48 30.43
N ILE G 283 -56.32 26.23 29.14
CA ILE G 283 -57.31 25.27 28.68
C ILE G 283 -56.78 23.86 28.92
N VAL G 284 -57.56 23.04 29.60
CA VAL G 284 -57.14 21.70 30.00
C VAL G 284 -58.12 20.67 29.47
N THR G 285 -57.60 19.69 28.73
CA THR G 285 -58.40 18.63 28.15
C THR G 285 -57.70 17.30 28.39
N SER G 286 -58.25 16.23 27.83
CA SER G 286 -57.70 14.90 28.00
C SER G 286 -56.43 14.73 27.16
N VAL G 287 -55.73 13.63 27.41
CA VAL G 287 -54.48 13.36 26.69
C VAL G 287 -54.78 13.01 25.23
N ASP G 288 -55.76 12.15 24.99
CA ASP G 288 -56.07 11.67 23.65
C ASP G 288 -56.71 12.76 22.78
N THR G 289 -57.18 13.85 23.39
CA THR G 289 -57.82 14.92 22.65
C THR G 289 -57.05 16.24 22.73
N ARG G 290 -55.87 16.25 23.34
CA ARG G 290 -55.15 17.51 23.52
C ARG G 290 -54.53 18.06 22.25
N ARG G 291 -53.67 17.28 21.60
CA ARG G 291 -52.96 17.78 20.44
C ARG G 291 -53.92 18.17 19.32
N PHE G 292 -54.92 17.33 19.05
CA PHE G 292 -55.89 17.65 18.03
C PHE G 292 -56.59 18.97 18.32
N LEU G 293 -57.02 19.16 19.57
CA LEU G 293 -57.61 20.44 19.93
C LEU G 293 -56.65 21.57 19.65
N ARG G 294 -55.37 21.38 19.98
CA ARG G 294 -54.38 22.42 19.69
C ARG G 294 -54.35 22.75 18.21
N LYS G 295 -54.41 21.72 17.36
CA LYS G 295 -54.30 22.01 15.93
C LYS G 295 -55.62 22.47 15.33
N ILE G 296 -56.66 22.70 16.14
CA ILE G 296 -57.79 23.47 15.66
C ILE G 296 -57.83 24.86 16.28
N THR G 297 -56.91 25.17 17.18
CA THR G 297 -56.84 26.48 17.80
C THR G 297 -55.50 27.17 17.66
N GLU G 298 -54.56 26.59 16.90
CA GLU G 298 -53.24 27.21 16.76
C GLU G 298 -53.28 28.38 15.79
N ALA G 299 -54.12 28.32 14.76
CA ALA G 299 -54.14 29.37 13.74
C ALA G 299 -54.56 30.72 14.31
N THR G 300 -55.59 30.72 15.15
CA THR G 300 -56.14 31.96 15.71
C THR G 300 -55.62 32.25 17.10
N LEU G 301 -55.78 31.30 18.03
CA LEU G 301 -55.38 31.47 19.43
C LEU G 301 -54.01 30.83 19.61
N PHE G 302 -52.97 31.53 19.15
CA PHE G 302 -51.63 31.00 19.23
C PHE G 302 -51.02 31.11 20.63
N ASP G 303 -51.35 32.16 21.37
CA ASP G 303 -50.67 32.44 22.62
C ASP G 303 -51.37 31.88 23.85
N VAL G 304 -52.43 31.09 23.67
CA VAL G 304 -53.09 30.44 24.80
C VAL G 304 -52.51 29.05 24.96
N PRO G 305 -52.09 28.65 26.16
CA PRO G 305 -51.48 27.32 26.33
C PRO G 305 -52.53 26.23 26.51
N ILE G 306 -52.45 25.19 25.69
CA ILE G 306 -53.37 24.06 25.76
C ILE G 306 -52.68 22.94 26.52
N LEU G 307 -52.92 22.87 27.83
CA LEU G 307 -52.33 21.83 28.66
C LEU G 307 -53.15 20.56 28.55
N SER G 308 -52.74 19.55 29.31
CA SER G 308 -53.42 18.26 29.36
C SER G 308 -53.59 17.84 30.81
N TRP G 309 -54.33 16.75 31.02
CA TRP G 309 -54.55 16.28 32.39
C TRP G 309 -53.31 15.58 32.93
N GLN G 310 -52.65 14.76 32.11
CA GLN G 310 -51.45 14.07 32.57
C GLN G 310 -50.29 15.02 32.80
N GLU G 311 -50.29 16.19 32.15
CA GLU G 311 -49.24 17.17 32.37
C GLU G 311 -49.40 17.89 33.71
N LEU G 312 -50.59 17.88 34.28
CA LEU G 312 -50.83 18.38 35.63
C LEU G 312 -50.92 17.20 36.57
N GLY G 313 -49.84 16.93 37.29
CA GLY G 313 -49.80 15.83 38.22
C GLY G 313 -50.76 16.03 39.38
N GLU G 314 -50.80 15.03 40.26
CA GLU G 314 -51.65 15.10 41.43
C GLU G 314 -51.22 16.17 42.43
N GLU G 315 -50.03 16.73 42.25
CA GLU G 315 -49.50 17.75 43.16
C GLU G 315 -49.93 19.16 42.80
N SER G 316 -50.59 19.36 41.67
CA SER G 316 -51.11 20.66 41.26
C SER G 316 -52.61 20.67 41.41
N LEU G 317 -53.11 21.58 42.25
CA LEU G 317 -54.55 21.70 42.42
C LEU G 317 -55.11 22.53 41.27
N ILE G 318 -56.39 22.34 40.99
CA ILE G 318 -56.95 22.81 39.73
C ILE G 318 -57.50 24.22 39.85
N GLN G 319 -58.50 24.41 40.71
CA GLN G 319 -59.25 25.67 40.78
C GLN G 319 -59.91 25.97 39.44
N VAL G 320 -60.86 25.11 39.08
CA VAL G 320 -61.61 25.30 37.83
C VAL G 320 -62.27 26.66 37.88
N VAL G 321 -62.26 27.37 36.75
CA VAL G 321 -62.95 28.64 36.62
C VAL G 321 -64.22 28.50 35.80
N GLU G 322 -64.16 27.78 34.68
CA GLU G 322 -65.33 27.54 33.85
C GLU G 322 -65.24 26.12 33.29
N SER G 323 -66.39 25.57 32.93
CA SER G 323 -66.48 24.22 32.38
C SER G 323 -67.22 24.29 31.05
N ILE G 324 -66.47 24.34 29.96
CA ILE G 324 -67.04 24.40 28.63
C ILE G 324 -67.54 23.01 28.25
N ASP G 325 -68.71 22.96 27.60
CA ASP G 325 -69.27 21.68 27.15
C ASP G 325 -70.15 21.93 25.95
N LEU G 326 -70.25 20.93 25.06
CA LEU G 326 -71.09 21.00 23.87
C LEU G 326 -71.60 19.62 23.50
N SER G 327 -72.61 19.62 22.63
CA SER G 327 -72.96 18.49 21.80
C SER G 327 -72.61 18.83 20.35
N GLU G 328 -72.88 17.93 19.43
CA GLU G 328 -72.52 18.17 18.05
C GLU G 328 -73.30 19.36 17.48
N GLU G 329 -73.03 19.67 16.20
CA GLU G 329 -73.67 20.76 15.50
C GLU G 329 -74.41 20.31 14.25
N GLU G 330 -73.76 19.53 13.39
CA GLU G 330 -74.38 19.14 12.13
C GLU G 330 -75.60 18.25 12.34
N LEU G 331 -75.46 17.23 13.19
CA LEU G 331 -76.59 16.37 13.48
C LEU G 331 -77.69 17.11 14.24
N ALA G 332 -77.32 17.78 15.33
CA ALA G 332 -78.25 18.56 16.13
C ALA G 332 -77.43 19.36 17.14
N ASP G 333 -77.87 20.59 17.41
CA ASP G 333 -77.10 21.47 18.30
C ASP G 333 -77.01 20.88 19.72
N ASN G 334 -78.14 20.87 20.43
CA ASN G 334 -78.30 20.21 21.73
C ASN G 334 -77.49 20.95 22.78
N GLU G 335 -76.55 21.83 22.39
CA GLU G 335 -75.91 22.71 23.36
C GLU G 335 -75.80 24.13 22.83
N GLU G 336 -75.56 24.27 21.52
CA GLU G 336 -75.30 25.56 20.91
C GLU G 336 -76.52 26.09 20.18
N MET H 1 -22.90 29.72 23.67
CA MET H 1 -24.20 29.03 23.63
C MET H 1 -23.93 27.52 23.58
N VAL H 2 -23.90 26.85 24.73
CA VAL H 2 -23.55 25.41 24.76
C VAL H 2 -24.81 24.54 24.98
N PRO H 3 -25.39 23.83 23.98
CA PRO H 3 -26.54 22.93 24.17
C PRO H 3 -26.32 21.96 25.32
N GLY H 4 -27.41 21.56 25.96
CA GLY H 4 -27.36 20.67 27.09
C GLY H 4 -27.25 21.40 28.41
N ALA H 5 -28.25 21.22 29.27
CA ALA H 5 -28.29 21.98 30.51
C ALA H 5 -27.15 21.59 31.43
N CYS H 6 -26.78 22.50 32.32
CA CYS H 6 -25.77 22.20 33.31
C CYS H 6 -26.35 21.25 34.37
N PRO H 7 -25.72 20.11 34.62
CA PRO H 7 -26.41 19.06 35.40
C PRO H 7 -26.84 19.47 36.79
N LEU H 8 -25.91 19.85 37.66
CA LEU H 8 -26.21 20.03 39.07
C LEU H 8 -25.59 21.34 39.55
N ILE H 9 -26.44 22.28 39.98
CA ILE H 9 -26.00 23.60 40.38
C ILE H 9 -26.55 23.88 41.78
N LEU H 10 -25.68 24.35 42.68
CA LEU H 10 -26.08 24.73 44.02
C LEU H 10 -25.81 26.22 44.19
N ARG H 11 -26.87 27.01 44.35
CA ARG H 11 -26.77 28.45 44.48
C ARG H 11 -26.95 28.82 45.95
N LEU H 12 -25.98 29.57 46.49
CA LEU H 12 -25.96 29.93 47.90
C LEU H 12 -25.73 31.42 48.07
N SER H 13 -26.34 31.97 49.14
CA SER H 13 -26.24 33.42 49.42
C SER H 13 -24.87 33.73 50.06
N PRO H 14 -24.45 35.03 50.13
CA PRO H 14 -23.20 35.39 50.79
C PRO H 14 -22.83 34.60 52.06
N THR H 15 -23.69 34.63 53.09
CA THR H 15 -23.34 33.97 54.38
C THR H 15 -23.68 32.47 54.34
N LEU H 16 -23.78 31.88 53.15
CA LEU H 16 -24.02 30.41 53.04
C LEU H 16 -22.85 29.77 52.28
N HIS H 17 -21.77 30.52 52.09
CA HIS H 17 -20.58 30.01 51.37
C HIS H 17 -19.44 29.77 52.39
N SER H 18 -18.63 28.73 52.19
CA SER H 18 -17.54 28.43 53.11
C SER H 18 -16.34 27.96 52.32
N ALA H 19 -15.29 27.57 53.06
CA ALA H 19 -14.04 27.18 52.42
C ALA H 19 -13.92 25.67 52.29
N ASP H 20 -14.52 24.92 53.22
CA ASP H 20 -14.52 23.46 53.17
C ASP H 20 -15.75 22.90 52.47
N LEU H 21 -16.54 23.76 51.83
CA LEU H 21 -17.75 23.29 51.15
C LEU H 21 -17.41 22.35 50.02
N ILE H 22 -16.32 22.62 49.29
CA ILE H 22 -15.96 21.79 48.14
C ILE H 22 -15.68 20.37 48.59
N ARG H 23 -14.87 20.20 49.64
CA ARG H 23 -14.51 18.86 50.07
C ARG H 23 -15.68 18.17 50.77
N ASP H 24 -16.54 18.93 51.45
CA ASP H 24 -17.72 18.32 52.06
C ASP H 24 -18.69 17.80 50.99
N ILE H 25 -18.93 18.59 49.94
CA ILE H 25 -19.77 18.14 48.84
C ILE H 25 -19.15 16.94 48.14
N ASP H 26 -17.82 16.95 47.96
CA ASP H 26 -17.18 15.81 47.31
C ASP H 26 -17.31 14.55 48.16
N ALA H 27 -17.18 14.68 49.48
CA ALA H 27 -17.37 13.52 50.35
C ALA H 27 -18.79 13.01 50.29
N MET H 28 -19.76 13.92 50.24
CA MET H 28 -21.15 13.48 50.11
C MET H 28 -21.39 12.77 48.79
N ARG H 29 -20.80 13.28 47.70
CA ARG H 29 -20.95 12.63 46.41
C ARG H 29 -20.33 11.24 46.41
N TRP H 30 -19.17 11.10 47.04
CA TRP H 30 -18.54 9.78 47.11
C TRP H 30 -19.37 8.81 47.96
N PHE H 31 -19.95 9.30 49.05
CA PHE H 31 -20.82 8.45 49.84
C PHE H 31 -22.04 8.02 49.04
N LEU H 32 -22.63 8.95 48.28
CA LEU H 32 -23.80 8.61 47.48
C LEU H 32 -23.46 7.59 46.39
N PHE H 33 -22.25 7.70 45.82
CA PHE H 33 -21.85 6.71 44.82
C PHE H 33 -21.58 5.35 45.45
N GLU H 34 -20.95 5.33 46.63
CA GLU H 34 -20.73 4.06 47.30
C GLU H 34 -22.04 3.42 47.75
N ASP H 35 -23.05 4.23 48.04
CA ASP H 35 -24.32 3.69 48.52
C ASP H 35 -25.22 3.24 47.37
N THR H 36 -25.46 4.11 46.38
CA THR H 36 -26.43 3.82 45.34
C THR H 36 -25.82 3.51 43.97
N GLY H 37 -24.50 3.59 43.82
CA GLY H 37 -23.86 3.14 42.62
C GLY H 37 -23.98 4.05 41.41
N VAL H 38 -24.67 5.17 41.52
CA VAL H 38 -24.86 6.10 40.41
C VAL H 38 -23.78 7.17 40.50
N PRO H 39 -22.94 7.33 39.50
CA PRO H 39 -21.88 8.35 39.56
C PRO H 39 -22.44 9.73 39.24
N LEU H 40 -22.55 10.56 40.27
CA LEU H 40 -23.15 11.88 40.16
C LEU H 40 -22.21 12.86 39.47
N PRO H 41 -22.77 13.85 38.77
CA PRO H 41 -21.93 14.88 38.12
C PRO H 41 -21.53 15.96 39.12
N GLU H 42 -20.46 16.67 38.77
CA GLU H 42 -19.89 17.66 39.67
C GLU H 42 -20.90 18.73 40.04
N VAL H 43 -20.95 19.07 41.33
CA VAL H 43 -21.84 20.12 41.81
C VAL H 43 -21.17 21.46 41.56
N ASN H 44 -21.85 22.35 40.84
CA ASN H 44 -21.33 23.66 40.53
C ASN H 44 -21.82 24.65 41.58
N ILE H 45 -20.90 25.22 42.34
CA ILE H 45 -21.23 26.18 43.39
C ILE H 45 -21.36 27.56 42.76
N GLU H 46 -22.53 28.18 42.93
CA GLU H 46 -22.78 29.51 42.40
C GLU H 46 -23.29 30.39 43.54
N VAL H 47 -23.02 31.68 43.45
CA VAL H 47 -23.34 32.62 44.52
C VAL H 47 -24.62 33.35 44.16
N LEU H 48 -25.58 33.35 45.09
CA LEU H 48 -26.88 33.96 44.86
C LEU H 48 -27.04 35.13 45.82
N PRO H 49 -26.86 36.38 45.38
CA PRO H 49 -26.99 37.53 46.30
C PRO H 49 -28.41 37.69 46.80
N GLU H 50 -28.61 37.55 48.11
CA GLU H 50 -29.93 37.60 48.69
C GLU H 50 -29.79 38.04 50.14
N PRO H 51 -30.54 39.06 50.58
CA PRO H 51 -30.50 39.43 52.00
C PRO H 51 -30.92 38.31 52.92
N THR H 52 -31.91 37.50 52.52
CA THR H 52 -32.37 36.37 53.31
C THR H 52 -31.46 35.18 53.07
N GLU H 53 -31.21 34.39 54.11
CA GLU H 53 -30.38 33.20 54.00
C GLU H 53 -31.12 32.13 53.23
N LYS H 54 -30.79 31.97 51.95
CA LYS H 54 -31.52 31.10 51.04
C LYS H 54 -30.55 30.31 50.17
N LEU H 55 -30.91 29.06 49.87
CA LEU H 55 -30.17 28.25 48.92
C LEU H 55 -31.13 27.59 47.94
N THR H 56 -30.65 27.34 46.74
CA THR H 56 -31.41 26.64 45.71
C THR H 56 -30.57 25.54 45.10
N VAL H 57 -31.23 24.43 44.76
CA VAL H 57 -30.61 23.31 44.07
C VAL H 57 -31.31 23.15 42.74
N LEU H 58 -30.53 23.20 41.66
CA LEU H 58 -31.02 23.20 40.29
C LEU H 58 -30.51 21.96 39.58
N LEU H 59 -31.44 21.14 39.10
CA LEU H 59 -31.14 19.97 38.31
C LEU H 59 -31.43 20.28 36.85
N TYR H 60 -30.38 20.33 36.03
CA TYR H 60 -30.50 20.66 34.61
C TYR H 60 -31.18 22.01 34.42
N GLN H 61 -30.84 22.95 35.32
CA GLN H 61 -31.27 24.34 35.29
C GLN H 61 -32.76 24.52 35.54
N GLU H 62 -33.45 23.47 36.00
CA GLU H 62 -34.82 23.60 36.45
C GLU H 62 -34.84 23.51 37.96
N PRO H 63 -35.10 24.59 38.68
CA PRO H 63 -34.91 24.58 40.15
C PRO H 63 -35.82 23.60 40.86
N VAL H 64 -35.23 22.57 41.45
CA VAL H 64 -36.00 21.55 42.16
C VAL H 64 -36.02 21.77 43.66
N PHE H 65 -35.10 22.57 44.21
CA PHE H 65 -35.09 22.80 45.65
C PHE H 65 -34.85 24.28 45.92
N SER H 66 -35.61 24.83 46.87
CA SER H 66 -35.47 26.22 47.26
C SER H 66 -35.83 26.36 48.73
N LEU H 67 -34.84 26.61 49.57
CA LEU H 67 -35.09 26.65 51.01
C LEU H 67 -34.42 27.87 51.61
N SER H 68 -35.13 28.54 52.50
CA SER H 68 -34.61 29.71 53.21
C SER H 68 -34.42 29.34 54.68
N ILE H 69 -33.13 29.17 55.02
CA ILE H 69 -32.60 28.65 56.32
C ILE H 69 -32.60 29.73 57.37
N PRO H 70 -33.50 29.73 58.37
CA PRO H 70 -33.56 30.78 59.36
C PRO H 70 -32.25 30.95 60.14
N ALA H 71 -31.89 32.21 60.45
CA ALA H 71 -30.66 32.65 61.14
C ALA H 71 -30.58 32.11 62.57
N GLN H 72 -31.74 31.94 63.20
CA GLN H 72 -31.84 31.45 64.60
C GLN H 72 -31.27 30.04 64.73
N ALA H 73 -31.53 29.15 63.76
CA ALA H 73 -31.01 27.75 63.84
C ALA H 73 -29.60 27.63 63.26
N ASP H 74 -28.72 26.95 64.01
CA ASP H 74 -27.30 26.78 63.61
C ASP H 74 -26.92 25.30 63.64
N TYR H 75 -27.84 24.43 64.09
CA TYR H 75 -27.63 22.97 64.23
C TYR H 75 -28.70 22.22 63.42
N LEU H 76 -28.34 21.28 62.51
CA LEU H 76 -29.40 20.72 61.68
C LEU H 76 -29.55 19.23 61.96
N LEU H 77 -30.80 18.76 62.01
CA LEU H 77 -31.11 17.35 62.21
C LEU H 77 -32.20 16.95 61.23
N ILE H 78 -31.88 15.99 60.35
CA ILE H 78 -32.81 15.56 59.32
C ILE H 78 -33.76 14.53 59.92
N GLY H 79 -35.06 14.72 59.68
CA GLY H 79 -36.08 13.86 60.24
C GLY H 79 -36.56 14.34 61.59
N ALA H 80 -37.59 13.67 62.08
CA ALA H 80 -38.20 14.02 63.36
C ALA H 80 -38.45 12.77 64.19
N ASP H 81 -38.49 12.95 65.50
CA ASP H 81 -38.78 11.86 66.44
C ASP H 81 -39.36 12.46 67.70
N ALA H 82 -39.79 11.59 68.62
CA ALA H 82 -40.39 12.05 69.86
C ALA H 82 -39.37 12.65 70.81
N SER H 83 -38.14 12.14 70.79
CA SER H 83 -37.12 12.61 71.72
C SER H 83 -36.70 14.06 71.46
N VAL H 84 -36.78 14.53 70.23
CA VAL H 84 -36.33 15.87 69.85
C VAL H 84 -37.48 16.58 69.15
N VAL H 85 -37.82 17.78 69.64
CA VAL H 85 -38.89 18.57 69.07
C VAL H 85 -38.55 20.04 69.25
N GLY H 86 -38.84 20.85 68.23
CA GLY H 86 -38.60 22.27 68.30
C GLY H 86 -37.94 22.85 67.07
N ASP H 87 -38.57 23.88 66.49
CA ASP H 87 -38.08 24.55 65.30
C ASP H 87 -37.91 23.62 64.10
N SER H 88 -39.00 22.92 63.79
CA SER H 88 -39.03 21.90 62.74
C SER H 88 -39.96 22.36 61.62
N GLN H 89 -39.60 22.05 60.38
CA GLN H 89 -40.47 22.34 59.25
C GLN H 89 -40.40 21.25 58.19
N THR H 90 -41.40 21.28 57.31
CA THR H 90 -41.58 20.30 56.26
C THR H 90 -40.78 20.68 55.03
N LEU H 91 -39.96 19.76 54.54
CA LEU H 91 -39.26 19.98 53.29
C LEU H 91 -40.24 19.91 52.12
N PRO H 92 -39.98 20.65 51.04
CA PRO H 92 -40.89 20.62 49.89
C PRO H 92 -40.83 19.28 49.17
N ASN H 93 -41.85 19.04 48.35
CA ASN H 93 -41.95 17.83 47.52
C ASN H 93 -41.94 16.57 48.38
N GLY H 94 -42.34 16.69 49.64
CA GLY H 94 -42.41 15.54 50.53
C GLY H 94 -41.09 14.84 50.74
N MET H 95 -40.01 15.62 50.86
CA MET H 95 -38.70 15.02 51.14
C MET H 95 -38.58 14.61 52.61
N GLY H 96 -39.40 15.20 53.48
CA GLY H 96 -39.38 14.82 54.87
C GLY H 96 -39.54 15.98 55.82
N GLN H 97 -38.88 15.90 56.98
CA GLN H 97 -38.92 16.94 58.00
C GLN H 97 -37.49 17.29 58.39
N ILE H 98 -37.28 18.55 58.75
CA ILE H 98 -35.98 18.97 59.27
C ILE H 98 -36.20 19.72 60.57
N CYS H 99 -35.19 19.67 61.44
CA CYS H 99 -35.23 20.31 62.75
C CYS H 99 -33.98 21.17 62.89
N TRP H 100 -34.17 22.45 63.21
CA TRP H 100 -33.07 23.33 63.55
C TRP H 100 -32.96 23.40 65.07
N LEU H 101 -31.83 22.95 65.60
CA LEU H 101 -31.67 22.75 67.03
C LEU H 101 -30.61 23.70 67.57
N THR H 102 -30.87 24.23 68.77
CA THR H 102 -29.88 25.03 69.47
C THR H 102 -28.71 24.15 69.91
N LYS H 103 -27.59 24.80 70.24
CA LYS H 103 -26.33 24.08 70.44
C LYS H 103 -26.45 23.01 71.51
N ASP H 104 -26.95 23.38 72.69
CA ASP H 104 -27.03 22.41 73.79
C ASP H 104 -28.01 21.29 73.47
N MET H 105 -29.18 21.63 72.91
CA MET H 105 -30.15 20.60 72.58
C MET H 105 -29.64 19.71 71.47
N ALA H 106 -28.88 20.27 70.53
CA ALA H 106 -28.29 19.46 69.47
C ALA H 106 -27.22 18.52 70.02
N HIS H 107 -26.43 18.99 70.98
CA HIS H 107 -25.48 18.09 71.63
C HIS H 107 -26.19 16.97 72.37
N LYS H 108 -27.29 17.29 73.04
CA LYS H 108 -28.08 16.25 73.70
C LYS H 108 -28.65 15.25 72.69
N ALA H 109 -29.12 15.73 71.54
CA ALA H 109 -29.65 14.84 70.51
C ALA H 109 -28.55 13.96 69.92
N GLN H 110 -27.35 14.52 69.73
CA GLN H 110 -26.23 13.72 69.26
C GLN H 110 -25.84 12.65 70.28
N GLY H 111 -25.86 13.01 71.56
CA GLY H 111 -25.65 12.01 72.59
C GLY H 111 -26.73 10.95 72.61
N PHE H 112 -27.95 11.32 72.24
CA PHE H 112 -29.06 10.37 72.19
C PHE H 112 -28.79 9.22 71.23
N GLY H 113 -27.94 9.41 70.23
CA GLY H 113 -27.61 8.36 69.30
C GLY H 113 -28.07 8.63 67.88
N LEU H 114 -28.09 9.90 67.48
CA LEU H 114 -28.48 10.30 66.13
C LEU H 114 -27.37 11.12 65.51
N ASP H 115 -27.56 11.48 64.24
CA ASP H 115 -26.61 12.31 63.52
C ASP H 115 -27.08 13.76 63.54
N VAL H 116 -26.17 14.67 63.85
CA VAL H 116 -26.45 16.10 63.87
C VAL H 116 -25.34 16.82 63.12
N PHE H 117 -25.73 17.70 62.20
CA PHE H 117 -24.79 18.37 61.31
C PHE H 117 -24.64 19.83 61.69
N ALA H 118 -23.42 20.35 61.55
CA ALA H 118 -23.12 21.73 61.89
C ALA H 118 -22.11 22.29 60.89
N GLY H 119 -22.37 23.51 60.43
CA GLY H 119 -21.48 24.16 59.48
C GLY H 119 -21.80 23.82 58.04
N SER H 120 -20.75 23.61 57.24
CA SER H 120 -20.96 23.24 55.84
C SER H 120 -21.77 21.96 55.72
N GLN H 121 -21.71 21.10 56.73
CA GLN H 121 -22.48 19.85 56.70
C GLN H 121 -23.97 20.14 56.57
N ARG H 122 -24.46 21.22 57.18
CA ARG H 122 -25.88 21.52 57.08
C ARG H 122 -26.30 21.71 55.62
N ILE H 123 -25.36 22.05 54.75
CA ILE H 123 -25.67 22.12 53.33
C ILE H 123 -25.70 20.72 52.73
N SER H 124 -24.67 19.92 52.99
CA SER H 124 -24.59 18.59 52.41
C SER H 124 -25.80 17.76 52.79
N ALA H 125 -26.10 17.67 54.08
CA ALA H 125 -27.21 16.85 54.53
C ALA H 125 -28.54 17.39 54.03
N LEU H 126 -28.55 18.62 53.50
CA LEU H 126 -29.71 19.07 52.76
C LEU H 126 -29.62 18.65 51.29
N LEU H 127 -28.52 19.02 50.63
CA LEU H 127 -28.35 18.70 49.22
C LEU H 127 -28.50 17.21 48.98
N LYS H 128 -27.85 16.39 49.81
CA LYS H 128 -27.92 14.95 49.67
C LYS H 128 -29.36 14.47 49.68
N CYS H 129 -30.19 15.02 50.57
CA CYS H 129 -31.59 14.63 50.59
C CYS H 129 -32.24 14.83 49.23
N VAL H 130 -32.01 16.00 48.62
CA VAL H 130 -32.53 16.24 47.28
C VAL H 130 -32.01 15.20 46.31
N LEU H 131 -30.71 14.93 46.37
CA LEU H 131 -30.14 13.98 45.41
C LEU H 131 -30.68 12.58 45.64
N LEU H 132 -31.23 12.29 46.82
CA LEU H 132 -31.79 10.96 47.04
C LEU H 132 -33.22 10.87 46.54
N ARG H 133 -33.80 12.00 46.12
CA ARG H 133 -35.20 12.03 45.61
C ARG H 133 -35.24 11.96 44.07
N HIS H 134 -34.34 12.66 43.39
CA HIS H 134 -34.31 12.71 41.90
C HIS H 134 -33.16 11.86 41.36
N MET H 135 -32.67 10.91 42.16
CA MET H 135 -31.58 9.95 41.78
C MET H 135 -31.79 9.34 40.38
N GLY H 136 -32.96 8.77 40.10
CA GLY H 136 -33.20 8.11 38.84
C GLY H 136 -33.00 8.98 37.61
N GLU H 137 -32.76 10.27 37.80
CA GLU H 137 -32.51 11.16 36.68
C GLU H 137 -31.03 11.23 36.30
N PHE H 138 -30.14 10.66 37.09
CA PHE H 138 -28.72 10.70 36.79
C PHE H 138 -28.23 9.41 36.14
N ILE H 139 -29.13 8.59 35.60
CA ILE H 139 -28.78 7.34 34.96
C ILE H 139 -29.59 7.24 33.65
N GLY H 140 -28.94 7.54 32.54
CA GLY H 140 -29.58 7.47 31.24
C GLY H 140 -28.82 6.56 30.29
N VAL H 141 -28.90 6.82 29.00
CA VAL H 141 -28.13 6.03 28.04
C VAL H 141 -26.65 6.38 28.14
N GLN H 142 -26.34 7.67 28.30
CA GLN H 142 -24.95 8.10 28.33
C GLN H 142 -24.26 7.66 29.61
N GLU H 143 -24.93 7.80 30.75
CA GLU H 143 -24.33 7.35 32.01
C GLU H 143 -24.15 5.84 32.01
N THR H 144 -25.09 5.12 31.41
CA THR H 144 -24.93 3.67 31.28
C THR H 144 -23.72 3.34 30.42
N ARG H 145 -23.52 4.08 29.33
CA ARG H 145 -22.33 3.85 28.53
C ARG H 145 -21.06 4.15 29.31
N TYR H 146 -21.10 5.17 30.16
CA TYR H 146 -19.92 5.45 30.99
C TYR H 146 -19.66 4.31 31.97
N LEU H 147 -20.71 3.76 32.58
CA LEU H 147 -20.54 2.63 33.48
C LEU H 147 -19.97 1.42 32.76
N MET H 148 -20.45 1.15 31.54
CA MET H 148 -19.96 0.01 30.79
C MET H 148 -18.51 0.22 30.35
N ASN H 149 -18.14 1.46 30.01
CA ASN H 149 -16.75 1.74 29.70
C ASN H 149 -15.86 1.57 30.92
N ALA H 150 -16.35 1.95 32.10
CA ALA H 150 -15.59 1.72 33.32
C ALA H 150 -15.42 0.23 33.58
N MET H 151 -16.47 -0.55 33.34
CA MET H 151 -16.38 -1.99 33.55
C MET H 151 -15.59 -2.70 32.46
N GLU H 152 -15.30 -2.05 31.34
CA GLU H 152 -14.50 -2.69 30.30
C GLU H 152 -13.05 -2.91 30.72
N LYS H 153 -12.63 -2.43 31.88
CA LYS H 153 -11.23 -2.54 32.27
C LYS H 153 -10.92 -3.93 32.79
N ASN H 154 -11.64 -4.36 33.84
CA ASN H 154 -11.45 -5.68 34.42
C ASN H 154 -12.41 -6.73 33.89
N TYR H 155 -13.55 -6.33 33.32
CA TYR H 155 -14.60 -7.25 32.96
C TYR H 155 -14.94 -7.30 31.48
N SER H 156 -13.91 -7.14 30.64
CA SER H 156 -14.12 -6.86 29.22
C SER H 156 -15.08 -7.86 28.57
N GLU H 157 -14.93 -9.15 28.88
CA GLU H 157 -15.76 -10.14 28.23
C GLU H 157 -17.20 -10.09 28.73
N LEU H 158 -17.38 -9.76 30.01
CA LEU H 158 -18.74 -9.62 30.54
C LEU H 158 -19.49 -8.52 29.82
N VAL H 159 -18.85 -7.36 29.65
CA VAL H 159 -19.49 -6.24 28.95
C VAL H 159 -19.70 -6.58 27.48
N LYS H 160 -18.73 -7.22 26.84
CA LYS H 160 -18.90 -7.58 25.44
C LYS H 160 -20.06 -8.55 25.24
N GLU H 161 -20.17 -9.56 26.09
CA GLU H 161 -21.29 -10.48 26.00
C GLU H 161 -22.61 -9.76 26.24
N LEU H 162 -22.65 -8.86 27.23
CA LEU H 162 -23.88 -8.15 27.50
C LEU H 162 -24.30 -7.30 26.31
N GLN H 163 -23.35 -6.59 25.69
CA GLN H 163 -23.67 -5.81 24.50
C GLN H 163 -24.18 -6.71 23.38
N ARG H 164 -23.56 -7.88 23.21
CA ARG H 164 -24.05 -8.82 22.21
C ARG H 164 -25.47 -9.26 22.51
N GLN H 165 -25.86 -9.30 23.80
CA GLN H 165 -27.21 -9.72 24.15
C GLN H 165 -28.23 -8.60 23.98
N LEU H 166 -28.03 -7.47 24.66
CA LEU H 166 -29.01 -6.40 24.73
C LEU H 166 -28.45 -5.11 24.16
N PRO H 167 -29.28 -4.32 23.49
CA PRO H 167 -28.85 -2.98 23.06
C PRO H 167 -28.82 -2.03 24.23
N ILE H 168 -28.01 -0.96 24.08
CA ILE H 168 -27.69 -0.12 25.23
C ILE H 168 -28.91 0.58 25.79
N ASN H 169 -29.95 0.82 24.98
CA ASN H 169 -31.13 1.47 25.53
C ASN H 169 -31.86 0.57 26.51
N LYS H 170 -31.87 -0.74 26.26
CA LYS H 170 -32.53 -1.66 27.19
C LYS H 170 -31.73 -1.80 28.48
N ILE H 171 -30.41 -1.83 28.39
CA ILE H 171 -29.58 -1.86 29.60
C ILE H 171 -29.80 -0.59 30.42
N ALA H 172 -29.84 0.56 29.75
CA ALA H 172 -30.08 1.81 30.46
C ALA H 172 -31.46 1.84 31.08
N GLU H 173 -32.46 1.29 30.39
CA GLU H 173 -33.80 1.20 30.98
C GLU H 173 -33.81 0.32 32.21
N THR H 174 -33.10 -0.82 32.16
CA THR H 174 -33.03 -1.70 33.32
C THR H 174 -32.36 -1.02 34.50
N LEU H 175 -31.22 -0.37 34.25
CA LEU H 175 -30.52 0.31 35.34
C LEU H 175 -31.34 1.45 35.91
N GLN H 176 -32.04 2.20 35.06
CA GLN H 176 -32.89 3.27 35.54
C GLN H 176 -34.04 2.74 36.39
N ARG H 177 -34.64 1.63 35.96
CA ARG H 177 -35.75 1.07 36.71
C ARG H 177 -35.28 0.49 38.03
N LEU H 178 -34.03 0.04 38.09
CA LEU H 178 -33.48 -0.41 39.37
C LEU H 178 -33.15 0.75 40.29
N VAL H 179 -32.61 1.84 39.73
CA VAL H 179 -32.20 3.01 40.57
C VAL H 179 -33.45 3.68 41.12
N SER H 180 -34.52 3.77 40.32
CA SER H 180 -35.71 4.50 40.77
C SER H 180 -36.50 3.74 41.83
N GLU H 181 -35.93 2.68 42.40
CA GLU H 181 -36.57 1.95 43.49
C GLU H 181 -35.71 1.87 44.74
N ARG H 182 -34.63 2.65 44.79
CA ARG H 182 -33.63 2.55 45.86
C ARG H 182 -32.98 1.18 45.91
N VAL H 183 -32.71 0.58 44.76
CA VAL H 183 -31.90 -0.62 44.66
C VAL H 183 -30.56 -0.22 44.08
N SER H 184 -29.49 -0.51 44.81
CA SER H 184 -28.16 -0.07 44.37
C SER H 184 -27.73 -0.85 43.15
N ILE H 185 -27.10 -0.15 42.22
CA ILE H 185 -26.51 -0.78 41.04
C ILE H 185 -25.00 -0.78 41.21
N ARG H 186 -24.55 -0.78 42.46
CA ARG H 186 -23.12 -0.83 42.74
C ARG H 186 -22.51 -2.13 42.24
N ASP H 187 -23.22 -3.24 42.44
CA ASP H 187 -22.75 -4.56 42.02
C ASP H 187 -23.14 -4.77 40.56
N LEU H 188 -22.25 -4.31 39.67
CA LEU H 188 -22.55 -4.39 38.25
C LEU H 188 -22.19 -5.76 37.67
N ARG H 189 -21.25 -6.47 38.28
CA ARG H 189 -20.93 -7.81 37.82
C ARG H 189 -22.14 -8.72 37.89
N LEU H 190 -22.84 -8.70 39.04
CA LEU H 190 -24.01 -9.55 39.21
C LEU H 190 -25.16 -9.11 38.31
N ILE H 191 -25.34 -7.79 38.14
CA ILE H 191 -26.42 -7.30 37.29
C ILE H 191 -26.18 -7.72 35.85
N PHE H 192 -24.95 -7.54 35.36
CA PHE H 192 -24.65 -7.94 34.00
C PHE H 192 -24.76 -9.45 33.83
N GLY H 193 -24.36 -10.22 34.85
CA GLY H 193 -24.53 -11.66 34.78
C GLY H 193 -25.97 -12.08 34.68
N THR H 194 -26.86 -11.43 35.44
CA THR H 194 -28.26 -11.79 35.39
C THR H 194 -28.90 -11.37 34.07
N LEU H 195 -28.49 -10.21 33.54
CA LEU H 195 -29.00 -9.80 32.23
C LEU H 195 -28.50 -10.74 31.13
N ILE H 196 -27.28 -11.25 31.25
CA ILE H 196 -26.77 -12.19 30.28
C ILE H 196 -27.52 -13.52 30.37
N ASP H 197 -27.82 -13.96 31.60
CA ASP H 197 -28.58 -15.20 31.75
C ASP H 197 -29.97 -15.07 31.17
N TRP H 198 -30.72 -14.03 31.54
CA TRP H 198 -32.14 -13.96 31.21
C TRP H 198 -32.45 -13.14 29.98
N ALA H 199 -31.45 -12.60 29.28
CA ALA H 199 -31.73 -11.86 28.05
C ALA H 199 -32.28 -12.74 26.94
N PRO H 200 -31.71 -13.90 26.62
CA PRO H 200 -32.31 -14.73 25.57
C PRO H 200 -33.71 -15.22 25.88
N ARG H 201 -34.02 -15.46 27.14
CA ARG H 201 -35.29 -16.07 27.54
C ARG H 201 -36.35 -15.05 27.92
N GLU H 202 -36.09 -13.76 27.72
CA GLU H 202 -37.07 -12.74 28.10
C GLU H 202 -36.87 -11.51 27.25
N LYS H 203 -37.96 -10.81 26.93
CA LYS H 203 -37.91 -9.60 26.14
C LYS H 203 -38.56 -8.41 26.82
N ASP H 204 -39.38 -8.64 27.84
CA ASP H 204 -40.01 -7.55 28.57
C ASP H 204 -39.04 -6.98 29.58
N VAL H 205 -38.54 -5.76 29.32
CA VAL H 205 -37.49 -5.18 30.14
C VAL H 205 -37.93 -5.07 31.60
N LEU H 206 -39.23 -4.92 31.83
CA LEU H 206 -39.73 -4.94 33.20
C LEU H 206 -39.46 -6.29 33.86
N MET H 207 -39.60 -7.38 33.11
CA MET H 207 -39.35 -8.69 33.70
C MET H 207 -37.85 -8.94 33.89
N LEU H 208 -37.01 -8.42 32.99
CA LEU H 208 -35.58 -8.48 33.23
C LEU H 208 -35.21 -7.73 34.50
N THR H 209 -35.83 -6.57 34.72
CA THR H 209 -35.60 -5.84 35.96
C THR H 209 -36.07 -6.64 37.16
N GLU H 210 -37.19 -7.33 37.03
CA GLU H 210 -37.65 -8.18 38.14
C GLU H 210 -36.66 -9.28 38.44
N TYR H 211 -36.10 -9.91 37.41
CA TYR H 211 -35.12 -10.97 37.64
C TYR H 211 -33.85 -10.42 38.28
N VAL H 212 -33.41 -9.22 37.85
CA VAL H 212 -32.23 -8.62 38.46
C VAL H 212 -32.51 -8.25 39.92
N ARG H 213 -33.74 -7.81 40.21
CA ARG H 213 -34.09 -7.51 41.60
C ARG H 213 -34.10 -8.77 42.45
N ILE H 214 -34.57 -9.89 41.89
CA ILE H 214 -34.58 -11.14 42.63
C ILE H 214 -33.15 -11.62 42.88
N ALA H 215 -32.27 -11.49 41.88
CA ALA H 215 -30.89 -11.91 42.07
C ALA H 215 -30.16 -11.03 43.07
N LEU H 216 -30.69 -9.84 43.35
CA LEU H 216 -30.11 -8.91 44.32
C LEU H 216 -30.86 -8.90 45.64
N ARG H 217 -31.58 -9.97 45.96
CA ARG H 217 -32.48 -9.94 47.11
C ARG H 217 -31.73 -9.80 48.43
N ARG H 218 -30.54 -10.40 48.53
CA ARG H 218 -29.78 -10.28 49.76
C ARG H 218 -29.39 -8.83 50.02
N HIS H 219 -28.94 -8.13 48.99
CA HIS H 219 -28.58 -6.73 49.15
C HIS H 219 -29.80 -5.88 49.53
N ILE H 220 -30.93 -6.12 48.89
CA ILE H 220 -32.12 -5.33 49.18
C ILE H 220 -32.54 -5.53 50.64
N LEU H 221 -32.59 -6.78 51.08
CA LEU H 221 -33.02 -7.04 52.45
C LEU H 221 -31.94 -6.73 53.47
N ARG H 222 -30.72 -6.45 53.02
CA ARG H 222 -29.73 -5.91 53.95
C ARG H 222 -29.87 -4.39 54.07
N ARG H 223 -30.08 -3.71 52.94
CA ARG H 223 -30.15 -2.25 52.97
C ARG H 223 -31.44 -1.77 53.62
N LEU H 224 -32.54 -2.50 53.46
CA LEU H 224 -33.79 -2.07 54.08
C LEU H 224 -33.68 -2.07 55.61
N ASN H 225 -33.08 -3.10 56.18
CA ASN H 225 -32.82 -3.13 57.61
C ASN H 225 -31.43 -3.66 57.90
N PRO H 226 -30.48 -2.79 58.24
CA PRO H 226 -29.08 -3.25 58.41
C PRO H 226 -28.93 -4.34 59.45
N GLU H 227 -29.68 -4.29 60.54
CA GLU H 227 -29.64 -5.34 61.55
C GLU H 227 -30.51 -6.51 61.14
N GLY H 228 -30.28 -7.65 61.79
CA GLY H 228 -31.06 -8.83 61.52
C GLY H 228 -32.41 -8.86 62.18
N LYS H 229 -32.76 -7.83 62.94
CA LYS H 229 -34.01 -7.80 63.65
C LYS H 229 -35.20 -7.77 62.68
N PRO H 230 -36.30 -8.42 63.05
CA PRO H 230 -37.48 -8.40 62.18
C PRO H 230 -38.19 -7.05 62.16
N LEU H 231 -38.40 -6.50 60.96
CA LEU H 231 -39.16 -5.27 60.80
C LEU H 231 -40.54 -5.55 60.22
N PRO H 232 -41.50 -4.67 60.50
CA PRO H 232 -42.89 -4.97 60.15
C PRO H 232 -43.10 -5.18 58.66
N ILE H 233 -44.01 -6.10 58.34
CA ILE H 233 -44.36 -6.43 56.97
C ILE H 233 -45.87 -6.37 56.81
N LEU H 234 -46.32 -5.65 55.78
CA LEU H 234 -47.74 -5.51 55.45
C LEU H 234 -48.02 -6.39 54.24
N ARG H 235 -48.69 -7.51 54.47
CA ARG H 235 -49.03 -8.43 53.40
C ARG H 235 -50.10 -7.84 52.49
N ILE H 236 -50.12 -8.28 51.24
CA ILE H 236 -51.25 -7.99 50.36
C ILE H 236 -52.07 -9.26 50.17
N GLY H 237 -53.36 -9.18 50.47
CA GLY H 237 -54.20 -10.35 50.42
C GLY H 237 -54.44 -10.83 49.01
N GLU H 238 -55.05 -12.02 48.92
CA GLU H 238 -55.24 -12.65 47.62
C GLU H 238 -56.23 -11.88 46.75
N GLY H 239 -57.10 -11.08 47.35
CA GLY H 239 -58.06 -10.33 46.56
C GLY H 239 -57.39 -9.34 45.63
N ILE H 240 -56.49 -8.52 46.17
CA ILE H 240 -55.80 -7.52 45.35
C ILE H 240 -54.88 -8.21 44.34
N GLU H 241 -54.22 -9.29 44.76
CA GLU H 241 -53.34 -10.01 43.87
C GLU H 241 -54.12 -10.57 42.67
N ASN H 242 -55.29 -11.13 42.93
CA ASN H 242 -56.11 -11.65 41.83
C ASN H 242 -56.70 -10.53 40.99
N LEU H 243 -57.02 -9.39 41.61
CA LEU H 243 -57.54 -8.26 40.84
C LEU H 243 -56.49 -7.74 39.86
N VAL H 244 -55.26 -7.55 40.32
CA VAL H 244 -54.24 -7.00 39.43
C VAL H 244 -53.67 -8.08 38.51
N ARG H 245 -53.81 -9.35 38.88
CA ARG H 245 -53.31 -10.43 38.03
C ARG H 245 -54.24 -10.67 36.84
N GLU H 246 -55.54 -10.47 37.02
CA GLU H 246 -56.49 -10.70 35.95
C GLU H 246 -56.44 -9.63 34.87
N SER H 247 -55.98 -8.43 35.19
CA SER H 247 -56.01 -7.31 34.26
C SER H 247 -54.74 -7.18 33.44
N ILE H 248 -53.93 -8.23 33.34
CA ILE H 248 -52.65 -8.13 32.66
C ILE H 248 -52.87 -8.26 31.16
N ARG H 249 -52.52 -7.22 30.42
CA ARG H 249 -52.71 -7.18 28.98
C ARG H 249 -51.36 -7.06 28.30
N GLN H 250 -51.08 -7.94 27.34
CA GLN H 250 -49.76 -8.05 26.75
C GLN H 250 -49.80 -7.59 25.30
N THR H 251 -48.78 -6.82 24.91
CA THR H 251 -48.51 -6.44 23.53
C THR H 251 -47.10 -6.89 23.16
N ALA H 252 -46.73 -6.66 21.90
CA ALA H 252 -45.46 -7.17 21.38
C ALA H 252 -44.27 -6.70 22.19
N MET H 253 -44.40 -5.60 22.94
CA MET H 253 -43.31 -5.07 23.74
C MET H 253 -43.36 -5.50 25.21
N GLY H 254 -44.33 -6.32 25.60
CA GLY H 254 -44.40 -6.80 26.96
C GLY H 254 -45.79 -6.63 27.54
N THR H 255 -45.92 -6.91 28.82
CA THR H 255 -47.20 -6.91 29.51
C THR H 255 -47.33 -5.64 30.36
N TYR H 256 -48.55 -5.11 30.42
CA TYR H 256 -48.86 -3.98 31.28
C TYR H 256 -50.15 -4.29 32.04
N THR H 257 -50.51 -3.39 32.95
CA THR H 257 -51.73 -3.52 33.73
C THR H 257 -52.79 -2.56 33.19
N ALA H 258 -54.05 -2.95 33.31
CA ALA H 258 -55.18 -2.14 32.85
C ALA H 258 -56.29 -2.24 33.88
N LEU H 259 -56.30 -1.30 34.82
CA LEU H 259 -57.29 -1.26 35.89
C LEU H 259 -58.14 0.00 35.76
N SER H 260 -59.32 -0.06 36.36
CA SER H 260 -60.17 1.12 36.48
C SER H 260 -59.56 2.10 37.47
N SER H 261 -59.76 3.39 37.20
CA SER H 261 -59.23 4.42 38.09
C SER H 261 -59.80 4.28 39.50
N ARG H 262 -61.04 3.79 39.61
CA ARG H 262 -61.63 3.56 40.92
C ARG H 262 -60.84 2.54 41.72
N HIS H 263 -60.43 1.45 41.05
CA HIS H 263 -59.64 0.42 41.71
C HIS H 263 -58.34 0.98 42.27
N LYS H 264 -57.60 1.73 41.44
CA LYS H 264 -56.35 2.31 41.90
C LYS H 264 -56.59 3.29 43.04
N THR H 265 -57.60 4.15 42.91
CA THR H 265 -57.85 5.14 43.95
C THR H 265 -58.18 4.47 45.27
N GLN H 266 -59.02 3.44 45.25
CA GLN H 266 -59.37 2.77 46.50
C GLN H 266 -58.16 2.04 47.10
N ILE H 267 -57.34 1.40 46.25
CA ILE H 267 -56.18 0.68 46.76
C ILE H 267 -55.20 1.63 47.44
N LEU H 268 -54.89 2.74 46.78
CA LEU H 268 -54.01 3.73 47.41
C LEU H 268 -54.61 4.33 48.66
N GLN H 269 -55.92 4.63 48.63
CA GLN H 269 -56.56 5.22 49.80
C GLN H 269 -56.45 4.29 51.01
N LEU H 270 -56.71 3.00 50.82
CA LEU H 270 -56.62 2.07 51.94
C LEU H 270 -55.18 1.80 52.35
N ILE H 271 -54.24 1.80 51.40
CA ILE H 271 -52.84 1.61 51.77
C ILE H 271 -52.36 2.77 52.63
N GLU H 272 -52.69 4.01 52.24
CA GLU H 272 -52.38 5.15 53.08
C GLU H 272 -53.12 5.06 54.41
N GLN H 273 -54.33 4.51 54.40
CA GLN H 273 -55.05 4.27 55.65
C GLN H 273 -54.31 3.26 56.53
N ALA H 274 -53.68 2.26 55.93
CA ALA H 274 -52.96 1.24 56.68
C ALA H 274 -51.52 1.63 56.98
N LEU H 275 -51.03 2.75 56.43
CA LEU H 275 -49.66 3.17 56.65
C LEU H 275 -49.51 4.15 57.82
N LYS H 276 -50.60 4.72 58.32
CA LYS H 276 -50.49 5.67 59.42
C LYS H 276 -50.41 4.98 60.78
N GLN H 277 -50.55 3.66 60.83
CA GLN H 277 -50.45 2.96 62.11
C GLN H 277 -49.01 2.86 62.60
N SER H 278 -48.05 2.66 61.69
CA SER H 278 -46.64 2.61 62.04
C SER H 278 -45.84 3.39 61.01
N ALA H 279 -44.66 3.86 61.44
CA ALA H 279 -43.87 4.74 60.61
C ALA H 279 -43.36 4.03 59.35
N LYS H 280 -42.82 2.83 59.50
CA LYS H 280 -42.23 2.11 58.38
C LYS H 280 -42.95 0.78 58.18
N LEU H 281 -43.32 0.51 56.93
CA LEU H 281 -43.96 -0.75 56.57
C LEU H 281 -43.48 -1.18 55.19
N PHE H 282 -43.16 -2.46 55.07
CA PHE H 282 -42.76 -3.06 53.80
C PHE H 282 -43.96 -3.80 53.22
N ILE H 283 -44.50 -3.29 52.13
CA ILE H 283 -45.62 -3.94 51.47
C ILE H 283 -45.10 -5.13 50.68
N VAL H 284 -45.69 -6.30 50.93
CA VAL H 284 -45.23 -7.54 50.34
C VAL H 284 -46.35 -8.21 49.57
N THR H 285 -46.11 -8.50 48.30
CA THR H 285 -47.09 -9.13 47.43
C THR H 285 -46.40 -10.25 46.65
N SER H 286 -47.14 -10.86 45.73
CA SER H 286 -46.61 -11.96 44.93
C SER H 286 -45.64 -11.45 43.88
N VAL H 287 -44.94 -12.39 43.23
CA VAL H 287 -43.97 -12.02 42.21
C VAL H 287 -44.68 -11.51 40.96
N ASP H 288 -45.73 -12.20 40.52
CA ASP H 288 -46.43 -11.85 39.29
C ASP H 288 -47.24 -10.57 39.43
N THR H 289 -47.48 -10.10 40.65
CA THR H 289 -48.26 -8.89 40.88
C THR H 289 -47.44 -7.78 41.52
N ARG H 290 -46.14 -7.95 41.68
CA ARG H 290 -45.35 -6.94 42.39
C ARG H 290 -45.10 -5.68 41.58
N ARG H 291 -44.49 -5.83 40.41
CA ARG H 291 -44.12 -4.65 39.62
C ARG H 291 -45.34 -3.83 39.24
N PHE H 292 -46.41 -4.49 38.80
CA PHE H 292 -47.63 -3.77 38.44
C PHE H 292 -48.15 -2.98 39.62
N LEU H 293 -48.20 -3.59 40.80
CA LEU H 293 -48.62 -2.85 41.99
C LEU H 293 -47.72 -1.64 42.19
N ARG H 294 -46.41 -1.81 42.00
CA ARG H 294 -45.50 -0.67 42.15
C ARG H 294 -45.89 0.45 41.19
N LYS H 295 -46.24 0.11 39.95
CA LYS H 295 -46.52 1.17 39.00
C LYS H 295 -47.94 1.70 39.14
N ILE H 296 -48.69 1.28 40.16
CA ILE H 296 -49.88 2.02 40.53
C ILE H 296 -49.68 2.78 41.83
N THR H 297 -48.53 2.64 42.48
CA THR H 297 -48.24 3.35 43.71
C THR H 297 -46.96 4.17 43.66
N GLU H 298 -46.30 4.26 42.50
CA GLU H 298 -45.06 5.03 42.42
C GLU H 298 -45.33 6.53 42.38
N ALA H 299 -46.44 6.96 41.77
CA ALA H 299 -46.70 8.38 41.60
C ALA H 299 -46.88 9.08 42.95
N THR H 300 -47.63 8.47 43.86
CA THR H 300 -47.94 9.07 45.15
C THR H 300 -47.03 8.58 46.27
N LEU H 301 -46.96 7.25 46.45
CA LEU H 301 -46.18 6.65 47.53
C LEU H 301 -44.84 6.22 46.94
N PHE H 302 -43.94 7.18 46.73
CA PHE H 302 -42.65 6.89 46.14
C PHE H 302 -41.67 6.27 47.13
N ASP H 303 -41.73 6.65 48.40
CA ASP H 303 -40.71 6.25 49.36
C ASP H 303 -41.05 4.99 50.13
N VAL H 304 -42.14 4.31 49.81
CA VAL H 304 -42.49 3.05 50.46
C VAL H 304 -41.94 1.91 49.61
N PRO H 305 -41.21 0.95 50.20
CA PRO H 305 -40.64 -0.12 49.39
C PRO H 305 -41.62 -1.26 49.14
N ILE H 306 -41.83 -1.61 47.89
CA ILE H 306 -42.74 -2.69 47.51
C ILE H 306 -41.90 -3.93 47.26
N LEU H 307 -41.76 -4.77 48.28
CA LEU H 307 -41.00 -6.01 48.16
C LEU H 307 -41.87 -7.09 47.54
N SER H 308 -41.30 -8.28 47.42
CA SER H 308 -41.98 -9.45 46.88
C SER H 308 -41.75 -10.65 47.78
N TRP H 309 -42.45 -11.74 47.50
CA TRP H 309 -42.28 -12.94 48.32
C TRP H 309 -40.96 -13.64 48.01
N GLN H 310 -40.60 -13.74 46.73
CA GLN H 310 -39.36 -14.40 46.37
C GLN H 310 -38.14 -13.61 46.80
N GLU H 311 -38.28 -12.30 46.99
CA GLU H 311 -37.17 -11.48 47.49
C GLU H 311 -36.91 -11.70 48.97
N LEU H 312 -37.89 -12.18 49.70
CA LEU H 312 -37.71 -12.58 51.10
C LEU H 312 -37.57 -14.10 51.15
N GLY H 313 -36.34 -14.58 51.27
CA GLY H 313 -36.09 -15.99 51.33
C GLY H 313 -36.67 -16.63 52.57
N GLU H 314 -36.48 -17.95 52.67
CA GLU H 314 -36.97 -18.69 53.83
C GLU H 314 -36.22 -18.33 55.11
N GLU H 315 -35.11 -17.61 55.01
CA GLU H 315 -34.31 -17.24 56.17
C GLU H 315 -34.77 -15.94 56.83
N SER H 316 -35.72 -15.23 56.24
CA SER H 316 -36.27 -14.02 56.82
C SER H 316 -37.66 -14.31 57.34
N LEU H 317 -37.87 -14.11 58.64
CA LEU H 317 -39.19 -14.32 59.22
C LEU H 317 -40.02 -13.07 58.96
N ILE H 318 -41.34 -13.23 58.95
CA ILE H 318 -42.21 -12.21 58.40
C ILE H 318 -42.65 -11.21 59.47
N GLN H 319 -43.36 -11.69 60.49
CA GLN H 319 -44.00 -10.82 61.49
C GLN H 319 -45.00 -9.90 60.80
N VAL H 320 -46.06 -10.50 60.25
CA VAL H 320 -47.12 -9.75 59.60
C VAL H 320 -47.68 -8.76 60.61
N VAL H 321 -47.96 -7.55 60.15
CA VAL H 321 -48.62 -6.53 60.98
C VAL H 321 -50.07 -6.35 60.59
N GLU H 322 -50.36 -6.29 59.29
CA GLU H 322 -51.73 -6.16 58.80
C GLU H 322 -51.86 -6.97 57.52
N SER H 323 -53.09 -7.38 57.22
CA SER H 323 -53.38 -8.17 56.02
C SER H 323 -54.47 -7.44 55.24
N ILE H 324 -54.06 -6.67 54.23
CA ILE H 324 -54.99 -5.93 53.38
C ILE H 324 -55.64 -6.91 52.40
N ASP H 325 -56.94 -6.75 52.17
CA ASP H 325 -57.65 -7.59 51.23
C ASP H 325 -58.84 -6.82 50.67
N LEU H 326 -59.22 -7.14 49.42
CA LEU H 326 -60.36 -6.52 48.77
C LEU H 326 -61.02 -7.48 47.80
N SER H 327 -62.23 -7.13 47.39
CA SER H 327 -62.85 -7.61 46.18
C SER H 327 -62.91 -6.46 45.19
N GLU H 328 -63.47 -6.70 44.01
CA GLU H 328 -63.52 -5.66 42.99
C GLU H 328 -64.37 -4.47 43.46
N GLU H 329 -64.47 -3.46 42.60
CA GLU H 329 -65.25 -2.26 42.86
C GLU H 329 -66.33 -2.00 41.83
N GLU H 330 -65.98 -2.06 40.53
CA GLU H 330 -66.95 -1.72 39.49
C GLU H 330 -68.09 -2.74 39.45
N LEU H 331 -67.75 -4.03 39.47
CA LEU H 331 -68.79 -5.06 39.47
C LEU H 331 -69.60 -5.04 40.77
N ALA H 332 -68.90 -5.07 41.91
CA ALA H 332 -69.53 -5.02 43.23
C ALA H 332 -68.42 -4.85 44.26
N ASP H 333 -68.72 -4.07 45.30
CA ASP H 333 -67.69 -3.78 46.30
C ASP H 333 -67.23 -5.04 47.01
N ASN H 334 -68.10 -5.61 47.85
CA ASN H 334 -67.92 -6.91 48.51
C ASN H 334 -66.81 -6.80 49.53
N GLU H 335 -65.98 -5.75 49.51
CA GLU H 335 -65.06 -5.50 50.62
C GLU H 335 -65.04 -4.03 51.01
N GLU H 336 -65.18 -3.14 50.03
CA GLU H 336 -65.06 -1.70 50.25
C GLU H 336 -66.42 -1.03 50.31
N MET I 1 -13.95 7.30 41.47
CA MET I 1 -15.23 6.58 41.37
C MET I 1 -15.03 5.42 40.38
N VAL I 2 -14.72 4.22 40.88
CA VAL I 2 -14.44 3.07 39.98
C VAL I 2 -15.63 2.10 39.95
N PRO I 3 -16.48 1.99 38.89
CA PRO I 3 -17.56 1.00 38.80
C PRO I 3 -17.05 -0.41 39.05
N GLY I 4 -17.94 -1.25 39.59
CA GLY I 4 -17.59 -2.61 39.91
C GLY I 4 -17.09 -2.76 41.33
N ALA I 5 -17.80 -3.53 42.14
CA ALA I 5 -17.46 -3.65 43.55
C ALA I 5 -16.12 -4.33 43.73
N CYS I 6 -15.47 -4.07 44.87
CA CYS I 6 -14.23 -4.73 45.19
C CYS I 6 -14.53 -6.18 45.59
N PRO I 7 -13.89 -7.16 44.96
CA PRO I 7 -14.38 -8.55 45.10
C PRO I 7 -14.37 -9.08 46.53
N LEU I 8 -13.22 -9.13 47.18
CA LEU I 8 -13.09 -9.85 48.45
C LEU I 8 -12.31 -8.97 49.43
N ILE I 9 -12.96 -8.59 50.53
CA ILE I 9 -12.37 -7.69 51.50
C ILE I 9 -12.48 -8.33 52.88
N LEU I 10 -11.38 -8.35 53.62
CA LEU I 10 -11.36 -8.86 54.98
C LEU I 10 -10.99 -7.73 55.91
N ARG I 11 -11.93 -7.33 56.76
CA ARG I 11 -11.73 -6.23 57.70
C ARG I 11 -11.47 -6.79 59.09
N LEU I 12 -10.36 -6.37 59.70
CA LEU I 12 -9.92 -6.88 60.98
C LEU I 12 -9.60 -5.74 61.93
N SER I 13 -9.86 -5.99 63.23
CA SER I 13 -9.61 -4.98 64.28
C SER I 13 -8.12 -4.89 64.60
N PRO I 14 -7.63 -3.85 65.31
CA PRO I 14 -6.23 -3.76 65.72
C PRO I 14 -5.55 -5.07 66.12
N THR I 15 -6.07 -5.75 67.15
CA THR I 15 -5.40 -6.98 67.67
C THR I 15 -5.79 -8.21 66.83
N LEU I 16 -6.26 -8.02 65.61
CA LEU I 16 -6.58 -9.18 64.72
C LEU I 16 -5.70 -9.10 63.46
N HIS I 17 -4.69 -8.22 63.48
CA HIS I 17 -3.77 -8.08 62.33
C HIS I 17 -2.40 -8.69 62.68
N SER I 18 -1.73 -9.31 61.71
CA SER I 18 -0.43 -9.93 61.96
C SER I 18 0.48 -9.69 60.76
N ALA I 19 1.67 -10.28 60.83
CA ALA I 19 2.68 -10.07 59.80
C ALA I 19 2.69 -11.19 58.78
N ASP I 20 2.35 -12.41 59.20
CA ASP I 20 2.28 -13.55 58.31
C ASP I 20 0.88 -13.78 57.75
N LEU I 21 -0.03 -12.83 57.97
CA LEU I 21 -1.40 -12.99 57.48
C LEU I 21 -1.43 -13.05 55.96
N ILE I 22 -0.60 -12.25 55.30
CA ILE I 22 -0.62 -12.21 53.84
C ILE I 22 -0.27 -13.59 53.27
N ARG I 23 0.79 -14.21 53.77
CA ARG I 23 1.21 -15.50 53.23
C ARG I 23 0.26 -16.61 53.65
N ASP I 24 -0.34 -16.51 54.84
CA ASP I 24 -1.32 -17.51 55.24
C ASP I 24 -2.57 -17.46 54.36
N ILE I 25 -3.06 -16.24 54.08
CA ILE I 25 -4.21 -16.10 53.18
C ILE I 25 -3.86 -16.57 51.79
N ASP I 26 -2.64 -16.27 51.31
CA ASP I 26 -2.26 -16.74 49.98
C ASP I 26 -2.19 -18.26 49.93
N ALA I 27 -1.68 -18.89 50.99
CA ALA I 27 -1.66 -20.36 51.02
C ALA I 27 -3.06 -20.93 51.03
N MET I 28 -3.97 -20.30 51.78
CA MET I 28 -5.36 -20.77 51.78
C MET I 28 -5.99 -20.62 50.40
N ARG I 29 -5.72 -19.51 49.72
CA ARG I 29 -6.25 -19.30 48.38
C ARG I 29 -5.72 -20.35 47.41
N TRP I 30 -4.43 -20.67 47.51
CA TRP I 30 -3.86 -21.68 46.63
C TRP I 30 -4.45 -23.06 46.93
N PHE I 31 -4.68 -23.37 48.20
CA PHE I 31 -5.32 -24.64 48.52
C PHE I 31 -6.74 -24.68 47.97
N LEU I 32 -7.48 -23.59 48.08
CA LEU I 32 -8.84 -23.56 47.56
C LEU I 32 -8.87 -23.70 46.04
N PHE I 33 -7.87 -23.13 45.36
CA PHE I 33 -7.81 -23.30 43.91
C PHE I 33 -7.43 -24.72 43.53
N GLU I 34 -6.49 -25.33 44.25
CA GLU I 34 -6.13 -26.71 43.96
C GLU I 34 -7.28 -27.67 44.26
N ASP I 35 -8.14 -27.31 45.22
CA ASP I 35 -9.24 -28.20 45.58
C ASP I 35 -10.45 -28.02 44.68
N THR I 36 -10.93 -26.80 44.49
CA THR I 36 -12.16 -26.55 43.76
C THR I 36 -11.99 -25.94 42.38
N GLY I 37 -10.76 -25.60 41.98
CA GLY I 37 -10.51 -25.19 40.62
C GLY I 37 -10.94 -23.79 40.26
N VAL I 38 -11.51 -23.04 41.19
CA VAL I 38 -11.99 -21.67 40.93
C VAL I 38 -10.88 -20.71 41.36
N PRO I 39 -10.35 -19.90 40.47
CA PRO I 39 -9.28 -18.96 40.84
C PRO I 39 -9.85 -17.74 41.55
N LEU I 40 -9.63 -17.67 42.86
CA LEU I 40 -10.18 -16.63 43.70
C LEU I 40 -9.44 -15.30 43.51
N PRO I 41 -10.14 -14.19 43.71
CA PRO I 41 -9.47 -12.88 43.60
C PRO I 41 -8.76 -12.52 44.89
N GLU I 42 -7.82 -11.59 44.78
CA GLU I 42 -6.97 -11.24 45.90
C GLU I 42 -7.78 -10.72 47.08
N VAL I 43 -7.45 -11.19 48.28
CA VAL I 43 -8.12 -10.74 49.49
C VAL I 43 -7.49 -9.43 49.92
N ASN I 44 -8.32 -8.40 50.06
CA ASN I 44 -7.85 -7.08 50.46
C ASN I 44 -7.99 -6.94 51.97
N ILE I 45 -6.86 -6.80 52.65
CA ILE I 45 -6.84 -6.67 54.11
C ILE I 45 -7.09 -5.22 54.46
N GLU I 46 -8.13 -4.97 55.26
CA GLU I 46 -8.47 -3.63 55.71
C GLU I 46 -8.60 -3.65 57.22
N VAL I 47 -8.30 -2.52 57.85
CA VAL I 47 -8.27 -2.42 59.31
C VAL I 47 -9.58 -1.79 59.79
N LEU I 48 -10.23 -2.46 60.74
CA LEU I 48 -11.51 -2.01 61.26
C LEU I 48 -11.34 -1.64 62.73
N PRO I 49 -11.24 -0.35 63.07
CA PRO I 49 -11.06 0.03 64.48
C PRO I 49 -12.27 -0.32 65.33
N GLU I 50 -12.09 -1.21 66.30
CA GLU I 50 -13.19 -1.69 67.11
C GLU I 50 -12.62 -2.15 68.45
N PRO I 51 -13.17 -1.67 69.58
CA PRO I 51 -12.71 -2.18 70.87
C PRO I 51 -12.90 -3.68 71.02
N THR I 52 -13.99 -4.24 70.50
CA THR I 52 -14.25 -5.66 70.55
C THR I 52 -13.50 -6.36 69.43
N GLU I 53 -13.00 -7.56 69.71
CA GLU I 53 -12.27 -8.34 68.72
C GLU I 53 -13.24 -8.88 67.68
N LYS I 54 -13.31 -8.22 66.51
CA LYS I 54 -14.30 -8.50 65.49
C LYS I 54 -13.65 -8.51 64.12
N LEU I 55 -14.14 -9.39 63.24
CA LEU I 55 -13.73 -9.41 61.85
C LEU I 55 -14.96 -9.50 60.96
N THR I 56 -14.84 -8.96 59.75
CA THR I 56 -15.90 -9.04 58.76
C THR I 56 -15.32 -9.45 57.42
N VAL I 57 -16.09 -10.24 56.68
CA VAL I 57 -15.74 -10.67 55.33
C VAL I 57 -16.80 -10.13 54.39
N LEU I 58 -16.36 -9.37 53.40
CA LEU I 58 -17.22 -8.64 52.47
C LEU I 58 -16.99 -9.17 51.06
N LEU I 59 -18.05 -9.68 50.46
CA LEU I 59 -18.03 -10.14 49.07
C LEU I 59 -18.72 -9.08 48.21
N TYR I 60 -17.94 -8.43 47.35
CA TYR I 60 -18.45 -7.37 46.49
C TYR I 60 -19.10 -6.26 47.31
N GLN I 61 -18.48 -5.97 48.46
CA GLN I 61 -18.85 -4.89 49.37
C GLN I 61 -20.19 -5.09 50.04
N GLU I 62 -20.77 -6.29 49.95
CA GLU I 62 -21.94 -6.64 50.73
C GLU I 62 -21.53 -7.59 51.83
N PRO I 63 -21.53 -7.16 53.10
CA PRO I 63 -20.93 -7.98 54.16
C PRO I 63 -21.63 -9.31 54.36
N VAL I 64 -20.94 -10.40 54.05
CA VAL I 64 -21.52 -11.73 54.20
C VAL I 64 -21.10 -12.42 55.50
N PHE I 65 -20.03 -11.96 56.14
CA PHE I 65 -19.60 -12.60 57.38
C PHE I 65 -19.23 -11.54 58.40
N SER I 66 -19.66 -11.74 59.64
CA SER I 66 -19.36 -10.82 60.72
C SER I 66 -19.29 -11.59 62.03
N LEU I 67 -18.08 -11.74 62.57
CA LEU I 67 -17.90 -12.57 63.75
C LEU I 67 -17.05 -11.83 64.77
N SER I 68 -17.44 -11.90 66.04
CA SER I 68 -16.69 -11.30 67.14
C SER I 68 -16.10 -12.41 67.99
N ILE I 69 -14.78 -12.57 67.82
CA ILE I 69 -13.92 -13.65 68.38
C ILE I 69 -13.58 -13.39 69.82
N PRO I 70 -14.15 -14.09 70.81
CA PRO I 70 -13.88 -13.81 72.21
C PRO I 70 -12.40 -13.95 72.58
N ALA I 71 -11.91 -13.06 73.46
CA ALA I 71 -10.52 -12.93 73.94
C ALA I 71 -10.06 -14.18 74.70
N GLN I 72 -11.00 -14.82 75.38
CA GLN I 72 -10.71 -16.04 76.18
C GLN I 72 -10.18 -17.18 75.32
N ALA I 73 -10.74 -17.39 74.11
CA ALA I 73 -10.29 -18.48 73.22
C ALA I 73 -9.10 -18.05 72.35
N ASP I 74 -8.08 -18.91 72.30
CA ASP I 74 -6.84 -18.62 71.53
C ASP I 74 -6.52 -19.77 70.58
N TYR I 75 -7.32 -20.87 70.66
CA TYR I 75 -7.13 -22.10 69.84
C TYR I 75 -8.41 -22.39 69.05
N LEU I 76 -8.37 -22.57 67.71
CA LEU I 76 -9.64 -22.70 67.01
C LEU I 76 -9.77 -24.08 66.38
N LEU I 77 -10.97 -24.66 66.46
CA LEU I 77 -11.26 -25.96 65.88
C LEU I 77 -12.61 -25.86 65.15
N ILE I 78 -12.59 -26.09 63.84
CA ILE I 78 -13.79 -25.99 63.04
C ILE I 78 -14.58 -27.28 63.13
N GLY I 79 -15.87 -27.18 63.38
CA GLY I 79 -16.73 -28.34 63.56
C GLY I 79 -16.78 -28.78 65.01
N ALA I 80 -17.65 -29.76 65.26
CA ALA I 80 -17.86 -30.28 66.60
C ALA I 80 -17.91 -31.80 66.56
N ASP I 81 -17.57 -32.41 67.69
CA ASP I 81 -17.62 -33.86 67.82
C ASP I 81 -17.79 -34.19 69.31
N ALA I 82 -17.97 -35.48 69.60
CA ALA I 82 -18.18 -35.90 70.98
C ALA I 82 -16.90 -35.82 71.80
N SER I 83 -15.75 -36.05 71.18
CA SER I 83 -14.48 -36.06 71.91
C SER I 83 -14.11 -34.69 72.46
N VAL I 84 -14.51 -33.61 71.80
CA VAL I 84 -14.13 -32.26 72.19
C VAL I 84 -15.41 -31.43 72.36
N VAL I 85 -15.54 -30.80 73.53
CA VAL I 85 -16.70 -29.97 73.83
C VAL I 85 -16.27 -28.85 74.75
N GLY I 86 -16.80 -27.65 74.52
CA GLY I 86 -16.49 -26.51 75.35
C GLY I 86 -16.19 -25.24 74.58
N ASP I 87 -16.92 -24.16 74.90
CA ASP I 87 -16.76 -22.87 74.26
C ASP I 87 -16.97 -22.92 72.74
N SER I 88 -18.14 -23.46 72.37
CA SER I 88 -18.51 -23.68 70.97
C SER I 88 -19.70 -22.79 70.62
N GLN I 89 -19.72 -22.28 69.39
CA GLN I 89 -20.87 -21.52 68.92
C GLN I 89 -21.15 -21.77 67.45
N THR I 90 -22.36 -21.38 67.04
CA THR I 90 -22.87 -21.60 65.70
C THR I 90 -22.45 -20.47 64.78
N LEU I 91 -21.84 -20.82 63.66
CA LEU I 91 -21.52 -19.84 62.65
C LEU I 91 -22.79 -19.36 61.95
N PRO I 92 -22.82 -18.11 61.50
CA PRO I 92 -24.02 -17.59 60.83
C PRO I 92 -24.23 -18.25 59.47
N ASN I 93 -25.45 -18.12 58.96
CA ASN I 93 -25.83 -18.63 57.64
C ASN I 93 -25.63 -20.14 57.55
N GLY I 94 -25.64 -20.82 58.68
CA GLY I 94 -25.50 -22.26 58.72
C GLY I 94 -24.20 -22.77 58.14
N MET I 95 -23.10 -22.07 58.41
CA MET I 95 -21.80 -22.53 57.93
C MET I 95 -21.28 -23.68 58.79
N GLY I 96 -21.79 -23.82 60.01
CA GLY I 96 -21.39 -24.93 60.85
C GLY I 96 -21.22 -24.55 62.31
N GLN I 97 -20.26 -25.19 62.98
CA GLN I 97 -19.97 -24.95 64.38
C GLN I 97 -18.48 -24.69 64.52
N ILE I 98 -18.11 -23.86 65.49
CA ILE I 98 -16.71 -23.64 65.81
C ILE I 98 -16.51 -23.81 67.30
N CYS I 99 -15.29 -24.20 67.68
CA CYS I 99 -14.93 -24.44 69.07
C CYS I 99 -13.66 -23.66 69.37
N TRP I 100 -13.70 -22.83 70.41
CA TRP I 100 -12.52 -22.16 70.92
C TRP I 100 -11.98 -22.96 72.09
N LEU I 101 -10.76 -23.48 71.95
CA LEU I 101 -10.20 -24.44 72.90
C LEU I 101 -9.00 -23.84 73.60
N THR I 102 -8.88 -24.14 74.89
CA THR I 102 -7.69 -23.76 75.64
C THR I 102 -6.48 -24.55 75.17
N LYS I 103 -5.29 -24.06 75.52
CA LYS I 103 -4.06 -24.58 74.93
C LYS I 103 -3.91 -26.08 75.16
N ASP I 104 -4.04 -26.54 76.40
CA ASP I 104 -3.84 -27.95 76.70
C ASP I 104 -4.92 -28.81 76.04
N MET I 105 -6.18 -28.38 76.11
CA MET I 105 -7.25 -29.15 75.50
C MET I 105 -7.12 -29.17 73.98
N ALA I 106 -6.63 -28.06 73.40
CA ALA I 106 -6.40 -28.03 71.96
C ALA I 106 -5.26 -28.96 71.56
N HIS I 107 -4.21 -29.02 72.37
CA HIS I 107 -3.15 -29.99 72.10
C HIS I 107 -3.66 -31.42 72.19
N LYS I 108 -4.51 -31.70 73.17
CA LYS I 108 -5.12 -33.02 73.27
C LYS I 108 -5.99 -33.33 72.05
N ALA I 109 -6.75 -32.34 71.57
CA ALA I 109 -7.59 -32.54 70.39
C ALA I 109 -6.74 -32.77 69.15
N GLN I 110 -5.63 -32.04 69.03
CA GLN I 110 -4.73 -32.26 67.90
C GLN I 110 -4.11 -33.64 67.95
N GLY I 111 -3.74 -34.10 69.15
CA GLY I 111 -3.28 -35.48 69.30
C GLY I 111 -4.35 -36.49 68.98
N PHE I 112 -5.62 -36.15 69.21
CA PHE I 112 -6.72 -37.04 68.90
C PHE I 112 -6.80 -37.37 67.41
N GLY I 113 -6.26 -36.53 66.55
CA GLY I 113 -6.25 -36.80 65.13
C GLY I 113 -7.09 -35.84 64.31
N LEU I 114 -7.17 -34.58 64.77
CA LEU I 114 -7.91 -33.54 64.06
C LEU I 114 -6.99 -32.37 63.79
N ASP I 115 -7.52 -31.38 63.07
CA ASP I 115 -6.79 -30.16 62.76
C ASP I 115 -7.17 -29.06 63.75
N VAL I 116 -6.18 -28.38 64.30
CA VAL I 116 -6.38 -27.28 65.22
C VAL I 116 -5.50 -26.12 64.78
N PHE I 117 -6.10 -24.93 64.70
CA PHE I 117 -5.43 -23.75 64.17
C PHE I 117 -5.12 -22.77 65.29
N ALA I 118 -3.97 -22.10 65.17
CA ALA I 118 -3.53 -21.13 66.16
C ALA I 118 -2.83 -19.98 65.48
N GLY I 119 -3.16 -18.76 65.90
CA GLY I 119 -2.56 -17.57 65.34
C GLY I 119 -3.28 -17.07 64.11
N SER I 120 -2.52 -16.63 63.10
CA SER I 120 -3.13 -16.16 61.86
C SER I 120 -3.99 -17.24 61.23
N GLN I 121 -3.68 -18.51 61.48
CA GLN I 121 -4.48 -19.58 60.92
C GLN I 121 -5.93 -19.49 61.36
N ARG I 122 -6.18 -19.03 62.59
CA ARG I 122 -7.56 -18.93 63.06
C ARG I 122 -8.38 -17.99 62.17
N ILE I 123 -7.71 -17.09 61.46
CA ILE I 123 -8.41 -16.26 60.49
C ILE I 123 -8.66 -17.06 59.21
N SER I 124 -7.63 -17.70 58.67
CA SER I 124 -7.78 -18.44 57.42
C SER I 124 -8.86 -19.49 57.53
N ALA I 125 -8.78 -20.36 58.55
CA ALA I 125 -9.75 -21.42 58.69
C ALA I 125 -11.15 -20.88 58.95
N LEU I 126 -11.25 -19.59 59.28
CA LEU I 126 -12.57 -18.95 59.27
C LEU I 126 -12.91 -18.45 57.88
N LEU I 127 -12.03 -17.61 57.31
CA LEU I 127 -12.29 -17.04 56.00
C LEU I 127 -12.56 -18.12 54.97
N LYS I 128 -11.73 -19.17 54.96
CA LYS I 128 -11.90 -20.26 54.02
C LYS I 128 -13.30 -20.86 54.11
N CYS I 129 -13.81 -21.04 55.33
CA CYS I 129 -15.16 -21.56 55.48
C CYS I 129 -16.16 -20.70 54.71
N VAL I 130 -16.07 -19.38 54.88
CA VAL I 130 -16.95 -18.48 54.13
C VAL I 130 -16.77 -18.69 52.63
N LEU I 131 -15.51 -18.77 52.18
CA LEU I 131 -15.28 -18.92 50.75
C LEU I 131 -15.79 -20.25 50.24
N LEU I 132 -15.99 -21.23 51.11
CA LEU I 132 -16.52 -22.50 50.64
C LEU I 132 -18.04 -22.49 50.57
N ARG I 133 -18.67 -21.41 51.06
CA ARG I 133 -20.15 -21.30 51.04
C ARG I 133 -20.63 -20.48 49.83
N HIS I 134 -19.93 -19.39 49.50
CA HIS I 134 -20.33 -18.49 48.38
C HIS I 134 -19.42 -18.71 47.15
N MET I 135 -18.76 -19.87 47.09
CA MET I 135 -17.87 -20.27 45.96
C MET I 135 -18.49 -20.00 44.58
N GLY I 136 -19.72 -20.44 44.33
CA GLY I 136 -20.33 -20.30 43.03
C GLY I 136 -20.46 -18.87 42.55
N GLU I 137 -20.12 -17.90 43.40
CA GLU I 137 -20.16 -16.50 43.00
C GLU I 137 -18.86 -16.02 42.37
N PHE I 138 -17.80 -16.81 42.42
CA PHE I 138 -16.52 -16.41 41.84
C PHE I 138 -16.29 -17.02 40.46
N ILE I 139 -17.35 -17.49 39.80
CA ILE I 139 -17.24 -18.08 38.47
C ILE I 139 -18.39 -17.53 37.62
N GLY I 140 -18.08 -16.55 36.77
CA GLY I 140 -19.07 -15.96 35.90
C GLY I 140 -18.65 -16.04 34.45
N VAL I 141 -19.09 -15.10 33.62
CA VAL I 141 -18.65 -15.08 32.23
C VAL I 141 -17.20 -14.65 32.14
N GLN I 142 -16.81 -13.66 32.93
CA GLN I 142 -15.45 -13.14 32.85
C GLN I 142 -14.43 -14.14 33.41
N GLU I 143 -14.74 -14.77 34.55
CA GLU I 143 -13.82 -15.77 35.08
C GLU I 143 -13.72 -16.97 34.15
N THR I 144 -14.82 -17.34 33.50
CA THR I 144 -14.76 -18.41 32.51
C THR I 144 -13.86 -18.02 31.35
N ARG I 145 -13.95 -16.77 30.90
CA ARG I 145 -13.05 -16.32 29.83
C ARG I 145 -11.60 -16.36 30.30
N TYR I 146 -11.35 -16.03 31.57
CA TYR I 146 -9.98 -16.12 32.06
C TYR I 146 -9.50 -17.57 32.07
N LEU I 147 -10.35 -18.50 32.48
CA LEU I 147 -9.96 -19.92 32.47
C LEU I 147 -9.68 -20.39 31.05
N MET I 148 -10.50 -19.98 30.09
CA MET I 148 -10.29 -20.40 28.71
C MET I 148 -9.03 -19.78 28.14
N ASN I 149 -8.72 -18.53 28.51
CA ASN I 149 -7.46 -17.93 28.08
C ASN I 149 -6.27 -18.65 28.69
N ALA I 150 -6.38 -19.08 29.94
CA ALA I 150 -5.31 -19.87 30.55
C ALA I 150 -5.13 -21.20 29.83
N MET I 151 -6.24 -21.84 29.46
CA MET I 151 -6.15 -23.11 28.75
C MET I 151 -5.74 -22.95 27.29
N GLU I 152 -5.77 -21.73 26.74
CA GLU I 152 -5.31 -21.56 25.37
C GLU I 152 -3.82 -21.77 25.18
N LYS I 153 -3.06 -21.99 26.26
CA LYS I 153 -1.61 -22.11 26.13
C LYS I 153 -1.23 -23.49 25.63
N ASN I 154 -1.63 -24.54 26.36
CA ASN I 154 -1.34 -25.90 25.99
C ASN I 154 -2.45 -26.58 25.21
N TYR I 155 -3.68 -26.09 25.29
CA TYR I 155 -4.83 -26.78 24.74
C TYR I 155 -5.59 -26.01 23.66
N SER I 156 -4.83 -25.25 22.85
CA SER I 156 -5.43 -24.25 21.98
C SER I 156 -6.58 -24.81 21.15
N GLU I 157 -6.39 -26.01 20.58
CA GLU I 157 -7.42 -26.55 19.71
C GLU I 157 -8.64 -27.00 20.49
N LEU I 158 -8.45 -27.48 21.71
CA LEU I 158 -9.58 -27.87 22.54
C LEU I 158 -10.47 -26.66 22.84
N VAL I 159 -9.86 -25.54 23.22
CA VAL I 159 -10.63 -24.33 23.50
C VAL I 159 -11.26 -23.78 22.23
N LYS I 160 -10.53 -23.81 21.11
CA LYS I 160 -11.11 -23.32 19.86
C LYS I 160 -12.32 -24.13 19.45
N GLU I 161 -12.22 -25.46 19.53
CA GLU I 161 -13.36 -26.31 19.21
C GLU I 161 -14.52 -26.05 20.15
N LEU I 162 -14.25 -25.90 21.45
CA LEU I 162 -15.32 -25.64 22.40
C LEU I 162 -16.03 -24.33 22.08
N GLN I 163 -15.27 -23.27 21.78
CA GLN I 163 -15.88 -22.01 21.41
C GLN I 163 -16.72 -22.15 20.16
N ARG I 164 -16.24 -22.91 19.18
CA ARG I 164 -17.02 -23.17 17.98
C ARG I 164 -18.31 -23.89 18.31
N GLN I 165 -18.32 -24.71 19.37
CA GLN I 165 -19.53 -25.44 19.74
C GLN I 165 -20.51 -24.59 20.52
N LEU I 166 -20.08 -24.03 21.66
CA LEU I 166 -20.95 -23.34 22.60
C LEU I 166 -20.52 -21.90 22.77
N PRO I 167 -21.48 -20.98 22.94
CA PRO I 167 -21.13 -19.60 23.29
C PRO I 167 -20.73 -19.50 24.75
N ILE I 168 -19.96 -18.44 25.05
CA ILE I 168 -19.28 -18.37 26.34
C ILE I 168 -20.26 -18.30 27.49
N ASN I 169 -21.48 -17.79 27.27
CA ASN I 169 -22.43 -17.73 28.38
C ASN I 169 -22.89 -19.12 28.79
N LYS I 170 -23.02 -20.04 27.83
CA LYS I 170 -23.42 -21.41 28.18
C LYS I 170 -22.29 -22.16 28.87
N ILE I 171 -21.05 -21.94 28.45
CA ILE I 171 -19.92 -22.55 29.15
C ILE I 171 -19.84 -22.03 30.58
N ALA I 172 -20.02 -20.71 30.76
CA ALA I 172 -20.00 -20.15 32.10
C ALA I 172 -21.14 -20.67 32.95
N GLU I 173 -22.32 -20.86 32.35
CA GLU I 173 -23.44 -21.44 33.08
C GLU I 173 -23.13 -22.87 33.50
N THR I 174 -22.52 -23.66 32.62
CA THR I 174 -22.15 -25.03 32.98
C THR I 174 -21.15 -25.06 34.12
N LEU I 175 -20.09 -24.24 34.01
CA LEU I 175 -19.08 -24.22 35.06
C LEU I 175 -19.66 -23.74 36.39
N GLN I 176 -20.54 -22.74 36.35
CA GLN I 176 -21.17 -22.27 37.58
C GLN I 176 -22.05 -23.34 38.19
N ARG I 177 -22.80 -24.07 37.38
CA ARG I 177 -23.67 -25.11 37.90
C ARG I 177 -22.87 -26.28 38.46
N LEU I 178 -21.67 -26.50 37.91
CA LEU I 178 -20.80 -27.52 38.49
C LEU I 178 -20.17 -27.06 39.80
N VAL I 179 -19.77 -25.79 39.87
CA VAL I 179 -19.08 -25.27 41.09
C VAL I 179 -20.10 -25.22 42.24
N SER I 180 -21.35 -24.83 41.95
CA SER I 180 -22.33 -24.67 43.02
C SER I 180 -22.82 -25.99 43.59
N GLU I 181 -22.15 -27.11 43.26
CA GLU I 181 -22.48 -28.40 43.83
C GLU I 181 -21.30 -29.07 44.51
N ARG I 182 -20.22 -28.32 44.75
CA ARG I 182 -18.96 -28.87 45.25
C ARG I 182 -18.37 -29.92 44.32
N VAL I 183 -18.48 -29.70 43.02
CA VAL I 183 -17.78 -30.51 42.03
C VAL I 183 -16.64 -29.67 41.48
N SER I 184 -15.42 -30.17 41.60
CA SER I 184 -14.26 -29.39 41.19
C SER I 184 -14.23 -29.25 39.67
N ILE I 185 -13.86 -28.06 39.21
CA ILE I 185 -13.66 -27.82 37.79
C ILE I 185 -12.17 -27.71 37.53
N ARG I 186 -11.38 -28.37 38.38
CA ARG I 186 -9.93 -28.36 38.20
C ARG I 186 -9.54 -29.06 36.90
N ASP I 187 -10.21 -30.16 36.58
CA ASP I 187 -9.93 -30.91 35.35
C ASP I 187 -10.73 -30.30 34.21
N LEU I 188 -10.11 -29.30 33.57
CA LEU I 188 -10.82 -28.59 32.51
C LEU I 188 -10.69 -29.31 31.17
N ARG I 189 -9.64 -30.11 30.98
CA ARG I 189 -9.52 -30.88 29.75
C ARG I 189 -10.70 -31.82 29.58
N LEU I 190 -11.04 -32.56 30.65
CA LEU I 190 -12.14 -33.50 30.58
C LEU I 190 -13.48 -32.79 30.44
N ILE I 191 -13.66 -31.66 31.14
CA ILE I 191 -14.91 -30.92 31.05
C ILE I 191 -15.11 -30.40 29.63
N PHE I 192 -14.07 -29.80 29.06
CA PHE I 192 -14.19 -29.30 27.69
C PHE I 192 -14.40 -30.44 26.70
N GLY I 193 -13.76 -31.59 26.94
CA GLY I 193 -14.00 -32.73 26.07
C GLY I 193 -15.43 -33.21 26.11
N THR I 194 -16.02 -33.26 27.31
CA THR I 194 -17.40 -33.71 27.41
C THR I 194 -18.38 -32.70 26.81
N LEU I 195 -18.09 -31.41 26.98
CA LEU I 195 -18.93 -30.40 26.35
C LEU I 195 -18.81 -30.44 24.83
N ILE I 196 -17.62 -30.76 24.32
CA ILE I 196 -17.45 -30.90 22.87
C ILE I 196 -18.20 -32.12 22.36
N ASP I 197 -18.15 -33.22 23.12
CA ASP I 197 -18.88 -34.41 22.70
C ASP I 197 -20.38 -34.16 22.67
N TRP I 198 -20.94 -33.65 23.76
CA TRP I 198 -22.40 -33.60 23.92
C TRP I 198 -23.02 -32.26 23.53
N ALA I 199 -22.23 -31.30 23.06
CA ALA I 199 -22.82 -30.03 22.63
C ALA I 199 -23.71 -30.17 21.39
N PRO I 200 -23.29 -30.86 20.31
CA PRO I 200 -24.21 -31.00 19.17
C PRO I 200 -25.48 -31.76 19.49
N ARG I 201 -25.42 -32.74 20.39
CA ARG I 201 -26.55 -33.62 20.66
C ARG I 201 -27.41 -33.16 21.82
N GLU I 202 -27.17 -31.97 22.37
CA GLU I 202 -27.96 -31.51 23.51
C GLU I 202 -27.95 -30.00 23.53
N LYS I 203 -29.07 -29.40 23.97
CA LYS I 203 -29.19 -27.96 24.06
C LYS I 203 -29.58 -27.47 25.45
N ASP I 204 -30.08 -28.35 26.31
CA ASP I 204 -30.43 -27.98 27.67
C ASP I 204 -29.18 -27.97 28.54
N VAL I 205 -28.73 -26.77 28.91
CA VAL I 205 -27.47 -26.62 29.63
C VAL I 205 -27.47 -27.43 30.92
N LEU I 206 -28.64 -27.62 31.52
CA LEU I 206 -28.73 -28.50 32.68
C LEU I 206 -28.33 -29.93 32.33
N MET I 207 -28.72 -30.39 31.14
CA MET I 207 -28.37 -31.76 30.77
C MET I 207 -26.89 -31.87 30.38
N LEU I 208 -26.33 -30.81 29.78
CA LEU I 208 -24.89 -30.80 29.57
C LEU I 208 -24.14 -30.88 30.88
N THR I 209 -24.62 -30.14 31.89
CA THR I 209 -24.02 -30.23 33.22
C THR I 209 -24.16 -31.63 33.80
N GLU I 210 -25.30 -32.28 33.57
CA GLU I 210 -25.46 -33.65 34.03
C GLU I 210 -24.46 -34.59 33.37
N TYR I 211 -24.25 -34.42 32.07
CA TYR I 211 -23.29 -35.27 31.37
C TYR I 211 -21.87 -35.02 31.86
N VAL I 212 -21.53 -33.75 32.13
CA VAL I 212 -20.20 -33.45 32.65
C VAL I 212 -20.03 -34.03 34.05
N ARG I 213 -21.10 -34.02 34.85
CA ARG I 213 -21.03 -34.62 36.18
C ARG I 213 -20.84 -36.12 36.09
N ILE I 214 -21.50 -36.77 35.13
CA ILE I 214 -21.35 -38.21 34.95
C ILE I 214 -19.93 -38.54 34.51
N ALA I 215 -19.37 -37.74 33.59
CA ALA I 215 -18.01 -38.00 33.13
C ALA I 215 -16.99 -37.76 34.24
N LEU I 216 -17.36 -37.04 35.29
CA LEU I 216 -16.50 -36.75 36.43
C LEU I 216 -16.84 -37.61 37.64
N ARG I 217 -17.48 -38.76 37.44
CA ARG I 217 -18.01 -39.51 38.57
C ARG I 217 -16.91 -40.05 39.47
N ARG I 218 -15.77 -40.43 38.90
CA ARG I 218 -14.68 -40.94 39.72
C ARG I 218 -14.17 -39.87 40.67
N HIS I 219 -14.01 -38.64 40.17
CA HIS I 219 -13.56 -37.56 41.04
C HIS I 219 -14.58 -37.26 42.13
N ILE I 220 -15.86 -37.24 41.79
CA ILE I 220 -16.88 -36.94 42.78
C ILE I 220 -16.88 -37.99 43.88
N LEU I 221 -16.85 -39.26 43.50
CA LEU I 221 -16.88 -40.32 44.51
C LEU I 221 -15.54 -40.50 45.21
N ARG I 222 -14.49 -39.85 44.71
CA ARG I 222 -13.26 -39.80 45.50
C ARG I 222 -13.29 -38.66 46.51
N ARG I 223 -13.79 -37.51 46.10
CA ARG I 223 -13.79 -36.35 46.99
C ARG I 223 -14.82 -36.50 48.11
N LEU I 224 -15.95 -37.16 47.84
CA LEU I 224 -16.95 -37.34 48.89
C LEU I 224 -16.40 -38.20 50.03
N ASN I 225 -15.71 -39.28 49.70
CA ASN I 225 -15.05 -40.09 50.73
C ASN I 225 -13.65 -40.49 50.27
N PRO I 226 -12.61 -39.86 50.80
CA PRO I 226 -11.25 -40.13 50.31
C PRO I 226 -10.85 -41.59 50.43
N GLU I 227 -11.25 -42.28 51.48
CA GLU I 227 -10.97 -43.69 51.64
C GLU I 227 -11.97 -44.52 50.85
N GLY I 228 -11.61 -45.78 50.62
CA GLY I 228 -12.48 -46.69 49.92
C GLY I 228 -13.59 -47.28 50.75
N LYS I 229 -13.66 -46.92 52.03
CA LYS I 229 -14.66 -47.49 52.92
C LYS I 229 -16.06 -47.08 52.49
N PRO I 230 -17.04 -47.95 52.67
CA PRO I 230 -18.42 -47.60 52.31
C PRO I 230 -19.05 -46.60 53.27
N LEU I 231 -19.57 -45.50 52.74
CA LEU I 231 -20.29 -44.52 53.52
C LEU I 231 -21.79 -44.60 53.27
N PRO I 232 -22.60 -44.18 54.25
CA PRO I 232 -24.04 -44.41 54.15
C PRO I 232 -24.68 -43.76 52.94
N ILE I 233 -25.68 -44.44 52.38
CA ILE I 233 -26.42 -43.97 51.22
C ILE I 233 -27.90 -44.03 51.53
N LEU I 234 -28.60 -42.94 51.27
CA LEU I 234 -30.04 -42.83 51.46
C LEU I 234 -30.70 -42.88 50.09
N ARG I 235 -31.32 -44.01 49.78
CA ARG I 235 -31.99 -44.17 48.50
C ARG I 235 -33.25 -43.33 48.43
N ILE I 236 -33.64 -42.97 47.21
CA ILE I 236 -34.96 -42.39 46.99
C ILE I 236 -35.86 -43.41 46.30
N GLY I 237 -37.00 -43.70 46.91
CA GLY I 237 -37.87 -44.74 46.40
C GLY I 237 -38.53 -44.35 45.09
N GLU I 238 -39.17 -45.34 44.47
CA GLU I 238 -39.76 -45.13 43.15
C GLU I 238 -40.92 -44.14 43.19
N GLY I 239 -41.55 -43.97 44.35
CA GLY I 239 -42.66 -43.04 44.43
C GLY I 239 -42.25 -41.61 44.14
N ILE I 240 -41.20 -41.13 44.79
CA ILE I 240 -40.73 -39.77 44.57
C ILE I 240 -40.17 -39.61 43.17
N GLU I 241 -39.47 -40.64 42.68
CA GLU I 241 -38.90 -40.59 41.34
C GLU I 241 -40.02 -40.45 40.30
N ASN I 242 -41.09 -41.21 40.46
CA ASN I 242 -42.21 -41.12 39.53
C ASN I 242 -42.96 -39.81 39.69
N LEU I 243 -43.05 -39.29 40.91
CA LEU I 243 -43.72 -38.01 41.12
C LEU I 243 -42.98 -36.89 40.40
N VAL I 244 -41.66 -36.82 40.56
CA VAL I 244 -40.91 -35.73 39.94
C VAL I 244 -40.68 -35.99 38.46
N ARG I 245 -40.76 -37.26 38.02
CA ARG I 245 -40.57 -37.56 36.61
C ARG I 245 -41.80 -37.21 35.80
N GLU I 246 -42.99 -37.33 36.38
CA GLU I 246 -44.22 -37.03 35.67
C GLU I 246 -44.43 -35.54 35.45
N SER I 247 -43.86 -34.69 36.30
CA SER I 247 -44.10 -33.25 36.26
C SER I 247 -43.12 -32.50 35.37
N ILE I 248 -42.42 -33.18 34.47
CA ILE I 248 -41.38 -32.54 33.68
C ILE I 248 -42.03 -31.81 32.51
N ARG I 249 -41.86 -30.50 32.46
CA ARG I 249 -42.45 -29.67 31.43
C ARG I 249 -41.35 -28.99 30.64
N GLN I 250 -41.39 -29.11 29.32
CA GLN I 250 -40.30 -28.68 28.45
C GLN I 250 -40.74 -27.48 27.62
N THR I 251 -39.85 -26.50 27.51
CA THR I 251 -39.97 -25.36 26.61
C THR I 251 -38.74 -25.32 25.70
N ALA I 252 -38.73 -24.36 24.78
CA ALA I 252 -37.69 -24.30 23.76
C ALA I 252 -36.30 -24.22 24.36
N MET I 253 -36.16 -23.79 25.61
CA MET I 253 -34.86 -23.67 26.26
C MET I 253 -34.52 -24.85 27.14
N GLY I 254 -35.36 -25.88 27.20
CA GLY I 254 -35.06 -27.06 27.99
C GLY I 254 -36.21 -27.44 28.88
N THR I 255 -35.98 -28.43 29.74
CA THR I 255 -37.02 -28.99 30.59
C THR I 255 -36.84 -28.48 32.02
N TYR I 256 -37.97 -28.25 32.70
CA TYR I 256 -37.97 -27.87 34.10
C TYR I 256 -39.01 -28.74 34.83
N THR I 257 -39.06 -28.58 36.14
CA THR I 257 -40.01 -29.29 36.98
C THR I 257 -41.13 -28.35 37.40
N ALA I 258 -42.32 -28.92 37.59
CA ALA I 258 -43.51 -28.16 37.99
C ALA I 258 -44.27 -28.98 39.01
N LEU I 259 -43.97 -28.76 40.29
CA LEU I 259 -44.61 -29.48 41.38
C LEU I 259 -45.41 -28.51 42.25
N SER I 260 -46.38 -29.05 42.97
CA SER I 260 -47.11 -28.29 43.96
C SER I 260 -46.20 -27.99 45.15
N SER I 261 -46.42 -26.81 45.76
CA SER I 261 -45.61 -26.42 46.91
C SER I 261 -45.76 -27.42 48.05
N ARG I 262 -46.94 -28.05 48.16
CA ARG I 262 -47.14 -29.06 49.19
C ARG I 262 -46.20 -30.24 48.99
N HIS I 263 -46.03 -30.68 47.74
CA HIS I 263 -45.13 -31.79 47.43
C HIS I 263 -43.71 -31.47 47.87
N LYS I 264 -43.20 -30.30 47.48
CA LYS I 264 -41.85 -29.92 47.86
C LYS I 264 -41.71 -29.82 49.36
N THR I 265 -42.68 -29.18 50.03
CA THR I 265 -42.58 -29.02 51.47
C THR I 265 -42.55 -30.36 52.18
N GLN I 266 -43.41 -31.30 51.77
CA GLN I 266 -43.40 -32.61 52.43
C GLN I 266 -42.11 -33.37 52.14
N ILE I 267 -41.59 -33.28 50.91
CA ILE I 267 -40.37 -34.00 50.58
C ILE I 267 -39.19 -33.49 51.41
N LEU I 268 -39.04 -32.16 51.48
CA LEU I 268 -37.98 -31.61 52.32
C LEU I 268 -38.18 -31.92 53.79
N GLN I 269 -39.42 -31.85 54.27
CA GLN I 269 -39.67 -32.13 55.69
C GLN I 269 -39.26 -33.55 56.04
N LEU I 270 -39.62 -34.52 55.20
CA LEU I 270 -39.25 -35.91 55.49
C LEU I 270 -37.77 -36.16 55.27
N ILE I 271 -37.14 -35.48 54.31
CA ILE I 271 -35.70 -35.66 54.12
C ILE I 271 -34.95 -35.15 55.34
N GLU I 272 -35.32 -33.98 55.86
CA GLU I 272 -34.73 -33.50 57.09
C GLU I 272 -35.07 -34.43 58.26
N GLN I 273 -36.25 -35.04 58.23
CA GLN I 273 -36.58 -36.05 59.22
C GLN I 273 -35.67 -37.26 59.13
N ALA I 274 -35.28 -37.64 57.91
CA ALA I 274 -34.42 -38.79 57.70
C ALA I 274 -32.94 -38.46 57.80
N LEU I 275 -32.58 -37.17 57.91
CA LEU I 275 -31.19 -36.77 57.98
C LEU I 275 -30.67 -36.63 59.41
N LYS I 276 -31.55 -36.61 60.41
CA LYS I 276 -31.09 -36.45 61.79
C LYS I 276 -30.65 -37.77 62.41
N GLN I 277 -30.82 -38.89 61.70
CA GLN I 277 -30.39 -40.17 62.25
C GLN I 277 -28.88 -40.33 62.20
N SER I 278 -28.23 -39.85 61.14
CA SER I 278 -26.78 -39.90 61.02
C SER I 278 -26.27 -38.56 60.49
N ALA I 279 -25.01 -38.27 60.78
CA ALA I 279 -24.45 -36.97 60.46
C ALA I 279 -24.36 -36.75 58.96
N LYS I 280 -23.84 -37.73 58.23
CA LYS I 280 -23.63 -37.60 56.79
C LYS I 280 -24.42 -38.65 56.04
N LEU I 281 -25.15 -38.21 55.02
CA LEU I 281 -25.92 -39.09 54.16
C LEU I 281 -25.87 -38.59 52.73
N PHE I 282 -25.65 -39.51 51.80
CA PHE I 282 -25.65 -39.21 50.38
C PHE I 282 -26.99 -39.64 49.80
N ILE I 283 -27.81 -38.68 49.40
CA ILE I 283 -29.10 -38.98 48.79
C ILE I 283 -28.87 -39.42 47.35
N VAL I 284 -29.41 -40.58 47.00
CA VAL I 284 -29.19 -41.19 45.70
C VAL I 284 -30.52 -41.44 45.01
N THR I 285 -30.66 -40.92 43.80
CA THR I 285 -31.86 -41.06 43.01
C THR I 285 -31.48 -41.42 41.58
N SER I 286 -32.47 -41.48 40.69
CA SER I 286 -32.24 -41.84 39.30
C SER I 286 -31.60 -40.69 38.54
N VAL I 287 -31.15 -40.99 37.33
CA VAL I 287 -30.50 -39.96 36.51
C VAL I 287 -31.51 -38.93 36.04
N ASP I 288 -32.67 -39.38 35.57
CA ASP I 288 -33.67 -38.49 35.00
C ASP I 288 -34.37 -37.65 36.07
N THR I 289 -34.22 -38.00 37.33
CA THR I 289 -34.85 -37.27 38.42
C THR I 289 -33.85 -36.62 39.36
N ARG I 290 -32.55 -36.68 39.05
CA ARG I 290 -31.56 -36.16 39.99
C ARG I 290 -31.49 -34.64 40.05
N ARG I 291 -31.26 -34.00 38.90
CA ARG I 291 -31.08 -32.55 38.90
C ARG I 291 -32.32 -31.84 39.41
N PHE I 292 -33.50 -32.27 38.94
CA PHE I 292 -34.73 -31.65 39.40
C PHE I 292 -34.87 -31.75 40.91
N LEU I 293 -34.61 -32.94 41.47
CA LEU I 293 -34.63 -33.07 42.92
C LEU I 293 -33.67 -32.09 43.56
N ARG I 294 -32.48 -31.93 42.98
CA ARG I 294 -31.52 -30.97 43.53
C ARG I 294 -32.12 -29.58 43.55
N LYS I 295 -32.82 -29.19 42.49
CA LYS I 295 -33.32 -27.82 42.45
C LYS I 295 -34.62 -27.67 43.24
N ILE I 296 -35.06 -28.70 43.97
CA ILE I 296 -36.07 -28.48 44.99
C ILE I 296 -35.47 -28.58 46.39
N THR I 297 -34.19 -28.91 46.50
CA THR I 297 -33.53 -29.00 47.80
C THR I 297 -32.29 -28.14 47.91
N GLU I 298 -31.99 -27.30 46.92
CA GLU I 298 -30.79 -26.46 46.99
C GLU I 298 -30.99 -25.27 47.90
N ALA I 299 -32.21 -24.73 47.97
CA ALA I 299 -32.45 -23.52 48.75
C ALA I 299 -32.21 -23.74 50.24
N THR I 300 -32.70 -24.87 50.76
CA THR I 300 -32.60 -25.16 52.19
C THR I 300 -31.43 -26.08 52.52
N LEU I 301 -31.37 -27.24 51.88
CA LEU I 301 -30.33 -28.24 52.14
C LEU I 301 -29.23 -28.07 51.10
N PHE I 302 -28.39 -27.05 51.28
CA PHE I 302 -27.34 -26.76 50.32
C PHE I 302 -26.15 -27.70 50.46
N ASP I 303 -25.83 -28.13 51.67
CA ASP I 303 -24.58 -28.87 51.91
C ASP I 303 -24.74 -30.37 51.86
N VAL I 304 -25.91 -30.88 51.49
CA VAL I 304 -26.10 -32.33 51.34
C VAL I 304 -25.87 -32.69 49.87
N PRO I 305 -25.04 -33.69 49.58
CA PRO I 305 -24.76 -34.02 48.17
C PRO I 305 -25.83 -34.93 47.57
N ILE I 306 -26.40 -34.52 46.45
CA ILE I 306 -27.42 -35.29 45.76
C ILE I 306 -26.74 -36.05 44.62
N LEU I 307 -26.35 -37.29 44.87
CA LEU I 307 -25.71 -38.11 43.86
C LEU I 307 -26.76 -38.75 42.96
N SER I 308 -26.29 -39.57 42.02
CA SER I 308 -27.15 -40.29 41.10
C SER I 308 -26.72 -41.74 41.03
N TRP I 309 -27.51 -42.57 40.34
CA TRP I 309 -27.17 -43.98 40.23
C TRP I 309 -26.02 -44.19 39.24
N GLN I 310 -26.05 -43.48 38.11
CA GLN I 310 -24.99 -43.64 37.13
C GLN I 310 -23.66 -43.09 37.63
N GLU I 311 -23.69 -42.15 38.58
CA GLU I 311 -22.46 -41.62 39.15
C GLU I 311 -21.78 -42.61 40.09
N LEU I 312 -22.54 -43.56 40.62
CA LEU I 312 -21.98 -44.66 41.40
C LEU I 312 -21.90 -45.89 40.51
N GLY I 313 -20.70 -46.18 40.02
CA GLY I 313 -20.50 -47.32 39.16
C GLY I 313 -20.73 -48.63 39.89
N GLU I 314 -20.57 -49.73 39.14
CA GLU I 314 -20.73 -51.05 39.71
C GLU I 314 -19.64 -51.40 40.72
N GLU I 315 -18.58 -50.61 40.79
CA GLU I 315 -17.46 -50.86 41.69
C GLU I 315 -17.66 -50.26 43.07
N SER I 316 -18.70 -49.48 43.28
CA SER I 316 -19.02 -48.91 44.59
C SER I 316 -20.22 -49.62 45.17
N LEU I 317 -20.04 -50.25 46.34
CA LEU I 317 -21.15 -50.92 46.99
C LEU I 317 -21.96 -49.87 47.73
N ILE I 318 -23.23 -50.19 47.97
CA ILE I 318 -24.18 -49.16 48.38
C ILE I 318 -24.26 -49.03 49.89
N GLN I 319 -24.66 -50.09 50.58
CA GLN I 319 -24.95 -50.06 52.01
C GLN I 319 -26.08 -49.05 52.29
N VAL I 320 -27.26 -49.38 51.77
CA VAL I 320 -28.44 -48.54 51.98
C VAL I 320 -28.65 -48.40 53.49
N VAL I 321 -29.00 -47.19 53.92
CA VAL I 321 -29.34 -46.94 55.32
C VAL I 321 -30.85 -46.77 55.50
N GLU I 322 -31.49 -46.01 54.61
CA GLU I 322 -32.93 -45.82 54.66
C GLU I 322 -33.46 -45.76 53.24
N SER I 323 -34.74 -46.07 53.08
CA SER I 323 -35.40 -46.06 51.77
C SER I 323 -36.64 -45.18 51.87
N ILE I 324 -36.49 -43.93 51.45
CA ILE I 324 -37.59 -42.98 51.47
C ILE I 324 -38.53 -43.29 50.30
N ASP I 325 -39.84 -43.21 50.56
CA ASP I 325 -40.83 -43.44 49.51
C ASP I 325 -42.10 -42.66 49.84
N LEU I 326 -42.83 -42.26 48.80
CA LEU I 326 -44.08 -41.54 48.95
C LEU I 326 -45.03 -41.84 47.81
N SER I 327 -46.29 -41.49 48.02
CA SER I 327 -47.26 -41.28 46.96
C SER I 327 -47.55 -39.78 46.88
N GLU I 328 -48.43 -39.38 45.99
CA GLU I 328 -48.73 -37.96 45.83
C GLU I 328 -49.37 -37.38 47.10
N GLU I 329 -49.65 -36.09 47.06
CA GLU I 329 -50.28 -35.38 48.17
C GLU I 329 -51.60 -34.73 47.79
N GLU I 330 -51.64 -33.99 46.69
CA GLU I 330 -52.85 -33.25 46.34
C GLU I 330 -54.00 -34.20 45.99
N LEU I 331 -53.72 -35.21 45.16
CA LEU I 331 -54.76 -36.17 44.82
C LEU I 331 -55.15 -37.02 46.03
N ALA I 332 -54.17 -37.60 46.71
CA ALA I 332 -54.39 -38.41 47.90
C ALA I 332 -53.03 -38.71 48.53
N ASP I 333 -52.98 -38.72 49.85
CA ASP I 333 -51.70 -38.91 50.53
C ASP I 333 -51.10 -40.27 50.22
N ASN I 334 -51.72 -41.34 50.74
CA ASN I 334 -51.41 -42.74 50.43
C ASN I 334 -50.05 -43.08 51.01
N GLU I 335 -49.22 -42.11 51.39
CA GLU I 335 -48.01 -42.42 52.16
C GLU I 335 -47.83 -41.45 53.33
N GLU I 336 -48.20 -40.19 53.13
CA GLU I 336 -47.96 -39.15 54.12
C GLU I 336 -49.21 -38.83 54.92
N MET J 1 19.84 -31.66 23.92
CA MET J 1 21.14 -30.99 24.09
C MET J 1 20.87 -29.48 24.13
N VAL J 2 20.69 -28.91 25.32
CA VAL J 2 20.33 -27.47 25.41
C VAL J 2 21.55 -26.64 25.87
N PRO J 3 22.24 -25.83 25.03
CA PRO J 3 23.35 -24.96 25.43
C PRO J 3 22.98 -24.09 26.62
N GLY J 4 23.98 -23.75 27.42
CA GLY J 4 23.78 -22.94 28.60
C GLY J 4 23.51 -23.78 29.83
N ALA J 5 24.39 -23.68 30.83
CA ALA J 5 24.28 -24.54 32.00
C ALA J 5 23.02 -24.21 32.80
N CYS J 6 22.56 -25.18 33.56
CA CYS J 6 21.41 -24.96 34.43
C CYS J 6 21.86 -24.11 35.62
N PRO J 7 21.19 -22.98 35.89
CA PRO J 7 21.77 -22.00 36.83
C PRO J 7 22.02 -22.53 38.22
N LEU J 8 20.99 -22.98 38.93
CA LEU J 8 21.11 -23.28 40.36
C LEU J 8 20.43 -24.62 40.65
N ILE J 9 21.22 -25.58 41.10
CA ILE J 9 20.75 -26.94 41.34
C ILE J 9 21.11 -27.33 42.76
N LEU J 10 20.14 -27.87 43.49
CA LEU J 10 20.37 -28.37 44.85
C LEU J 10 20.09 -29.86 44.85
N ARG J 11 21.12 -30.66 45.09
CA ARG J 11 21.01 -32.11 45.10
C ARG J 11 21.01 -32.61 46.53
N LEU J 12 19.98 -33.38 46.89
CA LEU J 12 19.78 -33.86 48.24
C LEU J 12 19.54 -35.36 48.26
N SER J 13 20.04 -35.98 49.33
CA SER J 13 19.88 -37.45 49.51
C SER J 13 18.48 -37.72 50.07
N PRO J 14 17.89 -38.92 49.83
CA PRO J 14 16.55 -39.26 50.30
C PRO J 14 16.00 -38.59 51.56
N THR J 15 16.66 -38.78 52.71
CA THR J 15 16.09 -38.27 54.00
C THR J 15 15.91 -36.75 54.06
N LEU J 16 16.85 -35.95 53.53
CA LEU J 16 16.73 -34.48 53.72
C LEU J 16 15.61 -33.89 52.88
N HIS J 17 15.19 -34.58 51.86
CA HIS J 17 14.09 -34.00 51.11
C HIS J 17 12.87 -33.87 52.00
N SER J 18 11.95 -32.96 51.65
CA SER J 18 10.75 -32.74 52.44
C SER J 18 9.66 -32.20 51.54
N ALA J 19 8.52 -31.87 52.17
CA ALA J 19 7.36 -31.41 51.41
C ALA J 19 7.25 -29.90 51.39
N ASP J 20 7.73 -29.23 52.44
CA ASP J 20 7.72 -27.78 52.52
C ASP J 20 9.03 -27.18 52.03
N LEU J 21 9.91 -27.98 51.44
CA LEU J 21 11.18 -27.45 50.95
C LEU J 21 10.97 -26.42 49.86
N ILE J 22 10.01 -26.64 48.97
CA ILE J 22 9.79 -25.72 47.87
C ILE J 22 9.44 -24.33 48.40
N ARG J 23 8.51 -24.25 49.33
CA ARG J 23 8.09 -22.94 49.83
C ARG J 23 9.15 -22.31 50.72
N ASP J 24 9.93 -23.13 51.44
CA ASP J 24 11.02 -22.58 52.24
C ASP J 24 12.11 -21.98 51.35
N ILE J 25 12.48 -22.68 50.28
CA ILE J 25 13.46 -22.15 49.34
C ILE J 25 12.92 -20.89 48.67
N ASP J 26 11.63 -20.88 48.32
CA ASP J 26 11.07 -19.69 47.69
C ASP J 26 11.08 -18.50 48.64
N ALA J 27 10.79 -18.74 49.92
CA ALA J 27 10.85 -17.66 50.89
C ALA J 27 12.27 -17.15 51.06
N MET J 28 13.26 -18.05 51.07
CA MET J 28 14.64 -17.62 51.15
C MET J 28 15.04 -16.80 49.93
N ARG J 29 14.59 -17.22 48.74
CA ARG J 29 14.91 -16.47 47.53
C ARG J 29 14.29 -15.08 47.58
N TRP J 30 13.05 -14.98 48.06
CA TRP J 30 12.41 -13.66 48.15
C TRP J 30 13.11 -12.79 49.17
N PHE J 31 13.57 -13.37 50.28
CA PHE J 31 14.32 -12.57 51.25
C PHE J 31 15.64 -12.10 50.65
N LEU J 32 16.32 -12.95 49.89
CA LEU J 32 17.59 -12.56 49.29
C LEU J 32 17.37 -11.46 48.24
N PHE J 33 16.25 -11.51 47.52
CA PHE J 33 15.98 -10.44 46.56
C PHE J 33 15.62 -9.14 47.26
N GLU J 34 14.85 -9.21 48.34
CA GLU J 34 14.53 -8.00 49.08
C GLU J 34 15.77 -7.40 49.75
N ASP J 35 16.74 -8.23 50.09
CA ASP J 35 17.93 -7.74 50.76
C ASP J 35 18.97 -7.21 49.79
N THR J 36 19.35 -8.00 48.78
CA THR J 36 20.43 -7.63 47.88
C THR J 36 20.01 -7.21 46.49
N GLY J 37 18.72 -7.27 46.16
CA GLY J 37 18.24 -6.71 44.92
C GLY J 37 18.51 -7.52 43.67
N VAL J 38 19.18 -8.66 43.78
CA VAL J 38 19.52 -9.49 42.64
C VAL J 38 18.45 -10.57 42.50
N PRO J 39 17.74 -10.64 41.38
CA PRO J 39 16.69 -11.65 41.23
C PRO J 39 17.29 -13.00 40.88
N LEU J 40 17.27 -13.91 41.84
CA LEU J 40 17.89 -15.22 41.69
C LEU J 40 17.05 -16.15 40.81
N PRO J 41 17.70 -17.08 40.12
CA PRO J 41 16.96 -18.04 39.29
C PRO J 41 16.44 -19.19 40.13
N GLU J 42 15.43 -19.88 39.59
CA GLU J 42 14.74 -20.93 40.33
C GLU J 42 15.71 -22.03 40.74
N VAL J 43 15.59 -22.47 41.99
CA VAL J 43 16.41 -23.56 42.50
C VAL J 43 15.79 -24.88 42.06
N ASN J 44 16.56 -25.70 41.36
CA ASN J 44 16.10 -26.99 40.87
C ASN J 44 16.46 -28.06 41.89
N ILE J 45 15.45 -28.68 42.49
CA ILE J 45 15.65 -29.73 43.48
C ILE J 45 15.86 -31.05 42.77
N GLU J 46 17.00 -31.69 43.03
CA GLU J 46 17.33 -32.98 42.44
C GLU J 46 17.69 -33.94 43.56
N VAL J 47 17.43 -35.22 43.33
CA VAL J 47 17.63 -36.26 44.35
C VAL J 47 18.95 -36.95 44.10
N LEU J 48 19.78 -37.03 45.14
CA LEU J 48 21.11 -37.64 45.04
C LEU J 48 21.15 -38.88 45.91
N PRO J 49 21.02 -40.09 45.35
CA PRO J 49 21.04 -41.30 46.18
C PRO J 49 22.39 -41.52 46.84
N GLU J 50 22.42 -41.48 48.17
CA GLU J 50 23.66 -41.58 48.91
C GLU J 50 23.34 -42.14 50.30
N PRO J 51 24.02 -43.20 50.74
CA PRO J 51 23.80 -43.68 52.10
C PRO J 51 24.10 -42.64 53.17
N THR J 52 25.13 -41.81 52.95
CA THR J 52 25.48 -40.75 53.89
C THR J 52 24.60 -39.53 53.62
N GLU J 53 24.22 -38.83 54.70
CA GLU J 53 23.40 -37.64 54.57
C GLU J 53 24.22 -36.50 53.99
N LYS J 54 24.06 -36.24 52.69
CA LYS J 54 24.90 -35.30 51.97
C LYS J 54 24.04 -34.45 51.05
N LEU J 55 24.44 -33.18 50.89
CA LEU J 55 23.81 -32.28 49.93
C LEU J 55 24.89 -31.56 49.14
N THR J 56 24.56 -31.20 47.91
CA THR J 56 25.45 -30.43 47.05
C THR J 56 24.69 -29.28 46.42
N VAL J 57 25.38 -28.16 46.26
CA VAL J 57 24.85 -26.98 45.59
C VAL J 57 25.71 -26.70 44.38
N LEU J 58 25.08 -26.66 43.21
CA LEU J 58 25.74 -26.56 41.92
C LEU J 58 25.32 -25.26 41.25
N LEU J 59 26.30 -24.41 40.96
CA LEU J 59 26.09 -23.18 40.23
C LEU J 59 26.57 -23.37 38.80
N TYR J 60 25.63 -23.35 37.86
CA TYR J 60 25.93 -23.56 36.44
C TYR J 60 26.64 -24.90 36.24
N GLN J 61 26.19 -25.91 37.00
CA GLN J 61 26.63 -27.29 36.91
C GLN J 61 28.08 -27.50 37.34
N GLU J 62 28.70 -26.50 37.96
CA GLU J 62 30.00 -26.67 38.57
C GLU J 62 29.82 -26.70 40.08
N PRO J 63 30.00 -27.84 40.74
CA PRO J 63 29.62 -27.94 42.16
C PRO J 63 30.42 -27.03 43.06
N VAL J 64 29.76 -26.05 43.65
CA VAL J 64 30.43 -25.09 44.54
C VAL J 64 30.25 -25.43 46.01
N PHE J 65 29.27 -26.27 46.36
CA PHE J 65 29.09 -26.61 47.76
C PHE J 65 28.82 -28.11 47.88
N SER J 66 29.45 -28.73 48.88
CA SER J 66 29.27 -30.15 49.13
C SER J 66 29.45 -30.42 50.62
N LEU J 67 28.35 -30.74 51.30
CA LEU J 67 28.41 -30.88 52.75
C LEU J 67 27.69 -32.15 53.15
N SER J 68 28.28 -32.90 54.09
CA SER J 68 27.68 -34.11 54.63
C SER J 68 27.30 -33.86 56.07
N ILE J 69 25.97 -33.71 56.26
CA ILE J 69 25.28 -33.30 57.52
C ILE J 69 25.15 -34.46 58.48
N PRO J 70 25.91 -34.53 59.58
CA PRO J 70 25.85 -35.68 60.48
C PRO J 70 24.46 -35.90 61.07
N ALA J 71 24.06 -37.18 61.23
CA ALA J 71 22.75 -37.67 61.72
C ALA J 71 22.50 -37.24 63.16
N GLN J 72 23.56 -37.14 63.94
CA GLN J 72 23.48 -36.76 65.37
C GLN J 72 22.89 -35.35 65.55
N ALA J 73 23.26 -34.39 64.70
CA ALA J 73 22.74 -33.01 64.83
C ALA J 73 21.41 -32.83 64.09
N ASP J 74 20.44 -32.21 64.76
CA ASP J 74 19.09 -32.00 64.20
C ASP J 74 18.69 -30.53 64.30
N TYR J 75 19.55 -29.70 64.93
CA TYR J 75 19.31 -28.25 65.16
C TYR J 75 20.46 -27.44 64.56
N LEU J 76 20.22 -26.43 63.70
CA LEU J 76 21.38 -25.81 63.06
C LEU J 76 21.48 -24.35 63.47
N LEU J 77 22.71 -23.89 63.72
CA LEU J 77 22.99 -22.51 64.07
C LEU J 77 24.19 -22.02 63.27
N ILE J 78 23.98 -21.00 62.44
CA ILE J 78 25.03 -20.49 61.58
C ILE J 78 25.90 -19.52 62.38
N GLY J 79 27.22 -19.70 62.29
CA GLY J 79 28.16 -18.88 63.03
C GLY J 79 28.46 -19.49 64.40
N ALA J 80 29.41 -18.86 65.07
CA ALA J 80 29.86 -19.32 66.38
C ALA J 80 29.99 -18.13 67.33
N ASP J 81 29.87 -18.42 68.62
CA ASP J 81 30.03 -17.41 69.67
C ASP J 81 30.45 -18.12 70.95
N ALA J 82 30.74 -17.32 71.98
CA ALA J 82 31.19 -17.89 73.25
C ALA J 82 30.06 -18.57 74.01
N SER J 83 28.83 -18.04 73.87
CA SER J 83 27.70 -18.59 74.61
C SER J 83 27.34 -20.00 74.20
N VAL J 84 27.57 -20.37 72.94
CA VAL J 84 27.18 -21.68 72.41
C VAL J 84 28.41 -22.34 71.80
N VAL J 85 28.69 -23.56 72.23
CA VAL J 85 29.84 -24.32 71.74
C VAL J 85 29.49 -25.80 71.76
N GLY J 86 29.91 -26.52 70.72
CA GLY J 86 29.67 -27.95 70.65
C GLY J 86 29.17 -28.42 69.30
N ASP J 87 29.88 -29.40 68.72
CA ASP J 87 29.54 -29.97 67.44
C ASP J 87 29.52 -28.94 66.30
N SER J 88 30.63 -28.22 66.19
CA SER J 88 30.79 -27.13 65.24
C SER J 88 31.87 -27.50 64.21
N GLN J 89 31.67 -27.08 62.97
CA GLN J 89 32.68 -27.29 61.93
C GLN J 89 32.74 -26.12 60.96
N THR J 90 33.83 -26.09 60.22
CA THR J 90 34.15 -25.01 59.29
C THR J 90 33.52 -25.30 57.94
N LEU J 91 32.76 -24.33 57.43
CA LEU J 91 32.23 -24.45 56.09
C LEU J 91 33.35 -24.29 55.06
N PRO J 92 33.24 -24.93 53.90
CA PRO J 92 34.29 -24.82 52.88
C PRO J 92 34.31 -23.43 52.27
N ASN J 93 35.42 -23.12 51.61
CA ASN J 93 35.61 -21.85 50.90
C ASN J 93 35.50 -20.65 51.84
N GLY J 94 35.73 -20.88 53.13
CA GLY J 94 35.68 -19.81 54.12
C GLY J 94 34.34 -19.13 54.22
N MET J 95 33.26 -19.90 54.12
CA MET J 95 31.92 -19.32 54.29
C MET J 95 31.61 -19.04 55.74
N GLY J 96 32.32 -19.70 56.67
CA GLY J 96 32.12 -19.43 58.09
C GLY J 96 32.16 -20.67 58.94
N GLN J 97 31.36 -20.67 60.01
CA GLN J 97 31.28 -21.79 60.94
C GLN J 97 29.81 -22.17 61.12
N ILE J 98 29.56 -23.45 61.34
CA ILE J 98 28.21 -23.91 61.66
C ILE J 98 28.25 -24.75 62.91
N CYS J 99 27.14 -24.77 63.64
CA CYS J 99 27.02 -25.52 64.88
C CYS J 99 25.77 -26.38 64.80
N TRP J 100 25.92 -27.69 65.03
CA TRP J 100 24.79 -28.58 65.15
C TRP J 100 24.50 -28.78 66.64
N LEU J 101 23.30 -28.36 67.06
CA LEU J 101 22.95 -28.29 68.47
C LEU J 101 21.84 -29.27 68.79
N THR J 102 21.94 -29.89 69.96
CA THR J 102 20.87 -30.74 70.47
C THR J 102 19.65 -29.89 70.83
N LYS J 103 18.51 -30.56 70.95
CA LYS J 103 17.23 -29.85 71.04
C LYS J 103 17.21 -28.87 72.21
N ASP J 104 17.56 -29.34 73.41
CA ASP J 104 17.49 -28.46 74.57
C ASP J 104 18.50 -27.33 74.49
N MET J 105 19.73 -27.63 74.06
CA MET J 105 20.73 -26.58 73.94
C MET J 105 20.36 -25.59 72.84
N ALA J 106 19.73 -26.08 71.77
CA ALA J 106 19.27 -25.18 70.71
C ALA J 106 18.15 -24.29 71.19
N HIS J 107 17.23 -24.82 72.01
CA HIS J 107 16.20 -23.98 72.60
C HIS J 107 16.81 -22.92 73.51
N LYS J 108 17.82 -23.30 74.29
CA LYS J 108 18.51 -22.32 75.12
C LYS J 108 19.20 -21.25 74.28
N ALA J 109 19.81 -21.64 73.16
CA ALA J 109 20.47 -20.67 72.29
C ALA J 109 19.45 -19.75 71.64
N GLN J 110 18.29 -20.27 71.25
CA GLN J 110 17.23 -19.43 70.70
C GLN J 110 16.71 -18.45 71.75
N GLY J 111 16.56 -18.91 72.99
CA GLY J 111 16.22 -18.00 74.07
C GLY J 111 17.28 -16.95 74.32
N PHE J 112 18.54 -17.29 74.06
CA PHE J 112 19.64 -16.35 74.24
C PHE J 112 19.50 -15.12 73.35
N GLY J 113 18.78 -15.23 72.23
CA GLY J 113 18.57 -14.10 71.35
C GLY J 113 19.21 -14.26 69.99
N LEU J 114 19.28 -15.49 69.49
CA LEU J 114 19.83 -15.78 68.18
C LEU J 114 18.82 -16.54 67.35
N ASP J 115 19.18 -16.80 66.11
CA ASP J 115 18.33 -17.57 65.19
C ASP J 115 18.80 -19.01 65.15
N VAL J 116 17.87 -19.94 65.28
CA VAL J 116 18.15 -21.37 65.21
C VAL J 116 17.15 -22.02 64.27
N PHE J 117 17.65 -22.83 63.35
CA PHE J 117 16.84 -23.41 62.28
C PHE J 117 16.66 -24.91 62.52
N ALA J 118 15.46 -25.40 62.19
CA ALA J 118 15.13 -26.80 62.37
C ALA J 118 14.26 -27.28 61.21
N GLY J 119 14.58 -28.46 60.69
CA GLY J 119 13.83 -29.03 59.59
C GLY J 119 14.32 -28.56 58.24
N SER J 120 13.39 -28.29 57.32
CA SER J 120 13.77 -27.81 56.00
C SER J 120 14.58 -26.52 56.09
N GLN J 121 14.38 -25.74 57.15
CA GLN J 121 15.15 -24.51 57.32
C GLN J 121 16.64 -24.79 57.35
N ARG J 122 17.05 -25.92 57.93
CA ARG J 122 18.48 -26.22 57.99
C ARG J 122 19.09 -26.29 56.59
N ILE J 123 18.27 -26.56 55.59
CA ILE J 123 18.76 -26.51 54.21
C ILE J 123 18.86 -25.07 53.73
N SER J 124 17.79 -24.29 53.92
CA SER J 124 17.78 -22.92 53.44
C SER J 124 18.93 -22.12 54.04
N ALA J 125 19.06 -22.14 55.38
CA ALA J 125 20.10 -21.36 56.03
C ALA J 125 21.49 -21.87 55.65
N LEU J 126 21.57 -23.05 55.03
CA LEU J 126 22.83 -23.45 54.41
C LEU J 126 22.90 -22.91 52.99
N LEU J 127 21.91 -23.22 52.16
CA LEU J 127 21.92 -22.78 50.76
C LEU J 127 22.09 -21.28 50.68
N LYS J 128 21.34 -20.53 51.48
CA LYS J 128 21.41 -19.08 51.46
C LYS J 128 22.85 -18.61 51.69
N CYS J 129 23.56 -19.23 52.63
CA CYS J 129 24.94 -18.85 52.86
C CYS J 129 25.75 -18.95 51.58
N VAL J 130 25.61 -20.06 50.87
CA VAL J 130 26.30 -20.20 49.59
C VAL J 130 25.91 -19.08 48.65
N LEU J 131 24.60 -18.80 48.55
CA LEU J 131 24.16 -17.78 47.61
C LEU J 131 24.66 -16.40 48.02
N LEU J 132 25.05 -16.21 49.28
CA LEU J 132 25.58 -14.92 49.67
C LEU J 132 27.06 -14.79 49.37
N ARG J 133 27.69 -15.88 48.94
CA ARG J 133 29.14 -15.88 48.62
C ARG J 133 29.37 -15.68 47.11
N HIS J 134 28.57 -16.33 46.26
CA HIS J 134 28.74 -16.25 44.78
C HIS J 134 27.67 -15.35 44.16
N MET J 135 27.07 -14.47 44.96
CA MET J 135 26.03 -13.48 44.54
C MET J 135 26.41 -12.75 43.24
N GLY J 136 27.61 -12.18 43.15
CA GLY J 136 28.00 -11.41 41.98
C GLY J 136 27.97 -12.18 40.68
N GLU J 137 27.71 -13.48 40.73
CA GLU J 137 27.61 -14.28 39.52
C GLU J 137 26.20 -14.31 38.95
N PHE J 138 25.20 -13.80 39.66
CA PHE J 138 23.83 -13.80 39.17
C PHE J 138 23.43 -12.47 38.57
N ILE J 139 24.39 -11.61 38.22
CA ILE J 139 24.11 -10.31 37.64
C ILE J 139 25.08 -10.11 36.47
N GLY J 140 24.58 -10.31 35.26
CA GLY J 140 25.38 -10.14 34.06
C GLY J 140 24.75 -9.15 33.11
N VAL J 141 25.00 -9.31 31.80
CA VAL J 141 24.34 -8.43 30.83
C VAL J 141 22.87 -8.79 30.71
N GLN J 142 22.55 -10.08 30.72
CA GLN J 142 21.17 -10.50 30.54
C GLN J 142 20.32 -10.18 31.76
N GLU J 143 20.84 -10.41 32.96
CA GLU J 143 20.07 -10.06 34.16
C GLU J 143 19.89 -8.55 34.26
N THR J 144 20.90 -7.78 33.85
CA THR J 144 20.75 -6.33 33.81
C THR J 144 19.65 -5.92 32.84
N ARG J 145 19.60 -6.57 31.67
CA ARG J 145 18.52 -6.27 30.74
C ARG J 145 17.17 -6.63 31.33
N TYR J 146 17.10 -7.71 32.10
CA TYR J 146 15.83 -8.05 32.74
C TYR J 146 15.44 -6.99 33.77
N LEU J 147 16.40 -6.50 34.54
CA LEU J 147 16.10 -5.45 35.51
C LEU J 147 15.62 -4.18 34.82
N MET J 148 16.26 -3.82 33.71
CA MET J 148 15.86 -2.62 32.99
C MET J 148 14.48 -2.78 32.35
N ASN J 149 14.17 -3.99 31.87
CA ASN J 149 12.82 -4.24 31.36
C ASN J 149 11.79 -4.16 32.47
N ALA J 150 12.12 -4.64 33.66
CA ALA J 150 11.21 -4.51 34.79
C ALA J 150 11.00 -3.04 35.14
N MET J 151 12.07 -2.25 35.11
CA MET J 151 11.95 -0.83 35.42
C MET J 151 11.30 -0.02 34.30
N GLU J 152 11.17 -0.59 33.10
CA GLU J 152 10.49 0.15 32.04
C GLU J 152 9.00 0.33 32.27
N LYS J 153 8.44 -0.24 33.33
CA LYS J 153 7.00 -0.16 33.54
C LYS J 153 6.62 1.19 34.14
N ASN J 154 7.20 1.53 35.29
CA ASN J 154 6.93 2.80 35.95
C ASN J 154 7.94 3.89 35.63
N TYR J 155 9.14 3.53 35.19
CA TYR J 155 10.23 4.48 35.04
C TYR J 155 10.76 4.64 33.62
N SER J 156 9.84 4.55 32.64
CA SER J 156 10.24 4.38 31.24
C SER J 156 11.27 5.42 30.82
N GLU J 157 11.07 6.69 31.20
CA GLU J 157 11.97 7.73 30.74
C GLU J 157 13.33 7.63 31.43
N LEU J 158 13.36 7.19 32.68
CA LEU J 158 14.63 7.01 33.36
C LEU J 158 15.48 5.96 32.66
N VAL J 159 14.87 4.83 32.31
CA VAL J 159 15.60 3.76 31.62
C VAL J 159 16.00 4.21 30.22
N LYS J 160 15.12 4.92 29.52
CA LYS J 160 15.45 5.39 28.18
C LYS J 160 16.63 6.36 28.21
N GLU J 161 16.62 7.30 29.14
CA GLU J 161 17.74 8.22 29.28
C GLU J 161 19.02 7.47 29.62
N LEU J 162 18.94 6.51 30.54
CA LEU J 162 20.13 5.75 30.90
C LEU J 162 20.70 5.01 29.70
N GLN J 163 19.84 4.36 28.92
CA GLN J 163 20.32 3.67 27.72
C GLN J 163 20.96 4.65 26.76
N ARG J 164 20.37 5.83 26.60
CA ARG J 164 20.97 6.85 25.75
C ARG J 164 22.34 7.27 26.26
N GLN J 165 22.56 7.20 27.58
CA GLN J 165 23.85 7.58 28.14
C GLN J 165 24.89 6.48 28.02
N LEU J 166 24.61 5.30 28.57
CA LEU J 166 25.58 4.22 28.68
C LEU J 166 25.10 2.97 27.94
N PRO J 167 26.02 2.24 27.31
CA PRO J 167 25.65 0.94 26.73
C PRO J 167 25.47 -0.10 27.81
N ILE J 168 24.70 -1.15 27.47
CA ILE J 168 24.23 -2.08 28.49
C ILE J 168 25.39 -2.82 29.15
N ASN J 169 26.51 -3.00 28.47
CA ASN J 169 27.62 -3.71 29.10
C ASN J 169 28.22 -2.89 30.23
N LYS J 170 28.25 -1.56 30.10
CA LYS J 170 28.78 -0.73 31.17
C LYS J 170 27.82 -0.69 32.36
N ILE J 171 26.52 -0.64 32.10
CA ILE J 171 25.55 -0.71 33.20
C ILE J 171 25.66 -2.04 33.93
N ALA J 172 25.80 -3.14 33.18
CA ALA J 172 25.95 -4.44 33.82
C ALA J 172 27.24 -4.52 34.61
N GLU J 173 28.32 -3.93 34.10
CA GLU J 173 29.57 -3.89 34.84
C GLU J 173 29.42 -3.11 36.14
N THR J 174 28.72 -1.98 36.09
CA THR J 174 28.49 -1.18 37.30
C THR J 174 27.68 -1.96 38.33
N LEU J 175 26.58 -2.58 37.88
CA LEU J 175 25.75 -3.33 38.81
C LEU J 175 26.50 -4.52 39.39
N GLN J 176 27.30 -5.21 38.58
CA GLN J 176 28.09 -6.33 39.08
C GLN J 176 29.12 -5.86 40.10
N ARG J 177 29.77 -4.73 39.84
CA ARG J 177 30.77 -4.24 40.78
C ARG J 177 30.13 -3.76 42.07
N LEU J 178 28.88 -3.31 42.01
CA LEU J 178 28.17 -2.96 43.23
C LEU J 178 27.73 -4.20 44.01
N VAL J 179 27.27 -5.23 43.30
CA VAL J 179 26.76 -6.46 43.98
C VAL J 179 27.94 -7.19 44.63
N SER J 180 29.10 -7.22 43.97
CA SER J 180 30.22 -7.98 44.51
C SER J 180 30.87 -7.31 45.71
N GLU J 181 30.23 -6.30 46.30
CA GLU J 181 30.72 -5.66 47.50
C GLU J 181 29.70 -5.68 48.65
N ARG J 182 28.63 -6.46 48.50
CA ARG J 182 27.51 -6.45 49.43
C ARG J 182 26.84 -5.08 49.51
N VAL J 183 26.72 -4.38 48.38
CA VAL J 183 25.92 -3.17 48.29
C VAL J 183 24.67 -3.52 47.51
N SER J 184 23.51 -3.28 48.11
CA SER J 184 22.26 -3.69 47.48
C SER J 184 21.99 -2.81 46.27
N ILE J 185 21.48 -3.43 45.22
CA ILE J 185 21.05 -2.70 44.03
C ILE J 185 19.53 -2.70 44.00
N ARG J 186 18.92 -2.80 45.18
CA ARG J 186 17.46 -2.77 45.27
C ARG J 186 16.92 -1.43 44.82
N ASP J 187 17.59 -0.34 45.19
CA ASP J 187 17.16 1.01 44.81
C ASP J 187 17.74 1.33 43.44
N LEU J 188 16.97 0.96 42.41
CA LEU J 188 17.46 1.16 41.05
C LEU J 188 17.17 2.56 40.54
N ARG J 189 16.15 3.22 41.09
CA ARG J 189 15.88 4.60 40.69
C ARG J 189 17.07 5.50 41.00
N LEU J 190 17.62 5.38 42.21
CA LEU J 190 18.75 6.21 42.60
C LEU J 190 20.01 5.83 41.82
N ILE J 191 20.22 4.54 41.59
CA ILE J 191 21.40 4.11 40.83
C ILE J 191 21.34 4.65 39.41
N PHE J 192 20.19 4.51 38.76
CA PHE J 192 20.07 5.02 37.40
C PHE J 192 20.18 6.54 37.37
N GLY J 193 19.66 7.21 38.40
CA GLY J 193 19.82 8.66 38.46
C GLY J 193 21.27 9.08 38.58
N THR J 194 22.05 8.37 39.40
CA THR J 194 23.45 8.73 39.55
C THR J 194 24.26 8.41 38.30
N LEU J 195 23.92 7.30 37.63
CA LEU J 195 24.60 7.00 36.37
C LEU J 195 24.23 8.02 35.29
N ILE J 196 23.00 8.53 35.30
CA ILE J 196 22.61 9.55 34.34
C ILE J 196 23.34 10.86 34.65
N ASP J 197 23.48 11.20 35.93
CA ASP J 197 24.21 12.42 36.27
C ASP J 197 25.67 12.33 35.85
N TRP J 198 26.36 11.27 36.24
CA TRP J 198 27.81 11.21 36.10
C TRP J 198 28.29 10.49 34.85
N ALA J 199 27.38 10.02 33.99
CA ALA J 199 27.82 9.37 32.76
C ALA J 199 28.50 10.33 31.78
N PRO J 200 27.97 11.53 31.50
CA PRO J 200 28.70 12.43 30.60
C PRO J 200 30.05 12.88 31.13
N ARG J 201 30.19 13.03 32.44
CA ARG J 201 31.40 13.59 33.03
C ARG J 201 32.40 12.54 33.46
N GLU J 202 32.18 11.26 33.14
CA GLU J 202 33.11 10.22 33.56
C GLU J 202 33.02 9.06 32.59
N LYS J 203 34.15 8.39 32.35
CA LYS J 203 34.21 7.24 31.47
C LYS J 203 34.77 6.00 32.13
N ASP J 204 35.46 6.13 33.27
CA ASP J 204 36.00 4.98 33.97
C ASP J 204 34.90 4.34 34.80
N VAL J 205 34.45 3.16 34.38
CA VAL J 205 33.30 2.52 35.01
C VAL J 205 33.56 2.29 36.50
N LEU J 206 34.81 2.11 36.88
CA LEU J 206 35.14 2.02 38.30
C LEU J 206 34.77 3.31 39.03
N MET J 207 35.00 4.46 38.39
CA MET J 207 34.66 5.71 39.06
C MET J 207 33.16 5.95 39.07
N LEU J 208 32.45 5.51 38.03
CA LEU J 208 31.00 5.56 38.09
C LEU J 208 30.47 4.72 39.23
N THR J 209 31.06 3.54 39.44
CA THR J 209 30.68 2.71 40.57
C THR J 209 30.99 3.40 41.88
N GLU J 210 32.11 4.11 41.95
CA GLU J 210 32.43 4.85 43.17
C GLU J 210 31.39 5.93 43.45
N TYR J 211 30.97 6.64 42.40
CA TYR J 211 29.96 7.69 42.59
C TYR J 211 28.63 7.09 43.01
N VAL J 212 28.25 5.95 42.44
CA VAL J 212 27.01 5.29 42.84
C VAL J 212 27.10 4.81 44.29
N ARG J 213 28.28 4.35 44.70
CA ARG J 213 28.45 3.93 46.09
C ARG J 213 28.34 5.12 47.03
N ILE J 214 28.88 6.27 46.64
CA ILE J 214 28.79 7.46 47.47
C ILE J 214 27.33 7.93 47.57
N ALA J 215 26.59 7.89 46.46
CA ALA J 215 25.20 8.29 46.50
C ALA J 215 24.35 7.33 47.32
N LEU J 216 24.84 6.13 47.58
CA LEU J 216 24.15 5.12 48.38
C LEU J 216 24.73 5.00 49.78
N ARG J 217 25.40 6.04 50.28
CA ARG J 217 26.14 5.90 51.54
C ARG J 217 25.23 5.66 52.72
N ARG J 218 24.03 6.26 52.72
CA ARG J 218 23.12 6.05 53.83
C ARG J 218 22.71 4.59 53.92
N HIS J 219 22.39 3.98 52.78
CA HIS J 219 22.03 2.56 52.79
C HIS J 219 23.19 1.68 53.25
N ILE J 220 24.40 1.96 52.78
CA ILE J 220 25.54 1.15 53.17
C ILE J 220 25.77 1.22 54.67
N LEU J 221 25.75 2.45 55.22
CA LEU J 221 26.01 2.59 56.64
C LEU J 221 24.81 2.19 57.49
N ARG J 222 23.65 1.96 56.86
CA ARG J 222 22.56 1.35 57.61
C ARG J 222 22.69 -0.17 57.62
N ARG J 223 23.05 -0.76 56.49
CA ARG J 223 23.12 -2.21 56.40
C ARG J 223 24.32 -2.76 57.17
N LEU J 224 25.43 -2.02 57.21
CA LEU J 224 26.59 -2.50 57.95
C LEU J 224 26.27 -2.63 59.43
N ASN J 225 25.61 -1.64 60.01
CA ASN J 225 25.17 -1.73 61.40
C ASN J 225 23.74 -1.22 61.55
N PRO J 226 22.76 -2.11 61.70
CA PRO J 226 21.37 -1.65 61.72
C PRO J 226 21.06 -0.65 62.82
N GLU J 227 21.67 -0.79 63.99
CA GLU J 227 21.49 0.16 65.06
C GLU J 227 22.41 1.36 64.86
N GLY J 228 22.09 2.45 65.57
CA GLY J 228 22.89 3.64 65.50
C GLY J 228 24.15 3.61 66.33
N LYS J 229 24.40 2.52 67.03
CA LYS J 229 25.55 2.43 67.91
C LYS J 229 26.85 2.47 67.10
N PRO J 230 27.89 3.08 67.64
CA PRO J 230 29.18 3.13 66.93
C PRO J 230 29.89 1.78 66.90
N LEU J 231 30.25 1.33 65.70
CA LEU J 231 31.04 0.11 65.54
C LEU J 231 32.48 0.43 65.17
N PRO J 232 33.40 -0.47 65.49
CA PRO J 232 34.83 -0.16 65.35
C PRO J 232 35.22 0.17 63.92
N ILE J 233 36.16 1.11 63.80
CA ILE J 233 36.68 1.55 62.52
C ILE J 233 38.20 1.49 62.54
N LEU J 234 38.78 0.87 61.53
CA LEU J 234 40.22 0.74 61.37
C LEU J 234 40.66 1.71 60.29
N ARG J 235 41.30 2.81 60.69
CA ARG J 235 41.75 3.81 59.74
C ARG J 235 42.94 3.28 58.94
N ILE J 236 43.11 3.83 57.75
CA ILE J 236 44.34 3.61 56.99
C ILE J 236 45.18 4.88 57.00
N GLY J 237 46.42 4.77 57.47
CA GLY J 237 47.25 5.94 57.62
C GLY J 237 47.67 6.54 56.29
N GLU J 238 48.27 7.73 56.38
CA GLU J 238 48.63 8.46 55.17
C GLU J 238 49.72 7.75 54.37
N GLY J 239 50.52 6.90 55.02
CA GLY J 239 51.58 6.22 54.30
C GLY J 239 51.04 5.30 53.21
N ILE J 240 50.08 4.45 53.56
CA ILE J 240 49.50 3.53 52.59
C ILE J 240 48.72 4.29 51.52
N GLU J 241 48.00 5.34 51.94
CA GLU J 241 47.23 6.15 51.00
C GLU J 241 48.15 6.79 49.96
N ASN J 242 49.29 7.32 50.41
CA ASN J 242 50.24 7.92 49.48
C ASN J 242 50.94 6.86 48.63
N LEU J 243 51.18 5.68 49.18
CA LEU J 243 51.80 4.62 48.40
C LEU J 243 50.90 4.20 47.25
N VAL J 244 49.62 3.95 47.54
CA VAL J 244 48.71 3.49 46.48
C VAL J 244 48.26 4.64 45.59
N ARG J 245 48.35 5.88 46.07
CA ARG J 245 47.95 7.03 45.25
C ARG J 245 49.03 7.36 44.22
N GLU J 246 50.29 7.14 44.55
CA GLU J 246 51.38 7.45 43.63
C GLU J 246 51.46 6.47 42.47
N SER J 247 50.98 5.25 42.63
CA SER J 247 51.13 4.21 41.64
C SER J 247 49.98 4.14 40.64
N ILE J 248 49.19 5.20 40.53
CA ILE J 248 48.00 5.18 39.69
C ILE J 248 48.41 5.42 38.23
N ARG J 249 48.16 4.45 37.37
CA ARG J 249 48.53 4.53 35.97
C ARG J 249 47.28 4.46 35.12
N GLN J 250 47.12 5.42 34.21
CA GLN J 250 45.89 5.59 33.46
C GLN J 250 46.12 5.25 31.99
N THR J 251 45.17 4.51 31.41
CA THR J 251 45.07 4.25 29.99
C THR J 251 43.72 4.73 29.48
N ALA J 252 43.52 4.60 28.17
CA ALA J 252 42.32 5.16 27.54
C ALA J 252 41.03 4.64 28.15
N MET J 253 41.07 3.49 28.82
CA MET J 253 39.89 2.90 29.42
C MET J 253 39.76 3.20 30.91
N GLY J 254 40.66 3.98 31.49
CA GLY J 254 40.54 4.34 32.88
C GLY J 254 41.85 4.13 33.61
N THR J 255 41.82 4.31 34.93
CA THR J 255 43.01 4.24 35.77
C THR J 255 43.03 2.91 36.52
N TYR J 256 44.24 2.36 36.70
CA TYR J 256 44.45 1.17 37.50
C TYR J 256 45.62 1.41 38.44
N THR J 257 45.88 0.44 39.31
CA THR J 257 46.98 0.49 40.24
C THR J 257 48.10 -0.42 39.77
N ALA J 258 49.34 -0.06 40.08
CA ALA J 258 50.51 -0.82 39.70
C ALA J 258 51.48 -0.82 40.89
N LEU J 259 51.37 -1.83 41.73
CA LEU J 259 52.22 -1.96 42.90
C LEU J 259 53.09 -3.21 42.79
N SER J 260 54.19 -3.21 43.54
CA SER J 260 55.01 -4.39 43.66
C SER J 260 54.29 -5.45 44.49
N SER J 261 54.53 -6.72 44.15
CA SER J 261 53.89 -7.80 44.88
C SER J 261 54.28 -7.79 46.35
N ARG J 262 55.49 -7.31 46.66
CA ARG J 262 55.91 -7.20 48.05
C ARG J 262 55.02 -6.23 48.82
N HIS J 263 54.69 -5.10 48.19
CA HIS J 263 53.82 -4.12 48.83
C HIS J 263 52.47 -4.72 49.17
N LYS J 264 51.84 -5.38 48.20
CA LYS J 264 50.54 -5.99 48.44
C LYS J 264 50.63 -7.07 49.52
N THR J 265 51.66 -7.92 49.45
CA THR J 265 51.78 -8.99 50.44
C THR J 265 51.93 -8.43 51.84
N GLN J 266 52.77 -7.41 52.01
CA GLN J 266 52.95 -6.84 53.34
C GLN J 266 51.67 -6.16 53.83
N ILE J 267 50.96 -5.45 52.94
CA ILE J 267 49.75 -4.77 53.36
C ILE J 267 48.69 -5.77 53.82
N LEU J 268 48.47 -6.82 53.05
CA LEU J 268 47.51 -7.85 53.46
C LEU J 268 47.97 -8.56 54.73
N GLN J 269 49.27 -8.85 54.86
CA GLN J 269 49.75 -9.54 56.05
C GLN J 269 49.49 -8.72 57.30
N LEU J 270 49.76 -7.41 57.25
CA LEU J 270 49.53 -6.58 58.42
C LEU J 270 48.05 -6.34 58.66
N ILE J 271 47.24 -6.26 57.60
CA ILE J 271 45.80 -6.09 57.80
C ILE J 271 45.21 -7.30 58.50
N GLU J 272 45.60 -8.51 58.06
CA GLU J 272 45.18 -9.71 58.76
C GLU J 272 45.75 -9.74 60.18
N GLN J 273 46.96 -9.20 60.36
CA GLN J 273 47.50 -9.06 61.71
C GLN J 273 46.65 -8.13 62.56
N ALA J 274 46.10 -7.08 61.97
CA ALA J 274 45.28 -6.12 62.70
C ALA J 274 43.82 -6.53 62.78
N LEU J 275 43.41 -7.58 62.09
CA LEU J 275 42.03 -8.02 62.10
C LEU J 275 41.73 -9.08 63.15
N LYS J 276 42.75 -9.70 63.75
CA LYS J 276 42.51 -10.74 64.74
C LYS J 276 42.25 -10.17 66.12
N GLN J 277 42.38 -8.85 66.30
CA GLN J 277 42.11 -8.26 67.61
C GLN J 277 40.62 -8.19 67.92
N SER J 278 39.78 -7.91 66.91
CA SER J 278 38.34 -7.88 67.08
C SER J 278 37.67 -8.57 65.90
N ALA J 279 36.46 -9.07 66.13
CA ALA J 279 35.78 -9.88 65.14
C ALA J 279 35.44 -9.06 63.89
N LYS J 280 34.87 -7.88 64.06
CA LYS J 280 34.43 -7.05 62.95
C LYS J 280 35.16 -5.72 62.94
N LEU J 281 35.69 -5.35 61.78
CA LEU J 281 36.36 -4.07 61.60
C LEU J 281 36.06 -3.54 60.21
N PHE J 282 35.75 -2.25 60.16
CA PHE J 282 35.51 -1.55 58.91
C PHE J 282 36.77 -0.77 58.55
N ILE J 283 37.45 -1.19 57.49
CA ILE J 283 38.65 -0.49 57.03
C ILE J 283 38.23 0.76 56.30
N VAL J 284 38.77 1.91 56.70
CA VAL J 284 38.37 3.20 56.16
C VAL J 284 39.60 3.91 55.59
N THR J 285 39.51 4.32 54.34
CA THR J 285 40.59 5.00 53.65
C THR J 285 40.00 6.18 52.88
N SER J 286 40.84 6.87 52.12
CA SER J 286 40.42 8.03 51.35
C SER J 286 39.60 7.61 50.13
N VAL J 287 38.98 8.60 49.49
CA VAL J 287 38.15 8.32 48.32
C VAL J 287 39.02 7.91 47.14
N ASP J 288 40.11 8.62 46.90
CA ASP J 288 40.96 8.38 45.74
C ASP J 288 41.75 7.08 45.87
N THR J 289 41.84 6.51 47.08
CA THR J 289 42.58 5.30 47.30
C THR J 289 41.71 4.13 47.73
N ARG J 290 40.39 4.30 47.76
CA ARG J 290 39.52 3.24 48.27
C ARG J 290 39.38 2.05 47.34
N ARG J 291 38.92 2.28 46.11
CA ARG J 291 38.67 1.19 45.19
C ARG J 291 39.93 0.39 44.91
N PHE J 292 41.05 1.08 44.66
CA PHE J 292 42.30 0.39 44.40
C PHE J 292 42.67 -0.50 45.57
N LEU J 293 42.57 0.01 46.80
CA LEU J 293 42.83 -0.83 47.95
C LEU J 293 41.93 -2.05 47.95
N ARG J 294 40.65 -1.86 47.60
CA ARG J 294 39.74 -2.99 47.55
C ARG J 294 40.25 -4.03 46.56
N LYS J 295 40.75 -3.59 45.40
CA LYS J 295 41.16 -4.57 44.41
C LYS J 295 42.55 -5.12 44.68
N ILE J 296 43.16 -4.79 45.82
CA ILE J 296 44.30 -5.56 46.29
C ILE J 296 43.94 -6.43 47.49
N THR J 297 42.72 -6.33 47.99
CA THR J 297 42.27 -7.15 49.11
C THR J 297 41.02 -7.95 48.83
N GLU J 298 40.52 -7.95 47.59
CA GLU J 298 39.30 -8.70 47.29
C GLU J 298 39.57 -10.19 47.16
N ALA J 299 40.75 -10.57 46.67
CA ALA J 299 41.04 -11.98 46.42
C ALA J 299 41.05 -12.79 47.71
N THR J 300 41.68 -12.25 48.76
CA THR J 300 41.82 -12.96 50.03
C THR J 300 40.78 -12.55 51.06
N LEU J 301 40.67 -11.25 51.34
CA LEU J 301 39.76 -10.73 52.34
C LEU J 301 38.50 -10.24 51.64
N PHE J 302 37.65 -11.19 51.24
CA PHE J 302 36.44 -10.84 50.51
C PHE J 302 35.34 -10.29 51.41
N ASP J 303 35.23 -10.77 52.64
CA ASP J 303 34.10 -10.45 53.49
C ASP J 303 34.33 -9.26 54.40
N VAL J 304 35.45 -8.56 54.28
CA VAL J 304 35.70 -7.36 55.07
C VAL J 304 35.26 -6.15 54.25
N PRO J 305 34.46 -5.24 54.81
CA PRO J 305 33.99 -4.10 54.03
C PRO J 305 34.99 -2.95 54.01
N ILE J 306 35.35 -2.50 52.82
CA ILE J 306 36.30 -1.41 52.65
C ILE J 306 35.50 -0.14 52.40
N LEU J 307 35.22 0.62 53.45
CA LEU J 307 34.48 1.86 53.34
C LEU J 307 35.41 2.99 52.92
N SER J 308 34.85 4.19 52.83
CA SER J 308 35.60 5.38 52.47
C SER J 308 35.25 6.51 53.44
N TRP J 309 35.97 7.62 53.33
CA TRP J 309 35.69 8.75 54.22
C TRP J 309 34.42 9.48 53.80
N GLN J 310 34.22 9.69 52.51
CA GLN J 310 33.03 10.38 52.05
C GLN J 310 31.77 9.56 52.26
N GLU J 311 31.89 8.24 52.35
CA GLU J 311 30.74 7.39 52.62
C GLU J 311 30.28 7.49 54.07
N LEU J 312 31.16 7.91 54.98
CA LEU J 312 30.81 8.21 56.35
C LEU J 312 30.65 9.71 56.50
N GLY J 313 29.41 10.18 56.51
CA GLY J 313 29.14 11.59 56.65
C GLY J 313 29.56 12.12 58.01
N GLU J 314 29.36 13.42 58.19
CA GLU J 314 29.68 14.07 59.45
C GLU J 314 28.78 13.61 60.60
N GLU J 315 27.70 12.90 60.30
CA GLU J 315 26.75 12.45 61.32
C GLU J 315 27.13 11.10 61.91
N SER J 316 28.15 10.42 61.39
CA SER J 316 28.62 9.17 61.95
C SER J 316 29.95 9.40 62.65
N LEU J 317 29.98 9.12 63.96
CA LEU J 317 31.23 9.26 64.71
C LEU J 317 32.09 8.03 64.46
N ILE J 318 33.39 8.19 64.64
CA ILE J 318 34.33 7.20 64.12
C ILE J 318 34.64 6.12 65.15
N GLN J 319 35.20 6.51 66.29
CA GLN J 319 35.72 5.57 67.28
C GLN J 319 36.81 4.69 66.65
N VAL J 320 37.92 5.34 66.30
CA VAL J 320 39.06 4.63 65.72
C VAL J 320 39.49 3.56 66.72
N VAL J 321 39.84 2.39 66.21
CA VAL J 321 40.39 1.32 67.03
C VAL J 321 41.88 1.15 66.81
N GLU J 322 42.33 1.19 65.56
CA GLU J 322 43.75 1.10 65.25
C GLU J 322 44.04 2.01 64.06
N SER J 323 45.29 2.43 63.95
CA SER J 323 45.74 3.31 62.86
C SER J 323 46.92 2.65 62.18
N ILE J 324 46.65 1.97 61.07
CA ILE J 324 47.68 1.30 60.28
C ILE J 324 48.44 2.34 59.47
N ASP J 325 49.77 2.19 59.40
CA ASP J 325 50.59 3.11 58.62
C ASP J 325 51.84 2.38 58.17
N LEU J 326 52.37 2.79 57.01
CA LEU J 326 53.59 2.22 56.47
C LEU J 326 54.36 3.25 55.66
N SER J 327 55.62 2.93 55.39
CA SER J 327 56.39 3.51 54.31
C SER J 327 56.57 2.43 53.24
N GLU J 328 57.29 2.76 52.18
CA GLU J 328 57.47 1.81 51.09
C GLU J 328 58.27 0.59 51.55
N GLU J 329 58.47 -0.35 50.64
CA GLU J 329 59.21 -1.57 50.90
C GLU J 329 60.42 -1.75 49.99
N GLU J 330 60.25 -1.59 48.68
CA GLU J 330 61.34 -1.84 47.75
C GLU J 330 62.47 -0.84 47.92
N LEU J 331 62.13 0.46 48.02
CA LEU J 331 63.15 1.48 48.22
C LEU J 331 63.79 1.34 49.61
N ALA J 332 62.95 1.29 50.65
CA ALA J 332 63.41 1.13 52.03
C ALA J 332 62.18 0.88 52.90
N ASP J 333 62.34 0.03 53.90
CA ASP J 333 61.21 -0.35 54.73
C ASP J 333 60.65 0.86 55.48
N ASN J 334 61.40 1.35 56.47
CA ASN J 334 61.12 2.60 57.19
C ASN J 334 59.89 2.40 58.06
N GLU J 335 59.07 1.37 57.85
CA GLU J 335 58.02 1.04 58.80
C GLU J 335 57.97 -0.47 59.08
N GLU J 336 58.23 -1.27 58.05
CA GLU J 336 58.08 -2.72 58.14
C GLU J 336 59.43 -3.41 58.32
N MET K 1 8.59 -10.72 42.17
CA MET K 1 9.87 -9.98 42.31
C MET K 1 9.79 -8.75 41.40
N VAL K 2 9.39 -7.60 41.94
CA VAL K 2 9.22 -6.37 41.12
C VAL K 2 10.40 -5.41 41.33
N PRO K 3 11.38 -5.23 40.39
CA PRO K 3 12.46 -4.25 40.51
C PRO K 3 11.92 -2.86 40.83
N GLY K 4 12.72 -2.07 41.53
CA GLY K 4 12.33 -0.73 41.92
C GLY K 4 11.66 -0.70 43.27
N ALA K 5 12.25 0.00 44.22
CA ALA K 5 11.73 0.00 45.58
C ALA K 5 10.37 0.67 45.65
N CYS K 6 9.60 0.32 46.66
CA CYS K 6 8.31 0.96 46.87
C CYS K 6 8.55 2.37 47.42
N PRO K 7 8.00 3.41 46.79
CA PRO K 7 8.46 4.77 47.11
C PRO K 7 8.26 5.19 48.56
N LEU K 8 7.03 5.20 49.07
CA LEU K 8 6.74 5.80 50.36
C LEU K 8 5.84 4.87 51.16
N ILE K 9 6.35 4.38 52.29
CA ILE K 9 5.65 3.40 53.11
C ILE K 9 5.58 3.95 54.54
N LEU K 10 4.39 3.90 55.13
CA LEU K 10 4.19 4.31 56.52
C LEU K 10 3.72 3.10 57.30
N ARG K 11 4.54 2.62 58.23
CA ARG K 11 4.23 1.46 59.04
C ARG K 11 3.79 1.91 60.42
N LEU K 12 2.61 1.45 60.85
CA LEU K 12 2.01 1.85 62.11
C LEU K 12 1.58 0.63 62.91
N SER K 13 1.69 0.76 64.24
CA SER K 13 1.06 -0.21 65.11
C SER K 13 -0.46 -0.03 65.06
N PRO K 14 -1.22 -1.12 65.18
CA PRO K 14 -2.67 -1.03 64.89
C PRO K 14 -3.43 -0.09 65.81
N THR K 15 -2.87 0.23 66.98
CA THR K 15 -3.48 1.25 67.82
C THR K 15 -3.49 2.61 67.13
N LEU K 16 -2.37 2.99 66.51
CA LEU K 16 -2.26 4.28 65.85
C LEU K 16 -3.07 4.35 64.57
N HIS K 17 -3.40 3.21 63.98
CA HIS K 17 -4.18 3.20 62.75
C HIS K 17 -5.57 3.77 63.02
N SER K 18 -6.22 4.26 61.96
CA SER K 18 -7.54 4.85 62.10
C SER K 18 -8.29 4.72 60.79
N ALA K 19 -9.49 5.31 60.75
CA ALA K 19 -10.35 5.18 59.58
C ALA K 19 -10.24 6.39 58.66
N ASP K 20 -9.96 7.57 59.22
CA ASP K 20 -9.78 8.78 58.44
C ASP K 20 -8.32 9.03 58.09
N LEU K 21 -7.45 8.08 58.36
CA LEU K 21 -6.03 8.27 58.05
C LEU K 21 -5.81 8.44 56.56
N ILE K 22 -6.54 7.71 55.73
CA ILE K 22 -6.34 7.80 54.28
C ILE K 22 -6.61 9.22 53.79
N ARG K 23 -7.73 9.79 54.21
CA ARG K 23 -8.08 11.12 53.71
C ARG K 23 -7.20 12.19 54.34
N ASP K 24 -6.76 11.99 55.58
CA ASP K 24 -5.84 12.95 56.20
C ASP K 24 -4.49 12.96 55.48
N ILE K 25 -3.96 11.78 55.17
CA ILE K 25 -2.71 11.70 54.42
C ILE K 25 -2.88 12.29 53.02
N ASP K 26 -4.02 12.03 52.38
CA ASP K 26 -4.23 12.60 51.06
C ASP K 26 -4.30 14.13 51.11
N ALA K 27 -4.94 14.68 52.14
CA ALA K 27 -4.98 16.13 52.29
C ALA K 27 -3.59 16.70 52.54
N MET K 28 -2.78 16.01 53.34
CA MET K 28 -1.41 16.46 53.56
C MET K 28 -0.61 16.42 52.25
N ARG K 29 -0.79 15.36 51.46
CA ARG K 29 -0.08 15.27 50.18
C ARG K 29 -0.49 16.40 49.25
N TRP K 30 -1.79 16.71 49.21
CA TRP K 30 -2.24 17.79 48.34
C TRP K 30 -1.71 19.13 48.82
N PHE K 31 -1.64 19.35 50.14
CA PHE K 31 -1.05 20.59 50.64
C PHE K 31 0.42 20.66 50.28
N LEU K 32 1.15 19.56 50.39
CA LEU K 32 2.57 19.58 50.05
C LEU K 32 2.79 19.83 48.57
N PHE K 33 1.89 19.32 47.72
CA PHE K 33 2.02 19.61 46.29
C PHE K 33 1.68 21.06 45.98
N GLU K 34 0.65 21.61 46.62
CA GLU K 34 0.32 23.02 46.41
C GLU K 34 1.42 23.94 46.93
N ASP K 35 2.15 23.50 47.95
CA ASP K 35 3.19 24.35 48.52
C ASP K 35 4.51 24.25 47.77
N THR K 36 5.01 23.03 47.55
CA THR K 36 6.33 22.84 46.97
C THR K 36 6.34 22.34 45.54
N GLY K 37 5.18 22.05 44.95
CA GLY K 37 5.11 21.75 43.54
C GLY K 37 5.58 20.38 43.12
N VAL K 38 6.04 19.55 44.05
CA VAL K 38 6.54 18.21 43.75
C VAL K 38 5.39 17.23 43.95
N PRO K 39 4.99 16.48 42.94
CA PRO K 39 3.89 15.52 43.09
C PRO K 39 4.37 14.25 43.77
N LEU K 40 3.98 14.08 45.03
CA LEU K 40 4.43 12.96 45.85
C LEU K 40 3.73 11.66 45.46
N PRO K 41 4.39 10.53 45.65
CA PRO K 41 3.76 9.23 45.35
C PRO K 41 2.89 8.79 46.51
N GLU K 42 1.97 7.87 46.19
CA GLU K 42 0.98 7.43 47.17
C GLU K 42 1.65 6.82 48.39
N VAL K 43 1.17 7.19 49.57
CA VAL K 43 1.67 6.64 50.82
C VAL K 43 1.01 5.29 51.07
N ASN K 44 1.81 4.25 51.22
CA ASN K 44 1.31 2.91 51.45
C ASN K 44 1.25 2.65 52.95
N ILE K 45 0.04 2.46 53.47
CA ILE K 45 -0.16 2.22 54.90
C ILE K 45 0.04 0.74 55.17
N GLU K 46 0.97 0.42 56.07
CA GLU K 46 1.26 -0.96 56.45
C GLU K 46 1.20 -1.06 57.96
N VAL K 47 0.83 -2.24 58.46
CA VAL K 47 0.61 -2.45 59.88
C VAL K 47 1.85 -3.12 60.47
N LEU K 48 2.37 -2.54 61.55
CA LEU K 48 3.58 -3.04 62.19
C LEU K 48 3.22 -3.52 63.59
N PRO K 49 3.08 -4.83 63.81
CA PRO K 49 2.72 -5.31 65.15
C PRO K 49 3.82 -5.05 66.16
N GLU K 50 3.51 -4.24 67.18
CA GLU K 50 4.49 -3.84 68.16
C GLU K 50 3.76 -3.49 69.45
N PRO K 51 4.16 -4.05 70.60
CA PRO K 51 3.53 -3.65 71.86
C PRO K 51 3.69 -2.17 72.16
N THR K 52 4.84 -1.58 71.81
CA THR K 52 5.08 -0.16 72.03
C THR K 52 4.48 0.63 70.88
N GLU K 53 3.94 1.80 71.18
CA GLU K 53 3.34 2.67 70.17
C GLU K 53 4.44 3.28 69.31
N LYS K 54 4.65 2.72 68.12
CA LYS K 54 5.77 3.09 67.26
C LYS K 54 5.30 3.20 65.82
N LEU K 55 5.89 4.14 65.09
CA LEU K 55 5.66 4.28 63.65
C LEU K 55 7.00 4.44 62.94
N THR K 56 7.04 3.99 61.70
CA THR K 56 8.21 4.14 60.85
C THR K 56 7.80 4.68 59.49
N VAL K 57 8.67 5.51 58.91
CA VAL K 57 8.48 6.06 57.57
C VAL K 57 9.65 5.59 56.74
N LEU K 58 9.35 4.91 55.63
CA LEU K 58 10.32 4.26 54.77
C LEU K 58 10.27 4.90 53.39
N LEU K 59 11.40 5.46 52.97
CA LEU K 59 11.56 6.02 51.63
C LEU K 59 12.35 5.03 50.78
N TYR K 60 11.70 4.45 49.78
CA TYR K 60 12.32 3.47 48.91
C TYR K 60 12.87 2.29 49.71
N GLN K 61 12.11 1.91 50.75
CA GLN K 61 12.36 0.76 51.60
C GLN K 61 13.60 0.91 52.46
N GLU K 62 14.18 2.11 52.54
CA GLU K 62 15.25 2.37 53.49
C GLU K 62 14.68 3.24 54.60
N PRO K 63 14.53 2.71 55.82
CA PRO K 63 13.79 3.44 56.85
C PRO K 63 14.46 4.74 57.26
N VAL K 64 13.81 5.86 56.96
CA VAL K 64 14.35 7.18 57.28
C VAL K 64 13.77 7.76 58.56
N PHE K 65 12.63 7.25 59.03
CA PHE K 65 12.04 7.80 60.25
C PHE K 65 11.55 6.65 61.12
N SER K 66 11.81 6.75 62.43
CA SER K 66 11.38 5.75 63.38
C SER K 66 11.13 6.42 64.72
N LEU K 67 9.87 6.52 65.11
CA LEU K 67 9.54 7.25 66.33
C LEU K 67 8.57 6.44 67.16
N SER K 68 8.79 6.41 68.47
CA SER K 68 7.92 5.72 69.41
C SER K 68 7.22 6.76 70.28
N ILE K 69 5.92 6.94 69.95
CA ILE K 69 4.99 7.98 70.48
C ILE K 69 4.47 7.60 71.84
N PRO K 70 4.91 8.22 72.95
CA PRO K 70 4.46 7.82 74.28
C PRO K 70 2.94 7.94 74.46
N ALA K 71 2.36 6.98 75.19
CA ALA K 71 0.90 6.82 75.48
C ALA K 71 0.35 8.01 76.27
N GLN K 72 1.19 8.60 77.11
CA GLN K 72 0.80 9.74 77.98
C GLN K 72 0.38 10.95 77.13
N ALA K 73 1.09 11.25 76.04
CA ALA K 73 0.74 12.42 75.19
C ALA K 73 -0.32 12.07 74.15
N ASP K 74 -1.33 12.93 74.02
CA ASP K 74 -2.46 12.71 73.09
C ASP K 74 -2.66 13.94 72.21
N TYR K 75 -1.89 15.02 72.46
CA TYR K 75 -1.98 16.32 71.74
C TYR K 75 -0.60 16.66 71.15
N LEU K 76 -0.48 16.96 69.83
CA LEU K 76 0.88 17.14 69.31
C LEU K 76 1.07 18.56 68.82
N LEU K 77 2.25 19.12 69.10
CA LEU K 77 2.61 20.47 68.66
C LEU K 77 4.04 20.42 68.11
N ILE K 78 4.19 20.75 66.83
CA ILE K 78 5.48 20.71 66.17
C ILE K 78 6.25 21.99 66.47
N GLY K 79 7.50 21.85 66.89
CA GLY K 79 8.32 22.99 67.27
C GLY K 79 8.18 23.31 68.74
N ALA K 80 9.01 24.26 69.18
CA ALA K 80 9.04 24.68 70.56
C ALA K 80 9.09 26.20 70.66
N ASP K 81 8.61 26.72 71.78
CA ASP K 81 8.63 28.15 72.05
C ASP K 81 8.61 28.36 73.56
N ALA K 82 8.74 29.62 73.97
CA ALA K 82 8.77 29.92 75.40
C ALA K 82 7.40 29.78 76.04
N SER K 83 6.33 30.07 75.29
CA SER K 83 4.98 30.02 75.85
C SER K 83 4.55 28.62 76.24
N VAL K 84 5.04 27.59 75.55
CA VAL K 84 4.62 26.21 75.78
C VAL K 84 5.86 25.37 76.05
N VAL K 85 5.86 24.64 77.16
CA VAL K 85 6.97 23.79 77.54
C VAL K 85 6.43 22.59 78.31
N GLY K 86 6.99 21.42 78.04
CA GLY K 86 6.59 20.21 78.74
C GLY K 86 6.39 19.02 77.83
N ASP K 87 7.08 17.92 78.15
CA ASP K 87 7.01 16.68 77.40
C ASP K 87 7.42 16.84 75.93
N SER K 88 8.61 17.40 75.75
CA SER K 88 9.15 17.74 74.44
C SER K 88 10.39 16.87 74.17
N GLN K 89 10.58 16.47 72.91
CA GLN K 89 11.78 15.74 72.54
C GLN K 89 12.24 16.11 71.13
N THR K 90 13.49 15.74 70.86
CA THR K 90 14.18 16.07 69.62
C THR K 90 13.88 15.03 68.56
N LEU K 91 13.41 15.47 67.41
CA LEU K 91 13.23 14.56 66.29
C LEU K 91 14.58 14.14 65.72
N PRO K 92 14.68 12.94 65.18
CA PRO K 92 15.96 12.46 64.63
C PRO K 92 16.33 13.23 63.37
N ASN K 93 17.61 13.13 63.00
CA ASN K 93 18.14 13.75 61.80
C ASN K 93 17.96 15.26 61.80
N GLY K 94 17.82 15.85 62.98
CA GLY K 94 17.67 17.29 63.10
C GLY K 94 16.45 17.85 62.41
N MET K 95 15.33 17.13 62.47
CA MET K 95 14.10 17.63 61.88
C MET K 95 13.46 18.72 62.75
N GLY K 96 13.81 18.75 64.04
CA GLY K 96 13.30 19.79 64.90
C GLY K 96 12.95 19.30 66.30
N GLN K 97 11.92 19.89 66.89
CA GLN K 97 11.45 19.53 68.21
C GLN K 97 9.95 19.27 68.15
N ILE K 98 9.47 18.36 68.98
CA ILE K 98 8.03 18.12 69.10
C ILE K 98 7.64 18.18 70.57
N CYS K 99 6.39 18.54 70.82
CA CYS K 99 5.85 18.67 72.17
C CYS K 99 4.56 17.87 72.24
N TRP K 100 4.47 16.97 73.20
CA TRP K 100 3.23 16.26 73.49
C TRP K 100 2.54 16.97 74.66
N LEU K 101 1.35 17.51 74.39
CA LEU K 101 0.67 18.38 75.34
C LEU K 101 -0.61 17.74 75.83
N THR K 102 -0.91 17.93 77.11
CA THR K 102 -2.17 17.49 77.69
C THR K 102 -3.31 18.34 77.13
N LYS K 103 -4.53 17.82 77.27
CA LYS K 103 -5.68 18.39 76.58
C LYS K 103 -5.86 19.88 76.90
N ASP K 104 -5.90 20.22 78.19
CA ASP K 104 -6.13 21.61 78.57
C ASP K 104 -4.99 22.52 78.12
N MET K 105 -3.75 22.07 78.32
CA MET K 105 -2.62 22.89 77.92
C MET K 105 -2.55 23.02 76.40
N ALA K 106 -2.95 21.97 75.68
CA ALA K 106 -3.00 22.06 74.22
C ALA K 106 -4.08 23.02 73.75
N HIS K 107 -5.24 23.03 74.43
CA HIS K 107 -6.25 24.02 74.10
C HIS K 107 -5.76 25.43 74.38
N LYS K 108 -5.05 25.62 75.48
CA LYS K 108 -4.46 26.93 75.75
C LYS K 108 -3.44 27.33 74.68
N ALA K 109 -2.62 26.39 74.24
CA ALA K 109 -1.64 26.68 73.19
C ALA K 109 -2.32 27.01 71.87
N GLN K 110 -3.41 26.30 71.54
CA GLN K 110 -4.16 26.61 70.33
C GLN K 110 -4.79 27.99 70.42
N GLY K 111 -5.31 28.35 71.59
CA GLY K 111 -5.79 29.71 71.80
C GLY K 111 -4.69 30.74 71.70
N PHE K 112 -3.47 30.38 72.06
CA PHE K 112 -2.33 31.29 71.97
C PHE K 112 -2.07 31.74 70.54
N GLY K 113 -2.49 30.97 69.54
CA GLY K 113 -2.31 31.35 68.15
C GLY K 113 -1.38 30.45 67.39
N LEU K 114 -1.35 29.17 67.74
CA LEU K 114 -0.53 28.18 67.05
C LEU K 114 -1.39 27.04 66.56
N ASP K 115 -0.76 26.11 65.85
CA ASP K 115 -1.45 24.92 65.35
C ASP K 115 -1.18 23.75 66.28
N VAL K 116 -2.24 23.03 66.65
CA VAL K 116 -2.15 21.85 67.50
C VAL K 116 -2.96 20.73 66.85
N PHE K 117 -2.35 19.56 66.76
CA PHE K 117 -2.93 18.42 66.04
C PHE K 117 -3.39 17.36 67.03
N ALA K 118 -4.51 16.71 66.72
CA ALA K 118 -5.07 15.67 67.57
C ALA K 118 -5.67 14.57 66.70
N GLY K 119 -5.39 13.33 67.06
CA GLY K 119 -5.91 12.19 66.34
C GLY K 119 -5.02 11.78 65.17
N SER K 120 -5.65 11.43 64.04
CA SER K 120 -4.88 11.06 62.87
C SER K 120 -3.96 12.18 62.43
N GLN K 121 -4.30 13.42 62.74
CA GLN K 121 -3.45 14.55 62.39
C GLN K 121 -2.06 14.40 62.99
N ARG K 122 -1.97 13.85 64.21
CA ARG K 122 -0.66 13.70 64.83
C ARG K 122 0.26 12.85 63.98
N ILE K 123 -0.30 12.00 63.12
CA ILE K 123 0.53 11.25 62.18
C ILE K 123 0.94 12.14 61.01
N SER K 124 -0.02 12.84 60.40
CA SER K 124 0.28 13.67 59.24
C SER K 124 1.34 14.70 59.59
N ALA K 125 1.12 15.48 60.64
CA ALA K 125 2.06 16.53 61.00
C ALA K 125 3.41 15.96 61.39
N LEU K 126 3.48 14.64 61.63
CA LEU K 126 4.79 14.00 61.73
C LEU K 126 5.30 13.60 60.36
N LEU K 127 4.52 12.83 59.62
CA LEU K 127 4.94 12.37 58.30
C LEU K 127 5.34 13.53 57.41
N LYS K 128 4.51 14.57 57.39
CA LYS K 128 4.79 15.74 56.56
C LYS K 128 6.16 16.32 56.88
N CYS K 129 6.52 16.39 58.17
CA CYS K 129 7.83 16.90 58.52
C CYS K 129 8.93 16.10 57.83
N VAL K 130 8.83 14.77 57.87
CA VAL K 130 9.79 13.93 57.17
C VAL K 130 9.81 14.27 55.69
N LEU K 131 8.62 14.38 55.09
CA LEU K 131 8.57 14.64 53.65
C LEU K 131 9.14 16.01 53.31
N LEU K 132 9.22 16.92 54.29
CA LEU K 132 9.80 18.22 54.00
C LEU K 132 11.31 18.21 54.12
N ARG K 133 11.88 17.09 54.59
CA ARG K 133 13.35 16.97 54.75
C ARG K 133 13.98 16.25 53.56
N HIS K 134 13.34 15.20 53.04
CA HIS K 134 13.89 14.39 51.91
C HIS K 134 13.14 14.71 50.62
N MET K 135 12.48 15.87 50.56
CA MET K 135 11.74 16.38 49.36
C MET K 135 12.53 16.21 48.04
N GLY K 136 13.79 16.67 48.00
CA GLY K 136 14.56 16.62 46.78
C GLY K 136 14.76 15.24 46.22
N GLU K 137 14.32 14.20 46.92
CA GLU K 137 14.42 12.84 46.42
C GLU K 137 13.21 12.42 45.59
N PHE K 138 12.14 13.22 45.56
CA PHE K 138 10.96 12.87 44.79
C PHE K 138 10.90 13.58 43.46
N ILE K 139 12.03 14.10 42.97
CA ILE K 139 12.09 14.80 41.70
C ILE K 139 13.35 14.31 40.96
N GLY K 140 13.15 13.41 40.00
CA GLY K 140 14.24 12.88 39.22
C GLY K 140 14.02 13.09 37.74
N VAL K 141 14.56 12.21 36.90
CA VAL K 141 14.30 12.31 35.47
C VAL K 141 12.87 11.89 35.15
N GLN K 142 12.39 10.84 35.81
CA GLN K 142 11.06 10.34 35.51
C GLN K 142 9.98 11.29 36.01
N GLU K 143 10.13 11.83 37.22
CA GLU K 143 9.15 12.79 37.72
C GLU K 143 9.16 14.06 36.89
N THR K 144 10.33 14.47 36.42
CA THR K 144 10.39 15.62 35.52
C THR K 144 9.65 15.33 34.22
N ARG K 145 9.80 14.12 33.69
CA ARG K 145 9.05 13.77 32.48
C ARG K 145 7.55 13.78 32.76
N TYR K 146 7.14 13.35 33.95
CA TYR K 146 5.72 13.40 34.28
C TYR K 146 5.23 14.85 34.35
N LEU K 147 6.02 15.73 34.93
CA LEU K 147 5.64 17.14 34.98
C LEU K 147 5.53 17.74 33.58
N MET K 148 6.47 17.40 32.70
CA MET K 148 6.43 17.93 31.35
C MET K 148 5.26 17.37 30.56
N ASN K 149 4.91 16.10 30.80
CA ASN K 149 3.72 15.54 30.16
C ASN K 149 2.46 16.21 30.67
N ALA K 150 2.40 16.55 31.96
CA ALA K 150 1.26 17.29 32.49
C ALA K 150 1.17 18.66 31.86
N MET K 151 2.31 19.34 31.69
CA MET K 151 2.32 20.65 31.08
C MET K 151 2.09 20.61 29.57
N GLU K 152 2.19 19.45 28.93
CA GLU K 152 1.92 19.38 27.50
C GLU K 152 0.46 19.62 27.14
N LYS K 153 -0.43 19.75 28.13
CA LYS K 153 -1.85 19.89 27.82
C LYS K 153 -2.18 21.31 27.40
N ASN K 154 -1.88 22.30 28.25
CA ASN K 154 -2.12 23.69 27.95
C ASN K 154 -0.92 24.42 27.39
N TYR K 155 0.29 23.92 27.59
CA TYR K 155 1.50 24.64 27.24
C TYR K 155 2.39 23.96 26.21
N SER K 156 1.75 23.27 25.25
CA SER K 156 2.45 22.34 24.39
C SER K 156 3.69 22.97 23.76
N GLU K 157 3.58 24.20 23.27
CA GLU K 157 4.70 24.81 22.58
C GLU K 157 5.82 25.19 23.55
N LEU K 158 5.47 25.57 24.77
CA LEU K 158 6.48 25.88 25.76
C LEU K 158 7.33 24.65 26.07
N VAL K 159 6.68 23.51 26.29
CA VAL K 159 7.41 22.27 26.56
C VAL K 159 8.21 21.82 25.35
N LYS K 160 7.64 21.95 24.15
CA LYS K 160 8.37 21.56 22.95
C LYS K 160 9.62 22.40 22.76
N GLU K 161 9.50 23.71 22.93
CA GLU K 161 10.67 24.58 22.83
C GLU K 161 11.70 24.24 23.89
N LEU K 162 11.26 23.98 25.12
CA LEU K 162 12.21 23.64 26.17
C LEU K 162 12.95 22.36 25.85
N GLN K 163 12.24 21.34 25.37
CA GLN K 163 12.91 20.09 24.98
C GLN K 163 13.90 20.34 23.86
N ARG K 164 13.54 21.18 22.89
CA ARG K 164 14.47 21.53 21.83
C ARG K 164 15.70 22.23 22.38
N GLN K 165 15.57 22.95 23.49
CA GLN K 165 16.72 23.64 24.07
C GLN K 165 17.60 22.72 24.90
N LEU K 166 17.02 22.08 25.92
CA LEU K 166 17.77 21.32 26.90
C LEU K 166 17.33 19.86 26.91
N PRO K 167 18.27 18.93 27.13
CA PRO K 167 17.89 17.53 27.30
C PRO K 167 17.30 17.30 28.69
N ILE K 168 16.51 16.23 28.81
CA ILE K 168 15.67 16.06 29.99
C ILE K 168 16.50 15.90 31.26
N ASN K 169 17.73 15.39 31.15
CA ASN K 169 18.53 15.24 32.36
C ASN K 169 18.93 16.59 32.93
N LYS K 170 19.18 17.59 32.08
CA LYS K 170 19.52 18.92 32.58
C LYS K 170 18.31 19.61 33.18
N ILE K 171 17.13 19.44 32.60
CA ILE K 171 15.92 19.99 33.19
C ILE K 171 15.66 19.36 34.55
N ALA K 172 15.82 18.04 34.64
CA ALA K 172 15.63 17.36 35.92
C ALA K 172 16.65 17.81 36.95
N GLU K 173 17.90 18.04 36.52
CA GLU K 173 18.91 18.56 37.43
C GLU K 173 18.54 19.95 37.94
N THR K 174 18.04 20.80 37.05
CA THR K 174 17.63 22.14 37.46
C THR K 174 16.48 22.09 38.46
N LEU K 175 15.46 21.28 38.16
CA LEU K 175 14.32 21.18 39.07
C LEU K 175 14.72 20.60 40.41
N GLN K 176 15.61 19.59 40.40
CA GLN K 176 16.08 19.02 41.66
C GLN K 176 16.87 20.04 42.47
N ARG K 177 17.72 20.83 41.80
CA ARG K 177 18.50 21.82 42.53
C ARG K 177 17.63 22.94 43.06
N LEU K 178 16.51 23.21 42.39
CA LEU K 178 15.57 24.18 42.94
C LEU K 178 14.78 23.63 44.11
N VAL K 179 14.38 22.36 44.03
CA VAL K 179 13.55 21.74 45.11
C VAL K 179 14.41 21.59 46.37
N SER K 180 15.69 21.22 46.21
CA SER K 180 16.52 20.96 47.38
C SER K 180 16.92 22.24 48.11
N GLU K 181 16.30 23.38 47.79
CA GLU K 181 16.55 24.63 48.49
C GLU K 181 15.28 25.24 49.08
N ARG K 182 14.18 24.48 49.12
CA ARG K 182 12.87 25.00 49.50
C ARG K 182 12.40 26.12 48.59
N VAL K 183 12.68 26.00 47.29
CA VAL K 183 12.10 26.90 46.29
C VAL K 183 11.05 26.11 45.53
N SER K 184 9.82 26.61 45.54
CA SER K 184 8.73 25.86 44.92
C SER K 184 8.89 25.85 43.40
N ILE K 185 8.59 24.70 42.80
CA ILE K 185 8.58 24.58 41.35
C ILE K 185 7.13 24.50 40.90
N ARG K 186 6.24 25.09 41.69
CA ARG K 186 4.82 25.11 41.32
C ARG K 186 4.60 25.91 40.05
N ASP K 187 5.30 27.02 39.90
CA ASP K 187 5.17 27.88 38.72
C ASP K 187 6.12 27.35 37.65
N LEU K 188 5.59 26.42 36.85
CA LEU K 188 6.43 25.79 35.83
C LEU K 188 6.48 26.61 34.55
N ARG K 189 5.45 27.43 34.30
CA ARG K 189 5.49 28.29 33.13
C ARG K 189 6.67 29.25 33.19
N LEU K 190 6.87 29.89 34.34
CA LEU K 190 7.97 30.84 34.49
C LEU K 190 9.31 30.13 34.47
N ILE K 191 9.40 28.94 35.09
CA ILE K 191 10.66 28.21 35.11
C ILE K 191 11.05 27.80 33.68
N PHE K 192 10.09 27.26 32.93
CA PHE K 192 10.39 26.87 31.57
C PHE K 192 10.71 28.08 30.70
N GLY K 193 10.05 29.21 30.95
CA GLY K 193 10.38 30.43 30.21
C GLY K 193 11.80 30.90 30.48
N THR K 194 12.24 30.83 31.74
CA THR K 194 13.59 31.27 32.06
C THR K 194 14.63 30.31 31.51
N LEU K 195 14.33 29.00 31.53
CA LEU K 195 15.26 28.04 30.93
C LEU K 195 15.33 28.22 29.41
N ILE K 196 14.21 28.58 28.78
CA ILE K 196 14.23 28.83 27.34
C ILE K 196 15.03 30.10 27.03
N ASP K 197 14.88 31.12 27.86
CA ASP K 197 15.66 32.34 27.64
C ASP K 197 17.14 32.09 27.78
N TRP K 198 17.57 31.48 28.89
CA TRP K 198 18.99 31.41 29.23
C TRP K 198 19.66 30.11 28.82
N ALA K 199 18.95 29.19 28.18
CA ALA K 199 19.59 27.96 27.71
C ALA K 199 20.62 28.20 26.61
N PRO K 200 20.35 28.97 25.56
CA PRO K 200 21.40 29.20 24.56
C PRO K 200 22.62 29.93 25.09
N ARG K 201 22.44 30.83 26.06
CA ARG K 201 23.52 31.68 26.54
C ARG K 201 24.23 31.13 27.76
N GLU K 202 23.93 29.89 28.18
CA GLU K 202 24.57 29.33 29.36
C GLU K 202 24.57 27.83 29.26
N LYS K 203 25.62 27.19 29.78
CA LYS K 203 25.74 25.75 29.78
C LYS K 203 25.94 25.15 31.17
N ASP K 204 26.33 25.95 32.15
CA ASP K 204 26.50 25.47 33.50
C ASP K 204 25.15 25.40 34.21
N VAL K 205 24.67 24.17 34.43
CA VAL K 205 23.32 23.98 34.95
C VAL K 205 23.16 24.68 36.30
N LEU K 206 24.24 24.81 37.05
CA LEU K 206 24.17 25.59 38.28
C LEU K 206 23.82 27.05 38.00
N MET K 207 24.35 27.61 36.92
CA MET K 207 24.03 29.00 36.61
C MET K 207 22.63 29.14 36.06
N LEU K 208 22.15 28.14 35.31
CA LEU K 208 20.75 28.16 34.90
C LEU K 208 19.84 28.13 36.12
N THR K 209 20.19 27.32 37.12
CA THR K 209 19.42 27.30 38.36
C THR K 209 19.48 28.65 39.06
N GLU K 210 20.64 29.30 39.03
CA GLU K 210 20.73 30.63 39.63
C GLU K 210 19.82 31.62 38.92
N TYR K 211 19.78 31.57 37.59
CA TYR K 211 18.91 32.48 36.84
C TYR K 211 17.44 32.19 37.13
N VAL K 212 17.07 30.91 37.24
CA VAL K 212 15.69 30.57 37.57
C VAL K 212 15.34 31.04 38.98
N ARG K 213 16.30 30.96 39.90
CA ARG K 213 16.06 31.45 41.25
C ARG K 213 15.87 32.96 41.26
N ILE K 214 16.65 33.68 40.44
CA ILE K 214 16.51 35.13 40.38
C ILE K 214 15.15 35.50 39.77
N ALA K 215 14.72 34.79 38.74
CA ALA K 215 13.43 35.07 38.14
C ALA K 215 12.28 34.76 39.08
N LEU K 216 12.52 33.95 40.11
CA LEU K 216 11.51 33.58 41.09
C LEU K 216 11.70 34.33 42.41
N ARG K 217 12.36 35.49 42.39
CA ARG K 217 12.73 36.15 43.64
C ARG K 217 11.52 36.62 44.43
N ARG K 218 10.45 37.05 43.74
CA ARG K 218 9.27 37.50 44.46
C ARG K 218 8.65 36.36 45.24
N HIS K 219 8.55 35.18 44.63
CA HIS K 219 8.01 34.02 45.35
C HIS K 219 8.88 33.63 46.53
N ILE K 220 10.20 33.64 46.36
CA ILE K 220 11.09 33.25 47.44
C ILE K 220 10.93 34.20 48.62
N LEU K 221 10.95 35.50 48.34
CA LEU K 221 10.84 36.48 49.42
C LEU K 221 9.43 36.60 49.95
N ARG K 222 8.45 36.00 49.27
CA ARG K 222 7.13 35.90 49.88
C ARG K 222 7.04 34.69 50.80
N ARG K 223 7.59 33.56 50.37
CA ARG K 223 7.48 32.34 51.16
C ARG K 223 8.36 32.40 52.41
N LEU K 224 9.52 33.06 52.33
CA LEU K 224 10.37 33.16 53.51
C LEU K 224 9.67 33.91 54.64
N ASN K 225 9.02 35.02 54.32
CA ASN K 225 8.24 35.75 55.32
C ASN K 225 6.91 36.20 54.72
N PRO K 226 5.81 35.53 55.06
CA PRO K 226 4.53 35.85 54.42
C PRO K 226 4.09 37.29 54.61
N GLU K 227 4.36 37.89 55.76
CA GLU K 227 4.04 39.29 55.99
C GLU K 227 5.14 40.18 55.40
N GLY K 228 4.81 41.45 55.23
CA GLY K 228 5.75 42.41 54.72
C GLY K 228 6.74 42.93 55.73
N LYS K 229 6.65 42.47 56.98
CA LYS K 229 7.52 42.95 58.03
C LYS K 229 8.98 42.57 57.75
N PRO K 230 9.92 43.42 58.13
CA PRO K 230 11.34 43.09 57.92
C PRO K 230 11.84 42.01 58.87
N LEU K 231 12.43 40.96 58.31
CA LEU K 231 13.05 39.91 59.11
C LEU K 231 14.57 40.01 59.06
N PRO K 232 15.25 39.51 60.08
CA PRO K 232 16.69 39.74 60.21
C PRO K 232 17.48 39.18 59.04
N ILE K 233 18.54 39.90 58.66
CA ILE K 233 19.42 39.52 57.58
C ILE K 233 20.86 39.56 58.07
N LEU K 234 21.59 38.48 57.82
CA LEU K 234 23.00 38.34 58.18
C LEU K 234 23.82 38.51 56.92
N ARG K 235 24.48 39.66 56.78
CA ARG K 235 25.30 39.91 55.60
C ARG K 235 26.56 39.08 55.64
N ILE K 236 27.11 38.82 54.45
CA ILE K 236 28.45 38.24 54.35
C ILE K 236 29.41 39.32 53.87
N GLY K 237 30.47 39.54 54.64
CA GLY K 237 31.39 40.62 54.33
C GLY K 237 32.22 40.33 53.09
N GLU K 238 32.93 41.37 52.65
CA GLU K 238 33.68 41.27 51.40
C GLU K 238 34.83 40.27 51.51
N GLY K 239 35.31 40.00 52.72
CA GLY K 239 36.42 39.06 52.86
C GLY K 239 36.05 37.66 52.40
N ILE K 240 34.92 37.14 52.88
CA ILE K 240 34.50 35.79 52.49
C ILE K 240 34.12 35.76 51.02
N GLU K 241 33.47 36.82 50.54
CA GLU K 241 33.09 36.88 49.13
C GLU K 241 34.32 36.82 48.23
N ASN K 242 35.37 37.57 48.59
CA ASN K 242 36.60 37.55 47.81
C ASN K 242 37.33 36.22 47.95
N LEU K 243 37.27 35.60 49.14
CA LEU K 243 37.91 34.31 49.32
C LEU K 243 37.28 33.25 48.43
N VAL K 244 35.95 33.18 48.41
CA VAL K 244 35.29 32.14 47.61
C VAL K 244 35.24 32.53 46.14
N ARG K 245 35.38 33.82 45.82
CA ARG K 245 35.36 34.24 44.42
C ARG K 245 36.69 33.95 43.75
N GLU K 246 37.79 34.03 44.49
CA GLU K 246 39.11 33.77 43.92
C GLU K 246 39.35 32.30 43.61
N SER K 247 38.68 31.39 44.30
CA SER K 247 38.94 29.96 44.17
C SER K 247 38.08 29.28 43.12
N ILE K 248 37.49 30.04 42.19
CA ILE K 248 36.57 29.47 41.21
C ILE K 248 37.36 28.84 40.09
N ARG K 249 37.21 27.54 39.91
CA ARG K 249 37.93 26.78 38.89
C ARG K 249 36.94 26.18 37.92
N GLN K 250 37.16 26.41 36.63
CA GLN K 250 36.19 26.05 35.61
C GLN K 250 36.73 24.93 34.73
N THR K 251 35.87 23.96 34.44
CA THR K 251 36.11 22.90 33.47
C THR K 251 35.01 22.93 32.42
N ALA K 252 35.13 22.05 31.42
CA ALA K 252 34.22 22.09 30.28
C ALA K 252 32.76 21.97 30.67
N MET K 253 32.47 21.43 31.86
CA MET K 253 31.10 21.27 32.33
C MET K 253 30.64 22.38 33.27
N GLY K 254 31.46 23.39 33.52
CA GLY K 254 31.05 24.50 34.35
C GLY K 254 32.09 24.81 35.40
N THR K 255 31.74 25.72 36.30
CA THR K 255 32.66 26.21 37.33
C THR K 255 32.31 25.58 38.67
N TYR K 256 33.34 25.29 39.47
CA TYR K 256 33.17 24.81 40.83
C TYR K 256 34.09 25.60 41.74
N THR K 257 33.98 25.34 43.04
CA THR K 257 34.80 25.98 44.05
C THR K 257 35.87 25.01 44.53
N ALA K 258 37.03 25.54 44.91
CA ALA K 258 38.15 24.73 45.39
C ALA K 258 38.77 25.48 46.58
N LEU K 259 38.31 25.16 47.78
CA LEU K 259 38.81 25.77 49.00
C LEU K 259 39.49 24.74 49.88
N SER K 260 40.36 25.23 50.76
CA SER K 260 40.96 24.37 51.77
C SER K 260 39.90 23.98 52.81
N SER K 261 40.05 22.76 53.34
CA SER K 261 39.10 22.28 54.35
C SER K 261 39.11 23.18 55.57
N ARG K 262 40.25 23.79 55.88
CA ARG K 262 40.32 24.72 57.01
C ARG K 262 39.40 25.92 56.78
N HIS K 263 39.40 26.45 55.55
CA HIS K 263 38.53 27.59 55.24
C HIS K 263 37.07 27.25 55.46
N LYS K 264 36.62 26.11 54.92
CA LYS K 264 35.24 25.71 55.08
C LYS K 264 34.90 25.48 56.55
N THR K 265 35.79 24.80 57.28
CA THR K 265 35.50 24.51 58.68
C THR K 265 35.37 25.80 59.48
N GLN K 266 36.27 26.76 59.27
CA GLN K 266 36.18 28.01 60.02
C GLN K 266 34.93 28.79 59.63
N ILE K 267 34.57 28.82 58.35
CA ILE K 267 33.40 29.56 57.92
C ILE K 267 32.13 28.99 58.55
N LEU K 268 31.98 27.66 58.49
CA LEU K 268 30.80 27.05 59.13
C LEU K 268 30.82 27.24 60.64
N GLN K 269 31.99 27.13 61.27
CA GLN K 269 32.06 27.30 62.72
C GLN K 269 31.60 28.68 63.13
N LEU K 270 32.06 29.71 62.42
CA LEU K 270 31.65 31.07 62.78
C LEU K 270 30.20 31.36 62.40
N ILE K 271 29.71 30.75 61.31
CA ILE K 271 28.30 30.96 60.96
C ILE K 271 27.40 30.35 62.03
N GLU K 272 27.72 29.14 62.48
CA GLU K 272 26.97 28.56 63.60
C GLU K 272 27.15 29.40 64.86
N GLN K 273 28.33 30.00 65.04
CA GLN K 273 28.53 30.92 66.14
C GLN K 273 27.62 32.15 66.03
N ALA K 274 27.39 32.62 64.80
CA ALA K 274 26.56 33.79 64.58
C ALA K 274 25.08 33.45 64.47
N LEU K 275 24.72 32.17 64.42
CA LEU K 275 23.34 31.77 64.28
C LEU K 275 22.63 31.52 65.61
N LYS K 276 23.38 31.41 66.71
CA LYS K 276 22.75 31.14 68.00
C LYS K 276 22.23 32.41 68.67
N GLN K 277 22.48 33.59 68.08
CA GLN K 277 21.98 34.82 68.66
C GLN K 277 20.48 35.00 68.44
N SER K 278 19.98 34.60 67.28
CA SER K 278 18.55 34.67 66.97
C SER K 278 18.12 33.39 66.27
N ALA K 279 16.83 33.08 66.38
CA ALA K 279 16.33 31.80 65.88
C ALA K 279 16.43 31.71 64.37
N LYS K 280 16.00 32.75 63.66
CA LYS K 280 15.98 32.74 62.21
C LYS K 280 16.86 33.84 61.65
N LEU K 281 17.72 33.48 60.70
CA LEU K 281 18.58 34.43 60.02
C LEU K 281 18.72 34.04 58.56
N PHE K 282 18.61 35.04 57.68
CA PHE K 282 18.80 34.85 56.25
C PHE K 282 20.20 35.32 55.89
N ILE K 283 21.06 34.39 55.52
CA ILE K 283 22.42 34.73 55.11
C ILE K 283 22.38 35.29 53.70
N VAL K 284 22.95 36.47 53.51
CA VAL K 284 22.89 37.18 52.24
C VAL K 284 24.30 37.48 51.76
N THR K 285 24.59 37.06 50.53
CA THR K 285 25.89 37.26 49.91
C THR K 285 25.69 37.73 48.48
N SER K 286 26.79 37.87 47.74
CA SER K 286 26.73 38.34 46.37
C SER K 286 26.20 37.25 45.44
N VAL K 287 25.91 37.65 44.20
CA VAL K 287 25.37 36.70 43.23
C VAL K 287 26.45 35.70 42.81
N ASP K 288 27.65 36.17 42.52
CA ASP K 288 28.73 35.34 42.02
C ASP K 288 29.27 34.40 43.09
N THR K 289 28.97 34.66 44.36
CA THR K 289 29.46 33.83 45.46
C THR K 289 28.35 33.12 46.20
N ARG K 290 27.11 33.20 45.74
CA ARG K 290 26.00 32.62 46.49
C ARG K 290 25.94 31.10 46.42
N ARG K 291 25.84 30.55 45.20
CA ARG K 291 25.68 29.11 45.06
C ARG K 291 26.86 28.35 45.66
N PHE K 292 28.08 28.82 45.40
CA PHE K 292 29.25 28.15 45.95
C PHE K 292 29.19 28.13 47.48
N LEU K 293 28.85 29.27 48.09
CA LEU K 293 28.69 29.28 49.53
C LEU K 293 27.66 28.26 49.97
N ARG K 294 26.55 28.17 49.23
CA ARG K 294 25.54 27.16 49.57
C ARG K 294 26.13 25.77 49.56
N LYS K 295 26.97 25.46 48.57
CA LYS K 295 27.48 24.10 48.48
C LYS K 295 28.67 23.88 49.41
N ILE K 296 29.01 24.85 50.27
CA ILE K 296 29.87 24.54 51.40
C ILE K 296 29.11 24.52 52.71
N THR K 297 27.81 24.86 52.69
CA THR K 297 26.99 24.84 53.89
C THR K 297 25.75 23.98 53.77
N GLU K 298 25.59 23.23 52.68
CA GLU K 298 24.39 22.40 52.53
C GLU K 298 24.48 21.13 53.36
N ALA K 299 25.69 20.58 53.54
CA ALA K 299 25.83 19.31 54.24
C ALA K 299 25.40 19.42 55.70
N THR K 300 25.81 20.49 56.38
CA THR K 300 25.53 20.67 57.80
C THR K 300 24.32 21.56 58.05
N LEU K 301 24.33 22.76 57.49
CA LEU K 301 23.27 23.75 57.70
C LEU K 301 22.32 23.67 56.52
N PHE K 302 21.47 22.64 56.51
CA PHE K 302 20.55 22.44 55.41
C PHE K 302 19.34 23.37 55.46
N ASP K 303 18.86 23.70 56.66
CA ASP K 303 17.60 24.42 56.80
C ASP K 303 17.75 25.93 56.89
N VAL K 304 18.96 26.46 56.71
CA VAL K 304 19.16 27.91 56.70
C VAL K 304 19.11 28.39 55.25
N PRO K 305 18.32 29.42 54.93
CA PRO K 305 18.24 29.86 53.53
C PRO K 305 19.35 30.81 53.16
N ILE K 306 20.07 30.49 52.08
CA ILE K 306 21.16 31.32 51.60
C ILE K 306 20.63 32.16 50.44
N LEU K 307 20.21 33.38 50.74
CA LEU K 307 19.69 34.29 49.72
C LEU K 307 20.85 34.99 49.03
N SER K 308 20.50 35.88 48.11
CA SER K 308 21.47 36.67 47.37
C SER K 308 21.04 38.13 47.35
N TRP K 309 21.91 39.00 46.84
CA TRP K 309 21.57 40.42 46.80
C TRP K 309 20.56 40.72 45.70
N GLN K 310 20.74 40.10 44.53
CA GLN K 310 19.81 40.35 43.43
C GLN K 310 18.44 39.75 43.70
N GLU K 311 18.34 38.75 44.57
CA GLU K 311 17.05 38.18 44.93
C GLU K 311 16.26 39.09 45.86
N LEU K 312 16.94 39.99 46.56
CA LEU K 312 16.29 41.03 47.35
C LEU K 312 16.30 42.33 46.56
N GLY K 313 15.18 42.66 45.94
CA GLY K 313 15.08 43.87 45.16
C GLY K 313 15.21 45.12 46.02
N GLU K 314 15.15 46.26 45.35
CA GLU K 314 15.23 47.54 46.04
C GLU K 314 14.01 47.81 46.93
N GLU K 315 12.95 47.02 46.79
CA GLU K 315 11.73 47.21 47.56
C GLU K 315 11.75 46.50 48.90
N SER K 316 12.76 45.69 49.19
CA SER K 316 12.90 45.02 50.47
C SER K 316 14.02 45.68 51.26
N LEU K 317 13.69 46.21 52.43
CA LEU K 317 14.70 46.82 53.27
C LEU K 317 15.42 45.71 54.04
N ILE K 318 16.65 46.00 54.46
CA ILE K 318 17.55 44.94 54.90
C ILE K 318 17.43 44.68 56.39
N GLN K 319 17.73 45.69 57.21
CA GLN K 319 17.84 45.53 58.66
C GLN K 319 18.92 44.50 59.00
N VAL K 320 20.17 44.86 58.66
CA VAL K 320 21.31 44.00 58.96
C VAL K 320 21.32 43.74 60.45
N VAL K 321 21.62 42.51 60.84
CA VAL K 321 21.80 42.14 62.24
C VAL K 321 23.25 41.94 62.60
N GLU K 322 24.01 41.26 61.74
CA GLU K 322 25.43 41.06 61.95
C GLU K 322 26.14 41.10 60.61
N SER K 323 27.43 41.43 60.64
CA SER K 323 28.25 41.52 59.43
C SER K 323 29.47 40.62 59.63
N ILE K 324 29.39 39.41 59.09
CA ILE K 324 30.48 38.46 59.16
C ILE K 324 31.57 38.85 58.16
N ASP K 325 32.83 38.74 58.57
CA ASP K 325 33.94 39.05 57.69
C ASP K 325 35.16 38.25 58.10
N LEU K 326 36.02 37.92 57.14
CA LEU K 326 37.25 37.19 57.40
C LEU K 326 38.33 37.58 56.41
N SER K 327 39.56 37.21 56.75
CA SER K 327 40.65 37.07 55.80
C SER K 327 40.95 35.58 55.66
N GLU K 328 41.95 35.26 54.85
CA GLU K 328 42.27 33.85 54.61
C GLU K 328 42.74 33.18 55.90
N GLU K 329 43.05 31.88 55.79
CA GLU K 329 43.52 31.08 56.92
C GLU K 329 44.89 30.46 56.66
N GLU K 330 45.07 29.81 55.51
CA GLU K 330 46.32 29.09 55.25
C GLU K 330 47.50 30.07 55.14
N LEU K 331 47.33 31.14 54.37
CA LEU K 331 48.39 32.12 54.23
C LEU K 331 48.63 32.87 55.56
N ALA K 332 47.56 33.39 56.15
CA ALA K 332 47.62 34.10 57.42
C ALA K 332 46.19 34.36 57.88
N ASP K 333 45.97 34.26 59.20
CA ASP K 333 44.62 34.40 59.72
C ASP K 333 44.06 35.79 59.44
N ASN K 334 44.60 36.80 60.13
CA ASN K 334 44.32 38.24 59.89
C ASN K 334 42.89 38.54 60.32
N GLU K 335 42.02 37.54 60.52
CA GLU K 335 40.73 37.79 61.14
C GLU K 335 40.40 36.74 62.19
N GLU K 336 40.80 35.49 61.94
CA GLU K 336 40.44 34.37 62.80
C GLU K 336 41.59 33.98 63.71
N MET L 1 -4.00 16.52 40.97
CA MET L 1 -2.71 17.24 41.01
C MET L 1 -2.38 17.69 39.58
N VAL L 2 -2.74 18.93 39.22
CA VAL L 2 -2.50 19.41 37.83
C VAL L 2 -1.30 20.37 37.78
N PRO L 3 -0.10 20.00 37.25
CA PRO L 3 1.04 20.92 37.10
C PRO L 3 0.63 22.20 36.38
N GLY L 4 1.33 23.28 36.71
CA GLY L 4 1.04 24.58 36.11
C GLY L 4 0.05 25.37 36.94
N ALA L 5 0.48 26.52 37.44
CA ALA L 5 -0.37 27.30 38.33
C ALA L 5 -1.59 27.83 37.60
N CYS L 6 -2.63 28.11 38.36
CA CYS L 6 -3.84 28.70 37.79
C CYS L 6 -3.55 30.17 37.47
N PRO L 7 -3.78 30.62 36.24
CA PRO L 7 -3.24 31.93 35.82
C PRO L 7 -3.73 33.10 36.65
N LEU L 8 -5.04 33.36 36.68
CA LEU L 8 -5.56 34.60 37.24
C LEU L 8 -6.75 34.27 38.13
N ILE L 9 -6.62 34.56 39.43
CA ILE L 9 -7.64 34.24 40.42
C ILE L 9 -7.99 35.51 41.18
N LEU L 10 -9.29 35.77 41.32
CA LEU L 10 -9.77 36.91 42.09
C LEU L 10 -10.59 36.38 43.25
N ARG L 11 -10.11 36.57 44.48
CA ARG L 11 -10.77 36.09 45.67
C ARG L 11 -11.48 37.25 46.35
N LEU L 12 -12.78 37.08 46.61
CA LEU L 12 -13.63 38.13 47.17
C LEU L 12 -14.41 37.60 48.36
N SER L 13 -14.63 38.49 49.34
CA SER L 13 -15.59 38.20 50.39
C SER L 13 -17.00 38.24 49.81
N PRO L 14 -17.91 37.40 50.31
CA PRO L 14 -19.21 37.25 49.62
C PRO L 14 -20.04 38.52 49.58
N THR L 15 -19.75 39.49 50.44
CA THR L 15 -20.41 40.79 50.33
C THR L 15 -20.06 41.48 49.01
N LEU L 16 -18.77 41.46 48.64
CA LEU L 16 -18.32 42.11 47.42
C LEU L 16 -18.77 41.40 46.17
N HIS L 17 -19.10 40.11 46.28
CA HIS L 17 -19.53 39.34 45.12
C HIS L 17 -20.84 39.90 44.60
N SER L 18 -21.14 39.65 43.32
CA SER L 18 -22.35 40.16 42.71
C SER L 18 -22.75 39.25 41.56
N ALA L 19 -23.81 39.66 40.85
CA ALA L 19 -24.35 38.83 39.78
C ALA L 19 -23.85 39.27 38.41
N ASP L 20 -23.56 40.56 38.25
CA ASP L 20 -23.03 41.09 37.01
C ASP L 20 -21.51 41.15 37.01
N LEU L 21 -20.86 40.56 38.01
CA LEU L 21 -19.40 40.60 38.07
C LEU L 21 -18.79 39.86 36.89
N ILE L 22 -19.38 38.76 36.47
CA ILE L 22 -18.80 37.99 35.36
C ILE L 22 -18.75 38.83 34.10
N ARG L 23 -19.85 39.49 33.75
CA ARG L 23 -19.87 40.26 32.51
C ARG L 23 -19.05 41.54 32.63
N ASP L 24 -18.97 42.13 33.83
CA ASP L 24 -18.11 43.29 34.02
C ASP L 24 -16.63 42.93 33.85
N ILE L 25 -16.21 41.81 34.44
CA ILE L 25 -14.83 41.36 34.26
C ILE L 25 -14.56 41.01 32.82
N ASP L 26 -15.52 40.38 32.14
CA ASP L 26 -15.31 40.05 30.73
C ASP L 26 -15.18 41.31 29.88
N ALA L 27 -15.98 42.33 30.17
CA ALA L 27 -15.85 43.59 29.44
C ALA L 27 -14.51 44.25 29.70
N MET L 28 -14.03 44.21 30.95
CA MET L 28 -12.71 44.75 31.24
C MET L 28 -11.62 43.98 30.50
N ARG L 29 -11.74 42.65 30.44
CA ARG L 29 -10.75 41.86 29.72
C ARG L 29 -10.75 42.20 28.24
N TRP L 30 -11.93 42.38 27.65
CA TRP L 30 -12.00 42.73 26.24
C TRP L 30 -11.43 44.11 25.99
N PHE L 31 -11.67 45.05 26.90
CA PHE L 31 -11.06 46.37 26.75
C PHE L 31 -9.55 46.30 26.84
N LEU L 32 -9.03 45.49 27.77
CA LEU L 32 -7.58 45.37 27.91
C LEU L 32 -6.96 44.71 26.68
N PHE L 33 -7.68 43.76 26.07
CA PHE L 33 -7.15 43.16 24.84
C PHE L 33 -7.19 44.13 23.68
N GLU L 34 -8.27 44.91 23.56
CA GLU L 34 -8.33 45.90 22.49
C GLU L 34 -7.29 47.00 22.69
N ASP L 35 -6.91 47.28 23.92
CA ASP L 35 -5.95 48.35 24.18
C ASP L 35 -4.51 47.87 24.03
N THR L 36 -4.13 46.77 24.71
CA THR L 36 -2.75 46.34 24.75
C THR L 36 -2.45 45.10 23.93
N GLY L 37 -3.45 44.47 23.32
CA GLY L 37 -3.19 43.39 22.39
C GLY L 37 -2.83 42.06 22.99
N VAL L 38 -2.74 41.95 24.31
CA VAL L 38 -2.36 40.71 25.00
C VAL L 38 -3.65 39.99 25.39
N PRO L 39 -3.88 38.78 24.92
CA PRO L 39 -5.11 38.05 25.27
C PRO L 39 -5.00 37.45 26.66
N LEU L 40 -5.71 38.02 27.61
CA LEU L 40 -5.64 37.63 29.00
C LEU L 40 -6.40 36.33 29.25
N PRO L 41 -5.96 35.54 30.24
CA PRO L 41 -6.67 34.30 30.57
C PRO L 41 -7.86 34.58 31.48
N GLU L 42 -8.79 33.62 31.50
CA GLU L 42 -10.04 33.80 32.21
C GLU L 42 -9.80 34.05 33.69
N VAL L 43 -10.51 35.03 34.24
CA VAL L 43 -10.42 35.33 35.66
C VAL L 43 -11.30 34.37 36.43
N ASN L 44 -10.72 33.65 37.38
CA ASN L 44 -11.44 32.68 38.18
C ASN L 44 -11.91 33.36 39.46
N ILE L 45 -13.23 33.46 39.63
CA ILE L 45 -13.82 34.10 40.81
C ILE L 45 -13.90 33.06 41.92
N GLU L 46 -13.27 33.38 43.06
CA GLU L 46 -13.28 32.50 44.22
C GLU L 46 -13.75 33.30 45.42
N VAL L 47 -14.38 32.62 46.37
CA VAL L 47 -14.98 33.28 47.53
C VAL L 47 -14.05 33.14 48.72
N LEU L 48 -13.74 34.27 49.36
CA LEU L 48 -12.81 34.29 50.49
C LEU L 48 -13.58 34.71 51.74
N PRO L 49 -13.95 33.77 52.62
CA PRO L 49 -14.70 34.15 53.82
C PRO L 49 -13.87 35.01 54.76
N GLU L 50 -14.31 36.26 54.99
CA GLU L 50 -13.57 37.20 55.79
C GLU L 50 -14.55 38.21 56.37
N PRO L 51 -14.54 38.44 57.68
CA PRO L 51 -15.40 39.49 58.25
C PRO L 51 -15.12 40.86 57.67
N THR L 52 -13.86 41.19 57.40
CA THR L 52 -13.48 42.46 56.82
C THR L 52 -13.66 42.40 55.30
N GLU L 53 -14.10 43.52 54.71
CA GLU L 53 -14.28 43.59 53.26
C GLU L 53 -12.94 43.62 52.57
N LYS L 54 -12.50 42.47 52.04
CA LYS L 54 -11.17 42.31 51.49
C LYS L 54 -11.23 41.53 50.17
N LEU L 55 -10.35 41.89 49.24
CA LEU L 55 -10.19 41.14 48.01
C LEU L 55 -8.71 40.91 47.74
N THR L 56 -8.41 39.81 47.06
CA THR L 56 -7.05 39.49 46.66
C THR L 56 -7.02 39.10 45.20
N VAL L 57 -5.94 39.48 44.53
CA VAL L 57 -5.70 39.12 43.13
C VAL L 57 -4.43 38.29 43.10
N LEU L 58 -4.53 37.09 42.55
CA LEU L 58 -3.47 36.09 42.54
C LEU L 58 -3.08 35.80 41.10
N LEU L 59 -1.81 36.04 40.78
CA LEU L 59 -1.24 35.71 39.48
C LEU L 59 -0.40 34.45 39.62
N TYR L 60 -0.85 33.36 38.99
CA TYR L 60 -0.17 32.08 39.06
C TYR L 60 -0.02 31.63 40.51
N GLN L 61 -1.06 31.90 41.30
CA GLN L 61 -1.19 31.48 42.69
C GLN L 61 -0.20 32.16 43.63
N GLU L 62 0.49 33.19 43.17
CA GLU L 62 1.31 34.01 44.04
C GLU L 62 0.61 35.34 44.25
N PRO L 63 0.08 35.63 45.44
CA PRO L 63 -0.79 36.80 45.60
C PRO L 63 -0.07 38.11 45.36
N VAL L 64 -0.46 38.81 44.29
CA VAL L 64 0.15 40.09 43.94
C VAL L 64 -0.65 41.29 44.41
N PHE L 65 -1.94 41.11 44.74
CA PHE L 65 -2.73 42.23 45.20
C PHE L 65 -3.58 41.81 46.39
N SER L 66 -3.65 42.67 47.40
CA SER L 66 -4.44 42.40 48.60
C SER L 66 -4.92 43.71 49.17
N LEU L 67 -6.22 43.99 49.04
CA LEU L 67 -6.75 45.28 49.47
C LEU L 67 -8.00 45.07 50.29
N SER L 68 -8.12 45.82 51.38
CA SER L 68 -9.30 45.79 52.24
C SER L 68 -10.04 47.11 52.11
N ILE L 69 -11.17 47.01 51.38
CA ILE L 69 -12.05 48.12 50.92
C ILE L 69 -12.95 48.60 52.04
N PRO L 70 -12.73 49.77 52.67
CA PRO L 70 -13.55 50.21 53.78
C PRO L 70 -15.03 50.35 53.42
N ALA L 71 -15.92 49.99 54.37
CA ALA L 71 -17.40 49.97 54.26
C ALA L 71 -17.97 51.37 54.03
N GLN L 72 -17.30 52.37 54.57
CA GLN L 72 -17.74 53.79 54.47
C GLN L 72 -17.76 54.25 53.01
N ALA L 73 -16.76 53.88 52.20
CA ALA L 73 -16.71 54.31 50.78
C ALA L 73 -17.51 53.37 49.87
N ASP L 74 -18.33 53.95 49.00
CA ASP L 74 -19.20 53.18 48.08
C ASP L 74 -19.00 53.65 46.64
N TYR L 75 -18.18 54.70 46.44
CA TYR L 75 -17.90 55.31 45.12
C TYR L 75 -16.39 55.29 44.86
N LEU L 76 -15.89 54.77 43.72
CA LEU L 76 -14.44 54.66 43.60
C LEU L 76 -13.93 55.53 42.47
N LEU L 77 -12.80 56.19 42.70
CA LEU L 77 -12.15 57.03 41.69
C LEU L 77 -10.66 56.74 41.69
N ILE L 78 -10.14 56.26 40.57
CA ILE L 78 -8.74 55.89 40.47
C ILE L 78 -7.92 57.13 40.18
N GLY L 79 -6.84 57.32 40.93
CA GLY L 79 -5.99 58.49 40.80
C GLY L 79 -6.46 59.62 41.71
N ALA L 80 -5.64 60.66 41.74
CA ALA L 80 -5.91 61.82 42.58
C ALA L 80 -5.68 63.11 41.79
N ASP L 81 -6.35 64.17 42.21
CA ASP L 81 -6.20 65.47 41.60
C ASP L 81 -6.58 66.54 42.64
N ALA L 82 -6.38 67.80 42.27
CA ALA L 82 -6.68 68.89 43.19
C ALA L 82 -8.17 69.10 43.37
N SER L 83 -8.97 68.85 42.33
CA SER L 83 -10.41 69.08 42.41
C SER L 83 -11.11 68.16 43.38
N VAL L 84 -10.61 66.95 43.59
CA VAL L 84 -11.26 65.95 44.43
C VAL L 84 -10.25 65.48 45.47
N VAL L 85 -10.64 65.55 46.74
CA VAL L 85 -9.79 65.13 47.85
C VAL L 85 -10.67 64.59 48.97
N GLY L 86 -10.22 63.51 49.60
CA GLY L 86 -10.95 62.93 50.71
C GLY L 86 -11.07 61.42 50.65
N ASP L 87 -10.64 60.74 51.72
CA ASP L 87 -10.69 59.31 51.82
C ASP L 87 -9.90 58.59 50.72
N SER L 88 -8.64 58.98 50.60
CA SER L 88 -7.74 58.50 49.57
C SER L 88 -6.60 57.70 50.20
N GLN L 89 -6.17 56.64 49.53
CA GLN L 89 -5.02 55.87 50.00
C GLN L 89 -4.17 55.37 48.85
N THR L 90 -2.96 54.96 49.20
CA THR L 90 -1.94 54.53 48.26
C THR L 90 -2.09 53.04 47.96
N LEU L 91 -2.18 52.71 46.68
CA LEU L 91 -2.20 51.31 46.29
C LEU L 91 -0.82 50.69 46.49
N PRO L 92 -0.75 49.40 46.79
CA PRO L 92 0.55 48.75 47.01
C PRO L 92 1.33 48.63 45.70
N ASN L 93 2.63 48.40 45.85
CA ASN L 93 3.54 48.20 44.72
C ASN L 93 3.57 49.42 43.80
N GLY L 94 3.21 50.59 44.33
CA GLY L 94 3.24 51.81 43.56
C GLY L 94 2.32 51.80 42.36
N MET L 95 1.14 51.22 42.50
CA MET L 95 0.17 51.23 41.40
C MET L 95 -0.50 52.58 41.26
N GLY L 96 -0.49 53.38 42.33
CA GLY L 96 -1.06 54.72 42.26
C GLY L 96 -1.82 55.12 43.50
N GLN L 97 -2.87 55.91 43.32
CA GLN L 97 -3.71 56.38 44.42
C GLN L 97 -5.17 56.07 44.08
N ILE L 98 -5.96 55.81 45.11
CA ILE L 98 -7.40 55.62 44.93
C ILE L 98 -8.14 56.51 45.90
N CYS L 99 -9.35 56.91 45.53
CA CYS L 99 -10.19 57.78 46.34
C CYS L 99 -11.56 57.13 46.47
N TRP L 100 -12.02 56.96 47.71
CA TRP L 100 -13.37 56.52 47.98
C TRP L 100 -14.23 57.74 48.28
N LEU L 101 -15.23 57.98 47.43
CA LEU L 101 -16.00 59.21 47.46
C LEU L 101 -17.44 58.93 47.83
N THR L 102 -18.02 59.82 48.62
CA THR L 102 -19.43 59.75 48.94
C THR L 102 -20.27 60.06 47.71
N LYS L 103 -21.55 59.68 47.77
CA LYS L 103 -22.39 59.69 46.58
C LYS L 103 -22.45 61.07 45.93
N ASP L 104 -22.76 62.10 46.70
CA ASP L 104 -22.90 63.44 46.12
C ASP L 104 -21.57 63.96 45.60
N MET L 105 -20.48 63.76 46.36
CA MET L 105 -19.18 64.23 45.91
C MET L 105 -18.72 63.46 44.68
N ALA L 106 -19.06 62.16 44.62
CA ALA L 106 -18.72 61.37 43.44
C ALA L 106 -19.51 61.83 42.21
N HIS L 107 -20.78 62.18 42.40
CA HIS L 107 -21.54 62.75 41.28
C HIS L 107 -20.94 64.07 40.82
N LYS L 108 -20.51 64.91 41.76
CA LYS L 108 -19.84 66.14 41.39
C LYS L 108 -18.54 65.88 40.64
N ALA L 109 -17.77 64.89 41.08
CA ALA L 109 -16.53 64.55 40.38
C ALA L 109 -16.80 64.01 38.98
N GLN L 110 -17.85 63.19 38.83
CA GLN L 110 -18.22 62.71 37.50
C GLN L 110 -18.65 63.85 36.60
N GLY L 111 -19.40 64.81 37.15
CA GLY L 111 -19.73 66.01 36.38
C GLY L 111 -18.51 66.83 36.03
N PHE L 112 -17.48 66.79 36.87
CA PHE L 112 -16.24 67.52 36.60
C PHE L 112 -15.57 67.05 35.32
N GLY L 113 -15.82 65.83 34.88
CA GLY L 113 -15.25 65.33 33.65
C GLY L 113 -14.27 64.19 33.83
N LEU L 114 -14.52 63.36 34.86
CA LEU L 114 -13.69 62.19 35.12
C LEU L 114 -14.55 60.95 35.16
N ASP L 115 -13.90 59.80 35.33
CA ASP L 115 -14.59 58.52 35.44
C ASP L 115 -14.73 58.14 36.89
N VAL L 116 -15.93 57.72 37.28
CA VAL L 116 -16.23 57.28 38.63
C VAL L 116 -16.99 55.96 38.56
N PHE L 117 -16.54 54.98 39.33
CA PHE L 117 -17.08 53.63 39.26
C PHE L 117 -17.91 53.33 40.51
N ALA L 118 -18.99 52.58 40.32
CA ALA L 118 -19.88 52.21 41.40
C ALA L 118 -20.39 50.79 41.20
N GLY L 119 -20.39 50.01 42.27
CA GLY L 119 -20.86 48.64 42.22
C GLY L 119 -19.78 47.67 41.80
N SER L 120 -20.13 46.69 40.97
CA SER L 120 -19.15 45.72 40.49
C SER L 120 -17.99 46.41 39.78
N GLN L 121 -18.24 47.59 39.20
CA GLN L 121 -17.17 48.32 38.53
C GLN L 121 -16.02 48.62 39.48
N ARG L 122 -16.32 48.89 40.75
CA ARG L 122 -15.24 49.19 41.69
C ARG L 122 -14.26 48.04 41.80
N ILE L 123 -14.69 46.82 41.45
CA ILE L 123 -13.77 45.70 41.40
C ILE L 123 -12.95 45.75 40.11
N SER L 124 -13.63 45.92 38.97
CA SER L 124 -12.93 45.91 37.69
C SER L 124 -11.86 46.99 37.66
N ALA L 125 -12.23 48.23 37.97
CA ALA L 125 -11.27 49.33 37.91
C ALA L 125 -10.16 49.15 38.93
N LEU L 126 -10.33 48.23 39.88
CA LEU L 126 -9.19 47.83 40.70
C LEU L 126 -8.41 46.72 40.02
N LEU L 127 -9.08 45.63 39.67
CA LEU L 127 -8.40 44.49 39.05
C LEU L 127 -7.64 44.93 37.82
N LYS L 128 -8.28 45.72 36.95
CA LYS L 128 -7.64 46.18 35.74
C LYS L 128 -6.32 46.89 36.05
N CYS L 129 -6.30 47.73 37.09
CA CYS L 129 -5.06 48.40 37.45
C CYS L 129 -3.95 47.39 37.68
N VAL L 130 -4.25 46.34 38.46
CA VAL L 130 -3.25 45.29 38.68
C VAL L 130 -2.82 44.68 37.35
N LEU L 131 -3.79 44.38 36.48
CA LEU L 131 -3.43 43.75 35.22
C LEU L 131 -2.62 44.68 34.34
N LEU L 132 -2.66 45.99 34.58
CA LEU L 132 -1.85 46.89 33.78
C LEU L 132 -0.44 47.01 34.31
N ARG L 133 -0.17 46.42 35.48
CA ARG L 133 1.18 46.47 36.10
C ARG L 133 1.99 45.20 35.78
N HIS L 134 1.37 44.03 35.80
CA HIS L 134 2.07 42.74 35.55
C HIS L 134 1.72 42.20 34.16
N MET L 135 1.27 43.07 33.26
CA MET L 135 0.94 42.74 31.84
C MET L 135 2.00 41.88 31.15
N GLY L 136 3.28 42.27 31.21
CA GLY L 136 4.32 41.54 30.53
C GLY L 136 4.46 40.10 30.94
N GLU L 137 3.72 39.65 31.95
CA GLU L 137 3.75 38.27 32.37
C GLU L 137 2.75 37.40 31.63
N PHE L 138 1.85 37.98 30.85
CA PHE L 138 0.86 37.20 30.12
C PHE L 138 1.25 36.98 28.67
N ILE L 139 2.52 37.16 28.32
CA ILE L 139 3.01 36.97 26.96
C ILE L 139 4.32 36.20 27.03
N GLY L 140 4.25 34.90 26.77
CA GLY L 140 5.43 34.05 26.78
C GLY L 140 5.62 33.34 25.46
N VAL L 141 6.23 32.16 25.47
CA VAL L 141 6.36 31.39 24.24
C VAL L 141 5.02 30.81 23.84
N GLN L 142 4.24 30.33 24.80
CA GLN L 142 2.97 29.70 24.48
C GLN L 142 1.94 30.71 24.01
N GLU L 143 1.85 31.87 24.68
CA GLU L 143 0.92 32.89 24.23
C GLU L 143 1.31 33.43 22.86
N THR L 144 2.61 33.54 22.59
CA THR L 144 3.06 33.93 21.26
C THR L 144 2.64 32.90 20.22
N ARG L 145 2.76 31.62 20.55
CA ARG L 145 2.29 30.60 19.61
C ARG L 145 0.79 30.70 19.39
N TYR L 146 0.04 31.04 20.44
CA TYR L 146 -1.40 31.22 20.25
C TYR L 146 -1.69 32.40 19.33
N LEU L 147 -0.96 33.51 19.50
CA LEU L 147 -1.15 34.66 18.62
C LEU L 147 -0.82 34.32 17.17
N MET L 148 0.26 33.56 16.96
CA MET L 148 0.64 33.19 15.61
C MET L 148 -0.36 32.22 14.99
N ASN L 149 -0.93 31.33 15.80
CA ASN L 149 -1.98 30.45 15.30
C ASN L 149 -3.22 31.24 14.93
N ALA L 150 -3.55 32.26 15.71
CA ALA L 150 -4.68 33.12 15.37
C ALA L 150 -4.42 33.86 14.07
N MET L 151 -3.19 34.35 13.88
CA MET L 151 -2.85 35.05 12.65
C MET L 151 -2.69 34.13 11.45
N GLU L 152 -2.59 32.81 11.66
CA GLU L 152 -2.50 31.92 10.53
C GLU L 152 -3.77 31.83 9.70
N LYS L 153 -4.85 32.49 10.13
CA LYS L 153 -6.12 32.36 9.40
C LYS L 153 -6.12 33.24 8.17
N ASN L 154 -5.92 34.55 8.35
CA ASN L 154 -5.89 35.50 7.24
C ASN L 154 -4.49 35.80 6.73
N TYR L 155 -3.46 35.56 7.52
CA TYR L 155 -2.11 35.99 7.19
C TYR L 155 -1.09 34.87 7.04
N SER L 156 -1.55 33.72 6.52
CA SER L 156 -0.78 32.48 6.59
C SER L 156 0.65 32.67 6.11
N GLU L 157 0.84 33.38 4.99
CA GLU L 157 2.17 33.51 4.43
C GLU L 157 3.04 34.43 5.28
N LEU L 158 2.44 35.44 5.90
CA LEU L 158 3.21 36.32 6.77
C LEU L 158 3.77 35.54 7.96
N VAL L 159 2.94 34.72 8.59
CA VAL L 159 3.40 33.92 9.72
C VAL L 159 4.41 32.87 9.28
N LYS L 160 4.19 32.25 8.12
CA LYS L 160 5.14 31.24 7.64
C LYS L 160 6.50 31.87 7.36
N GLU L 161 6.52 33.02 6.70
CA GLU L 161 7.78 33.70 6.46
C GLU L 161 8.46 34.09 7.77
N LEU L 162 7.68 34.61 8.73
CA LEU L 162 8.28 34.98 10.01
C LEU L 162 8.90 33.78 10.71
N GLN L 163 8.19 32.65 10.73
CA GLN L 163 8.76 31.45 11.33
C GLN L 163 10.03 31.02 10.62
N ARG L 164 10.04 31.13 9.28
CA ARG L 164 11.26 30.81 8.54
C ARG L 164 12.39 31.75 8.91
N GLN L 165 12.08 32.98 9.30
CA GLN L 165 13.13 33.93 9.69
C GLN L 165 13.63 33.71 11.11
N LEU L 166 12.74 33.77 12.10
CA LEU L 166 13.10 33.76 13.50
C LEU L 166 12.47 32.57 14.22
N PRO L 167 13.19 31.99 15.18
CA PRO L 167 12.58 30.95 16.02
C PRO L 167 11.64 31.56 17.03
N ILE L 168 10.70 30.73 17.52
CA ILE L 168 9.57 31.26 18.28
C ILE L 168 10.03 31.90 19.59
N ASN L 169 11.16 31.48 20.14
CA ASN L 169 11.60 32.10 21.39
C ASN L 169 12.02 33.54 21.17
N LYS L 170 12.61 33.85 20.01
CA LYS L 170 13.00 35.24 19.73
C LYS L 170 11.78 36.11 19.45
N ILE L 171 10.78 35.57 18.77
CA ILE L 171 9.54 36.33 18.55
C ILE L 171 8.86 36.60 19.88
N ALA L 172 8.81 35.59 20.77
CA ALA L 172 8.21 35.79 22.07
C ALA L 172 8.99 36.80 22.89
N GLU L 173 10.32 36.78 22.80
CA GLU L 173 11.13 37.78 23.49
C GLU L 173 10.84 39.19 22.97
N THR L 174 10.70 39.33 21.65
CA THR L 174 10.39 40.64 21.08
C THR L 174 9.03 41.13 21.55
N LEU L 175 8.01 40.27 21.50
CA LEU L 175 6.68 40.68 21.92
C LEU L 175 6.65 41.01 23.41
N GLN L 176 7.36 40.23 24.22
CA GLN L 176 7.42 40.52 25.65
C GLN L 176 8.10 41.86 25.91
N ARG L 177 9.19 42.14 25.20
CA ARG L 177 9.89 43.39 25.40
C ARG L 177 9.07 44.58 24.93
N LEU L 178 8.20 44.36 23.94
CA LEU L 178 7.30 45.42 23.53
C LEU L 178 6.17 45.64 24.52
N VAL L 179 5.64 44.54 25.07
CA VAL L 179 4.48 44.65 26.02
C VAL L 179 4.96 45.30 27.32
N SER L 180 6.18 44.97 27.77
CA SER L 180 6.64 45.48 29.05
C SER L 180 7.02 46.96 29.00
N GLU L 181 6.66 47.66 27.92
CA GLU L 181 6.88 49.10 27.82
C GLU L 181 5.61 49.89 27.55
N ARG L 182 4.45 49.24 27.70
CA ARG L 182 3.16 49.83 27.33
C ARG L 182 3.10 50.19 25.85
N VAL L 183 3.68 49.35 24.99
CA VAL L 183 3.50 49.45 23.55
C VAL L 183 2.58 48.33 23.12
N SER L 184 1.47 48.68 22.48
CA SER L 184 0.48 47.67 22.13
C SER L 184 1.02 46.78 21.02
N ILE L 185 0.73 45.48 21.13
CA ILE L 185 1.07 44.53 20.08
C ILE L 185 -0.22 44.14 19.37
N ARG L 186 -1.19 45.04 19.38
CA ARG L 186 -2.45 44.79 18.68
C ARG L 186 -2.23 44.67 17.18
N ASP L 187 -1.37 45.52 16.62
CA ASP L 187 -1.07 45.50 15.19
C ASP L 187 0.04 44.48 14.94
N LEU L 188 -0.39 43.24 14.71
CA LEU L 188 0.58 42.17 14.54
C LEU L 188 1.06 42.09 13.09
N ARG L 189 0.27 42.55 12.14
CA ARG L 189 0.72 42.56 10.75
C ARG L 189 1.95 43.42 10.60
N LEU L 190 1.94 44.63 11.17
CA LEU L 190 3.09 45.52 11.05
C LEU L 190 4.29 44.99 11.83
N ILE L 191 4.05 44.40 13.01
CA ILE L 191 5.15 43.87 13.79
C ILE L 191 5.83 42.72 13.06
N PHE L 192 5.03 41.80 12.52
CA PHE L 192 5.61 40.69 11.77
C PHE L 192 6.31 41.17 10.51
N GLY L 193 5.76 42.21 9.86
CA GLY L 193 6.43 42.77 8.70
C GLY L 193 7.79 43.36 9.04
N THR L 194 7.87 44.07 10.16
CA THR L 194 9.14 44.67 10.54
C THR L 194 10.16 43.60 10.97
N LEU L 195 9.68 42.55 11.65
CA LEU L 195 10.59 41.46 12.00
C LEU L 195 11.06 40.72 10.76
N ILE L 196 10.21 40.60 9.75
CA ILE L 196 10.63 39.95 8.51
C ILE L 196 11.64 40.82 7.77
N ASP L 197 11.43 42.13 7.77
CA ASP L 197 12.40 43.02 7.13
C ASP L 197 13.75 42.96 7.81
N TRP L 198 13.79 43.14 9.13
CA TRP L 198 15.05 43.34 9.84
C TRP L 198 15.63 42.07 10.46
N ALA L 199 14.98 40.92 10.29
CA ALA L 199 15.55 39.68 10.83
C ALA L 199 16.84 39.27 10.15
N PRO L 200 16.96 39.26 8.81
CA PRO L 200 18.25 38.89 8.21
C PRO L 200 19.38 39.85 8.55
N ARG L 201 19.09 41.14 8.73
CA ARG L 201 20.12 42.15 8.92
C ARG L 201 20.41 42.45 10.38
N GLU L 202 19.85 41.69 11.32
CA GLU L 202 20.08 41.96 12.73
C GLU L 202 19.90 40.68 13.52
N LYS L 203 20.68 40.52 14.59
CA LYS L 203 20.60 39.36 15.45
C LYS L 203 20.36 39.70 16.91
N ASP L 204 20.59 40.95 17.31
CA ASP L 204 20.35 41.36 18.68
C ASP L 204 18.87 41.66 18.87
N VAL L 205 18.18 40.77 19.61
CA VAL L 205 16.73 40.87 19.73
C VAL L 205 16.33 42.22 20.32
N LEU L 206 17.19 42.82 21.13
CA LEU L 206 16.92 44.17 21.62
C LEU L 206 16.85 45.16 20.46
N MET L 207 17.71 45.00 19.46
CA MET L 207 17.67 45.93 18.34
C MET L 207 16.49 45.66 17.42
N LEU L 208 16.09 44.40 17.28
CA LEU L 208 14.85 44.11 16.56
C LEU L 208 13.67 44.77 17.25
N THR L 209 13.64 44.72 18.58
CA THR L 209 12.59 45.40 19.32
C THR L 209 12.64 46.91 19.11
N GLU L 210 13.85 47.46 19.04
CA GLU L 210 13.97 48.90 18.77
C GLU L 210 13.41 49.24 17.39
N TYR L 211 13.71 48.41 16.39
CA TYR L 211 13.19 48.68 15.05
C TYR L 211 11.67 48.55 15.01
N VAL L 212 11.11 47.57 15.73
CA VAL L 212 9.66 47.43 15.78
C VAL L 212 9.03 48.62 16.49
N ARG L 213 9.70 49.14 17.52
CA ARG L 213 9.19 50.32 18.21
C ARG L 213 9.22 51.54 17.29
N ILE L 214 10.27 51.67 16.48
CA ILE L 214 10.35 52.80 15.55
C ILE L 214 9.26 52.69 14.49
N ALA L 215 9.02 51.48 13.98
CA ALA L 215 7.97 51.31 12.98
C ALA L 215 6.59 51.55 13.55
N LEU L 216 6.45 51.52 14.88
CA LEU L 216 5.18 51.77 15.57
C LEU L 216 5.13 53.15 16.19
N ARG L 217 5.92 54.10 15.69
CA ARG L 217 6.05 55.38 16.39
C ARG L 217 4.76 56.17 16.37
N ARG L 218 3.97 56.08 15.30
CA ARG L 218 2.71 56.82 15.25
C ARG L 218 1.77 56.33 16.33
N HIS L 219 1.67 55.01 16.51
CA HIS L 219 0.81 54.48 17.56
C HIS L 219 1.28 54.90 18.95
N ILE L 220 2.59 54.85 19.19
CA ILE L 220 3.11 55.21 20.51
C ILE L 220 2.79 56.67 20.81
N LEU L 221 3.06 57.56 19.85
CA LEU L 221 2.82 58.98 20.09
C LEU L 221 1.35 59.33 20.02
N ARG L 222 0.49 58.41 19.58
CA ARG L 222 -0.94 58.64 19.72
C ARG L 222 -1.42 58.19 21.10
N ARG L 223 -0.94 57.04 21.57
CA ARG L 223 -1.41 56.52 22.84
C ARG L 223 -0.88 57.33 24.02
N LEU L 224 0.34 57.88 23.91
CA LEU L 224 0.87 58.69 25.01
C LEU L 224 0.01 59.93 25.24
N ASN L 225 -0.37 60.61 24.16
CA ASN L 225 -1.28 61.75 24.28
C ASN L 225 -2.34 61.71 23.20
N PRO L 226 -3.57 61.33 23.53
CA PRO L 226 -4.59 61.15 22.48
C PRO L 226 -4.85 62.41 21.68
N GLU L 227 -4.81 63.59 22.29
CA GLU L 227 -4.97 64.84 21.57
C GLU L 227 -3.65 65.25 20.93
N GLY L 228 -3.76 66.17 19.97
CA GLY L 228 -2.59 66.68 19.30
C GLY L 228 -1.83 67.74 20.07
N LYS L 229 -2.29 68.10 21.26
CA LYS L 229 -1.66 69.14 22.04
C LYS L 229 -0.25 68.72 22.46
N PRO L 230 0.67 69.67 22.52
CA PRO L 230 2.04 69.34 22.96
C PRO L 230 2.13 69.05 24.45
N LEU L 231 2.69 67.90 24.80
CA LEU L 231 2.94 67.54 26.19
C LEU L 231 4.42 67.65 26.53
N PRO L 232 4.74 67.88 27.81
CA PRO L 232 6.12 68.20 28.18
C PRO L 232 7.10 67.08 27.82
N ILE L 233 8.30 67.49 27.43
CA ILE L 233 9.38 66.58 27.06
C ILE L 233 10.63 66.96 27.83
N LEU L 234 11.25 65.97 28.47
CA LEU L 234 12.48 66.13 29.23
C LEU L 234 13.62 65.55 28.40
N ARG L 235 14.44 66.42 27.82
CA ARG L 235 15.55 65.98 27.01
C ARG L 235 16.64 65.37 27.87
N ILE L 236 17.43 64.49 27.27
CA ILE L 236 18.66 64.02 27.91
C ILE L 236 19.86 64.64 27.20
N GLY L 237 20.70 65.33 27.96
CA GLY L 237 21.81 66.04 27.37
C GLY L 237 22.87 65.12 26.82
N GLU L 238 23.82 65.72 26.08
CA GLU L 238 24.84 64.93 25.41
C GLU L 238 25.77 64.24 26.39
N GLY L 239 25.89 64.75 27.62
CA GLY L 239 26.78 64.12 28.58
C GLY L 239 26.36 62.70 28.92
N ILE L 240 25.08 62.53 29.26
CA ILE L 240 24.59 61.19 29.62
C ILE L 240 24.59 60.29 28.40
N GLU L 241 24.25 60.83 27.23
CA GLU L 241 24.24 60.03 26.01
C GLU L 241 25.64 59.51 25.70
N ASN L 242 26.66 60.36 25.86
CA ASN L 242 28.03 59.93 25.61
C ASN L 242 28.51 58.98 26.70
N LEU L 243 28.07 59.17 27.94
CA LEU L 243 28.46 58.26 29.01
C LEU L 243 27.94 56.86 28.76
N VAL L 244 26.65 56.74 28.40
CA VAL L 244 26.08 55.41 28.19
C VAL L 244 26.47 54.84 26.83
N ARG L 245 26.86 55.70 25.88
CA ARG L 245 27.25 55.23 24.56
C ARG L 245 28.66 54.64 24.58
N GLU L 246 29.54 55.18 25.43
CA GLU L 246 30.90 54.70 25.52
C GLU L 246 31.02 53.34 26.19
N SER L 247 30.07 52.99 27.05
CA SER L 247 30.15 51.76 27.85
C SER L 247 29.51 50.56 27.18
N ILE L 248 29.28 50.61 25.87
CA ILE L 248 28.57 49.53 25.18
C ILE L 248 29.53 48.39 24.91
N ARG L 249 29.25 47.23 25.48
CA ARG L 249 30.10 46.06 25.34
C ARG L 249 29.32 44.95 24.65
N GLN L 250 29.88 44.39 23.59
CA GLN L 250 29.17 43.45 22.74
C GLN L 250 29.75 42.05 22.87
N THR L 251 28.87 41.06 22.95
CA THR L 251 29.20 39.65 22.88
C THR L 251 28.42 39.01 21.74
N ALA L 252 28.66 37.72 21.51
CA ALA L 252 28.09 37.03 20.36
C ALA L 252 26.57 37.12 20.32
N MET L 253 25.92 37.38 21.45
CA MET L 253 24.47 37.45 21.51
C MET L 253 23.95 38.88 21.45
N GLY L 254 24.81 39.89 21.30
CA GLY L 254 24.35 41.25 21.19
C GLY L 254 25.12 42.17 22.12
N THR L 255 24.68 43.42 22.18
CA THR L 255 25.36 44.46 22.95
C THR L 255 24.60 44.72 24.24
N TYR L 256 25.35 45.00 25.31
CA TYR L 256 24.78 45.40 26.58
C TYR L 256 25.53 46.62 27.09
N THR L 257 25.06 47.16 28.21
CA THR L 257 25.68 48.30 28.85
C THR L 257 26.44 47.85 30.09
N ALA L 258 27.53 48.55 30.41
CA ALA L 258 28.36 48.24 31.56
C ALA L 258 28.77 49.55 32.22
N LEU L 259 27.98 49.98 33.19
CA LEU L 259 28.23 51.23 33.92
C LEU L 259 28.51 50.94 35.38
N SER L 260 29.19 51.87 36.03
CA SER L 260 29.38 51.81 37.47
C SER L 260 28.06 52.05 38.19
N SER L 261 27.90 51.39 39.33
CA SER L 261 26.67 51.56 40.11
C SER L 261 26.48 53.01 40.54
N ARG L 262 27.58 53.74 40.75
CA ARG L 262 27.48 55.15 41.10
C ARG L 262 26.83 55.95 39.97
N HIS L 263 27.21 55.66 38.73
CA HIS L 263 26.62 56.34 37.58
C HIS L 263 25.12 56.14 37.53
N LYS L 264 24.68 54.88 37.64
CA LYS L 264 23.25 54.61 37.60
C LYS L 264 22.52 55.27 38.76
N THR L 265 23.09 55.19 39.97
CA THR L 265 22.43 55.77 41.12
C THR L 265 22.27 57.27 40.97
N GLN L 266 23.32 57.96 40.51
CA GLN L 266 23.21 59.40 40.33
C GLN L 266 22.22 59.76 39.23
N ILE L 267 22.21 59.00 38.13
CA ILE L 267 21.30 59.31 37.04
C ILE L 267 19.84 59.17 37.49
N LEU L 268 19.53 58.06 38.16
CA LEU L 268 18.16 57.88 38.67
C LEU L 268 17.82 58.93 39.73
N GLN L 269 18.77 59.26 40.61
CA GLN L 269 18.48 60.25 41.65
C GLN L 269 18.13 61.60 41.04
N LEU L 270 18.88 62.03 40.03
CA LEU L 270 18.59 63.32 39.42
C LEU L 270 17.34 63.27 38.54
N ILE L 271 17.06 62.12 37.90
CA ILE L 271 15.84 62.01 37.12
C ILE L 271 14.62 62.12 38.02
N GLU L 272 14.64 61.43 39.16
CA GLU L 272 13.56 61.59 40.13
C GLU L 272 13.53 63.01 40.68
N GLN L 273 14.69 63.65 40.80
CA GLN L 273 14.73 65.06 41.18
C GLN L 273 14.06 65.93 40.13
N ALA L 274 14.22 65.59 38.86
CA ALA L 274 13.64 66.37 37.77
C ALA L 274 12.20 65.97 37.45
N LEU L 275 11.69 64.89 38.05
CA LEU L 275 10.35 64.43 37.78
C LEU L 275 9.30 64.98 38.74
N LYS L 276 9.72 65.57 39.87
CA LYS L 276 8.75 66.10 40.83
C LYS L 276 8.26 67.48 40.46
N GLN L 277 8.82 68.09 39.41
CA GLN L 277 8.35 69.43 39.00
C GLN L 277 7.00 69.37 38.31
N SER L 278 6.76 68.34 37.49
CA SER L 278 5.49 68.16 36.80
C SER L 278 5.07 66.70 36.89
N ALA L 279 3.77 66.46 36.78
CA ALA L 279 3.24 65.11 36.98
C ALA L 279 3.71 64.15 35.90
N LYS L 280 3.62 64.56 34.64
CA LYS L 280 3.97 63.69 33.52
C LYS L 280 5.11 64.29 32.71
N LEU L 281 6.12 63.47 32.44
CA LEU L 281 7.25 63.87 31.62
C LEU L 281 7.70 62.70 30.76
N PHE L 282 7.96 62.99 29.49
CA PHE L 282 8.47 62.01 28.55
C PHE L 282 9.97 62.23 28.41
N ILE L 283 10.77 61.29 28.90
CA ILE L 283 12.21 61.39 28.78
C ILE L 283 12.61 61.00 27.36
N VAL L 284 13.37 61.87 26.71
CA VAL L 284 13.73 61.70 25.31
C VAL L 284 15.24 61.70 25.16
N THR L 285 15.78 60.65 24.55
CA THR L 285 17.21 60.51 24.34
C THR L 285 17.44 60.04 22.90
N SER L 286 18.70 59.76 22.57
CA SER L 286 19.06 59.33 21.23
C SER L 286 18.64 57.88 21.00
N VAL L 287 18.73 57.46 19.73
CA VAL L 287 18.34 56.09 19.38
C VAL L 287 19.33 55.09 19.94
N ASP L 288 20.62 55.36 19.79
CA ASP L 288 21.66 54.43 20.19
C ASP L 288 21.79 54.32 21.71
N THR L 289 21.21 55.27 22.45
CA THR L 289 21.29 55.26 23.90
C THR L 289 19.94 55.07 24.56
N ARG L 290 18.88 54.83 23.81
CA ARG L 290 17.55 54.75 24.40
C ARG L 290 17.30 53.48 25.20
N ARG L 291 17.44 52.32 24.56
CA ARG L 291 17.12 51.07 25.22
C ARG L 291 17.99 50.86 26.46
N PHE L 292 19.30 51.12 26.34
CA PHE L 292 20.18 50.96 27.49
C PHE L 292 19.73 51.84 28.64
N LEU L 293 19.41 53.10 28.36
CA LEU L 293 18.89 53.96 29.42
C LEU L 293 17.65 53.35 30.04
N ARG L 294 16.76 52.79 29.22
CA ARG L 294 15.57 52.14 29.76
C ARG L 294 15.95 51.03 30.73
N LYS L 295 16.96 50.23 30.38
CA LYS L 295 17.28 49.11 31.24
C LYS L 295 18.15 49.52 32.42
N ILE L 296 18.39 50.82 32.62
CA ILE L 296 18.89 51.27 33.91
C ILE L 296 17.82 52.00 34.70
N THR L 297 16.64 52.20 34.12
CA THR L 297 15.55 52.86 34.82
C THR L 297 14.27 52.05 34.88
N GLU L 298 14.28 50.80 34.41
CA GLU L 298 13.07 49.98 34.44
C GLU L 298 12.76 49.46 35.83
N ALA L 299 13.79 49.17 36.63
CA ALA L 299 13.58 48.55 37.94
C ALA L 299 12.82 49.48 38.88
N THR L 300 13.18 50.77 38.89
CA THR L 300 12.58 51.74 39.80
C THR L 300 11.48 52.56 39.13
N LEU L 301 11.79 53.20 38.02
CA LEU L 301 10.85 54.08 37.32
C LEU L 301 10.23 53.29 36.17
N PHE L 302 9.29 52.41 36.51
CA PHE L 302 8.66 51.56 35.52
C PHE L 302 7.61 52.29 34.68
N ASP L 303 6.90 53.25 35.27
CA ASP L 303 5.75 53.86 34.61
C ASP L 303 6.08 55.14 33.86
N VAL L 304 7.35 55.51 33.76
CA VAL L 304 7.75 56.68 32.98
C VAL L 304 8.14 56.21 31.58
N PRO L 305 7.61 56.82 30.52
CA PRO L 305 7.94 56.36 29.17
C PRO L 305 9.24 56.94 28.65
N ILE L 306 10.15 56.09 28.21
CA ILE L 306 11.43 56.51 27.68
C ILE L 306 11.34 56.49 26.16
N LEU L 307 11.02 57.63 25.56
CA LEU L 307 10.91 57.74 24.12
C LEU L 307 12.29 57.95 23.52
N SER L 308 12.31 58.12 22.19
CA SER L 308 13.54 58.35 21.46
C SER L 308 13.33 59.51 20.49
N TRP L 309 14.42 59.94 19.84
CA TRP L 309 14.30 61.04 18.90
C TRP L 309 13.66 60.60 17.59
N GLN L 310 14.04 59.42 17.09
CA GLN L 310 13.46 58.94 15.84
C GLN L 310 11.99 58.57 16.00
N GLU L 311 11.54 58.26 17.22
CA GLU L 311 10.14 57.96 17.46
C GLU L 311 9.27 59.21 17.42
N LEU L 312 9.86 60.38 17.63
CA LEU L 312 9.18 61.66 17.45
C LEU L 312 9.58 62.24 16.10
N GLY L 313 8.71 62.10 15.12
CA GLY L 313 8.98 62.61 13.80
C GLY L 313 9.05 64.13 13.78
N GLU L 314 9.32 64.66 12.58
CA GLU L 314 9.39 66.10 12.41
C GLU L 314 8.04 66.79 12.59
N GLU L 315 6.95 66.03 12.63
CA GLU L 315 5.61 66.59 12.77
C GLU L 315 5.19 66.80 14.21
N SER L 316 5.98 66.35 15.17
CA SER L 316 5.70 66.57 16.60
C SER L 316 6.66 67.62 17.14
N LEU L 317 6.11 68.72 17.64
CA LEU L 317 6.95 69.76 18.23
C LEU L 317 7.29 69.34 19.65
N ILE L 318 8.40 69.86 20.16
CA ILE L 318 9.00 69.30 21.36
C ILE L 318 8.47 69.98 22.62
N GLN L 319 8.70 71.29 22.76
CA GLN L 319 8.41 72.01 23.99
C GLN L 319 9.22 71.42 25.15
N VAL L 320 10.54 71.57 25.04
CA VAL L 320 11.44 71.09 26.09
C VAL L 320 11.04 71.76 27.40
N VAL L 321 11.06 71.00 28.48
CA VAL L 321 10.82 71.54 29.82
C VAL L 321 12.10 71.65 30.62
N GLU L 322 12.94 70.62 30.58
CA GLU L 322 14.23 70.64 31.26
C GLU L 322 15.25 69.92 30.40
N SER L 323 16.52 70.25 30.62
CA SER L 323 17.63 69.64 29.86
C SER L 323 18.62 69.08 30.87
N ILE L 324 18.52 67.79 31.14
CA ILE L 324 19.41 67.10 32.06
C ILE L 324 20.76 66.88 31.37
N ASP L 325 21.85 67.09 32.11
CA ASP L 325 23.18 66.86 31.57
C ASP L 325 24.13 66.50 32.70
N LEU L 326 25.15 65.71 32.40
CA LEU L 326 26.16 65.32 33.37
C LEU L 326 27.50 65.10 32.70
N SER L 327 28.55 65.04 33.52
CA SER L 327 29.81 64.42 33.18
C SER L 327 29.93 63.14 34.01
N GLU L 328 31.05 62.44 33.87
CA GLU L 328 31.22 61.18 34.58
C GLU L 328 31.25 61.42 36.10
N GLU L 329 31.39 60.32 36.85
CA GLU L 329 31.45 60.36 38.29
C GLU L 329 32.74 59.75 38.85
N GLU L 330 33.12 58.56 38.40
CA GLU L 330 34.28 57.89 38.97
C GLU L 330 35.57 58.65 38.66
N LEU L 331 35.75 59.06 37.41
CA LEU L 331 36.94 59.82 37.04
C LEU L 331 36.93 61.20 37.69
N ALA L 332 35.83 61.94 37.54
CA ALA L 332 35.66 63.26 38.13
C ALA L 332 34.21 63.67 37.93
N ASP L 333 33.65 64.36 38.92
CA ASP L 333 32.25 64.73 38.86
C ASP L 333 31.97 65.68 37.69
N ASN L 334 32.45 66.91 37.78
CA ASN L 334 32.44 67.91 36.71
C ASN L 334 31.01 68.35 36.45
N GLU L 335 29.99 67.63 36.93
CA GLU L 335 28.63 68.14 36.89
C GLU L 335 27.90 67.90 38.21
N GLU L 336 28.17 66.77 38.85
CA GLU L 336 27.46 66.35 40.04
C GLU L 336 28.27 66.62 41.31
N MET M 1 -11.99 37.32 20.77
CA MET M 1 -10.64 37.94 20.79
C MET M 1 -9.92 37.48 19.53
N VAL M 2 -9.99 38.26 18.44
CA VAL M 2 -9.36 37.85 17.16
C VAL M 2 -8.05 38.63 16.92
N PRO M 3 -6.83 38.08 17.07
CA PRO M 3 -5.57 38.76 16.75
C PRO M 3 -5.60 39.36 15.35
N GLY M 4 -4.87 40.46 15.18
CA GLY M 4 -4.81 41.14 13.91
C GLY M 4 -5.86 42.23 13.80
N ALA M 5 -5.42 43.48 13.64
CA ALA M 5 -6.35 44.60 13.64
C ALA M 5 -7.27 44.54 12.43
N CYS M 6 -8.42 45.17 12.55
CA CYS M 6 -9.35 45.27 11.42
C CYS M 6 -8.79 46.27 10.42
N PRO M 7 -8.63 45.90 9.15
CA PRO M 7 -7.83 46.74 8.25
C PRO M 7 -8.35 48.16 8.06
N LEU M 8 -9.57 48.32 7.56
CA LEU M 8 -10.05 49.64 7.13
C LEU M 8 -11.46 49.84 7.66
N ILE M 9 -11.62 50.85 8.52
CA ILE M 9 -12.89 51.13 9.17
C ILE M 9 -13.25 52.59 8.93
N LEU M 10 -14.49 52.83 8.52
CA LEU M 10 -15.00 54.19 8.32
C LEU M 10 -16.15 54.40 9.28
N ARG M 11 -15.97 55.30 10.25
CA ARG M 11 -16.98 55.59 11.25
C ARG M 11 -17.67 56.90 10.90
N LEU M 12 -19.00 56.86 10.82
CA LEU M 12 -19.81 58.00 10.41
C LEU M 12 -20.93 58.24 11.40
N SER M 13 -21.27 59.52 11.58
CA SER M 13 -22.49 59.87 12.28
C SER M 13 -23.69 59.51 11.40
N PRO M 14 -24.81 59.09 12.00
CA PRO M 14 -25.89 58.50 11.20
C PRO M 14 -26.51 59.47 10.20
N THR M 15 -26.32 60.78 10.39
CA THR M 15 -26.75 61.73 9.37
C THR M 15 -25.98 61.53 8.07
N LEU M 16 -24.65 61.35 8.15
CA LEU M 16 -23.82 61.18 6.97
C LEU M 16 -24.03 59.84 6.30
N HIS M 17 -24.55 58.85 7.02
CA HIS M 17 -24.77 57.53 6.45
C HIS M 17 -25.82 57.63 5.35
N SER M 18 -25.81 56.66 4.44
CA SER M 18 -26.75 56.66 3.32
C SER M 18 -26.96 55.24 2.85
N ALA M 19 -27.74 55.10 1.77
CA ALA M 19 -28.10 53.78 1.27
C ALA M 19 -27.21 53.35 0.12
N ASP M 20 -26.71 54.31 -0.67
CA ASP M 20 -25.82 54.03 -1.78
C ASP M 20 -24.35 54.14 -1.38
N LEU M 21 -24.07 54.27 -0.08
CA LEU M 21 -22.69 54.40 0.36
C LEU M 21 -21.90 53.14 0.05
N ILE M 22 -22.50 51.97 0.19
CA ILE M 22 -21.78 50.73 -0.05
C ILE M 22 -21.29 50.66 -1.49
N ARG M 23 -22.16 50.95 -2.45
CA ARG M 23 -21.76 50.85 -3.84
C ARG M 23 -20.83 51.98 -4.25
N ASP M 24 -20.98 53.16 -3.65
CA ASP M 24 -20.04 54.25 -3.93
C ASP M 24 -18.64 53.91 -3.42
N ILE M 25 -18.53 53.38 -2.21
CA ILE M 25 -17.23 52.96 -1.69
C ILE M 25 -16.65 51.83 -2.52
N ASP M 26 -17.49 50.89 -2.96
CA ASP M 26 -16.97 49.81 -3.79
C ASP M 26 -16.46 50.33 -5.13
N ALA M 27 -17.16 51.30 -5.73
CA ALA M 27 -16.68 51.89 -6.97
C ALA M 27 -15.37 52.62 -6.76
N MET M 28 -15.23 53.34 -5.64
CA MET M 28 -13.97 54.01 -5.35
C MET M 28 -12.85 53.00 -5.16
N ARG M 29 -13.13 51.89 -4.48
CA ARG M 29 -12.10 50.86 -4.29
C ARG M 29 -11.68 50.26 -5.63
N TRP M 30 -12.64 50.01 -6.51
CA TRP M 30 -12.29 49.46 -7.82
C TRP M 30 -11.49 50.45 -8.64
N PHE M 31 -11.82 51.75 -8.55
CA PHE M 31 -11.02 52.74 -9.26
C PHE M 31 -9.61 52.79 -8.70
N LEU M 32 -9.46 52.71 -7.38
CA LEU M 32 -8.13 52.75 -6.79
C LEU M 32 -7.31 51.53 -7.18
N PHE M 33 -7.97 50.37 -7.31
CA PHE M 33 -7.24 49.19 -7.75
C PHE M 33 -6.85 49.28 -9.21
N GLU M 34 -7.74 49.80 -10.06
CA GLU M 34 -7.39 49.97 -11.46
C GLU M 34 -6.29 51.01 -11.65
N ASP M 35 -6.21 51.98 -10.75
CA ASP M 35 -5.20 53.03 -10.90
C ASP M 35 -3.85 52.62 -10.32
N THR M 36 -3.82 52.15 -9.07
CA THR M 36 -2.56 51.88 -8.40
C THR M 36 -2.24 50.40 -8.22
N GLY M 37 -3.13 49.50 -8.61
CA GLY M 37 -2.80 48.09 -8.64
C GLY M 37 -2.79 47.38 -7.30
N VAL M 38 -3.05 48.08 -6.21
CA VAL M 38 -3.03 47.49 -4.87
C VAL M 38 -4.46 47.08 -4.51
N PRO M 39 -4.72 45.82 -4.25
CA PRO M 39 -6.09 45.40 -3.91
C PRO M 39 -6.42 45.72 -2.47
N LEU M 40 -7.27 46.73 -2.27
CA LEU M 40 -7.61 47.22 -0.95
C LEU M 40 -8.58 46.29 -0.22
N PRO M 41 -8.52 46.26 1.10
CA PRO M 41 -9.45 45.43 1.87
C PRO M 41 -10.78 46.14 2.05
N GLU M 42 -11.80 45.33 2.36
CA GLU M 42 -13.17 45.85 2.44
C GLU M 42 -13.28 46.93 3.51
N VAL M 43 -13.96 48.01 3.16
CA VAL M 43 -14.20 49.11 4.10
C VAL M 43 -15.37 48.74 4.99
N ASN M 44 -15.15 48.74 6.30
CA ASN M 44 -16.18 48.40 7.27
C ASN M 44 -16.87 49.68 7.73
N ILE M 45 -18.15 49.81 7.42
CA ILE M 45 -18.93 50.98 7.79
C ILE M 45 -19.43 50.81 9.21
N GLU M 46 -19.08 51.76 10.09
CA GLU M 46 -19.50 51.73 11.47
C GLU M 46 -20.14 53.07 11.80
N VAL M 47 -21.09 53.06 12.75
CA VAL M 47 -21.87 54.24 13.09
C VAL M 47 -21.29 54.87 14.34
N LEU M 48 -21.00 56.16 14.27
CA LEU M 48 -20.40 56.89 15.39
C LEU M 48 -21.40 57.93 15.90
N PRO M 49 -22.10 57.68 17.00
CA PRO M 49 -23.08 58.67 17.49
C PRO M 49 -22.41 59.95 17.95
N GLU M 50 -22.71 61.06 17.29
CA GLU M 50 -22.08 62.32 17.57
C GLU M 50 -23.02 63.44 17.16
N PRO M 51 -23.31 64.40 18.04
CA PRO M 51 -24.14 65.54 17.62
C PRO M 51 -23.54 66.33 16.47
N THR M 52 -22.21 66.48 16.44
CA THR M 52 -21.53 67.18 15.36
C THR M 52 -21.32 66.24 14.20
N GLU M 53 -21.43 66.76 12.98
CA GLU M 53 -21.24 65.97 11.77
C GLU M 53 -19.77 65.64 11.61
N LYS M 54 -19.38 64.42 11.98
CA LYS M 54 -17.98 64.01 12.03
C LYS M 54 -17.82 62.62 11.45
N LEU M 55 -16.69 62.39 10.79
CA LEU M 55 -16.32 61.07 10.31
C LEU M 55 -14.86 60.78 10.67
N THR M 56 -14.55 59.51 10.86
CA THR M 56 -13.20 59.06 11.12
C THR M 56 -12.85 57.89 10.23
N VAL M 57 -11.59 57.85 9.81
CA VAL M 57 -11.05 56.74 9.02
C VAL M 57 -9.94 56.10 9.83
N LEU M 58 -10.07 54.81 10.07
CA LEU M 58 -9.19 54.04 10.94
C LEU M 58 -8.48 52.97 10.11
N LEU M 59 -7.16 53.03 10.08
CA LEU M 59 -6.33 52.03 9.44
C LEU M 59 -5.73 51.12 10.51
N TYR M 60 -6.15 49.86 10.52
CA TYR M 60 -5.70 48.89 11.52
C TYR M 60 -5.98 49.39 12.93
N GLN M 61 -7.14 50.03 13.09
CA GLN M 61 -7.68 50.51 14.35
C GLN M 61 -6.88 51.64 14.96
N GLU M 62 -5.95 52.24 14.21
CA GLU M 62 -5.28 53.44 14.65
C GLU M 62 -5.82 54.61 13.84
N PRO M 63 -6.59 55.52 14.44
CA PRO M 63 -7.30 56.53 13.65
C PRO M 63 -6.37 57.47 12.91
N VAL M 64 -6.38 57.39 11.58
CA VAL M 64 -5.53 58.25 10.76
C VAL M 64 -6.25 59.45 10.21
N PHE M 65 -7.59 59.45 10.19
CA PHE M 65 -8.31 60.60 9.67
C PHE M 65 -9.49 60.92 10.57
N SER M 66 -9.69 62.21 10.85
CA SER M 66 -10.79 62.66 11.68
C SER M 66 -11.22 64.04 11.22
N LEU M 67 -12.39 64.13 10.61
CA LEU M 67 -12.83 65.41 10.04
C LEU M 67 -14.27 65.68 10.43
N SER M 68 -14.55 66.91 10.80
CA SER M 68 -15.90 67.35 11.15
C SER M 68 -16.40 68.30 10.07
N ILE M 69 -17.31 67.75 9.25
CA ILE M 69 -17.89 68.34 8.01
C ILE M 69 -18.97 69.35 8.33
N PRO M 70 -18.75 70.67 8.21
CA PRO M 70 -19.76 71.65 8.57
C PRO M 70 -21.07 71.49 7.79
N ALA M 71 -22.20 71.72 8.47
CA ALA M 71 -23.60 71.58 7.98
C ALA M 71 -23.89 72.55 6.84
N GLN M 72 -23.25 73.71 6.87
CA GLN M 72 -23.45 74.78 5.85
C GLN M 72 -23.03 74.29 4.46
N ALA M 73 -21.92 73.55 4.34
CA ALA M 73 -21.46 73.06 3.02
C ALA M 73 -22.13 71.74 2.63
N ASP M 74 -22.61 71.66 1.39
CA ASP M 74 -23.31 70.47 0.88
C ASP M 74 -22.69 70.00 -0.43
N TYR M 75 -21.70 70.76 -0.95
CA TYR M 75 -21.02 70.49 -2.24
C TYR M 75 -19.51 70.39 -2.00
N LEU M 76 -18.82 69.32 -2.43
CA LEU M 76 -17.41 69.21 -2.04
C LEU M 76 -16.51 69.26 -3.27
N LEU M 77 -15.40 69.99 -3.15
CA LEU M 77 -14.41 70.10 -4.22
C LEU M 77 -13.02 69.93 -3.61
N ILE M 78 -12.30 68.89 -4.05
CA ILE M 78 -10.99 68.59 -3.52
C ILE M 78 -9.95 69.46 -4.22
N GLY M 79 -9.08 70.09 -3.43
CA GLY M 79 -8.08 71.01 -3.96
C GLY M 79 -8.60 72.42 -4.05
N ALA M 80 -7.69 73.33 -4.40
CA ALA M 80 -8.00 74.74 -4.50
C ALA M 80 -7.39 75.32 -5.77
N ASP M 81 -8.00 76.40 -6.25
CA ASP M 81 -7.53 77.11 -7.43
C ASP M 81 -8.01 78.55 -7.35
N ALA M 82 -7.55 79.37 -8.30
CA ALA M 82 -7.92 80.78 -8.30
C ALA M 82 -9.37 81.00 -8.71
N SER M 83 -9.90 80.14 -9.59
CA SER M 83 -11.26 80.32 -10.09
C SER M 83 -12.31 80.11 -9.00
N VAL M 84 -12.05 79.27 -8.01
CA VAL M 84 -13.02 78.95 -6.97
C VAL M 84 -12.39 79.22 -5.61
N VAL M 85 -13.08 80.01 -4.80
CA VAL M 85 -12.60 80.35 -3.46
C VAL M 85 -13.80 80.54 -2.54
N GLY M 86 -13.68 80.06 -1.31
CA GLY M 86 -14.74 80.21 -0.33
C GLY M 86 -15.04 78.95 0.45
N ASP M 87 -15.01 79.06 1.78
CA ASP M 87 -15.28 77.96 2.67
C ASP M 87 -14.33 76.75 2.46
N SER M 88 -13.04 77.06 2.52
CA SER M 88 -11.99 76.10 2.24
C SER M 88 -11.17 75.87 3.52
N GLN M 89 -10.72 74.63 3.74
CA GLN M 89 -9.85 74.34 4.87
C GLN M 89 -8.81 73.29 4.52
N THR M 90 -7.80 73.21 5.37
CA THR M 90 -6.64 72.36 5.18
C THR M 90 -6.93 70.98 5.76
N LEU M 91 -6.73 69.95 4.95
CA LEU M 91 -6.83 68.59 5.45
C LEU M 91 -5.65 68.26 6.35
N PRO M 92 -5.84 67.39 7.34
CA PRO M 92 -4.74 67.05 8.25
C PRO M 92 -3.68 66.23 7.54
N ASN M 93 -2.50 66.18 8.16
CA ASN M 93 -1.37 65.39 7.67
C ASN M 93 -0.94 65.83 6.27
N GLY M 94 -1.26 67.07 5.91
CA GLY M 94 -0.87 67.61 4.62
C GLY M 94 -1.44 66.86 3.44
N MET M 95 -2.69 66.42 3.55
CA MET M 95 -3.33 65.74 2.42
C MET M 95 -3.76 66.73 1.35
N GLY M 96 -3.91 68.00 1.70
CA GLY M 96 -4.25 69.02 0.72
C GLY M 96 -5.24 70.04 1.23
N GLN M 97 -6.09 70.53 0.33
CA GLN M 97 -7.11 71.52 0.67
C GLN M 97 -8.46 71.01 0.17
N ILE M 98 -9.52 71.37 0.88
CA ILE M 98 -10.87 71.05 0.43
C ILE M 98 -11.71 72.33 0.47
N CYS M 99 -12.72 72.37 -0.40
CA CYS M 99 -13.61 73.52 -0.52
C CYS M 99 -15.05 73.02 -0.43
N TRP M 100 -15.82 73.60 0.49
CA TRP M 100 -17.24 73.34 0.57
C TRP M 100 -17.97 74.47 -0.17
N LEU M 101 -18.69 74.12 -1.23
CA LEU M 101 -19.26 75.09 -2.14
C LEU M 101 -20.77 75.03 -2.10
N THR M 102 -21.41 76.19 -2.17
CA THR M 102 -22.85 76.27 -2.29
C THR M 102 -23.29 75.76 -3.66
N LYS M 103 -24.58 75.44 -3.76
CA LYS M 103 -25.09 74.71 -4.92
C LYS M 103 -24.79 75.43 -6.23
N ASP M 104 -25.14 76.71 -6.32
CA ASP M 104 -24.94 77.45 -7.56
C ASP M 104 -23.46 77.61 -7.88
N MET M 105 -22.65 77.95 -6.88
CA MET M 105 -21.22 78.11 -7.13
C MET M 105 -20.57 76.78 -7.49
N ALA M 106 -21.06 75.68 -6.90
CA ALA M 106 -20.54 74.36 -7.25
C ALA M 106 -20.92 73.98 -8.67
N HIS M 107 -22.14 74.33 -9.10
CA HIS M 107 -22.50 74.09 -10.49
C HIS M 107 -21.63 74.92 -11.44
N LYS M 108 -21.35 76.16 -11.07
CA LYS M 108 -20.44 76.97 -11.87
C LYS M 108 -19.04 76.36 -11.93
N ALA M 109 -18.55 75.85 -10.80
CA ALA M 109 -17.23 75.21 -10.78
C ALA M 109 -17.21 73.95 -11.62
N GLN M 110 -18.29 73.16 -11.57
CA GLN M 110 -18.37 71.98 -12.42
C GLN M 110 -18.40 72.35 -13.90
N GLY M 111 -19.12 73.42 -14.24
CA GLY M 111 -19.08 73.92 -15.60
C GLY M 111 -17.70 74.42 -16.01
N PHE M 112 -16.94 74.93 -15.04
CA PHE M 112 -15.59 75.40 -15.31
C PHE M 112 -14.68 74.30 -15.83
N GLY M 113 -14.98 73.05 -15.54
CA GLY M 113 -14.18 71.94 -16.04
C GLY M 113 -13.46 71.16 -14.95
N LEU M 114 -14.06 71.09 -13.77
CA LEU M 114 -13.50 70.34 -12.65
C LEU M 114 -14.50 69.32 -12.17
N ASP M 115 -14.08 68.52 -11.19
CA ASP M 115 -14.95 67.52 -10.57
C ASP M 115 -15.51 68.06 -9.27
N VAL M 116 -16.81 67.91 -9.08
CA VAL M 116 -17.50 68.34 -7.87
C VAL M 116 -18.39 67.20 -7.40
N PHE M 117 -18.29 66.87 -6.11
CA PHE M 117 -18.97 65.72 -5.54
C PHE M 117 -20.13 66.18 -4.65
N ALA M 118 -21.22 65.42 -4.67
CA ALA M 118 -22.40 65.72 -3.89
C ALA M 118 -23.03 64.43 -3.38
N GLY M 119 -23.41 64.44 -2.10
CA GLY M 119 -24.03 63.28 -1.49
C GLY M 119 -23.02 62.29 -0.93
N SER M 120 -23.28 61.00 -1.13
CA SER M 120 -22.35 59.98 -0.65
C SER M 120 -20.97 60.17 -1.26
N GLN M 121 -20.90 60.76 -2.45
CA GLN M 121 -19.60 61.00 -3.08
C GLN M 121 -18.70 61.84 -2.19
N ARG M 122 -19.28 62.81 -1.46
CA ARG M 122 -18.44 63.64 -0.60
C ARG M 122 -17.69 62.81 0.42
N ILE M 123 -18.19 61.61 0.74
CA ILE M 123 -17.44 60.72 1.60
C ILE M 123 -16.33 60.03 0.83
N SER M 124 -16.65 59.46 -0.34
CA SER M 124 -15.66 58.73 -1.12
C SER M 124 -14.48 59.63 -1.46
N ALA M 125 -14.74 60.80 -2.05
CA ALA M 125 -13.66 61.68 -2.45
C ALA M 125 -12.88 62.19 -1.25
N LEU M 126 -13.41 62.00 -0.04
CA LEU M 126 -12.59 62.21 1.15
C LEU M 126 -11.82 60.94 1.49
N LEU M 127 -12.52 59.83 1.66
CA LEU M 127 -11.87 58.57 2.03
C LEU M 127 -10.76 58.23 1.05
N LYS M 128 -11.05 58.34 -0.25
CA LYS M 128 -10.06 58.02 -1.27
C LYS M 128 -8.79 58.83 -1.07
N CYS M 129 -8.92 60.12 -0.74
CA CYS M 129 -7.73 60.92 -0.49
C CYS M 129 -6.86 60.29 0.59
N VAL M 130 -7.48 59.88 1.70
CA VAL M 130 -6.74 59.21 2.75
C VAL M 130 -6.06 57.95 2.20
N LEU M 131 -6.81 57.15 1.43
CA LEU M 131 -6.24 55.92 0.93
C LEU M 131 -5.11 56.18 -0.04
N LEU M 132 -5.04 57.39 -0.62
CA LEU M 132 -3.93 57.67 -1.52
C LEU M 132 -2.69 58.14 -0.78
N ARG M 133 -2.82 58.36 0.55
CA ARG M 133 -1.67 58.82 1.38
C ARG M 133 -0.99 57.64 2.08
N HIS M 134 -1.75 56.68 2.60
CA HIS M 134 -1.20 55.52 3.34
C HIS M 134 -1.24 54.25 2.49
N MET M 135 -1.33 54.41 1.16
CA MET M 135 -1.34 53.29 0.17
C MET M 135 -0.26 52.23 0.44
N GLY M 136 1.00 52.64 0.63
CA GLY M 136 2.08 51.69 0.82
C GLY M 136 1.91 50.77 2.02
N GLU M 137 0.88 50.98 2.82
CA GLU M 137 0.61 50.11 3.96
C GLU M 137 -0.28 48.93 3.60
N PHE M 138 -0.86 48.90 2.41
CA PHE M 138 -1.74 47.80 2.02
C PHE M 138 -1.02 46.79 1.13
N ILE M 139 0.31 46.78 1.13
CA ILE M 139 1.09 45.85 0.33
C ILE M 139 2.23 45.32 1.21
N GLY M 140 2.05 44.11 1.73
CA GLY M 140 3.06 43.48 2.56
C GLY M 140 3.48 42.13 2.00
N VAL M 141 3.90 41.22 2.87
CA VAL M 141 4.23 39.88 2.41
C VAL M 141 2.97 39.11 2.04
N GLN M 142 1.91 39.27 2.84
CA GLN M 142 0.69 38.51 2.59
C GLN M 142 -0.04 39.02 1.36
N GLU M 143 -0.13 40.34 1.17
CA GLU M 143 -0.77 40.86 -0.03
C GLU M 143 0.03 40.50 -1.26
N THR M 144 1.36 40.49 -1.16
CA THR M 144 2.18 40.04 -2.29
C THR M 144 1.90 38.58 -2.61
N ARG M 145 1.75 37.74 -1.59
CA ARG M 145 1.40 36.35 -1.86
C ARG M 145 0.04 36.24 -2.51
N TYR M 146 -0.90 37.10 -2.12
CA TYR M 146 -2.21 37.08 -2.79
C TYR M 146 -2.08 37.48 -4.25
N LEU M 147 -1.28 38.49 -4.55
CA LEU M 147 -1.08 38.90 -5.94
C LEU M 147 -0.44 37.79 -6.75
N MET M 148 0.54 37.10 -6.18
CA MET M 148 1.21 36.01 -6.89
C MET M 148 0.27 34.83 -7.09
N ASN M 149 -0.60 34.56 -6.12
CA ASN M 149 -1.60 33.51 -6.31
C ASN M 149 -2.59 33.89 -7.40
N ALA M 150 -2.97 35.16 -7.48
CA ALA M 150 -3.84 35.60 -8.56
C ALA M 150 -3.16 35.45 -9.91
N MET M 151 -1.86 35.77 -9.98
CA MET M 151 -1.13 35.64 -11.22
C MET M 151 -0.80 34.20 -11.57
N GLU M 152 -0.94 33.26 -10.63
CA GLU M 152 -0.69 31.87 -10.95
C GLU M 152 -1.71 31.26 -11.91
N LYS M 153 -2.76 32.00 -12.27
CA LYS M 153 -3.80 31.42 -13.11
C LYS M 153 -3.38 31.41 -14.57
N ASN M 154 -3.05 32.58 -15.12
CA ASN M 154 -2.61 32.70 -16.50
C ASN M 154 -1.10 32.69 -16.67
N TYR M 155 -0.34 33.00 -15.63
CA TYR M 155 1.09 33.21 -15.74
C TYR M 155 1.95 32.26 -14.92
N SER M 156 1.49 31.01 -14.79
CA SER M 156 2.03 30.08 -13.81
C SER M 156 3.56 30.00 -13.88
N GLU M 157 4.11 29.93 -15.09
CA GLU M 157 5.55 29.76 -15.22
C GLU M 157 6.30 31.04 -14.83
N LEU M 158 5.70 32.19 -15.11
CA LEU M 158 6.34 33.45 -14.73
C LEU M 158 6.47 33.53 -13.22
N VAL M 159 5.40 33.21 -12.49
CA VAL M 159 5.44 33.25 -11.04
C VAL M 159 6.38 32.18 -10.49
N LYS M 160 6.37 30.99 -11.08
CA LYS M 160 7.26 29.94 -10.61
C LYS M 160 8.72 30.33 -10.78
N GLU M 161 9.07 30.89 -11.94
CA GLU M 161 10.43 31.34 -12.16
C GLU M 161 10.80 32.46 -11.19
N LEU M 162 9.88 33.40 -10.96
CA LEU M 162 10.18 34.48 -10.03
C LEU M 162 10.43 33.95 -8.62
N GLN M 163 9.60 33.01 -8.16
CA GLN M 163 9.82 32.41 -6.85
C GLN M 163 11.16 31.71 -6.79
N ARG M 164 11.53 31.00 -7.86
CA ARG M 164 12.84 30.36 -7.92
C ARG M 164 13.95 31.39 -7.83
N GLN M 165 13.73 32.61 -8.32
CA GLN M 165 14.76 33.63 -8.29
C GLN M 165 14.85 34.31 -6.92
N LEU M 166 13.75 34.91 -6.46
CA LEU M 166 13.74 35.74 -5.27
C LEU M 166 12.80 35.18 -4.22
N PRO M 167 13.16 35.30 -2.93
CA PRO M 167 12.22 34.93 -1.87
C PRO M 167 11.14 35.98 -1.70
N ILE M 168 10.01 35.56 -1.13
CA ILE M 168 8.81 36.39 -1.17
C ILE M 168 9.00 37.70 -0.41
N ASN M 169 9.88 37.73 0.58
CA ASN M 169 10.07 38.99 1.31
C ASN M 169 10.73 40.03 0.43
N LYS M 170 11.63 39.63 -0.47
CA LYS M 170 12.26 40.60 -1.36
C LYS M 170 11.28 41.08 -2.42
N ILE M 171 10.43 40.20 -2.94
CA ILE M 171 9.40 40.63 -3.88
C ILE M 171 8.45 41.61 -3.21
N ALA M 172 8.04 41.31 -1.97
CA ALA M 172 7.16 42.23 -1.25
C ALA M 172 7.83 43.56 -0.98
N GLU M 173 9.13 43.54 -0.66
CA GLU M 173 9.87 44.78 -0.47
C GLU M 173 9.91 45.60 -1.75
N THR M 174 10.14 44.94 -2.89
CA THR M 174 10.16 45.65 -4.17
C THR M 174 8.81 46.27 -4.49
N LEU M 175 7.73 45.49 -4.32
CA LEU M 175 6.41 46.02 -4.61
C LEU M 175 6.04 47.15 -3.67
N GLN M 176 6.41 47.05 -2.40
CA GLN M 176 6.14 48.12 -1.45
C GLN M 176 6.91 49.38 -1.82
N ARG M 177 8.17 49.23 -2.22
CA ARG M 177 8.97 50.40 -2.58
C ARG M 177 8.46 51.04 -3.86
N LEU M 178 7.86 50.24 -4.74
CA LEU M 178 7.24 50.83 -5.93
C LEU M 178 5.93 51.54 -5.62
N VAL M 179 5.13 50.96 -4.71
CA VAL M 179 3.80 51.55 -4.37
C VAL M 179 4.02 52.86 -3.63
N SER M 180 5.02 52.91 -2.74
CA SER M 180 5.21 54.10 -1.90
C SER M 180 5.79 55.27 -2.69
N GLU M 181 5.81 55.20 -4.02
CA GLU M 181 6.26 56.30 -4.86
C GLU M 181 5.21 56.73 -5.88
N ARG M 182 3.97 56.25 -5.73
CA ARG M 182 2.92 56.45 -6.72
C ARG M 182 3.29 55.86 -8.09
N VAL M 183 3.94 54.71 -8.09
CA VAL M 183 4.16 53.93 -9.31
C VAL M 183 3.22 52.74 -9.25
N SER M 184 2.38 52.60 -10.26
CA SER M 184 1.38 51.53 -10.24
C SER M 184 2.05 50.18 -10.42
N ILE M 185 1.57 49.19 -9.69
CA ILE M 185 2.03 47.82 -9.84
C ILE M 185 0.93 47.04 -10.53
N ARG M 186 0.12 47.73 -11.33
CA ARG M 186 -0.95 47.06 -12.07
C ARG M 186 -0.37 46.09 -13.09
N ASP M 187 0.71 46.48 -13.75
CA ASP M 187 1.36 45.65 -14.76
C ASP M 187 2.34 44.72 -14.06
N LEU M 188 1.82 43.56 -13.63
CA LEU M 188 2.65 42.63 -12.89
C LEU M 188 3.47 41.74 -13.80
N ARG M 189 3.01 41.52 -15.03
CA ARG M 189 3.79 40.73 -15.98
C ARG M 189 5.14 41.38 -16.23
N LEU M 190 5.15 42.69 -16.49
CA LEU M 190 6.40 43.39 -16.75
C LEU M 190 7.27 43.47 -15.52
N ILE M 191 6.67 43.68 -14.34
CA ILE M 191 7.45 43.75 -13.11
C ILE M 191 8.12 42.42 -12.83
N PHE M 192 7.37 41.33 -12.95
CA PHE M 192 7.96 40.02 -12.71
C PHE M 192 9.02 39.69 -13.77
N GLY M 193 8.80 40.12 -15.01
CA GLY M 193 9.82 39.92 -16.03
C GLY M 193 11.11 40.65 -15.72
N THR M 194 11.00 41.89 -15.24
CA THR M 194 12.21 42.65 -14.93
C THR M 194 12.92 42.08 -13.70
N LEU M 195 12.15 41.62 -12.71
CA LEU M 195 12.78 40.97 -11.55
C LEU M 195 13.45 39.66 -11.94
N ILE M 196 12.87 38.93 -12.90
CA ILE M 196 13.49 37.70 -13.36
C ILE M 196 14.77 38.01 -14.13
N ASP M 197 14.75 39.07 -14.94
CA ASP M 197 15.96 39.44 -15.67
C ASP M 197 17.08 39.84 -14.72
N TRP M 198 16.80 40.77 -13.80
CA TRP M 198 17.86 41.40 -13.02
C TRP M 198 18.07 40.76 -11.64
N ALA M 199 17.35 39.70 -11.30
CA ALA M 199 17.58 39.05 -10.02
C ALA M 199 18.93 38.37 -9.93
N PRO M 200 19.38 37.58 -10.91
CA PRO M 200 20.72 36.99 -10.79
C PRO M 200 21.85 38.00 -10.76
N ARG M 201 21.70 39.13 -11.44
CA ARG M 201 22.78 40.11 -11.59
C ARG M 201 22.73 41.22 -10.56
N GLU M 202 21.84 41.13 -9.56
CA GLU M 202 21.74 42.19 -8.57
C GLU M 202 21.20 41.61 -7.28
N LYS M 203 21.65 42.15 -6.14
CA LYS M 203 21.19 41.71 -4.83
C LYS M 203 20.64 42.84 -3.98
N ASP M 204 20.93 44.09 -4.32
CA ASP M 204 20.40 45.22 -3.58
C ASP M 204 18.98 45.51 -4.02
N VAL M 205 18.01 45.21 -3.15
CA VAL M 205 16.60 45.30 -3.52
C VAL M 205 16.26 46.72 -3.97
N LEU M 206 16.96 47.71 -3.44
CA LEU M 206 16.76 49.08 -3.93
C LEU M 206 17.13 49.19 -5.39
N MET M 207 18.19 48.52 -5.83
CA MET M 207 18.56 48.60 -7.23
C MET M 207 17.63 47.79 -8.11
N LEU M 208 17.10 46.68 -7.61
CA LEU M 208 16.06 45.98 -8.36
C LEU M 208 14.84 46.87 -8.54
N THR M 209 14.47 47.60 -7.50
CA THR M 209 13.37 48.54 -7.63
C THR M 209 13.69 49.63 -8.63
N GLU M 210 14.93 50.10 -8.66
CA GLU M 210 15.32 51.09 -9.66
C GLU M 210 15.18 50.54 -11.07
N TYR M 211 15.60 49.29 -11.29
CA TYR M 211 15.48 48.70 -12.61
C TYR M 211 14.02 48.52 -13.00
N VAL M 212 13.17 48.12 -12.05
CA VAL M 212 11.75 47.98 -12.35
C VAL M 212 11.13 49.34 -12.66
N ARG M 213 11.58 50.38 -11.98
CA ARG M 213 11.08 51.73 -12.27
C ARG M 213 11.51 52.17 -13.66
N ILE M 214 12.74 51.84 -14.06
CA ILE M 214 13.21 52.21 -15.40
C ILE M 214 12.42 51.45 -16.46
N ALA M 215 12.15 50.17 -16.23
CA ALA M 215 11.38 49.39 -17.21
C ALA M 215 9.94 49.88 -17.30
N LEU M 216 9.46 50.63 -16.30
CA LEU M 216 8.11 51.17 -16.28
C LEU M 216 8.09 52.66 -16.61
N ARG M 217 9.10 53.17 -17.31
CA ARG M 217 9.23 54.62 -17.48
C ARG M 217 8.10 55.19 -18.32
N ARG M 218 7.61 54.45 -19.31
CA ARG M 218 6.52 54.96 -20.13
C ARG M 218 5.27 55.17 -19.29
N HIS M 219 4.95 54.21 -18.42
CA HIS M 219 3.79 54.36 -17.55
C HIS M 219 3.95 55.53 -16.60
N ILE M 220 5.13 55.70 -16.01
CA ILE M 220 5.34 56.78 -15.06
C ILE M 220 5.16 58.13 -15.75
N LEU M 221 5.78 58.29 -16.92
CA LEU M 221 5.69 59.57 -17.62
C LEU M 221 4.34 59.75 -18.30
N ARG M 222 3.51 58.71 -18.36
CA ARG M 222 2.13 58.92 -18.78
C ARG M 222 1.26 59.35 -17.61
N ARG M 223 1.45 58.73 -16.46
CA ARG M 223 0.60 59.03 -15.31
C ARG M 223 0.92 60.41 -14.73
N LEU M 224 2.19 60.82 -14.77
CA LEU M 224 2.53 62.14 -14.24
C LEU M 224 1.82 63.24 -15.02
N ASN M 225 1.82 63.15 -16.35
CA ASN M 225 1.08 64.11 -17.16
C ASN M 225 0.34 63.39 -18.28
N PRO M 226 -0.98 63.22 -18.16
CA PRO M 226 -1.71 62.43 -19.15
C PRO M 226 -1.58 62.96 -20.57
N GLU M 227 -1.54 64.27 -20.76
CA GLU M 227 -1.35 64.86 -22.08
C GLU M 227 0.14 64.86 -22.43
N GLY M 228 0.41 65.04 -23.73
CA GLY M 228 1.77 65.10 -24.19
C GLY M 228 2.45 66.43 -24.00
N LYS M 229 1.75 67.41 -23.41
CA LYS M 229 2.30 68.73 -23.24
C LYS M 229 3.48 68.71 -22.28
N PRO M 230 4.48 69.54 -22.50
CA PRO M 230 5.63 69.59 -21.59
C PRO M 230 5.30 70.23 -20.25
N LEU M 231 5.59 69.53 -19.16
CA LEU M 231 5.43 70.08 -17.81
C LEU M 231 6.77 70.43 -17.20
N PRO M 232 6.78 71.37 -16.25
CA PRO M 232 8.06 71.90 -15.76
C PRO M 232 8.93 70.83 -15.12
N ILE M 233 10.24 70.98 -15.31
CA ILE M 233 11.23 70.07 -14.76
C ILE M 233 12.29 70.88 -14.03
N LEU M 234 12.58 70.49 -12.79
CA LEU M 234 13.59 71.11 -11.96
C LEU M 234 14.81 70.20 -11.93
N ARG M 235 15.87 70.60 -12.63
CA ARG M 235 17.08 69.81 -12.69
C ARG M 235 17.82 69.86 -11.36
N ILE M 236 18.61 68.83 -11.09
CA ILE M 236 19.56 68.87 -9.98
C ILE M 236 20.96 69.02 -10.54
N GLY M 237 21.68 70.04 -10.10
CA GLY M 237 22.99 70.32 -10.65
C GLY M 237 24.02 69.29 -10.23
N GLU M 238 25.19 69.39 -10.87
CA GLU M 238 26.23 68.39 -10.65
C GLU M 238 26.78 68.45 -9.23
N GLY M 239 26.65 69.59 -8.56
CA GLY M 239 27.18 69.69 -7.20
C GLY M 239 26.48 68.73 -6.24
N ILE M 240 25.15 68.73 -6.25
CA ILE M 240 24.41 67.84 -5.36
C ILE M 240 24.60 66.39 -5.76
N GLU M 241 24.64 66.13 -7.07
CA GLU M 241 24.84 64.77 -7.56
C GLU M 241 26.18 64.22 -7.08
N ASN M 242 27.23 65.04 -7.17
CA ASN M 242 28.55 64.61 -6.71
C ASN M 242 28.60 64.50 -5.19
N LEU M 243 27.89 65.36 -4.48
CA LEU M 243 27.86 65.27 -3.03
C LEU M 243 27.24 63.97 -2.57
N VAL M 244 26.08 63.61 -3.14
CA VAL M 244 25.41 62.39 -2.69
C VAL M 244 26.05 61.15 -3.32
N ARG M 245 26.78 61.30 -4.42
CA ARG M 245 27.43 60.16 -5.04
C ARG M 245 28.69 59.76 -4.28
N GLU M 246 29.38 60.73 -3.70
CA GLU M 246 30.60 60.44 -2.96
C GLU M 246 30.36 59.74 -1.63
N SER M 247 29.18 59.93 -1.04
CA SER M 247 28.89 59.42 0.30
C SER M 247 28.27 58.03 0.29
N ILE M 248 28.40 57.28 -0.81
CA ILE M 248 27.74 55.98 -0.92
C ILE M 248 28.58 54.94 -0.21
N ARG M 249 28.00 54.32 0.82
CA ARG M 249 28.69 53.33 1.64
C ARG M 249 27.97 52.00 1.51
N GLN M 250 28.70 50.94 1.18
CA GLN M 250 28.10 49.66 0.86
C GLN M 250 28.44 48.63 1.93
N THR M 251 27.44 47.84 2.31
CA THR M 251 27.58 46.67 3.16
C THR M 251 27.03 45.46 2.43
N ALA M 252 27.14 44.29 3.06
CA ALA M 252 26.80 43.03 2.40
C ALA M 252 25.37 43.01 1.90
N MET M 253 24.49 43.86 2.43
CA MET M 253 23.10 43.90 2.02
C MET M 253 22.81 45.00 1.00
N GLY M 254 23.81 45.75 0.56
CA GLY M 254 23.58 46.77 -0.45
C GLY M 254 24.21 48.08 -0.03
N THR M 255 23.95 49.12 -0.83
CA THR M 255 24.55 50.43 -0.64
C THR M 255 23.53 51.38 -0.02
N TYR M 256 24.00 52.27 0.86
CA TYR M 256 23.19 53.32 1.43
C TYR M 256 23.95 54.63 1.35
N THR M 257 23.29 55.71 1.76
CA THR M 257 23.88 57.03 1.77
C THR M 257 24.23 57.42 3.20
N ALA M 258 25.28 58.22 3.36
CA ALA M 258 25.75 58.68 4.66
C ALA M 258 26.15 60.15 4.51
N LEU M 259 25.20 61.04 4.80
CA LEU M 259 25.43 62.47 4.71
C LEU M 259 25.29 63.11 6.08
N SER M 260 25.90 64.28 6.23
CA SER M 260 25.71 65.08 7.44
C SER M 260 24.29 65.65 7.46
N SER M 261 23.75 65.78 8.68
CA SER M 261 22.41 66.33 8.82
C SER M 261 22.32 67.73 8.26
N ARG M 262 23.42 68.49 8.33
CA ARG M 262 23.43 69.83 7.76
C ARG M 262 23.20 69.79 6.25
N HIS M 263 23.84 68.84 5.57
CA HIS M 263 23.66 68.71 4.13
C HIS M 263 22.21 68.44 3.77
N LYS M 264 21.58 67.47 4.45
CA LYS M 264 20.19 67.16 4.17
C LYS M 264 19.29 68.36 4.47
N THR M 265 19.52 69.02 5.61
CA THR M 265 18.67 70.14 5.98
C THR M 265 18.76 71.26 4.94
N GLN M 266 19.97 71.59 4.50
CA GLN M 266 20.11 72.66 3.51
C GLN M 266 19.50 72.25 2.18
N ILE M 267 19.66 70.99 1.77
CA ILE M 267 19.11 70.56 0.48
C ILE M 267 17.58 70.65 0.50
N LEU M 268 16.96 70.13 1.56
CA LEU M 268 15.50 70.24 1.66
C LEU M 268 15.04 71.70 1.77
N GLN M 269 15.77 72.52 2.53
CA GLN M 269 15.37 73.91 2.68
C GLN M 269 15.37 74.63 1.33
N LEU M 270 16.42 74.41 0.53
CA LEU M 270 16.47 75.08 -0.77
C LEU M 270 15.48 74.47 -1.77
N ILE M 271 15.22 73.16 -1.68
CA ILE M 271 14.24 72.57 -2.57
C ILE M 271 12.85 73.13 -2.29
N GLU M 272 12.48 73.25 -1.01
CA GLU M 272 11.23 73.90 -0.66
C GLU M 272 11.26 75.37 -1.08
N GLN M 273 12.43 76.00 -1.01
CA GLN M 273 12.56 77.36 -1.52
C GLN M 273 12.31 77.43 -3.02
N ALA M 274 12.73 76.41 -3.76
CA ALA M 274 12.56 76.37 -5.20
C ALA M 274 11.21 75.80 -5.62
N LEU M 275 10.43 75.26 -4.69
CA LEU M 275 9.14 74.69 -5.02
C LEU M 275 7.97 75.65 -4.90
N LYS M 276 8.17 76.80 -4.25
CA LYS M 276 7.07 77.75 -4.10
C LYS M 276 6.88 78.64 -5.32
N GLN M 277 7.76 78.54 -6.31
CA GLN M 277 7.61 79.36 -7.52
C GLN M 277 6.48 78.84 -8.41
N SER M 278 6.32 77.52 -8.51
CA SER M 278 5.24 76.93 -9.29
C SER M 278 4.64 75.77 -8.51
N ALA M 279 3.38 75.47 -8.84
CA ALA M 279 2.63 74.47 -8.06
C ALA M 279 3.23 73.08 -8.20
N LYS M 280 3.52 72.67 -9.43
CA LYS M 280 4.02 71.32 -9.69
C LYS M 280 5.39 71.37 -10.33
N LEU M 281 6.32 70.59 -9.78
CA LEU M 281 7.67 70.48 -10.32
C LEU M 281 8.15 69.05 -10.18
N PHE M 282 8.77 68.54 -11.24
CA PHE M 282 9.36 67.21 -11.24
C PHE M 282 10.87 67.37 -11.06
N ILE M 283 11.37 66.94 -9.91
CA ILE M 283 12.80 67.00 -9.64
C ILE M 283 13.49 65.88 -10.40
N VAL M 284 14.50 66.22 -11.18
CA VAL M 284 15.18 65.27 -12.06
C VAL M 284 16.67 65.25 -11.73
N THR M 285 17.20 64.06 -11.45
CA THR M 285 18.59 63.89 -11.12
C THR M 285 19.12 62.67 -11.88
N SER M 286 20.36 62.30 -11.62
CA SER M 286 21.00 61.18 -12.29
C SER M 286 20.45 59.85 -11.76
N VAL M 287 20.80 58.77 -12.47
CA VAL M 287 20.33 57.45 -12.07
C VAL M 287 21.00 57.00 -10.78
N ASP M 288 22.31 57.19 -10.68
CA ASP M 288 23.08 56.71 -9.54
C ASP M 288 22.79 57.53 -8.28
N THR M 289 22.18 58.69 -8.42
CA THR M 289 21.89 59.55 -7.28
C THR M 289 20.40 59.74 -7.05
N ARG M 290 19.54 59.05 -7.79
CA ARG M 290 18.11 59.29 -7.67
C ARG M 290 17.49 58.72 -6.40
N ARG M 291 17.63 57.41 -6.19
CA ARG M 291 16.99 56.77 -5.05
C ARG M 291 17.48 57.37 -3.73
N PHE M 292 18.79 57.57 -3.60
CA PHE M 292 19.33 58.14 -2.38
C PHE M 292 18.72 59.52 -2.12
N LEU M 293 18.66 60.37 -3.15
CA LEU M 293 18.01 61.66 -2.98
C LEU M 293 16.58 61.48 -2.50
N ARG M 294 15.87 60.50 -3.07
CA ARG M 294 14.50 60.25 -2.63
C ARG M 294 14.46 59.94 -1.14
N LYS M 295 15.41 59.13 -0.67
CA LYS M 295 15.34 58.75 0.73
C LYS M 295 15.93 59.80 1.65
N ILE M 296 16.29 60.98 1.13
CA ILE M 296 16.50 62.13 2.01
C ILE M 296 15.37 63.14 1.89
N THR M 297 14.42 62.91 1.00
CA THR M 297 13.28 63.81 0.83
C THR M 297 11.93 63.14 0.97
N GLU M 298 11.89 61.85 1.35
CA GLU M 298 10.61 61.17 1.48
C GLU M 298 9.89 61.55 2.77
N ALA M 299 10.64 61.82 3.84
CA ALA M 299 10.02 62.09 5.14
C ALA M 299 9.18 63.36 5.10
N THR M 300 9.69 64.42 4.48
CA THR M 300 9.02 65.71 4.45
C THR M 300 8.25 65.94 3.15
N LEU M 301 8.92 65.82 2.01
CA LEU M 301 8.32 66.08 0.71
C LEU M 301 7.91 64.73 0.11
N PHE M 302 6.80 64.19 0.60
CA PHE M 302 6.33 62.89 0.14
C PHE M 302 5.65 62.95 -1.21
N ASP M 303 4.94 64.04 -1.52
CA ASP M 303 4.10 64.09 -2.70
C ASP M 303 4.78 64.70 -3.92
N VAL M 304 6.07 65.00 -3.84
CA VAL M 304 6.81 65.49 -5.00
C VAL M 304 7.48 64.30 -5.70
N PRO M 305 7.32 64.16 -7.01
CA PRO M 305 7.92 63.00 -7.69
C PRO M 305 9.37 63.22 -8.05
N ILE M 306 10.24 62.31 -7.64
CA ILE M 306 11.67 62.38 -7.92
C ILE M 306 11.96 61.47 -9.10
N LEU M 307 11.96 62.03 -10.30
CA LEU M 307 12.24 61.27 -11.51
C LEU M 307 13.74 61.13 -11.69
N SER M 308 14.12 60.49 -12.79
CA SER M 308 15.52 60.30 -13.15
C SER M 308 15.73 60.65 -14.61
N TRP M 309 16.99 60.66 -15.04
CA TRP M 309 17.27 61.00 -16.43
C TRP M 309 16.92 59.84 -17.36
N GLN M 310 17.25 58.61 -16.96
CA GLN M 310 16.95 57.46 -17.81
C GLN M 310 15.45 57.20 -17.90
N GLU M 311 14.67 57.65 -16.91
CA GLU M 311 13.22 57.50 -16.96
C GLU M 311 12.57 58.45 -17.96
N LEU M 312 13.25 59.53 -18.31
CA LEU M 312 12.82 60.44 -19.36
C LEU M 312 13.62 60.13 -20.61
N GLY M 313 13.02 59.40 -21.54
CA GLY M 313 13.68 59.05 -22.77
C GLY M 313 13.96 60.26 -23.63
N GLU M 314 14.60 60.00 -24.77
CA GLU M 314 14.91 61.07 -25.72
C GLU M 314 13.67 61.67 -26.36
N GLU M 315 12.51 61.03 -26.21
CA GLU M 315 11.27 61.51 -26.81
C GLU M 315 10.53 62.52 -25.94
N SER M 316 10.98 62.76 -24.71
CA SER M 316 10.38 63.75 -23.84
C SER M 316 11.30 64.96 -23.74
N LEU M 317 10.81 66.11 -24.15
CA LEU M 317 11.60 67.34 -24.05
C LEU M 317 11.51 67.85 -22.62
N ILE M 318 12.51 68.63 -22.22
CA ILE M 318 12.70 68.90 -20.80
C ILE M 318 11.97 70.16 -20.37
N GLN M 319 12.33 71.30 -20.95
CA GLN M 319 11.84 72.61 -20.50
C GLN M 319 12.24 72.85 -19.05
N VAL M 320 13.55 72.96 -18.83
CA VAL M 320 14.08 73.22 -17.49
C VAL M 320 13.46 74.52 -17.00
N VAL M 321 13.09 74.55 -15.72
CA VAL M 321 12.60 75.76 -15.08
C VAL M 321 13.63 76.37 -14.15
N GLU M 322 14.31 75.54 -13.36
CA GLU M 322 15.37 76.02 -12.47
C GLU M 322 16.47 74.98 -12.43
N SER M 323 17.67 75.41 -12.09
CA SER M 323 18.84 74.53 -12.00
C SER M 323 19.46 74.72 -10.61
N ILE M 324 19.11 73.82 -9.71
CA ILE M 324 19.64 73.84 -8.35
C ILE M 324 21.08 73.31 -8.36
N ASP M 325 21.96 73.95 -7.60
CA ASP M 325 23.34 73.51 -7.50
C ASP M 325 23.91 73.93 -6.15
N LEU M 326 24.86 73.15 -5.64
CA LEU M 326 25.53 73.44 -4.39
C LEU M 326 26.95 72.92 -4.39
N SER M 327 27.73 73.41 -3.44
CA SER M 327 28.94 72.76 -2.97
C SER M 327 28.67 72.21 -1.57
N GLU M 328 29.69 71.61 -0.95
CA GLU M 328 29.49 71.03 0.36
C GLU M 328 29.17 72.11 1.40
N GLU M 329 28.96 71.67 2.64
CA GLU M 329 28.66 72.56 3.76
C GLU M 329 29.66 72.45 4.90
N GLU M 330 29.98 71.23 5.35
CA GLU M 330 30.85 71.07 6.49
C GLU M 330 32.27 71.56 6.19
N LEU M 331 32.82 71.16 5.05
CA LEU M 331 34.15 71.60 4.67
C LEU M 331 34.17 73.10 4.38
N ALA M 332 33.25 73.56 3.53
CA ALA M 332 33.12 74.97 3.17
C ALA M 332 31.85 75.12 2.36
N ASP M 333 31.15 76.24 2.57
CA ASP M 333 29.87 76.45 1.90
C ASP M 333 30.04 76.51 0.39
N ASN M 334 30.64 77.58 -0.12
CA ASN M 334 31.04 77.76 -1.51
C ASN M 334 29.80 77.91 -2.38
N GLU M 335 28.60 77.56 -1.89
CA GLU M 335 27.38 77.90 -2.60
C GLU M 335 26.31 78.45 -1.66
N GLU M 336 26.26 77.92 -0.43
CA GLU M 336 25.21 78.26 0.52
C GLU M 336 25.70 79.25 1.56
N MET N 1 -11.65 41.89 -8.86
CA MET N 1 -10.29 42.46 -8.84
C MET N 1 -9.32 41.39 -9.34
N VAL N 2 -9.00 41.37 -10.63
CA VAL N 2 -8.15 40.29 -11.18
C VAL N 2 -6.72 40.83 -11.48
N PRO N 3 -5.64 40.51 -10.69
CA PRO N 3 -4.27 40.93 -10.98
C PRO N 3 -3.86 40.59 -12.41
N GLY N 4 -2.96 41.40 -12.95
CA GLY N 4 -2.49 41.21 -14.31
C GLY N 4 -3.32 41.97 -15.31
N ALA N 5 -2.69 42.91 -16.02
CA ALA N 5 -3.43 43.78 -16.93
C ALA N 5 -4.00 42.98 -18.10
N CYS N 6 -5.05 43.51 -18.69
CA CYS N 6 -5.63 42.89 -19.88
C CYS N 6 -4.71 43.14 -21.07
N PRO N 7 -4.28 42.09 -21.78
CA PRO N 7 -3.17 42.27 -22.73
C PRO N 7 -3.43 43.28 -23.83
N LEU N 8 -4.45 43.07 -24.66
CA LEU N 8 -4.61 43.86 -25.88
C LEU N 8 -6.07 44.28 -26.00
N ILE N 9 -6.31 45.60 -25.96
CA ILE N 9 -7.65 46.15 -25.98
C ILE N 9 -7.73 47.17 -27.11
N LEU N 10 -8.78 47.08 -27.92
CA LEU N 10 -9.03 48.04 -28.99
C LEU N 10 -10.35 48.73 -28.71
N ARG N 11 -10.30 50.03 -28.44
CA ARG N 11 -11.48 50.82 -28.11
C ARG N 11 -11.87 51.64 -29.34
N LEU N 12 -13.13 51.50 -29.75
CA LEU N 12 -13.64 52.15 -30.95
C LEU N 12 -14.94 52.89 -30.66
N SER N 13 -15.13 54.01 -31.34
CA SER N 13 -16.43 54.65 -31.37
C SER N 13 -17.40 53.79 -32.17
N PRO N 14 -18.68 53.77 -31.79
CA PRO N 14 -19.60 52.77 -32.38
C PRO N 14 -19.80 52.94 -33.87
N THR N 15 -19.49 54.11 -34.43
CA THR N 15 -19.51 54.27 -35.88
C THR N 15 -18.47 53.37 -36.54
N LEU N 16 -17.25 53.34 -35.99
CA LEU N 16 -16.17 52.53 -36.56
C LEU N 16 -16.38 51.05 -36.37
N HIS N 17 -17.20 50.65 -35.40
CA HIS N 17 -17.45 49.24 -35.14
C HIS N 17 -18.16 48.63 -36.34
N SER N 18 -18.05 47.31 -36.48
CA SER N 18 -18.67 46.62 -37.61
C SER N 18 -18.95 45.18 -37.22
N ALA N 19 -19.43 44.40 -38.19
CA ALA N 19 -19.83 43.03 -37.93
C ALA N 19 -18.75 42.04 -38.30
N ASP N 20 -17.94 42.37 -39.32
CA ASP N 20 -16.84 41.52 -39.75
C ASP N 20 -15.52 41.91 -39.09
N LEU N 21 -15.56 42.80 -38.10
CA LEU N 21 -14.33 43.22 -37.42
C LEU N 21 -13.67 42.04 -36.72
N ILE N 22 -14.45 41.17 -36.11
CA ILE N 22 -13.87 40.05 -35.37
C ILE N 22 -13.04 39.17 -36.30
N ARG N 23 -13.59 38.80 -37.45
CA ARG N 23 -12.87 37.90 -38.35
C ARG N 23 -11.72 38.62 -39.05
N ASP N 24 -11.85 39.92 -39.30
CA ASP N 24 -10.73 40.67 -39.88
C ASP N 24 -9.56 40.76 -38.90
N ILE N 25 -9.84 41.04 -37.62
CA ILE N 25 -8.79 41.07 -36.61
C ILE N 25 -8.17 39.69 -36.44
N ASP N 26 -9.00 38.63 -36.48
CA ASP N 26 -8.44 37.29 -36.34
C ASP N 26 -7.54 36.94 -37.53
N ALA N 27 -7.92 37.35 -38.73
CA ALA N 27 -7.06 37.11 -39.89
C ALA N 27 -5.76 37.88 -39.78
N MET N 28 -5.82 39.13 -39.28
CA MET N 28 -4.59 39.89 -39.09
C MET N 28 -3.70 39.23 -38.04
N ARG N 29 -4.29 38.72 -36.96
CA ARG N 29 -3.50 38.05 -35.94
C ARG N 29 -2.84 36.79 -36.50
N TRP N 30 -3.57 36.03 -37.31
CA TRP N 30 -2.98 34.83 -37.90
C TRP N 30 -1.87 35.18 -38.87
N PHE N 31 -2.03 36.26 -39.64
CA PHE N 31 -0.95 36.68 -40.52
C PHE N 31 0.27 37.11 -39.72
N LEU N 32 0.06 37.83 -38.62
CA LEU N 32 1.20 38.27 -37.80
C LEU N 32 1.91 37.08 -37.16
N PHE N 33 1.15 36.04 -36.78
CA PHE N 33 1.80 34.86 -36.23
C PHE N 33 2.56 34.08 -37.30
N GLU N 34 1.99 33.97 -38.51
CA GLU N 34 2.71 33.29 -39.58
C GLU N 34 3.95 34.07 -40.01
N ASP N 35 3.93 35.39 -39.85
CA ASP N 35 5.08 36.19 -40.28
C ASP N 35 6.16 36.26 -39.21
N THR N 36 5.82 36.61 -37.97
CA THR N 36 6.81 36.84 -36.94
C THR N 36 6.88 35.76 -35.86
N GLY N 37 6.00 34.76 -35.90
CA GLY N 37 6.13 33.62 -35.02
C GLY N 37 5.70 33.84 -33.58
N VAL N 38 5.27 35.04 -33.22
CA VAL N 38 4.86 35.36 -31.85
C VAL N 38 3.35 35.17 -31.75
N PRO N 39 2.85 34.30 -30.90
CA PRO N 39 1.40 34.10 -30.78
C PRO N 39 0.76 35.21 -29.96
N LEU N 40 0.04 36.09 -30.63
CA LEU N 40 -0.55 37.26 -30.00
C LEU N 40 -1.79 36.89 -29.18
N PRO N 41 -2.08 37.65 -28.13
CA PRO N 41 -3.28 37.39 -27.34
C PRO N 41 -4.51 38.02 -27.97
N GLU N 42 -5.67 37.51 -27.57
CA GLU N 42 -6.93 37.92 -28.20
C GLU N 42 -7.15 39.41 -28.04
N VAL N 43 -7.57 40.06 -29.11
CA VAL N 43 -7.88 41.48 -29.09
C VAL N 43 -9.29 41.67 -28.53
N ASN N 44 -9.41 42.44 -27.47
CA ASN N 44 -10.69 42.70 -26.82
C ASN N 44 -11.29 43.98 -27.40
N ILE N 45 -12.42 43.84 -28.07
CA ILE N 45 -13.09 44.98 -28.70
C ILE N 45 -13.96 45.65 -27.65
N GLU N 46 -13.72 46.95 -27.41
CA GLU N 46 -14.48 47.73 -26.46
C GLU N 46 -15.00 48.98 -27.15
N VAL N 47 -16.14 49.48 -26.69
CA VAL N 47 -16.81 50.61 -27.34
C VAL N 47 -16.49 51.87 -26.56
N LEU N 48 -16.02 52.89 -27.27
CA LEU N 48 -15.63 54.16 -26.66
C LEU N 48 -16.57 55.26 -27.16
N PRO N 49 -17.56 55.68 -26.38
CA PRO N 49 -18.48 56.72 -26.85
C PRO N 49 -17.78 58.05 -27.03
N GLU N 50 -17.75 58.55 -28.27
CA GLU N 50 -17.04 59.77 -28.58
C GLU N 50 -17.69 60.38 -29.82
N PRO N 51 -18.06 61.67 -29.78
CA PRO N 51 -18.59 62.31 -30.99
C PRO N 51 -17.60 62.28 -32.15
N THR N 52 -16.31 62.45 -31.88
CA THR N 52 -15.29 62.41 -32.91
C THR N 52 -14.92 60.97 -33.22
N GLU N 53 -14.65 60.67 -34.48
CA GLU N 53 -14.27 59.33 -34.89
C GLU N 53 -12.86 59.02 -34.40
N LYS N 54 -12.74 58.27 -33.32
CA LYS N 54 -11.47 58.04 -32.64
C LYS N 54 -11.37 56.57 -32.24
N LEU N 55 -10.15 56.05 -32.29
CA LEU N 55 -9.85 54.70 -31.79
C LEU N 55 -8.59 54.75 -30.95
N THR N 56 -8.51 53.84 -29.98
CA THR N 56 -7.35 53.70 -29.13
C THR N 56 -6.95 52.24 -29.04
N VAL N 57 -5.64 52.00 -28.97
CA VAL N 57 -5.08 50.68 -28.80
C VAL N 57 -4.31 50.67 -27.49
N LEU N 58 -4.67 49.77 -26.59
CA LEU N 58 -4.15 49.70 -25.24
C LEU N 58 -3.42 48.37 -25.05
N LEU N 59 -2.13 48.46 -24.73
CA LEU N 59 -1.31 47.30 -24.41
C LEU N 59 -1.14 47.23 -22.90
N TYR N 60 -1.72 46.20 -22.29
CA TYR N 60 -1.67 46.02 -20.84
C TYR N 60 -2.23 47.25 -20.12
N GLN N 61 -3.29 47.80 -20.71
CA GLN N 61 -4.07 48.91 -20.16
C GLN N 61 -3.30 50.22 -20.11
N GLU N 62 -2.14 50.30 -20.77
CA GLU N 62 -1.44 51.56 -20.93
C GLU N 62 -1.59 52.00 -22.37
N PRO N 63 -2.36 53.06 -22.65
CA PRO N 63 -2.70 53.37 -24.05
C PRO N 63 -1.49 53.74 -24.89
N VAL N 64 -1.17 52.89 -25.87
CA VAL N 64 -0.03 53.13 -26.74
C VAL N 64 -0.42 53.76 -28.07
N PHE N 65 -1.69 53.69 -28.46
CA PHE N 65 -2.09 54.28 -29.73
C PHE N 65 -3.41 55.02 -29.54
N SER N 66 -3.49 56.21 -30.14
CA SER N 66 -4.69 57.03 -30.08
C SER N 66 -4.80 57.86 -31.34
N LEU N 67 -5.75 57.52 -32.20
CA LEU N 67 -5.85 58.20 -33.49
C LEU N 67 -7.29 58.58 -33.76
N SER N 68 -7.49 59.79 -34.27
CA SER N 68 -8.81 60.29 -34.63
C SER N 68 -8.88 60.41 -36.15
N ILE N 69 -9.62 59.44 -36.73
CA ILE N 69 -9.77 59.17 -38.18
C ILE N 69 -10.75 60.13 -38.83
N PRO N 70 -10.33 61.13 -39.62
CA PRO N 70 -11.25 62.10 -40.18
C PRO N 70 -12.33 61.45 -41.06
N ALA N 71 -13.56 61.99 -41.00
CA ALA N 71 -14.79 61.54 -41.70
C ALA N 71 -14.64 61.63 -43.21
N GLN N 72 -13.88 62.62 -43.68
CA GLN N 72 -13.67 62.87 -45.12
C GLN N 72 -12.98 61.68 -45.79
N ALA N 73 -11.99 61.05 -45.14
CA ALA N 73 -11.27 59.90 -45.74
C ALA N 73 -11.99 58.57 -45.47
N ASP N 74 -12.15 57.76 -46.52
CA ASP N 74 -12.86 56.47 -46.42
C ASP N 74 -11.99 55.34 -46.99
N TYR N 75 -10.81 55.69 -47.54
CA TYR N 75 -9.86 54.75 -48.19
C TYR N 75 -8.49 54.86 -47.51
N LEU N 76 -7.87 53.77 -47.02
CA LEU N 76 -6.64 53.98 -46.26
C LEU N 76 -5.46 53.33 -46.97
N LEU N 77 -4.32 54.03 -46.98
CA LEU N 77 -3.09 53.53 -47.58
C LEU N 77 -1.94 53.81 -46.62
N ILE N 78 -1.28 52.74 -46.16
CA ILE N 78 -0.20 52.87 -45.19
C ILE N 78 1.09 53.19 -45.93
N GLY N 79 1.80 54.21 -45.45
CA GLY N 79 3.03 54.66 -46.09
C GLY N 79 2.74 55.75 -47.12
N ALA N 80 3.84 56.29 -47.64
CA ALA N 80 3.76 57.38 -48.62
C ALA N 80 4.74 57.12 -49.76
N ASP N 81 4.43 57.68 -50.91
CA ASP N 81 5.28 57.58 -52.09
C ASP N 81 5.00 58.77 -53.00
N ALA N 82 5.78 58.89 -54.07
CA ALA N 82 5.63 60.01 -54.98
C ALA N 82 4.37 59.89 -55.83
N SER N 83 3.98 58.66 -56.17
CA SER N 83 2.82 58.45 -57.04
C SER N 83 1.51 58.89 -56.40
N VAL N 84 1.40 58.81 -55.08
CA VAL N 84 0.16 59.11 -54.37
C VAL N 84 0.45 60.16 -53.30
N VAL N 85 -0.31 61.25 -53.32
CA VAL N 85 -0.14 62.33 -52.35
C VAL N 85 -1.50 62.97 -52.11
N GLY N 86 -1.76 63.31 -50.85
CA GLY N 86 -3.00 63.97 -50.49
C GLY N 86 -3.67 63.40 -49.25
N ASP N 87 -3.96 64.27 -48.29
CA ASP N 87 -4.59 63.89 -47.04
C ASP N 87 -3.81 62.85 -46.25
N SER N 88 -2.54 63.16 -46.01
CA SER N 88 -1.59 62.27 -45.36
C SER N 88 -1.17 62.88 -44.02
N GLN N 89 -0.96 62.03 -43.02
CA GLN N 89 -0.45 62.49 -41.74
C GLN N 89 0.49 61.47 -41.10
N THR N 90 1.23 61.96 -40.12
CA THR N 90 2.26 61.20 -39.43
C THR N 90 1.66 60.42 -38.28
N LEU N 91 1.91 59.12 -38.25
CA LEU N 91 1.49 58.31 -37.12
C LEU N 91 2.35 58.63 -35.91
N PRO N 92 1.80 58.51 -34.70
CA PRO N 92 2.58 58.80 -33.49
C PRO N 92 3.66 57.76 -33.26
N ASN N 93 4.62 58.13 -32.42
CA ASN N 93 5.72 57.25 -32.02
C ASN N 93 6.55 56.81 -33.23
N GLY N 94 6.51 57.58 -34.31
CA GLY N 94 7.28 57.27 -35.50
C GLY N 94 6.94 55.94 -36.13
N MET N 95 5.65 55.61 -36.15
CA MET N 95 5.23 54.37 -36.81
C MET N 95 5.23 54.51 -38.33
N GLY N 96 5.17 55.75 -38.83
CA GLY N 96 5.23 55.98 -40.26
C GLY N 96 4.30 57.06 -40.74
N GLN N 97 3.77 56.90 -41.95
CA GLN N 97 2.85 57.84 -42.55
C GLN N 97 1.61 57.09 -43.03
N ILE N 98 0.47 57.76 -43.00
CA ILE N 98 -0.76 57.18 -43.54
C ILE N 98 -1.39 58.19 -44.49
N CYS N 99 -2.14 57.69 -45.47
CA CYS N 99 -2.79 58.50 -46.47
C CYS N 99 -4.26 58.09 -46.53
N TRP N 100 -5.15 59.06 -46.38
CA TRP N 100 -6.57 58.85 -46.58
C TRP N 100 -6.93 59.30 -47.99
N LEU N 101 -7.39 58.35 -48.82
CA LEU N 101 -7.57 58.58 -50.24
C LEU N 101 -9.04 58.50 -50.60
N THR N 102 -9.47 59.37 -51.51
CA THR N 102 -10.81 59.31 -52.07
C THR N 102 -10.96 58.07 -52.94
N LYS N 103 -12.21 57.70 -53.20
CA LYS N 103 -12.50 56.40 -53.82
C LYS N 103 -11.78 56.23 -55.15
N ASP N 104 -11.92 57.20 -56.05
CA ASP N 104 -11.31 57.07 -57.38
C ASP N 104 -9.79 57.06 -57.29
N MET N 105 -9.22 57.96 -56.48
CA MET N 105 -7.77 58.01 -56.35
C MET N 105 -7.24 56.75 -55.67
N ALA N 106 -8.01 56.19 -54.74
CA ALA N 106 -7.60 54.94 -54.10
C ALA N 106 -7.66 53.78 -55.08
N HIS N 107 -8.67 53.76 -55.97
CA HIS N 107 -8.69 52.74 -57.01
C HIS N 107 -7.50 52.87 -57.95
N LYS N 108 -7.16 54.11 -58.30
CA LYS N 108 -5.97 54.33 -59.12
C LYS N 108 -4.70 53.86 -58.42
N ALA N 109 -4.58 54.13 -57.12
CA ALA N 109 -3.41 53.68 -56.35
C ALA N 109 -3.35 52.16 -56.27
N GLN N 110 -4.51 51.52 -56.10
CA GLN N 110 -4.53 50.06 -56.09
C GLN N 110 -4.14 49.49 -57.44
N GLY N 111 -4.60 50.12 -58.52
CA GLY N 111 -4.13 49.72 -59.84
C GLY N 111 -2.65 49.95 -60.04
N PHE N 112 -2.09 50.96 -59.37
CA PHE N 112 -0.67 51.24 -59.47
C PHE N 112 0.18 50.08 -58.98
N GLY N 113 -0.35 49.22 -58.12
CA GLY N 113 0.39 48.07 -57.64
C GLY N 113 0.70 48.11 -56.15
N LEU N 114 -0.19 48.72 -55.37
CA LEU N 114 -0.04 48.80 -53.92
C LEU N 114 -1.26 48.22 -53.25
N ASP N 115 -1.21 48.16 -51.93
CA ASP N 115 -2.34 47.68 -51.13
C ASP N 115 -3.13 48.86 -50.60
N VAL N 116 -4.45 48.80 -50.74
CA VAL N 116 -5.36 49.83 -50.26
C VAL N 116 -6.49 49.16 -49.49
N PHE N 117 -6.77 49.65 -48.29
CA PHE N 117 -7.73 49.04 -47.38
C PHE N 117 -8.99 49.88 -47.29
N ALA N 118 -10.13 49.20 -47.19
CA ALA N 118 -11.42 49.86 -47.10
C ALA N 118 -12.33 49.10 -46.15
N GLY N 119 -13.02 49.84 -45.28
CA GLY N 119 -13.93 49.24 -44.32
C GLY N 119 -13.24 48.81 -43.04
N SER N 120 -13.62 47.65 -42.53
CA SER N 120 -12.99 47.14 -41.31
C SER N 120 -11.49 46.98 -41.49
N GLN N 121 -11.03 46.77 -42.73
CA GLN N 121 -9.60 46.64 -42.98
C GLN N 121 -8.85 47.88 -42.52
N ARG N 122 -9.45 49.07 -42.66
CA ARG N 122 -8.76 50.28 -42.26
C ARG N 122 -8.41 50.25 -40.77
N ILE N 123 -9.13 49.44 -39.99
CA ILE N 123 -8.76 49.25 -38.59
C ILE N 123 -7.59 48.29 -38.48
N SER N 124 -7.68 47.13 -39.14
CA SER N 124 -6.64 46.12 -39.04
C SER N 124 -5.30 46.70 -39.48
N ALA N 125 -5.24 47.29 -40.67
CA ALA N 125 -3.98 47.81 -41.18
C ALA N 125 -3.47 48.96 -40.32
N LEU N 126 -4.31 49.49 -39.43
CA LEU N 126 -3.80 50.39 -38.41
C LEU N 126 -3.32 49.60 -37.20
N LEU N 127 -4.19 48.77 -36.63
CA LEU N 127 -3.83 48.01 -35.44
C LEU N 127 -2.57 47.19 -35.68
N LYS N 128 -2.50 46.51 -36.82
CA LYS N 128 -1.34 45.69 -37.14
C LYS N 128 -0.06 46.51 -37.08
N CYS N 129 -0.09 47.74 -37.60
CA CYS N 129 1.10 48.59 -37.54
C CYS N 129 1.56 48.75 -36.10
N VAL N 130 0.63 49.04 -35.19
CA VAL N 130 0.99 49.15 -33.78
C VAL N 130 1.60 47.85 -33.29
N LEU N 131 0.97 46.72 -33.64
CA LEU N 131 1.47 45.45 -33.15
C LEU N 131 2.84 45.13 -33.72
N LEU N 132 3.22 45.76 -34.83
CA LEU N 132 4.55 45.51 -35.37
C LEU N 132 5.60 46.38 -34.72
N ARG N 133 5.18 47.32 -33.87
CA ARG N 133 6.13 48.23 -33.18
C ARG N 133 6.45 47.72 -31.75
N HIS N 134 5.45 47.22 -31.03
CA HIS N 134 5.63 46.75 -29.62
C HIS N 134 5.63 45.21 -29.57
N MET N 135 5.91 44.56 -30.70
CA MET N 135 6.00 43.08 -30.83
C MET N 135 6.82 42.42 -29.70
N GLY N 136 8.03 42.91 -29.42
CA GLY N 136 8.88 42.30 -28.42
C GLY N 136 8.29 42.25 -27.04
N GLU N 137 7.13 42.85 -26.83
CA GLU N 137 6.47 42.81 -25.54
C GLU N 137 5.54 41.61 -25.39
N PHE N 138 5.28 40.86 -26.46
CA PHE N 138 4.39 39.72 -26.37
C PHE N 138 5.16 38.40 -26.27
N ILE N 139 6.43 38.45 -25.88
CA ILE N 139 7.27 37.26 -25.74
C ILE N 139 8.05 37.39 -24.43
N GLY N 140 7.59 36.71 -23.39
CA GLY N 140 8.26 36.73 -22.11
C GLY N 140 8.61 35.34 -21.64
N VAL N 141 8.67 35.12 -20.33
CA VAL N 141 8.92 33.78 -19.81
C VAL N 141 7.70 32.90 -20.02
N GLN N 142 6.51 33.45 -19.81
CA GLN N 142 5.30 32.65 -19.91
C GLN N 142 4.98 32.29 -21.35
N GLU N 143 5.12 33.26 -22.27
CA GLU N 143 4.89 32.94 -23.68
C GLU N 143 5.92 31.96 -24.20
N THR N 144 7.16 32.06 -23.73
CA THR N 144 8.17 31.07 -24.10
C THR N 144 7.79 29.69 -23.60
N ARG N 145 7.27 29.60 -22.37
CA ARG N 145 6.82 28.31 -21.87
C ARG N 145 5.66 27.78 -22.71
N TYR N 146 4.78 28.66 -23.18
CA TYR N 146 3.69 28.20 -24.04
C TYR N 146 4.24 27.67 -25.35
N LEU N 147 5.22 28.35 -25.94
CA LEU N 147 5.82 27.87 -27.18
C LEU N 147 6.49 26.51 -26.98
N MET N 148 7.19 26.34 -25.86
CA MET N 148 7.86 25.07 -25.61
C MET N 148 6.85 23.95 -25.34
N ASN N 149 5.73 24.27 -24.69
CA ASN N 149 4.68 23.28 -24.53
C ASN N 149 4.05 22.90 -25.86
N ALA N 150 3.89 23.87 -26.76
CA ALA N 150 3.39 23.56 -28.10
C ALA N 150 4.37 22.66 -28.85
N MET N 151 5.67 22.94 -28.71
CA MET N 151 6.67 22.12 -29.39
C MET N 151 6.88 20.77 -28.72
N GLU N 152 6.38 20.56 -27.51
CA GLU N 152 6.51 19.25 -26.87
C GLU N 152 5.69 18.16 -27.56
N LYS N 153 4.88 18.50 -28.56
CA LYS N 153 4.01 17.50 -29.17
C LYS N 153 4.79 16.65 -30.16
N ASN N 154 5.41 17.28 -31.16
CA ASN N 154 6.19 16.57 -32.16
C ASN N 154 7.68 16.54 -31.86
N TYR N 155 8.18 17.44 -31.02
CA TYR N 155 9.61 17.59 -30.82
C TYR N 155 10.10 17.34 -29.40
N SER N 156 9.45 16.38 -28.71
CA SER N 156 9.59 16.24 -27.28
C SER N 156 11.06 16.20 -26.84
N GLU N 157 11.89 15.45 -27.57
CA GLU N 157 13.27 15.30 -27.15
C GLU N 157 14.07 16.58 -27.39
N LEU N 158 13.73 17.33 -28.43
CA LEU N 158 14.41 18.59 -28.67
C LEU N 158 14.16 19.56 -27.53
N VAL N 159 12.91 19.68 -27.10
CA VAL N 159 12.58 20.57 -25.98
C VAL N 159 13.19 20.07 -24.69
N LYS N 160 13.17 18.76 -24.45
CA LYS N 160 13.77 18.22 -23.23
C LYS N 160 15.26 18.49 -23.17
N GLU N 161 15.96 18.27 -24.28
CA GLU N 161 17.39 18.57 -24.32
C GLU N 161 17.65 20.05 -24.11
N LEU N 162 16.84 20.91 -24.75
CA LEU N 162 17.03 22.35 -24.56
C LEU N 162 16.85 22.76 -23.11
N GLN N 163 15.80 22.24 -22.46
CA GLN N 163 15.60 22.54 -21.05
C GLN N 163 16.77 22.06 -20.21
N ARG N 164 17.29 20.87 -20.52
CA ARG N 164 18.48 20.37 -19.82
C ARG N 164 19.67 21.30 -20.02
N GLN N 165 19.74 21.98 -21.17
CA GLN N 165 20.86 22.88 -21.42
C GLN N 165 20.70 24.23 -20.74
N LEU N 166 19.60 24.94 -21.04
CA LEU N 166 19.40 26.32 -20.61
C LEU N 166 18.16 26.44 -19.75
N PRO N 167 18.19 27.30 -18.73
CA PRO N 167 16.97 27.60 -17.97
C PRO N 167 16.04 28.50 -18.76
N ILE N 168 14.76 28.45 -18.40
CA ILE N 168 13.73 29.04 -19.25
C ILE N 168 13.90 30.56 -19.36
N ASN N 169 14.50 31.20 -18.36
CA ASN N 169 14.66 32.65 -18.48
C ASN N 169 15.66 33.01 -19.57
N LYS N 170 16.70 32.19 -19.76
CA LYS N 170 17.66 32.48 -20.82
C LYS N 170 17.06 32.20 -22.20
N ILE N 171 16.26 31.16 -22.32
CA ILE N 171 15.57 30.91 -23.60
C ILE N 171 14.62 32.05 -23.92
N ALA N 172 13.87 32.53 -22.92
CA ALA N 172 12.97 33.65 -23.13
C ALA N 172 13.74 34.90 -23.50
N GLU N 173 14.89 35.14 -22.87
CA GLU N 173 15.72 36.28 -23.23
C GLU N 173 16.20 36.18 -24.66
N THR N 174 16.62 34.99 -25.10
CA THR N 174 17.06 34.81 -26.47
C THR N 174 15.93 35.07 -27.46
N LEU N 175 14.75 34.50 -27.20
CA LEU N 175 13.63 34.70 -28.10
C LEU N 175 13.20 36.16 -28.15
N GLN N 176 13.21 36.84 -26.99
CA GLN N 176 12.85 38.25 -26.97
C GLN N 176 13.86 39.08 -27.75
N ARG N 177 15.15 38.78 -27.60
CA ARG N 177 16.16 39.54 -28.32
C ARG N 177 16.10 39.28 -29.82
N LEU N 178 15.63 38.10 -30.22
CA LEU N 178 15.43 37.84 -31.63
C LEU N 178 14.19 38.55 -32.17
N VAL N 179 13.12 38.57 -31.38
CA VAL N 179 11.84 39.20 -31.84
C VAL N 179 12.04 40.71 -31.95
N SER N 180 12.77 41.31 -31.01
CA SER N 180 12.90 42.77 -31.01
C SER N 180 13.82 43.28 -32.11
N GLU N 181 14.17 42.44 -33.08
CA GLU N 181 14.96 42.85 -34.24
C GLU N 181 14.28 42.55 -35.56
N ARG N 182 12.99 42.20 -35.53
CA ARG N 182 12.26 41.74 -36.71
C ARG N 182 12.88 40.49 -37.31
N VAL N 183 13.34 39.56 -36.46
CA VAL N 183 13.75 38.24 -36.89
C VAL N 183 12.69 37.26 -36.43
N SER N 184 12.11 36.53 -37.37
CA SER N 184 11.01 35.64 -37.03
C SER N 184 11.51 34.47 -36.20
N ILE N 185 10.73 34.08 -35.20
CA ILE N 185 11.02 32.90 -34.41
C ILE N 185 10.03 31.81 -34.80
N ARG N 186 9.55 31.87 -36.04
CA ARG N 186 8.63 30.85 -36.53
C ARG N 186 9.31 29.50 -36.60
N ASP N 187 10.57 29.46 -37.02
CA ASP N 187 11.33 28.23 -37.13
C ASP N 187 11.96 27.93 -35.77
N LEU N 188 11.20 27.22 -34.93
CA LEU N 188 11.67 26.95 -33.58
C LEU N 188 12.56 25.72 -33.54
N ARG N 189 12.41 24.79 -34.49
CA ARG N 189 13.29 23.64 -34.54
C ARG N 189 14.73 24.07 -34.72
N LEU N 190 14.99 24.96 -35.67
CA LEU N 190 16.35 25.42 -35.92
C LEU N 190 16.88 26.26 -34.76
N ILE N 191 16.04 27.09 -34.16
CA ILE N 191 16.48 27.91 -33.03
C ILE N 191 16.87 27.03 -31.85
N PHE N 192 16.03 26.04 -31.54
CA PHE N 192 16.35 25.14 -30.43
C PHE N 192 17.59 24.31 -30.76
N GLY N 193 17.76 23.91 -32.01
CA GLY N 193 18.97 23.19 -32.39
C GLY N 193 20.23 24.01 -32.21
N THR N 194 20.17 25.30 -32.57
CA THR N 194 21.34 26.14 -32.42
C THR N 194 21.63 26.44 -30.96
N LEU N 195 20.58 26.61 -30.14
CA LEU N 195 20.80 26.81 -28.71
C LEU N 195 21.36 25.54 -28.07
N ILE N 196 20.95 24.37 -28.54
CA ILE N 196 21.50 23.12 -28.01
C ILE N 196 22.96 22.97 -28.42
N ASP N 197 23.29 23.34 -29.65
CA ASP N 197 24.69 23.27 -30.08
C ASP N 197 25.57 24.20 -29.27
N TRP N 198 25.20 25.47 -29.17
CA TRP N 198 26.10 26.48 -28.62
C TRP N 198 25.87 26.79 -27.15
N ALA N 199 24.93 26.11 -26.49
CA ALA N 199 24.74 26.35 -25.05
C ALA N 199 25.92 25.90 -24.21
N PRO N 200 26.50 24.71 -24.38
CA PRO N 200 27.67 24.34 -23.56
C PRO N 200 28.88 25.24 -23.80
N ARG N 201 29.06 25.74 -25.02
CA ARG N 201 30.27 26.48 -25.38
C ARG N 201 30.11 27.99 -25.23
N GLU N 202 29.00 28.46 -24.68
CA GLU N 202 28.79 29.90 -24.55
C GLU N 202 27.86 30.18 -23.39
N LYS N 203 28.08 31.29 -22.70
CA LYS N 203 27.25 31.69 -21.57
C LYS N 203 26.66 33.08 -21.72
N ASP N 204 27.19 33.90 -22.62
CA ASP N 204 26.66 35.23 -22.84
C ASP N 204 25.45 35.14 -23.76
N VAL N 205 24.26 35.37 -23.20
CA VAL N 205 23.01 35.18 -23.94
C VAL N 205 22.99 36.04 -25.19
N LEU N 206 23.66 37.19 -25.16
CA LEU N 206 23.78 38.00 -26.37
C LEU N 206 24.53 37.23 -27.46
N MET N 207 25.56 36.48 -27.09
CA MET N 207 26.29 35.74 -28.12
C MET N 207 25.51 34.53 -28.60
N LEU N 208 24.72 33.90 -27.72
CA LEU N 208 23.82 32.85 -28.19
C LEU N 208 22.82 33.42 -29.19
N THR N 209 22.30 34.61 -28.92
CA THR N 209 21.41 35.25 -29.88
C THR N 209 22.12 35.55 -31.19
N GLU N 210 23.38 35.96 -31.11
CA GLU N 210 24.14 36.19 -32.34
C GLU N 210 24.30 34.90 -33.15
N TYR N 211 24.58 33.79 -32.47
CA TYR N 211 24.72 32.52 -33.18
C TYR N 211 23.40 32.08 -33.80
N VAL N 212 22.29 32.29 -33.09
CA VAL N 212 20.98 31.94 -33.64
C VAL N 212 20.66 32.83 -34.83
N ARG N 213 21.05 34.10 -34.78
CA ARG N 213 20.84 34.99 -35.92
C ARG N 213 21.66 34.55 -37.12
N ILE N 214 22.89 34.10 -36.89
CA ILE N 214 23.74 33.62 -37.98
C ILE N 214 23.15 32.35 -38.60
N ALA N 215 22.65 31.45 -37.76
CA ALA N 215 22.06 30.22 -38.28
C ALA N 215 20.77 30.49 -39.05
N LEU N 216 20.16 31.66 -38.84
CA LEU N 216 18.94 32.06 -39.53
C LEU N 216 19.21 33.06 -40.64
N ARG N 217 20.42 33.11 -41.17
CA ARG N 217 20.78 34.19 -42.10
C ARG N 217 20.00 34.11 -43.40
N ARG N 218 19.68 32.90 -43.88
CA ARG N 218 18.92 32.79 -45.10
C ARG N 218 17.54 33.41 -44.94
N HIS N 219 16.88 33.12 -43.82
CA HIS N 219 15.56 33.71 -43.57
C HIS N 219 15.63 35.23 -43.47
N ILE N 220 16.64 35.75 -42.76
CA ILE N 220 16.75 37.20 -42.60
C ILE N 220 16.94 37.87 -43.95
N LEU N 221 17.85 37.33 -44.77
CA LEU N 221 18.11 37.95 -46.06
C LEU N 221 17.02 37.65 -47.08
N ARG N 222 16.10 36.74 -46.76
CA ARG N 222 14.92 36.60 -47.61
C ARG N 222 13.85 37.60 -47.21
N ARG N 223 13.64 37.78 -45.90
CA ARG N 223 12.58 38.67 -45.44
C ARG N 223 12.93 40.13 -45.69
N LEU N 224 14.21 40.51 -45.60
CA LEU N 224 14.58 41.90 -45.85
C LEU N 224 14.26 42.29 -47.29
N ASN N 225 14.58 41.44 -48.25
CA ASN N 225 14.21 41.70 -49.64
C ASN N 225 13.68 40.44 -50.30
N PRO N 226 12.37 40.32 -50.48
CA PRO N 226 11.81 39.07 -51.00
C PRO N 226 12.37 38.66 -52.35
N GLU N 227 12.64 39.61 -53.24
CA GLU N 227 13.24 39.32 -54.53
C GLU N 227 14.76 39.17 -54.39
N GLY N 228 15.36 38.57 -55.40
CA GLY N 228 16.79 38.39 -55.40
C GLY N 228 17.58 39.61 -55.83
N LYS N 229 16.89 40.72 -56.14
CA LYS N 229 17.56 41.91 -56.60
C LYS N 229 18.45 42.50 -55.51
N PRO N 230 19.57 43.08 -55.88
CA PRO N 230 20.45 43.71 -54.87
C PRO N 230 19.88 45.00 -54.32
N LEU N 231 19.78 45.09 -52.99
CA LEU N 231 19.36 46.31 -52.33
C LEU N 231 20.54 47.01 -51.66
N PRO N 232 20.44 48.33 -51.48
CA PRO N 232 21.60 49.10 -51.03
C PRO N 232 22.13 48.66 -49.68
N ILE N 233 23.45 48.71 -49.54
CA ILE N 233 24.14 48.35 -48.31
C ILE N 233 25.07 49.47 -47.91
N LEU N 234 24.98 49.89 -46.65
CA LEU N 234 25.82 50.93 -46.07
C LEU N 234 26.86 50.26 -45.18
N ARG N 235 28.10 50.21 -45.65
CA ARG N 235 29.17 49.59 -44.89
C ARG N 235 29.55 50.44 -43.69
N ILE N 236 30.09 49.81 -42.67
CA ILE N 236 30.72 50.54 -41.57
C ILE N 236 32.23 50.37 -41.68
N GLY N 237 32.95 51.49 -41.73
CA GLY N 237 34.37 51.45 -41.93
C GLY N 237 35.12 50.90 -40.74
N GLU N 238 36.41 50.64 -40.94
CA GLU N 238 37.22 50.01 -39.91
C GLU N 238 37.39 50.92 -38.69
N GLY N 239 37.25 52.23 -38.86
CA GLY N 239 37.42 53.13 -37.72
C GLY N 239 36.38 52.89 -36.63
N ILE N 240 35.11 52.84 -37.02
CA ILE N 240 34.05 52.62 -36.05
C ILE N 240 34.14 51.21 -35.47
N GLU N 241 34.47 50.23 -36.31
CA GLU N 241 34.60 48.86 -35.84
C GLU N 241 35.69 48.74 -34.78
N ASN N 242 36.83 49.40 -35.02
CA ASN N 242 37.91 49.37 -34.04
C ASN N 242 37.57 50.18 -32.80
N LEU N 243 36.82 51.27 -32.96
CA LEU N 243 36.41 52.06 -31.79
C LEU N 243 35.52 51.24 -30.87
N VAL N 244 34.50 50.58 -31.43
CA VAL N 244 33.58 49.82 -30.59
C VAL N 244 34.18 48.48 -30.16
N ARG N 245 35.18 47.98 -30.89
CA ARG N 245 35.80 46.72 -30.53
C ARG N 245 36.76 46.89 -29.35
N GLU N 246 37.41 48.05 -29.26
CA GLU N 246 38.35 48.30 -28.19
C GLU N 246 37.68 48.51 -26.83
N SER N 247 36.43 48.96 -26.82
CA SER N 247 35.74 49.32 -25.59
C SER N 247 34.97 48.16 -24.97
N ILE N 248 35.26 46.93 -25.35
CA ILE N 248 34.48 45.78 -24.88
C ILE N 248 34.96 45.39 -23.49
N ARG N 249 34.06 45.48 -22.51
CA ARG N 249 34.38 45.18 -21.13
C ARG N 249 33.53 44.01 -20.66
N GLN N 250 34.17 42.99 -20.10
CA GLN N 250 33.51 41.74 -19.78
C GLN N 250 33.41 41.55 -18.27
N THR N 251 32.25 41.09 -17.82
CA THR N 251 32.01 40.66 -16.45
C THR N 251 31.51 39.22 -16.48
N ALA N 252 31.29 38.66 -15.29
CA ALA N 252 30.95 37.25 -15.16
C ALA N 252 29.71 36.87 -15.96
N MET N 253 28.85 37.83 -16.28
CA MET N 253 27.63 37.56 -17.03
C MET N 253 27.76 37.84 -18.51
N GLY N 254 28.94 38.23 -19.01
CA GLY N 254 29.11 38.46 -20.42
C GLY N 254 29.79 39.78 -20.68
N THR N 255 29.89 40.13 -21.96
CA THR N 255 30.59 41.34 -22.39
C THR N 255 29.59 42.42 -22.76
N TYR N 256 29.94 43.68 -22.45
CA TYR N 256 29.16 44.83 -22.85
C TYR N 256 30.08 45.88 -23.45
N THR N 257 29.50 46.96 -23.95
CA THR N 257 30.24 48.06 -24.53
C THR N 257 30.27 49.22 -23.55
N ALA N 258 31.35 50.00 -23.59
CA ALA N 258 31.52 51.16 -22.72
C ALA N 258 32.15 52.28 -23.55
N LEU N 259 31.29 53.13 -24.12
CA LEU N 259 31.73 54.24 -24.94
C LEU N 259 31.33 55.57 -24.29
N SER N 260 32.04 56.62 -24.68
CA SER N 260 31.67 57.96 -24.27
C SER N 260 30.38 58.38 -24.98
N SER N 261 29.57 59.18 -24.28
CA SER N 261 28.32 59.65 -24.86
C SER N 261 28.57 60.46 -26.13
N ARG N 262 29.71 61.15 -26.20
CA ARG N 262 30.05 61.91 -27.40
C ARG N 262 30.21 60.97 -28.60
N HIS N 263 30.86 59.83 -28.40
CA HIS N 263 31.04 58.86 -29.47
C HIS N 263 29.70 58.38 -30.01
N LYS N 264 28.80 57.97 -29.11
CA LYS N 264 27.49 57.50 -29.54
C LYS N 264 26.72 58.60 -30.26
N THR N 265 26.74 59.82 -29.70
CA THR N 265 25.98 60.91 -30.31
C THR N 265 26.50 61.21 -31.72
N GLN N 266 27.82 61.25 -31.90
CA GLN N 266 28.34 61.54 -33.23
C GLN N 266 28.04 60.41 -34.20
N ILE N 267 28.13 59.15 -33.75
CA ILE N 267 27.86 58.03 -34.64
C ILE N 267 26.41 58.05 -35.11
N LEU N 268 25.48 58.23 -34.19
CA LEU N 268 24.07 58.31 -34.59
C LEU N 268 23.80 59.53 -35.47
N GLN N 269 24.42 60.68 -35.15
CA GLN N 269 24.19 61.87 -35.95
C GLN N 269 24.63 61.66 -37.39
N LEU N 270 25.81 61.05 -37.59
CA LEU N 270 26.28 60.83 -38.95
C LEU N 270 25.51 59.71 -39.65
N ILE N 271 25.05 58.71 -38.90
CA ILE N 271 24.25 57.65 -39.52
C ILE N 271 22.94 58.22 -40.03
N GLU N 272 22.27 59.05 -39.22
CA GLU N 272 21.07 59.74 -39.68
C GLU N 272 21.41 60.68 -40.84
N GLN N 273 22.60 61.27 -40.81
CA GLN N 273 23.04 62.08 -41.95
C GLN N 273 23.19 61.24 -43.21
N ALA N 274 23.65 59.99 -43.07
CA ALA N 274 23.84 59.11 -44.21
C ALA N 274 22.58 58.35 -44.59
N LEU N 275 21.52 58.43 -43.79
CA LEU N 275 20.29 57.71 -44.08
C LEU N 275 19.27 58.52 -44.88
N LYS N 276 19.45 59.84 -44.99
CA LYS N 276 18.49 60.65 -45.72
C LYS N 276 18.74 60.65 -47.22
N GLN N 277 19.83 60.01 -47.69
CA GLN N 277 20.10 59.95 -49.11
C GLN N 277 19.18 58.96 -49.83
N SER N 278 18.87 57.84 -49.19
CA SER N 278 17.96 56.85 -49.77
C SER N 278 17.01 56.35 -48.68
N ALA N 279 15.85 55.87 -49.11
CA ALA N 279 14.80 55.49 -48.16
C ALA N 279 15.22 54.31 -47.30
N LYS N 280 15.76 53.26 -47.91
CA LYS N 280 16.11 52.04 -47.21
C LYS N 280 17.60 51.77 -47.32
N LEU N 281 18.24 51.49 -46.19
CA LEU N 281 19.65 51.14 -46.16
C LEU N 281 19.88 50.09 -45.09
N PHE N 282 20.67 49.08 -45.44
CA PHE N 282 21.06 48.02 -44.51
C PHE N 282 22.47 48.33 -44.03
N ILE N 283 22.60 48.68 -42.76
CA ILE N 283 23.91 48.94 -42.17
C ILE N 283 24.61 47.62 -41.91
N VAL N 284 25.82 47.47 -42.42
CA VAL N 284 26.57 46.21 -42.35
C VAL N 284 27.90 46.45 -41.66
N THR N 285 28.18 45.68 -40.63
CA THR N 285 29.41 45.78 -39.86
C THR N 285 29.94 44.38 -39.60
N SER N 286 31.01 44.29 -38.83
CA SER N 286 31.63 43.02 -38.52
C SER N 286 30.80 42.23 -37.52
N VAL N 287 31.16 40.96 -37.33
CA VAL N 287 30.42 40.10 -36.40
C VAL N 287 30.68 40.53 -34.97
N ASP N 288 31.94 40.78 -34.61
CA ASP N 288 32.31 41.11 -33.24
C ASP N 288 31.83 42.50 -32.83
N THR N 289 31.44 43.34 -33.78
CA THR N 289 30.99 44.69 -33.48
C THR N 289 29.53 44.92 -33.84
N ARG N 290 28.81 43.88 -34.26
CA ARG N 290 27.43 44.09 -34.71
C ARG N 290 26.44 44.35 -33.59
N ARG N 291 26.34 43.42 -32.64
CA ARG N 291 25.34 43.57 -31.58
C ARG N 291 25.56 44.83 -30.78
N PHE N 292 26.81 45.12 -30.41
CA PHE N 292 27.10 46.33 -29.65
C PHE N 292 26.64 47.57 -30.41
N LEU N 293 26.96 47.63 -31.71
CA LEU N 293 26.47 48.75 -32.50
C LEU N 293 24.96 48.83 -32.45
N ARG N 294 24.28 47.69 -32.53
CA ARG N 294 22.82 47.69 -32.44
C ARG N 294 22.37 48.30 -31.12
N LYS N 295 23.04 47.97 -30.02
CA LYS N 295 22.57 48.48 -28.74
C LYS N 295 23.04 49.91 -28.48
N ILE N 296 23.68 50.56 -29.46
CA ILE N 296 23.82 52.01 -29.38
C ILE N 296 22.91 52.71 -30.38
N THR N 297 22.19 51.97 -31.20
CA THR N 297 21.27 52.55 -32.17
C THR N 297 19.86 52.03 -32.06
N GLU N 298 19.54 51.22 -31.05
CA GLU N 298 18.18 50.69 -30.91
C GLU N 298 17.22 51.72 -30.35
N ALA N 299 17.70 52.61 -29.47
CA ALA N 299 16.81 53.56 -28.81
C ALA N 299 16.19 54.53 -29.81
N THR N 300 16.99 55.04 -30.74
CA THR N 300 16.53 56.03 -31.70
C THR N 300 16.15 55.43 -33.05
N LEU N 301 17.07 54.69 -33.66
CA LEU N 301 16.87 54.10 -34.98
C LEU N 301 16.44 52.65 -34.79
N PHE N 302 15.18 52.45 -34.42
CA PHE N 302 14.67 51.12 -34.16
C PHE N 302 14.36 50.34 -35.43
N ASP N 303 13.91 51.02 -36.49
CA ASP N 303 13.42 50.32 -37.67
C ASP N 303 14.46 50.12 -38.76
N VAL N 304 15.72 50.46 -38.50
CA VAL N 304 16.79 50.21 -39.46
C VAL N 304 17.44 48.87 -39.12
N PRO N 305 17.61 47.97 -40.09
CA PRO N 305 18.19 46.67 -39.78
C PRO N 305 19.71 46.69 -39.77
N ILE N 306 20.31 46.22 -38.67
CA ILE N 306 21.75 46.18 -38.52
C ILE N 306 22.20 44.76 -38.83
N LEU N 307 22.59 44.51 -40.07
CA LEU N 307 23.06 43.19 -40.47
C LEU N 307 24.53 43.03 -40.11
N SER N 308 25.09 41.88 -40.48
CA SER N 308 26.48 41.57 -40.24
C SER N 308 27.11 41.00 -41.51
N TRP N 309 28.42 40.82 -41.49
CA TRP N 309 29.09 40.28 -42.66
C TRP N 309 28.84 38.78 -42.81
N GLN N 310 28.88 38.04 -41.71
CA GLN N 310 28.65 36.60 -41.78
C GLN N 310 27.20 36.27 -42.12
N GLU N 311 26.27 37.19 -41.85
CA GLU N 311 24.87 36.97 -42.22
C GLU N 311 24.64 37.13 -43.70
N LEU N 312 25.52 37.83 -44.40
CA LEU N 312 25.50 37.92 -45.85
C LEU N 312 26.54 36.97 -46.41
N GLY N 313 26.10 35.80 -46.88
CA GLY N 313 27.00 34.83 -47.43
C GLY N 313 27.66 35.31 -48.71
N GLU N 314 28.52 34.45 -49.26
CA GLU N 314 29.21 34.77 -50.50
C GLU N 314 28.27 34.82 -51.70
N GLU N 315 27.03 34.37 -51.54
CA GLU N 315 26.06 34.34 -52.63
C GLU N 315 25.27 35.64 -52.76
N SER N 316 25.42 36.57 -51.82
CA SER N 316 24.76 37.86 -51.90
C SER N 316 25.78 38.93 -52.25
N LEU N 317 25.57 39.61 -53.37
CA LEU N 317 26.48 40.68 -53.76
C LEU N 317 26.09 41.94 -52.99
N ILE N 318 27.06 42.84 -52.83
CA ILE N 318 26.92 43.90 -51.85
C ILE N 318 26.28 45.14 -52.45
N GLN N 319 26.93 45.74 -53.46
CA GLN N 319 26.53 47.04 -54.00
C GLN N 319 26.57 48.10 -52.90
N VAL N 320 27.78 48.38 -52.43
CA VAL N 320 27.99 49.39 -51.40
C VAL N 320 27.44 50.71 -51.94
N VAL N 321 26.77 51.47 -51.08
CA VAL N 321 26.30 52.81 -51.43
C VAL N 321 27.14 53.89 -50.77
N GLU N 322 27.48 53.71 -49.49
CA GLU N 322 28.33 54.66 -48.79
C GLU N 322 29.23 53.89 -47.83
N SER N 323 30.36 54.49 -47.48
CA SER N 323 31.33 53.88 -46.57
C SER N 323 31.60 54.86 -45.44
N ILE N 324 30.91 54.66 -44.32
CA ILE N 324 31.07 55.50 -43.14
C ILE N 324 32.37 55.13 -42.44
N ASP N 325 33.12 56.13 -41.97
CA ASP N 325 34.36 55.88 -41.25
C ASP N 325 34.61 57.03 -40.29
N LEU N 326 35.29 56.74 -39.18
CA LEU N 326 35.64 57.75 -38.19
C LEU N 326 36.94 57.39 -37.49
N SER N 327 37.51 58.37 -36.81
CA SER N 327 38.46 58.17 -35.74
C SER N 327 37.77 58.55 -34.42
N GLU N 328 38.50 58.46 -33.32
CA GLU N 328 37.90 58.76 -32.03
C GLU N 328 37.48 60.23 -31.95
N GLU N 329 36.90 60.59 -30.79
CA GLU N 329 36.45 61.95 -30.54
C GLU N 329 37.11 62.57 -29.31
N GLU N 330 37.13 61.87 -28.19
CA GLU N 330 37.65 62.45 -26.96
C GLU N 330 39.15 62.73 -27.06
N LEU N 331 39.91 61.75 -27.56
CA LEU N 331 41.35 61.95 -27.72
C LEU N 331 41.64 62.98 -28.80
N ALA N 332 41.05 62.81 -29.98
CA ALA N 332 41.20 63.74 -31.09
C ALA N 332 40.21 63.34 -32.18
N ASP N 333 39.64 64.34 -32.85
CA ASP N 333 38.62 64.06 -33.85
C ASP N 333 39.17 63.22 -35.00
N ASN N 334 40.02 63.82 -35.82
CA ASN N 334 40.78 63.15 -36.88
C ASN N 334 39.83 62.71 -37.99
N GLU N 335 38.52 62.67 -37.75
CA GLU N 335 37.57 62.47 -38.85
C GLU N 335 36.39 63.43 -38.75
N GLU N 336 35.95 63.72 -37.51
CA GLU N 336 34.75 64.52 -37.28
C GLU N 336 35.10 65.95 -36.91
N MET O 1 -3.12 28.10 -34.17
CA MET O 1 -1.76 28.64 -34.09
C MET O 1 -0.85 27.52 -33.57
N VAL O 2 -0.24 26.75 -34.46
CA VAL O 2 0.61 25.60 -34.03
C VAL O 2 2.10 25.95 -34.16
N PRO O 3 2.88 26.20 -33.07
CA PRO O 3 4.33 26.42 -33.13
C PRO O 3 5.04 25.32 -33.91
N GLY O 4 6.15 25.69 -34.54
CA GLY O 4 6.91 24.75 -35.34
C GLY O 4 6.48 24.75 -36.79
N ALA O 5 7.40 25.11 -37.69
CA ALA O 5 7.04 25.25 -39.09
C ALA O 5 6.68 23.89 -39.69
N CYS O 6 5.90 23.94 -40.76
CA CYS O 6 5.55 22.71 -41.48
C CYS O 6 6.78 22.25 -42.27
N PRO O 7 7.22 21.00 -42.09
CA PRO O 7 8.55 20.63 -42.60
C PRO O 7 8.72 20.79 -44.10
N LEU O 8 7.94 20.09 -44.91
CA LEU O 8 8.19 20.00 -46.35
C LEU O 8 6.89 20.21 -47.10
N ILE O 9 6.83 21.28 -47.90
CA ILE O 9 5.62 21.68 -48.61
C ILE O 9 5.97 21.83 -50.09
N LEU O 10 5.16 21.23 -50.96
CA LEU O 10 5.33 21.36 -52.40
C LEU O 10 4.09 22.03 -52.95
N ARG O 11 4.24 23.25 -53.48
CA ARG O 11 3.15 24.02 -54.02
C ARG O 11 3.19 23.96 -55.54
N LEU O 12 2.07 23.55 -56.15
CA LEU O 12 1.98 23.35 -57.58
C LEU O 12 0.76 24.06 -58.15
N SER O 13 0.91 24.55 -59.38
CA SER O 13 -0.25 25.01 -60.13
C SER O 13 -1.09 23.80 -60.55
N PRO O 14 -2.41 23.96 -60.59
CA PRO O 14 -3.28 22.77 -60.74
C PRO O 14 -3.06 22.01 -62.05
N THR O 15 -2.46 22.65 -63.06
CA THR O 15 -2.09 21.92 -64.26
C THR O 15 -1.05 20.85 -63.96
N LEU O 16 -0.03 21.19 -63.16
CA LEU O 16 1.04 20.24 -62.84
C LEU O 16 0.58 19.15 -61.89
N HIS O 17 -0.50 19.37 -61.15
CA HIS O 17 -1.00 18.37 -60.22
C HIS O 17 -1.46 17.14 -60.99
N SER O 18 -1.50 16.00 -60.31
CA SER O 18 -1.90 14.75 -60.96
C SER O 18 -2.46 13.81 -59.91
N ALA O 19 -2.79 12.59 -60.35
CA ALA O 19 -3.43 11.63 -59.48
C ALA O 19 -2.42 10.64 -58.88
N ASP O 20 -1.35 10.35 -59.62
CA ASP O 20 -0.30 9.45 -59.15
C ASP O 20 0.84 10.21 -58.49
N LEU O 21 0.67 11.52 -58.25
CA LEU O 21 1.73 12.29 -57.62
C LEU O 21 2.03 11.79 -56.22
N ILE O 22 1.01 11.40 -55.47
CA ILE O 22 1.22 10.96 -54.09
C ILE O 22 2.13 9.74 -54.06
N ARG O 23 1.84 8.74 -54.90
CA ARG O 23 2.64 7.52 -54.86
C ARG O 23 4.02 7.74 -55.48
N ASP O 24 4.14 8.63 -56.46
CA ASP O 24 5.45 8.95 -57.01
C ASP O 24 6.34 9.64 -55.97
N ILE O 25 5.78 10.61 -55.25
CA ILE O 25 6.54 11.26 -54.19
C ILE O 25 6.90 10.28 -53.08
N ASP O 26 5.97 9.37 -52.74
CA ASP O 26 6.29 8.39 -51.70
C ASP O 26 7.40 7.45 -52.15
N ALA O 27 7.40 7.05 -53.43
CA ALA O 27 8.48 6.21 -53.94
C ALA O 27 9.81 6.95 -53.91
N MET O 28 9.80 8.24 -54.27
CA MET O 28 11.02 9.02 -54.20
C MET O 28 11.52 9.14 -52.76
N ARG O 29 10.61 9.34 -51.82
CA ARG O 29 11.02 9.43 -50.41
C ARG O 29 11.62 8.12 -49.93
N TRP O 30 11.02 7.00 -50.32
CA TRP O 30 11.57 5.71 -49.92
C TRP O 30 12.93 5.46 -50.56
N PHE O 31 13.12 5.87 -51.81
CA PHE O 31 14.44 5.74 -52.41
C PHE O 31 15.46 6.60 -51.70
N LEU O 32 15.08 7.83 -51.32
CA LEU O 32 16.02 8.71 -50.62
C LEU O 32 16.37 8.16 -49.25
N PHE O 33 15.41 7.50 -48.58
CA PHE O 33 15.73 6.89 -47.29
C PHE O 33 16.62 5.68 -47.45
N GLU O 34 16.37 4.86 -48.48
CA GLU O 34 17.23 3.70 -48.71
C GLU O 34 18.64 4.13 -49.11
N ASP O 35 18.76 5.29 -49.76
CA ASP O 35 20.08 5.73 -50.22
C ASP O 35 20.86 6.45 -49.13
N THR O 36 20.26 7.45 -48.48
CA THR O 36 20.97 8.30 -47.53
C THR O 36 20.62 8.06 -46.08
N GLY O 37 19.65 7.19 -45.78
CA GLY O 37 19.39 6.80 -44.41
C GLY O 37 18.65 7.80 -43.56
N VAL O 38 18.31 8.96 -44.09
CA VAL O 38 17.61 10.01 -43.34
C VAL O 38 16.11 9.86 -43.60
N PRO O 39 15.30 9.64 -42.58
CA PRO O 39 13.85 9.48 -42.79
C PRO O 39 13.18 10.84 -42.98
N LEU O 40 12.79 11.13 -44.21
CA LEU O 40 12.22 12.41 -44.56
C LEU O 40 10.78 12.55 -44.08
N PRO O 41 10.34 13.76 -43.79
CA PRO O 41 8.95 13.97 -43.37
C PRO O 41 8.02 14.06 -44.57
N GLU O 42 6.74 13.83 -44.31
CA GLU O 42 5.75 13.75 -45.38
C GLU O 42 5.70 15.04 -46.18
N VAL O 43 5.66 14.91 -47.50
CA VAL O 43 5.55 16.07 -48.38
C VAL O 43 4.09 16.48 -48.46
N ASN O 44 3.81 17.74 -48.13
CA ASN O 44 2.46 18.27 -48.14
C ASN O 44 2.21 18.93 -49.49
N ILE O 45 1.28 18.38 -50.26
CA ILE O 45 0.94 18.90 -51.58
C ILE O 45 -0.06 20.04 -51.41
N GLU O 46 0.29 21.22 -51.90
CA GLU O 46 -0.58 22.39 -51.83
C GLU O 46 -0.72 22.97 -53.24
N VAL O 47 -1.86 23.59 -53.50
CA VAL O 47 -2.19 24.10 -54.82
C VAL O 47 -1.90 25.59 -54.87
N LEU O 48 -1.13 26.01 -55.86
CA LEU O 48 -0.74 27.41 -56.02
C LEU O 48 -1.36 27.97 -57.29
N PRO O 49 -2.45 28.73 -57.21
CA PRO O 49 -3.07 29.26 -58.43
C PRO O 49 -2.17 30.26 -59.14
N GLU O 50 -1.76 29.92 -60.37
CA GLU O 50 -0.83 30.75 -61.12
C GLU O 50 -1.05 30.49 -62.59
N PRO O 51 -1.24 31.54 -63.41
CA PRO O 51 -1.35 31.33 -64.85
C PRO O 51 -0.12 30.66 -65.45
N THR O 52 1.08 31.00 -64.96
CA THR O 52 2.31 30.41 -65.44
C THR O 52 2.54 29.08 -64.74
N GLU O 53 3.09 28.10 -65.47
CA GLU O 53 3.37 26.80 -64.90
C GLU O 53 4.55 26.89 -63.95
N LYS O 54 4.28 26.94 -62.66
CA LYS O 54 5.29 27.19 -61.64
C LYS O 54 5.09 26.25 -60.46
N LEU O 55 6.20 25.84 -59.84
CA LEU O 55 6.17 25.06 -58.61
C LEU O 55 7.17 25.66 -57.63
N THR O 56 6.87 25.50 -56.33
CA THR O 56 7.75 25.92 -55.27
C THR O 56 7.91 24.82 -54.25
N VAL O 57 9.11 24.72 -53.69
CA VAL O 57 9.42 23.77 -52.62
C VAL O 57 9.83 24.57 -51.41
N LEU O 58 9.13 24.35 -50.30
CA LEU O 58 9.28 25.10 -49.07
C LEU O 58 9.75 24.18 -47.96
N LEU O 59 10.90 24.49 -47.39
CA LEU O 59 11.45 23.78 -46.25
C LEU O 59 11.22 24.61 -45.00
N TYR O 60 10.37 24.12 -44.10
CA TYR O 60 10.03 24.83 -42.87
C TYR O 60 9.47 26.22 -43.18
N GLN O 61 8.68 26.28 -44.26
CA GLN O 61 7.95 27.48 -44.70
C GLN O 61 8.86 28.59 -45.19
N GLU O 62 10.14 28.31 -45.41
CA GLU O 62 11.03 29.26 -46.06
C GLU O 62 11.31 28.76 -47.46
N PRO O 63 10.80 29.41 -48.51
CA PRO O 63 10.87 28.84 -49.85
C PRO O 63 12.28 28.69 -50.36
N VAL O 64 12.72 27.44 -50.54
CA VAL O 64 14.07 27.17 -51.01
C VAL O 64 14.12 26.88 -52.50
N PHE O 65 12.99 26.54 -53.13
CA PHE O 65 13.02 26.25 -54.56
C PHE O 65 11.81 26.91 -55.22
N SER O 66 12.05 27.52 -56.38
CA SER O 66 10.99 28.16 -57.14
C SER O 66 11.33 28.09 -58.62
N LEU O 67 10.59 27.27 -59.35
CA LEU O 67 10.91 27.05 -60.76
C LEU O 67 9.66 27.15 -61.60
N SER O 68 9.76 27.81 -62.74
CA SER O 68 8.66 27.95 -63.69
C SER O 68 8.99 27.16 -64.95
N ILE O 69 8.30 26.00 -65.04
CA ILE O 69 8.49 24.91 -66.05
C ILE O 69 7.84 25.28 -67.37
N PRO O 70 8.59 25.63 -68.43
CA PRO O 70 7.98 26.04 -69.69
C PRO O 70 7.09 24.95 -70.30
N ALA O 71 5.97 25.38 -70.91
CA ALA O 71 4.91 24.54 -71.54
C ALA O 71 5.44 23.74 -72.72
N GLN O 72 6.42 24.31 -73.42
CA GLN O 72 7.03 23.66 -74.61
C GLN O 72 7.70 22.33 -74.24
N ALA O 73 8.39 22.25 -73.10
CA ALA O 73 9.08 20.99 -72.70
C ALA O 73 8.13 20.05 -71.94
N ASP O 74 8.14 18.77 -72.32
CA ASP O 74 7.26 17.76 -71.71
C ASP O 74 8.08 16.55 -71.25
N TYR O 75 9.39 16.56 -71.54
CA TYR O 75 10.34 15.45 -71.21
C TYR O 75 11.49 16.00 -70.37
N LEU O 76 11.81 15.43 -69.18
CA LEU O 76 12.83 16.10 -68.37
C LEU O 76 14.05 15.20 -68.21
N LEU O 77 15.24 15.81 -68.29
CA LEU O 77 16.50 15.10 -68.11
C LEU O 77 17.40 15.94 -67.20
N ILE O 78 17.76 15.37 -66.05
CA ILE O 78 18.57 16.09 -65.07
C ILE O 78 20.04 15.96 -65.46
N GLY O 79 20.74 17.10 -65.46
CA GLY O 79 22.13 17.15 -65.87
C GLY O 79 22.27 17.39 -67.35
N ALA O 80 23.52 17.58 -67.77
CA ALA O 80 23.85 17.88 -69.16
C ALA O 80 25.03 17.04 -69.60
N ASP O 81 25.11 16.80 -70.91
CA ASP O 81 26.22 16.06 -71.50
C ASP O 81 26.34 16.48 -72.96
N ALA O 82 27.38 15.97 -73.62
CA ALA O 82 27.62 16.34 -75.02
C ALA O 82 26.61 15.69 -75.95
N SER O 83 26.15 14.48 -75.62
CA SER O 83 25.24 13.75 -76.50
C SER O 83 23.88 14.43 -76.64
N VAL O 84 23.42 15.14 -75.61
CA VAL O 84 22.10 15.75 -75.59
C VAL O 84 22.26 17.23 -75.29
N VAL O 85 21.68 18.07 -76.15
CA VAL O 85 21.75 19.52 -75.99
C VAL O 85 20.47 20.13 -76.55
N GLY O 86 19.95 21.13 -75.86
CA GLY O 86 18.76 21.82 -76.31
C GLY O 86 17.73 22.06 -75.23
N ASP O 87 17.32 23.33 -75.06
CA ASP O 87 16.35 23.73 -74.08
C ASP O 87 16.76 23.37 -72.64
N SER O 88 17.95 23.83 -72.28
CA SER O 88 18.57 23.53 -71.00
C SER O 88 18.72 24.82 -70.19
N GLN O 89 18.54 24.74 -68.88
CA GLN O 89 18.76 25.89 -68.01
C GLN O 89 19.36 25.47 -66.67
N THR O 90 19.89 26.47 -65.98
CA THR O 90 20.60 26.31 -64.73
C THR O 90 19.63 26.33 -63.57
N LEU O 91 19.68 25.30 -62.72
CA LEU O 91 18.88 25.30 -61.52
C LEU O 91 19.44 26.30 -60.52
N PRO O 92 18.58 26.90 -59.68
CA PRO O 92 19.07 27.87 -58.70
C PRO O 92 19.90 27.22 -57.62
N ASN O 93 20.65 28.06 -56.91
CA ASN O 93 21.49 27.62 -55.78
C ASN O 93 22.52 26.58 -56.21
N GLY O 94 22.87 26.57 -57.49
CA GLY O 94 23.86 25.66 -58.01
C GLY O 94 23.51 24.20 -57.84
N MET O 95 22.24 23.85 -58.03
CA MET O 95 21.84 22.45 -57.94
C MET O 95 22.24 21.68 -59.20
N GLY O 96 22.48 22.38 -60.30
CA GLY O 96 22.94 21.72 -61.51
C GLY O 96 22.32 22.28 -62.77
N GLN O 97 22.10 21.41 -63.76
CA GLN O 97 21.50 21.78 -65.03
C GLN O 97 20.33 20.84 -65.32
N ILE O 98 19.32 21.35 -66.00
CA ILE O 98 18.21 20.52 -66.44
C ILE O 98 17.98 20.75 -67.93
N CYS O 99 17.45 19.74 -68.60
CA CYS O 99 17.18 19.78 -70.03
C CYS O 99 15.74 19.36 -70.26
N TRP O 100 14.98 20.20 -70.96
CA TRP O 100 13.64 19.84 -71.40
C TRP O 100 13.72 19.36 -72.84
N LEU O 101 13.36 18.09 -73.06
CA LEU O 101 13.57 17.44 -74.33
C LEU O 101 12.25 17.09 -74.98
N THR O 102 12.19 17.24 -76.31
CA THR O 102 11.04 16.82 -77.08
C THR O 102 10.95 15.29 -77.08
N LYS O 103 9.77 14.79 -77.43
CA LYS O 103 9.47 13.37 -77.24
C LYS O 103 10.48 12.47 -77.95
N ASP O 104 10.71 12.71 -79.25
CA ASP O 104 11.61 11.86 -80.01
C ASP O 104 13.05 11.97 -79.51
N MET O 105 13.50 13.20 -79.24
CA MET O 105 14.87 13.37 -78.75
C MET O 105 15.03 12.76 -77.36
N ALA O 106 13.97 12.84 -76.54
CA ALA O 106 14.03 12.22 -75.22
C ALA O 106 14.07 10.70 -75.32
N HIS O 107 13.33 10.12 -76.27
CA HIS O 107 13.43 8.69 -76.50
C HIS O 107 14.82 8.29 -76.96
N LYS O 108 15.42 9.09 -77.83
CA LYS O 108 16.79 8.84 -78.25
C LYS O 108 17.77 8.92 -77.08
N ALA O 109 17.58 9.91 -76.20
CA ALA O 109 18.44 10.05 -75.03
C ALA O 109 18.27 8.87 -74.07
N GLN O 110 17.04 8.40 -73.90
CA GLN O 110 16.80 7.23 -73.06
C GLN O 110 17.45 5.99 -73.66
N GLY O 111 17.38 5.84 -74.99
CA GLY O 111 18.09 4.77 -75.64
C GLY O 111 19.60 4.89 -75.50
N PHE O 112 20.10 6.12 -75.40
CA PHE O 112 21.53 6.35 -75.22
C PHE O 112 22.06 5.74 -73.94
N GLY O 113 21.21 5.53 -72.94
CA GLY O 113 21.64 4.92 -71.71
C GLY O 113 21.57 5.83 -70.50
N LEU O 114 20.60 6.75 -70.50
CA LEU O 114 20.38 7.67 -69.40
C LEU O 114 18.96 7.55 -68.90
N ASP O 115 18.66 8.29 -67.84
CA ASP O 115 17.31 8.33 -67.26
C ASP O 115 16.58 9.56 -67.77
N VAL O 116 15.35 9.36 -68.21
CA VAL O 116 14.50 10.45 -68.69
C VAL O 116 13.13 10.30 -68.04
N PHE O 117 12.63 11.40 -67.49
CA PHE O 117 11.39 11.40 -66.71
C PHE O 117 10.28 12.08 -67.49
N ALA O 118 9.06 11.55 -67.35
CA ALA O 118 7.89 12.09 -68.02
C ALA O 118 6.68 11.99 -67.12
N GLY O 119 5.90 13.07 -67.07
CA GLY O 119 4.71 13.11 -66.25
C GLY O 119 4.98 13.54 -64.83
N SER O 120 4.32 12.89 -63.87
CA SER O 120 4.55 13.22 -62.47
C SER O 120 6.01 13.06 -62.08
N GLN O 121 6.73 12.18 -62.78
CA GLN O 121 8.14 11.99 -62.49
C GLN O 121 8.93 13.28 -62.64
N ARG O 122 8.55 14.13 -63.60
CA ARG O 122 9.27 15.39 -63.78
C ARG O 122 9.22 16.24 -62.52
N ILE O 123 8.22 16.02 -61.66
CA ILE O 123 8.19 16.71 -60.38
C ILE O 123 9.16 16.04 -59.41
N SER O 124 9.07 14.72 -59.29
CA SER O 124 9.91 14.01 -58.33
C SER O 124 11.39 14.26 -58.61
N ALA O 125 11.83 14.04 -59.84
CA ALA O 125 13.23 14.22 -60.17
C ALA O 125 13.66 15.67 -60.02
N LEU O 126 12.71 16.58 -59.90
CA LEU O 126 13.06 17.93 -59.48
C LEU O 126 13.10 18.03 -57.96
N LEU O 127 12.01 17.65 -57.29
CA LEU O 127 11.95 17.75 -55.84
C LEU O 127 13.10 17.01 -55.20
N LYS O 128 13.36 15.78 -55.66
CA LYS O 128 14.44 14.98 -55.10
C LYS O 128 15.77 15.73 -55.16
N CYS O 129 16.04 16.43 -56.28
CA CYS O 129 17.27 17.19 -56.37
C CYS O 129 17.38 18.18 -55.22
N VAL O 130 16.29 18.92 -54.96
CA VAL O 130 16.29 19.85 -53.84
C VAL O 130 16.57 19.11 -52.54
N LEU O 131 15.90 17.97 -52.35
CA LEU O 131 16.08 17.25 -51.09
C LEU O 131 17.50 16.71 -50.96
N LEU O 132 18.23 16.59 -52.06
CA LEU O 132 19.60 16.12 -51.95
C LEU O 132 20.57 17.25 -51.65
N ARG O 133 20.08 18.49 -51.66
CA ARG O 133 20.93 19.67 -51.38
C ARG O 133 20.81 20.11 -49.90
N HIS O 134 19.59 20.10 -49.34
CA HIS O 134 19.34 20.55 -47.94
C HIS O 134 19.12 19.34 -47.02
N MET O 135 19.58 18.16 -47.43
CA MET O 135 19.50 16.89 -46.65
C MET O 135 19.91 17.06 -45.18
N GLY O 136 21.06 17.67 -44.91
CA GLY O 136 21.54 17.79 -43.54
C GLY O 136 20.62 18.54 -42.62
N GLU O 137 19.53 19.11 -43.14
CA GLU O 137 18.57 19.80 -42.31
C GLU O 137 17.48 18.89 -41.77
N PHE O 138 17.40 17.65 -42.23
CA PHE O 138 16.37 16.73 -41.77
C PHE O 138 16.89 15.77 -40.72
N ILE O 139 18.03 16.08 -40.09
CA ILE O 139 18.62 15.24 -39.06
C ILE O 139 19.06 16.15 -37.91
N GLY O 140 18.26 16.18 -36.84
CA GLY O 140 18.57 16.99 -35.68
C GLY O 140 18.60 16.16 -34.42
N VAL O 141 18.29 16.76 -33.28
CA VAL O 141 18.22 15.98 -32.03
C VAL O 141 16.98 15.10 -32.03
N GLN O 142 15.86 15.63 -32.53
CA GLN O 142 14.62 14.87 -32.49
C GLN O 142 14.64 13.71 -33.50
N GLU O 143 15.14 13.96 -34.71
CA GLU O 143 15.22 12.87 -35.67
C GLU O 143 16.21 11.81 -35.21
N THR O 144 17.29 12.21 -34.56
CA THR O 144 18.22 11.25 -33.98
C THR O 144 17.53 10.41 -32.92
N ARG O 145 16.71 11.04 -32.07
CA ARG O 145 15.98 10.27 -31.09
C ARG O 145 15.01 9.30 -31.75
N TYR O 146 14.40 9.71 -32.86
CA TYR O 146 13.52 8.78 -33.58
C TYR O 146 14.31 7.60 -34.13
N LEU O 147 15.49 7.84 -34.68
CA LEU O 147 16.32 6.75 -35.18
C LEU O 147 16.72 5.80 -34.06
N MET O 148 17.08 6.34 -32.90
CA MET O 148 17.48 5.50 -31.79
C MET O 148 16.30 4.70 -31.24
N ASN O 149 15.10 5.30 -31.23
CA ASN O 149 13.91 4.56 -30.84
C ASN O 149 13.60 3.44 -31.82
N ALA O 150 13.81 3.69 -33.11
CA ALA O 150 13.63 2.63 -34.10
C ALA O 150 14.63 1.50 -33.89
N MET O 151 15.88 1.86 -33.58
CA MET O 151 16.90 0.84 -33.34
C MET O 151 16.74 0.15 -32.00
N GLU O 152 15.92 0.68 -31.08
CA GLU O 152 15.71 0.00 -29.81
C GLU O 152 14.96 -1.32 -29.94
N LYS O 153 14.48 -1.67 -31.14
CA LYS O 153 13.66 -2.87 -31.28
C LYS O 153 14.54 -4.11 -31.33
N ASN O 154 15.48 -4.16 -32.28
CA ASN O 154 16.38 -5.28 -32.42
C ASN O 154 17.73 -5.07 -31.74
N TYR O 155 18.12 -3.84 -31.48
CA TYR O 155 19.46 -3.54 -30.99
C TYR O 155 19.53 -2.88 -29.62
N SER O 156 18.60 -3.28 -28.73
CA SER O 156 18.35 -2.54 -27.51
C SER O 156 19.64 -2.26 -26.73
N GLU O 157 20.52 -3.27 -26.62
CA GLU O 157 21.72 -3.09 -25.82
C GLU O 157 22.71 -2.15 -26.50
N LEU O 158 22.76 -2.18 -27.83
CA LEU O 158 23.64 -1.27 -28.55
C LEU O 158 23.25 0.17 -28.29
N VAL O 159 21.95 0.48 -28.39
CA VAL O 159 21.48 1.83 -28.14
C VAL O 159 21.67 2.22 -26.69
N LYS O 160 21.41 1.30 -25.76
CA LYS O 160 21.59 1.61 -24.34
C LYS O 160 23.04 1.92 -24.03
N GLU O 161 23.97 1.12 -24.55
CA GLU O 161 25.38 1.39 -24.34
C GLU O 161 25.78 2.72 -24.96
N LEU O 162 25.29 3.01 -26.16
CA LEU O 162 25.62 4.28 -26.79
C LEU O 162 25.13 5.46 -25.97
N GLN O 163 23.89 5.39 -25.47
CA GLN O 163 23.38 6.45 -24.61
C GLN O 163 24.23 6.60 -23.37
N ARG O 164 24.64 5.48 -22.78
CA ARG O 164 25.52 5.55 -21.61
C ARG O 164 26.84 6.22 -21.96
N GLN O 165 27.30 6.09 -23.21
CA GLN O 165 28.56 6.71 -23.60
C GLN O 165 28.41 8.21 -23.89
N LEU O 166 27.55 8.55 -24.85
CA LEU O 166 27.43 9.91 -25.37
C LEU O 166 26.04 10.47 -25.13
N PRO O 167 25.93 11.76 -24.84
CA PRO O 167 24.61 12.40 -24.77
C PRO O 167 24.05 12.63 -26.16
N ILE O 168 22.72 12.74 -26.22
CA ILE O 168 22.03 12.69 -27.51
C ILE O 168 22.43 13.85 -28.42
N ASN O 169 22.83 14.99 -27.85
CA ASN O 169 23.22 16.09 -28.72
C ASN O 169 24.50 15.78 -29.47
N LYS O 170 25.43 15.05 -28.86
CA LYS O 170 26.66 14.69 -29.56
C LYS O 170 26.41 13.63 -30.63
N ILE O 171 25.52 12.68 -30.36
CA ILE O 171 25.15 11.71 -31.39
C ILE O 171 24.48 12.41 -32.56
N ALA O 172 23.58 13.34 -32.28
CA ALA O 172 22.93 14.08 -33.35
C ALA O 172 23.92 14.92 -34.13
N GLU O 173 24.90 15.52 -33.45
CA GLU O 173 25.94 16.26 -34.14
C GLU O 173 26.75 15.36 -35.06
N THR O 174 27.10 14.16 -34.59
CA THR O 174 27.85 13.22 -35.41
C THR O 174 27.06 12.81 -36.63
N LEU O 175 25.78 12.45 -36.44
CA LEU O 175 24.96 12.04 -37.58
C LEU O 175 24.76 13.18 -38.57
N GLN O 176 24.57 14.40 -38.07
CA GLN O 176 24.42 15.54 -38.96
C GLN O 176 25.70 15.79 -39.75
N ARG O 177 26.85 15.68 -39.09
CA ARG O 177 28.11 15.92 -39.79
C ARG O 177 28.39 14.83 -40.82
N LEU O 178 27.88 13.62 -40.57
CA LEU O 178 28.01 12.57 -41.57
C LEU O 178 27.06 12.78 -42.75
N VAL O 179 25.84 13.22 -42.46
CA VAL O 179 24.82 13.39 -43.54
C VAL O 179 25.24 14.56 -44.44
N SER O 180 25.79 15.63 -43.85
CA SER O 180 26.11 16.81 -44.64
C SER O 180 27.35 16.61 -45.52
N GLU O 181 27.81 15.37 -45.68
CA GLU O 181 28.92 15.06 -46.58
C GLU O 181 28.56 14.02 -47.62
N ARG O 182 27.27 13.70 -47.76
CA ARG O 182 26.81 12.61 -48.61
C ARG O 182 27.38 11.25 -48.17
N VAL O 183 27.48 11.03 -46.87
CA VAL O 183 27.81 9.72 -46.31
C VAL O 183 26.53 9.17 -45.70
N SER O 184 26.12 8.00 -46.17
CA SER O 184 24.85 7.43 -45.72
C SER O 184 24.97 7.00 -44.27
N ILE O 185 23.90 7.25 -43.50
CA ILE O 185 23.82 6.78 -42.13
C ILE O 185 22.82 5.62 -42.08
N ARG O 186 22.69 4.92 -43.21
CA ARG O 186 21.79 3.77 -43.27
C ARG O 186 22.27 2.67 -42.34
N ASP O 187 23.58 2.44 -42.29
CA ASP O 187 24.17 1.40 -41.44
C ASP O 187 24.39 1.99 -40.05
N LEU O 188 23.34 1.88 -39.22
CA LEU O 188 23.42 2.47 -37.90
C LEU O 188 24.09 1.54 -36.90
N ARG O 189 24.06 0.23 -37.14
CA ARG O 189 24.76 -0.69 -36.26
C ARG O 189 26.24 -0.40 -36.23
N LEU O 190 26.85 -0.21 -37.41
CA LEU O 190 28.28 0.06 -37.48
C LEU O 190 28.61 1.44 -36.90
N ILE O 191 27.76 2.43 -37.17
CA ILE O 191 28.01 3.77 -36.64
C ILE O 191 27.96 3.77 -35.12
N PHE O 192 26.94 3.12 -34.55
CA PHE O 192 26.85 3.06 -33.11
C PHE O 192 28.00 2.25 -32.52
N GLY O 193 28.43 1.19 -33.21
CA GLY O 193 29.58 0.43 -32.73
C GLY O 193 30.85 1.26 -32.70
N THR O 194 31.07 2.08 -33.74
CA THR O 194 32.27 2.90 -33.77
C THR O 194 32.22 4.01 -32.73
N LEU O 195 31.02 4.59 -32.51
CA LEU O 195 30.90 5.59 -31.46
C LEU O 195 31.10 4.98 -30.08
N ILE O 196 30.66 3.73 -29.89
CA ILE O 196 30.88 3.06 -28.62
C ILE O 196 32.36 2.76 -28.42
N ASP O 197 33.04 2.35 -29.48
CA ASP O 197 34.48 2.09 -29.36
C ASP O 197 35.25 3.35 -29.02
N TRP O 198 35.04 4.43 -29.78
CA TRP O 198 35.90 5.60 -29.69
C TRP O 198 35.35 6.71 -28.80
N ALA O 199 34.19 6.52 -28.17
CA ALA O 199 33.67 7.54 -27.26
C ALA O 199 34.53 7.72 -26.01
N PRO O 200 34.96 6.68 -25.30
CA PRO O 200 35.82 6.92 -24.13
C PRO O 200 37.16 7.55 -24.48
N ARG O 201 37.72 7.24 -25.65
CA ARG O 201 39.07 7.68 -26.01
C ARG O 201 39.08 8.97 -26.80
N GLU O 202 37.94 9.64 -26.97
CA GLU O 202 37.92 10.86 -27.76
C GLU O 202 36.77 11.73 -27.29
N LYS O 203 36.95 13.05 -27.33
CA LYS O 203 35.92 14.00 -26.93
C LYS O 203 35.59 15.02 -28.02
N ASP O 204 36.44 15.17 -29.03
CA ASP O 204 36.17 16.09 -30.12
C ASP O 204 35.23 15.43 -31.11
N VAL O 205 33.98 15.89 -31.15
CA VAL O 205 32.95 15.25 -31.96
C VAL O 205 33.37 15.22 -33.44
N LEU O 206 34.16 16.19 -33.87
CA LEU O 206 34.69 16.13 -35.22
C LEU O 206 35.58 14.91 -35.42
N MET O 207 36.37 14.55 -34.41
CA MET O 207 37.23 13.38 -34.55
C MET O 207 36.43 12.09 -34.45
N LEU O 208 35.37 12.06 -33.65
CA LEU O 208 34.48 10.91 -33.66
C LEU O 208 33.86 10.73 -35.04
N THR O 209 33.46 11.83 -35.66
CA THR O 209 32.94 11.75 -37.03
C THR O 209 33.99 11.26 -38.00
N GLU O 210 35.24 11.67 -37.82
CA GLU O 210 36.31 11.17 -38.67
C GLU O 210 36.48 9.67 -38.52
N TYR O 211 36.43 9.18 -37.27
CA TYR O 211 36.57 7.74 -37.05
C TYR O 211 35.40 6.97 -37.65
N VAL O 212 34.19 7.51 -37.54
CA VAL O 212 33.03 6.85 -38.13
C VAL O 212 33.14 6.85 -39.66
N ARG O 213 33.69 7.92 -40.23
CA ARG O 213 33.89 7.96 -41.67
C ARG O 213 34.92 6.94 -42.10
N ILE O 214 35.98 6.76 -41.31
CA ILE O 214 37.00 5.76 -41.65
C ILE O 214 36.42 4.35 -41.56
N ALA O 215 35.61 4.09 -40.53
CA ALA O 215 35.01 2.77 -40.40
C ALA O 215 34.00 2.49 -41.51
N LEU O 216 33.53 3.52 -42.21
CA LEU O 216 32.59 3.39 -43.31
C LEU O 216 33.26 3.56 -44.67
N ARG O 217 34.57 3.34 -44.75
CA ARG O 217 35.30 3.67 -45.97
C ARG O 217 34.87 2.82 -47.15
N ARG O 218 34.52 1.55 -46.92
CA ARG O 218 34.09 0.71 -48.01
C ARG O 218 32.81 1.25 -48.64
N HIS O 219 31.85 1.65 -47.81
CA HIS O 219 30.62 2.21 -48.33
C HIS O 219 30.86 3.51 -49.09
N ILE O 220 31.72 4.38 -48.57
CA ILE O 220 31.98 5.65 -49.24
C ILE O 220 32.59 5.40 -50.61
N LEU O 221 33.60 4.53 -50.67
CA LEU O 221 34.27 4.27 -51.94
C LEU O 221 33.44 3.39 -52.86
N ARG O 222 32.36 2.81 -52.35
CA ARG O 222 31.42 2.15 -53.26
C ARG O 222 30.43 3.15 -53.84
N ARG O 223 29.93 4.06 -53.00
CA ARG O 223 28.92 5.00 -53.46
C ARG O 223 29.51 6.05 -54.40
N LEU O 224 30.77 6.45 -54.16
CA LEU O 224 31.38 7.43 -55.05
C LEU O 224 31.49 6.90 -56.48
N ASN O 225 31.93 5.66 -56.63
CA ASN O 225 31.96 5.04 -57.95
C ASN O 225 31.45 3.60 -57.88
N PRO O 226 30.22 3.35 -58.34
CA PRO O 226 29.65 2.01 -58.17
C PRO O 226 30.47 0.91 -58.82
N GLU O 227 31.09 1.16 -59.97
CA GLU O 227 31.95 0.20 -60.62
C GLU O 227 33.34 0.23 -59.99
N GLY O 228 34.10 -0.83 -60.24
CA GLY O 228 35.45 -0.92 -59.74
C GLY O 228 36.47 -0.15 -60.54
N LYS O 229 36.05 0.53 -61.61
CA LYS O 229 36.97 1.24 -62.46
C LYS O 229 37.61 2.41 -61.71
N PRO O 230 38.87 2.71 -62.00
CA PRO O 230 39.54 3.83 -61.34
C PRO O 230 39.03 5.18 -61.81
N LEU O 231 38.61 6.03 -60.87
CA LEU O 231 38.20 7.39 -61.18
C LEU O 231 39.26 8.40 -60.74
N PRO O 232 39.30 9.56 -61.38
CA PRO O 232 40.41 10.49 -61.15
C PRO O 232 40.50 10.95 -59.71
N ILE O 233 41.74 11.14 -59.25
CA ILE O 233 42.04 11.59 -57.90
C ILE O 233 42.99 12.78 -57.97
N LEU O 234 42.64 13.85 -57.27
CA LEU O 234 43.44 15.06 -57.19
C LEU O 234 44.11 15.08 -55.83
N ARG O 235 45.41 14.82 -55.80
CA ARG O 235 46.16 14.81 -54.55
C ARG O 235 46.33 16.22 -54.01
N ILE O 236 46.50 16.32 -52.71
CA ILE O 236 46.93 17.59 -52.10
C ILE O 236 48.38 17.45 -51.66
N GLY O 237 49.22 18.36 -52.14
CA GLY O 237 50.64 18.26 -51.85
C GLY O 237 50.97 18.55 -50.41
N GLU O 238 52.23 18.28 -50.05
CA GLU O 238 52.65 18.42 -48.66
C GLU O 238 52.63 19.87 -48.19
N GLY O 239 52.72 20.82 -49.12
CA GLY O 239 52.72 22.22 -48.72
C GLY O 239 51.41 22.62 -48.05
N ILE O 240 50.29 22.30 -48.67
CA ILE O 240 48.99 22.66 -48.09
C ILE O 240 48.73 21.87 -46.83
N GLU O 241 49.14 20.59 -46.82
CA GLU O 241 48.95 19.76 -45.63
C GLU O 241 49.71 20.34 -44.45
N ASN O 242 50.95 20.78 -44.68
CA ASN O 242 51.74 21.37 -43.60
C ASN O 242 51.20 22.74 -43.20
N LEU O 243 50.67 23.50 -44.17
CA LEU O 243 50.09 24.80 -43.85
C LEU O 243 48.89 24.66 -42.93
N VAL O 244 47.97 23.75 -43.26
CA VAL O 244 46.77 23.59 -42.44
C VAL O 244 47.05 22.78 -41.18
N ARG O 245 48.13 21.99 -41.16
CA ARG O 245 48.46 21.21 -39.98
C ARG O 245 49.10 22.08 -38.91
N GLU O 246 49.86 23.10 -39.31
CA GLU O 246 50.52 23.97 -38.36
C GLU O 246 49.56 24.91 -37.64
N SER O 247 48.42 25.23 -38.24
CA SER O 247 47.50 26.22 -37.70
C SER O 247 46.44 25.62 -36.80
N ILE O 248 46.65 24.41 -36.28
CA ILE O 248 45.63 23.73 -35.49
C ILE O 248 45.68 24.25 -34.06
N ARG O 249 44.58 24.86 -33.62
CA ARG O 249 44.48 25.45 -32.29
C ARG O 249 43.40 24.74 -31.51
N GLN O 250 43.73 24.27 -30.30
CA GLN O 250 42.84 23.42 -29.54
C GLN O 250 42.34 24.16 -28.30
N THR O 251 41.05 24.01 -28.03
CA THR O 251 40.41 24.45 -26.79
C THR O 251 39.74 23.25 -26.13
N ALA O 252 39.15 23.50 -24.96
CA ALA O 252 38.60 22.41 -24.14
C ALA O 252 37.57 21.58 -24.89
N MET O 253 36.96 22.13 -25.94
CA MET O 253 35.94 21.44 -26.71
C MET O 253 36.48 20.79 -27.97
N GLY O 254 37.78 20.87 -28.24
CA GLY O 254 38.35 20.21 -29.40
C GLY O 254 39.24 21.17 -30.17
N THR O 255 39.71 20.70 -31.33
CA THR O 255 40.66 21.45 -32.15
C THR O 255 39.94 22.07 -33.34
N TYR O 256 40.37 23.27 -33.72
CA TYR O 256 39.88 23.94 -34.91
C TYR O 256 41.07 24.46 -35.70
N THR O 257 40.78 25.02 -36.87
CA THR O 257 41.79 25.61 -37.74
C THR O 257 41.73 27.12 -37.65
N ALA O 258 42.88 27.77 -37.82
CA ALA O 258 42.99 29.22 -37.76
C ALA O 258 43.94 29.66 -38.87
N LEU O 259 43.39 29.98 -40.03
CA LEU O 259 44.17 30.41 -41.18
C LEU O 259 43.81 31.84 -41.55
N SER O 260 44.72 32.50 -42.25
CA SER O 260 44.45 33.80 -42.82
C SER O 260 43.46 33.67 -43.97
N SER O 261 42.61 34.71 -44.12
CA SER O 261 41.63 34.69 -45.20
C SER O 261 42.30 34.60 -46.57
N ARG O 262 43.51 35.17 -46.69
CA ARG O 262 44.24 35.08 -47.94
C ARG O 262 44.56 33.63 -48.28
N HIS O 263 44.99 32.86 -47.28
CA HIS O 263 45.30 31.44 -47.50
C HIS O 263 44.09 30.69 -48.02
N LYS O 264 42.94 30.84 -47.36
CA LYS O 264 41.74 30.16 -47.80
C LYS O 264 41.33 30.60 -49.20
N THR O 265 41.37 31.92 -49.46
CA THR O 265 40.95 32.40 -50.77
C THR O 265 41.84 31.84 -51.87
N GLN O 266 43.15 31.82 -51.66
CA GLN O 266 44.04 31.29 -52.69
C GLN O 266 43.84 29.79 -52.88
N ILE O 267 43.64 29.05 -51.78
CA ILE O 267 43.46 27.60 -51.90
C ILE O 267 42.19 27.28 -52.69
N LEU O 268 41.08 27.94 -52.35
CA LEU O 268 39.84 27.71 -53.11
C LEU O 268 39.99 28.17 -54.56
N GLN O 269 40.65 29.31 -54.79
CA GLN O 269 40.80 29.79 -56.16
C GLN O 269 41.56 28.78 -57.02
N LEU O 270 42.65 28.23 -56.49
CA LEU O 270 43.42 27.27 -57.27
C LEU O 270 42.70 25.93 -57.39
N ILE O 271 41.94 25.53 -56.36
CA ILE O 271 41.19 24.28 -56.47
C ILE O 271 40.13 24.39 -57.56
N GLU O 272 39.41 25.51 -57.60
CA GLU O 272 38.47 25.74 -58.70
C GLU O 272 39.21 25.84 -60.03
N GLN O 273 40.43 26.38 -60.01
CA GLN O 273 41.25 26.38 -61.21
C GLN O 273 41.60 24.97 -61.66
N ALA O 274 41.83 24.07 -60.71
CA ALA O 274 42.19 22.69 -61.02
C ALA O 274 40.98 21.79 -61.23
N LEU O 275 39.76 22.28 -60.98
CA LEU O 275 38.57 21.48 -61.13
C LEU O 275 37.90 21.63 -62.49
N LYS O 276 38.29 22.64 -63.28
CA LYS O 276 37.67 22.82 -64.59
C LYS O 276 38.29 21.94 -65.67
N GLN O 277 39.35 21.21 -65.35
CA GLN O 277 39.97 20.32 -66.34
C GLN O 277 39.14 19.07 -66.58
N SER O 278 38.52 18.52 -65.54
CA SER O 278 37.66 17.35 -65.67
C SER O 278 36.41 17.55 -64.82
N ALA O 279 35.34 16.86 -65.20
CA ALA O 279 34.05 17.07 -64.56
C ALA O 279 34.06 16.64 -63.10
N LYS O 280 34.59 15.45 -62.82
CA LYS O 280 34.58 14.90 -61.47
C LYS O 280 36.00 14.67 -60.99
N LEU O 281 36.28 15.14 -59.77
CA LEU O 281 37.58 14.93 -59.14
C LEU O 281 37.38 14.73 -57.65
N PHE O 282 38.09 13.73 -57.10
CA PHE O 282 38.08 13.45 -55.69
C PHE O 282 39.35 14.03 -55.09
N ILE O 283 39.20 15.06 -54.27
CA ILE O 283 40.35 15.67 -53.60
C ILE O 283 40.76 14.79 -52.44
N VAL O 284 42.03 14.42 -52.40
CA VAL O 284 42.55 13.48 -51.41
C VAL O 284 43.69 14.13 -50.64
N THR O 285 43.58 14.13 -49.32
CA THR O 285 44.58 14.71 -48.44
C THR O 285 44.83 13.75 -47.28
N SER O 286 45.64 14.18 -46.33
CA SER O 286 45.99 13.35 -45.19
C SER O 286 44.83 13.27 -44.20
N VAL O 287 44.95 12.37 -43.22
CA VAL O 287 43.89 12.20 -42.23
C VAL O 287 43.83 13.40 -41.30
N ASP O 288 44.98 13.86 -40.82
CA ASP O 288 45.03 14.94 -39.85
C ASP O 288 44.66 16.29 -40.46
N THR O 289 44.65 16.39 -41.79
CA THR O 289 44.32 17.64 -42.46
C THR O 289 43.04 17.56 -43.29
N ARG O 290 42.32 16.44 -43.23
CA ARG O 290 41.15 16.28 -44.08
C ARG O 290 39.95 17.12 -43.66
N ARG O 291 39.48 16.93 -42.42
CA ARG O 291 38.28 17.62 -41.97
C ARG O 291 38.46 19.13 -42.03
N PHE O 292 39.60 19.63 -41.55
CA PHE O 292 39.84 21.06 -41.58
C PHE O 292 39.77 21.59 -43.01
N LEU O 293 40.42 20.90 -43.94
CA LEU O 293 40.31 21.31 -45.34
C LEU O 293 38.85 21.35 -45.77
N ARG O 294 38.07 20.35 -45.36
CA ARG O 294 36.65 20.34 -45.72
C ARG O 294 35.97 21.60 -45.20
N LYS O 295 36.29 22.01 -43.97
CA LYS O 295 35.57 23.15 -43.41
C LYS O 295 36.16 24.48 -43.89
N ILE O 296 37.11 24.46 -44.83
CA ILE O 296 37.42 25.68 -45.56
C ILE O 296 36.90 25.62 -46.99
N THR O 297 36.32 24.51 -47.41
CA THR O 297 35.76 24.36 -48.75
C THR O 297 34.30 23.96 -48.77
N GLU O 298 33.64 23.88 -47.61
CA GLU O 298 32.23 23.48 -47.60
C GLU O 298 31.31 24.60 -48.04
N ALA O 299 31.67 25.86 -47.73
CA ALA O 299 30.78 26.98 -48.03
C ALA O 299 30.57 27.15 -49.53
N THR O 300 31.65 27.05 -50.31
CA THR O 300 31.59 27.27 -51.75
C THR O 300 31.48 25.97 -52.54
N LEU O 301 32.41 25.05 -52.32
CA LEU O 301 32.48 23.79 -53.05
C LEU O 301 31.82 22.72 -52.20
N PHE O 302 30.48 22.72 -52.17
CA PHE O 302 29.75 21.78 -51.35
C PHE O 302 29.67 20.39 -51.96
N ASP O 303 29.61 20.28 -53.29
CA ASP O 303 29.34 19.01 -53.94
C ASP O 303 30.59 18.26 -54.35
N VAL O 304 31.78 18.73 -53.99
CA VAL O 304 33.01 18.00 -54.28
C VAL O 304 33.36 17.15 -53.07
N PRO O 305 33.65 15.86 -53.25
CA PRO O 305 33.94 15.02 -52.09
C PRO O 305 35.40 15.09 -51.66
N ILE O 306 35.62 15.40 -50.38
CA ILE O 306 36.97 15.51 -49.83
C ILE O 306 37.28 14.20 -49.12
N LEU O 307 37.93 13.28 -49.82
CA LEU O 307 38.31 12.00 -49.24
C LEU O 307 39.60 12.14 -48.45
N SER O 308 40.07 11.02 -47.91
CA SER O 308 41.30 10.97 -47.15
C SER O 308 42.14 9.78 -47.62
N TRP O 309 43.37 9.69 -47.12
CA TRP O 309 44.24 8.60 -47.52
C TRP O 309 43.83 7.29 -46.85
N GLN O 310 43.48 7.34 -45.56
CA GLN O 310 43.08 6.13 -44.87
C GLN O 310 41.74 5.61 -45.35
N GLU O 311 40.90 6.47 -45.93
CA GLU O 311 39.63 6.02 -46.49
C GLU O 311 39.81 5.26 -47.79
N LEU O 312 40.92 5.45 -48.47
CA LEU O 312 41.28 4.67 -49.65
C LEU O 312 42.29 3.62 -49.23
N GLY O 313 41.83 2.39 -49.04
CA GLY O 313 42.70 1.31 -48.64
C GLY O 313 43.72 0.97 -49.72
N GLU O 314 44.57 -0.01 -49.40
CA GLU O 314 45.58 -0.46 -50.34
C GLU O 314 44.99 -1.15 -51.56
N GLU O 315 43.71 -1.49 -51.54
CA GLU O 315 43.05 -2.19 -52.63
C GLU O 315 42.51 -1.25 -53.69
N SER O 316 42.54 0.06 -53.48
CA SER O 316 42.10 1.04 -54.46
C SER O 316 43.32 1.73 -55.05
N LEU O 317 43.50 1.62 -56.36
CA LEU O 317 44.61 2.28 -57.02
C LEU O 317 44.22 3.74 -57.26
N ILE O 318 45.23 4.59 -57.38
CA ILE O 318 44.99 6.03 -57.28
C ILE O 318 44.71 6.65 -58.63
N GLN O 319 45.66 6.57 -59.56
CA GLN O 319 45.59 7.28 -60.84
C GLN O 319 45.50 8.79 -60.59
N VAL O 320 46.58 9.34 -60.03
CA VAL O 320 46.66 10.77 -59.78
C VAL O 320 46.45 11.49 -61.10
N VAL O 321 45.70 12.59 -61.07
CA VAL O 321 45.52 13.45 -62.24
C VAL O 321 46.30 14.74 -62.11
N GLU O 322 46.27 15.36 -60.93
CA GLU O 322 47.04 16.58 -60.69
C GLU O 322 47.55 16.55 -59.26
N SER O 323 48.62 17.30 -59.01
CA SER O 323 49.24 17.37 -57.68
C SER O 323 49.34 18.85 -57.31
N ILE O 324 48.37 19.31 -56.53
CA ILE O 324 48.35 20.69 -56.06
C ILE O 324 49.36 20.85 -54.93
N ASP O 325 50.09 21.97 -54.93
CA ASP O 325 51.06 22.24 -53.89
C ASP O 325 51.22 23.76 -53.74
N LEU O 326 51.54 24.20 -52.52
CA LEU O 326 51.77 25.61 -52.24
C LEU O 326 52.78 25.77 -51.12
N SER O 327 53.29 27.00 -51.01
CA SER O 327 53.90 27.51 -49.80
C SER O 327 52.95 28.55 -49.20
N GLU O 328 53.36 29.17 -48.10
CA GLU O 328 52.50 30.14 -47.44
C GLU O 328 52.28 31.36 -48.34
N GLU O 329 51.48 32.31 -47.84
CA GLU O 329 51.17 33.54 -48.54
C GLU O 329 51.57 34.79 -47.78
N GLU O 330 51.21 34.89 -46.50
CA GLU O 330 51.48 36.10 -45.74
C GLU O 330 52.97 36.32 -45.55
N LEU O 331 53.69 35.27 -45.15
CA LEU O 331 55.14 35.39 -44.98
C LEU O 331 55.84 35.60 -46.32
N ALA O 332 55.54 34.74 -47.29
CA ALA O 332 56.11 34.84 -48.63
C ALA O 332 55.38 33.84 -49.52
N ASP O 333 55.15 34.23 -50.78
CA ASP O 333 54.38 33.38 -51.68
C ASP O 333 55.08 32.05 -51.92
N ASN O 334 56.19 32.08 -52.65
CA ASN O 334 57.10 30.94 -52.86
C ASN O 334 56.41 29.90 -53.73
N GLU O 335 55.08 29.95 -53.90
CA GLU O 335 54.43 29.11 -54.90
C GLU O 335 53.40 29.90 -55.71
N GLU O 336 52.72 30.83 -55.06
CA GLU O 336 51.62 31.56 -55.68
C GLU O 336 52.05 32.95 -56.11
N MET P 1 9.56 2.45 -43.24
CA MET P 1 10.92 3.00 -43.08
C MET P 1 11.51 2.43 -41.78
N VAL P 2 12.22 1.31 -41.86
CA VAL P 2 12.76 0.66 -40.63
C VAL P 2 14.26 0.92 -40.49
N PRO P 3 14.77 1.80 -39.59
CA PRO P 3 16.21 2.00 -39.34
C PRO P 3 16.93 0.69 -39.11
N GLY P 4 18.20 0.66 -39.49
CA GLY P 4 19.01 -0.54 -39.34
C GLY P 4 18.97 -1.41 -40.58
N ALA P 5 20.12 -1.61 -41.21
CA ALA P 5 20.16 -2.34 -42.47
C ALA P 5 19.78 -3.80 -42.26
N CYS P 6 19.31 -4.43 -43.32
CA CYS P 6 18.99 -5.85 -43.27
C CYS P 6 20.30 -6.64 -43.27
N PRO P 7 20.51 -7.53 -42.28
CA PRO P 7 21.86 -8.08 -42.08
C PRO P 7 22.43 -8.82 -43.28
N LEU P 8 21.78 -9.89 -43.72
CA LEU P 8 22.39 -10.80 -44.70
C LEU P 8 21.36 -11.13 -45.77
N ILE P 9 21.65 -10.73 -47.01
CA ILE P 9 20.73 -10.89 -48.13
C ILE P 9 21.46 -11.62 -49.25
N LEU P 10 20.83 -12.64 -49.80
CA LEU P 10 21.37 -13.38 -50.94
C LEU P 10 20.42 -13.21 -52.11
N ARG P 11 20.87 -12.53 -53.16
CA ARG P 11 20.06 -12.27 -54.35
C ARG P 11 20.48 -13.23 -55.45
N LEU P 12 19.51 -13.95 -56.00
CA LEU P 12 19.75 -14.97 -57.02
C LEU P 12 18.83 -14.77 -58.21
N SER P 13 19.35 -15.08 -59.39
CA SER P 13 18.50 -15.21 -60.56
C SER P 13 17.64 -16.46 -60.43
N PRO P 14 16.40 -16.42 -60.94
CA PRO P 14 15.45 -17.51 -60.61
C PRO P 14 15.89 -18.87 -61.12
N THR P 15 16.80 -18.93 -62.09
CA THR P 15 17.36 -20.22 -62.48
C THR P 15 18.13 -20.86 -61.33
N LEU P 16 18.96 -20.08 -60.63
CA LEU P 16 19.76 -20.60 -59.54
C LEU P 16 18.94 -20.94 -58.32
N HIS P 17 17.75 -20.38 -58.19
CA HIS P 17 16.89 -20.65 -57.04
C HIS P 17 16.48 -22.12 -57.06
N SER P 18 16.11 -22.64 -55.90
CA SER P 18 15.72 -24.05 -55.79
C SER P 18 14.79 -24.21 -54.60
N ALA P 19 14.42 -25.47 -54.34
CA ALA P 19 13.45 -25.77 -53.29
C ALA P 19 14.13 -26.16 -51.99
N ASP P 20 15.30 -26.79 -52.08
CA ASP P 20 16.06 -27.19 -50.91
C ASP P 20 17.09 -26.15 -50.50
N LEU P 21 17.04 -24.96 -51.11
CA LEU P 21 18.01 -23.92 -50.77
C LEU P 21 17.87 -23.49 -49.33
N ILE P 22 16.65 -23.40 -48.82
CA ILE P 22 16.44 -22.95 -47.45
C ILE P 22 17.14 -23.88 -46.47
N ARG P 23 16.94 -25.19 -46.62
CA ARG P 23 17.53 -26.12 -45.67
C ARG P 23 19.03 -26.24 -45.86
N ASP P 24 19.52 -26.10 -47.09
CA ASP P 24 20.96 -26.12 -47.32
C ASP P 24 21.64 -24.91 -46.66
N ILE P 25 21.05 -23.72 -46.82
CA ILE P 25 21.59 -22.53 -46.17
C ILE P 25 21.52 -22.67 -44.66
N ASP P 26 20.43 -23.23 -44.14
CA ASP P 26 20.33 -23.40 -42.69
C ASP P 26 21.38 -24.38 -42.17
N ALA P 27 21.64 -25.45 -42.93
CA ALA P 27 22.70 -26.39 -42.53
C ALA P 27 24.06 -25.72 -42.55
N MET P 28 24.33 -24.89 -43.57
CA MET P 28 25.59 -24.17 -43.62
C MET P 28 25.72 -23.21 -42.44
N ARG P 29 24.63 -22.52 -42.09
CA ARG P 29 24.67 -21.61 -40.94
C ARG P 29 24.95 -22.36 -39.65
N TRP P 30 24.32 -23.53 -39.48
CA TRP P 30 24.57 -24.32 -38.27
C TRP P 30 25.99 -24.82 -38.23
N PHE P 31 26.55 -25.22 -39.37
CA PHE P 31 27.95 -25.63 -39.38
C PHE P 31 28.86 -24.47 -39.03
N LEU P 32 28.57 -23.28 -39.56
CA LEU P 32 29.41 -22.12 -39.26
C LEU P 32 29.32 -21.74 -37.78
N PHE P 33 28.15 -21.91 -37.18
CA PHE P 33 28.04 -21.63 -35.74
C PHE P 33 28.77 -22.68 -34.92
N GLU P 34 28.67 -23.95 -35.30
CA GLU P 34 29.40 -24.98 -34.57
C GLU P 34 30.91 -24.82 -34.72
N ASP P 35 31.35 -24.26 -35.85
CA ASP P 35 32.79 -24.12 -36.08
C ASP P 35 33.36 -22.86 -35.44
N THR P 36 32.76 -21.70 -35.68
CA THR P 36 33.31 -20.43 -35.23
C THR P 36 32.57 -19.78 -34.08
N GLY P 37 31.45 -20.35 -33.63
CA GLY P 37 30.81 -19.87 -32.44
C GLY P 37 30.01 -18.59 -32.57
N VAL P 38 29.98 -17.97 -33.73
CA VAL P 38 29.27 -16.72 -33.96
C VAL P 38 27.87 -17.04 -34.50
N PRO P 39 26.81 -16.66 -33.83
CA PRO P 39 25.46 -16.97 -34.31
C PRO P 39 25.05 -16.02 -35.42
N LEU P 40 25.02 -16.52 -36.64
CA LEU P 40 24.74 -15.72 -37.83
C LEU P 40 23.26 -15.39 -37.94
N PRO P 41 22.93 -14.24 -38.54
CA PRO P 41 21.52 -13.89 -38.74
C PRO P 41 20.96 -14.56 -39.98
N GLU P 42 19.63 -14.64 -40.01
CA GLU P 42 18.94 -15.38 -41.07
C GLU P 42 19.27 -14.80 -42.44
N VAL P 43 19.55 -15.69 -43.38
CA VAL P 43 19.83 -15.28 -44.76
C VAL P 43 18.51 -15.05 -45.48
N ASN P 44 18.33 -13.85 -46.01
CA ASN P 44 17.12 -13.49 -46.72
C ASN P 44 17.31 -13.76 -48.21
N ILE P 45 16.54 -14.69 -48.75
CA ILE P 45 16.63 -15.06 -50.15
C ILE P 45 15.77 -14.08 -50.96
N GLU P 46 16.40 -13.41 -51.92
CA GLU P 46 15.71 -12.46 -52.79
C GLU P 46 16.01 -12.82 -54.24
N VAL P 47 15.07 -12.52 -55.13
CA VAL P 47 15.17 -12.90 -56.52
C VAL P 47 15.66 -11.71 -57.34
N LEU P 48 16.71 -11.93 -58.13
CA LEU P 48 17.31 -10.87 -58.92
C LEU P 48 17.12 -11.20 -60.40
N PRO P 49 16.16 -10.58 -61.09
CA PRO P 49 15.95 -10.90 -62.51
C PRO P 49 17.13 -10.47 -63.37
N GLU P 50 17.79 -11.44 -64.00
CA GLU P 50 18.98 -11.18 -64.78
C GLU P 50 19.11 -12.27 -65.84
N PRO P 51 19.28 -11.91 -67.11
CA PRO P 51 19.51 -12.94 -68.12
C PRO P 51 20.76 -13.78 -67.86
N THR P 52 21.82 -13.16 -67.33
CA THR P 52 23.04 -13.87 -67.01
C THR P 52 22.90 -14.52 -65.64
N GLU P 53 23.47 -15.71 -65.49
CA GLU P 53 23.43 -16.44 -64.21
C GLU P 53 24.33 -15.75 -63.20
N LYS P 54 23.74 -14.95 -62.31
CA LYS P 54 24.48 -14.11 -61.38
C LYS P 54 23.86 -14.18 -60.00
N LEU P 55 24.72 -14.11 -58.97
CA LEU P 55 24.27 -14.01 -57.59
C LEU P 55 25.05 -12.92 -56.89
N THR P 56 24.41 -12.30 -55.90
CA THR P 56 25.05 -11.29 -55.07
C THR P 56 24.79 -11.58 -53.60
N VAL P 57 25.78 -11.27 -52.77
CA VAL P 57 25.67 -11.40 -51.33
C VAL P 57 25.87 -10.02 -50.73
N LEU P 58 24.89 -9.58 -49.96
CA LEU P 58 24.82 -8.24 -49.41
C LEU P 58 24.86 -8.32 -47.89
N LEU P 59 25.86 -7.68 -47.30
CA LEU P 59 26.00 -7.57 -45.86
C LEU P 59 25.58 -6.16 -45.45
N TYR P 60 24.47 -6.07 -44.72
CA TYR P 60 23.92 -4.79 -44.28
C TYR P 60 23.66 -3.87 -45.47
N GLN P 61 23.19 -4.48 -46.56
CA GLN P 61 22.77 -3.81 -47.78
C GLN P 61 23.91 -3.16 -48.54
N GLU P 62 25.15 -3.45 -48.18
CA GLU P 62 26.30 -3.04 -48.97
C GLU P 62 26.86 -4.25 -49.69
N PRO P 63 26.72 -4.36 -51.01
CA PRO P 63 27.05 -5.61 -51.69
C PRO P 63 28.52 -5.99 -51.59
N VAL P 64 28.81 -7.08 -50.89
CA VAL P 64 30.19 -7.52 -50.71
C VAL P 64 30.57 -8.63 -51.67
N PHE P 65 29.61 -9.32 -52.28
CA PHE P 65 29.95 -10.39 -53.20
C PHE P 65 29.06 -10.30 -54.44
N SER P 66 29.66 -10.48 -55.60
CA SER P 66 28.93 -10.45 -56.86
C SER P 66 29.62 -11.37 -57.86
N LEU P 67 28.98 -12.49 -58.17
CA LEU P 67 29.63 -13.48 -59.02
C LEU P 67 28.65 -13.95 -60.09
N SER P 68 29.14 -14.08 -61.32
CA SER P 68 28.34 -14.57 -62.43
C SER P 68 28.86 -15.94 -62.84
N ILE P 69 28.07 -16.96 -62.46
CA ILE P 69 28.36 -18.41 -62.55
C ILE P 69 28.13 -18.93 -63.95
N PRO P 70 29.15 -19.24 -64.76
CA PRO P 70 28.95 -19.67 -66.13
C PRO P 70 28.10 -20.94 -66.24
N ALA P 71 27.24 -21.00 -67.28
CA ALA P 71 26.27 -22.09 -67.58
C ALA P 71 26.97 -23.41 -67.87
N GLN P 72 28.17 -23.33 -68.44
CA GLN P 72 28.97 -24.53 -68.82
C GLN P 72 29.33 -25.36 -67.58
N ALA P 73 29.69 -24.73 -66.46
CA ALA P 73 30.07 -25.48 -65.24
C ALA P 73 28.85 -25.82 -64.38
N ASP P 74 28.77 -27.08 -63.94
CA ASP P 74 27.64 -27.58 -63.14
C ASP P 74 28.14 -28.25 -61.86
N TYR P 75 29.47 -28.36 -61.70
CA TYR P 75 30.14 -29.02 -60.55
C TYR P 75 31.10 -28.03 -59.89
N LEU P 76 31.03 -27.79 -58.56
CA LEU P 76 31.89 -26.73 -58.02
C LEU P 76 32.90 -27.31 -57.04
N LEU P 77 34.13 -26.81 -57.11
CA LEU P 77 35.20 -27.23 -56.22
C LEU P 77 35.94 -25.98 -55.73
N ILE P 78 35.92 -25.75 -54.42
CA ILE P 78 36.54 -24.56 -53.84
C ILE P 78 38.03 -24.83 -53.66
N GLY P 79 38.86 -23.88 -54.10
CA GLY P 79 40.31 -24.03 -54.04
C GLY P 79 40.85 -24.70 -55.29
N ALA P 80 42.18 -24.74 -55.36
CA ALA P 80 42.88 -25.31 -56.49
C ALA P 80 44.02 -26.20 -56.02
N ASP P 81 44.39 -27.15 -56.86
CA ASP P 81 45.50 -28.06 -56.57
C ASP P 81 46.05 -28.57 -57.90
N ALA P 82 47.14 -29.33 -57.82
CA ALA P 82 47.77 -29.85 -59.03
C ALA P 82 46.96 -30.96 -59.67
N SER P 83 46.27 -31.77 -58.85
CA SER P 83 45.52 -32.91 -59.37
C SER P 83 44.35 -32.49 -60.25
N VAL P 84 43.74 -31.34 -59.99
CA VAL P 84 42.56 -30.89 -60.72
C VAL P 84 42.84 -29.51 -61.29
N VAL P 85 42.62 -29.36 -62.60
CA VAL P 85 42.84 -28.08 -63.28
C VAL P 85 41.84 -27.97 -64.43
N GLY P 86 41.30 -26.78 -64.63
CA GLY P 86 40.37 -26.53 -65.71
C GLY P 86 39.15 -25.75 -65.31
N ASP P 87 38.89 -24.66 -66.03
CA ASP P 87 37.76 -23.78 -65.78
C ASP P 87 37.74 -23.21 -64.36
N SER P 88 38.86 -22.58 -64.01
CA SER P 88 39.08 -22.04 -62.67
C SER P 88 39.20 -20.52 -62.75
N GLN P 89 38.68 -19.82 -61.74
CA GLN P 89 38.83 -18.37 -61.67
C GLN P 89 39.00 -17.89 -60.24
N THR P 90 39.47 -16.66 -60.13
CA THR P 90 39.81 -16.02 -58.86
C THR P 90 38.58 -15.36 -58.27
N LEU P 91 38.28 -15.70 -57.02
CA LEU P 91 37.21 -15.02 -56.31
C LEU P 91 37.62 -13.59 -55.97
N PRO P 92 36.68 -12.66 -55.91
CA PRO P 92 37.02 -11.27 -55.58
C PRO P 92 37.45 -11.14 -54.14
N ASN P 93 38.11 -10.01 -53.85
CA ASN P 93 38.56 -9.66 -52.50
C ASN P 93 39.52 -10.71 -51.94
N GLY P 94 40.17 -11.46 -52.82
CA GLY P 94 41.13 -12.46 -52.41
C GLY P 94 40.55 -13.55 -51.54
N MET P 95 39.34 -14.00 -51.85
CA MET P 95 38.73 -15.09 -51.10
C MET P 95 39.34 -16.44 -51.50
N GLY P 96 39.95 -16.52 -52.68
CA GLY P 96 40.59 -17.74 -53.11
C GLY P 96 40.40 -18.05 -54.57
N GLN P 97 40.32 -19.35 -54.89
CA GLN P 97 40.12 -19.81 -56.25
C GLN P 97 38.95 -20.80 -56.26
N ILE P 98 38.23 -20.82 -57.37
CA ILE P 98 37.16 -21.80 -57.55
C ILE P 98 37.35 -22.49 -58.88
N CYS P 99 36.87 -23.73 -58.97
CA CYS P 99 36.99 -24.55 -60.17
C CYS P 99 35.60 -25.09 -60.51
N TRP P 100 35.16 -24.85 -61.75
CA TRP P 100 33.95 -25.45 -62.26
C TRP P 100 34.33 -26.68 -63.07
N LEU P 101 33.87 -27.85 -62.62
CA LEU P 101 34.31 -29.13 -63.17
C LEU P 101 33.16 -29.84 -63.84
N THR P 102 33.46 -30.50 -64.96
CA THR P 102 32.49 -31.34 -65.64
C THR P 102 32.20 -32.58 -64.79
N LYS P 103 31.09 -33.24 -65.11
CA LYS P 103 30.56 -34.29 -64.23
C LYS P 103 31.58 -35.39 -63.98
N ASP P 104 32.16 -35.94 -65.05
CA ASP P 104 33.10 -37.04 -64.88
C ASP P 104 34.37 -36.61 -64.15
N MET P 105 34.90 -35.44 -64.51
CA MET P 105 36.11 -34.97 -63.85
C MET P 105 35.83 -34.62 -62.39
N ALA P 106 34.62 -34.12 -62.10
CA ALA P 106 34.25 -33.84 -60.72
C ALA P 106 34.11 -35.13 -59.92
N HIS P 107 33.55 -36.18 -60.52
CA HIS P 107 33.51 -37.46 -59.84
C HIS P 107 34.91 -38.00 -59.58
N LYS P 108 35.81 -37.85 -60.54
CA LYS P 108 37.20 -38.25 -60.32
C LYS P 108 37.85 -37.44 -59.19
N ALA P 109 37.58 -36.14 -59.13
CA ALA P 109 38.13 -35.30 -58.06
C ALA P 109 37.56 -35.69 -56.70
N GLN P 110 36.26 -36.02 -56.65
CA GLN P 110 35.67 -36.49 -55.40
C GLN P 110 36.27 -37.81 -54.96
N GLY P 111 36.52 -38.71 -55.92
CA GLY P 111 37.23 -39.94 -55.60
C GLY P 111 38.64 -39.69 -55.13
N PHE P 112 39.27 -38.63 -55.62
CA PHE P 112 40.63 -38.28 -55.21
C PHE P 112 40.72 -38.00 -53.72
N GLY P 113 39.63 -37.61 -53.08
CA GLY P 113 39.64 -37.36 -51.65
C GLY P 113 39.39 -35.91 -51.28
N LEU P 114 38.59 -35.22 -52.08
CA LEU P 114 38.23 -33.83 -51.81
C LEU P 114 36.72 -33.69 -51.79
N ASP P 115 36.27 -32.48 -51.47
CA ASP P 115 34.84 -32.17 -51.44
C ASP P 115 34.43 -31.50 -52.74
N VAL P 116 33.34 -31.96 -53.33
CA VAL P 116 32.79 -31.40 -54.56
C VAL P 116 31.30 -31.20 -54.37
N PHE P 117 30.83 -30.01 -54.72
CA PHE P 117 29.45 -29.60 -54.47
C PHE P 117 28.67 -29.55 -55.78
N ALA P 118 27.40 -29.95 -55.72
CA ALA P 118 26.53 -29.96 -56.87
C ALA P 118 25.12 -29.55 -56.47
N GLY P 119 24.51 -28.68 -57.28
CA GLY P 119 23.17 -28.22 -57.01
C GLY P 119 23.13 -27.02 -56.10
N SER P 120 22.16 -27.01 -55.18
CA SER P 120 22.06 -25.90 -54.23
C SER P 120 23.34 -25.75 -53.41
N GLN P 121 24.09 -26.85 -53.24
CA GLN P 121 25.35 -26.77 -52.50
C GLN P 121 26.31 -25.78 -53.14
N ARG P 122 26.31 -25.68 -54.47
CA ARG P 122 27.22 -24.75 -55.12
C ARG P 122 26.97 -23.32 -54.66
N ILE P 123 25.77 -23.03 -54.16
CA ILE P 123 25.51 -21.72 -53.58
C ILE P 123 26.09 -21.64 -52.17
N SER P 124 25.80 -22.65 -51.34
CA SER P 124 26.26 -22.63 -49.95
C SER P 124 27.77 -22.52 -49.90
N ALA P 125 28.48 -23.41 -50.59
CA ALA P 125 29.93 -23.41 -50.55
C ALA P 125 30.51 -22.13 -51.14
N LEU P 126 29.68 -21.35 -51.84
CA LEU P 126 30.10 -20.00 -52.20
C LEU P 126 29.77 -19.03 -51.07
N LEU P 127 28.50 -18.97 -50.66
CA LEU P 127 28.08 -18.05 -49.62
C LEU P 127 28.92 -18.23 -48.37
N LYS P 128 29.13 -19.48 -47.94
CA LYS P 128 29.91 -19.75 -46.76
C LYS P 128 31.29 -19.12 -46.85
N CYS P 129 31.93 -19.22 -48.02
CA CYS P 129 33.24 -18.60 -48.18
C CYS P 129 33.19 -17.12 -47.84
N VAL P 130 32.18 -16.41 -48.38
CA VAL P 130 32.02 -15.00 -48.04
C VAL P 130 31.86 -14.82 -46.54
N LEU P 131 31.01 -15.66 -45.93
CA LEU P 131 30.77 -15.49 -44.49
C LEU P 131 32.01 -15.79 -43.69
N LEU P 132 32.98 -16.52 -44.26
CA LEU P 132 34.20 -16.77 -43.51
C LEU P 132 35.20 -15.64 -43.63
N ARG P 133 34.91 -14.66 -44.51
CA ARG P 133 35.82 -13.51 -44.71
C ARG P 133 35.38 -12.30 -43.88
N HIS P 134 34.07 -12.03 -43.78
CA HIS P 134 33.54 -10.85 -43.04
C HIS P 134 32.93 -11.29 -41.71
N MET P 135 33.31 -12.47 -41.21
CA MET P 135 32.86 -13.03 -39.91
C MET P 135 32.90 -12.01 -38.77
N GLY P 136 34.02 -11.32 -38.56
CA GLY P 136 34.15 -10.39 -37.45
C GLY P 136 33.13 -9.28 -37.45
N GLU P 137 32.31 -9.17 -38.48
CA GLU P 137 31.26 -8.16 -38.52
C GLU P 137 29.96 -8.63 -37.89
N PHE P 138 29.83 -9.91 -37.56
CA PHE P 138 28.60 -10.42 -36.97
C PHE P 138 28.70 -10.55 -35.45
N ILE P 139 29.67 -9.88 -34.82
CA ILE P 139 29.86 -9.93 -33.39
C ILE P 139 30.11 -8.50 -32.90
N GLY P 140 29.08 -7.88 -32.33
CA GLY P 140 29.20 -6.54 -31.81
C GLY P 140 28.79 -6.47 -30.36
N VAL P 141 28.28 -5.32 -29.91
CA VAL P 141 27.79 -5.22 -28.54
C VAL P 141 26.48 -5.98 -28.39
N GLN P 142 25.60 -5.88 -29.39
CA GLN P 142 24.30 -6.53 -29.28
C GLN P 142 24.42 -8.05 -29.38
N GLU P 143 25.24 -8.55 -30.31
CA GLU P 143 25.42 -9.99 -30.41
C GLU P 143 26.10 -10.54 -29.16
N THR P 144 27.03 -9.78 -28.58
CA THR P 144 27.63 -10.18 -27.31
C THR P 144 26.59 -10.26 -26.22
N ARG P 145 25.68 -9.29 -26.16
CA ARG P 145 24.62 -9.36 -25.17
C ARG P 145 23.73 -10.58 -25.40
N TYR P 146 23.48 -10.92 -26.67
CA TYR P 146 22.70 -12.13 -26.93
C TYR P 146 23.43 -13.38 -26.45
N LEU P 147 24.73 -13.45 -26.68
CA LEU P 147 25.50 -14.60 -26.20
C LEU P 147 25.47 -14.69 -24.68
N MET P 148 25.59 -13.55 -24.01
CA MET P 148 25.58 -13.57 -22.55
C MET P 148 24.19 -13.92 -22.01
N ASN P 149 23.14 -13.50 -22.70
CA ASN P 149 21.79 -13.91 -22.30
C ASN P 149 21.60 -15.40 -22.51
N ALA P 150 22.16 -15.96 -23.58
CA ALA P 150 22.09 -17.39 -23.78
C ALA P 150 22.84 -18.14 -22.68
N MET P 151 24.01 -17.63 -22.29
CA MET P 151 24.78 -18.26 -21.23
C MET P 151 24.19 -18.04 -19.85
N GLU P 152 23.25 -17.11 -19.69
CA GLU P 152 22.63 -16.92 -18.38
C GLU P 152 21.76 -18.09 -17.95
N LYS P 153 21.55 -19.09 -18.80
CA LYS P 153 20.65 -20.18 -18.45
C LYS P 153 21.33 -21.17 -17.52
N ASN P 154 22.46 -21.73 -17.95
CA ASN P 154 23.21 -22.69 -17.16
C ASN P 154 24.35 -22.07 -16.37
N TYR P 155 24.83 -20.89 -16.76
CA TYR P 155 26.03 -20.31 -16.19
C TYR P 155 25.84 -18.98 -15.48
N SER P 156 24.67 -18.81 -14.85
CA SER P 156 24.22 -17.50 -14.40
C SER P 156 25.29 -16.77 -13.59
N GLU P 157 25.97 -17.48 -12.68
CA GLU P 157 26.93 -16.81 -11.83
C GLU P 157 28.19 -16.42 -12.60
N LEU P 158 28.57 -17.22 -13.60
CA LEU P 158 29.73 -16.88 -14.41
C LEU P 158 29.48 -15.58 -15.16
N VAL P 159 28.31 -15.44 -15.78
CA VAL P 159 27.98 -14.22 -16.50
C VAL P 159 27.83 -13.04 -15.55
N LYS P 160 27.23 -13.25 -14.38
CA LYS P 160 27.08 -12.16 -13.42
C LYS P 160 28.44 -11.66 -12.94
N GLU P 161 29.35 -12.58 -12.62
CA GLU P 161 30.69 -12.18 -12.22
C GLU P 161 31.40 -11.45 -13.34
N LEU P 162 31.28 -11.94 -14.57
CA LEU P 162 31.94 -11.28 -15.68
C LEU P 162 31.41 -9.86 -15.87
N GLN P 163 30.10 -9.67 -15.80
CA GLN P 163 29.53 -8.33 -15.90
C GLN P 163 30.04 -7.44 -14.78
N ARG P 164 30.14 -7.98 -13.57
CA ARG P 164 30.70 -7.21 -12.46
C ARG P 164 32.14 -6.82 -12.73
N GLN P 165 32.88 -7.63 -13.50
CA GLN P 165 34.27 -7.31 -13.79
C GLN P 165 34.41 -6.29 -14.91
N LEU P 166 33.87 -6.60 -16.09
CA LEU P 166 34.08 -5.82 -17.30
C LEU P 166 32.76 -5.28 -17.84
N PRO P 167 32.76 -4.07 -18.39
CA PRO P 167 31.57 -3.58 -19.08
C PRO P 167 31.41 -4.23 -20.43
N ILE P 168 30.16 -4.22 -20.93
CA ILE P 168 29.83 -5.06 -22.08
C ILE P 168 30.60 -4.63 -23.33
N ASN P 169 31.01 -3.38 -23.42
CA ASN P 169 31.75 -2.97 -24.62
C ASN P 169 33.13 -3.62 -24.65
N LYS P 170 33.76 -3.80 -23.49
CA LYS P 170 35.07 -4.46 -23.48
C LYS P 170 34.95 -5.95 -23.76
N ILE P 171 33.90 -6.60 -23.27
CA ILE P 171 33.67 -8.00 -23.60
C ILE P 171 33.43 -8.16 -25.09
N ALA P 172 32.62 -7.27 -25.68
CA ALA P 172 32.37 -7.33 -27.10
C ALA P 172 33.64 -7.08 -27.91
N GLU P 173 34.48 -6.15 -27.45
CA GLU P 173 35.75 -5.91 -28.12
C GLU P 173 36.64 -7.15 -28.06
N THR P 174 36.68 -7.82 -26.91
CA THR P 174 37.49 -9.04 -26.79
C THR P 174 36.99 -10.13 -27.72
N LEU P 175 35.67 -10.35 -27.74
CA LEU P 175 35.11 -11.39 -28.60
C LEU P 175 35.33 -11.07 -30.06
N GLN P 176 35.19 -9.79 -30.44
CA GLN P 176 35.43 -9.39 -31.83
C GLN P 176 36.88 -9.60 -32.21
N ARG P 177 37.81 -9.26 -31.31
CA ARG P 177 39.22 -9.43 -31.63
C ARG P 177 39.60 -10.90 -31.70
N LEU P 178 38.88 -11.75 -30.96
CA LEU P 178 39.12 -13.18 -31.10
C LEU P 178 38.54 -13.75 -32.39
N VAL P 179 37.35 -13.27 -32.78
CA VAL P 179 36.68 -13.81 -33.99
C VAL P 179 37.47 -13.38 -35.23
N SER P 180 38.00 -12.15 -35.24
CA SER P 180 38.67 -11.64 -36.42
C SER P 180 40.04 -12.27 -36.64
N GLU P 181 40.36 -13.35 -35.91
CA GLU P 181 41.60 -14.08 -36.10
C GLU P 181 41.38 -15.56 -36.40
N ARG P 182 40.15 -15.95 -36.71
CA ARG P 182 39.77 -17.36 -36.86
C ARG P 182 40.02 -18.16 -35.59
N VAL P 183 39.75 -17.56 -34.42
CA VAL P 183 39.74 -18.28 -33.16
C VAL P 183 38.29 -18.42 -32.74
N SER P 184 37.85 -19.66 -32.54
CA SER P 184 36.44 -19.90 -32.23
C SER P 184 36.12 -19.39 -30.84
N ILE P 185 34.95 -18.79 -30.69
CA ILE P 185 34.45 -18.36 -29.39
C ILE P 185 33.33 -19.31 -28.99
N ARG P 186 33.39 -20.54 -29.49
CA ARG P 186 32.39 -21.54 -29.12
C ARG P 186 32.47 -21.88 -27.65
N ASP P 187 33.67 -21.97 -27.10
CA ASP P 187 33.87 -22.28 -25.68
C ASP P 187 33.81 -20.98 -24.89
N LEU P 188 32.59 -20.62 -24.50
CA LEU P 188 32.40 -19.36 -23.79
C LEU P 188 32.67 -19.50 -22.30
N ARG P 189 32.51 -20.70 -21.75
CA ARG P 189 32.83 -20.91 -20.34
C ARG P 189 34.29 -20.59 -20.06
N LEU P 190 35.20 -21.11 -20.90
CA LEU P 190 36.62 -20.86 -20.69
C LEU P 190 36.98 -19.40 -20.96
N ILE P 191 36.36 -18.79 -21.97
CA ILE P 191 36.66 -17.40 -22.27
C ILE P 191 36.22 -16.50 -21.11
N PHE P 192 35.02 -16.73 -20.59
CA PHE P 192 34.55 -15.93 -19.48
C PHE P 192 35.39 -16.19 -18.22
N GLY P 193 35.82 -17.43 -18.03
CA GLY P 193 36.70 -17.72 -16.90
C GLY P 193 38.03 -16.98 -16.99
N THR P 194 38.61 -16.92 -18.19
CA THR P 194 39.88 -16.23 -18.34
C THR P 194 39.72 -14.72 -18.20
N LEU P 195 38.60 -14.18 -18.69
CA LEU P 195 38.36 -12.76 -18.50
C LEU P 195 38.11 -12.43 -17.04
N ILE P 196 37.47 -13.34 -16.30
CA ILE P 196 37.26 -13.12 -14.87
C ILE P 196 38.59 -13.18 -14.12
N ASP P 197 39.46 -14.12 -14.51
CA ASP P 197 40.77 -14.21 -13.86
C ASP P 197 41.58 -12.94 -14.11
N TRP P 198 41.73 -12.54 -15.37
CA TRP P 198 42.70 -11.50 -15.72
C TRP P 198 42.09 -10.10 -15.84
N ALA P 199 40.80 -9.94 -15.56
CA ALA P 199 40.21 -8.60 -15.61
C ALA P 199 40.74 -7.68 -14.51
N PRO P 200 40.82 -8.08 -13.24
CA PRO P 200 41.39 -7.18 -12.23
C PRO P 200 42.84 -6.81 -12.48
N ARG P 201 43.63 -7.72 -13.04
CA ARG P 201 45.07 -7.52 -13.18
C ARG P 201 45.47 -6.95 -14.53
N GLU P 202 44.51 -6.56 -15.37
CA GLU P 202 44.85 -6.03 -16.68
C GLU P 202 43.75 -5.09 -17.15
N LYS P 203 44.13 -4.06 -17.89
CA LYS P 203 43.17 -3.10 -18.43
C LYS P 203 43.26 -2.93 -19.92
N ASP P 204 44.35 -3.36 -20.54
CA ASP P 204 44.50 -3.27 -21.99
C ASP P 204 43.77 -4.43 -22.65
N VAL P 205 42.64 -4.13 -23.30
CA VAL P 205 41.78 -5.17 -23.84
C VAL P 205 42.54 -6.04 -24.83
N LEU P 206 43.54 -5.49 -25.50
CA LEU P 206 44.39 -6.30 -26.36
C LEU P 206 45.12 -7.37 -25.55
N MET P 207 45.57 -7.03 -24.34
CA MET P 207 46.27 -8.03 -23.54
C MET P 207 45.31 -9.05 -22.95
N LEU P 208 44.08 -8.64 -22.61
CA LEU P 208 43.08 -9.61 -22.22
C LEU P 208 42.81 -10.59 -23.35
N THR P 209 42.74 -10.09 -24.59
CA THR P 209 42.57 -10.98 -25.73
C THR P 209 43.75 -11.90 -25.89
N GLU P 210 44.96 -11.40 -25.63
CA GLU P 210 46.13 -12.27 -25.69
C GLU P 210 46.06 -13.39 -24.66
N TYR P 211 45.62 -13.06 -23.44
CA TYR P 211 45.50 -14.08 -22.41
C TYR P 211 44.43 -15.11 -22.76
N VAL P 212 43.31 -14.64 -23.33
CA VAL P 212 42.27 -15.58 -23.75
C VAL P 212 42.76 -16.47 -24.88
N ARG P 213 43.58 -15.92 -25.78
CA ARG P 213 44.14 -16.73 -26.84
C ARG P 213 45.10 -17.77 -26.30
N ILE P 214 45.89 -17.41 -25.29
CA ILE P 214 46.81 -18.36 -24.68
C ILE P 214 46.04 -19.47 -23.97
N ALA P 215 44.96 -19.11 -23.26
CA ALA P 215 44.17 -20.12 -22.57
C ALA P 215 43.45 -21.05 -23.55
N LEU P 216 43.32 -20.63 -24.81
CA LEU P 216 42.69 -21.43 -25.85
C LEU P 216 43.70 -22.06 -26.81
N ARG P 217 44.95 -22.25 -26.36
CA ARG P 217 46.00 -22.67 -27.28
C ARG P 217 45.77 -24.07 -27.82
N ARG P 218 45.20 -24.97 -27.01
CA ARG P 218 44.95 -26.31 -27.50
C ARG P 218 43.95 -26.29 -28.64
N HIS P 219 42.88 -25.51 -28.51
CA HIS P 219 41.91 -25.42 -29.60
C HIS P 219 42.52 -24.81 -30.85
N ILE P 220 43.33 -23.77 -30.70
CA ILE P 220 43.92 -23.13 -31.87
C ILE P 220 44.83 -24.11 -32.61
N LEU P 221 45.69 -24.81 -31.86
CA LEU P 221 46.61 -25.73 -32.51
C LEU P 221 45.93 -27.02 -32.93
N ARG P 222 44.69 -27.25 -32.52
CA ARG P 222 43.93 -28.35 -33.11
C ARG P 222 43.26 -27.91 -34.41
N ARG P 223 42.69 -26.71 -34.43
CA ARG P 223 41.98 -26.26 -35.62
C ARG P 223 42.92 -25.93 -36.76
N LEU P 224 44.13 -25.44 -36.46
CA LEU P 224 45.07 -25.13 -37.53
C LEU P 224 45.46 -26.39 -38.29
N ASN P 225 45.75 -27.47 -37.57
CA ASN P 225 46.04 -28.75 -38.22
C ASN P 225 45.33 -29.88 -37.48
N PRO P 226 44.24 -30.40 -38.04
CA PRO P 226 43.47 -31.42 -37.31
C PRO P 226 44.26 -32.65 -36.94
N GLU P 227 45.18 -33.09 -37.79
CA GLU P 227 46.04 -34.23 -37.48
C GLU P 227 47.21 -33.78 -36.61
N GLY P 228 47.86 -34.76 -35.99
CA GLY P 228 49.01 -34.47 -35.17
C GLY P 228 50.30 -34.28 -35.93
N LYS P 229 50.25 -34.37 -37.25
CA LYS P 229 51.45 -34.27 -38.06
C LYS P 229 52.04 -32.86 -37.96
N PRO P 230 53.36 -32.74 -38.00
CA PRO P 230 53.99 -31.41 -37.95
C PRO P 230 53.80 -30.62 -39.23
N LEU P 231 53.28 -29.39 -39.12
CA LEU P 231 53.16 -28.50 -40.26
C LEU P 231 54.19 -27.38 -40.19
N PRO P 232 54.55 -26.82 -41.34
CA PRO P 232 55.69 -25.89 -41.38
C PRO P 232 55.47 -24.66 -40.51
N ILE P 233 56.57 -24.19 -39.91
CA ILE P 233 56.57 -23.02 -39.05
C ILE P 233 57.66 -22.06 -39.51
N LEU P 234 57.29 -20.80 -39.69
CA LEU P 234 58.21 -19.74 -40.10
C LEU P 234 58.50 -18.89 -38.86
N ARG P 235 59.71 -19.04 -38.32
CA ARG P 235 60.10 -18.28 -37.14
C ARG P 235 60.32 -16.82 -37.49
N ILE P 236 60.17 -15.95 -36.50
CA ILE P 236 60.60 -14.57 -36.64
C ILE P 236 61.86 -14.36 -35.81
N GLY P 237 62.91 -13.87 -36.45
CA GLY P 237 64.19 -13.73 -35.77
C GLY P 237 64.17 -12.62 -34.74
N GLU P 238 65.25 -12.58 -33.95
CA GLU P 238 65.31 -11.64 -32.84
C GLU P 238 65.38 -10.20 -33.33
N GLY P 239 65.83 -9.96 -34.55
CA GLY P 239 65.92 -8.60 -35.04
C GLY P 239 64.55 -7.92 -35.13
N ILE P 240 63.59 -8.60 -35.75
CA ILE P 240 62.25 -8.03 -35.89
C ILE P 240 61.57 -7.93 -34.53
N GLU P 241 61.78 -8.94 -33.68
CA GLU P 241 61.19 -8.92 -32.34
C GLU P 241 61.69 -7.73 -31.55
N ASN P 242 63.00 -7.45 -31.62
CA ASN P 242 63.56 -6.31 -30.91
C ASN P 242 63.13 -4.99 -31.55
N LEU P 243 62.97 -4.97 -32.87
CA LEU P 243 62.52 -3.75 -33.53
C LEU P 243 61.11 -3.38 -33.08
N VAL P 244 60.19 -4.35 -33.08
CA VAL P 244 58.81 -4.04 -32.72
C VAL P 244 58.65 -3.94 -31.21
N ARG P 245 59.57 -4.52 -30.43
CA ARG P 245 59.48 -4.44 -28.98
C ARG P 245 59.94 -3.08 -28.47
N GLU P 246 60.91 -2.47 -29.15
CA GLU P 246 61.42 -1.18 -28.73
C GLU P 246 60.45 -0.04 -28.99
N SER P 247 59.55 -0.18 -29.97
CA SER P 247 58.66 0.90 -30.38
C SER P 247 57.34 0.91 -29.64
N ILE P 248 57.24 0.24 -28.49
CA ILE P 248 55.98 0.11 -27.79
C ILE P 248 55.72 1.39 -26.98
N ARG P 249 54.65 2.09 -27.30
CA ARG P 249 54.30 3.34 -26.64
C ARG P 249 52.97 3.18 -25.95
N GLN P 250 52.91 3.53 -24.67
CA GLN P 250 51.75 3.26 -23.83
C GLN P 250 51.06 4.56 -23.45
N THR P 251 49.73 4.55 -23.53
CA THR P 251 48.86 5.61 -23.02
C THR P 251 47.89 5.00 -22.02
N ALA P 252 47.06 5.87 -21.42
CA ALA P 252 46.18 5.45 -20.34
C ALA P 252 45.26 4.30 -20.73
N MET P 253 45.03 4.09 -22.03
CA MET P 253 44.15 3.04 -22.50
C MET P 253 44.90 1.80 -22.96
N GLY P 254 46.22 1.76 -22.82
CA GLY P 254 46.97 0.57 -23.18
C GLY P 254 48.15 0.92 -24.07
N THR P 255 48.83 -0.11 -24.55
CA THR P 255 50.05 0.04 -25.33
C THR P 255 49.75 -0.19 -26.81
N TYR P 256 50.43 0.57 -27.67
CA TYR P 256 50.35 0.40 -29.11
C TYR P 256 51.76 0.40 -29.68
N THR P 257 51.86 0.15 -30.98
CA THR P 257 53.13 0.15 -31.68
C THR P 257 53.26 1.43 -32.51
N ALA P 258 54.49 1.90 -32.69
CA ALA P 258 54.77 3.11 -33.44
C ALA P 258 56.03 2.85 -34.27
N LEU P 259 55.84 2.40 -35.50
CA LEU P 259 56.94 2.10 -36.41
C LEU P 259 56.89 3.02 -37.61
N SER P 260 58.03 3.18 -38.27
CA SER P 260 58.09 3.89 -39.53
C SER P 260 57.41 3.07 -40.62
N SER P 261 56.79 3.78 -41.57
CA SER P 261 56.12 3.09 -42.67
C SER P 261 57.09 2.25 -43.47
N ARG P 262 58.36 2.68 -43.55
CA ARG P 262 59.37 1.90 -44.25
C ARG P 262 59.57 0.54 -43.59
N HIS P 263 59.61 0.53 -42.26
CA HIS P 263 59.77 -0.74 -41.53
C HIS P 263 58.64 -1.69 -41.84
N LYS P 264 57.39 -1.23 -41.74
CA LYS P 264 56.26 -2.09 -42.03
C LYS P 264 56.29 -2.57 -43.48
N THR P 265 56.57 -1.67 -44.42
CA THR P 265 56.58 -2.06 -45.83
C THR P 265 57.62 -3.13 -46.10
N GLN P 266 58.83 -2.97 -45.54
CA GLN P 266 59.87 -3.96 -45.78
C GLN P 266 59.51 -5.29 -45.12
N ILE P 267 58.94 -5.26 -43.91
CA ILE P 267 58.60 -6.50 -43.22
C ILE P 267 57.54 -7.27 -44.01
N LEU P 268 56.49 -6.59 -44.44
CA LEU P 268 55.47 -7.27 -45.25
C LEU P 268 56.03 -7.75 -46.59
N GLN P 269 56.88 -6.94 -47.23
CA GLN P 269 57.45 -7.35 -48.51
C GLN P 269 58.25 -8.64 -48.38
N LEU P 270 59.08 -8.73 -47.34
CA LEU P 270 59.88 -9.93 -47.17
C LEU P 270 59.04 -11.11 -46.69
N ILE P 271 58.00 -10.87 -45.89
CA ILE P 271 57.14 -11.97 -45.47
C ILE P 271 56.42 -12.57 -46.67
N GLU P 272 55.89 -11.71 -47.55
CA GLU P 272 55.31 -12.21 -48.79
C GLU P 272 56.37 -12.89 -49.66
N GLN P 273 57.60 -12.39 -49.61
CA GLN P 273 58.69 -13.06 -50.30
C GLN P 273 58.95 -14.45 -49.73
N ALA P 274 58.80 -14.61 -48.42
CA ALA P 274 59.03 -15.89 -47.77
C ALA P 274 57.80 -16.79 -47.77
N LEU P 275 56.64 -16.29 -48.19
CA LEU P 275 55.43 -17.08 -48.20
C LEU P 275 55.16 -17.79 -49.52
N LYS P 276 55.87 -17.42 -50.59
CA LYS P 276 55.63 -18.07 -51.88
C LYS P 276 56.38 -19.39 -52.02
N GLN P 277 57.22 -19.74 -51.05
CA GLN P 277 57.94 -21.01 -51.12
C GLN P 277 57.03 -22.21 -50.83
N SER P 278 56.10 -22.06 -49.89
CA SER P 278 55.15 -23.12 -49.57
C SER P 278 53.76 -22.50 -49.39
N ALA P 279 52.74 -23.33 -49.59
CA ALA P 279 51.37 -22.84 -49.59
C ALA P 279 50.95 -22.33 -48.22
N LYS P 280 51.22 -23.10 -47.17
CA LYS P 280 50.79 -22.74 -45.82
C LYS P 280 51.99 -22.60 -44.91
N LEU P 281 52.02 -21.48 -44.17
CA LEU P 281 53.07 -21.23 -43.19
C LEU P 281 52.48 -20.53 -41.99
N PHE P 282 52.88 -20.99 -40.80
CA PHE P 282 52.48 -20.38 -39.55
C PHE P 282 53.62 -19.51 -39.05
N ILE P 283 53.41 -18.19 -39.06
CA ILE P 283 54.41 -17.26 -38.57
C ILE P 283 54.40 -17.28 -37.05
N VAL P 284 55.55 -17.50 -36.45
CA VAL P 284 55.67 -17.66 -35.00
C VAL P 284 56.65 -16.63 -34.46
N THR P 285 56.21 -15.85 -33.47
CA THR P 285 57.02 -14.84 -32.85
C THR P 285 56.83 -14.91 -31.34
N SER P 286 57.43 -13.97 -30.62
CA SER P 286 57.36 -13.96 -29.17
C SER P 286 55.98 -13.48 -28.70
N VAL P 287 55.73 -13.63 -27.40
CA VAL P 287 54.44 -13.23 -26.84
C VAL P 287 54.31 -11.71 -26.83
N ASP P 288 55.35 -11.01 -26.41
CA ASP P 288 55.30 -9.56 -26.26
C ASP P 288 55.29 -8.86 -27.62
N THR P 289 55.63 -9.56 -28.69
CA THR P 289 55.66 -8.96 -30.02
C THR P 289 54.64 -9.57 -30.97
N ARG P 290 53.77 -10.45 -30.50
CA ARG P 290 52.85 -11.13 -31.39
C ARG P 290 51.70 -10.26 -31.89
N ARG P 291 50.92 -9.70 -30.96
CA ARG P 291 49.75 -8.93 -31.37
C ARG P 291 50.14 -7.73 -32.21
N PHE P 292 51.18 -7.00 -31.81
CA PHE P 292 51.62 -5.85 -32.59
C PHE P 292 51.99 -6.27 -34.00
N LEU P 293 52.74 -7.35 -34.15
CA LEU P 293 53.05 -7.85 -35.48
C LEU P 293 51.78 -8.13 -36.25
N ARG P 294 50.78 -8.73 -35.59
CA ARG P 294 49.52 -9.00 -36.27
C ARG P 294 48.90 -7.70 -36.78
N LYS P 295 48.95 -6.64 -35.98
CA LYS P 295 48.28 -5.42 -36.41
C LYS P 295 49.14 -4.60 -37.37
N ILE P 296 50.29 -5.14 -37.82
CA ILE P 296 50.95 -4.58 -38.99
C ILE P 296 50.80 -5.47 -40.20
N THR P 297 50.20 -6.65 -40.04
CA THR P 297 49.99 -7.56 -41.15
C THR P 297 48.54 -7.97 -41.35
N GLU P 298 47.60 -7.38 -40.61
CA GLU P 298 46.20 -7.76 -40.77
C GLU P 298 45.58 -7.14 -42.02
N ALA P 299 46.01 -5.94 -42.40
CA ALA P 299 45.40 -5.24 -43.52
C ALA P 299 45.60 -5.99 -44.83
N THR P 300 46.81 -6.49 -45.07
CA THR P 300 47.15 -7.16 -46.32
C THR P 300 47.08 -8.68 -46.21
N LEU P 301 47.78 -9.26 -45.25
CA LEU P 301 47.86 -10.71 -45.07
C LEU P 301 46.86 -11.09 -43.98
N PHE P 302 45.58 -11.13 -44.34
CA PHE P 302 44.54 -11.44 -43.38
C PHE P 302 44.43 -12.93 -43.07
N ASP P 303 44.69 -13.79 -44.06
CA ASP P 303 44.42 -15.21 -43.90
C ASP P 303 45.62 -16.01 -43.43
N VAL P 304 46.73 -15.37 -43.09
CA VAL P 304 47.89 -16.08 -42.54
C VAL P 304 47.80 -16.04 -41.01
N PRO P 305 47.94 -17.18 -40.33
CA PRO P 305 47.81 -17.17 -38.87
C PRO P 305 49.10 -16.78 -38.17
N ILE P 306 49.04 -15.78 -37.30
CA ILE P 306 50.20 -15.32 -36.56
C ILE P 306 50.14 -15.93 -35.17
N LEU P 307 50.82 -17.07 -34.98
CA LEU P 307 50.85 -17.75 -33.71
C LEU P 307 51.91 -17.11 -32.81
N SER P 308 52.06 -17.68 -31.63
CA SER P 308 53.04 -17.23 -30.65
C SER P 308 53.81 -18.42 -30.10
N TRP P 309 54.84 -18.15 -29.31
CA TRP P 309 55.62 -19.25 -28.74
C TRP P 309 54.88 -19.91 -27.59
N GLN P 310 54.23 -19.13 -26.73
CA GLN P 310 53.50 -19.71 -25.61
C GLN P 310 52.27 -20.48 -26.07
N GLU P 311 51.73 -20.16 -27.25
CA GLU P 311 50.60 -20.90 -27.78
C GLU P 311 50.99 -22.27 -28.29
N LEU P 312 52.26 -22.47 -28.62
CA LEU P 312 52.80 -23.78 -28.95
C LEU P 312 53.51 -24.34 -27.74
N GLY P 313 52.85 -25.25 -27.03
CA GLY P 313 53.44 -25.85 -25.86
C GLY P 313 54.64 -26.71 -26.19
N GLU P 314 55.24 -27.28 -25.15
CA GLU P 314 56.38 -28.15 -25.32
C GLU P 314 56.03 -29.45 -26.02
N GLU P 315 54.75 -29.76 -26.18
CA GLU P 315 54.31 -31.00 -26.81
C GLU P 315 54.18 -30.89 -28.32
N SER P 316 54.34 -29.70 -28.90
CA SER P 316 54.31 -29.52 -30.34
C SER P 316 55.72 -29.25 -30.84
N LEU P 317 56.20 -30.11 -31.73
CA LEU P 317 57.53 -29.91 -32.30
C LEU P 317 57.42 -28.89 -33.42
N ILE P 318 58.53 -28.23 -33.71
CA ILE P 318 58.47 -27.02 -34.53
C ILE P 318 58.63 -27.33 -36.01
N GLN P 319 59.77 -27.90 -36.40
CA GLN P 319 60.13 -28.08 -37.81
C GLN P 319 60.18 -26.72 -38.52
N VAL P 320 61.15 -25.90 -38.09
CA VAL P 320 61.35 -24.59 -38.70
C VAL P 320 61.59 -24.80 -40.19
N VAL P 321 61.01 -23.93 -41.00
CA VAL P 321 61.26 -23.93 -42.44
C VAL P 321 62.15 -22.78 -42.86
N GLU P 322 61.91 -21.58 -42.33
CA GLU P 322 62.75 -20.43 -42.61
C GLU P 322 62.87 -19.59 -41.36
N SER P 323 63.94 -18.80 -41.28
CA SER P 323 64.20 -17.93 -40.13
C SER P 323 64.40 -16.51 -40.66
N ILE P 324 63.35 -15.72 -40.61
CA ILE P 324 63.39 -14.33 -41.05
C ILE P 324 64.09 -13.49 -39.99
N ASP P 325 64.95 -12.57 -40.43
CA ASP P 325 65.65 -11.69 -39.49
C ASP P 325 65.97 -10.38 -40.19
N LEU P 326 66.03 -9.29 -39.43
CA LEU P 326 66.37 -7.97 -39.96
C LEU P 326 67.08 -7.14 -38.91
N SER P 327 67.70 -6.06 -39.37
CA SER P 327 68.05 -4.92 -38.56
C SER P 327 67.13 -3.76 -38.97
N GLU P 328 67.33 -2.60 -38.37
CA GLU P 328 66.47 -1.46 -38.67
C GLU P 328 66.65 -1.02 -40.12
N GLU P 329 65.89 0.01 -40.50
CA GLU P 329 65.94 0.58 -41.84
C GLU P 329 66.31 2.05 -41.86
N GLU P 330 65.65 2.87 -41.04
CA GLU P 330 65.88 4.32 -41.08
C GLU P 330 67.29 4.66 -40.62
N LEU P 331 67.74 4.08 -39.51
CA LEU P 331 69.09 4.33 -39.04
C LEU P 331 70.13 3.75 -39.98
N ALA P 332 69.98 2.46 -40.33
CA ALA P 332 70.88 1.78 -41.25
C ALA P 332 70.26 0.42 -41.56
N ASP P 333 70.41 -0.02 -42.82
CA ASP P 333 69.79 -1.26 -43.23
C ASP P 333 70.35 -2.45 -42.46
N ASN P 334 71.60 -2.81 -42.73
CA ASN P 334 72.37 -3.82 -41.97
C ASN P 334 71.78 -5.19 -42.24
N GLU P 335 70.56 -5.31 -42.78
CA GLU P 335 70.08 -6.61 -43.25
C GLU P 335 69.41 -6.49 -44.61
N GLU P 336 68.71 -5.38 -44.85
CA GLU P 336 67.92 -5.20 -46.06
C GLU P 336 68.63 -4.32 -47.07
N MET Q 1 20.50 -23.09 -31.86
CA MET Q 1 21.84 -22.52 -31.66
C MET Q 1 21.99 -22.18 -30.17
N VAL Q 2 22.54 -23.09 -29.37
CA VAL Q 2 22.63 -22.86 -27.91
C VAL Q 2 24.08 -22.51 -27.50
N PRO Q 3 24.46 -21.24 -27.18
CA PRO Q 3 25.80 -20.88 -26.70
C PRO Q 3 26.25 -21.77 -25.56
N GLY Q 4 27.56 -21.97 -25.46
CA GLY Q 4 28.13 -22.81 -24.44
C GLY Q 4 28.28 -24.24 -24.90
N ALA Q 5 29.52 -24.73 -24.94
CA ALA Q 5 29.78 -26.06 -25.48
C ALA Q 5 29.16 -27.13 -24.58
N CYS Q 6 28.90 -28.29 -25.18
CA CYS Q 6 28.38 -29.42 -24.41
C CYS Q 6 29.52 -29.99 -23.58
N PRO Q 7 29.35 -30.12 -22.26
CA PRO Q 7 30.52 -30.39 -21.40
C PRO Q 7 31.27 -31.67 -21.73
N LEU Q 8 30.62 -32.83 -21.64
CA LEU Q 8 31.32 -34.11 -21.70
C LEU Q 8 30.56 -35.05 -22.63
N ILE Q 9 31.21 -35.44 -23.72
CA ILE Q 9 30.60 -36.27 -24.75
C ILE Q 9 31.48 -37.49 -24.99
N LEU Q 10 30.87 -38.66 -25.00
CA LEU Q 10 31.58 -39.91 -25.29
C LEU Q 10 30.99 -40.50 -26.56
N ARG Q 11 31.78 -40.55 -27.63
CA ARG Q 11 31.34 -41.07 -28.91
C ARG Q 11 31.90 -42.47 -29.10
N LEU Q 12 31.00 -43.43 -29.39
CA LEU Q 12 31.36 -44.83 -29.51
C LEU Q 12 30.81 -45.41 -30.81
N SER Q 13 31.56 -46.35 -31.38
CA SER Q 13 31.03 -47.17 -32.45
C SER Q 13 30.00 -48.14 -31.88
N PRO Q 14 28.94 -48.45 -32.64
CA PRO Q 14 27.80 -49.17 -32.05
C PRO Q 14 28.16 -50.55 -31.53
N THR Q 15 29.27 -51.13 -31.97
CA THR Q 15 29.74 -52.38 -31.38
C THR Q 15 30.09 -52.20 -29.90
N LEU Q 16 30.81 -51.12 -29.58
CA LEU Q 16 31.23 -50.86 -28.22
C LEU Q 16 30.08 -50.45 -27.31
N HIS Q 17 28.99 -49.97 -27.88
CA HIS Q 17 27.85 -49.56 -27.09
C HIS Q 17 27.25 -50.77 -26.38
N SER Q 18 26.53 -50.51 -25.29
CA SER Q 18 25.94 -51.61 -24.51
C SER Q 18 24.72 -51.08 -23.78
N ALA Q 19 24.13 -51.95 -22.95
CA ALA Q 19 22.89 -51.62 -22.26
C ALA Q 19 23.16 -51.15 -20.84
N ASP Q 20 24.21 -51.65 -20.21
CA ASP Q 20 24.59 -51.25 -18.86
C ASP Q 20 25.62 -50.14 -18.87
N LEU Q 21 25.89 -49.54 -20.02
CA LEU Q 21 26.87 -48.46 -20.08
C LEU Q 21 26.42 -47.26 -19.26
N ILE Q 22 25.14 -46.95 -19.27
CA ILE Q 22 24.66 -45.78 -18.54
C ILE Q 22 24.94 -45.92 -17.05
N ARG Q 23 24.61 -47.08 -16.48
CA ARG Q 23 24.80 -47.24 -15.04
C ARG Q 23 26.28 -47.41 -14.69
N ASP Q 24 27.08 -47.99 -15.58
CA ASP Q 24 28.51 -48.08 -15.33
C ASP Q 24 29.16 -46.70 -15.33
N ILE Q 25 28.81 -45.85 -16.29
CA ILE Q 25 29.32 -44.48 -16.31
C ILE Q 25 28.85 -43.71 -15.10
N ASP Q 26 27.59 -43.90 -14.70
CA ASP Q 26 27.11 -43.19 -13.51
C ASP Q 26 27.85 -43.63 -12.25
N ALA Q 27 28.14 -44.93 -12.13
CA ALA Q 27 28.92 -45.40 -11.00
C ALA Q 27 30.33 -44.83 -11.01
N MET Q 28 30.95 -44.74 -12.18
CA MET Q 28 32.26 -44.13 -12.27
C MET Q 28 32.22 -42.66 -11.89
N ARG Q 29 31.18 -41.95 -12.32
CA ARG Q 29 31.06 -40.54 -11.96
C ARG Q 29 30.89 -40.38 -10.45
N TRP Q 30 30.09 -41.24 -9.83
CA TRP Q 30 29.91 -41.15 -8.39
C TRP Q 30 31.20 -41.48 -7.65
N PHE Q 31 31.97 -42.45 -8.14
CA PHE Q 31 33.25 -42.73 -7.52
C PHE Q 31 34.20 -41.56 -7.65
N LEU Q 32 34.21 -40.91 -8.82
CA LEU Q 32 35.10 -39.76 -9.01
C LEU Q 32 34.69 -38.59 -8.13
N PHE Q 33 33.39 -38.42 -7.90
CA PHE Q 33 32.96 -37.36 -6.99
C PHE Q 33 33.30 -37.69 -5.55
N GLU Q 34 33.14 -38.95 -5.14
CA GLU Q 34 33.51 -39.32 -3.78
C GLU Q 34 35.01 -39.22 -3.56
N ASP Q 35 35.80 -39.41 -4.61
CA ASP Q 35 37.25 -39.37 -4.46
C ASP Q 35 37.80 -37.96 -4.53
N THR Q 36 37.45 -37.19 -5.56
CA THR Q 36 38.04 -35.88 -5.78
C THR Q 36 37.13 -34.70 -5.48
N GLY Q 37 35.86 -34.94 -5.13
CA GLY Q 37 35.00 -33.87 -4.67
C GLY Q 37 34.45 -32.95 -5.73
N VAL Q 38 34.81 -33.14 -6.99
CA VAL Q 38 34.36 -32.29 -8.10
C VAL Q 38 33.11 -32.93 -8.72
N PRO Q 39 31.97 -32.26 -8.72
CA PRO Q 39 30.76 -32.86 -9.30
C PRO Q 39 30.79 -32.76 -10.82
N LEU Q 40 31.00 -33.89 -11.48
CA LEU Q 40 31.14 -33.94 -12.92
C LEU Q 40 29.80 -33.79 -13.63
N PRO Q 41 29.80 -33.25 -14.84
CA PRO Q 41 28.55 -33.13 -15.60
C PRO Q 41 28.23 -34.42 -16.32
N GLU Q 42 26.95 -34.57 -16.68
CA GLU Q 42 26.46 -35.81 -17.27
C GLU Q 42 27.21 -36.14 -18.56
N VAL Q 43 27.60 -37.40 -18.69
CA VAL Q 43 28.27 -37.87 -19.90
C VAL Q 43 27.22 -38.16 -20.96
N ASN Q 44 27.35 -37.52 -22.12
CA ASN Q 44 26.41 -37.69 -23.21
C ASN Q 44 26.94 -38.77 -24.14
N ILE Q 45 26.21 -39.87 -24.25
CA ILE Q 45 26.60 -40.99 -25.09
C ILE Q 45 26.13 -40.71 -26.51
N GLU Q 46 27.07 -40.71 -27.46
CA GLU Q 46 26.76 -40.48 -28.86
C GLU Q 46 27.36 -41.61 -29.67
N VAL Q 47 26.73 -41.93 -30.81
CA VAL Q 47 27.13 -43.06 -31.63
C VAL Q 47 27.96 -42.56 -32.80
N LEU Q 48 29.14 -43.15 -32.98
CA LEU Q 48 30.07 -42.75 -34.02
C LEU Q 48 30.22 -43.89 -35.02
N PRO Q 49 29.56 -43.83 -36.18
CA PRO Q 49 29.67 -44.93 -37.15
C PRO Q 49 31.08 -45.04 -37.71
N GLU Q 50 31.74 -46.18 -37.45
CA GLU Q 50 33.11 -46.37 -37.87
C GLU Q 50 33.35 -47.86 -38.01
N PRO Q 51 33.89 -48.32 -39.15
CA PRO Q 51 34.23 -49.74 -39.27
C PRO Q 51 35.24 -50.21 -38.22
N THR Q 52 36.21 -49.36 -37.87
CA THR Q 52 37.20 -49.69 -36.86
C THR Q 52 36.62 -49.42 -35.48
N GLU Q 53 36.97 -50.27 -34.52
CA GLU Q 53 36.50 -50.11 -33.14
C GLU Q 53 37.20 -48.92 -32.51
N LYS Q 54 36.52 -47.77 -32.44
CA LYS Q 54 37.12 -46.52 -32.00
C LYS Q 54 36.16 -45.78 -31.07
N LEU Q 55 36.73 -45.10 -30.08
CA LEU Q 55 35.95 -44.21 -29.21
C LEU Q 55 36.67 -42.88 -29.08
N THR Q 56 35.90 -41.83 -28.84
CA THR Q 56 36.44 -40.50 -28.61
C THR Q 56 35.77 -39.88 -27.40
N VAL Q 57 36.55 -39.11 -26.65
CA VAL Q 57 36.07 -38.37 -25.50
C VAL Q 57 36.29 -36.90 -25.77
N LEU Q 58 35.22 -36.12 -25.71
CA LEU Q 58 35.19 -34.72 -26.08
C LEU Q 58 34.83 -33.88 -24.86
N LEU Q 59 35.74 -32.98 -24.49
CA LEU Q 59 35.51 -32.03 -23.41
C LEU Q 59 35.20 -30.68 -24.01
N TYR Q 60 33.96 -30.21 -23.83
CA TYR Q 60 33.51 -28.95 -24.39
C TYR Q 60 33.69 -28.92 -25.90
N GLN Q 61 33.42 -30.07 -26.53
CA GLN Q 61 33.43 -30.27 -27.97
C GLN Q 61 34.80 -30.14 -28.60
N GLU Q 62 35.86 -30.12 -27.79
CA GLU Q 62 37.21 -30.20 -28.31
C GLU Q 62 37.76 -31.58 -27.99
N PRO Q 63 37.95 -32.45 -28.99
CA PRO Q 63 38.27 -33.85 -28.70
C PRO Q 63 39.60 -34.03 -28.00
N VAL Q 64 39.55 -34.48 -26.74
CA VAL Q 64 40.76 -34.69 -25.95
C VAL Q 64 41.22 -36.13 -25.94
N PHE Q 65 40.36 -37.09 -26.29
CA PHE Q 65 40.78 -38.48 -26.30
C PHE Q 65 40.25 -39.17 -27.55
N SER Q 66 41.10 -39.98 -28.16
CA SER Q 66 40.72 -40.72 -29.35
C SER Q 66 41.51 -42.02 -29.39
N LEU Q 67 40.83 -43.14 -29.18
CA LEU Q 67 41.52 -44.41 -29.08
C LEU Q 67 40.79 -45.46 -29.91
N SER Q 68 41.55 -46.26 -30.64
CA SER Q 68 41.01 -47.36 -31.43
C SER Q 68 41.43 -48.67 -30.81
N ILE Q 69 40.43 -49.30 -30.16
CA ILE Q 69 40.53 -50.53 -29.32
C ILE Q 69 40.59 -51.78 -30.17
N PRO Q 70 41.74 -52.45 -30.31
CA PRO Q 70 41.83 -53.62 -31.18
C PRO Q 70 40.87 -54.74 -30.76
N ALA Q 71 40.31 -55.44 -31.77
CA ALA Q 71 39.31 -56.54 -31.66
C ALA Q 71 39.87 -57.74 -30.92
N GLN Q 72 41.17 -57.97 -31.08
CA GLN Q 72 41.87 -59.12 -30.44
C GLN Q 72 41.78 -59.05 -28.91
N ALA Q 73 41.93 -57.86 -28.31
CA ALA Q 73 41.88 -57.74 -26.83
C ALA Q 73 40.44 -57.56 -26.33
N ASP Q 74 40.09 -58.31 -25.29
CA ASP Q 74 38.73 -58.29 -24.72
C ASP Q 74 38.79 -58.06 -23.21
N TYR Q 75 40.01 -58.01 -22.65
CA TYR Q 75 40.27 -57.84 -21.19
C TYR Q 75 41.16 -56.61 -20.97
N LEU Q 76 40.79 -55.63 -20.12
CA LEU Q 76 41.62 -54.43 -20.06
C LEU Q 76 42.25 -54.28 -18.68
N LEU Q 77 43.52 -53.87 -18.67
CA LEU Q 77 44.26 -53.63 -17.43
C LEU Q 77 45.01 -52.31 -17.57
N ILE Q 78 44.69 -51.35 -16.70
CA ILE Q 78 45.30 -50.03 -16.76
C ILE Q 78 46.64 -50.07 -16.04
N GLY Q 79 47.68 -49.55 -16.70
CA GLY Q 79 49.03 -49.57 -16.15
C GLY Q 79 49.78 -50.82 -16.56
N ALA Q 80 51.06 -50.83 -16.21
CA ALA Q 80 51.94 -51.93 -16.56
C ALA Q 80 52.79 -52.33 -15.35
N ASP Q 81 53.23 -53.58 -15.34
CA ASP Q 81 54.09 -54.10 -14.29
C ASP Q 81 54.88 -55.27 -14.86
N ALA Q 82 55.81 -55.79 -14.04
CA ALA Q 82 56.65 -56.90 -14.50
C ALA Q 82 55.88 -58.20 -14.58
N SER Q 83 54.90 -58.39 -13.69
CA SER Q 83 54.16 -59.66 -13.64
C SER Q 83 53.32 -59.89 -14.89
N VAL Q 84 52.83 -58.83 -15.54
CA VAL Q 84 51.94 -58.94 -16.68
C VAL Q 84 52.54 -58.14 -17.84
N VAL Q 85 52.69 -58.81 -18.99
CA VAL Q 85 53.25 -58.18 -20.19
C VAL Q 85 52.60 -58.81 -21.41
N GLY Q 86 52.29 -57.97 -22.40
CA GLY Q 86 51.72 -58.46 -23.64
C GLY Q 86 50.55 -57.63 -24.14
N ASP Q 87 50.64 -57.18 -25.39
CA ASP Q 87 49.61 -56.38 -26.02
C ASP Q 87 49.31 -55.08 -25.27
N SER Q 88 50.37 -54.31 -25.03
CA SER Q 88 50.32 -53.09 -24.25
C SER Q 88 50.66 -51.90 -25.17
N GLN Q 89 50.01 -50.76 -24.93
CA GLN Q 89 50.33 -49.55 -25.67
C GLN Q 89 50.20 -48.31 -24.79
N THR Q 90 50.79 -47.23 -25.29
CA THR Q 90 50.89 -45.96 -24.58
C THR Q 90 49.64 -45.12 -24.86
N LEU Q 91 48.99 -44.67 -23.79
CA LEU Q 91 47.88 -43.76 -23.95
C LEU Q 91 48.38 -42.38 -24.38
N PRO Q 92 47.59 -41.63 -25.13
CA PRO Q 92 48.03 -40.31 -25.59
C PRO Q 92 48.09 -39.32 -24.43
N ASN Q 93 48.81 -38.23 -24.67
CA ASN Q 93 48.94 -37.13 -23.71
C ASN Q 93 49.57 -37.61 -22.40
N GLY Q 94 50.32 -38.71 -22.46
CA GLY Q 94 50.99 -39.23 -21.28
C GLY Q 94 50.07 -39.63 -20.16
N MET Q 95 48.92 -40.21 -20.50
CA MET Q 95 48.00 -40.69 -19.46
C MET Q 95 48.49 -41.97 -18.83
N GLY Q 96 49.37 -42.70 -19.51
CA GLY Q 96 49.93 -43.92 -18.95
C GLY Q 96 50.07 -45.05 -19.95
N GLN Q 97 49.90 -46.28 -19.48
CA GLN Q 97 49.99 -47.47 -20.31
C GLN Q 97 48.74 -48.31 -20.09
N ILE Q 98 48.33 -49.02 -21.13
CA ILE Q 98 47.22 -49.96 -21.02
C ILE Q 98 47.64 -51.30 -21.59
N CYS Q 99 47.04 -52.37 -21.08
CA CYS Q 99 47.34 -53.73 -21.49
C CYS Q 99 46.03 -54.42 -21.85
N TRP Q 100 45.96 -54.97 -23.05
CA TRP Q 100 44.84 -55.81 -23.46
C TRP Q 100 45.24 -57.26 -23.26
N LEU Q 101 44.53 -57.96 -22.39
CA LEU Q 101 44.91 -59.29 -21.94
C LEU Q 101 43.88 -60.31 -22.38
N THR Q 102 44.36 -61.49 -22.77
CA THR Q 102 43.49 -62.61 -23.08
C THR Q 102 42.83 -63.12 -21.80
N LYS Q 103 41.75 -63.89 -21.98
CA LYS Q 103 40.88 -64.23 -20.87
C LYS Q 103 41.65 -64.94 -19.76
N ASP Q 104 42.40 -65.99 -20.09
CA ASP Q 104 43.10 -66.74 -19.05
C ASP Q 104 44.19 -65.91 -18.39
N MET Q 105 44.95 -65.16 -19.18
CA MET Q 105 46.00 -64.33 -18.60
C MET Q 105 45.41 -63.21 -17.76
N ALA Q 106 44.25 -62.69 -18.17
CA ALA Q 106 43.58 -61.66 -17.37
C ALA Q 106 43.07 -62.23 -16.06
N HIS Q 107 42.55 -63.47 -16.08
CA HIS Q 107 42.15 -64.10 -14.83
C HIS Q 107 43.35 -64.32 -13.92
N LYS Q 108 44.49 -64.73 -14.49
CA LYS Q 108 45.70 -64.86 -13.69
C LYS Q 108 46.14 -63.53 -13.10
N ALA Q 109 46.05 -62.44 -13.89
CA ALA Q 109 46.42 -61.12 -13.39
C ALA Q 109 45.47 -60.66 -12.29
N GLN Q 110 44.18 -60.94 -12.43
CA GLN Q 110 43.22 -60.60 -11.37
C GLN Q 110 43.51 -61.40 -10.11
N GLY Q 111 43.86 -62.68 -10.24
CA GLY Q 111 44.29 -63.45 -9.10
C GLY Q 111 45.56 -62.92 -8.47
N PHE Q 112 46.43 -62.32 -9.28
CA PHE Q 112 47.67 -61.75 -8.77
C PHE Q 112 47.43 -60.64 -7.76
N GLY Q 113 46.27 -59.99 -7.81
CA GLY Q 113 45.95 -58.95 -6.86
C GLY Q 113 45.81 -57.57 -7.46
N LEU Q 114 45.35 -57.51 -8.71
CA LEU Q 114 45.13 -56.25 -9.41
C LEU Q 114 43.70 -56.18 -9.89
N ASP Q 115 43.35 -55.04 -10.47
CA ASP Q 115 42.01 -54.83 -11.03
C ASP Q 115 42.05 -55.06 -12.54
N VAL Q 116 41.09 -55.84 -13.03
CA VAL Q 116 40.96 -56.13 -14.46
C VAL Q 116 39.51 -55.91 -14.86
N PHE Q 117 39.31 -55.17 -15.95
CA PHE Q 117 37.98 -54.75 -16.39
C PHE Q 117 37.58 -55.52 -17.65
N ALA Q 118 36.29 -55.85 -17.73
CA ALA Q 118 35.75 -56.58 -18.86
C ALA Q 118 34.36 -56.07 -19.19
N GLY Q 119 34.09 -55.87 -20.48
CA GLY Q 119 32.81 -55.40 -20.93
C GLY Q 119 32.70 -53.88 -20.92
N SER Q 120 31.54 -53.37 -20.50
CA SER Q 120 31.36 -51.93 -20.43
C SER Q 120 32.40 -51.28 -19.53
N GLN Q 121 32.92 -52.02 -18.55
CA GLN Q 121 33.94 -51.48 -17.67
C GLN Q 121 35.16 -51.02 -18.45
N ARG Q 122 35.51 -51.72 -19.53
CA ARG Q 122 36.68 -51.31 -20.30
C ARG Q 122 36.52 -49.89 -20.84
N ILE Q 123 35.28 -49.42 -20.98
CA ILE Q 123 35.06 -48.03 -21.35
C ILE Q 123 35.27 -47.12 -20.15
N SER Q 124 34.64 -47.44 -19.02
CA SER Q 124 34.74 -46.60 -17.84
C SER Q 124 36.19 -46.42 -17.41
N ALA Q 125 36.92 -47.52 -17.24
CA ALA Q 125 38.30 -47.43 -16.79
C ALA Q 125 39.17 -46.72 -17.81
N LEU Q 126 38.67 -46.54 -19.03
CA LEU Q 126 39.34 -45.63 -19.96
C LEU Q 126 38.87 -44.21 -19.75
N LEU Q 127 37.56 -43.98 -19.83
CA LEU Q 127 37.02 -42.63 -19.67
C LEU Q 127 37.49 -42.00 -18.38
N LYS Q 128 37.40 -42.75 -17.28
CA LYS Q 128 37.81 -42.24 -15.98
C LYS Q 128 39.24 -41.73 -16.02
N CYS Q 129 40.14 -42.47 -16.67
CA CYS Q 129 41.52 -42.02 -16.78
C CYS Q 129 41.59 -40.62 -17.38
N VAL Q 130 40.86 -40.41 -18.49
CA VAL Q 130 40.81 -39.09 -19.09
C VAL Q 130 40.30 -38.07 -18.09
N LEU Q 131 39.21 -38.40 -17.38
CA LEU Q 131 38.65 -37.45 -16.45
C LEU Q 131 39.59 -37.15 -15.30
N LEU Q 132 40.56 -38.04 -15.04
CA LEU Q 132 41.50 -37.75 -13.97
C LEU Q 132 42.65 -36.88 -14.43
N ARG Q 133 42.72 -36.61 -15.74
CA ARG Q 133 43.80 -35.77 -16.31
C ARG Q 133 43.34 -34.31 -16.49
N HIS Q 134 42.10 -34.09 -16.94
CA HIS Q 134 41.57 -32.72 -17.21
C HIS Q 134 40.58 -32.32 -16.10
N MET Q 135 40.66 -32.97 -14.93
CA MET Q 135 39.82 -32.68 -13.74
C MET Q 135 39.70 -31.17 -13.43
N GLY Q 136 40.82 -30.45 -13.36
CA GLY Q 136 40.79 -29.04 -13.00
C GLY Q 136 39.96 -28.18 -13.92
N GLU Q 137 39.45 -28.73 -15.01
CA GLU Q 137 38.60 -27.98 -15.93
C GLU Q 137 37.13 -28.05 -15.55
N PHE Q 138 36.75 -28.89 -14.60
CA PHE Q 138 35.35 -29.00 -14.20
C PHE Q 138 35.04 -28.22 -12.93
N ILE Q 139 35.90 -27.26 -12.56
CA ILE Q 139 35.71 -26.45 -11.36
C ILE Q 139 36.02 -24.99 -11.74
N GLY Q 140 34.98 -24.20 -11.96
CA GLY Q 140 35.14 -22.81 -12.30
C GLY Q 140 34.39 -21.92 -11.35
N VAL Q 141 33.95 -20.74 -11.81
CA VAL Q 141 33.14 -19.87 -10.95
C VAL Q 141 31.75 -20.45 -10.77
N GLN Q 142 31.18 -21.00 -11.84
CA GLN Q 142 29.81 -21.51 -11.76
C GLN Q 142 29.75 -22.80 -10.94
N GLU Q 143 30.69 -23.71 -11.13
CA GLU Q 143 30.69 -24.92 -10.32
C GLU Q 143 30.95 -24.60 -8.85
N THR Q 144 31.80 -23.61 -8.58
CA THR Q 144 32.00 -23.17 -7.20
C THR Q 144 30.71 -22.62 -6.61
N ARG Q 145 29.96 -21.85 -7.39
CA ARG Q 145 28.68 -21.36 -6.90
C ARG Q 145 27.72 -22.52 -6.64
N TYR Q 146 27.76 -23.55 -7.47
CA TYR Q 146 26.91 -24.72 -7.21
C TYR Q 146 27.31 -25.41 -5.92
N LEU Q 147 28.61 -25.55 -5.67
CA LEU Q 147 29.07 -26.17 -4.42
C LEU Q 147 28.64 -25.34 -3.22
N MET Q 148 28.74 -24.02 -3.32
CA MET Q 148 28.35 -23.17 -2.19
C MET Q 148 26.85 -23.21 -1.97
N ASN Q 149 26.06 -23.31 -3.05
CA ASN Q 149 24.62 -23.46 -2.89
C ASN Q 149 24.28 -24.80 -2.25
N ALA Q 150 25.01 -25.86 -2.60
CA ALA Q 150 24.80 -27.14 -1.94
C ALA Q 150 25.14 -27.06 -0.46
N MET Q 151 26.22 -26.36 -0.12
CA MET Q 151 26.61 -26.22 1.28
C MET Q 151 25.72 -25.25 2.04
N GLU Q 152 24.91 -24.44 1.36
CA GLU Q 152 24.01 -23.55 2.08
C GLU Q 152 22.90 -24.28 2.84
N LYS Q 153 22.79 -25.59 2.69
CA LYS Q 153 21.68 -26.31 3.33
C LYS Q 153 21.97 -26.54 4.81
N ASN Q 154 23.08 -27.20 5.12
CA ASN Q 154 23.46 -27.47 6.50
C ASN Q 154 24.44 -26.46 7.08
N TYR Q 155 25.16 -25.72 6.24
CA TYR Q 155 26.24 -24.86 6.69
C TYR Q 155 26.06 -23.38 6.40
N SER Q 156 24.81 -22.93 6.46
CA SER Q 156 24.44 -21.61 5.93
C SER Q 156 25.37 -20.51 6.43
N GLU Q 157 25.68 -20.51 7.72
CA GLU Q 157 26.48 -19.43 8.28
C GLU Q 157 27.93 -19.53 7.82
N LEU Q 158 28.44 -20.74 7.63
CA LEU Q 158 29.80 -20.89 7.13
C LEU Q 158 29.93 -20.29 5.74
N VAL Q 159 28.99 -20.59 4.86
CA VAL Q 159 29.02 -20.04 3.51
C VAL Q 159 28.81 -18.54 3.52
N LYS Q 160 27.90 -18.05 4.37
CA LYS Q 160 27.67 -16.61 4.43
C LYS Q 160 28.91 -15.87 4.90
N GLU Q 161 29.57 -16.39 5.94
CA GLU Q 161 30.81 -15.77 6.40
C GLU Q 161 31.88 -15.82 5.33
N LEU Q 162 32.01 -16.94 4.63
CA LEU Q 162 33.01 -17.03 3.57
C LEU Q 162 32.75 -16.01 2.47
N GLN Q 163 31.50 -15.88 2.05
CA GLN Q 163 31.17 -14.89 1.04
C GLN Q 163 31.50 -13.48 1.53
N ARG Q 164 31.20 -13.20 2.80
CA ARG Q 164 31.56 -11.90 3.36
C ARG Q 164 33.07 -11.69 3.34
N GLN Q 165 33.85 -12.76 3.44
CA GLN Q 165 35.30 -12.62 3.43
C GLN Q 165 35.87 -12.46 2.02
N LEU Q 166 35.60 -13.42 1.14
CA LEU Q 166 36.22 -13.48 -0.18
C LEU Q 166 35.17 -13.42 -1.28
N PRO Q 167 35.47 -12.77 -2.39
CA PRO Q 167 34.58 -12.83 -3.55
C PRO Q 167 34.68 -14.16 -4.25
N ILE Q 168 33.62 -14.50 -5.00
CA ILE Q 168 33.48 -15.86 -5.50
C ILE Q 168 34.59 -16.23 -6.48
N ASN Q 169 35.18 -15.25 -7.16
CA ASN Q 169 36.25 -15.59 -8.10
C ASN Q 169 37.48 -16.07 -7.36
N LYS Q 170 37.77 -15.52 -6.18
CA LYS Q 170 38.93 -15.99 -5.42
C LYS Q 170 38.68 -17.37 -4.81
N ILE Q 171 37.46 -17.64 -4.36
CA ILE Q 171 37.14 -18.98 -3.88
C ILE Q 171 37.26 -19.99 -5.01
N ALA Q 172 36.76 -19.65 -6.19
CA ALA Q 172 36.87 -20.55 -7.34
C ALA Q 172 38.32 -20.77 -7.73
N GLU Q 173 39.14 -19.71 -7.66
CA GLU Q 173 40.56 -19.86 -7.94
C GLU Q 173 41.23 -20.79 -6.93
N THR Q 174 40.89 -20.66 -5.66
CA THR Q 174 41.46 -21.54 -4.64
C THR Q 174 41.06 -22.98 -4.87
N LEU Q 175 39.77 -23.23 -5.13
CA LEU Q 175 39.32 -24.59 -5.35
C LEU Q 175 39.94 -25.19 -6.61
N GLN Q 176 40.08 -24.39 -7.67
CA GLN Q 176 40.72 -24.87 -8.89
C GLN Q 176 42.18 -25.21 -8.64
N ARG Q 177 42.89 -24.37 -7.89
CA ARG Q 177 44.29 -24.62 -7.63
C ARG Q 177 44.47 -25.84 -6.73
N LEU Q 178 43.48 -26.13 -5.88
CA LEU Q 178 43.55 -27.35 -5.09
C LEU Q 178 43.24 -28.59 -5.93
N VAL Q 179 42.27 -28.48 -6.84
CA VAL Q 179 41.86 -29.66 -7.67
C VAL Q 179 42.99 -30.01 -8.62
N SER Q 180 43.67 -29.00 -9.19
CA SER Q 180 44.68 -29.26 -10.20
C SER Q 180 45.96 -29.84 -9.61
N GLU Q 181 45.94 -30.27 -8.34
CA GLU Q 181 47.07 -30.92 -7.71
C GLU Q 181 46.74 -32.30 -7.16
N ARG Q 182 45.57 -32.85 -7.53
CA ARG Q 182 45.06 -34.08 -6.95
C ARG Q 182 44.86 -33.97 -5.43
N VAL Q 183 44.40 -32.83 -4.96
CA VAL Q 183 43.96 -32.66 -3.59
C VAL Q 183 42.45 -32.59 -3.59
N SER Q 184 41.81 -33.48 -2.86
CA SER Q 184 40.35 -33.55 -2.88
C SER Q 184 39.76 -32.33 -2.19
N ILE Q 185 38.68 -31.82 -2.77
CA ILE Q 185 37.94 -30.73 -2.15
C ILE Q 185 36.63 -31.30 -1.62
N ARG Q 186 36.64 -32.58 -1.28
CA ARG Q 186 35.46 -33.21 -0.72
C ARG Q 186 35.10 -32.61 0.63
N ASP Q 187 36.11 -32.32 1.45
CA ASP Q 187 35.90 -31.72 2.77
C ASP Q 187 35.82 -30.21 2.62
N LEU Q 188 34.59 -29.74 2.36
CA LEU Q 188 34.41 -28.31 2.13
C LEU Q 188 34.26 -27.54 3.42
N ARG Q 189 33.81 -28.19 4.50
CA ARG Q 189 33.73 -27.51 5.78
C ARG Q 189 35.10 -27.04 6.24
N LEU Q 190 36.11 -27.90 6.15
CA LEU Q 190 37.45 -27.53 6.57
C LEU Q 190 38.06 -26.50 5.64
N ILE Q 191 37.82 -26.62 4.33
CA ILE Q 191 38.36 -25.65 3.39
C ILE Q 191 37.78 -24.27 3.64
N PHE Q 192 36.46 -24.20 3.82
CA PHE Q 192 35.84 -22.91 4.08
C PHE Q 192 36.29 -22.36 5.43
N GLY Q 193 36.49 -23.23 6.42
CA GLY Q 193 37.00 -22.76 7.70
C GLY Q 193 38.39 -22.17 7.59
N THR Q 194 39.26 -22.80 6.80
CA THR Q 194 40.61 -22.27 6.67
C THR Q 194 40.63 -20.98 5.85
N LEU Q 195 39.76 -20.88 4.84
CA LEU Q 195 39.67 -19.62 4.10
C LEU Q 195 39.10 -18.51 4.97
N ILE Q 196 38.18 -18.84 5.88
CA ILE Q 196 37.65 -17.83 6.78
C ILE Q 196 38.72 -17.39 7.77
N ASP Q 197 39.52 -18.33 8.27
CA ASP Q 197 40.60 -17.97 9.18
C ASP Q 197 41.62 -17.06 8.51
N TRP Q 198 42.14 -17.47 7.35
CA TRP Q 198 43.29 -16.80 6.75
C TRP Q 198 42.93 -15.76 5.70
N ALA Q 199 41.64 -15.52 5.44
CA ALA Q 199 41.28 -14.49 4.47
C ALA Q 199 41.64 -13.08 4.93
N PRO Q 200 41.33 -12.66 6.17
CA PRO Q 200 41.74 -11.30 6.58
C PRO Q 200 43.25 -11.10 6.59
N ARG Q 201 44.02 -12.13 6.92
CA ARG Q 201 45.46 -12.00 7.10
C ARG Q 201 46.26 -12.31 5.86
N GLU Q 202 45.62 -12.53 4.71
CA GLU Q 202 46.35 -12.86 3.50
C GLU Q 202 45.54 -12.43 2.29
N LYS Q 203 46.23 -12.00 1.23
CA LYS Q 203 45.58 -11.58 0.00
C LYS Q 203 46.08 -12.33 -1.23
N ASP Q 204 47.22 -13.00 -1.14
CA ASP Q 204 47.74 -13.78 -2.26
C ASP Q 204 47.05 -15.12 -2.31
N VAL Q 205 46.18 -15.31 -3.30
CA VAL Q 205 45.35 -16.51 -3.37
C VAL Q 205 46.21 -17.76 -3.41
N LEU Q 206 47.42 -17.67 -3.95
CA LEU Q 206 48.33 -18.79 -3.89
C LEU Q 206 48.68 -19.15 -2.46
N MET Q 207 48.85 -18.14 -1.59
CA MET Q 207 49.17 -18.45 -0.21
C MET Q 207 47.97 -18.97 0.55
N LEU Q 208 46.76 -18.48 0.22
CA LEU Q 208 45.57 -19.08 0.80
C LEU Q 208 45.46 -20.55 0.41
N THR Q 209 45.77 -20.88 -0.84
CA THR Q 209 45.78 -22.27 -1.26
C THR Q 209 46.83 -23.06 -0.51
N GLU Q 210 47.99 -22.46 -0.25
CA GLU Q 210 49.01 -23.15 0.53
C GLU Q 210 48.52 -23.45 1.94
N TYR Q 211 47.84 -22.48 2.57
CA TYR Q 211 47.32 -22.70 3.91
C TYR Q 211 46.24 -23.78 3.92
N VAL Q 212 45.38 -23.79 2.90
CA VAL Q 212 44.36 -24.83 2.82
C VAL Q 212 45.00 -26.19 2.60
N ARG Q 213 46.08 -26.24 1.83
CA ARG Q 213 46.78 -27.51 1.63
C ARG Q 213 47.42 -27.99 2.93
N ILE Q 214 47.96 -27.07 3.73
CA ILE Q 214 48.56 -27.44 5.01
C ILE Q 214 47.49 -27.95 5.96
N ALA Q 215 46.33 -27.29 5.99
CA ALA Q 215 45.26 -27.73 6.87
C ALA Q 215 44.70 -29.09 6.44
N LEU Q 216 44.95 -29.50 5.20
CA LEU Q 216 44.49 -30.78 4.68
C LEU Q 216 45.62 -31.80 4.61
N ARG Q 217 46.67 -31.64 5.40
CA ARG Q 217 47.86 -32.48 5.24
C ARG Q 217 47.58 -33.94 5.56
N ARG Q 218 46.71 -34.21 6.53
CA ARG Q 218 46.41 -35.60 6.87
C ARG Q 218 45.75 -36.30 5.69
N HIS Q 219 44.79 -35.63 5.03
CA HIS Q 219 44.15 -36.23 3.88
C HIS Q 219 45.14 -36.46 2.74
N ILE Q 220 46.02 -35.49 2.48
CA ILE Q 220 46.97 -35.65 1.39
C ILE Q 220 47.89 -36.83 1.65
N LEU Q 221 48.43 -36.92 2.87
CA LEU Q 221 49.35 -38.00 3.16
C LEU Q 221 48.63 -39.33 3.38
N ARG Q 222 47.30 -39.31 3.47
CA ARG Q 222 46.58 -40.58 3.43
C ARG Q 222 46.33 -41.02 2.00
N ARG Q 223 45.96 -40.10 1.13
CA ARG Q 223 45.63 -40.45 -0.25
C ARG Q 223 46.88 -40.83 -1.04
N LEU Q 224 48.02 -40.19 -0.76
CA LEU Q 224 49.24 -40.55 -1.48
C LEU Q 224 49.63 -41.99 -1.22
N ASN Q 225 49.58 -42.43 0.03
CA ASN Q 225 49.84 -43.83 0.34
C ASN Q 225 48.82 -44.34 1.36
N PRO Q 226 47.85 -45.14 0.92
CA PRO Q 226 46.78 -45.56 1.84
C PRO Q 226 47.28 -46.31 3.06
N GLU Q 227 48.32 -47.12 2.93
CA GLU Q 227 48.90 -47.82 4.05
C GLU Q 227 49.87 -46.90 4.79
N GLY Q 228 50.19 -47.29 6.02
CA GLY Q 228 51.12 -46.54 6.82
C GLY Q 228 52.58 -46.78 6.50
N LYS Q 229 52.86 -47.64 5.52
CA LYS Q 229 54.23 -47.97 5.18
C LYS Q 229 54.96 -46.75 4.62
N PRO Q 230 56.25 -46.62 4.90
CA PRO Q 230 57.02 -45.50 4.36
C PRO Q 230 57.28 -45.62 2.86
N LEU Q 231 56.92 -44.59 2.10
CA LEU Q 231 57.21 -44.54 0.68
C LEU Q 231 58.34 -43.56 0.39
N PRO Q 232 59.06 -43.77 -0.72
CA PRO Q 232 60.28 -42.99 -0.96
C PRO Q 232 60.02 -41.49 -1.06
N ILE Q 233 60.98 -40.72 -0.56
CA ILE Q 233 60.92 -39.27 -0.56
C ILE Q 233 62.21 -38.73 -1.16
N LEU Q 234 62.08 -37.82 -2.12
CA LEU Q 234 63.21 -37.17 -2.78
C LEU Q 234 63.29 -35.75 -2.23
N ARG Q 235 64.29 -35.50 -1.39
CA ARG Q 235 64.47 -34.17 -0.80
C ARG Q 235 64.97 -33.20 -1.85
N ILE Q 236 64.69 -31.92 -1.63
CA ILE Q 236 65.33 -30.86 -2.41
C ILE Q 236 66.35 -30.14 -1.53
N GLY Q 237 67.59 -30.09 -2.00
CA GLY Q 237 68.66 -29.53 -1.20
C GLY Q 237 68.53 -28.03 -1.04
N GLU Q 238 69.36 -27.48 -0.15
CA GLU Q 238 69.28 -26.07 0.18
C GLU Q 238 69.66 -25.19 -1.00
N GLY Q 239 70.43 -25.70 -1.95
CA GLY Q 239 70.83 -24.89 -3.09
C GLY Q 239 69.64 -24.46 -3.93
N ILE Q 240 68.79 -25.40 -4.30
CA ILE Q 240 67.62 -25.07 -5.11
C ILE Q 240 66.63 -24.22 -4.32
N GLU Q 241 66.48 -24.53 -3.03
CA GLU Q 241 65.57 -23.75 -2.18
C GLU Q 241 66.02 -22.30 -2.12
N ASN Q 242 67.32 -22.06 -1.95
CA ASN Q 242 67.84 -20.70 -1.90
C ASN Q 242 67.77 -20.03 -3.26
N LEU Q 243 67.96 -20.79 -4.35
CA LEU Q 243 67.86 -20.23 -5.68
C LEU Q 243 66.45 -19.72 -5.95
N VAL Q 244 65.44 -20.54 -5.66
CA VAL Q 244 64.07 -20.12 -5.95
C VAL Q 244 63.54 -19.16 -4.89
N ARG Q 245 64.14 -19.14 -3.70
CA ARG Q 245 63.69 -18.22 -2.66
C ARG Q 245 64.20 -16.81 -2.92
N GLU Q 246 65.38 -16.67 -3.51
CA GLU Q 246 65.94 -15.36 -3.79
C GLU Q 246 65.23 -14.63 -4.92
N SER Q 247 64.61 -15.36 -5.84
CA SER Q 247 64.01 -14.77 -7.03
C SER Q 247 62.55 -14.37 -6.85
N ILE Q 248 62.08 -14.24 -5.62
CA ILE Q 248 60.66 -13.98 -5.36
C ILE Q 248 60.40 -12.49 -5.54
N ARG Q 249 59.55 -12.16 -6.50
CA ARG Q 249 59.21 -10.77 -6.81
C ARG Q 249 57.74 -10.55 -6.58
N GLN Q 250 57.41 -9.52 -5.80
CA GLN Q 250 56.05 -9.29 -5.35
C GLN Q 250 55.46 -8.04 -5.99
N THR Q 251 54.21 -8.14 -6.43
CA THR Q 251 53.40 -7.03 -6.89
C THR Q 251 52.13 -6.97 -6.05
N ALA Q 252 51.30 -5.96 -6.34
CA ALA Q 252 50.13 -5.70 -5.51
C ALA Q 252 49.19 -6.89 -5.42
N MET Q 253 49.26 -7.82 -6.37
CA MET Q 253 48.41 -8.99 -6.38
C MET Q 253 49.07 -10.23 -5.79
N GLY Q 254 50.29 -10.13 -5.29
CA GLY Q 254 50.94 -11.27 -4.68
C GLY Q 254 52.34 -11.45 -5.21
N THR Q 255 52.97 -12.55 -4.79
CA THR Q 255 54.36 -12.84 -5.14
C THR Q 255 54.42 -13.90 -6.22
N TYR Q 256 55.39 -13.76 -7.13
CA TYR Q 256 55.66 -14.76 -8.15
C TYR Q 256 57.15 -15.03 -8.19
N THR Q 257 57.55 -16.00 -9.01
CA THR Q 257 58.94 -16.36 -9.20
C THR Q 257 59.44 -15.81 -10.52
N ALA Q 258 60.73 -15.48 -10.57
CA ALA Q 258 61.36 -14.94 -11.76
C ALA Q 258 62.75 -15.58 -11.89
N LEU Q 259 62.81 -16.69 -12.63
CA LEU Q 259 64.05 -17.41 -12.84
C LEU Q 259 64.44 -17.38 -14.32
N SER Q 260 65.72 -17.59 -14.57
CA SER Q 260 66.20 -17.75 -15.94
C SER Q 260 65.71 -19.09 -16.50
N SER Q 261 65.46 -19.11 -17.81
CA SER Q 261 65.00 -20.34 -18.45
C SER Q 261 66.02 -21.45 -18.30
N ARG Q 262 67.31 -21.09 -18.25
CA ARG Q 262 68.35 -22.10 -18.05
C ARG Q 262 68.19 -22.79 -16.70
N HIS Q 263 67.88 -22.02 -15.66
CA HIS Q 263 67.68 -22.60 -14.33
C HIS Q 263 66.54 -23.61 -14.35
N LYS Q 264 65.39 -23.23 -14.90
CA LYS Q 264 64.26 -24.14 -14.95
C LYS Q 264 64.59 -25.38 -15.77
N THR Q 265 65.22 -25.19 -16.94
CA THR Q 265 65.53 -26.33 -17.79
C THR Q 265 66.46 -27.31 -17.08
N GLN Q 266 67.49 -26.81 -16.41
CA GLN Q 266 68.41 -27.71 -15.72
C GLN Q 266 67.72 -28.40 -14.55
N ILE Q 267 66.87 -27.69 -13.80
CA ILE Q 267 66.20 -28.31 -12.66
C ILE Q 267 65.28 -29.43 -13.12
N LEU Q 268 64.47 -29.18 -14.15
CA LEU Q 268 63.61 -30.24 -14.67
C LEU Q 268 64.42 -31.39 -15.26
N GLN Q 269 65.51 -31.09 -15.97
CA GLN Q 269 66.32 -32.15 -16.56
C GLN Q 269 66.88 -33.07 -15.50
N LEU Q 270 67.40 -32.50 -14.41
CA LEU Q 270 67.96 -33.34 -13.35
C LEU Q 270 66.87 -34.04 -12.54
N ILE Q 271 65.70 -33.42 -12.38
CA ILE Q 271 64.62 -34.10 -11.67
C ILE Q 271 64.15 -35.31 -12.46
N GLU Q 272 63.99 -35.17 -13.77
CA GLU Q 272 63.68 -36.33 -14.61
C GLU Q 272 64.82 -37.33 -14.58
N GLN Q 273 66.06 -36.86 -14.48
CA GLN Q 273 67.18 -37.76 -14.30
C GLN Q 273 67.09 -38.53 -12.99
N ALA Q 274 66.59 -37.89 -11.94
CA ALA Q 274 66.48 -38.54 -10.63
C ALA Q 274 65.18 -39.32 -10.47
N LEU Q 275 64.24 -39.21 -11.41
CA LEU Q 275 62.97 -39.90 -11.32
C LEU Q 275 62.96 -41.26 -12.00
N LYS Q 276 63.95 -41.57 -12.83
CA LYS Q 276 63.97 -42.86 -13.51
C LYS Q 276 64.54 -43.97 -12.66
N GLN Q 277 65.05 -43.66 -11.47
CA GLN Q 277 65.58 -44.70 -10.59
C GLN Q 277 64.47 -45.52 -9.94
N SER Q 278 63.36 -44.89 -9.57
CA SER Q 278 62.22 -45.59 -8.98
C SER Q 278 60.94 -45.05 -9.60
N ALA Q 279 59.90 -45.89 -9.57
CA ALA Q 279 58.65 -45.53 -10.25
C ALA Q 279 57.97 -44.33 -9.60
N LYS Q 280 57.86 -44.32 -8.29
CA LYS Q 280 57.15 -43.27 -7.57
C LYS Q 280 58.09 -42.56 -6.61
N LEU Q 281 58.08 -41.23 -6.68
CA LEU Q 281 58.87 -40.40 -5.77
C LEU Q 281 58.10 -39.15 -5.42
N PHE Q 282 58.12 -38.80 -4.13
CA PHE Q 282 57.49 -37.60 -3.63
C PHE Q 282 58.58 -36.55 -3.43
N ILE Q 283 58.56 -35.51 -4.25
CA ILE Q 283 59.53 -34.43 -4.13
C ILE Q 283 59.12 -33.55 -2.95
N VAL Q 284 60.05 -33.32 -2.02
CA VAL Q 284 59.77 -32.59 -0.79
C VAL Q 284 60.71 -31.41 -0.68
N THR Q 285 60.15 -30.22 -0.50
CA THR Q 285 60.90 -28.99 -0.38
C THR Q 285 60.33 -28.17 0.78
N SER Q 286 60.84 -26.96 0.97
CA SER Q 286 60.41 -26.10 2.05
C SER Q 286 59.03 -25.50 1.74
N VAL Q 287 58.45 -24.87 2.75
CA VAL Q 287 57.12 -24.26 2.58
C VAL Q 287 57.20 -23.04 1.68
N ASP Q 288 58.19 -22.18 1.90
CA ASP Q 288 58.31 -20.92 1.17
C ASP Q 288 58.73 -21.16 -0.28
N THR Q 289 59.23 -22.34 -0.61
CA THR Q 289 59.68 -22.63 -1.96
C THR Q 289 58.86 -23.72 -2.64
N ARG Q 290 57.79 -24.20 -2.01
CA ARG Q 290 57.04 -25.32 -2.57
C ARG Q 290 56.20 -24.95 -3.78
N ARG Q 291 55.28 -23.98 -3.62
CA ARG Q 291 54.37 -23.64 -4.70
C ARG Q 291 55.13 -23.16 -5.93
N PHE Q 292 56.12 -22.29 -5.74
CA PHE Q 292 56.89 -21.80 -6.87
C PHE Q 292 57.55 -22.96 -7.61
N LEU Q 293 58.17 -23.89 -6.88
CA LEU Q 293 58.73 -25.05 -7.54
C LEU Q 293 57.67 -25.79 -8.33
N ARG Q 294 56.47 -25.93 -7.76
CA ARG Q 294 55.39 -26.59 -8.50
C ARG Q 294 55.11 -25.88 -9.80
N LYS Q 295 55.10 -24.54 -9.79
CA LYS Q 295 54.74 -23.84 -11.01
C LYS Q 295 55.92 -23.71 -11.96
N ILE Q 296 57.05 -24.35 -11.67
CA ILE Q 296 58.06 -24.57 -12.71
C ILE Q 296 58.11 -26.01 -13.17
N THR Q 297 57.32 -26.89 -12.54
CA THR Q 297 57.28 -28.30 -12.93
C THR Q 297 55.89 -28.79 -13.26
N GLU Q 298 54.88 -27.92 -13.30
CA GLU Q 298 53.53 -28.38 -13.61
C GLU Q 298 53.34 -28.64 -15.10
N ALA Q 299 54.02 -27.87 -15.95
CA ALA Q 299 53.81 -28.00 -17.39
C ALA Q 299 54.23 -29.37 -17.92
N THR Q 300 55.39 -29.86 -17.45
CA THR Q 300 55.93 -31.12 -17.93
C THR Q 300 55.63 -32.29 -16.99
N LEU Q 301 55.98 -32.16 -15.73
CA LEU Q 301 55.80 -33.22 -14.73
C LEU Q 301 54.53 -32.94 -13.96
N PHE Q 302 53.38 -33.22 -14.60
CA PHE Q 302 52.10 -32.95 -13.98
C PHE Q 302 51.72 -33.98 -12.91
N ASP Q 303 52.10 -35.24 -13.10
CA ASP Q 303 51.60 -36.31 -12.25
C ASP Q 303 52.52 -36.64 -11.08
N VAL Q 304 53.58 -35.86 -10.87
CA VAL Q 304 54.45 -36.07 -9.70
C VAL Q 304 53.99 -35.15 -8.58
N PRO Q 305 53.79 -35.65 -7.37
CA PRO Q 305 53.30 -34.79 -6.29
C PRO Q 305 54.41 -34.02 -5.61
N ILE Q 306 54.27 -32.71 -5.53
CA ILE Q 306 55.25 -31.84 -4.89
C ILE Q 306 54.76 -31.53 -3.49
N LEU Q 307 55.20 -32.30 -2.51
CA LEU Q 307 54.81 -32.10 -1.13
C LEU Q 307 55.68 -31.01 -0.49
N SER Q 308 55.45 -30.77 0.79
CA SER Q 308 56.20 -29.79 1.55
C SER Q 308 56.63 -30.39 2.87
N TRP Q 309 57.46 -29.67 3.62
CA TRP Q 309 57.91 -30.19 4.91
C TRP Q 309 56.81 -30.08 5.96
N GLN Q 310 56.08 -28.97 5.99
CA GLN Q 310 55.02 -28.81 6.97
C GLN Q 310 53.85 -29.75 6.70
N GLU Q 311 53.68 -30.21 5.47
CA GLU Q 311 52.63 -31.17 5.15
C GLU Q 311 52.95 -32.56 5.66
N LEU Q 312 54.22 -32.86 5.90
CA LEU Q 312 54.64 -34.10 6.54
C LEU Q 312 54.94 -33.81 8.00
N GLY Q 313 54.01 -34.15 8.88
CA GLY Q 313 54.18 -33.91 10.28
C GLY Q 313 55.30 -34.76 10.86
N GLU Q 314 55.52 -34.58 12.16
CA GLU Q 314 56.55 -35.33 12.86
C GLU Q 314 56.21 -36.82 12.97
N GLU Q 315 54.98 -37.21 12.66
CA GLU Q 315 54.55 -38.60 12.76
C GLU Q 315 54.83 -39.41 11.50
N SER Q 316 55.29 -38.77 10.43
CA SER Q 316 55.65 -39.48 9.20
C SER Q 316 57.16 -39.50 9.07
N LEU Q 317 57.74 -40.70 9.02
CA LEU Q 317 59.18 -40.82 8.85
C LEU Q 317 59.49 -40.66 7.36
N ILE Q 318 60.72 -40.26 7.08
CA ILE Q 318 61.05 -39.76 5.74
C ILE Q 318 61.53 -40.88 4.83
N GLN Q 319 62.64 -41.52 5.19
CA GLN Q 319 63.31 -42.48 4.31
C GLN Q 319 63.74 -41.80 3.00
N VAL Q 320 64.67 -40.85 3.14
CA VAL Q 320 65.19 -40.13 1.98
C VAL Q 320 65.78 -41.17 1.03
N VAL Q 321 65.55 -40.96 -0.27
CA VAL Q 321 66.15 -41.80 -1.30
C VAL Q 321 67.27 -41.09 -2.02
N GLU Q 322 67.07 -39.82 -2.37
CA GLU Q 322 68.10 -39.02 -3.01
C GLU Q 322 68.02 -37.60 -2.50
N SER Q 323 69.13 -36.88 -2.60
CA SER Q 323 69.20 -35.48 -2.13
C SER Q 323 69.73 -34.64 -3.28
N ILE Q 324 68.81 -34.02 -4.01
CA ILE Q 324 69.15 -33.15 -5.13
C ILE Q 324 69.67 -31.82 -4.59
N ASP Q 325 70.73 -31.29 -5.22
CA ASP Q 325 71.28 -30.01 -4.81
C ASP Q 325 71.95 -29.35 -6.01
N LEU Q 326 71.96 -28.02 -6.03
CA LEU Q 326 72.60 -27.26 -7.09
C LEU Q 326 73.12 -25.93 -6.55
N SER Q 327 73.99 -25.32 -7.35
CA SER Q 327 74.27 -23.89 -7.29
C SER Q 327 73.66 -23.24 -8.53
N GLU Q 328 73.85 -21.93 -8.68
CA GLU Q 328 73.27 -21.23 -9.81
C GLU Q 328 73.87 -21.72 -11.12
N GLU Q 329 73.38 -21.15 -12.22
CA GLU Q 329 73.85 -21.48 -13.56
C GLU Q 329 74.40 -20.28 -14.31
N GLU Q 330 73.68 -19.16 -14.34
CA GLU Q 330 74.10 -18.01 -15.13
C GLU Q 330 75.39 -17.41 -14.59
N LEU Q 331 75.45 -17.21 -13.26
CA LEU Q 331 76.67 -16.66 -12.66
C LEU Q 331 77.82 -17.65 -12.75
N ALA Q 332 77.59 -18.90 -12.33
CA ALA Q 332 78.58 -19.96 -12.39
C ALA Q 332 77.89 -21.27 -12.03
N ASP Q 333 78.29 -22.35 -12.69
CA ASP Q 333 77.63 -23.63 -12.47
C ASP Q 333 77.80 -24.10 -11.04
N ASN Q 334 79.02 -24.50 -10.66
CA ASN Q 334 79.43 -24.84 -9.30
C ASN Q 334 78.74 -26.13 -8.88
N GLU Q 335 77.70 -26.60 -9.58
CA GLU Q 335 77.17 -27.93 -9.34
C GLU Q 335 76.90 -28.67 -10.65
N GLU Q 336 76.44 -27.94 -11.66
CA GLU Q 336 76.02 -28.54 -12.92
C GLU Q 336 77.08 -28.39 -14.00
N MET R 1 24.55 -36.55 -5.36
CA MET R 1 25.87 -35.93 -5.14
C MET R 1 25.68 -34.78 -4.15
N VAL R 2 25.89 -35.02 -2.85
CA VAL R 2 25.64 -33.98 -1.81
C VAL R 2 26.97 -33.39 -1.32
N PRO R 3 27.41 -32.15 -1.66
CA PRO R 3 28.62 -31.53 -1.12
C PRO R 3 28.64 -31.55 0.39
N GLY R 4 29.85 -31.61 0.96
CA GLY R 4 30.02 -31.66 2.39
C GLY R 4 30.08 -33.08 2.90
N ALA R 5 31.21 -33.44 3.51
CA ALA R 5 31.40 -34.82 3.93
C ALA R 5 30.44 -35.19 5.05
N CYS R 6 30.18 -36.49 5.19
CA CYS R 6 29.34 -36.97 6.27
C CYS R 6 30.14 -36.89 7.57
N PRO R 7 29.63 -36.24 8.61
CA PRO R 7 30.49 -35.89 9.76
C PRO R 7 31.11 -37.09 10.45
N LEU R 8 30.30 -38.00 11.00
CA LEU R 8 30.81 -39.04 11.89
C LEU R 8 30.20 -40.38 11.49
N ILE R 9 31.04 -41.31 11.07
CA ILE R 9 30.60 -42.61 10.58
C ILE R 9 31.34 -43.70 11.34
N LEU R 10 30.60 -44.69 11.84
CA LEU R 10 31.19 -45.83 12.53
C LEU R 10 30.86 -47.08 11.73
N ARG R 11 31.88 -47.71 11.17
CA ARG R 11 31.71 -48.91 10.35
C ARG R 11 32.10 -50.13 11.17
N LEU R 12 31.19 -51.10 11.24
CA LEU R 12 31.37 -52.29 12.06
C LEU R 12 31.09 -53.54 11.24
N SER R 13 31.83 -54.61 11.55
CA SER R 13 31.48 -55.92 11.05
C SER R 13 30.21 -56.41 11.74
N PRO R 14 29.36 -57.16 11.04
CA PRO R 14 28.02 -57.44 11.59
C PRO R 14 28.03 -58.24 12.88
N THR R 15 29.14 -58.92 13.19
CA THR R 15 29.26 -59.57 14.49
C THR R 15 29.25 -58.52 15.62
N LEU R 16 30.01 -57.44 15.45
CA LEU R 16 30.09 -56.41 16.48
C LEU R 16 28.82 -55.59 16.61
N HIS R 17 27.98 -55.58 15.57
CA HIS R 17 26.74 -54.83 15.63
C HIS R 17 25.83 -55.41 16.69
N SER R 18 24.89 -54.60 17.17
CA SER R 18 23.98 -55.04 18.23
C SER R 18 22.69 -54.24 18.14
N ALA R 19 21.80 -54.48 19.10
CA ALA R 19 20.49 -53.85 19.09
C ALA R 19 20.44 -52.62 19.99
N ASP R 20 21.22 -52.62 21.06
CA ASP R 20 21.30 -51.49 21.97
C ASP R 20 22.43 -50.54 21.63
N LEU R 21 23.07 -50.73 20.47
CA LEU R 21 24.18 -49.86 20.09
C LEU R 21 23.70 -48.43 19.91
N ILE R 22 22.52 -48.23 19.35
CA ILE R 22 22.03 -46.87 19.10
C ILE R 22 21.91 -46.10 20.40
N ARG R 23 21.29 -46.71 21.42
CA ARG R 23 21.08 -45.99 22.67
C ARG R 23 22.38 -45.85 23.45
N ASP R 24 23.29 -46.82 23.34
CA ASP R 24 24.59 -46.68 23.99
C ASP R 24 25.40 -45.54 23.39
N ILE R 25 25.42 -45.44 22.05
CA ILE R 25 26.11 -44.33 21.40
C ILE R 25 25.45 -43.01 21.75
N ASP R 26 24.12 -42.97 21.81
CA ASP R 26 23.45 -41.73 22.18
C ASP R 26 23.78 -41.32 23.61
N ALA R 27 23.86 -42.28 24.52
CA ALA R 27 24.24 -41.96 25.90
C ALA R 27 25.67 -41.45 25.96
N MET R 28 26.58 -42.04 25.19
CA MET R 28 27.95 -41.56 25.15
C MET R 28 28.01 -40.14 24.59
N ARG R 29 27.22 -39.86 23.55
CA ARG R 29 27.21 -38.51 22.98
C ARG R 29 26.69 -37.50 23.99
N TRP R 30 25.64 -37.87 24.74
CA TRP R 30 25.11 -36.95 25.74
C TRP R 30 26.11 -36.72 26.86
N PHE R 31 26.84 -37.77 27.27
CA PHE R 31 27.87 -37.58 28.27
C PHE R 31 28.97 -36.67 27.77
N LEU R 32 29.38 -36.83 26.50
CA LEU R 32 30.43 -35.99 25.95
C LEU R 32 29.98 -34.54 25.84
N PHE R 33 28.69 -34.31 25.55
CA PHE R 33 28.20 -32.94 25.51
C PHE R 33 28.12 -32.35 26.90
N GLU R 34 27.68 -33.13 27.89
CA GLU R 34 27.63 -32.61 29.26
C GLU R 34 29.03 -32.34 29.80
N ASP R 35 30.03 -33.08 29.32
CA ASP R 35 31.38 -32.90 29.84
C ASP R 35 32.12 -31.77 29.13
N THR R 36 32.16 -31.78 27.80
CA THR R 36 32.96 -30.82 27.05
C THR R 36 32.17 -29.73 26.34
N GLY R 37 30.84 -29.78 26.37
CA GLY R 37 30.05 -28.68 25.87
C GLY R 37 29.91 -28.58 24.37
N VAL R 38 30.54 -29.46 23.61
CA VAL R 38 30.51 -29.44 22.15
C VAL R 38 29.39 -30.38 21.69
N PRO R 39 28.40 -29.89 20.98
CA PRO R 39 27.30 -30.76 20.53
C PRO R 39 27.72 -31.57 19.31
N LEU R 40 27.94 -32.86 19.51
CA LEU R 40 28.44 -33.75 18.47
C LEU R 40 27.35 -34.10 17.47
N PRO R 41 27.73 -34.37 16.23
CA PRO R 41 26.75 -34.77 15.21
C PRO R 41 26.44 -36.26 15.31
N GLU R 42 25.30 -36.64 14.75
CA GLU R 42 24.81 -38.01 14.88
C GLU R 42 25.80 -39.00 14.29
N VAL R 43 26.04 -40.08 15.03
CA VAL R 43 26.92 -41.14 14.55
C VAL R 43 26.15 -42.04 13.61
N ASN R 44 26.65 -42.20 12.39
CA ASN R 44 26.01 -43.02 11.38
C ASN R 44 26.61 -44.43 11.43
N ILE R 45 25.78 -45.40 11.78
CA ILE R 45 26.22 -46.79 11.88
C ILE R 45 26.16 -47.42 10.50
N GLU R 46 27.30 -47.93 10.04
CA GLU R 46 27.40 -48.59 8.74
C GLU R 46 28.03 -49.95 8.94
N VAL R 47 27.67 -50.90 8.08
CA VAL R 47 28.10 -52.29 8.20
C VAL R 47 29.27 -52.53 7.27
N LEU R 48 30.36 -53.07 7.80
CA LEU R 48 31.57 -53.32 7.03
C LEU R 48 31.81 -54.83 6.96
N PRO R 49 31.48 -55.49 5.85
CA PRO R 49 31.69 -56.94 5.77
C PRO R 49 33.16 -57.31 5.80
N GLU R 50 33.57 -58.05 6.84
CA GLU R 50 34.96 -58.38 7.03
C GLU R 50 35.03 -59.67 7.85
N PRO R 51 35.77 -60.68 7.39
CA PRO R 51 35.93 -61.89 8.21
C PRO R 51 36.56 -61.61 9.56
N THR R 52 37.52 -60.68 9.63
CA THR R 52 38.16 -60.31 10.88
C THR R 52 37.30 -59.30 11.62
N GLU R 53 37.27 -59.41 12.94
CA GLU R 53 36.49 -58.48 13.77
C GLU R 53 37.16 -57.11 13.78
N LYS R 54 36.65 -56.18 12.98
CA LYS R 54 37.28 -54.89 12.76
C LYS R 54 36.23 -53.80 12.78
N LEU R 55 36.62 -52.62 13.30
CA LEU R 55 35.78 -51.43 13.25
C LEU R 55 36.61 -50.25 12.79
N THR R 56 35.96 -49.29 12.15
CA THR R 56 36.59 -48.06 11.72
C THR R 56 35.73 -46.87 12.10
N VAL R 57 36.40 -45.78 12.46
CA VAL R 57 35.74 -44.52 12.78
C VAL R 57 36.23 -43.49 11.78
N LEU R 58 35.29 -42.87 11.08
CA LEU R 58 35.56 -41.95 9.98
C LEU R 58 35.02 -40.58 10.34
N LEU R 59 35.91 -39.60 10.37
CA LEU R 59 35.55 -38.20 10.59
C LEU R 59 35.59 -37.48 9.25
N TYR R 60 34.42 -37.05 8.78
CA TYR R 60 34.30 -36.37 7.49
C TYR R 60 34.86 -37.23 6.37
N GLN R 61 34.61 -38.54 6.48
CA GLN R 61 34.96 -39.55 5.48
C GLN R 61 36.45 -39.76 5.31
N GLU R 62 37.26 -39.22 6.22
CA GLU R 62 38.68 -39.54 6.26
C GLU R 62 38.93 -40.44 7.45
N PRO R 63 39.25 -41.73 7.24
CA PRO R 63 39.29 -42.68 8.36
C PRO R 63 40.35 -42.34 9.39
N VAL R 64 39.93 -41.98 10.59
CA VAL R 64 40.86 -41.62 11.66
C VAL R 64 41.10 -42.76 12.63
N PHE R 65 40.23 -43.78 12.66
CA PHE R 65 40.44 -44.89 13.58
C PHE R 65 40.16 -46.20 12.87
N SER R 66 41.02 -47.19 13.09
CA SER R 66 40.86 -48.51 12.50
C SER R 66 41.44 -49.55 13.43
N LEU R 67 40.58 -50.34 14.06
CA LEU R 67 41.04 -51.29 15.06
C LEU R 67 40.42 -52.65 14.82
N SER R 68 41.22 -53.71 14.94
CA SER R 68 40.75 -55.07 14.79
C SER R 68 40.81 -55.76 16.15
N ILE R 69 39.60 -55.93 16.72
CA ILE R 69 39.31 -56.41 18.10
C ILE R 69 39.42 -57.91 18.18
N PRO R 70 40.46 -58.50 18.79
CA PRO R 70 40.61 -59.95 18.82
C PRO R 70 39.44 -60.66 19.51
N ALA R 71 39.05 -61.83 18.97
CA ALA R 71 37.92 -62.69 19.40
C ALA R 71 38.11 -63.21 20.82
N GLN R 72 39.36 -63.43 21.21
CA GLN R 72 39.70 -63.96 22.55
C GLN R 72 39.25 -63.01 23.66
N ALA R 73 39.40 -61.68 23.49
CA ALA R 73 38.99 -60.71 24.53
C ALA R 73 37.51 -60.33 24.40
N ASP R 74 36.80 -60.34 25.54
CA ASP R 74 35.35 -60.04 25.57
C ASP R 74 35.06 -58.97 26.61
N TYR R 75 36.10 -58.55 27.37
CA TYR R 75 35.99 -57.54 28.45
C TYR R 75 36.96 -56.39 28.18
N LEU R 76 36.52 -55.10 28.16
CA LEU R 76 37.47 -54.08 27.75
C LEU R 76 37.74 -53.11 28.90
N LEU R 77 39.01 -52.72 29.04
CA LEU R 77 39.44 -51.78 30.07
C LEU R 77 40.37 -50.75 29.42
N ILE R 78 39.98 -49.48 29.44
CA ILE R 78 40.76 -48.43 28.81
C ILE R 78 41.86 -47.98 29.77
N GLY R 79 43.08 -47.89 29.28
CA GLY R 79 44.23 -47.53 30.09
C GLY R 79 44.88 -48.76 30.71
N ALA R 80 46.02 -48.52 31.35
CA ALA R 80 46.80 -49.57 31.97
C ALA R 80 47.25 -49.15 33.36
N ASP R 81 47.50 -50.14 34.21
CA ASP R 81 47.98 -49.90 35.56
C ASP R 81 48.72 -51.15 36.03
N ALA R 82 49.33 -51.06 37.21
CA ALA R 82 50.10 -52.17 37.74
C ALA R 82 49.20 -53.31 38.21
N SER R 83 48.02 -52.99 38.72
CA SER R 83 47.12 -54.01 39.27
C SER R 83 46.60 -54.96 38.20
N VAL R 84 46.45 -54.51 36.96
CA VAL R 84 45.87 -55.30 35.88
C VAL R 84 46.85 -55.32 34.72
N VAL R 85 47.19 -56.52 34.25
CA VAL R 85 48.12 -56.70 33.14
C VAL R 85 47.72 -57.95 32.38
N GLY R 86 47.80 -57.87 31.04
CA GLY R 86 47.49 -59.01 30.21
C GLY R 86 46.61 -58.69 29.02
N ASP R 87 47.08 -59.06 27.82
CA ASP R 87 46.37 -58.83 26.58
C ASP R 87 46.06 -57.34 26.33
N SER R 88 47.13 -56.54 26.38
CA SER R 88 47.05 -55.10 26.26
C SER R 88 47.77 -54.66 24.98
N GLN R 89 47.24 -53.64 24.31
CA GLN R 89 47.90 -53.07 23.15
C GLN R 89 47.73 -51.57 23.07
N THR R 90 48.57 -50.96 22.24
CA THR R 90 48.65 -49.51 22.08
C THR R 90 47.65 -49.05 21.03
N LEU R 91 46.82 -48.09 21.40
CA LEU R 91 45.92 -47.48 20.44
C LEU R 91 46.70 -46.61 19.46
N PRO R 92 46.23 -46.48 18.22
CA PRO R 92 46.95 -45.66 17.24
C PRO R 92 46.85 -44.18 17.58
N ASN R 93 47.75 -43.40 16.97
CA ASN R 93 47.78 -41.95 17.12
C ASN R 93 47.99 -41.54 18.58
N GLY R 94 48.56 -42.43 19.38
CA GLY R 94 48.85 -42.14 20.77
C GLY R 94 47.61 -41.82 21.60
N MET R 95 46.52 -42.55 21.35
CA MET R 95 45.31 -42.35 22.15
C MET R 95 45.45 -43.01 23.52
N GLY R 96 46.36 -43.97 23.67
CA GLY R 96 46.58 -44.59 24.96
C GLY R 96 46.82 -46.09 24.88
N GLN R 97 46.36 -46.80 25.90
CA GLN R 97 46.50 -48.26 25.97
C GLN R 97 45.13 -48.86 26.26
N ILE R 98 44.90 -50.06 25.75
CA ILE R 98 43.68 -50.79 26.06
C ILE R 98 44.05 -52.19 26.51
N CYS R 99 43.19 -52.78 27.34
CA CYS R 99 43.40 -54.11 27.89
C CYS R 99 42.15 -54.94 27.63
N TRP R 100 42.31 -56.10 27.00
CA TRP R 100 41.23 -57.05 26.86
C TRP R 100 41.36 -58.10 27.96
N LEU R 101 40.36 -58.17 28.83
CA LEU R 101 40.43 -58.97 30.05
C LEU R 101 39.42 -60.09 30.00
N THR R 102 39.82 -61.26 30.51
CA THR R 102 38.91 -62.37 30.67
C THR R 102 37.88 -62.07 31.74
N LYS R 103 36.79 -62.84 31.74
CA LYS R 103 35.62 -62.49 32.55
C LYS R 103 35.97 -62.37 34.02
N ASP R 104 36.63 -63.39 34.59
CA ASP R 104 36.94 -63.36 36.02
C ASP R 104 37.92 -62.25 36.36
N MET R 105 38.96 -62.07 35.54
CA MET R 105 39.93 -61.03 35.81
C MET R 105 39.31 -59.65 35.64
N ALA R 106 38.37 -59.51 34.70
CA ALA R 106 37.67 -58.25 34.53
C ALA R 106 36.76 -57.96 35.72
N HIS R 107 36.10 -58.99 36.25
CA HIS R 107 35.32 -58.78 37.47
C HIS R 107 36.20 -58.37 38.64
N LYS R 108 37.38 -58.98 38.76
CA LYS R 108 38.32 -58.58 39.79
C LYS R 108 38.78 -57.13 39.61
N ALA R 109 39.03 -56.72 38.36
CA ALA R 109 39.45 -55.35 38.09
C ALA R 109 38.32 -54.37 38.40
N GLN R 110 37.08 -54.73 38.08
CA GLN R 110 35.95 -53.88 38.43
C GLN R 110 35.79 -53.76 39.93
N GLY R 111 35.99 -54.86 40.65
CA GLY R 111 36.00 -54.79 42.11
C GLY R 111 37.13 -53.95 42.65
N PHE R 112 38.25 -53.90 41.94
CA PHE R 112 39.39 -53.09 42.35
C PHE R 112 39.05 -51.60 42.41
N GLY R 113 38.04 -51.16 41.68
CA GLY R 113 37.63 -49.76 41.72
C GLY R 113 37.84 -49.02 40.42
N LEU R 114 37.72 -49.72 39.29
CA LEU R 114 37.87 -49.13 37.98
C LEU R 114 36.63 -49.41 37.15
N ASP R 115 36.60 -48.85 35.95
CA ASP R 115 35.49 -49.06 35.02
C ASP R 115 35.88 -50.14 34.02
N VAL R 116 34.98 -51.10 33.80
CA VAL R 116 35.18 -52.17 32.84
C VAL R 116 33.92 -52.28 31.99
N PHE R 117 34.11 -52.34 30.67
CA PHE R 117 33.00 -52.32 29.72
C PHE R 117 32.83 -53.69 29.07
N ALA R 118 31.58 -54.06 28.83
CA ALA R 118 31.25 -55.34 28.22
C ALA R 118 30.07 -55.18 27.29
N GLY R 119 30.17 -55.79 26.10
CA GLY R 119 29.12 -55.72 25.12
C GLY R 119 29.22 -54.50 24.23
N SER R 120 28.07 -53.88 23.93
CA SER R 120 28.08 -52.68 23.10
C SER R 120 28.94 -51.58 23.71
N GLN R 121 29.09 -51.59 25.04
CA GLN R 121 29.91 -50.59 25.69
C GLN R 121 31.34 -50.63 25.18
N ARG R 122 31.86 -51.81 24.85
CA ARG R 122 33.23 -51.89 24.36
C ARG R 122 33.41 -51.07 23.09
N ILE R 123 32.32 -50.82 22.36
CA ILE R 123 32.40 -49.93 21.21
C ILE R 123 32.42 -48.47 21.68
N SER R 124 31.48 -48.10 22.55
CA SER R 124 31.39 -46.72 23.00
C SER R 124 32.70 -46.26 23.63
N ALA R 125 33.19 -47.01 24.61
CA ALA R 125 34.42 -46.63 25.30
C ALA R 125 35.61 -46.62 24.36
N LEU R 126 35.46 -47.21 23.17
CA LEU R 126 36.47 -47.00 22.13
C LEU R 126 36.16 -45.74 21.34
N LEU R 127 34.96 -45.65 20.78
CA LEU R 127 34.59 -44.50 19.97
C LEU R 127 34.79 -43.21 20.74
N LYS R 128 34.33 -43.17 21.98
CA LYS R 128 34.46 -41.98 22.80
C LYS R 128 35.91 -41.54 22.90
N CYS R 129 36.84 -42.49 23.07
CA CYS R 129 38.25 -42.12 23.12
C CYS R 129 38.65 -41.35 21.87
N VAL R 130 38.27 -41.86 20.70
CA VAL R 130 38.56 -41.14 19.47
C VAL R 130 37.95 -39.74 19.50
N LEU R 131 36.68 -39.65 19.92
CA LEU R 131 36.03 -38.35 19.93
C LEU R 131 36.68 -37.39 20.92
N LEU R 132 37.43 -37.92 21.89
CA LEU R 132 38.10 -37.02 22.82
C LEU R 132 39.43 -36.54 22.29
N ARG R 133 39.87 -37.09 21.15
CA ARG R 133 41.17 -36.70 20.55
C ARG R 133 40.97 -35.65 19.45
N HIS R 134 39.93 -35.79 18.62
CA HIS R 134 39.67 -34.87 17.48
C HIS R 134 38.50 -33.92 17.81
N MET R 135 38.19 -33.76 19.10
CA MET R 135 37.12 -32.85 19.61
C MET R 135 37.14 -31.46 18.95
N GLY R 136 38.29 -30.79 18.90
CA GLY R 136 38.36 -29.44 18.37
C GLY R 136 37.93 -29.32 16.92
N GLU R 137 37.64 -30.44 16.26
CA GLU R 137 37.16 -30.40 14.89
C GLU R 137 35.64 -30.29 14.80
N PHE R 138 34.92 -30.43 15.89
CA PHE R 138 33.47 -30.34 15.86
C PHE R 138 32.96 -28.97 16.29
N ILE R 139 33.82 -27.95 16.28
CA ILE R 139 33.44 -26.60 16.68
C ILE R 139 34.04 -25.63 15.65
N GLY R 140 33.20 -25.16 14.73
CA GLY R 140 33.64 -24.23 13.70
C GLY R 140 32.80 -22.98 13.71
N VAL R 141 32.65 -22.31 12.56
CA VAL R 141 31.78 -21.14 12.49
C VAL R 141 30.33 -21.57 12.57
N GLN R 142 29.97 -22.66 11.89
CA GLN R 142 28.58 -23.08 11.86
C GLN R 142 28.12 -23.63 13.21
N GLU R 143 28.96 -24.45 13.86
CA GLU R 143 28.58 -24.95 15.18
C GLU R 143 28.50 -23.82 16.19
N THR R 144 29.38 -22.82 16.07
CA THR R 144 29.28 -21.65 16.94
C THR R 144 27.97 -20.91 16.71
N ARG R 145 27.56 -20.78 15.44
CA ARG R 145 26.27 -20.15 15.17
C ARG R 145 25.13 -20.97 15.77
N TYR R 146 25.24 -22.29 15.74
CA TYR R 146 24.20 -23.11 16.35
C TYR R 146 24.16 -22.89 17.86
N LEU R 147 25.32 -22.81 18.50
CA LEU R 147 25.36 -22.55 19.95
C LEU R 147 24.75 -21.20 20.27
N MET R 148 25.06 -20.18 19.48
CA MET R 148 24.52 -18.85 19.73
C MET R 148 23.01 -18.81 19.49
N ASN R 149 22.52 -19.55 18.50
CA ASN R 149 21.08 -19.65 18.29
C ASN R 149 20.41 -20.36 19.45
N ALA R 150 21.05 -21.39 20.01
CA ALA R 150 20.51 -22.05 21.19
C ALA R 150 20.46 -21.10 22.38
N MET R 151 21.51 -20.30 22.55
CA MET R 151 21.54 -19.34 23.65
C MET R 151 20.64 -18.14 23.43
N GLU R 152 20.14 -17.93 22.21
CA GLU R 152 19.22 -16.81 21.99
C GLU R 152 17.87 -17.00 22.66
N LYS R 153 17.61 -18.15 23.28
CA LYS R 153 16.30 -18.40 23.86
C LYS R 153 16.16 -17.70 25.21
N ASN R 154 17.05 -18.01 26.15
CA ASN R 154 17.04 -17.40 27.46
C ASN R 154 17.96 -16.21 27.60
N TYR R 155 18.97 -16.07 26.75
CA TYR R 155 20.00 -15.08 26.92
C TYR R 155 20.11 -14.06 25.79
N SER R 156 18.95 -13.70 25.21
CA SER R 156 18.92 -12.97 23.95
C SER R 156 19.83 -11.74 23.97
N GLU R 157 19.80 -10.98 25.06
CA GLU R 157 20.57 -9.74 25.09
C GLU R 157 22.07 -10.03 25.21
N LEU R 158 22.43 -11.10 25.90
CA LEU R 158 23.84 -11.46 26.00
C LEU R 158 24.41 -11.79 24.63
N VAL R 159 23.68 -12.59 23.85
CA VAL R 159 24.14 -12.95 22.50
C VAL R 159 24.13 -11.73 21.59
N LYS R 160 23.12 -10.87 21.70
CA LYS R 160 23.07 -9.68 20.86
C LYS R 160 24.25 -8.76 21.15
N GLU R 161 24.55 -8.54 22.43
CA GLU R 161 25.70 -7.72 22.79
C GLU R 161 26.99 -8.34 22.29
N LEU R 162 27.14 -9.66 22.44
CA LEU R 162 28.35 -10.31 21.98
C LEU R 162 28.52 -10.15 20.46
N GLN R 163 27.45 -10.34 19.70
CA GLN R 163 27.53 -10.13 18.26
C GLN R 163 27.91 -8.71 17.93
N ARG R 164 27.35 -7.74 18.65
CA ARG R 164 27.72 -6.36 18.45
C ARG R 164 29.19 -6.12 18.75
N GLN R 165 29.78 -6.91 19.66
CA GLN R 165 31.19 -6.74 19.98
C GLN R 165 32.11 -7.41 18.97
N LEU R 166 31.95 -8.72 18.76
CA LEU R 166 32.86 -9.52 17.98
C LEU R 166 32.14 -10.17 16.80
N PRO R 167 32.81 -10.28 15.65
CA PRO R 167 32.24 -11.04 14.53
C PRO R 167 32.34 -12.54 14.79
N ILE R 168 31.46 -13.29 14.11
CA ILE R 168 31.27 -14.68 14.47
C ILE R 168 32.53 -15.51 14.24
N ASN R 169 33.40 -15.10 13.33
CA ASN R 169 34.61 -15.88 13.12
C ASN R 169 35.55 -15.80 14.31
N LYS R 170 35.59 -14.64 14.97
CA LYS R 170 36.44 -14.51 16.16
C LYS R 170 35.87 -15.29 17.35
N ILE R 171 34.55 -15.29 17.50
CA ILE R 171 33.93 -16.10 18.55
C ILE R 171 34.20 -17.58 18.30
N ALA R 172 34.06 -18.02 17.04
CA ALA R 172 34.34 -19.42 16.72
C ALA R 172 35.80 -19.76 16.96
N GLU R 173 36.71 -18.84 16.64
CA GLU R 173 38.12 -19.06 16.92
C GLU R 173 38.38 -19.19 18.41
N THR R 174 37.74 -18.35 19.22
CA THR R 174 37.90 -18.44 20.67
C THR R 174 37.39 -19.77 21.21
N LEU R 175 36.19 -20.16 20.78
CA LEU R 175 35.62 -21.41 21.26
C LEU R 175 36.46 -22.61 20.82
N GLN R 176 36.97 -22.58 19.58
CA GLN R 176 37.82 -23.66 19.11
C GLN R 176 39.11 -23.73 19.91
N ARG R 177 39.71 -22.58 20.22
CA ARG R 177 40.96 -22.58 20.96
C ARG R 177 40.74 -23.03 22.40
N LEU R 178 39.53 -22.80 22.93
CA LEU R 178 39.23 -23.32 24.26
C LEU R 178 38.97 -24.82 24.24
N VAL R 179 38.29 -25.31 23.20
CA VAL R 179 37.94 -26.76 23.13
C VAL R 179 39.23 -27.56 22.91
N SER R 180 40.15 -27.05 22.09
CA SER R 180 41.35 -27.82 21.76
C SER R 180 42.34 -27.88 22.91
N GLU R 181 41.94 -27.49 24.12
CA GLU R 181 42.78 -27.61 25.30
C GLU R 181 42.13 -28.40 26.42
N ARG R 182 41.03 -29.10 26.12
CA ARG R 182 40.22 -29.78 27.13
C ARG R 182 39.66 -28.81 28.17
N VAL R 183 39.25 -27.62 27.74
CA VAL R 183 38.51 -26.70 28.58
C VAL R 183 37.07 -26.70 28.10
N SER R 184 36.15 -27.01 28.99
CA SER R 184 34.75 -27.15 28.60
C SER R 184 34.18 -25.79 28.26
N ILE R 185 33.36 -25.75 27.21
CA ILE R 185 32.64 -24.54 26.83
C ILE R 185 31.18 -24.74 27.20
N ARG R 186 30.93 -25.58 28.20
CA ARG R 186 29.56 -25.80 28.66
C ARG R 186 28.97 -24.53 29.25
N ASP R 187 29.76 -23.78 29.99
CA ASP R 187 29.30 -22.53 30.61
C ASP R 187 29.47 -21.40 29.60
N LEU R 188 28.43 -21.22 28.78
CA LEU R 188 28.51 -20.21 27.73
C LEU R 188 28.14 -18.83 28.24
N ARG R 189 27.35 -18.75 29.31
CA ARG R 189 27.04 -17.44 29.88
C ARG R 189 28.30 -16.73 30.35
N LEU R 190 29.16 -17.44 31.07
CA LEU R 190 30.39 -16.85 31.57
C LEU R 190 31.36 -16.53 30.43
N ILE R 191 31.44 -17.41 29.43
CA ILE R 191 32.34 -17.16 28.30
C ILE R 191 31.90 -15.92 27.54
N PHE R 192 30.60 -15.81 27.26
CA PHE R 192 30.12 -14.64 26.55
C PHE R 192 30.28 -13.38 27.39
N GLY R 193 30.10 -13.50 28.71
CA GLY R 193 30.33 -12.34 29.56
C GLY R 193 31.78 -11.87 29.53
N THR R 194 32.72 -12.81 29.55
CA THR R 194 34.12 -12.42 29.52
C THR R 194 34.52 -11.84 28.16
N LEU R 195 33.96 -12.40 27.08
CA LEU R 195 34.24 -11.83 25.77
C LEU R 195 33.62 -10.44 25.64
N ILE R 196 32.47 -10.21 26.25
CA ILE R 196 31.86 -8.87 26.22
C ILE R 196 32.70 -7.89 27.03
N ASP R 197 33.21 -8.34 28.18
CA ASP R 197 34.06 -7.45 28.98
C ASP R 197 35.33 -7.08 28.24
N TRP R 198 36.06 -8.07 27.73
CA TRP R 198 37.41 -7.83 27.21
C TRP R 198 37.48 -7.63 25.70
N ALA R 199 36.35 -7.64 25.00
CA ALA R 199 36.39 -7.40 23.57
C ALA R 199 36.80 -5.97 23.21
N PRO R 200 36.26 -4.91 23.83
CA PRO R 200 36.74 -3.57 23.49
C PRO R 200 38.20 -3.32 23.81
N ARG R 201 38.72 -3.94 24.88
CA ARG R 201 40.06 -3.66 25.36
C ARG R 201 41.11 -4.62 24.81
N GLU R 202 40.75 -5.49 23.87
CA GLU R 202 41.72 -6.45 23.34
C GLU R 202 41.30 -6.83 21.93
N LYS R 203 42.29 -7.09 21.07
CA LYS R 203 42.04 -7.50 19.70
C LYS R 203 42.73 -8.81 19.33
N ASP R 204 43.71 -9.25 20.11
CA ASP R 204 44.38 -10.51 19.84
C ASP R 204 43.55 -11.66 20.38
N VAL R 205 42.94 -12.43 19.47
CA VAL R 205 42.00 -13.48 19.87
C VAL R 205 42.66 -14.47 20.81
N LEU R 206 43.97 -14.67 20.67
CA LEU R 206 44.68 -15.51 21.63
C LEU R 206 44.59 -14.94 23.05
N MET R 207 44.67 -13.61 23.17
CA MET R 207 44.59 -13.03 24.50
C MET R 207 43.17 -13.04 25.04
N LEU R 208 42.17 -12.90 24.17
CA LEU R 208 40.80 -13.09 24.61
C LEU R 208 40.59 -14.50 25.13
N THR R 209 41.16 -15.49 24.43
CA THR R 209 41.09 -16.87 24.91
C THR R 209 41.79 -17.02 26.26
N GLU R 210 42.92 -16.34 26.44
CA GLU R 210 43.60 -16.39 27.73
C GLU R 210 42.73 -15.81 28.84
N TYR R 211 42.05 -14.69 28.57
CA TYR R 211 41.19 -14.11 29.57
C TYR R 211 40.00 -15.01 29.89
N VAL R 212 39.44 -15.66 28.87
CA VAL R 212 38.33 -16.59 29.11
C VAL R 212 38.82 -17.80 29.91
N ARG R 213 40.04 -18.25 29.66
CA ARG R 213 40.59 -19.35 30.44
C ARG R 213 40.80 -18.95 31.89
N ILE R 214 41.25 -17.72 32.12
CA ILE R 214 41.45 -17.24 33.49
C ILE R 214 40.11 -17.13 34.21
N ALA R 215 39.08 -16.63 33.53
CA ALA R 215 37.77 -16.51 34.15
C ALA R 215 37.15 -17.88 34.43
N LEU R 216 37.65 -18.93 33.79
CA LEU R 216 37.17 -20.30 33.99
C LEU R 216 38.13 -21.12 34.85
N ARG R 217 38.95 -20.48 35.67
CA ARG R 217 40.02 -21.20 36.36
C ARG R 217 39.47 -22.20 37.37
N ARG R 218 38.35 -21.88 38.02
CA ARG R 218 37.79 -22.82 38.98
C ARG R 218 37.36 -24.11 38.29
N HIS R 219 36.70 -23.99 37.14
CA HIS R 219 36.30 -25.19 36.41
C HIS R 219 37.51 -26.00 35.95
N ILE R 220 38.54 -25.34 35.45
CA ILE R 220 39.72 -26.06 34.97
C ILE R 220 40.36 -26.82 36.11
N LEU R 221 40.56 -26.16 37.25
CA LEU R 221 41.22 -26.83 38.36
C LEU R 221 40.29 -27.80 39.09
N ARG R 222 39.00 -27.79 38.77
CA ARG R 222 38.14 -28.86 39.25
C ARG R 222 38.21 -30.07 38.33
N ARG R 223 38.20 -29.84 37.03
CA ARG R 223 38.19 -30.96 36.09
C ARG R 223 39.53 -31.68 36.05
N LEU R 224 40.64 -30.95 36.23
CA LEU R 224 41.94 -31.61 36.23
C LEU R 224 42.06 -32.61 37.36
N ASN R 225 41.63 -32.23 38.56
CA ASN R 225 41.60 -33.16 39.69
C ASN R 225 40.30 -33.02 40.47
N PRO R 226 39.36 -33.96 40.31
CA PRO R 226 38.05 -33.80 40.95
C PRO R 226 38.12 -33.67 42.45
N GLU R 227 39.03 -34.37 43.11
CA GLU R 227 39.21 -34.24 44.55
C GLU R 227 40.07 -33.02 44.87
N GLY R 228 40.02 -32.60 46.13
CA GLY R 228 40.81 -31.49 46.58
C GLY R 228 42.25 -31.81 46.88
N LYS R 229 42.65 -33.07 46.70
CA LYS R 229 44.00 -33.49 47.03
C LYS R 229 45.01 -32.81 46.11
N PRO R 230 46.19 -32.49 46.61
CA PRO R 230 47.22 -31.86 45.77
C PRO R 230 47.83 -32.83 44.77
N LEU R 231 47.82 -32.46 43.49
CA LEU R 231 48.47 -33.24 42.46
C LEU R 231 49.76 -32.58 41.99
N PRO R 232 50.70 -33.36 41.47
CA PRO R 232 52.04 -32.83 41.19
C PRO R 232 52.02 -31.69 40.19
N ILE R 233 52.92 -30.73 40.40
CA ILE R 233 53.07 -29.57 39.54
C ILE R 233 54.53 -29.43 39.14
N LEU R 234 54.77 -29.26 37.85
CA LEU R 234 56.10 -29.08 37.29
C LEU R 234 56.25 -27.61 36.92
N ARG R 235 57.02 -26.87 37.71
CA ARG R 235 57.22 -25.45 37.46
C ARG R 235 58.11 -25.26 36.23
N ILE R 236 57.96 -24.11 35.59
CA ILE R 236 58.91 -23.69 34.56
C ILE R 236 59.76 -22.55 35.12
N GLY R 237 61.08 -22.73 35.08
CA GLY R 237 61.97 -21.76 35.68
C GLY R 237 62.02 -20.46 34.90
N GLU R 238 62.66 -19.47 35.52
CA GLU R 238 62.69 -18.13 34.93
C GLU R 238 63.48 -18.10 33.63
N GLY R 239 64.39 -19.05 33.43
CA GLY R 239 65.17 -19.04 32.19
C GLY R 239 64.30 -19.23 30.96
N ILE R 240 63.45 -20.25 30.97
CA ILE R 240 62.58 -20.51 29.83
C ILE R 240 61.56 -19.40 29.67
N GLU R 241 61.04 -18.88 30.78
CA GLU R 241 60.07 -17.80 30.73
C GLU R 241 60.67 -16.57 30.07
N ASN R 242 61.91 -16.23 30.44
CA ASN R 242 62.58 -15.08 29.85
C ASN R 242 62.96 -15.35 28.39
N LEU R 243 63.31 -16.59 28.06
CA LEU R 243 63.63 -16.91 26.68
C LEU R 243 62.42 -16.73 25.77
N VAL R 244 61.26 -17.25 26.18
CA VAL R 244 60.08 -17.15 25.33
C VAL R 244 59.44 -15.77 25.43
N ARG R 245 59.71 -15.03 26.51
CA ARG R 245 59.15 -13.70 26.66
C ARG R 245 59.89 -12.68 25.78
N GLU R 246 61.19 -12.88 25.59
CA GLU R 246 61.98 -11.96 24.79
C GLU R 246 61.68 -12.06 23.30
N SER R 247 61.22 -13.22 22.83
CA SER R 247 61.04 -13.46 21.40
C SER R 247 59.65 -13.10 20.91
N ILE R 248 58.90 -12.29 21.64
CA ILE R 248 57.51 -11.98 21.27
C ILE R 248 57.51 -10.90 20.21
N ARG R 249 56.98 -11.22 19.04
CA ARG R 249 56.94 -10.31 17.92
C ARG R 249 55.50 -10.04 17.54
N GLN R 250 55.12 -8.77 17.44
CA GLN R 250 53.74 -8.38 17.28
C GLN R 250 53.51 -7.77 15.90
N THR R 251 52.41 -8.16 15.26
CA THR R 251 51.91 -7.57 14.03
C THR R 251 50.48 -7.07 14.28
N ALA R 252 49.90 -6.45 13.25
CA ALA R 252 48.61 -5.81 13.40
C ALA R 252 47.52 -6.75 13.89
N MET R 253 47.71 -8.07 13.71
CA MET R 253 46.72 -9.05 14.12
C MET R 253 47.04 -9.68 15.47
N GLY R 254 48.10 -9.25 16.15
CA GLY R 254 48.40 -9.78 17.47
C GLY R 254 49.86 -10.19 17.57
N THR R 255 50.20 -10.81 18.70
CA THR R 255 51.58 -11.18 18.99
C THR R 255 51.76 -12.68 18.78
N TYR R 256 52.94 -13.06 18.29
CA TYR R 256 53.33 -14.46 18.15
C TYR R 256 54.73 -14.64 18.71
N THR R 257 55.18 -15.89 18.74
CA THR R 257 56.51 -16.23 19.21
C THR R 257 57.41 -16.55 18.02
N ALA R 258 58.70 -16.25 18.17
CA ALA R 258 59.68 -16.49 17.12
C ALA R 258 60.95 -17.03 17.79
N LEU R 259 61.05 -18.36 17.87
CA LEU R 259 62.19 -19.02 18.48
C LEU R 259 62.94 -19.84 17.43
N SER R 260 64.20 -20.11 17.73
CA SER R 260 64.99 -21.03 16.91
C SER R 260 64.48 -22.46 17.12
N SER R 261 64.56 -23.25 16.04
CA SER R 261 64.12 -24.64 16.12
C SER R 261 64.91 -25.42 17.17
N ARG R 262 66.18 -25.04 17.37
CA ARG R 262 66.99 -25.69 18.40
C ARG R 262 66.39 -25.47 19.78
N HIS R 263 65.94 -24.24 20.06
CA HIS R 263 65.33 -23.94 21.35
C HIS R 263 64.11 -24.81 21.59
N LYS R 264 63.20 -24.87 20.62
CA LYS R 264 62.00 -25.68 20.78
C LYS R 264 62.35 -27.15 20.95
N THR R 265 63.29 -27.66 20.13
CA THR R 265 63.64 -29.07 20.23
C THR R 265 64.21 -29.41 21.60
N GLN R 266 65.10 -28.56 22.12
CA GLN R 266 65.68 -28.85 23.43
C GLN R 266 64.63 -28.76 24.53
N ILE R 267 63.72 -27.77 24.44
CA ILE R 267 62.70 -27.61 25.48
C ILE R 267 61.78 -28.84 25.51
N LEU R 268 61.31 -29.28 24.34
CA LEU R 268 60.47 -30.48 24.31
C LEU R 268 61.24 -31.72 24.75
N GLN R 269 62.50 -31.84 24.34
CA GLN R 269 63.29 -33.02 24.73
C GLN R 269 63.42 -33.11 26.24
N LEU R 270 63.72 -31.99 26.90
CA LEU R 270 63.87 -32.02 28.35
C LEU R 270 62.52 -32.16 29.06
N ILE R 271 61.45 -31.60 28.49
CA ILE R 271 60.14 -31.78 29.11
C ILE R 271 59.73 -33.25 29.07
N GLU R 272 59.93 -33.91 27.94
CA GLU R 272 59.68 -35.34 27.87
C GLU R 272 60.63 -36.10 28.80
N GLN R 273 61.86 -35.60 28.96
CA GLN R 273 62.77 -36.18 29.93
C GLN R 273 62.24 -36.04 31.35
N ALA R 274 61.58 -34.93 31.66
CA ALA R 274 61.05 -34.68 32.99
C ALA R 274 59.65 -35.26 33.19
N LEU R 275 59.02 -35.77 32.13
CA LEU R 275 57.68 -36.33 32.23
C LEU R 275 57.65 -37.82 32.50
N LYS R 276 58.78 -38.52 32.32
CA LYS R 276 58.79 -39.97 32.54
C LYS R 276 58.96 -40.34 34.01
N GLN R 277 59.19 -39.36 34.88
CA GLN R 277 59.33 -39.66 36.30
C GLN R 277 57.99 -40.00 36.95
N SER R 278 56.92 -39.31 36.56
CA SER R 278 55.58 -39.58 37.08
C SER R 278 54.58 -39.55 35.94
N ALA R 279 53.46 -40.24 36.13
CA ALA R 279 52.50 -40.42 35.06
C ALA R 279 51.84 -39.09 34.67
N LYS R 280 51.40 -38.32 35.64
CA LYS R 280 50.69 -37.07 35.39
C LYS R 280 51.45 -35.90 35.98
N LEU R 281 51.64 -34.86 35.17
CA LEU R 281 52.28 -33.63 35.61
C LEU R 281 51.61 -32.44 34.95
N PHE R 282 51.35 -31.41 35.74
CA PHE R 282 50.79 -30.16 35.24
C PHE R 282 51.93 -29.15 35.11
N ILE R 283 52.26 -28.79 33.88
CA ILE R 283 53.31 -27.81 33.64
C ILE R 283 52.74 -26.42 33.91
N VAL R 284 53.42 -25.66 34.76
CA VAL R 284 52.94 -24.36 35.20
C VAL R 284 53.98 -23.29 34.88
N THR R 285 53.55 -22.26 34.18
CA THR R 285 54.42 -21.16 33.78
C THR R 285 53.68 -19.85 34.04
N SER R 286 54.29 -18.73 33.64
CA SER R 286 53.72 -17.42 33.84
C SER R 286 52.57 -17.17 32.87
N VAL R 287 51.83 -16.08 33.11
CA VAL R 287 50.69 -15.76 32.26
C VAL R 287 51.16 -15.29 30.89
N ASP R 288 52.17 -14.44 30.85
CA ASP R 288 52.64 -13.85 29.60
C ASP R 288 53.39 -14.87 28.74
N THR R 289 53.79 -15.99 29.31
CA THR R 289 54.52 -17.01 28.58
C THR R 289 53.76 -18.31 28.44
N ARG R 290 52.51 -18.37 28.90
CA ARG R 290 51.78 -19.64 28.89
C ARG R 290 51.33 -20.09 27.51
N ARG R 291 50.55 -19.25 26.82
CA ARG R 291 50.00 -19.65 25.53
C ARG R 291 51.10 -19.96 24.53
N PHE R 292 52.12 -19.10 24.46
CA PHE R 292 53.22 -19.34 23.53
C PHE R 292 53.87 -20.68 23.81
N LEU R 293 54.15 -20.98 25.07
CA LEU R 293 54.70 -22.29 25.41
C LEU R 293 53.78 -23.39 24.92
N ARG R 294 52.47 -23.22 25.09
CA ARG R 294 51.53 -24.22 24.61
C ARG R 294 51.69 -24.43 23.11
N LYS R 295 51.86 -23.34 22.35
CA LYS R 295 51.92 -23.51 20.91
C LYS R 295 53.31 -23.92 20.44
N ILE R 296 54.24 -24.22 21.35
CA ILE R 296 55.44 -24.96 20.97
C ILE R 296 55.40 -26.39 21.47
N THR R 297 54.37 -26.77 22.22
CA THR R 297 54.23 -28.13 22.71
C THR R 297 52.92 -28.79 22.36
N GLU R 298 52.08 -28.15 21.54
CA GLU R 298 50.80 -28.75 21.16
C GLU R 298 50.97 -29.84 20.12
N ALA R 299 51.94 -29.71 19.22
CA ALA R 299 52.09 -30.66 18.13
C ALA R 299 52.44 -32.06 18.64
N THR R 300 53.36 -32.13 19.60
CA THR R 300 53.83 -33.41 20.11
C THR R 300 53.14 -33.82 21.41
N LEU R 301 53.17 -32.94 22.41
CA LEU R 301 52.61 -33.23 23.73
C LEU R 301 51.22 -32.60 23.80
N PHE R 302 50.25 -33.24 23.15
CA PHE R 302 48.90 -32.72 23.10
C PHE R 302 48.13 -32.95 24.39
N ASP R 303 48.36 -34.05 25.08
CA ASP R 303 47.53 -34.43 26.22
C ASP R 303 48.06 -33.97 27.56
N VAL R 304 49.13 -33.18 27.58
CA VAL R 304 49.64 -32.63 28.84
C VAL R 304 49.04 -31.24 29.03
N PRO R 305 48.47 -30.94 30.20
CA PRO R 305 47.84 -29.63 30.40
C PRO R 305 48.84 -28.57 30.80
N ILE R 306 48.86 -27.46 30.06
CA ILE R 306 49.76 -26.34 30.33
C ILE R 306 48.97 -25.29 31.09
N LEU R 307 49.04 -25.32 32.41
CA LEU R 307 48.35 -24.35 33.24
C LEU R 307 49.17 -23.07 33.35
N SER R 308 48.66 -22.13 34.13
CA SER R 308 49.32 -20.86 34.37
C SER R 308 49.30 -20.55 35.86
N TRP R 309 50.00 -19.49 36.26
CA TRP R 309 50.04 -19.14 37.67
C TRP R 309 48.73 -18.47 38.10
N GLN R 310 48.18 -17.59 37.28
CA GLN R 310 46.94 -16.93 37.64
C GLN R 310 45.76 -17.89 37.63
N GLU R 311 45.85 -19.00 36.90
CA GLU R 311 44.79 -19.99 36.91
C GLU R 311 44.77 -20.81 38.19
N LEU R 312 45.89 -20.86 38.90
CA LEU R 312 45.96 -21.47 40.23
C LEU R 312 45.91 -20.36 41.27
N GLY R 313 44.75 -20.15 41.86
CA GLY R 313 44.59 -19.13 42.87
C GLY R 313 45.39 -19.43 44.12
N GLU R 314 45.31 -18.51 45.08
CA GLU R 314 46.00 -18.67 46.34
C GLU R 314 45.45 -19.81 47.17
N GLU R 315 44.30 -20.37 46.81
CA GLU R 315 43.67 -21.45 47.56
C GLU R 315 44.15 -22.83 47.13
N SER R 316 44.95 -22.93 46.09
CA SER R 316 45.51 -24.20 45.65
C SER R 316 46.99 -24.24 45.99
N LEU R 317 47.38 -25.21 46.81
CA LEU R 317 48.79 -25.35 47.15
C LEU R 317 49.49 -26.08 46.02
N ILE R 318 50.80 -25.87 45.92
CA ILE R 318 51.51 -26.25 44.70
C ILE R 318 52.06 -27.67 44.78
N GLN R 319 52.94 -27.93 45.74
CA GLN R 319 53.68 -29.19 45.81
C GLN R 319 54.51 -29.39 44.54
N VAL R 320 55.49 -28.51 44.37
CA VAL R 320 56.39 -28.60 43.22
C VAL R 320 57.05 -29.96 43.24
N VAL R 321 57.19 -30.58 42.07
CA VAL R 321 57.91 -31.84 41.93
C VAL R 321 59.26 -31.64 41.28
N GLU R 322 59.34 -30.82 40.23
CA GLU R 322 60.60 -30.53 39.57
C GLU R 322 60.58 -29.08 39.13
N SER R 323 61.76 -28.49 38.97
CA SER R 323 61.92 -27.10 38.54
C SER R 323 62.82 -27.08 37.32
N ILE R 324 62.22 -27.04 36.15
CA ILE R 324 62.95 -26.99 34.89
C ILE R 324 63.49 -25.57 34.69
N ASP R 325 64.74 -25.47 34.21
CA ASP R 325 65.33 -24.17 33.94
C ASP R 325 66.37 -24.32 32.83
N LEU R 326 66.57 -23.25 32.06
CA LEU R 326 67.56 -23.23 30.99
C LEU R 326 68.10 -21.83 30.79
N SER R 327 69.22 -21.77 30.07
CA SER R 327 69.67 -20.58 29.38
C SER R 327 69.49 -20.80 27.88
N GLU R 328 69.89 -19.82 27.08
CA GLU R 328 69.71 -19.94 25.64
C GLU R 328 70.56 -21.09 25.08
N GLU R 329 70.45 -21.29 23.77
CA GLU R 329 71.20 -22.34 23.06
C GLU R 329 72.08 -21.78 21.96
N GLU R 330 71.54 -20.92 21.09
CA GLU R 330 72.32 -20.45 19.94
C GLU R 330 73.49 -19.58 20.38
N LEU R 331 73.24 -18.64 21.30
CA LEU R 331 74.32 -17.80 21.79
C LEU R 331 75.31 -18.61 22.63
N ALA R 332 74.81 -19.37 23.60
CA ALA R 332 75.64 -20.21 24.45
C ALA R 332 74.70 -21.08 25.28
N ASP R 333 75.11 -22.33 25.51
CA ASP R 333 74.24 -23.27 26.22
C ASP R 333 73.97 -22.80 27.64
N ASN R 334 74.99 -22.86 28.49
CA ASN R 334 74.99 -22.31 29.86
C ASN R 334 74.05 -23.13 30.73
N GLU R 335 73.16 -23.96 30.16
CA GLU R 335 72.42 -24.92 30.96
C GLU R 335 72.38 -26.30 30.30
N GLU R 336 72.31 -26.33 28.97
CA GLU R 336 72.14 -27.57 28.22
C GLU R 336 73.45 -28.04 27.61
#